data_7XSZ
#
_entry.id   7XSZ
#
_cell.length_a   1.00
_cell.length_b   1.00
_cell.length_c   1.00
_cell.angle_alpha   90.00
_cell.angle_beta   90.00
_cell.angle_gamma   90.00
#
_symmetry.space_group_name_H-M   'P 1'
#
loop_
_entity.id
_entity.type
_entity.pdbx_description
1 polymer 'DNA-directed RNA polymerase subunit'
2 polymer 'DNA-directed RNA polymerase subunit beta'
3 polymer 'RNA polymerase II third largest subunit B44, part of central core'
4 polymer 'RNA polymerase II subunit B32'
5 polymer 'DNA-directed RNA polymerases I, II, and III subunit RPABC1'
6 polymer 'RNA polymerase subunit ABC23, common to RNA polymerases I, II, and III'
7 polymer 'RNA polymerase II subunit'
8 polymer 'DNA-directed RNA polymerases I, II, and III subunit RPABC3'
9 polymer 'DNA-directed RNA polymerase subunit'
10 polymer 'RNA polymerase subunit ABC10-beta, common to RNA polymerases I, II, and III'
11 polymer 'RNA polymerase II subunit B12.5'
12 polymer 'RNA polymerase subunit ABC10-alpha'
13 polymer 'Transcription elongation factor 1 homolog'
14 polymer 'DNA (198-MER)'
15 polymer "RNA (5'-R(P*GP*CP*UP*UP*GP*UP*GP*CP*UP*GP*UP*CP*UP*UP*CP*GP*UP*CP*CP*A)-3')"
16 polymer 'DNA (198-MER)'
17 polymer 'Transcription elongation factor SPT4'
18 polymer 'Transcription elongation factor SPT5'
19 polymer 'Transcription elongation factor Spt6'
20 polymer 'Protein that interacts with Spt6p and copurifies with Spt5p and RNA polymerase II'
21 polymer 'Component of the Paf1p complex'
22 polymer 'RNAPII-associated chromatin remodeling Paf1 complex subunit'
23 polymer Leo1
24 polymer 'RNAP II-associated protein'
25 polymer 'Constituent of Paf1 complex with RNA polymerase II, Paf1p, Hpr1p, Ctr9, Leo1, Rtf1 and Ccr4p'
26 polymer 'Histone H3.3'
27 polymer 'Histone H4'
28 polymer 'Histone H2A type 1-B/E'
29 polymer 'Histone H2B type 1-J'
30 non-polymer 'ZINC ION'
31 non-polymer 'MAGNESIUM ION'
#
loop_
_entity_poly.entity_id
_entity_poly.type
_entity_poly.pdbx_seq_one_letter_code
_entity_poly.pdbx_strand_id
1 'polypeptide(L)'
;MSQFPYSSAPLRSVKEVQFGLLSPEEIRAISVVKIEYPEIMDESRQRPREGGLNDPKLGSIDRNFKCQTCGEGMAECPGH
FGHMELAKPVFHIGFIPKIKKVCECICMNCGKLLLDETNPTMAQAIRIRDPKKRFNAVWQLCKTKMVCEADAPVDEYSEQ
KVVSRGGCGNTQPVVRKDGMKLWGTWKKSGFSDRDAQPERKLLTPGEILNVFKHISPEDCFRLGFNEDYARPEWMIITVL
PVPPPQVRPSIAMDETTQGQDDLTHKLSDILKANINVQKLEMDGSPQHIINEVEQLLQFHVATYMDNDIAGQPQALQKSG
RPVKAIRARLKGKEGRLRGNLMGKRVDFSARTVISGDPNLELDQVGVPISIAKTLSYPETVTQYNIHRLTEYVRNGPNEH
PGAKYVIRDNGDRIDLRYHKRAGDIVLQYGWKVERHLMDDDPVLFNRQPSLHKMSMMAHRVKVMPYSTFRLNLSVTSPYN
ADFDGDEMNLHVPQSEETRAELSQLCAVPLQIVSPQSNKPVMGIVQDTLCGVRKMTLRDTFIEYEQVMNMLFWVPSWDGV
VPQPAILKPKPLWTGKQLLSIAIPSGIHLQRTDGGNSLLSPKDNGMLIVDGKVMFGVVDKKTVGSGGGGLIHTVMREKGP
KICAELFGNIQKVVNYWLLHNGFSIGIGDAIADASTMKEITHAISSAKEQVQEIIYKAQHNELELKPGMTLRESFEGEVS
RTLNDARDSAGRSAEMNLKDLNNVKQMVSAGSKGSFINIAQMSACVGQQMVEGKRIAFGFADRSLPHFTKDDFSPESKGF
VENSYLRGLTPQEFFFHAMAGREGLIDTAVKTAETGYIQRRLVKALEDIMVHYDGTTRNSLGDIIQFLYGEDGLDGTQVE
RQTIDTIPGSDKAFHKRYYVDLMDEKNSIKPDVIEYAADILGDVELQKELNSEYEQLVSDRKFLREIVFVNGDHNWPLPV
NLRRIIQNAQQIFHLDRAKASDLTIPEIIHGVRDLCKKLFVLRGENELIKEAQQNATSLFQCLVRARLATRRILEEFRLN
RDAFEWVLGTIEAQFQRSLVHPGEMVGVIAAQSIGEPATQMTLNTFHYAGVSSKNVTLGVPRLKEILNVAKNIKTPALTV
YLDREIALDIEKAKVIQSSIEYTTLKNVTSATEIYYDPDPTSTVIEEDFDTVEAYFSIPDEKVEETIDKQSPWLLRLELD
RARMLDKQLTMNQVADKISEVFSDDLFVMWSEDNADKLIIRCRVIRDPKAMDEELEAEEDQMLKRIEAHMLDLIALRGIP
GISKVYMVKHKVSVPDESGEYKNEELWALETDGINLAEVMAVPGVDSSRTYSNSFVEILSVLGIEATRSSLYKEILNVIA
FDGSYVNYRHMALLVDVMTSRGYLMAITRHGINRADTGALMRCSFEETVEILFEAGAAAELDDCRGVSENVMLGQLAPMG
TGAFDVMIDEKLLTSLPADYAPTMPLFKGKATQGSATPYDNNAQYDDEFNHDDVADVMFSPMAETGSGDDRSGGLTEYAG
IQSPYQPTSPGLSATSPGFAPTSPGFAPTSPRYSPTSPGYSPTSPSYSPTSPSYSPTSPSYSPTSPSYSPTSPSYSPTSP
SYSPTSPSYSPTSPSYSPTSPSYSPTSPQYSPTSPQYSPTSPQYSPTSPQYSPTSPQYSPTSPQYSPTSPQYSPTSPQYS
PTSPQYSPTSPQYSPTSPQYSPTSPQYSPTSPQYSPTSPQYSPASPQYSPSRHSPNGESKEGE
;
A
2 'polypeptide(L)'
;MSYDPYSIDDTITTEDCWTVISAFFEEKGLVSQQLDSFDEFMETSIQDLVWEEPRLILDQPAQHTNEKDNINKRYEIRFG
KIYLSRPTMTEADGTTHAMFPQEARLRNLTYSSPVYLDMEKSMFTSIDDEGNPNATLDWQQVHEPIKDGVEEGNKVHIGK
VPIMLRSKFCSLRTLDEVDLYKMKECPYDMGGYFVINGSEKVLIAQERSAANIVQVFKKAAPSPISHVAEIRSALEKGSR
LISTMQIKLYGREDKGTGRTIKATLPYVKQDIPIVIVFRALGVVPDGEILQHICYDENDWQMLEMLKPCIEEGFVIQDKE
VALDFIGRRGSAALGIRREKRIQYAKDILQKELLPHITQEEGFETRKTFFLGYMVNRLLLCALERKDQDDRDHFGKKRLD
LAGPLLANLFRILFRKLTREIYRYMQRCIETDRDFNLNLAVKSTTITSGLKYSLATGNWGEQKKAMSSRAGVSQVLNRYT
YSSTLSHLRRTNTPIGRDGKLAKPRQLHNTHWGLVCPAETPEGQACGLVKNLSLLSGISIGSPSEPIINFLEEWGMEPLE
DYDPAQHTKSTRIFVNGVWTGIHRDPSMLVSTMRDLRRSGAISPEVSIIRDIREREFKIFTDVGRVYRPLFIVEDDESKD
NKGELRITKEHIRKIQQGYDDDAMNDDSEEQEQDVYGWSSLVTSGVIEYVDGEEEETIMIAMTPEDLQTRSLEQKEIDLN
DTAKRIKPEMSTSSHHTFTHCEIHPSMILGVAASIIPFPDHNQSPRNTYQSAMGKQAMGVFLTNYNVRMDTMANILYYPQ
KPLAKTQAMEYLKFRELPAGQNAIVAIACYSGYNQEDSMIMNQSSIDRGLFRSLFFRSYMDQEKRFGISIVEEFEKPTRA
TTLRLKHGTYEKLDEDGLIAPGVRVSGDDIIIGKTTPIPPDTEELGQRTKYHTKRDASTPLRSTENGIVDQVLLTTNQEG
LKFVKVRMRTTKVPQIGDKFASRHGQKGTIGVTYRHEDMPFSAEGIVPDLIINPHAIPSRMTVAHLIECLLSKVGSIRGY
EGDATPFTDLTVDAVSNLLRDNGYQSRGFEVMYNGHTGKKLMAQVFFGPTYYQRLRHMVDDKIHARARGPVQVLTRQPVE
GRSRDGGLRFGEMERDCMIAHGAAGFLKERLMEASDAFRVHVCGICGLMSVIANLKKNQFECRSCKNKTNIYQLHIPYAA
KLLFQELMAMNIAPRLYTERSGVSMRS
;
B
3 'polypeptide(L)'
;MSKEPKVNIINAQDDEVELMLSDVNLSLANSLRRTMLAEVPTLAIDLVEIKMNTSVLADEFISHRLGLIPLVSEDVEEMK
YSRDCTCEDYCDECSVVLELSARHEGEEGTTDVYSSSLIKVSGPGNLNVGEPVRRDDYDQGILLCKLRNHQELNIRCIAK
KGIAKEHAKWSPCSAIAFEYDPHNKLKHTDFWFEVDAKKEWPDSKYATWEEPPKPGEVFDYKAKPNRFYMTVETTGSLKA
NQVFSRGIKTLQEKLANVLFELENSRPANTTAYGGATAYGGQTVYGRETSYGGNTNYGDYNAPY
;
C
4 'polypeptide(L)'
;MNVSTSTVGARRRRAKQQVDDEENATLLRLGPEFALKQYDHDGNEHDLIALSLSESRLLIREALKARSRARNGGVDIESS
NGEIDDDELAKVTSGAVANGVVKKTLDYLNTFARFKDEETCTAVDQLLHNSSDCSVLHPFEIAQLSSLGCEDVDEAITLI
PSLAAKKEVNLQRILDELNRLEDPYK
;
D
5 'polypeptide(L)'
;MEDNNRIISRLWRSFRTVKEMAADRGYFISQEEMDQSLEEFRSKICDSMGNPQRKLMSFLANPTPEALEKYSDLGTLWVE
FCDEPSVGIKTMRNFCLRIQEKNFSTGIFIYQNNITPSANKMIPTVSPAIIETFQESDLVVNITHHELVPKHIRLSDGEK
SQLLQRYKLKESQLPRIQREDPVARYLGLKRGQVVKIIRRSETSGRYASYRICL
;
E
6 'polypeptide(L)'
;MSEDEAFNEQTENFENFEDEHFSDDNFEDRSTQPEDYAVGVTADGRQIINGDGIQEVNGTIKAHRKRSNKELAILKEERT
TTPYLTKYERARILGTRALQISMNAPVLVDIEGETDPLQIAMKELSQRKIPLVIRRYLPDGSYEDWGCDELIVDN
;
F
7 'polypeptide(L)'
;MFFLKDLSLILTLHPSYFGPQMNQYLREKLLTDVEGTCTGQFGYIVTVLDGMNIDVGKGRIIPGSGSAEFEVKYRAVVWK
PFKGEVVDAIVSNVSPIGFFADVGPLNVFVSTRLIPDNLVYNPSNSPPAYMSNDELITKGSKVRLKVVGTRTDVNEIYAI
GSIKEDFLGAI
;
G
8 'polypeptide(L)'
;MSSALFDDIFTVQTVDNGRYNKVSRIIGISTTNSAIKLTLDINNEMFPVSQDDSLTVTLANSLSLDGEDESANFSKSWRP
PKPTDKSLADDYDYVMFGTVYKFEEGDEDKIKVYVSFGGLLMCLEGGYKSLASLKQDNLYILIRR
;
H
9 'polypeptide(L)'
;MASFRFCLECNNMLYPKEDKENQRLLYSCRNCDYTELAEDPKVYRHELITNIGETAGIVDDIGQDPTLPRSDKECPECHS
RDCVFFQSQQRRKDTNMTLFYVCLNCKKTFRDESE
;
I
10 'polypeptide(L)' MIIPVRCFSCGKVVGDKWDAYLRLLEEGKQEGDALDELKLKRYCCRRMVLTHVDLIEKFLRYNPLEKKDFDS J
11 'polypeptide(L)'
;MNAPDRFELFILPDDVPKLKITPDSRVPNCIIIKFEREDHTLANLLREELALYPDVTFVAYKVEHPLFANFVMRLQTEEG
TRPKQALERACASIINKLKTLDHKFNEEWNIKNFSLND
;
K
12 'polypeptide(L)' MSREGFVAPSGTDLAAAASGVAPNKHYGVKYTCGACAHNFSLNKSDPVRCKECGHRVIYKARTKRMIQFDAR L
13 'polypeptide(L)'
;GPGMGKRKSSARKPAPKIKQKLETQFTCLFCNHDNSVVCTLDKKNSIGLLECKKCNLSFQAPINSLSQPIDIYSDWIDAC
EAVAEENADVNGDNFIENDGADREQDDDYDDEF
;
M
14 'polydeoxyribonucleotide'
;(DG)(DC)(DT)(DT)(DA)(DC)(DG)(DT)(DC)(DA)(DG)(DT)(DC)(DT)(DG)(DG)(DC)(DC)(DA)(DT)
(DC)(DT)(DT)(DT)(DG)(DT)(DG)(DT)(DT)(DT)(DG)(DG)(DT)(DG)(DT)(DG)(DT)(DT)(DT)(DG)
(DG)(DG)(DT)(DG)(DG)(DT)(DG)(DG)(DC)(DC)(DG)(DT)(DT)(DT)(DT)(DC)(DG)(DT)(DT)(DG)
(DT)(DT)(DT)(DT)(DT)(DT)(DT)(DC)(DT)(DG)(DT)(DC)(DT)(DC)(DG)(DT)(DG)(DC)(DC)(DT)
(DG)(DG)(DT)(DG)(DT)(DC)(DT)(DT)(DG)(DG)(DG)(DT)(DG)(DT)(DT)(DT)(DT)(DC)(DC)(DC)
(DC)(DT)(DT)(DG)(DG)(DC)(DG)(DG)(DT)(DT)(DT)(DT)(DT)(DT)(DC)(DG)(DC)(DG)(DG)(DG)
(DG)(DG)(DT)(DC)(DT)(DG)(DC)(DG)(DC)(DG)(DT)(DT)(DC)(DG)(DT)(DG)(DC)(DG)(DT)(DT)
(DT)(DT)(DT)(DG)(DC)(DG)(DG)(DT)(DG)(DC)(DT)(DT)(DG)(DT)(DG)(DC)(DT)(DG)(DT)(DC)
(DT)(DT)(DC)(DG)(DT)(DC)(DC)(DA)(DA)(DA)(DA)(DG)(DA)(DG)(DC)(DG)(DG)(DC)(DC)(DT)
(DC)(DG)(DG)(DC)(DA)(DC)(DC)(DG)(DG)(DG)(DA)(DT)(DT)(DC)(DT)(DG)(DA)(DT)
;
N
15 'polyribonucleotide' GCUUGUGCUGUCUUCGUCCA P
16 'polydeoxyribonucleotide'
;(DA)(DT)(DC)(DA)(DG)(DA)(DA)(DT)(DC)(DC)(DC)(DG)(DG)(DT)(DG)(DC)(DC)(DG)(DA)(DG)
(DG)(DC)(DC)(DG)(DC)(DT)(DC)(DT)(DT)(DT)(DT)(DG)(DG)(DA)(DC)(DG)(DA)(DA)(DG)(DA)
(DC)(DA)(DG)(DC)(DA)(DC)(DA)(DA)(DG)(DC)(DA)(DC)(DC)(DG)(DC)(DA)(DA)(DA)(DA)(DA)
(DC)(DG)(DC)(DA)(DC)(DG)(DA)(DA)(DC)(DG)(DC)(DG)(DC)(DA)(DG)(DA)(DC)(DC)(DC)(DC)
(DC)(DG)(DC)(DG)(DA)(DA)(DA)(DA)(DA)(DA)(DC)(DC)(DG)(DC)(DC)(DA)(DA)(DG)(DG)(DG)
(DG)(DA)(DA)(DA)(DA)(DC)(DA)(DC)(DC)(DC)(DA)(DA)(DG)(DA)(DC)(DA)(DC)(DC)(DA)(DG)
(DG)(DC)(DA)(DC)(DG)(DA)(DG)(DA)(DC)(DA)(DG)(DA)(DA)(DA)(DA)(DA)(DA)(DA)(DC)(DA)
(DA)(DC)(DG)(DA)(DA)(DA)(DA)(DC)(DG)(DG)(DC)(DC)(DA)(DC)(DC)(DA)(DC)(DC)(DC)(DA)
(DA)(DA)(DC)(DA)(DC)(DA)(DC)(DC)(DA)(DA)(DA)(DC)(DA)(DC)(DA)(DA)(DG)(DA)(DG)(DC)
(DT)(DA)(DA)(DT)(DT)(DG)(DA)(DC)(DT)(DG)(DA)(DC)(DG)(DT)(DA)(DA)(DG)(DC)
;
T
17 'polypeptide(L)'
;MRERACMLCGIVLPGRVFMQNGCPNCDSVLNLRDSDQATVNECTSSSFEGLVAVGDNEHSWVAKWLRVDRFQPGLYAVRV
DGRLPSDIVAALEQYGVYYRPRDGSVID
;
V
18 'polypeptide(L)'
;GPGMSETHKNQLDKVSTVSPDGPSEAVKEHSLQSKDLSKNDGQFIVPLDRNVIEQEEHKQVKSSAQAHNTTGDAADNEIE
DGVPSEDVEFDKFKEDDYDEDDEVEEEGDIRSRKRRRHNQFLDVEAEVDDEEDDDDDDDDVELKHDFIQDDHIQHETQNE
GFIAGHVDDDRLHRKLDQSREKIADQDAQELADEFKQRYGRSASSKYMGSASTTAPQRLLIPTVDDPGIWGVKVRLGKEK
DVVRQILKKKLAREGTKNPLEIYSAFQRDSFKGHVYIEARKAEAINDALKGNVNVFSNNSKFLVGIVEYKDLLRPVKSSD
VKLTRGSYVRVKNGKFKGDLAQVDEVLENGLEARLKLVPRLDYGKDLSHLSTSSSVDSTKNRRKFYTSKFRPAQRLFSEA
EARVHEPTIRRDRDGFVTYGGEEYYEGFLYKTFRLQNLIVNSINPTLNELSLFQSNEESTTIDLSTIADSLKETAKNLVS
FQPGDNVEIINGELNHLTGTVSSVNQSTIVSVRLHSDDDTINSETVEIPTSDLRKIFNVGDHVRVIHGKHTDDTGLIVEV
NGDKVEFISNQTKRTVIVFSNYLIKSTDSTVSINESGRFELHDLVQVNSDLVGIVIRAQKDSFDVLCSDGKLLSLPPVSI
YSKLNLNPNQQIAIDSNGVEVKVGDTVREFTGERRQGTILHVYRNFLFLRSREIVENQGVFVTSSNRVKTITSKSNGTGG
QISGPDLSRMNPSRVIPPPSIPVANQRMTGRDPTLNKTVKIRQGGYKGKIGIVKEANGDRFRVELHNPNKTIPIPCSFLL
IESTHGWVPYEDFVASDRRGGNIPRHEISGHVQQPQHGRAPAWGSGGKTPAWGSGGKTPAWGSGGSGGKTPAWGSGGKTP
TWGSGAKTPAWGSGSKTPAWSGLDEEDRRDF
;
W
19 'polypeptide(L)'
;GPGMSAPSPSVSEEDINETRNSIDADASTVQDLLDQDAQEGSGSDNEGSNIVDSSEEDDDEDDEEEMQKVREGFIVDDDD
ENDEDGIPSSTKRKHRKKHKKRSAEVVEEVDEDDLQLLMENSGAVPGQQQNVKFKRLKRAEQDEKAQDSDSRGLNDMFSD
EEGPGGVVEEGSEEEGLEDNLTTKTQRSGNLPHDEFDDFIEEDEFSDEDDEARDERLARMRSAKAAPQLAGLQGEQYQEI
IEIFGDGTDYQWTLDAEEEMEQPQQDQEYDEAGEEIKGTTTSLADVFEPSELKEKMLTDEDNVIRVTDLPERFQAYRKSI
KNYKLSDVDYSNERDWIVEQLKLEKRDFLQHLTQAHSSVAHLEEKFEASVKKIVDFIAIESFEVPFIWNHRRDYALHTYN
DDSNNTIIVKLLNEDDLWRIVQLDLDYHSIHDKKAALSSIYKQLDLDVVDPTYEEFFGSARTLSELQDIDDYLTFNYSSQ
VKNLTAVAELSIEGNGSGEDEEQTTKSSFAEVKMKRKYSKYAIYDRIRQDAIYPVVQSIANISQMRENLAQSKRLHQVED
PIESPMDMIADIMSTEKDKTTFISSEKAYQAVKQFFSEQLSYEPFIRKTIRTAFQSFGVINIELTERGKLQIEPESPYFD
FKYAKNRPISALTATPDLYLRMIQAENDGLVNIKVELPMLSTVVDHFYNILKSDGTSEISEKWNALRNDAWKQSLDKLIP
LVQLNVKESIRRDCERVLYFQVKNSFTKKIDQAPYQPPTYAKGTIPRVLTLSFGEGNRGDAVLGVFMDDSGDVKSQIKFD
EDFQSRDFSDSLTRYIKSNNINPDIIGISGFNIHTKKLFDKVNELVNEERLTIEYDNEYGYDREEDGRSDKHLIRVIYVN
DETARLYQHSSKSSAEYPNRPQLAKYCIGLAKYIQSPLLEYLALDESMYSLHIHKHQNLLPREKLIDAVQTSIVDIVNLV
GVDINEAVRAPYHALALPYVCGLGPRKAAGLIQSIQRIGSNLVNRAHLITEQLTSKTVFLNMASFVYIVFDPDVERNPQG
EMDLLDSTRIHPEDYSLARKMAADALDIEDIDDDDESAMRNAIYEMVFPRSPPKDEDDLTFKLDELILDDYATELERKHQ
LKKRSTLQIIKEELQSRYREIRRDFHILNEAEIFQLLTRETVDSFRKGMVIPVYVRKVESSYMSVSTQSLIAGNIQRQDI
LEPNDRRDPREVYSVGQTVRACILDVDYYNFKCQLSLLRQFTENQVAGLNVNRNPKFWDIESENRDRQEEIDKQREESRE
SRVIKHPFFHNMKSKEAEDYLAARPVGDVVIRPSSKGSNHITISWKVAPQLYQHIDVLEENKDDANAIGRVLLVGKYRYH
DLDELLVEYVNNVANKVELMVSHDKFMSDSLDYVKEWLERYSKANGNRSHYIFTFNRKAPGWFFLLFKLNPTSEIKIWNV
KALPDGYLLANNVYPDTNSLCNGFKTLMSSRRQIKQRSNRAGGEYNNSHAGAYDNGYSNAPRY
;
m
20 'polypeptide(L)'
;GPGMSDEESENKKLLDQVLPEKTDQETQPEADAALAEQEAPENEPNEPASDDDSDSDLSDISDVDEEKVAEGLRYLDEQT
AASLSKHKAAQPSSTHKKKEPTRRRPKQQTARETQYEPDVVEDEAARRTRLFEEKLDAAIKRKPNKRKKNDDVDLEQMQD
ELIQQLKLQMEESAIRDANNIEQGKPAIFKLKLLPKVKDILLRANLADSILDNNLLASVRLWLEPLPDASLPAYQIQKVL
FDAIKSLPIKTSHLRESGLGKVMVFYQKSKRVEPNLKRTAEKLISDWTRPIMGASDNYKDMRVRTQQFDPAQFAESLPGR
VSVRPQEAKTLYEEAAERRKRAAIPQARTAAYTIAPQVNTELLMSSARRTLPSGVGSSLSGEDQYKRLNSRLNTMGTKRK
SSAKKGGISIEGRGLPQ
;
n
21 'polypeptide(L)'
;MKDHLIHNHHKHEHAHAEHDYKDDDDKEHLYFQGSSGSSGMSLLDQDYYLSALPEDKRAELVTLQLTIPLKSGDEVVTID
FNEDVDVSQLCVLLESENARPDLWLSAAKVFVSKGNIAGSQEIIRKALQSNVILDSSASVTSLFHNFSFWLSLMEYVSTN
SREDQFLEYASNSLQASNSLDSGLILNGIGNGVLYAKSRRYDEALKEFDNLLKKKSTNILAILGKAQILYKRQKYSQALE
LYQKALTINPLIVPDPRLGIGLCFWHLNNKQLAEQAWHNSLKVHPQNNLNTKILICLAKFDYCFNESKDDDEFTALYRES
LEFLHSCLKEDAKHPLLLMVLASYYFSKEDYEKVEKLCNLVLKENSRNAAFVSASHFWLARVAYHKEDYVQAQKQFKQAE
DSQNSNTLAKLGYAQCLIARNEVGDATIYLEKFFKENQDSKSSEMMLLLGIIYSQSGKSYYKAIIFLEKYVAVCQEENYP
ILPEAYLVLSRVYENKDLNVALDYLMKANDILGDKANVYVLNNLGIYHFFRNNVSQSSDFFAQSLEALNNVSPQNKEALS
ITLHYNKARVEEVSNQSEAEKLYSKLMEKCPGYTSNKIRYIYLLALKSNGNNYADVQQLLDDFPSDLEVRSFYGWFLKRY
GRKNGLKQDLESQHHKDTLINYDKHDCYALLSLGNIYATIAREMKVTDQKQNEIKRQQYLRAAQFYHKVLSIDPKNIYAA
QGIAIIFSDKERTGLALEIFKKVRDTVQDLGTFINLGHCFMEAKQFGKAIESYTIALEKFSNGMDSKLLVLIGRAWYHRG
FYEKSMDAYKKALEVSEQAYQLSKLPALRFNIVFIQFQIADFVKSLPNTQRDLTTLENALSGLNDAIKSLLKLAELEQPP
YPSEDLKARATMGSNTLRNQLERAIQDQQDYEMSIQEKLRTARRKQQLDEEKRLEQEQRRLEEARKRQEAELIKRQELIK
QAEEWNKMDIDAAKDNNDVLSEDGGEGEKKTTKKRKRKQKVSEDIAPDLDRINEENGNTEDYDPILDNEEEENYDEKDSE
NKENGQNGQNEEVYPESEGDDEDDVTNTKRQKRSKGIVDEEDSE
;
q
22 'polypeptide(L)'
;MKDHLIHNHHKHEHAHAEHLYFQGSSGSSGMSDKEQDLDEDLLALAGAGSDSESNSAYSPEQEVSRKSKKIVNDSEDENN
DSDGEQLLNPYPLEDKFKDEADRARLLGLSEMEREAILYERSQEVIKLKEKHLLSLRAKQSQLEKTAREGPKSSKTNKLS
ELKKQREQKSKRQRSDEYSDEEDDYRYEEVGDNDDVEMSDNYIDEDDAVFVEPKKSSRSQELSKPATLSDINKIIFGRTA
MSKYWYYPEFDDVVKGMYLRLNTGSGGNGFSPYKVVEVLGSQRIKGSAYGLNSKENNCDMYLKVAFPNQKEMVRPLFVFS
DSSITHPEFDLFLRELDAEGLSVMDLRDVDYKYHQLKEMSSRSLSNDEVNSIVKMKQSLSSNTGFNTVLKKAQLQEELEE
ARDAHDHERVARIEAELKSIGAESVVASKASSSMLKIDQRNKKLNNRFIRKAEMAAVEKRKLRGTSESDPFYRLATTARM
FYKSANLGADDSNQPKTKAELEEEAKQEKKLEMQKLESMVKSNYRNGGLDRIISKIDFDFDLEL
;
r
23 'polypeptide(L)'
;MKDHLIHNHHKHEHAHAEHLYFQGSSGSSGMSQELEQNRHSGEESPDPVLDANTSDVDDDGLDLFGDDDDEQPEAKPGQL
DDSSNDAEEDEQEKAGKPEAKVTSHTKSVYDNGETLDISLPIHPKSHIPQGKQDRWVVKLPDFLDINAEPFDPRPFEMNV
KTHEDKNQELLDKLIAVNTVRWRYAKSETGGIFKETNSQIIQWEDGTYSLRVGSEIFDMFTTNTDDNYLVSEHNEEGILM
TESTLSKSVKLVPASFQSTTHQKLAKALSAKQKKESYARSVVTKEDPEERQRRLESQENERYRLERRRKQAEEEEDYDSY
AVSTSRSRPSRASQMYNAADEDDDDDDVAIGRTLASRRNNGYEDDGFIIDDEEEEEAVENDSADEESENEGDDDEEDDEE
AAERLNRLKRAGASKYTNEGEQAQSEPVKSEEADNASQRDDAPRKKRRVILDDDEEEEE
;
u
24 'polypeptide(L)'
;GSAMTSSKSRQDYIAKVRYQNDLPAPPCPPKLLKYEIEKEAPQKEFLKDSRLLSALFSKDNFRYLMNETSDGLDVNYLRI
PGIIENEKSLGKLFSSYKNLAIENLHPDDRLLLVDPNKSATLNEESPVFFLRRPQYVSDGEKINLQNFTNKRKHQDMEDT
NPRSQLHSVERTFDEVIDPRNKNRLQSLIHPRKKIKAVKAWHFFPDTSTFDQVFHSLKFVGSASLSKDRPLNEQLGQVSE
TDSTSVNASILTSLFKPIEINPHNKWISLYAVTDKLSAESFRKSFNSIKDDNIVNRHVIYDHIKDFDQMFRGHKKLFEDF
AISFDDISDRAFFVPIVGRLELKKKRIVPGLVDMVNRTNYAHIRMDLRNPSTQETAIRDSRREQYDPVNYSSIQEE
;
v
25 'polypeptide(L)'
;MKDHLIHNHHKHEHAHAEHLYFQGSSGSSGMSEPLIALRQAIKDKKPVGVNEGETIGNAKVLNIGEKQYSLDAPTSFVIN
GKEFNLKVIYQCWVFRDSSSADYITECEKENIDGISFVERSELISWLKGEITSSAFIKGEKVGITEENGKNEGETKSNNK
RKLSDDPLLKEIASNERVLIDHNKVLRGLKPKDFSSVAKDCELRILKEKPANAKSSDSNGRSSTSVSSSSKDARNKEPII
VLSPAASSLVRMSNVKEFLQEGKFLDPSKEPASSSNLLAIQRKSSRFKTPIKLLVVDNVEKLFTKSEYWDRVVAIVTTGK
DWQFKNYKYKDPQILFQKFNGFYFKYKGDAVPASVKSWNVKVLDIDRVERFSDRQVVEQFWDTVENTLVAKRYKS
;
x
26 'polypeptide(L)'
;GSHMARTKQTARKSTGGKAPRKQLATKAARKSAPSTGGVKKPHRYRPGTVALREIRRYQKSTELLIRKLPFQRLVREIAQ
DFKTDLRFQSAAIGALQEASEAYLVGLFEDTNLCAIHAKRVTIMPKDIQLARRIRGERA
;
a,e
27 'polypeptide(L)'
;GSHMSGRGKGGKGLGKGGAKRHRKVLRDNIQGITKPAIRRLARRGGVKRISGLIYEETRGVLKVFLENVIRDAVTYTEHA
KRKTVTAMDVVYALKRQGRTLYGFGG
;
b,f
28 'polypeptide(L)'
;GSHMSGRGKQGGKARAKAKTRSSRAGLQFPVGRVHRLLRKGNYSERVGAGAPVYLAAVLEYLTAEILELAGNAARDNKKT
RIIPRHLQLAIRNDEELNKLLGRVTIAQGGVLPNIQAVLLPKKTESHHKAKGK
;
c,g
29 'polypeptide(L)'
;GSHMPEPAKSAPAPKKGSKKAVTKAQKKDGKKRKRSRKESYSIYVYKVLKQVHPDTGISSKAMGIMNSFVNDIFERIAGE
ASRLAHYNKRSTITSREIQTAVRLLLPGELAKHAVSEGTKAVTKYTSAK
;
d,h
#
# COMPACT_ATOMS: atom_id res chain seq x y z
N SER A 2 4.28 18.60 -22.57
CA SER A 2 5.59 18.65 -23.21
C SER A 2 6.40 17.41 -22.86
N GLN A 3 5.82 16.55 -22.02
CA GLN A 3 6.49 15.30 -21.67
C GLN A 3 6.22 14.18 -22.65
N PHE A 4 5.38 14.41 -23.65
CA PHE A 4 5.02 13.45 -24.67
C PHE A 4 5.72 13.76 -25.98
N PRO A 5 6.23 12.75 -26.69
CA PRO A 5 6.87 13.00 -27.98
C PRO A 5 5.88 13.61 -28.96
N TYR A 6 6.42 14.42 -29.87
CA TYR A 6 5.58 15.19 -30.77
C TYR A 6 4.76 14.29 -31.67
N SER A 7 3.48 14.63 -31.81
CA SER A 7 2.57 13.96 -32.73
C SER A 7 1.81 15.01 -33.51
N SER A 8 1.73 14.84 -34.83
CA SER A 8 1.15 15.86 -35.69
C SER A 8 -0.37 15.95 -35.58
N ALA A 9 -1.01 14.98 -34.94
CA ALA A 9 -2.46 15.04 -34.79
C ALA A 9 -2.85 16.20 -33.89
N PRO A 10 -3.93 16.89 -34.19
CA PRO A 10 -4.35 18.01 -33.33
C PRO A 10 -4.80 17.52 -31.95
N LEU A 11 -4.59 18.36 -30.95
CA LEU A 11 -4.90 18.03 -29.57
C LEU A 11 -6.23 18.67 -29.20
N ARG A 12 -7.21 17.84 -28.83
CA ARG A 12 -8.53 18.31 -28.46
C ARG A 12 -8.96 17.60 -27.19
N SER A 13 -10.09 18.02 -26.64
CA SER A 13 -10.60 17.48 -25.38
C SER A 13 -11.95 16.84 -25.59
N VAL A 14 -12.25 15.83 -24.77
CA VAL A 14 -13.48 15.07 -24.93
C VAL A 14 -14.67 15.96 -24.60
N LYS A 15 -15.67 15.96 -25.48
CA LYS A 15 -16.90 16.69 -25.26
C LYS A 15 -18.12 15.81 -25.11
N GLU A 16 -18.06 14.55 -25.56
CA GLU A 16 -19.18 13.64 -25.46
C GLU A 16 -18.65 12.23 -25.35
N VAL A 17 -19.32 11.40 -24.56
CA VAL A 17 -19.02 9.98 -24.47
C VAL A 17 -20.28 9.24 -24.89
N GLN A 18 -20.21 8.56 -26.03
CA GLN A 18 -21.35 7.83 -26.57
C GLN A 18 -21.16 6.35 -26.24
N PHE A 19 -22.13 5.78 -25.54
CA PHE A 19 -22.05 4.38 -25.16
C PHE A 19 -22.75 3.51 -26.21
N GLY A 20 -22.73 2.22 -25.99
CA GLY A 20 -23.34 1.28 -26.91
C GLY A 20 -22.65 -0.06 -26.81
N LEU A 21 -23.11 -0.99 -27.64
CA LEU A 21 -22.53 -2.31 -27.71
C LEU A 21 -21.60 -2.40 -28.92
N LEU A 22 -20.78 -3.44 -28.93
CA LEU A 22 -19.82 -3.68 -30.00
C LEU A 22 -20.37 -4.75 -30.93
N SER A 23 -20.57 -4.40 -32.19
CA SER A 23 -21.01 -5.38 -33.16
C SER A 23 -19.87 -6.35 -33.48
N PRO A 24 -20.19 -7.60 -33.83
CA PRO A 24 -19.13 -8.53 -34.22
C PRO A 24 -18.31 -8.02 -35.40
N GLU A 25 -18.96 -7.30 -36.32
CA GLU A 25 -18.21 -6.71 -37.42
C GLU A 25 -17.17 -5.72 -36.92
N GLU A 26 -17.54 -4.89 -35.94
CA GLU A 26 -16.59 -3.92 -35.40
C GLU A 26 -15.48 -4.61 -34.62
N ILE A 27 -15.81 -5.67 -33.88
CA ILE A 27 -14.80 -6.40 -33.14
C ILE A 27 -13.79 -7.01 -34.11
N ARG A 28 -14.27 -7.59 -35.22
CA ARG A 28 -13.35 -8.12 -36.22
C ARG A 28 -12.55 -7.02 -36.89
N ALA A 29 -13.16 -5.85 -37.09
CA ALA A 29 -12.47 -4.77 -37.79
C ALA A 29 -11.35 -4.17 -36.96
N ILE A 30 -11.62 -3.87 -35.69
CA ILE A 30 -10.61 -3.22 -34.85
C ILE A 30 -9.54 -4.18 -34.36
N SER A 31 -9.74 -5.48 -34.53
CA SER A 31 -8.73 -6.44 -34.11
C SER A 31 -7.52 -6.42 -35.03
N VAL A 32 -6.40 -6.87 -34.50
CA VAL A 32 -5.15 -6.94 -35.26
C VAL A 32 -4.64 -8.37 -35.43
N VAL A 33 -5.18 -9.33 -34.68
CA VAL A 33 -4.75 -10.71 -34.79
C VAL A 33 -5.86 -11.60 -34.26
N LYS A 34 -5.89 -12.85 -34.71
CA LYS A 34 -6.88 -13.81 -34.28
C LYS A 34 -6.24 -14.80 -33.31
N ILE A 35 -6.86 -14.96 -32.15
CA ILE A 35 -6.31 -15.79 -31.08
C ILE A 35 -6.93 -17.18 -31.17
N GLU A 36 -6.10 -18.19 -31.37
CA GLU A 36 -6.58 -19.55 -31.54
C GLU A 36 -5.80 -20.64 -30.81
N TYR A 37 -4.54 -20.40 -30.44
CA TYR A 37 -3.72 -21.44 -29.81
C TYR A 37 -3.71 -21.26 -28.31
N PRO A 38 -4.17 -22.25 -27.53
CA PRO A 38 -4.21 -22.08 -26.07
C PRO A 38 -2.84 -21.95 -25.42
N GLU A 39 -1.78 -22.46 -26.05
CA GLU A 39 -0.46 -22.39 -25.45
C GLU A 39 0.03 -20.96 -25.37
N ILE A 40 0.36 -20.51 -24.16
CA ILE A 40 0.85 -19.15 -23.97
C ILE A 40 2.23 -18.99 -24.61
N MET A 41 3.12 -19.94 -24.35
CA MET A 41 4.50 -19.85 -24.79
C MET A 41 4.74 -20.78 -25.97
N ASP A 42 5.59 -20.33 -26.89
CA ASP A 42 5.87 -21.11 -28.09
C ASP A 42 6.52 -22.45 -27.74
N GLU A 43 7.75 -22.40 -27.25
CA GLU A 43 8.46 -23.60 -26.81
C GLU A 43 9.22 -23.35 -25.52
N SER A 44 8.75 -22.39 -24.72
CA SER A 44 9.44 -21.96 -23.49
C SER A 44 10.87 -21.53 -23.79
N ARG A 45 11.05 -20.88 -24.94
CA ARG A 45 12.35 -20.41 -25.41
C ARG A 45 12.24 -18.97 -25.89
N GLN A 46 11.59 -18.14 -25.08
CA GLN A 46 11.29 -16.75 -25.42
C GLN A 46 10.42 -16.69 -26.67
N ARG A 47 10.14 -15.48 -27.17
CA ARG A 47 9.40 -15.31 -28.41
C ARG A 47 8.04 -16.00 -28.32
N PRO A 48 7.09 -15.43 -27.58
CA PRO A 48 5.81 -16.11 -27.37
C PRO A 48 5.11 -16.40 -28.69
N ARG A 49 4.37 -17.52 -28.71
CA ARG A 49 3.80 -18.03 -29.94
C ARG A 49 2.89 -17.00 -30.60
N GLU A 50 3.11 -16.77 -31.90
CA GLU A 50 2.21 -15.91 -32.65
C GLU A 50 0.85 -16.59 -32.81
N GLY A 51 -0.21 -15.79 -32.72
CA GLY A 51 -1.55 -16.33 -32.70
C GLY A 51 -2.00 -16.84 -31.36
N GLY A 52 -1.15 -16.76 -30.33
CA GLY A 52 -1.52 -17.14 -28.98
C GLY A 52 -1.92 -15.94 -28.14
N LEU A 53 -2.16 -16.20 -26.86
CA LEU A 53 -2.63 -15.16 -25.96
C LEU A 53 -1.58 -14.09 -25.67
N ASN A 54 -0.33 -14.33 -26.00
CA ASN A 54 0.74 -13.37 -25.80
C ASN A 54 1.41 -13.02 -27.12
N ASP A 55 0.60 -12.82 -28.15
CA ASP A 55 1.14 -12.47 -29.45
C ASP A 55 1.84 -11.12 -29.37
N PRO A 56 3.01 -10.98 -29.99
CA PRO A 56 3.70 -9.68 -29.97
C PRO A 56 2.94 -8.56 -30.64
N LYS A 57 1.97 -8.88 -31.50
CA LYS A 57 1.20 -7.83 -32.16
C LYS A 57 0.22 -7.16 -31.21
N LEU A 58 -0.16 -7.83 -30.13
CA LEU A 58 -1.10 -7.26 -29.18
C LEU A 58 -0.51 -6.07 -28.44
N GLY A 59 0.81 -5.95 -28.40
CA GLY A 59 1.44 -4.88 -27.64
C GLY A 59 2.66 -5.38 -26.91
N SER A 60 3.45 -4.45 -26.38
CA SER A 60 4.69 -4.79 -25.69
C SER A 60 4.65 -4.27 -24.27
N ILE A 61 5.10 -5.10 -23.33
CA ILE A 61 5.25 -4.72 -21.93
C ILE A 61 6.68 -4.87 -21.45
N ASP A 62 7.63 -5.06 -22.37
CA ASP A 62 9.03 -5.20 -22.04
C ASP A 62 9.80 -4.00 -22.56
N ARG A 63 10.81 -3.56 -21.79
CA ARG A 63 11.52 -2.33 -22.14
C ARG A 63 12.25 -2.47 -23.46
N ASN A 64 12.90 -3.60 -23.70
CA ASN A 64 13.74 -3.78 -24.88
C ASN A 64 12.97 -4.29 -26.09
N PHE A 65 11.67 -4.52 -25.97
CA PHE A 65 10.85 -5.04 -27.05
C PHE A 65 9.87 -3.96 -27.50
N LYS A 66 9.86 -3.67 -28.79
CA LYS A 66 8.91 -2.72 -29.36
C LYS A 66 7.71 -3.46 -29.91
N CYS A 67 6.57 -2.78 -29.90
CA CYS A 67 5.34 -3.38 -30.42
C CYS A 67 5.49 -3.62 -31.91
N GLN A 68 5.04 -4.79 -32.36
CA GLN A 68 5.13 -5.12 -33.78
C GLN A 68 4.03 -4.49 -34.61
N THR A 69 3.04 -3.85 -33.99
CA THR A 69 1.95 -3.22 -34.71
C THR A 69 2.14 -1.73 -34.90
N CYS A 70 2.42 -1.00 -33.82
CA CYS A 70 2.64 0.44 -33.91
C CYS A 70 4.11 0.83 -33.94
N GLY A 71 5.00 -0.03 -33.47
CA GLY A 71 6.41 0.27 -33.43
C GLY A 71 6.85 1.17 -32.31
N GLU A 72 5.95 1.56 -31.42
CA GLU A 72 6.28 2.43 -30.31
C GLU A 72 6.83 1.61 -29.14
N GLY A 73 7.43 2.31 -28.19
CA GLY A 73 7.98 1.67 -27.01
C GLY A 73 6.92 1.33 -26.00
N MET A 74 7.38 0.78 -24.87
CA MET A 74 6.47 0.39 -23.81
C MET A 74 5.73 1.60 -23.24
N ALA A 75 6.43 2.73 -23.12
CA ALA A 75 5.83 3.92 -22.53
C ALA A 75 4.79 4.57 -23.43
N GLU A 76 4.72 4.19 -24.70
CA GLU A 76 3.82 4.85 -25.64
C GLU A 76 2.78 3.92 -26.24
N CYS A 77 3.03 2.62 -26.26
CA CYS A 77 2.07 1.70 -26.87
C CYS A 77 0.84 1.58 -25.99
N PRO A 78 -0.36 1.85 -26.51
CA PRO A 78 -1.56 1.73 -25.69
C PRO A 78 -2.10 0.31 -25.61
N GLY A 79 -1.57 -0.61 -26.39
CA GLY A 79 -2.16 -1.94 -26.47
C GLY A 79 -3.17 -2.03 -27.58
N HIS A 80 -3.18 -3.18 -28.25
CA HIS A 80 -4.06 -3.40 -29.39
C HIS A 80 -4.85 -4.68 -29.17
N PHE A 81 -6.10 -4.67 -29.61
CA PHE A 81 -7.02 -5.76 -29.31
C PHE A 81 -6.88 -6.88 -30.33
N GLY A 82 -7.15 -8.10 -29.87
CA GLY A 82 -7.34 -9.25 -30.73
C GLY A 82 -8.72 -9.83 -30.50
N HIS A 83 -9.15 -10.67 -31.42
CA HIS A 83 -10.48 -11.25 -31.33
C HIS A 83 -10.41 -12.77 -31.41
N MET A 84 -11.37 -13.40 -30.74
CA MET A 84 -11.47 -14.85 -30.67
C MET A 84 -12.85 -15.28 -31.16
N GLU A 85 -12.88 -16.13 -32.18
CA GLU A 85 -14.14 -16.60 -32.73
C GLU A 85 -14.70 -17.72 -31.87
N LEU A 86 -15.97 -17.59 -31.51
CA LEU A 86 -16.65 -18.59 -30.70
C LEU A 86 -17.32 -19.62 -31.60
N ALA A 87 -17.17 -20.89 -31.25
CA ALA A 87 -17.78 -21.95 -32.03
C ALA A 87 -19.30 -21.87 -32.00
N LYS A 88 -19.88 -21.61 -30.84
CA LYS A 88 -21.32 -21.44 -30.70
C LYS A 88 -21.59 -20.16 -29.92
N PRO A 89 -22.57 -19.37 -30.34
CA PRO A 89 -22.88 -18.13 -29.61
C PRO A 89 -23.32 -18.42 -28.19
N VAL A 90 -22.94 -17.51 -27.28
CA VAL A 90 -23.25 -17.65 -25.87
C VAL A 90 -23.86 -16.36 -25.37
N PHE A 91 -24.56 -16.45 -24.26
CA PHE A 91 -25.20 -15.29 -23.65
C PHE A 91 -24.16 -14.38 -23.00
N HIS A 92 -24.41 -13.08 -23.07
CA HIS A 92 -23.65 -12.11 -22.29
C HIS A 92 -24.26 -12.07 -20.89
N ILE A 93 -23.44 -12.33 -19.87
CA ILE A 93 -23.96 -12.53 -18.53
C ILE A 93 -24.64 -11.27 -18.00
N GLY A 94 -24.26 -10.10 -18.51
CA GLY A 94 -24.84 -8.88 -18.02
C GLY A 94 -26.18 -8.49 -18.64
N PHE A 95 -26.62 -9.22 -19.66
CA PHE A 95 -27.82 -8.84 -20.41
C PHE A 95 -28.90 -9.91 -20.39
N ILE A 96 -28.75 -10.97 -19.61
CA ILE A 96 -29.73 -12.06 -19.63
C ILE A 96 -31.13 -11.58 -19.23
N PRO A 97 -31.31 -10.80 -18.14
CA PRO A 97 -32.67 -10.30 -17.86
C PRO A 97 -33.23 -9.46 -18.99
N LYS A 98 -32.41 -8.62 -19.62
CA LYS A 98 -32.90 -7.81 -20.72
C LYS A 98 -33.24 -8.67 -21.93
N ILE A 99 -32.46 -9.74 -22.16
CA ILE A 99 -32.77 -10.67 -23.23
C ILE A 99 -34.11 -11.33 -22.98
N LYS A 100 -34.36 -11.73 -21.73
CA LYS A 100 -35.63 -12.35 -21.39
C LYS A 100 -36.79 -11.38 -21.61
N LYS A 101 -36.61 -10.12 -21.22
CA LYS A 101 -37.65 -9.12 -21.43
C LYS A 101 -37.93 -8.92 -22.91
N VAL A 102 -36.88 -8.84 -23.73
CA VAL A 102 -37.06 -8.65 -25.17
C VAL A 102 -37.78 -9.86 -25.76
N CYS A 103 -37.43 -11.06 -25.30
CA CYS A 103 -38.14 -12.25 -25.77
C CYS A 103 -39.61 -12.20 -25.39
N GLU A 104 -39.92 -11.68 -24.21
CA GLU A 104 -41.33 -11.52 -23.83
C GLU A 104 -42.03 -10.45 -24.65
N CYS A 105 -41.31 -9.47 -25.17
CA CYS A 105 -41.96 -8.36 -25.87
C CYS A 105 -42.29 -8.66 -27.33
N ILE A 106 -41.60 -9.62 -27.95
CA ILE A 106 -41.76 -9.88 -29.37
C ILE A 106 -42.18 -11.33 -29.57
N CYS A 107 -42.57 -11.63 -30.80
CA CYS A 107 -42.92 -13.00 -31.17
C CYS A 107 -41.67 -13.77 -31.58
N MET A 108 -41.60 -15.03 -31.17
CA MET A 108 -40.41 -15.85 -31.40
C MET A 108 -40.34 -16.43 -32.80
N ASN A 109 -41.35 -16.23 -33.64
CA ASN A 109 -41.36 -16.79 -34.98
C ASN A 109 -41.29 -15.72 -36.06
N CYS A 110 -42.23 -14.78 -36.06
CA CYS A 110 -42.24 -13.72 -37.07
C CYS A 110 -41.31 -12.56 -36.72
N GLY A 111 -40.83 -12.49 -35.48
CA GLY A 111 -39.93 -11.43 -35.07
C GLY A 111 -40.55 -10.05 -35.14
N LYS A 112 -41.76 -9.91 -34.61
CA LYS A 112 -42.46 -8.64 -34.62
C LYS A 112 -43.09 -8.41 -33.26
N LEU A 113 -43.37 -7.14 -32.97
CA LEU A 113 -43.98 -6.79 -31.69
C LEU A 113 -45.38 -7.35 -31.58
N LEU A 114 -45.78 -7.70 -30.37
CA LEU A 114 -47.09 -8.27 -30.12
C LEU A 114 -48.20 -7.22 -30.07
N LEU A 115 -47.86 -5.94 -30.06
CA LEU A 115 -48.85 -4.88 -30.04
C LEU A 115 -48.49 -3.85 -31.10
N ASP A 116 -49.49 -3.09 -31.53
CA ASP A 116 -49.33 -2.10 -32.59
C ASP A 116 -49.87 -0.76 -32.13
N GLU A 117 -49.63 0.26 -32.96
CA GLU A 117 -50.04 1.63 -32.66
C GLU A 117 -51.55 1.80 -32.66
N THR A 118 -52.30 0.81 -33.14
CA THR A 118 -53.76 0.89 -33.09
C THR A 118 -54.26 1.05 -31.67
N ASN A 119 -53.64 0.35 -30.73
CA ASN A 119 -54.00 0.48 -29.32
C ASN A 119 -53.64 1.88 -28.84
N PRO A 120 -54.57 2.65 -28.27
CA PRO A 120 -54.22 3.99 -27.79
C PRO A 120 -53.14 3.99 -26.73
N THR A 121 -53.16 3.00 -25.83
CA THR A 121 -52.12 2.91 -24.81
C THR A 121 -50.75 2.65 -25.43
N MET A 122 -50.70 1.80 -26.46
CA MET A 122 -49.42 1.54 -27.12
C MET A 122 -48.88 2.79 -27.80
N ALA A 123 -49.74 3.53 -28.48
CA ALA A 123 -49.30 4.78 -29.11
C ALA A 123 -48.83 5.77 -28.06
N GLN A 124 -49.54 5.85 -26.94
CA GLN A 124 -49.12 6.73 -25.85
C GLN A 124 -47.76 6.34 -25.33
N ALA A 125 -47.51 5.03 -25.17
CA ALA A 125 -46.22 4.57 -24.70
C ALA A 125 -45.11 4.90 -25.70
N ILE A 126 -45.38 4.71 -26.99
CA ILE A 126 -44.39 5.02 -28.01
C ILE A 126 -44.11 6.51 -28.05
N ARG A 127 -45.08 7.35 -27.68
CA ARG A 127 -44.90 8.79 -27.73
C ARG A 127 -43.77 9.26 -26.81
N ILE A 128 -43.49 8.52 -25.73
CA ILE A 128 -42.47 8.96 -24.79
C ILE A 128 -41.09 8.93 -25.45
N ARG A 129 -40.16 9.67 -24.87
CA ARG A 129 -38.84 9.89 -25.46
C ARG A 129 -37.75 9.02 -24.86
N ASP A 130 -37.70 8.89 -23.55
CA ASP A 130 -36.60 8.18 -22.89
C ASP A 130 -36.61 6.72 -23.28
N PRO A 131 -35.51 6.19 -23.83
CA PRO A 131 -35.52 4.77 -24.26
C PRO A 131 -35.83 3.79 -23.15
N LYS A 132 -35.32 4.03 -21.94
CA LYS A 132 -35.55 3.07 -20.87
C LYS A 132 -37.02 3.05 -20.44
N LYS A 133 -37.60 4.23 -20.24
CA LYS A 133 -39.01 4.29 -19.87
C LYS A 133 -39.90 3.81 -21.02
N ARG A 134 -39.49 4.09 -22.25
CA ARG A 134 -40.25 3.59 -23.40
C ARG A 134 -40.26 2.06 -23.41
N PHE A 135 -39.10 1.45 -23.20
CA PHE A 135 -39.04 0.00 -23.16
C PHE A 135 -39.84 -0.56 -21.98
N ASN A 136 -39.79 0.12 -20.84
CA ASN A 136 -40.54 -0.34 -19.68
C ASN A 136 -42.04 -0.33 -19.96
N ALA A 137 -42.53 0.75 -20.56
CA ALA A 137 -43.97 0.83 -20.88
C ALA A 137 -44.35 -0.21 -21.93
N VAL A 138 -43.54 -0.36 -22.97
CA VAL A 138 -43.86 -1.33 -24.01
C VAL A 138 -43.86 -2.75 -23.45
N TRP A 139 -42.94 -3.03 -22.52
CA TRP A 139 -42.93 -4.35 -21.90
C TRP A 139 -44.14 -4.54 -21.00
N GLN A 140 -44.52 -3.52 -20.24
CA GLN A 140 -45.69 -3.62 -19.37
C GLN A 140 -46.95 -3.90 -20.20
N LEU A 141 -47.05 -3.31 -21.38
CA LEU A 141 -48.20 -3.58 -22.23
C LEU A 141 -48.11 -4.95 -22.88
N CYS A 142 -47.04 -5.21 -23.62
CA CYS A 142 -46.93 -6.44 -24.41
C CYS A 142 -46.72 -7.69 -23.57
N LYS A 143 -46.45 -7.55 -22.27
CA LYS A 143 -46.30 -8.73 -21.43
C LYS A 143 -47.60 -9.53 -21.35
N THR A 144 -48.73 -8.84 -21.21
CA THR A 144 -50.02 -9.51 -21.09
C THR A 144 -50.38 -10.25 -22.38
N LYS A 145 -50.09 -9.64 -23.53
CA LYS A 145 -50.39 -10.25 -24.83
C LYS A 145 -49.58 -11.53 -24.97
N MET A 146 -50.26 -12.67 -24.89
CA MET A 146 -49.60 -13.97 -24.82
C MET A 146 -49.70 -14.76 -26.12
N VAL A 147 -50.26 -14.19 -27.17
CA VAL A 147 -50.40 -14.90 -28.45
C VAL A 147 -50.12 -13.93 -29.59
N CYS A 148 -49.32 -14.37 -30.55
CA CYS A 148 -49.13 -13.60 -31.77
C CYS A 148 -50.39 -13.66 -32.61
N GLU A 149 -50.69 -12.55 -33.29
CA GLU A 149 -51.86 -12.46 -34.15
C GLU A 149 -51.41 -12.40 -35.60
N ALA A 150 -51.83 -13.40 -36.39
CA ALA A 150 -51.62 -13.35 -37.83
C ALA A 150 -52.59 -12.42 -38.52
N ASP A 151 -53.62 -11.95 -37.82
CA ASP A 151 -54.60 -11.03 -38.34
C ASP A 151 -54.72 -9.84 -37.39
N ALA A 152 -55.22 -8.73 -37.92
CA ALA A 152 -55.35 -7.52 -37.12
C ALA A 152 -56.36 -7.75 -36.00
N PRO A 153 -56.08 -7.27 -34.78
CA PRO A 153 -56.99 -7.40 -33.64
C PRO A 153 -58.15 -6.41 -33.70
N VAL A 163 -57.46 -8.16 -42.44
CA VAL A 163 -56.23 -7.38 -42.31
C VAL A 163 -55.18 -8.17 -41.54
N SER A 164 -53.98 -8.23 -42.10
CA SER A 164 -52.86 -8.94 -41.48
C SER A 164 -51.86 -7.92 -40.93
N ARG A 165 -51.49 -8.10 -39.66
CA ARG A 165 -50.54 -7.20 -39.00
C ARG A 165 -49.10 -7.65 -39.17
N GLY A 166 -48.85 -8.68 -39.97
CA GLY A 166 -47.53 -9.23 -40.14
C GLY A 166 -47.16 -10.34 -39.19
N GLY A 167 -48.02 -10.64 -38.21
CA GLY A 167 -47.75 -11.73 -37.31
C GLY A 167 -48.01 -13.08 -37.93
N CYS A 168 -47.61 -14.13 -37.21
CA CYS A 168 -47.74 -15.50 -37.69
C CYS A 168 -48.83 -16.28 -36.99
N GLY A 169 -49.46 -15.72 -35.96
CA GLY A 169 -50.55 -16.38 -35.27
C GLY A 169 -50.14 -17.40 -34.24
N ASN A 170 -48.84 -17.62 -34.05
CA ASN A 170 -48.38 -18.62 -33.09
C ASN A 170 -48.56 -18.13 -31.67
N THR A 171 -48.80 -19.08 -30.76
CA THR A 171 -48.90 -18.73 -29.35
C THR A 171 -47.52 -18.41 -28.78
N GLN A 172 -47.46 -17.36 -27.97
CA GLN A 172 -46.19 -16.92 -27.42
C GLN A 172 -45.83 -17.74 -26.18
N PRO A 173 -44.64 -18.31 -26.11
CA PRO A 173 -44.24 -19.07 -24.94
C PRO A 173 -43.96 -18.17 -23.75
N VAL A 174 -43.97 -18.77 -22.57
CA VAL A 174 -43.61 -18.09 -21.33
C VAL A 174 -42.18 -18.48 -20.97
N VAL A 175 -41.32 -17.49 -20.77
CA VAL A 175 -39.89 -17.72 -20.56
C VAL A 175 -39.57 -17.59 -19.08
N ARG A 176 -38.78 -18.53 -18.58
CA ARG A 176 -38.32 -18.52 -17.20
C ARG A 176 -36.80 -18.62 -17.19
N LYS A 177 -36.19 -17.93 -16.23
CA LYS A 177 -34.73 -17.87 -16.12
C LYS A 177 -34.26 -18.93 -15.12
N ASP A 178 -33.18 -19.62 -15.49
CA ASP A 178 -32.58 -20.63 -14.62
C ASP A 178 -31.08 -20.60 -14.86
N GLY A 179 -30.36 -19.87 -14.01
CA GLY A 179 -28.94 -19.71 -14.22
C GLY A 179 -28.67 -18.98 -15.52
N MET A 180 -27.86 -19.58 -16.38
CA MET A 180 -27.57 -19.04 -17.69
C MET A 180 -28.48 -19.60 -18.77
N LYS A 181 -29.48 -20.40 -18.40
CA LYS A 181 -30.38 -21.02 -19.36
C LYS A 181 -31.79 -20.43 -19.24
N LEU A 182 -32.43 -20.25 -20.39
CA LEU A 182 -33.80 -19.74 -20.46
C LEU A 182 -34.71 -20.83 -20.98
N TRP A 183 -35.78 -21.10 -20.25
CA TRP A 183 -36.75 -22.12 -20.62
C TRP A 183 -37.99 -21.45 -21.18
N GLY A 184 -38.40 -21.86 -22.38
CA GLY A 184 -39.61 -21.36 -23.01
C GLY A 184 -40.68 -22.43 -23.03
N THR A 185 -41.83 -22.11 -22.44
CA THR A 185 -42.92 -23.06 -22.28
C THR A 185 -44.07 -22.68 -23.22
N TRP A 186 -44.36 -23.55 -24.18
CA TRP A 186 -45.45 -23.34 -25.13
C TRP A 186 -46.69 -24.07 -24.64
N LYS A 187 -47.83 -23.39 -24.72
CA LYS A 187 -49.13 -24.01 -24.43
C LYS A 187 -49.68 -24.64 -25.72
N LYS A 188 -48.98 -25.69 -26.16
CA LYS A 188 -49.35 -26.35 -27.40
C LYS A 188 -50.72 -26.98 -27.29
N SER A 189 -51.50 -26.88 -28.37
CA SER A 189 -52.84 -27.43 -28.40
C SER A 189 -52.95 -28.58 -29.40
N ARG A 194 -59.99 -29.03 -21.60
CA ARG A 194 -59.28 -27.78 -21.86
C ARG A 194 -57.77 -27.97 -21.78
N ASP A 195 -57.30 -28.45 -20.63
CA ASP A 195 -55.87 -28.62 -20.43
C ASP A 195 -55.31 -29.70 -21.34
N ALA A 196 -54.07 -29.50 -21.75
CA ALA A 196 -53.40 -30.42 -22.68
C ALA A 196 -51.97 -30.58 -22.18
N GLN A 197 -51.10 -31.16 -23.03
CA GLN A 197 -49.71 -31.37 -22.67
C GLN A 197 -48.88 -30.22 -23.21
N PRO A 198 -48.34 -29.34 -22.37
CA PRO A 198 -47.45 -28.28 -22.84
C PRO A 198 -45.99 -28.72 -22.78
N GLU A 199 -45.21 -28.23 -23.73
CA GLU A 199 -43.79 -28.55 -23.81
C GLU A 199 -42.95 -27.32 -23.50
N ARG A 200 -42.01 -27.47 -22.59
CA ARG A 200 -41.01 -26.45 -22.30
C ARG A 200 -39.68 -26.91 -22.86
N LYS A 201 -39.10 -26.13 -23.74
CA LYS A 201 -37.84 -26.49 -24.37
C LYS A 201 -36.84 -25.35 -24.21
N LEU A 202 -35.56 -25.71 -24.26
CA LEU A 202 -34.50 -24.75 -24.03
C LEU A 202 -34.43 -23.73 -25.16
N LEU A 203 -34.24 -22.47 -24.82
CA LEU A 203 -34.04 -21.40 -25.79
C LEU A 203 -32.54 -21.20 -25.96
N THR A 204 -31.97 -21.84 -26.97
CA THR A 204 -30.55 -21.73 -27.20
C THR A 204 -30.18 -20.33 -27.64
N PRO A 205 -28.97 -19.87 -27.34
CA PRO A 205 -28.55 -18.54 -27.78
C PRO A 205 -28.60 -18.35 -29.29
N GLY A 206 -28.30 -19.39 -30.06
CA GLY A 206 -28.34 -19.25 -31.51
C GLY A 206 -29.74 -18.98 -32.04
N GLU A 207 -30.74 -19.67 -31.48
CA GLU A 207 -32.12 -19.44 -31.89
C GLU A 207 -32.54 -18.01 -31.58
N ILE A 208 -32.24 -17.53 -30.38
CA ILE A 208 -32.58 -16.16 -30.01
C ILE A 208 -31.85 -15.17 -30.91
N LEU A 209 -30.60 -15.48 -31.26
CA LEU A 209 -29.83 -14.58 -32.12
C LEU A 209 -30.45 -14.47 -33.50
N ASN A 210 -30.78 -15.60 -34.11
CA ASN A 210 -31.33 -15.54 -35.46
C ASN A 210 -32.76 -15.01 -35.46
N VAL A 211 -33.46 -15.10 -34.32
CA VAL A 211 -34.73 -14.41 -34.20
C VAL A 211 -34.52 -12.89 -34.13
N PHE A 212 -33.56 -12.46 -33.32
CA PHE A 212 -33.33 -11.03 -33.14
C PHE A 212 -32.85 -10.37 -34.42
N LYS A 213 -32.07 -11.08 -35.23
CA LYS A 213 -31.60 -10.48 -36.48
C LYS A 213 -32.73 -10.11 -37.41
N HIS A 214 -33.92 -10.68 -37.23
CA HIS A 214 -35.05 -10.37 -38.08
C HIS A 214 -35.95 -9.27 -37.51
N ILE A 215 -35.52 -8.61 -36.44
CA ILE A 215 -36.30 -7.50 -35.90
C ILE A 215 -36.13 -6.29 -36.81
N SER A 216 -37.26 -5.69 -37.18
CA SER A 216 -37.24 -4.51 -38.04
C SER A 216 -36.65 -3.32 -37.29
N PRO A 217 -35.99 -2.40 -38.00
CA PRO A 217 -35.43 -1.21 -37.33
C PRO A 217 -36.47 -0.39 -36.59
N GLU A 218 -37.68 -0.28 -37.14
CA GLU A 218 -38.72 0.49 -36.46
C GLU A 218 -39.12 -0.17 -35.15
N ASP A 219 -39.28 -1.49 -35.14
CA ASP A 219 -39.57 -2.19 -33.90
C ASP A 219 -38.41 -2.06 -32.93
N CYS A 220 -37.18 -2.13 -33.43
CA CYS A 220 -36.01 -1.97 -32.58
C CYS A 220 -36.03 -0.60 -31.90
N PHE A 221 -36.35 0.45 -32.64
CA PHE A 221 -36.46 1.77 -32.04
C PHE A 221 -37.60 1.83 -31.03
N ARG A 222 -38.73 1.19 -31.34
CA ARG A 222 -39.86 1.18 -30.42
C ARG A 222 -39.51 0.48 -29.11
N LEU A 223 -38.59 -0.48 -29.15
CA LEU A 223 -38.21 -1.24 -27.97
C LEU A 223 -37.17 -0.53 -27.11
N GLY A 224 -36.71 0.66 -27.51
CA GLY A 224 -35.71 1.39 -26.76
C GLY A 224 -34.30 1.18 -27.23
N PHE A 225 -34.04 0.22 -28.11
CA PHE A 225 -32.70 0.02 -28.63
C PHE A 225 -32.42 0.99 -29.77
N ASN A 226 -31.14 1.20 -30.05
CA ASN A 226 -30.69 2.12 -31.07
C ASN A 226 -30.16 1.32 -32.25
N GLU A 227 -30.64 1.66 -33.45
CA GLU A 227 -30.22 0.91 -34.64
C GLU A 227 -28.72 1.05 -34.89
N ASP A 228 -28.19 2.26 -34.72
CA ASP A 228 -26.79 2.50 -35.03
C ASP A 228 -25.84 1.95 -33.97
N TYR A 229 -26.20 2.03 -32.70
CA TYR A 229 -25.24 1.82 -31.63
C TYR A 229 -25.52 0.62 -30.75
N ALA A 230 -26.78 0.33 -30.45
CA ALA A 230 -27.13 -0.77 -29.54
C ALA A 230 -28.21 -1.60 -30.22
N ARG A 231 -27.80 -2.55 -31.00
CA ARG A 231 -28.71 -3.45 -31.69
C ARG A 231 -28.98 -4.68 -30.82
N PRO A 232 -30.22 -5.12 -30.71
CA PRO A 232 -30.54 -6.16 -29.71
C PRO A 232 -29.75 -7.46 -29.88
N GLU A 233 -29.47 -7.88 -31.11
CA GLU A 233 -28.78 -9.16 -31.27
C GLU A 233 -27.31 -9.09 -30.88
N TRP A 234 -26.77 -7.89 -30.65
CA TRP A 234 -25.40 -7.77 -30.19
C TRP A 234 -25.24 -8.16 -28.72
N MET A 235 -26.35 -8.38 -28.01
CA MET A 235 -26.28 -8.85 -26.63
C MET A 235 -25.87 -10.31 -26.52
N ILE A 236 -25.80 -11.04 -27.63
CA ILE A 236 -25.30 -12.41 -27.66
C ILE A 236 -23.89 -12.39 -28.23
N ILE A 237 -22.97 -13.02 -27.52
CA ILE A 237 -21.55 -12.98 -27.90
C ILE A 237 -21.28 -14.06 -28.92
N THR A 238 -20.83 -13.65 -30.11
CA THR A 238 -20.39 -14.58 -31.14
C THR A 238 -18.90 -14.50 -31.42
N VAL A 239 -18.30 -13.33 -31.20
CA VAL A 239 -16.85 -13.16 -31.25
C VAL A 239 -16.42 -12.41 -30.00
N LEU A 240 -15.35 -12.85 -29.38
CA LEU A 240 -14.89 -12.29 -28.12
C LEU A 240 -13.67 -11.42 -28.35
N PRO A 241 -13.64 -10.19 -27.83
CA PRO A 241 -12.42 -9.38 -27.93
C PRO A 241 -11.42 -9.79 -26.87
N VAL A 242 -10.16 -9.94 -27.27
CA VAL A 242 -9.08 -10.34 -26.37
C VAL A 242 -8.29 -9.09 -26.00
N PRO A 243 -8.29 -8.67 -24.73
CA PRO A 243 -7.61 -7.44 -24.35
C PRO A 243 -6.10 -7.59 -24.46
N PRO A 244 -5.39 -6.48 -24.66
CA PRO A 244 -3.94 -6.55 -24.79
C PRO A 244 -3.29 -6.89 -23.46
N PRO A 245 -2.01 -7.26 -23.45
CA PRO A 245 -1.36 -7.60 -22.18
C PRO A 245 -1.28 -6.44 -21.20
N GLN A 246 -1.44 -5.20 -21.67
CA GLN A 246 -1.47 -4.06 -20.76
C GLN A 246 -2.61 -4.18 -19.76
N VAL A 247 -3.71 -4.81 -20.17
CA VAL A 247 -4.86 -4.96 -19.28
C VAL A 247 -4.63 -6.09 -18.29
N ARG A 248 -3.85 -7.10 -18.67
CA ARG A 248 -3.62 -8.29 -17.85
C ARG A 248 -2.13 -8.54 -17.75
N PRO A 249 -1.40 -7.66 -17.06
CA PRO A 249 0.06 -7.81 -17.01
C PRO A 249 0.47 -8.99 -16.15
N SER A 250 1.61 -9.57 -16.49
CA SER A 250 2.18 -10.67 -15.73
C SER A 250 3.10 -10.13 -14.65
N ILE A 251 3.23 -10.89 -13.58
CA ILE A 251 4.03 -10.49 -12.41
C ILE A 251 5.10 -11.54 -12.15
N ALA A 252 6.31 -11.08 -11.88
CA ALA A 252 7.43 -11.97 -11.54
C ALA A 252 7.35 -12.29 -10.05
N MET A 253 6.87 -13.49 -9.72
CA MET A 253 6.68 -13.95 -8.35
C MET A 253 8.03 -14.07 -7.61
N ASP A 254 9.08 -14.52 -8.32
CA ASP A 254 10.43 -14.60 -7.79
C ASP A 254 11.39 -14.23 -8.92
N GLU A 255 12.68 -14.48 -8.68
CA GLU A 255 13.70 -14.09 -9.64
C GLU A 255 13.65 -14.92 -10.92
N THR A 256 12.98 -16.07 -10.91
CA THR A 256 12.95 -16.96 -12.07
C THR A 256 11.56 -17.17 -12.66
N THR A 257 10.56 -17.42 -11.83
CA THR A 257 9.23 -17.80 -12.29
C THR A 257 8.30 -16.60 -12.23
N GLN A 258 7.70 -16.28 -13.36
CA GLN A 258 6.71 -15.21 -13.43
C GLN A 258 5.30 -15.81 -13.40
N GLY A 259 4.35 -15.01 -12.95
CA GLY A 259 2.99 -15.50 -12.81
C GLY A 259 2.01 -14.94 -13.82
N GLN A 260 1.29 -15.82 -14.51
CA GLN A 260 0.25 -15.38 -15.42
C GLN A 260 -0.90 -14.75 -14.65
N ASP A 261 -1.52 -13.74 -15.25
CA ASP A 261 -2.63 -13.05 -14.61
C ASP A 261 -3.88 -13.92 -14.63
N ASP A 262 -4.84 -13.54 -13.80
CA ASP A 262 -6.11 -14.28 -13.73
C ASP A 262 -6.84 -14.23 -15.06
N LEU A 263 -6.87 -13.06 -15.69
CA LEU A 263 -7.55 -12.93 -16.97
C LEU A 263 -6.89 -13.79 -18.03
N THR A 264 -5.56 -13.91 -17.99
CA THR A 264 -4.88 -14.75 -18.96
C THR A 264 -5.28 -16.22 -18.80
N HIS A 265 -5.35 -16.70 -17.55
CA HIS A 265 -5.77 -18.08 -17.33
C HIS A 265 -7.22 -18.29 -17.76
N LYS A 266 -8.09 -17.32 -17.47
CA LYS A 266 -9.49 -17.47 -17.86
C LYS A 266 -9.64 -17.48 -19.38
N LEU A 267 -8.87 -16.64 -20.07
CA LEU A 267 -8.91 -16.66 -21.53
C LEU A 267 -8.36 -17.97 -22.08
N SER A 268 -7.33 -18.53 -21.44
CA SER A 268 -6.84 -19.84 -21.86
C SER A 268 -7.91 -20.91 -21.70
N ASP A 269 -8.65 -20.87 -20.57
CA ASP A 269 -9.72 -21.83 -20.37
C ASP A 269 -10.82 -21.66 -21.41
N ILE A 270 -11.19 -20.42 -21.70
CA ILE A 270 -12.21 -20.16 -22.72
C ILE A 270 -11.76 -20.69 -24.07
N LEU A 271 -10.50 -20.45 -24.44
CA LEU A 271 -10.02 -20.90 -25.74
C LEU A 271 -9.94 -22.42 -25.81
N LYS A 272 -9.55 -23.08 -24.71
CA LYS A 272 -9.56 -24.53 -24.67
C LYS A 272 -10.96 -25.08 -24.87
N ALA A 273 -11.94 -24.47 -24.21
CA ALA A 273 -13.32 -24.91 -24.39
C ALA A 273 -13.78 -24.70 -25.83
N ASN A 274 -13.39 -23.58 -26.44
CA ASN A 274 -13.73 -23.35 -27.84
C ASN A 274 -13.14 -24.43 -28.74
N ILE A 275 -11.86 -24.76 -28.52
CA ILE A 275 -11.21 -25.81 -29.29
C ILE A 275 -11.92 -27.14 -29.09
N ASN A 276 -12.30 -27.42 -27.85
CA ASN A 276 -13.00 -28.67 -27.56
C ASN A 276 -14.33 -28.76 -28.30
N VAL A 277 -15.08 -27.66 -28.30
CA VAL A 277 -16.37 -27.66 -29.01
C VAL A 277 -16.14 -27.87 -30.50
N GLN A 278 -15.16 -27.18 -31.08
CA GLN A 278 -14.91 -27.33 -32.51
C GLN A 278 -14.51 -28.75 -32.85
N LYS A 279 -13.65 -29.36 -32.03
CA LYS A 279 -13.20 -30.72 -32.28
C LYS A 279 -14.36 -31.71 -32.17
N LEU A 280 -15.19 -31.54 -31.13
CA LEU A 280 -16.31 -32.46 -30.92
C LEU A 280 -17.33 -32.35 -32.04
N GLU A 281 -17.58 -31.15 -32.54
CA GLU A 281 -18.63 -30.95 -33.52
C GLU A 281 -18.33 -31.69 -34.82
N MET A 282 -17.08 -31.62 -35.30
CA MET A 282 -16.77 -32.19 -36.60
C MET A 282 -16.62 -33.71 -36.55
N ASP A 283 -16.31 -34.28 -35.39
CA ASP A 283 -16.00 -35.70 -35.33
C ASP A 283 -17.25 -36.55 -35.15
N GLY A 284 -17.97 -36.34 -34.05
CA GLY A 284 -19.13 -37.14 -33.73
C GLY A 284 -19.96 -36.46 -32.67
N SER A 285 -21.28 -36.53 -32.78
CA SER A 285 -22.18 -35.61 -32.07
C SER A 285 -23.22 -36.36 -31.25
N PRO A 286 -22.82 -36.90 -30.09
CA PRO A 286 -23.83 -37.24 -29.07
C PRO A 286 -24.33 -35.96 -28.42
N GLN A 287 -25.65 -35.78 -28.45
CA GLN A 287 -26.23 -34.52 -27.99
C GLN A 287 -25.90 -34.24 -26.53
N HIS A 288 -25.84 -35.29 -25.71
CA HIS A 288 -25.49 -35.10 -24.30
C HIS A 288 -24.10 -34.50 -24.15
N ILE A 289 -23.13 -35.03 -24.89
CA ILE A 289 -21.77 -34.50 -24.84
C ILE A 289 -21.74 -33.06 -25.35
N ILE A 290 -22.45 -32.79 -26.44
CA ILE A 290 -22.48 -31.44 -26.98
C ILE A 290 -23.06 -30.47 -25.97
N ASN A 291 -24.17 -30.85 -25.32
CA ASN A 291 -24.77 -30.00 -24.31
C ASN A 291 -23.80 -29.74 -23.17
N GLU A 292 -23.12 -30.79 -22.69
CA GLU A 292 -22.19 -30.61 -21.59
C GLU A 292 -21.07 -29.65 -21.96
N VAL A 293 -20.46 -29.84 -23.13
CA VAL A 293 -19.30 -29.03 -23.49
C VAL A 293 -19.71 -27.58 -23.79
N GLU A 294 -20.84 -27.38 -24.47
CA GLU A 294 -21.30 -26.03 -24.73
C GLU A 294 -21.70 -25.32 -23.44
N GLN A 295 -22.27 -26.05 -22.47
CA GLN A 295 -22.59 -25.43 -21.19
C GLN A 295 -21.32 -25.07 -20.44
N LEU A 296 -20.28 -25.89 -20.57
CA LEU A 296 -18.98 -25.52 -19.98
C LEU A 296 -18.43 -24.25 -20.61
N LEU A 297 -18.52 -24.12 -21.93
CA LEU A 297 -18.05 -22.92 -22.60
C LEU A 297 -18.83 -21.70 -22.14
N GLN A 298 -20.15 -21.83 -22.04
CA GLN A 298 -20.98 -20.72 -21.56
C GLN A 298 -20.58 -20.33 -20.15
N PHE A 299 -20.34 -21.31 -19.28
CA PHE A 299 -19.92 -21.02 -17.92
C PHE A 299 -18.60 -20.26 -17.89
N HIS A 300 -17.62 -20.71 -18.68
CA HIS A 300 -16.32 -20.05 -18.68
C HIS A 300 -16.43 -18.61 -19.17
N VAL A 301 -17.18 -18.39 -20.26
CA VAL A 301 -17.31 -17.04 -20.79
C VAL A 301 -18.03 -16.15 -19.78
N ALA A 302 -19.08 -16.67 -19.13
CA ALA A 302 -19.80 -15.87 -18.16
C ALA A 302 -18.95 -15.51 -16.97
N THR A 303 -18.19 -16.47 -16.43
CA THR A 303 -17.37 -16.19 -15.26
C THR A 303 -16.14 -15.35 -15.59
N TYR A 304 -15.75 -15.29 -16.86
CA TYR A 304 -14.66 -14.40 -17.23
C TYR A 304 -15.01 -12.94 -17.04
N MET A 305 -16.30 -12.60 -17.08
CA MET A 305 -16.75 -11.22 -16.94
C MET A 305 -17.50 -10.95 -15.65
N ASP A 306 -17.95 -11.98 -14.94
CA ASP A 306 -18.70 -11.80 -13.70
C ASP A 306 -18.61 -13.08 -12.91
N ASN A 307 -17.92 -13.04 -11.77
CA ASN A 307 -17.71 -14.23 -10.96
C ASN A 307 -18.51 -14.19 -9.66
N ASP A 308 -19.52 -13.35 -9.57
CA ASP A 308 -20.40 -13.28 -8.41
C ASP A 308 -21.85 -13.52 -8.81
N ILE A 309 -22.08 -14.48 -9.69
CA ILE A 309 -23.42 -14.80 -10.15
C ILE A 309 -24.12 -15.61 -9.06
N ALA A 310 -25.14 -15.01 -8.45
CA ALA A 310 -25.86 -15.68 -7.38
C ALA A 310 -26.62 -16.90 -7.92
N GLY A 311 -26.58 -17.99 -7.17
CA GLY A 311 -27.29 -19.19 -7.52
C GLY A 311 -26.43 -20.29 -8.14
N GLN A 312 -25.12 -20.11 -8.21
CA GLN A 312 -24.25 -21.14 -8.74
C GLN A 312 -22.85 -20.94 -8.15
N PRO A 313 -22.05 -22.00 -8.07
CA PRO A 313 -20.71 -21.87 -7.48
C PRO A 313 -19.80 -21.02 -8.36
N GLN A 314 -18.86 -20.35 -7.70
CA GLN A 314 -17.91 -19.48 -8.37
C GLN A 314 -16.79 -20.29 -9.02
N ALA A 315 -16.13 -19.67 -9.99
CA ALA A 315 -14.93 -20.26 -10.56
C ALA A 315 -13.76 -20.04 -9.61
N LEU A 316 -13.01 -21.09 -9.33
CA LEU A 316 -11.94 -21.06 -8.36
C LEU A 316 -10.59 -21.28 -9.04
N GLN A 317 -9.56 -20.67 -8.48
CA GLN A 317 -8.20 -20.91 -8.94
C GLN A 317 -7.68 -22.22 -8.34
N LYS A 318 -6.50 -22.66 -8.81
CA LYS A 318 -5.82 -23.84 -8.25
C LYS A 318 -5.43 -23.64 -6.79
N SER A 319 -5.30 -22.38 -6.34
CA SER A 319 -5.04 -22.09 -4.93
C SER A 319 -6.32 -22.07 -4.09
N GLY A 320 -7.48 -22.19 -4.72
CA GLY A 320 -8.74 -22.16 -4.00
C GLY A 320 -9.41 -20.80 -3.92
N ARG A 321 -8.69 -19.73 -4.24
CA ARG A 321 -9.30 -18.41 -4.24
C ARG A 321 -10.19 -18.24 -5.46
N PRO A 322 -11.28 -17.47 -5.33
CA PRO A 322 -12.12 -17.20 -6.50
C PRO A 322 -11.39 -16.37 -7.54
N VAL A 323 -11.80 -16.54 -8.79
CA VAL A 323 -11.18 -15.79 -9.89
C VAL A 323 -11.64 -14.35 -9.84
N LYS A 324 -10.71 -13.43 -10.05
CA LYS A 324 -11.00 -11.99 -10.06
C LYS A 324 -11.51 -11.62 -11.44
N ALA A 325 -12.83 -11.65 -11.61
CA ALA A 325 -13.44 -11.33 -12.89
C ALA A 325 -13.30 -9.84 -13.20
N ILE A 326 -13.63 -9.47 -14.43
CA ILE A 326 -13.50 -8.07 -14.84
C ILE A 326 -14.46 -7.20 -14.07
N ARG A 327 -15.65 -7.73 -13.75
CA ARG A 327 -16.62 -6.94 -12.98
C ARG A 327 -16.08 -6.59 -11.61
N ALA A 328 -15.38 -7.53 -10.97
CA ALA A 328 -14.80 -7.25 -9.65
C ALA A 328 -13.70 -6.21 -9.71
N ARG A 329 -13.09 -6.00 -10.88
CA ARG A 329 -12.07 -4.98 -11.00
C ARG A 329 -12.63 -3.57 -10.87
N LEU A 330 -13.92 -3.38 -11.17
CA LEU A 330 -14.50 -2.05 -11.29
C LEU A 330 -15.29 -1.60 -10.07
N LYS A 331 -15.59 -2.48 -9.13
CA LYS A 331 -16.48 -2.15 -8.03
C LYS A 331 -15.75 -2.12 -6.70
N GLY A 332 -16.28 -1.34 -5.76
CA GLY A 332 -15.75 -1.25 -4.42
C GLY A 332 -14.88 -0.01 -4.23
N LYS A 333 -14.37 0.11 -3.01
CA LYS A 333 -13.44 1.21 -2.71
C LYS A 333 -12.15 1.06 -3.50
N GLU A 334 -11.67 -0.18 -3.66
CA GLU A 334 -10.42 -0.43 -4.36
C GLU A 334 -10.62 -0.68 -5.84
N GLY A 335 -11.83 -0.53 -6.35
CA GLY A 335 -12.08 -0.74 -7.76
C GLY A 335 -11.49 0.38 -8.60
N ARG A 336 -11.74 0.28 -9.91
CA ARG A 336 -11.19 1.28 -10.83
C ARG A 336 -11.74 2.66 -10.54
N LEU A 337 -13.07 2.79 -10.46
CA LEU A 337 -13.68 4.11 -10.37
C LEU A 337 -13.35 4.79 -9.05
N ARG A 338 -13.54 4.11 -7.94
CA ARG A 338 -13.28 4.73 -6.64
C ARG A 338 -11.80 4.79 -6.32
N GLY A 339 -11.03 3.77 -6.70
CA GLY A 339 -9.66 3.66 -6.25
C GLY A 339 -8.59 4.15 -7.20
N ASN A 340 -8.94 4.45 -8.45
CA ASN A 340 -7.93 4.92 -9.39
C ASN A 340 -8.37 6.11 -10.23
N LEU A 341 -9.63 6.48 -10.24
CA LEU A 341 -10.10 7.57 -11.08
C LEU A 341 -10.67 8.72 -10.28
N MET A 342 -11.51 8.44 -9.28
CA MET A 342 -12.02 9.50 -8.43
C MET A 342 -10.96 10.00 -7.47
N GLY A 343 -10.12 9.10 -6.97
CA GLY A 343 -9.01 9.47 -6.12
C GLY A 343 -7.83 8.56 -6.30
N LYS A 344 -6.65 9.13 -6.50
CA LYS A 344 -5.47 8.36 -6.85
C LYS A 344 -4.27 8.90 -6.09
N ARG A 345 -3.24 8.06 -5.97
CA ARG A 345 -1.99 8.49 -5.38
C ARG A 345 -1.29 9.49 -6.29
N VAL A 346 -0.59 10.45 -5.69
CA VAL A 346 -0.03 11.57 -6.42
C VAL A 346 1.44 11.75 -6.06
N ASP A 347 2.16 12.42 -6.95
CA ASP A 347 3.55 12.78 -6.73
C ASP A 347 3.64 14.14 -6.05
N PHE A 348 4.85 14.57 -5.74
CA PHE A 348 5.12 15.89 -5.18
C PHE A 348 4.28 16.12 -3.93
N SER A 349 4.51 15.29 -2.93
CA SER A 349 3.77 15.34 -1.68
C SER A 349 4.65 14.85 -0.56
N ALA A 350 4.30 15.22 0.67
CA ALA A 350 5.08 14.86 1.84
C ALA A 350 4.14 14.62 3.00
N ARG A 351 4.64 13.92 4.02
CA ARG A 351 3.85 13.59 5.19
C ARG A 351 4.77 13.41 6.37
N THR A 352 4.46 14.06 7.49
CA THR A 352 5.21 13.88 8.73
C THR A 352 4.41 14.42 9.89
N VAL A 353 4.93 14.20 11.08
CA VAL A 353 4.27 14.63 12.31
C VAL A 353 4.24 16.15 12.39
N ILE A 354 3.20 16.69 13.03
CA ILE A 354 3.06 18.13 13.16
C ILE A 354 3.43 18.55 14.58
N SER A 355 3.88 19.80 14.71
CA SER A 355 4.22 20.38 15.99
C SER A 355 3.78 21.84 16.01
N GLY A 356 3.78 22.43 17.18
CA GLY A 356 3.33 23.80 17.34
C GLY A 356 4.48 24.79 17.45
N ASP A 357 4.26 25.98 16.91
CA ASP A 357 5.25 27.05 16.93
C ASP A 357 4.54 28.36 17.20
N PRO A 358 4.68 28.90 18.41
CA PRO A 358 4.09 30.22 18.68
C PRO A 358 4.68 31.34 17.85
N ASN A 359 5.87 31.14 17.29
CA ASN A 359 6.60 32.18 16.56
C ASN A 359 6.44 32.05 15.05
N LEU A 360 5.29 31.59 14.58
CA LEU A 360 4.99 31.52 13.16
C LEU A 360 3.76 32.35 12.88
N GLU A 361 3.75 33.02 11.73
CA GLU A 361 2.56 33.75 11.33
C GLU A 361 1.41 32.77 11.09
N LEU A 362 0.21 33.31 10.93
CA LEU A 362 -0.96 32.45 10.81
C LEU A 362 -0.88 31.56 9.57
N ASP A 363 -0.44 32.13 8.44
CA ASP A 363 -0.42 31.42 7.17
C ASP A 363 0.96 30.89 6.82
N GLN A 364 1.74 30.47 7.81
CA GLN A 364 3.06 29.92 7.59
C GLN A 364 3.13 28.49 8.13
N VAL A 365 3.87 27.64 7.42
CA VAL A 365 4.09 26.26 7.85
C VAL A 365 5.59 26.04 7.87
N GLY A 366 6.07 25.36 8.90
CA GLY A 366 7.48 25.06 9.01
C GLY A 366 7.82 23.72 8.37
N VAL A 367 8.73 23.73 7.41
CA VAL A 367 9.04 22.57 6.59
C VAL A 367 10.45 22.11 6.91
N PRO A 368 10.68 20.83 7.19
CA PRO A 368 12.04 20.35 7.42
C PRO A 368 12.93 20.55 6.19
N ILE A 369 14.23 20.55 6.43
CA ILE A 369 15.17 20.78 5.33
C ILE A 369 15.18 19.61 4.37
N SER A 370 15.08 18.39 4.89
CA SER A 370 15.12 17.22 4.02
C SER A 370 13.92 17.18 3.08
N ILE A 371 12.74 17.51 3.59
CA ILE A 371 11.55 17.56 2.75
C ILE A 371 11.67 18.66 1.71
N ALA A 372 12.23 19.80 2.11
CA ALA A 372 12.44 20.90 1.16
C ALA A 372 13.40 20.49 0.06
N LYS A 373 14.41 19.69 0.39
CA LYS A 373 15.34 19.21 -0.63
C LYS A 373 14.69 18.19 -1.54
N THR A 374 13.85 17.31 -0.98
CA THR A 374 13.25 16.25 -1.79
C THR A 374 12.23 16.83 -2.77
N LEU A 375 11.32 17.67 -2.30
CA LEU A 375 10.33 18.26 -3.18
C LEU A 375 10.94 19.39 -3.99
N SER A 376 10.25 19.74 -5.08
CA SER A 376 10.82 20.68 -6.02
C SER A 376 9.70 21.42 -6.74
N TYR A 377 10.07 22.53 -7.39
CA TYR A 377 9.15 23.32 -8.17
C TYR A 377 9.84 23.78 -9.45
N PRO A 378 9.31 23.41 -10.63
CA PRO A 378 9.96 23.78 -11.90
C PRO A 378 9.75 25.24 -12.24
N GLU A 379 10.82 26.01 -12.21
CA GLU A 379 10.77 27.44 -12.46
C GLU A 379 11.33 27.74 -13.85
N THR A 380 10.55 28.48 -14.65
CA THR A 380 10.96 28.81 -16.01
C THR A 380 12.06 29.87 -15.98
N VAL A 381 13.10 29.65 -16.77
CA VAL A 381 14.22 30.59 -16.82
C VAL A 381 13.81 31.80 -17.64
N THR A 382 13.87 32.98 -17.05
CA THR A 382 13.62 34.24 -17.74
C THR A 382 14.78 35.18 -17.45
N GLN A 383 14.67 36.40 -17.96
CA GLN A 383 15.72 37.37 -17.76
C GLN A 383 15.58 38.14 -16.45
N TYR A 384 14.60 37.77 -15.62
CA TYR A 384 14.51 38.28 -14.27
C TYR A 384 15.17 37.38 -13.23
N ASN A 385 15.43 36.12 -13.58
CA ASN A 385 15.93 35.18 -12.57
C ASN A 385 17.03 34.26 -13.10
N ILE A 386 17.65 34.58 -14.23
CA ILE A 386 18.64 33.68 -14.78
C ILE A 386 19.88 33.62 -13.89
N HIS A 387 20.25 34.75 -13.28
CA HIS A 387 21.40 34.77 -12.40
C HIS A 387 21.16 33.90 -11.16
N ARG A 388 20.02 34.09 -10.52
CA ARG A 388 19.68 33.31 -9.34
C ARG A 388 19.57 31.83 -9.67
N LEU A 389 18.98 31.50 -10.81
CA LEU A 389 18.82 30.10 -11.19
C LEU A 389 20.17 29.47 -11.52
N THR A 390 21.08 30.23 -12.13
CA THR A 390 22.43 29.70 -12.33
C THR A 390 23.12 29.43 -11.00
N GLU A 391 22.95 30.33 -10.03
CA GLU A 391 23.51 30.07 -8.70
C GLU A 391 22.93 28.78 -8.12
N TYR A 392 21.62 28.59 -8.25
CA TYR A 392 20.99 27.38 -7.73
C TYR A 392 21.54 26.14 -8.42
N VAL A 393 21.75 26.21 -9.74
CA VAL A 393 22.28 25.07 -10.47
C VAL A 393 23.70 24.76 -10.01
N ARG A 394 24.51 25.80 -9.77
CA ARG A 394 25.86 25.57 -9.26
C ARG A 394 25.83 24.90 -7.90
N ASN A 395 24.92 25.33 -7.03
CA ASN A 395 24.88 24.79 -5.67
C ASN A 395 24.62 23.29 -5.66
N GLY A 396 23.90 22.77 -6.65
CA GLY A 396 23.69 21.34 -6.77
C GLY A 396 22.56 20.83 -5.91
N PRO A 397 22.28 19.53 -6.00
CA PRO A 397 21.11 18.96 -5.31
C PRO A 397 21.33 18.64 -3.85
N ASN A 398 22.47 18.97 -3.27
CA ASN A 398 22.74 18.68 -1.87
C ASN A 398 22.90 19.92 -1.00
N GLU A 399 22.96 21.10 -1.60
CA GLU A 399 23.19 22.33 -0.87
C GLU A 399 21.99 23.24 -1.02
N HIS A 400 21.49 23.76 0.08
CA HIS A 400 20.32 24.61 0.06
C HIS A 400 20.71 26.07 0.07
N PRO A 401 20.21 26.91 -0.84
CA PRO A 401 19.27 26.57 -1.91
C PRO A 401 19.93 25.87 -3.09
N GLY A 402 19.23 24.91 -3.69
CA GLY A 402 19.81 24.16 -4.78
C GLY A 402 18.81 23.80 -5.85
N ALA A 403 19.18 22.88 -6.74
CA ALA A 403 18.28 22.41 -7.79
C ALA A 403 18.52 20.92 -7.99
N LYS A 404 17.51 20.24 -8.51
CA LYS A 404 17.58 18.81 -8.77
C LYS A 404 17.73 18.47 -10.25
N TYR A 405 17.00 19.16 -11.12
CA TYR A 405 17.02 18.87 -12.55
C TYR A 405 17.02 20.17 -13.34
N VAL A 406 17.51 20.09 -14.56
CA VAL A 406 17.36 21.15 -15.55
C VAL A 406 16.67 20.54 -16.76
N ILE A 407 15.56 21.13 -17.18
CA ILE A 407 14.74 20.59 -18.24
C ILE A 407 14.86 21.50 -19.45
N ARG A 408 15.24 20.93 -20.59
CA ARG A 408 15.39 21.71 -21.80
C ARG A 408 14.04 21.94 -22.46
N ASP A 409 14.05 22.72 -23.55
CA ASP A 409 12.83 23.01 -24.26
C ASP A 409 12.22 21.76 -24.86
N ASN A 410 13.06 20.87 -25.41
CA ASN A 410 12.57 19.65 -26.03
C ASN A 410 12.01 18.65 -25.03
N GLY A 411 12.21 18.87 -23.73
CA GLY A 411 11.68 17.99 -22.71
C GLY A 411 12.69 17.09 -22.04
N ASP A 412 13.93 17.07 -22.51
CA ASP A 412 14.96 16.24 -21.90
C ASP A 412 15.31 16.76 -20.52
N ARG A 413 15.53 15.83 -19.58
CA ARG A 413 15.88 16.16 -18.21
C ARG A 413 17.36 15.94 -17.97
N ILE A 414 18.02 16.93 -17.38
CA ILE A 414 19.42 16.84 -17.00
C ILE A 414 19.47 16.65 -15.50
N ASP A 415 19.92 15.47 -15.06
CA ASP A 415 20.04 15.18 -13.64
C ASP A 415 21.35 15.76 -13.12
N LEU A 416 21.24 16.53 -12.03
CA LEU A 416 22.41 17.21 -11.48
C LEU A 416 23.19 16.36 -10.49
N ARG A 417 22.67 15.19 -10.10
CA ARG A 417 23.45 14.27 -9.28
C ARG A 417 24.54 13.62 -10.10
N TYR A 418 24.21 13.17 -11.31
CA TYR A 418 25.10 12.37 -12.13
C TYR A 418 25.80 13.18 -13.21
N HIS A 419 25.80 14.51 -13.08
CA HIS A 419 26.46 15.36 -14.07
C HIS A 419 27.81 15.78 -13.51
N LYS A 420 28.87 15.49 -14.27
CA LYS A 420 30.23 15.85 -13.87
C LYS A 420 30.60 17.27 -14.23
N ARG A 421 29.81 17.95 -15.06
CA ARG A 421 30.11 19.28 -15.57
C ARG A 421 28.96 20.23 -15.27
N ALA A 422 28.48 20.20 -14.03
CA ALA A 422 27.35 21.06 -13.65
C ALA A 422 27.71 22.53 -13.80
N GLY A 423 28.94 22.90 -13.48
CA GLY A 423 29.40 24.27 -13.71
C GLY A 423 29.51 24.64 -15.16
N ASP A 424 29.55 23.65 -16.06
CA ASP A 424 29.61 23.89 -17.50
C ASP A 424 28.23 23.87 -18.14
N ILE A 425 27.19 24.25 -17.41
CA ILE A 425 25.83 24.32 -17.93
C ILE A 425 25.42 25.78 -18.00
N VAL A 426 25.00 26.22 -19.18
CA VAL A 426 24.47 27.56 -19.38
C VAL A 426 22.97 27.44 -19.63
N LEU A 427 22.20 28.28 -18.94
CA LEU A 427 20.75 28.20 -19.00
C LEU A 427 20.22 29.15 -20.08
N GLN A 428 19.38 28.61 -20.95
CA GLN A 428 18.73 29.40 -21.99
C GLN A 428 17.31 29.75 -21.56
N TYR A 429 16.82 30.88 -22.05
CA TYR A 429 15.47 31.30 -21.73
C TYR A 429 14.47 30.25 -22.19
N GLY A 430 13.47 29.98 -21.36
CA GLY A 430 12.48 28.98 -21.65
C GLY A 430 12.76 27.62 -21.04
N TRP A 431 13.97 27.38 -20.59
CA TRP A 431 14.26 26.15 -19.86
C TRP A 431 13.60 26.19 -18.49
N LYS A 432 13.52 25.03 -17.85
CA LYS A 432 12.98 24.91 -16.52
C LYS A 432 14.04 24.35 -15.59
N VAL A 433 14.10 24.90 -14.38
CA VAL A 433 15.00 24.41 -13.34
C VAL A 433 14.13 23.93 -12.18
N GLU A 434 14.25 22.66 -11.84
CA GLU A 434 13.48 22.09 -10.75
C GLU A 434 14.19 22.39 -9.44
N ARG A 435 14.08 23.66 -9.03
CA ARG A 435 14.79 24.12 -7.84
C ARG A 435 14.15 23.54 -6.58
N HIS A 436 14.87 23.69 -5.47
CA HIS A 436 14.39 23.23 -4.19
C HIS A 436 13.22 24.09 -3.71
N LEU A 437 12.47 23.55 -2.75
CA LEU A 437 11.42 24.32 -2.11
C LEU A 437 12.04 25.43 -1.28
N MET A 438 11.52 26.65 -1.42
CA MET A 438 12.10 27.81 -0.77
C MET A 438 11.04 28.53 0.08
N ASP A 439 11.47 29.59 0.74
CA ASP A 439 10.58 30.34 1.61
C ASP A 439 9.52 31.08 0.79
N ASP A 440 8.34 31.20 1.39
CA ASP A 440 7.17 31.87 0.82
C ASP A 440 6.62 31.18 -0.42
N ASP A 441 6.92 29.92 -0.61
CA ASP A 441 6.27 29.15 -1.66
C ASP A 441 4.91 28.67 -1.16
N PRO A 442 3.82 28.94 -1.87
CA PRO A 442 2.52 28.44 -1.43
C PRO A 442 2.45 26.93 -1.61
N VAL A 443 1.98 26.25 -0.57
CA VAL A 443 1.80 24.80 -0.60
C VAL A 443 0.46 24.47 0.02
N LEU A 444 -0.21 23.46 -0.52
CA LEU A 444 -1.46 23.00 0.04
C LEU A 444 -1.21 22.06 1.21
N PHE A 445 -1.97 22.23 2.28
CA PHE A 445 -1.74 21.53 3.52
C PHE A 445 -3.06 20.92 3.96
N ASN A 446 -3.03 19.67 4.42
CA ASN A 446 -4.25 18.89 4.52
C ASN A 446 -4.15 17.91 5.68
N ARG A 447 -5.29 17.65 6.32
CA ARG A 447 -5.39 16.63 7.36
C ARG A 447 -6.62 15.78 7.13
N GLN A 448 -6.48 14.48 7.34
CA GLN A 448 -7.59 13.54 7.17
C GLN A 448 -8.22 13.20 8.52
N PRO A 449 -9.53 12.97 8.55
CA PRO A 449 -10.46 13.06 7.44
C PRO A 449 -10.83 14.49 7.08
N SER A 450 -10.97 14.79 5.79
CA SER A 450 -11.27 16.13 5.32
C SER A 450 -12.78 16.33 5.33
N LEU A 451 -13.27 16.80 6.49
CA LEU A 451 -14.71 16.91 6.67
C LEU A 451 -15.29 18.12 5.98
N HIS A 452 -14.55 19.23 5.95
CA HIS A 452 -15.02 20.46 5.32
C HIS A 452 -13.87 21.13 4.60
N LYS A 453 -14.18 22.21 3.90
CA LYS A 453 -13.22 22.83 2.99
C LYS A 453 -12.12 23.58 3.71
N MET A 454 -12.26 23.81 5.02
CA MET A 454 -11.19 24.41 5.80
C MET A 454 -10.14 23.39 6.23
N SER A 455 -10.33 22.12 5.88
CA SER A 455 -9.32 21.10 6.14
C SER A 455 -8.21 21.09 5.11
N MET A 456 -8.37 21.82 4.01
CA MET A 456 -7.30 22.03 3.03
C MET A 456 -7.10 23.53 2.86
N MET A 457 -5.96 24.02 3.30
CA MET A 457 -5.64 25.43 3.18
C MET A 457 -4.20 25.58 2.72
N ALA A 458 -3.91 26.70 2.07
CA ALA A 458 -2.59 26.93 1.51
C ALA A 458 -1.79 27.82 2.44
N HIS A 459 -0.62 27.34 2.85
CA HIS A 459 0.29 28.09 3.71
C HIS A 459 1.51 28.54 2.91
N ARG A 460 2.33 29.36 3.55
CA ARG A 460 3.60 29.80 2.99
C ARG A 460 4.74 29.04 3.65
N VAL A 461 5.67 28.55 2.84
CA VAL A 461 6.73 27.69 3.34
C VAL A 461 7.75 28.52 4.11
N LYS A 462 8.22 27.95 5.22
CA LYS A 462 9.40 28.44 5.93
C LYS A 462 10.24 27.25 6.29
N VAL A 463 11.46 27.20 5.77
CA VAL A 463 12.32 26.04 5.98
C VAL A 463 12.95 26.10 7.36
N MET A 464 12.87 25.02 8.11
CA MET A 464 13.30 24.97 9.49
C MET A 464 14.01 23.65 9.74
N PRO A 465 14.86 23.59 10.76
CA PRO A 465 15.50 22.32 11.13
C PRO A 465 14.53 21.35 11.80
N TYR A 466 15.01 20.13 12.07
CA TYR A 466 14.24 19.06 12.68
C TYR A 466 13.11 18.60 11.77
N SER A 467 12.41 17.52 12.14
CA SER A 467 11.70 16.70 11.17
C SER A 467 10.19 16.77 11.29
N THR A 468 9.63 17.85 11.84
CA THR A 468 8.20 17.97 12.01
C THR A 468 7.66 19.19 11.30
N PHE A 469 6.44 19.08 10.77
CA PHE A 469 5.72 20.25 10.29
C PHE A 469 5.32 21.11 11.48
N ARG A 470 5.34 22.43 11.29
CA ARG A 470 5.07 23.35 12.37
C ARG A 470 3.96 24.31 11.97
N LEU A 471 3.00 24.49 12.86
CA LEU A 471 1.81 25.27 12.60
C LEU A 471 1.63 26.31 13.70
N ASN A 472 1.13 27.48 13.32
CA ASN A 472 0.61 28.39 14.33
C ASN A 472 -0.60 27.74 14.98
N LEU A 473 -0.75 27.93 16.29
CA LEU A 473 -1.73 27.13 17.00
C LEU A 473 -3.16 27.56 16.76
N SER A 474 -3.37 28.71 16.11
CA SER A 474 -4.72 29.14 15.82
C SER A 474 -5.35 28.30 14.71
N VAL A 475 -4.56 27.65 13.87
CA VAL A 475 -5.10 26.89 12.75
C VAL A 475 -5.32 25.45 13.15
N THR A 476 -5.08 25.10 14.41
CA THR A 476 -5.34 23.74 14.84
C THR A 476 -6.83 23.47 15.02
N SER A 477 -7.65 24.51 15.02
CA SER A 477 -9.09 24.32 15.16
C SER A 477 -9.73 23.88 13.86
N PRO A 478 -9.54 24.60 12.74
CA PRO A 478 -10.13 24.13 11.48
C PRO A 478 -9.63 22.76 11.06
N TYR A 479 -8.37 22.43 11.33
CA TYR A 479 -7.84 21.12 10.98
C TYR A 479 -8.25 20.04 11.98
N ASN A 480 -8.80 20.41 13.13
CA ASN A 480 -9.12 19.46 14.19
C ASN A 480 -7.89 18.67 14.59
N ALA A 481 -6.76 19.36 14.71
CA ALA A 481 -5.48 18.74 14.95
C ALA A 481 -4.90 19.16 16.29
N ASP A 482 -4.20 18.22 16.92
CA ASP A 482 -3.36 18.54 18.07
C ASP A 482 -2.04 17.79 17.89
N PHE A 483 -1.11 18.06 18.80
CA PHE A 483 0.28 17.63 18.63
C PHE A 483 0.61 16.41 19.46
N ASP A 484 -0.31 15.46 19.60
CA ASP A 484 -0.07 14.23 20.31
C ASP A 484 0.32 13.08 19.40
N GLY A 485 0.68 13.37 18.15
CA GLY A 485 1.03 12.35 17.19
C GLY A 485 0.34 12.48 15.85
N ASP A 486 -0.44 13.52 15.61
CA ASP A 486 -1.14 13.67 14.34
C ASP A 486 -0.14 13.90 13.21
N GLU A 487 -0.54 13.52 12.01
CA GLU A 487 0.24 13.74 10.82
C GLU A 487 -0.61 14.48 9.78
N MET A 488 0.05 15.29 8.96
CA MET A 488 -0.65 16.07 7.96
C MET A 488 0.09 15.99 6.63
N ASN A 489 -0.65 16.23 5.56
CA ASN A 489 -0.17 16.03 4.20
C ASN A 489 0.15 17.37 3.58
N LEU A 490 1.22 17.44 2.80
CA LEU A 490 1.61 18.65 2.10
C LEU A 490 1.71 18.35 0.60
N HIS A 491 1.09 19.20 -0.22
CA HIS A 491 1.09 19.05 -1.67
C HIS A 491 1.65 20.30 -2.30
N VAL A 492 2.58 20.12 -3.23
CA VAL A 492 3.32 21.23 -3.85
C VAL A 492 2.71 21.51 -5.23
N PRO A 493 2.26 22.73 -5.49
CA PRO A 493 1.85 23.08 -6.86
C PRO A 493 3.04 23.10 -7.80
N GLN A 494 2.79 22.77 -9.06
CA GLN A 494 3.86 22.61 -10.04
C GLN A 494 3.72 23.55 -11.23
N SER A 495 2.99 24.65 -11.07
CA SER A 495 2.79 25.56 -12.20
C SER A 495 2.50 26.96 -11.68
N GLU A 496 2.67 27.94 -12.56
CA GLU A 496 2.33 29.31 -12.20
C GLU A 496 0.83 29.48 -11.99
N GLU A 497 0.03 28.87 -12.86
CA GLU A 497 -1.42 28.96 -12.72
C GLU A 497 -1.89 28.34 -11.41
N THR A 498 -1.35 27.18 -11.06
CA THR A 498 -1.76 26.51 -9.85
C THR A 498 -1.28 27.26 -8.61
N ARG A 499 -0.07 27.82 -8.67
CA ARG A 499 0.41 28.65 -7.57
C ARG A 499 -0.48 29.85 -7.36
N ALA A 500 -0.89 30.51 -8.44
CA ALA A 500 -1.79 31.64 -8.30
C ALA A 500 -3.13 31.22 -7.71
N GLU A 501 -3.66 30.08 -8.15
CA GLU A 501 -4.92 29.62 -7.59
C GLU A 501 -4.80 29.38 -6.10
N LEU A 502 -3.71 28.73 -5.67
CA LEU A 502 -3.54 28.47 -4.24
C LEU A 502 -3.40 29.75 -3.45
N SER A 503 -2.62 30.70 -3.95
CA SER A 503 -2.40 31.92 -3.19
C SER A 503 -3.59 32.87 -3.20
N GLN A 504 -4.50 32.74 -4.17
CA GLN A 504 -5.63 33.65 -4.28
C GLN A 504 -6.96 33.05 -3.84
N LEU A 505 -7.05 31.74 -3.66
CA LEU A 505 -8.32 31.12 -3.30
C LEU A 505 -8.28 30.37 -1.98
N CYS A 506 -7.28 29.52 -1.76
CA CYS A 506 -7.24 28.65 -0.60
C CYS A 506 -6.39 29.19 0.54
N ALA A 507 -5.88 30.41 0.42
CA ALA A 507 -4.95 30.92 1.42
C ALA A 507 -5.62 31.00 2.78
N VAL A 508 -4.82 30.77 3.82
CA VAL A 508 -5.37 30.71 5.19
C VAL A 508 -6.10 31.99 5.58
N PRO A 509 -5.57 33.20 5.33
CA PRO A 509 -6.31 34.41 5.73
C PRO A 509 -7.69 34.51 5.12
N LEU A 510 -7.89 33.98 3.92
CA LEU A 510 -9.19 34.06 3.28
C LEU A 510 -10.22 33.11 3.88
N GLN A 511 -9.78 32.16 4.71
CA GLN A 511 -10.66 31.12 5.24
C GLN A 511 -11.03 31.35 6.70
N ILE A 512 -10.80 32.55 7.23
CA ILE A 512 -11.04 32.78 8.64
C ILE A 512 -12.52 32.70 8.96
N VAL A 513 -13.37 33.25 8.10
CA VAL A 513 -14.82 33.20 8.29
C VAL A 513 -15.39 32.09 7.42
N SER A 514 -16.21 31.25 8.00
CA SER A 514 -16.77 30.08 7.34
C SER A 514 -18.18 30.37 6.84
N PRO A 515 -18.58 29.77 5.71
CA PRO A 515 -19.96 29.95 5.24
C PRO A 515 -20.96 29.07 5.97
N GLN A 516 -20.51 28.13 6.80
CA GLN A 516 -21.46 27.23 7.46
C GLN A 516 -22.30 27.97 8.48
N SER A 517 -21.68 28.83 9.30
CA SER A 517 -22.41 29.53 10.34
C SER A 517 -22.05 31.01 10.38
N ASN A 518 -21.51 31.56 9.30
CA ASN A 518 -21.06 32.95 9.19
C ASN A 518 -20.39 33.46 10.47
N LYS A 519 -19.47 32.67 11.01
CA LYS A 519 -18.67 33.04 12.17
C LYS A 519 -17.25 32.53 11.96
N PRO A 520 -16.27 33.15 12.61
CA PRO A 520 -14.88 32.72 12.43
C PRO A 520 -14.66 31.28 12.87
N VAL A 521 -13.75 30.60 12.21
CA VAL A 521 -13.35 29.24 12.58
C VAL A 521 -12.05 29.21 13.34
N MET A 522 -11.31 30.31 13.39
CA MET A 522 -10.05 30.39 14.13
C MET A 522 -10.16 31.47 15.18
N GLY A 523 -9.68 31.18 16.39
CA GLY A 523 -9.66 32.15 17.45
C GLY A 523 -8.47 31.89 18.35
N ILE A 524 -8.29 32.76 19.33
CA ILE A 524 -7.25 32.56 20.33
C ILE A 524 -7.61 31.35 21.17
N VAL A 525 -6.65 30.45 21.37
CA VAL A 525 -6.91 29.17 22.01
C VAL A 525 -5.84 28.86 23.04
N GLN A 526 -6.22 28.05 24.02
CA GLN A 526 -5.30 27.40 24.97
C GLN A 526 -4.64 28.47 25.84
N ASP A 527 -3.33 28.38 26.05
CA ASP A 527 -2.71 29.23 27.07
C ASP A 527 -2.64 30.68 26.62
N THR A 528 -2.73 30.94 25.32
CA THR A 528 -2.88 32.34 24.90
C THR A 528 -4.20 32.91 25.37
N LEU A 529 -5.27 32.13 25.30
CA LEU A 529 -6.56 32.58 25.83
C LEU A 529 -6.48 32.75 27.34
N CYS A 530 -5.89 31.79 28.04
CA CYS A 530 -5.77 31.92 29.49
C CYS A 530 -4.93 33.14 29.87
N GLY A 531 -3.85 33.38 29.14
CA GLY A 531 -2.98 34.50 29.46
C GLY A 531 -3.54 35.84 29.05
N VAL A 532 -4.44 35.88 28.06
CA VAL A 532 -5.06 37.15 27.74
C VAL A 532 -6.17 37.45 28.72
N ARG A 533 -6.75 36.41 29.34
CA ARG A 533 -7.66 36.68 30.45
C ARG A 533 -6.92 37.15 31.68
N LYS A 534 -5.81 36.49 32.02
CA LYS A 534 -5.04 36.90 33.21
C LYS A 534 -4.40 38.25 33.02
N MET A 535 -3.95 38.55 31.80
CA MET A 535 -3.18 39.76 31.55
C MET A 535 -4.07 40.99 31.54
N THR A 536 -5.35 40.82 31.21
CA THR A 536 -6.27 41.93 31.11
C THR A 536 -7.16 42.09 32.33
N LEU A 537 -6.81 41.46 33.44
CA LEU A 537 -7.53 41.71 34.68
C LEU A 537 -7.32 43.15 35.11
N ARG A 538 -8.20 43.62 35.99
CA ARG A 538 -8.14 45.03 36.37
C ARG A 538 -6.91 45.35 37.20
N ASP A 539 -6.36 44.37 37.90
CA ASP A 539 -5.24 44.60 38.81
C ASP A 539 -3.94 43.99 38.28
N THR A 540 -3.70 44.14 36.98
CA THR A 540 -2.44 43.72 36.37
C THR A 540 -1.71 44.98 35.90
N PHE A 541 -0.57 45.26 36.53
CA PHE A 541 0.22 46.44 36.22
C PHE A 541 1.61 46.01 35.79
N ILE A 542 2.17 46.71 34.82
CA ILE A 542 3.42 46.32 34.18
C ILE A 542 4.41 47.47 34.28
N GLU A 543 5.65 47.15 34.64
CA GLU A 543 6.69 48.16 34.79
C GLU A 543 7.21 48.61 33.43
N TYR A 544 8.01 49.68 33.46
CA TYR A 544 8.48 50.28 32.21
C TYR A 544 9.38 49.32 31.44
N GLU A 545 10.29 48.64 32.12
CA GLU A 545 11.27 47.81 31.43
C GLU A 545 10.60 46.61 30.77
N GLN A 546 9.56 46.07 31.40
CA GLN A 546 8.83 44.98 30.77
C GLN A 546 7.93 45.48 29.65
N VAL A 547 7.39 46.70 29.80
CA VAL A 547 6.57 47.26 28.74
C VAL A 547 7.38 47.48 27.48
N MET A 548 8.64 47.91 27.63
CA MET A 548 9.46 48.12 26.44
C MET A 548 9.68 46.82 25.68
N ASN A 549 9.98 45.74 26.40
CA ASN A 549 10.14 44.44 25.76
C ASN A 549 8.85 43.97 25.11
N MET A 550 7.72 44.18 25.79
CA MET A 550 6.44 43.72 25.25
C MET A 550 6.07 44.51 24.01
N LEU A 551 6.41 45.79 23.96
CA LEU A 551 6.10 46.61 22.80
C LEU A 551 6.99 46.25 21.62
N PHE A 552 8.27 45.98 21.87
CA PHE A 552 9.15 45.59 20.79
C PHE A 552 8.72 44.27 20.14
N TRP A 553 8.02 43.42 20.88
CA TRP A 553 7.61 42.13 20.33
C TRP A 553 6.51 42.24 19.29
N VAL A 554 5.75 43.33 19.29
CA VAL A 554 4.66 43.50 18.35
C VAL A 554 5.25 43.86 17.00
N PRO A 555 5.05 43.04 15.96
CA PRO A 555 5.64 43.37 14.65
C PRO A 555 5.07 44.64 14.05
N SER A 556 3.82 44.97 14.33
CA SER A 556 3.13 46.09 13.70
C SER A 556 3.21 47.36 14.54
N TRP A 557 3.93 47.35 15.64
CA TRP A 557 4.04 48.53 16.49
C TRP A 557 4.70 49.67 15.74
N ASP A 558 4.23 50.88 15.98
CA ASP A 558 4.67 52.04 15.21
C ASP A 558 5.79 52.83 15.88
N GLY A 559 6.34 52.33 16.99
CA GLY A 559 7.47 52.99 17.61
C GLY A 559 7.13 54.10 18.57
N VAL A 560 5.88 54.21 18.99
CA VAL A 560 5.44 55.22 19.95
C VAL A 560 4.93 54.50 21.18
N VAL A 561 5.51 54.78 22.33
CA VAL A 561 5.07 54.12 23.57
C VAL A 561 3.88 54.88 24.14
N PRO A 562 2.81 54.20 24.51
CA PRO A 562 1.66 54.90 25.09
C PRO A 562 2.00 55.46 26.47
N GLN A 563 1.29 56.51 26.84
CA GLN A 563 1.45 57.06 28.18
C GLN A 563 0.94 56.06 29.21
N PRO A 564 1.63 55.90 30.33
CA PRO A 564 1.16 54.95 31.33
C PRO A 564 -0.15 55.37 31.96
N ALA A 565 -0.91 54.39 32.42
CA ALA A 565 -2.16 54.69 33.13
C ALA A 565 -1.87 55.45 34.41
N ILE A 566 -0.80 55.10 35.11
CA ILE A 566 -0.41 55.74 36.35
C ILE A 566 0.94 56.41 36.13
N LEU A 567 0.96 57.74 36.22
CA LEU A 567 2.18 58.51 35.99
C LEU A 567 3.00 58.73 37.25
N LYS A 568 2.33 58.89 38.39
CA LYS A 568 2.97 59.13 39.67
C LYS A 568 2.32 58.26 40.72
N PRO A 569 3.08 57.80 41.73
CA PRO A 569 4.50 57.99 42.00
C PRO A 569 5.43 57.16 41.11
N LYS A 570 4.89 56.10 40.52
CA LYS A 570 5.67 55.18 39.70
C LYS A 570 4.94 54.96 38.38
N PRO A 571 5.62 55.07 37.24
CA PRO A 571 4.96 54.82 35.96
C PRO A 571 4.56 53.35 35.83
N LEU A 572 3.27 53.10 35.63
CA LEU A 572 2.75 51.76 35.49
C LEU A 572 1.76 51.71 34.33
N TRP A 573 1.84 50.65 33.54
CA TRP A 573 0.90 50.36 32.47
C TRP A 573 0.02 49.21 32.89
N THR A 574 -1.20 49.19 32.40
CA THR A 574 -2.11 48.07 32.63
C THR A 574 -2.08 47.12 31.44
N GLY A 575 -2.49 45.88 31.68
CA GLY A 575 -2.48 44.90 30.61
C GLY A 575 -3.39 45.26 29.46
N LYS A 576 -4.47 45.98 29.74
CA LYS A 576 -5.38 46.41 28.69
C LYS A 576 -4.68 47.33 27.69
N GLN A 577 -3.77 48.17 28.17
CA GLN A 577 -3.03 49.05 27.26
C GLN A 577 -2.15 48.23 26.32
N LEU A 578 -1.43 47.24 26.85
CA LEU A 578 -0.54 46.45 26.02
C LEU A 578 -1.34 45.60 25.05
N LEU A 579 -2.54 45.17 25.43
CA LEU A 579 -3.38 44.46 24.49
C LEU A 579 -3.91 45.39 23.41
N SER A 580 -4.32 46.61 23.79
CA SER A 580 -4.82 47.56 22.81
C SER A 580 -3.73 47.98 21.83
N ILE A 581 -2.47 47.82 22.23
CA ILE A 581 -1.38 48.06 21.29
C ILE A 581 -1.46 47.11 20.11
N ALA A 582 -1.89 45.87 20.35
CA ALA A 582 -1.94 44.86 19.30
C ALA A 582 -3.17 44.98 18.41
N ILE A 583 -4.20 45.72 18.82
CA ILE A 583 -5.44 45.84 18.06
C ILE A 583 -5.32 46.98 17.05
N PRO A 584 -5.66 46.76 15.78
CA PRO A 584 -5.59 47.84 14.81
C PRO A 584 -6.55 48.98 15.14
N SER A 585 -6.15 50.19 14.78
CA SER A 585 -6.96 51.35 15.08
C SER A 585 -8.18 51.41 14.19
N GLY A 586 -9.25 52.01 14.70
CA GLY A 586 -10.50 52.08 13.98
C GLY A 586 -11.43 50.92 14.21
N ILE A 587 -11.24 50.15 15.29
CA ILE A 587 -12.09 49.02 15.63
C ILE A 587 -12.98 49.43 16.79
N HIS A 588 -14.29 49.27 16.61
CA HIS A 588 -15.26 49.56 17.65
C HIS A 588 -16.00 48.28 18.00
N LEU A 589 -16.08 47.98 19.29
CA LEU A 589 -16.76 46.77 19.74
C LEU A 589 -17.40 47.05 21.08
N GLN A 590 -18.68 46.71 21.20
CA GLN A 590 -19.46 46.93 22.40
C GLN A 590 -20.23 45.66 22.72
N ARG A 591 -20.20 45.22 23.97
CA ARG A 591 -20.93 44.04 24.38
C ARG A 591 -21.40 44.21 25.81
N THR A 592 -22.62 43.79 26.08
CA THR A 592 -23.22 43.85 27.40
C THR A 592 -23.35 42.44 27.95
N ASP A 593 -22.75 42.20 29.10
CA ASP A 593 -22.78 40.89 29.75
C ASP A 593 -23.57 40.99 31.03
N GLY A 594 -24.73 40.32 31.07
CA GLY A 594 -25.56 40.34 32.25
C GLY A 594 -26.09 41.70 32.62
N GLY A 595 -26.38 42.55 31.62
CA GLY A 595 -26.94 43.86 31.90
C GLY A 595 -26.07 44.75 32.74
N ASN A 596 -24.75 44.68 32.55
CA ASN A 596 -23.84 45.51 33.32
C ASN A 596 -23.98 46.98 32.92
N SER A 597 -23.67 47.86 33.86
CA SER A 597 -23.68 49.28 33.58
C SER A 597 -22.37 49.69 32.88
N LEU A 598 -22.32 50.95 32.47
CA LEU A 598 -21.10 51.47 31.87
C LEU A 598 -19.96 51.61 32.86
N LEU A 599 -20.22 51.47 34.16
CA LEU A 599 -19.17 51.54 35.15
C LEU A 599 -18.57 50.18 35.45
N SER A 600 -19.18 49.10 34.98
CA SER A 600 -18.66 47.74 35.01
C SER A 600 -18.03 47.38 36.35
N PRO A 601 -18.81 47.25 37.41
CA PRO A 601 -18.22 46.87 38.71
C PRO A 601 -17.52 45.52 38.69
N LYS A 602 -18.03 44.56 37.94
CA LYS A 602 -17.43 43.23 37.89
C LYS A 602 -16.42 43.06 36.76
N ASP A 603 -16.13 44.13 36.02
CA ASP A 603 -15.23 44.09 34.88
C ASP A 603 -15.67 43.07 33.84
N ASN A 604 -16.98 42.99 33.61
CA ASN A 604 -17.52 42.19 32.53
C ASN A 604 -18.02 43.09 31.41
N GLY A 605 -18.59 42.49 30.39
CA GLY A 605 -18.94 43.28 29.24
C GLY A 605 -17.68 43.61 28.44
N MET A 606 -17.85 44.52 27.49
CA MET A 606 -16.72 44.91 26.64
C MET A 606 -17.01 46.27 26.03
N LEU A 607 -15.96 47.05 25.84
CA LEU A 607 -16.05 48.32 25.12
C LEU A 607 -14.69 48.65 24.55
N ILE A 608 -14.56 48.58 23.23
CA ILE A 608 -13.34 48.91 22.52
C ILE A 608 -13.64 50.12 21.66
N VAL A 609 -12.94 51.22 21.90
CA VAL A 609 -13.16 52.47 21.19
C VAL A 609 -11.89 52.82 20.44
N ASP A 610 -11.98 52.85 19.12
CA ASP A 610 -10.85 53.18 18.25
C ASP A 610 -9.66 52.26 18.53
N GLY A 611 -9.94 50.98 18.73
CA GLY A 611 -8.88 50.02 18.95
C GLY A 611 -8.26 50.06 20.33
N LYS A 612 -8.88 50.75 21.28
CA LYS A 612 -8.38 50.84 22.64
C LYS A 612 -9.42 50.29 23.60
N VAL A 613 -9.01 49.36 24.45
CA VAL A 613 -9.93 48.71 25.37
C VAL A 613 -10.22 49.65 26.54
N MET A 614 -11.49 49.93 26.78
CA MET A 614 -11.88 50.80 27.88
C MET A 614 -12.17 50.01 29.15
N PHE A 615 -12.93 48.93 29.03
CA PHE A 615 -13.16 48.05 30.18
C PHE A 615 -13.56 46.68 29.67
N GLY A 616 -13.52 45.70 30.56
CA GLY A 616 -13.93 44.35 30.21
C GLY A 616 -12.73 43.43 30.09
N VAL A 617 -12.84 42.27 30.72
CA VAL A 617 -11.81 41.25 30.64
C VAL A 617 -11.93 40.54 29.29
N VAL A 618 -10.80 40.39 28.60
CA VAL A 618 -10.79 39.74 27.29
C VAL A 618 -10.69 38.24 27.50
N ASP A 619 -11.65 37.51 26.96
CA ASP A 619 -11.71 36.07 27.14
C ASP A 619 -12.35 35.44 25.91
N LYS A 620 -12.86 34.22 26.05
CA LYS A 620 -13.43 33.49 24.93
C LYS A 620 -14.55 34.28 24.25
N LYS A 621 -15.32 35.05 25.01
CA LYS A 621 -16.44 35.78 24.42
C LYS A 621 -15.99 36.93 23.53
N THR A 622 -14.72 37.29 23.55
CA THR A 622 -14.20 38.39 22.76
C THR A 622 -13.24 37.94 21.67
N VAL A 623 -12.22 37.16 22.01
CA VAL A 623 -11.22 36.71 21.04
C VAL A 623 -11.40 35.25 20.68
N GLY A 624 -12.54 34.66 21.02
CA GLY A 624 -12.83 33.30 20.62
C GLY A 624 -13.29 33.22 19.18
N SER A 625 -13.76 32.05 18.80
CA SER A 625 -14.24 31.81 17.45
C SER A 625 -15.71 32.15 17.26
N GLY A 626 -16.38 32.65 18.28
CA GLY A 626 -17.78 32.99 18.15
C GLY A 626 -18.00 34.20 17.25
N GLY A 627 -19.24 34.35 16.80
CA GLY A 627 -19.57 35.43 15.92
C GLY A 627 -19.72 36.75 16.66
N GLY A 628 -19.45 37.84 15.95
CA GLY A 628 -19.57 39.16 16.53
C GLY A 628 -18.46 39.54 17.47
N GLY A 629 -17.37 38.78 17.52
CA GLY A 629 -16.25 39.08 18.38
C GLY A 629 -15.27 40.04 17.75
N LEU A 630 -14.08 40.10 18.34
CA LEU A 630 -13.04 40.98 17.81
C LEU A 630 -12.54 40.50 16.46
N ILE A 631 -12.36 39.19 16.31
CA ILE A 631 -11.81 38.66 15.06
C ILE A 631 -12.78 38.88 13.91
N HIS A 632 -14.06 38.63 14.14
CA HIS A 632 -15.06 38.85 13.09
C HIS A 632 -15.13 40.32 12.71
N THR A 633 -15.09 41.21 13.71
CA THR A 633 -15.12 42.64 13.44
C THR A 633 -13.92 43.08 12.61
N VAL A 634 -12.72 42.59 12.97
CA VAL A 634 -11.52 42.98 12.25
C VAL A 634 -11.56 42.45 10.83
N MET A 635 -12.03 41.22 10.64
CA MET A 635 -12.10 40.64 9.30
C MET A 635 -13.08 41.43 8.43
N ARG A 636 -14.24 41.78 8.97
CA ARG A 636 -15.20 42.56 8.20
C ARG A 636 -14.68 43.97 7.91
N GLU A 637 -13.95 44.55 8.85
CA GLU A 637 -13.55 45.95 8.73
C GLU A 637 -12.26 46.13 7.94
N LYS A 638 -11.21 45.40 8.30
CA LYS A 638 -9.88 45.66 7.76
C LYS A 638 -9.46 44.70 6.66
N GLY A 639 -10.01 43.48 6.62
CA GLY A 639 -9.66 42.54 5.59
C GLY A 639 -8.88 41.36 6.12
N PRO A 640 -8.71 40.34 5.29
CA PRO A 640 -8.04 39.11 5.75
C PRO A 640 -6.61 39.30 6.18
N LYS A 641 -5.86 40.21 5.54
CA LYS A 641 -4.45 40.37 5.89
C LYS A 641 -4.28 40.93 7.29
N ILE A 642 -5.00 42.00 7.61
CA ILE A 642 -4.90 42.59 8.94
C ILE A 642 -5.43 41.62 9.99
N CYS A 643 -6.50 40.89 9.66
CA CYS A 643 -7.01 39.90 10.60
C CYS A 643 -6.01 38.80 10.88
N ALA A 644 -5.27 38.38 9.85
CA ALA A 644 -4.22 37.38 10.06
C ALA A 644 -3.10 37.94 10.92
N GLU A 645 -2.73 39.20 10.71
CA GLU A 645 -1.69 39.81 11.54
C GLU A 645 -2.13 39.96 12.99
N LEU A 646 -3.43 40.11 13.21
CA LEU A 646 -3.96 40.27 14.57
C LEU A 646 -3.63 39.06 15.43
N PHE A 647 -3.78 37.85 14.87
CA PHE A 647 -3.46 36.64 15.60
C PHE A 647 -2.02 36.67 16.08
N GLY A 648 -1.10 36.99 15.18
CA GLY A 648 0.31 37.02 15.54
C GLY A 648 0.61 38.04 16.61
N ASN A 649 0.07 39.26 16.47
CA ASN A 649 0.33 40.29 17.46
C ASN A 649 -0.15 39.86 18.84
N ILE A 650 -1.41 39.43 18.93
CA ILE A 650 -1.96 39.05 20.23
C ILE A 650 -1.17 37.89 20.82
N GLN A 651 -0.88 36.88 20.00
CA GLN A 651 -0.18 35.71 20.51
C GLN A 651 1.21 36.08 21.03
N LYS A 652 1.93 36.92 20.30
CA LYS A 652 3.28 37.27 20.72
C LYS A 652 3.27 38.03 22.04
N VAL A 653 2.41 39.04 22.16
CA VAL A 653 2.37 39.83 23.39
C VAL A 653 1.98 38.95 24.57
N VAL A 654 0.89 38.20 24.42
CA VAL A 654 0.38 37.42 25.53
C VAL A 654 1.35 36.31 25.91
N ASN A 655 2.03 35.72 24.92
CA ASN A 655 2.96 34.65 25.22
C ASN A 655 4.18 35.17 25.96
N TYR A 656 4.68 36.35 25.59
CA TYR A 656 5.78 36.92 26.36
C TYR A 656 5.36 37.21 27.79
N TRP A 657 4.20 37.85 27.97
CA TRP A 657 3.76 38.16 29.32
C TRP A 657 3.59 36.90 30.15
N LEU A 658 2.98 35.86 29.58
CA LEU A 658 2.73 34.64 30.33
C LEU A 658 4.01 33.87 30.59
N LEU A 659 4.98 33.94 29.69
CA LEU A 659 6.28 33.35 29.95
C LEU A 659 6.94 33.99 31.16
N HIS A 660 6.87 35.31 31.26
CA HIS A 660 7.53 35.97 32.37
C HIS A 660 6.65 36.10 33.61
N ASN A 661 5.41 35.62 33.55
CA ASN A 661 4.53 35.58 34.72
C ASN A 661 4.35 34.17 35.27
N GLY A 662 4.03 33.20 34.41
CA GLY A 662 3.89 31.82 34.84
C GLY A 662 2.44 31.43 35.07
N PHE A 663 2.19 30.13 34.99
CA PHE A 663 0.88 29.57 35.22
C PHE A 663 1.02 28.06 35.39
N SER A 664 0.33 27.50 36.38
CA SER A 664 0.46 26.08 36.68
C SER A 664 -0.86 25.55 37.23
N ILE A 665 -0.86 24.26 37.55
CA ILE A 665 -2.01 23.60 38.17
C ILE A 665 -1.48 22.45 39.01
N GLY A 666 -2.13 22.22 40.16
CA GLY A 666 -1.66 21.21 41.09
C GLY A 666 -2.81 20.45 41.71
N ILE A 667 -2.45 19.50 42.57
CA ILE A 667 -3.45 18.70 43.26
C ILE A 667 -4.25 19.56 44.23
N GLY A 668 -3.64 20.63 44.72
CA GLY A 668 -4.34 21.51 45.65
C GLY A 668 -5.48 22.28 45.04
N ASP A 669 -5.56 22.31 43.71
CA ASP A 669 -6.62 23.03 43.02
C ASP A 669 -7.91 22.22 42.88
N ALA A 670 -7.87 20.93 43.16
CA ALA A 670 -9.05 20.08 43.09
C ALA A 670 -9.63 19.79 44.46
N ILE A 671 -9.21 20.53 45.49
CA ILE A 671 -9.58 20.27 46.87
C ILE A 671 -10.46 21.41 47.36
N ALA A 672 -11.56 21.07 48.02
CA ALA A 672 -12.44 22.04 48.64
C ALA A 672 -12.36 21.89 50.16
N ASP A 673 -12.52 23.01 50.86
CA ASP A 673 -12.37 23.01 52.30
C ASP A 673 -13.48 22.21 52.97
N ALA A 674 -13.31 21.98 54.28
CA ALA A 674 -14.27 21.17 55.02
C ALA A 674 -15.65 21.80 55.05
N SER A 675 -15.72 23.13 55.07
CA SER A 675 -17.01 23.80 55.11
C SER A 675 -17.83 23.50 53.86
N THR A 676 -17.17 23.35 52.72
CA THR A 676 -17.88 22.99 51.50
C THR A 676 -18.11 21.50 51.40
N MET A 677 -17.19 20.68 51.92
CA MET A 677 -17.37 19.24 51.85
C MET A 677 -18.56 18.80 52.69
N LYS A 678 -18.78 19.43 53.85
CA LYS A 678 -19.96 19.07 54.63
C LYS A 678 -21.24 19.47 53.91
N GLU A 679 -21.22 20.60 53.21
CA GLU A 679 -22.40 20.99 52.42
C GLU A 679 -22.66 19.98 51.31
N ILE A 680 -21.62 19.55 50.62
CA ILE A 680 -21.78 18.58 49.53
C ILE A 680 -22.32 17.26 50.09
N THR A 681 -21.75 16.81 51.20
CA THR A 681 -22.21 15.57 51.81
C THR A 681 -23.67 15.67 52.24
N HIS A 682 -24.06 16.81 52.82
CA HIS A 682 -25.45 16.98 53.23
C HIS A 682 -26.39 16.97 52.03
N ALA A 683 -25.99 17.63 50.94
CA ALA A 683 -26.84 17.65 49.74
C ALA A 683 -27.01 16.24 49.18
N ILE A 684 -25.92 15.48 49.12
CA ILE A 684 -25.99 14.12 48.58
C ILE A 684 -26.84 13.23 49.48
N SER A 685 -26.69 13.36 50.80
CA SER A 685 -27.51 12.58 51.71
C SER A 685 -28.99 12.93 51.58
N SER A 686 -29.30 14.22 51.44
CA SER A 686 -30.69 14.62 51.26
C SER A 686 -31.26 14.03 49.98
N ALA A 687 -30.49 14.03 48.91
CA ALA A 687 -30.97 13.44 47.65
C ALA A 687 -31.21 11.95 47.80
N LYS A 688 -30.31 11.25 48.50
CA LYS A 688 -30.50 9.82 48.70
C LYS A 688 -31.75 9.55 49.55
N GLU A 689 -32.00 10.39 50.55
CA GLU A 689 -33.22 10.25 51.34
C GLU A 689 -34.47 10.48 50.48
N GLN A 690 -34.42 11.46 49.59
CA GLN A 690 -35.55 11.69 48.69
C GLN A 690 -35.79 10.50 47.79
N VAL A 691 -34.71 9.91 47.26
CA VAL A 691 -34.86 8.74 46.40
C VAL A 691 -35.44 7.58 47.20
N GLN A 692 -35.02 7.43 48.45
CA GLN A 692 -35.59 6.38 49.29
C GLN A 692 -37.08 6.59 49.52
N GLU A 693 -37.48 7.83 49.76
CA GLU A 693 -38.91 8.12 49.91
C GLU A 693 -39.68 7.82 48.63
N ILE A 694 -39.11 8.15 47.48
CA ILE A 694 -39.75 7.83 46.22
C ILE A 694 -39.90 6.32 46.05
N ILE A 695 -38.88 5.58 46.48
CA ILE A 695 -38.93 4.12 46.39
C ILE A 695 -40.06 3.58 47.25
N TYR A 696 -40.18 4.10 48.48
CA TYR A 696 -41.26 3.67 49.35
C TYR A 696 -42.63 3.99 48.75
N LYS A 697 -42.78 5.20 48.21
CA LYS A 697 -44.05 5.60 47.61
C LYS A 697 -44.41 4.72 46.43
N ALA A 698 -43.43 4.39 45.60
CA ALA A 698 -43.70 3.51 44.46
C ALA A 698 -44.03 2.10 44.91
N GLN A 699 -43.38 1.62 45.97
CA GLN A 699 -43.66 0.28 46.47
C GLN A 699 -45.00 0.18 47.16
N HIS A 700 -45.55 1.30 47.63
CA HIS A 700 -46.87 1.29 48.26
C HIS A 700 -47.94 1.93 47.38
N ASN A 701 -47.70 1.99 46.06
CA ASN A 701 -48.69 2.43 45.08
C ASN A 701 -49.14 3.87 45.31
N GLU A 702 -48.32 4.66 45.99
CA GLU A 702 -48.64 6.05 46.27
C GLU A 702 -48.03 7.01 45.27
N LEU A 703 -47.39 6.50 44.22
CA LEU A 703 -46.62 7.31 43.29
C LEU A 703 -47.51 7.76 42.14
N GLU A 704 -47.46 9.06 41.85
CA GLU A 704 -48.16 9.60 40.69
C GLU A 704 -47.50 9.11 39.41
N LEU A 705 -48.32 8.88 38.39
CA LEU A 705 -47.84 8.35 37.11
C LEU A 705 -47.80 9.48 36.09
N LYS A 706 -46.63 9.67 35.48
CA LYS A 706 -46.51 10.63 34.38
C LYS A 706 -47.30 10.11 33.18
N PRO A 707 -48.12 10.94 32.54
CA PRO A 707 -48.92 10.46 31.41
C PRO A 707 -48.04 9.97 30.27
N GLY A 708 -48.47 8.89 29.63
CA GLY A 708 -47.72 8.29 28.55
C GLY A 708 -46.58 7.40 28.98
N MET A 709 -46.39 7.21 30.29
CA MET A 709 -45.32 6.38 30.82
C MET A 709 -45.89 5.45 31.88
N THR A 710 -45.29 4.27 31.99
CA THR A 710 -45.74 3.29 32.96
C THR A 710 -45.26 3.71 34.35
N LEU A 711 -45.65 2.91 35.36
CA LEU A 711 -45.21 3.18 36.72
C LEU A 711 -43.69 3.07 36.84
N ARG A 712 -43.12 2.01 36.25
CA ARG A 712 -41.67 1.84 36.30
C ARG A 712 -40.94 2.96 35.58
N GLU A 713 -41.44 3.36 34.41
CA GLU A 713 -40.79 4.43 33.66
C GLU A 713 -40.85 5.75 34.41
N SER A 714 -42.01 6.08 34.99
CA SER A 714 -42.12 7.30 35.77
C SER A 714 -41.20 7.28 36.98
N PHE A 715 -41.14 6.14 37.67
CA PHE A 715 -40.26 6.01 38.83
C PHE A 715 -38.81 6.22 38.44
N GLU A 716 -38.38 5.57 37.34
CA GLU A 716 -36.99 5.71 36.90
C GLU A 716 -36.69 7.14 36.48
N GLY A 717 -37.61 7.79 35.77
CA GLY A 717 -37.38 9.17 35.38
C GLY A 717 -37.26 10.10 36.55
N GLU A 718 -38.13 9.93 37.56
CA GLU A 718 -38.05 10.77 38.74
C GLU A 718 -36.74 10.56 39.50
N VAL A 719 -36.32 9.31 39.64
CA VAL A 719 -35.07 9.04 40.35
C VAL A 719 -33.89 9.64 39.60
N SER A 720 -33.87 9.49 38.27
CA SER A 720 -32.78 10.06 37.50
C SER A 720 -32.73 11.58 37.62
N ARG A 721 -33.90 12.22 37.56
CA ARG A 721 -33.92 13.68 37.70
C ARG A 721 -33.43 14.11 39.08
N THR A 722 -33.85 13.40 40.13
CA THR A 722 -33.38 13.74 41.47
C THR A 722 -31.87 13.62 41.59
N LEU A 723 -31.30 12.54 41.05
CA LEU A 723 -29.87 12.33 41.18
C LEU A 723 -29.08 13.36 40.36
N ASN A 724 -29.56 13.69 39.15
CA ASN A 724 -28.90 14.72 38.38
C ASN A 724 -28.93 16.06 39.09
N ASP A 725 -30.06 16.41 39.69
CA ASP A 725 -30.14 17.65 40.46
C ASP A 725 -29.18 17.62 41.64
N ALA A 726 -29.03 16.45 42.27
CA ALA A 726 -28.08 16.32 43.38
C ALA A 726 -26.66 16.62 42.93
N ARG A 727 -26.24 16.02 41.82
CA ARG A 727 -24.89 16.27 41.34
C ARG A 727 -24.71 17.74 40.96
N ASP A 728 -25.71 18.34 40.32
CA ASP A 728 -25.60 19.74 39.94
C ASP A 728 -25.49 20.64 41.16
N SER A 729 -26.28 20.36 42.21
CA SER A 729 -26.21 21.18 43.42
C SER A 729 -24.85 21.06 44.10
N ALA A 730 -24.34 19.84 44.23
CA ALA A 730 -23.04 19.65 44.86
C ALA A 730 -21.94 20.34 44.04
N GLY A 731 -22.00 20.23 42.72
CA GLY A 731 -21.02 20.89 41.89
C GLY A 731 -21.10 22.40 42.00
N ARG A 732 -22.31 22.94 42.10
CA ARG A 732 -22.47 24.38 42.26
C ARG A 732 -21.88 24.85 43.58
N SER A 733 -22.09 24.10 44.65
CA SER A 733 -21.47 24.45 45.92
C SER A 733 -19.95 24.45 45.81
N ALA A 734 -19.39 23.39 45.21
CA ALA A 734 -17.94 23.33 45.06
C ALA A 734 -17.41 24.49 44.22
N GLU A 735 -18.11 24.82 43.13
CA GLU A 735 -17.66 25.91 42.26
C GLU A 735 -17.73 27.25 42.98
N MET A 736 -18.77 27.47 43.78
CA MET A 736 -18.86 28.73 44.52
C MET A 736 -17.80 28.81 45.61
N ASN A 737 -17.34 27.66 46.11
CA ASN A 737 -16.26 27.70 47.10
C ASN A 737 -14.97 28.27 46.52
N LEU A 738 -14.65 27.92 45.27
CA LEU A 738 -13.31 28.17 44.72
C LEU A 738 -12.95 29.65 44.75
N LYS A 739 -11.70 29.93 45.11
CA LYS A 739 -11.19 31.28 45.13
C LYS A 739 -10.86 31.75 43.71
N ASP A 740 -10.46 33.02 43.60
CA ASP A 740 -10.07 33.56 42.31
C ASP A 740 -8.69 33.06 41.89
N LEU A 741 -7.84 32.71 42.86
CA LEU A 741 -6.51 32.20 42.54
C LEU A 741 -6.49 30.73 42.18
N ASN A 742 -7.63 30.04 42.29
CA ASN A 742 -7.70 28.65 41.87
C ASN A 742 -7.41 28.55 40.38
N ASN A 743 -6.52 27.64 40.01
CA ASN A 743 -6.08 27.55 38.62
C ASN A 743 -7.16 26.92 37.74
N VAL A 744 -7.86 25.91 38.24
CA VAL A 744 -8.94 25.29 37.48
C VAL A 744 -10.03 26.31 37.21
N LYS A 745 -10.38 27.12 38.22
CA LYS A 745 -11.36 28.17 38.02
C LYS A 745 -10.91 29.17 36.98
N GLN A 746 -9.61 29.51 36.98
CA GLN A 746 -9.09 30.43 35.99
C GLN A 746 -9.21 29.87 34.58
N MET A 747 -8.86 28.59 34.41
CA MET A 747 -8.97 27.97 33.08
C MET A 747 -10.42 27.89 32.63
N VAL A 748 -11.34 27.58 33.54
CA VAL A 748 -12.75 27.51 33.16
C VAL A 748 -13.28 28.90 32.83
N SER A 749 -12.92 29.90 33.62
CA SER A 749 -13.39 31.26 33.40
C SER A 749 -12.89 31.81 32.08
N ALA A 750 -11.62 31.55 31.75
CA ALA A 750 -11.10 31.99 30.46
C ALA A 750 -11.73 31.26 29.30
N GLY A 751 -12.34 30.09 29.54
CA GLY A 751 -12.87 29.29 28.46
C GLY A 751 -11.83 28.50 27.71
N SER A 752 -10.58 28.52 28.15
CA SER A 752 -9.52 27.84 27.42
C SER A 752 -9.69 26.33 27.44
N LYS A 753 -10.07 25.78 28.59
CA LYS A 753 -10.23 24.33 28.72
C LYS A 753 -11.03 24.02 29.97
N GLY A 754 -11.92 23.06 29.85
CA GLY A 754 -12.74 22.62 30.96
C GLY A 754 -14.06 23.36 31.05
N SER A 755 -14.92 22.85 31.93
CA SER A 755 -16.24 23.43 32.15
C SER A 755 -16.66 23.13 33.58
N PHE A 756 -17.91 23.47 33.89
CA PHE A 756 -18.41 23.34 35.25
C PHE A 756 -18.52 21.87 35.66
N ILE A 757 -18.89 20.99 34.73
CA ILE A 757 -19.06 19.59 35.07
C ILE A 757 -17.73 18.97 35.48
N ASN A 758 -16.64 19.41 34.87
CA ASN A 758 -15.33 18.89 35.24
C ASN A 758 -14.98 19.27 36.68
N ILE A 759 -15.24 20.51 37.07
CA ILE A 759 -15.03 20.92 38.45
C ILE A 759 -15.90 20.08 39.38
N ALA A 760 -17.16 19.90 39.01
CA ALA A 760 -18.08 19.15 39.86
C ALA A 760 -17.59 17.73 40.08
N GLN A 761 -17.13 17.07 39.02
CA GLN A 761 -16.71 15.68 39.14
C GLN A 761 -15.35 15.53 39.81
N MET A 762 -14.43 16.47 39.58
CA MET A 762 -13.12 16.38 40.22
C MET A 762 -13.18 16.74 41.69
N SER A 763 -14.14 17.56 42.10
CA SER A 763 -14.17 18.08 43.47
C SER A 763 -15.33 17.57 44.30
N ALA A 764 -16.52 17.38 43.71
CA ALA A 764 -17.73 17.17 44.50
C ALA A 764 -18.31 15.77 44.34
N CYS A 765 -18.68 15.38 43.12
CA CYS A 765 -19.41 14.13 42.92
C CYS A 765 -19.41 13.72 41.46
N VAL A 766 -19.02 12.48 41.17
CA VAL A 766 -19.01 12.02 39.79
C VAL A 766 -20.42 11.92 39.25
N GLY A 767 -21.35 11.39 40.03
CA GLY A 767 -22.74 11.38 39.67
C GLY A 767 -23.21 10.03 39.14
N GLN A 768 -24.35 10.07 38.45
CA GLN A 768 -25.05 8.87 38.01
C GLN A 768 -24.49 8.41 36.67
N GLN A 769 -24.17 7.12 36.58
CA GLN A 769 -23.65 6.53 35.36
C GLN A 769 -24.80 5.91 34.57
N MET A 770 -24.93 6.32 33.32
CA MET A 770 -26.03 5.91 32.46
C MET A 770 -25.50 5.05 31.32
N VAL A 771 -26.10 3.89 31.12
CA VAL A 771 -25.79 3.01 30.00
C VAL A 771 -27.03 2.94 29.12
N GLU A 772 -26.88 3.36 27.87
CA GLU A 772 -27.97 3.39 26.90
C GLU A 772 -29.14 4.22 27.40
N GLY A 773 -28.83 5.32 28.09
CA GLY A 773 -29.84 6.24 28.55
C GLY A 773 -30.59 5.82 29.80
N LYS A 774 -30.21 4.71 30.41
CA LYS A 774 -30.85 4.24 31.63
C LYS A 774 -29.79 3.95 32.68
N ARG A 775 -30.23 3.81 33.92
CA ARG A 775 -29.34 3.42 35.00
C ARG A 775 -28.78 2.02 34.74
N ILE A 776 -27.83 1.61 35.56
CA ILE A 776 -27.18 0.32 35.38
C ILE A 776 -28.23 -0.78 35.54
N ALA A 777 -28.33 -1.64 34.52
CA ALA A 777 -29.36 -2.66 34.49
C ALA A 777 -29.05 -3.76 35.50
N PHE A 778 -29.91 -4.77 35.53
CA PHE A 778 -29.72 -5.93 36.40
C PHE A 778 -29.13 -7.06 35.57
N GLY A 779 -27.81 -7.00 35.39
CA GLY A 779 -27.13 -8.00 34.59
C GLY A 779 -27.18 -9.38 35.23
N PHE A 780 -27.06 -9.46 36.54
CA PHE A 780 -27.18 -10.71 37.26
C PHE A 780 -28.67 -11.03 37.43
N ALA A 781 -28.97 -12.01 38.27
CA ALA A 781 -30.36 -12.36 38.55
C ALA A 781 -30.94 -11.34 39.52
N ASP A 782 -31.63 -10.34 38.97
CA ASP A 782 -32.34 -9.33 39.77
C ASP A 782 -31.40 -8.49 40.63
N ARG A 783 -30.15 -8.33 40.19
CA ARG A 783 -29.23 -7.40 40.84
C ARG A 783 -28.13 -7.04 39.86
N SER A 784 -27.43 -5.97 40.16
CA SER A 784 -26.40 -5.46 39.25
C SER A 784 -25.04 -6.11 39.49
N LEU A 785 -24.72 -6.41 40.74
CA LEU A 785 -23.47 -7.07 41.08
C LEU A 785 -23.75 -8.09 42.17
N PRO A 786 -22.92 -9.14 42.29
CA PRO A 786 -23.15 -10.14 43.34
C PRO A 786 -22.88 -9.62 44.74
N HIS A 787 -22.54 -8.35 44.91
CA HIS A 787 -22.31 -7.79 46.23
C HIS A 787 -23.53 -7.06 46.79
N PHE A 788 -24.64 -7.09 46.07
CA PHE A 788 -25.88 -6.46 46.52
C PHE A 788 -26.96 -7.52 46.69
N THR A 789 -27.91 -7.24 47.57
CA THR A 789 -29.04 -8.14 47.72
C THR A 789 -30.01 -7.97 46.55
N LYS A 790 -30.85 -8.98 46.37
CA LYS A 790 -31.80 -8.97 45.26
C LYS A 790 -32.83 -7.87 45.45
N ASP A 791 -33.27 -7.29 44.34
CA ASP A 791 -34.32 -6.27 44.32
C ASP A 791 -33.92 -5.07 45.19
N ASP A 792 -32.83 -4.44 44.79
CA ASP A 792 -32.28 -3.27 45.48
C ASP A 792 -32.23 -2.11 44.50
N PHE A 793 -33.07 -1.09 44.75
CA PHE A 793 -33.16 0.06 43.86
C PHE A 793 -32.50 1.30 44.46
N SER A 794 -31.66 1.14 45.46
CA SER A 794 -30.99 2.26 46.07
C SER A 794 -30.07 2.93 45.05
N PRO A 795 -29.76 4.21 45.22
CA PRO A 795 -28.92 4.90 44.22
C PRO A 795 -27.56 4.25 44.03
N GLU A 796 -26.93 3.79 45.11
CA GLU A 796 -25.61 3.19 44.99
C GLU A 796 -25.64 1.81 44.38
N SER A 797 -26.79 1.17 44.31
CA SER A 797 -26.92 -0.17 43.76
C SER A 797 -27.17 -0.18 42.26
N LYS A 798 -27.36 0.98 41.64
CA LYS A 798 -27.66 1.02 40.21
C LYS A 798 -26.79 2.03 39.49
N GLY A 799 -25.65 2.42 40.06
CA GLY A 799 -24.65 3.16 39.32
C GLY A 799 -24.54 4.64 39.62
N PHE A 800 -24.73 5.02 40.88
CA PHE A 800 -24.55 6.40 41.30
C PHE A 800 -23.23 6.50 42.06
N VAL A 801 -22.24 7.14 41.43
CA VAL A 801 -20.93 7.29 42.03
C VAL A 801 -21.02 8.50 42.97
N GLU A 802 -21.01 8.22 44.27
CA GLU A 802 -21.16 9.29 45.27
C GLU A 802 -19.88 10.08 45.43
N ASN A 803 -18.72 9.45 45.22
CA ASN A 803 -17.44 10.09 45.48
C ASN A 803 -17.04 10.99 44.32
N SER A 804 -15.87 11.61 44.46
CA SER A 804 -15.26 12.42 43.43
C SER A 804 -13.96 11.76 42.99
N TYR A 805 -13.38 12.28 41.92
CA TYR A 805 -12.13 11.72 41.43
C TYR A 805 -11.00 11.94 42.43
N LEU A 806 -11.00 13.09 43.11
CA LEU A 806 -10.01 13.32 44.14
C LEU A 806 -10.18 12.36 45.30
N ARG A 807 -11.43 12.06 45.67
CA ARG A 807 -11.69 11.19 46.81
C ARG A 807 -11.46 9.72 46.47
N GLY A 808 -11.67 9.34 45.22
CA GLY A 808 -11.47 7.97 44.80
C GLY A 808 -12.76 7.18 44.75
N LEU A 809 -12.81 6.22 43.85
CA LEU A 809 -14.01 5.43 43.59
C LEU A 809 -13.90 4.06 44.24
N THR A 810 -15.00 3.60 44.82
CA THR A 810 -15.05 2.25 45.37
C THR A 810 -15.13 1.25 44.22
N PRO A 811 -14.84 -0.03 44.48
CA PRO A 811 -14.80 -0.99 43.36
C PRO A 811 -16.09 -1.07 42.56
N GLN A 812 -17.25 -1.03 43.21
CA GLN A 812 -18.51 -1.08 42.48
C GLN A 812 -18.69 0.14 41.60
N GLU A 813 -18.45 1.32 42.15
CA GLU A 813 -18.53 2.54 41.36
C GLU A 813 -17.51 2.51 40.22
N PHE A 814 -16.33 1.94 40.49
CA PHE A 814 -15.32 1.81 39.45
C PHE A 814 -15.84 0.97 38.29
N PHE A 815 -16.47 -0.17 38.60
CA PHE A 815 -16.99 -1.03 37.53
C PHE A 815 -18.12 -0.36 36.77
N PHE A 816 -19.05 0.29 37.47
CA PHE A 816 -20.14 0.96 36.77
C PHE A 816 -19.63 2.07 35.87
N HIS A 817 -18.66 2.85 36.36
CA HIS A 817 -18.10 3.93 35.57
C HIS A 817 -17.35 3.38 34.36
N ALA A 818 -16.68 2.24 34.53
CA ALA A 818 -16.05 1.58 33.39
C ALA A 818 -17.07 1.14 32.36
N MET A 819 -18.21 0.62 32.79
CA MET A 819 -19.27 0.27 31.85
C MET A 819 -19.73 1.48 31.05
N ALA A 820 -19.96 2.60 31.73
CA ALA A 820 -20.39 3.82 31.03
C ALA A 820 -19.33 4.29 30.04
N GLY A 821 -18.06 4.27 30.43
CA GLY A 821 -16.99 4.69 29.52
C GLY A 821 -16.88 3.79 28.31
N ARG A 822 -17.05 2.48 28.51
CA ARG A 822 -17.05 1.55 27.39
C ARG A 822 -18.19 1.87 26.44
N GLU A 823 -19.36 2.20 26.98
CA GLU A 823 -20.47 2.57 26.10
C GLU A 823 -20.12 3.80 25.28
N GLY A 824 -19.48 4.79 25.89
CA GLY A 824 -19.08 5.98 25.14
C GLY A 824 -18.13 5.65 24.01
N LEU A 825 -17.12 4.83 24.29
CA LEU A 825 -16.15 4.46 23.25
C LEU A 825 -16.84 3.73 22.11
N ILE A 826 -17.71 2.77 22.43
CA ILE A 826 -18.42 2.03 21.40
C ILE A 826 -19.27 2.96 20.56
N ASP A 827 -20.00 3.87 21.21
CA ASP A 827 -20.87 4.77 20.47
C ASP A 827 -20.09 5.62 19.50
N THR A 828 -18.94 6.15 19.92
CA THR A 828 -18.13 6.93 19.00
C THR A 828 -17.66 6.09 17.81
N ALA A 829 -17.06 4.93 18.11
CA ALA A 829 -16.48 4.10 17.06
C ALA A 829 -17.53 3.54 16.11
N VAL A 830 -18.80 3.50 16.52
CA VAL A 830 -19.85 3.04 15.63
C VAL A 830 -20.47 4.18 14.84
N LYS A 831 -20.77 5.31 15.50
CA LYS A 831 -21.42 6.39 14.78
C LYS A 831 -20.52 7.03 13.74
N THR A 832 -19.19 6.91 13.88
CA THR A 832 -18.32 7.55 12.90
C THR A 832 -18.55 7.02 11.48
N ALA A 833 -18.73 5.71 11.34
CA ALA A 833 -18.92 5.13 10.02
C ALA A 833 -20.26 5.53 9.41
N GLU A 834 -21.31 5.55 10.23
CA GLU A 834 -22.62 5.97 9.74
C GLU A 834 -22.59 7.42 9.29
N THR A 835 -21.94 8.29 10.06
CA THR A 835 -21.83 9.68 9.66
C THR A 835 -21.03 9.84 8.38
N GLY A 836 -19.95 9.07 8.24
CA GLY A 836 -19.17 9.13 7.01
C GLY A 836 -19.98 8.72 5.80
N TYR A 837 -20.77 7.65 5.92
CA TYR A 837 -21.62 7.23 4.82
C TYR A 837 -22.64 8.31 4.47
N ILE A 838 -23.26 8.91 5.49
CA ILE A 838 -24.25 9.94 5.24
C ILE A 838 -23.63 11.12 4.50
N GLN A 839 -22.44 11.55 4.93
CA GLN A 839 -21.82 12.70 4.27
C GLN A 839 -21.42 12.36 2.84
N ARG A 840 -20.95 11.14 2.60
CA ARG A 840 -20.61 10.77 1.23
C ARG A 840 -21.83 10.79 0.33
N ARG A 841 -22.96 10.26 0.83
CA ARG A 841 -24.18 10.29 0.03
C ARG A 841 -24.62 11.72 -0.25
N LEU A 842 -24.55 12.59 0.76
CA LEU A 842 -24.92 13.99 0.57
C LEU A 842 -24.05 14.66 -0.48
N VAL A 843 -22.74 14.44 -0.41
CA VAL A 843 -21.84 15.07 -1.38
C VAL A 843 -22.12 14.56 -2.77
N LYS A 844 -22.33 13.26 -2.94
CA LYS A 844 -22.62 12.72 -4.25
C LYS A 844 -23.93 13.28 -4.80
N ALA A 845 -24.92 13.48 -3.94
CA ALA A 845 -26.20 14.02 -4.41
C ALA A 845 -26.08 15.48 -4.80
N LEU A 846 -25.29 16.26 -4.07
CA LEU A 846 -25.25 17.72 -4.25
C LEU A 846 -24.00 18.21 -4.96
N GLU A 847 -23.21 17.35 -5.59
CA GLU A 847 -21.90 17.78 -6.06
C GLU A 847 -21.99 18.71 -7.26
N ASP A 848 -22.91 18.45 -8.18
CA ASP A 848 -22.90 19.10 -9.48
C ASP A 848 -23.76 20.37 -9.52
N ILE A 849 -23.95 21.03 -8.38
CA ILE A 849 -24.83 22.20 -8.28
C ILE A 849 -23.96 23.43 -8.13
N MET A 850 -24.24 24.46 -8.93
CA MET A 850 -23.36 25.60 -9.03
C MET A 850 -24.17 26.85 -9.36
N VAL A 851 -23.75 27.98 -8.81
CA VAL A 851 -24.39 29.26 -9.07
C VAL A 851 -23.91 29.77 -10.43
N HIS A 852 -24.85 30.06 -11.32
CA HIS A 852 -24.51 30.48 -12.67
C HIS A 852 -24.51 31.99 -12.76
N TYR A 853 -24.16 32.51 -13.94
CA TYR A 853 -23.94 33.94 -14.11
C TYR A 853 -25.23 34.74 -14.13
N ASP A 854 -26.38 34.10 -14.29
CA ASP A 854 -27.66 34.79 -14.22
C ASP A 854 -28.28 34.74 -12.83
N GLY A 855 -27.57 34.20 -11.85
CA GLY A 855 -28.04 34.14 -10.49
C GLY A 855 -28.72 32.85 -10.10
N THR A 856 -29.17 32.05 -11.06
CA THR A 856 -29.88 30.83 -10.75
C THR A 856 -28.93 29.76 -10.25
N THR A 857 -29.48 28.77 -9.59
CA THR A 857 -28.74 27.63 -9.07
C THR A 857 -29.20 26.39 -9.83
N ARG A 858 -28.31 25.82 -10.64
CA ARG A 858 -28.66 24.75 -11.55
C ARG A 858 -27.72 23.57 -11.37
N ASN A 859 -28.19 22.39 -11.76
CA ASN A 859 -27.37 21.20 -11.76
C ASN A 859 -26.71 21.03 -13.13
N SER A 860 -26.13 19.85 -13.37
CA SER A 860 -25.40 19.64 -14.62
C SER A 860 -26.32 19.56 -15.82
N LEU A 861 -27.57 19.11 -15.61
CA LEU A 861 -28.53 19.07 -16.70
C LEU A 861 -29.05 20.44 -17.09
N GLY A 862 -28.74 21.47 -16.33
CA GLY A 862 -29.32 22.77 -16.55
C GLY A 862 -30.64 23.00 -15.84
N ASP A 863 -31.17 21.99 -15.16
CA ASP A 863 -32.42 22.13 -14.44
C ASP A 863 -32.27 23.11 -13.30
N ILE A 864 -33.28 23.95 -13.11
CA ILE A 864 -33.23 24.97 -12.07
C ILE A 864 -33.55 24.33 -10.72
N ILE A 865 -32.66 24.52 -9.75
CA ILE A 865 -32.95 24.14 -8.38
C ILE A 865 -33.52 25.31 -7.61
N GLN A 866 -32.90 26.47 -7.76
CA GLN A 866 -33.38 27.71 -7.16
C GLN A 866 -33.28 28.82 -8.18
N PHE A 867 -34.21 29.77 -8.11
CA PHE A 867 -34.16 30.91 -9.02
C PHE A 867 -33.25 32.02 -8.50
N LEU A 868 -32.74 31.86 -7.28
CA LEU A 868 -31.82 32.81 -6.67
C LEU A 868 -31.21 32.12 -5.48
N TYR A 869 -29.87 32.07 -5.42
CA TYR A 869 -29.21 31.31 -4.37
C TYR A 869 -29.58 31.84 -2.99
N GLY A 870 -30.02 30.93 -2.12
CA GLY A 870 -30.38 31.29 -0.77
C GLY A 870 -31.58 32.20 -0.71
N GLU A 871 -32.27 32.35 -1.84
CA GLU A 871 -33.43 33.21 -2.01
C GLU A 871 -33.11 34.69 -1.84
N ASP A 872 -31.84 35.03 -1.64
CA ASP A 872 -31.42 36.43 -1.63
C ASP A 872 -30.16 36.69 -2.43
N GLY A 873 -29.45 35.66 -2.88
CA GLY A 873 -28.29 35.85 -3.72
C GLY A 873 -27.03 36.27 -3.00
N LEU A 874 -26.97 36.09 -1.69
CA LEU A 874 -25.83 36.52 -0.89
C LEU A 874 -24.91 35.34 -0.58
N ASP A 875 -23.70 35.67 -0.16
CA ASP A 875 -22.74 34.66 0.24
C ASP A 875 -22.87 34.38 1.72
N GLY A 876 -22.62 33.13 2.10
CA GLY A 876 -22.83 32.72 3.47
C GLY A 876 -21.90 33.37 4.47
N THR A 877 -20.77 33.88 4.01
CA THR A 877 -19.78 34.50 4.89
C THR A 877 -20.01 35.99 5.10
N GLN A 878 -20.91 36.60 4.33
CA GLN A 878 -21.08 38.05 4.33
C GLN A 878 -22.37 38.49 5.00
N VAL A 879 -22.84 37.74 5.99
CA VAL A 879 -24.06 38.06 6.70
C VAL A 879 -23.78 38.09 8.19
N GLU A 880 -24.57 38.88 8.92
CA GLU A 880 -24.40 39.03 10.35
C GLU A 880 -25.76 39.20 11.02
N ARG A 881 -25.84 38.81 12.28
CA ARG A 881 -27.06 39.00 13.06
C ARG A 881 -27.30 40.50 13.28
N GLN A 882 -28.44 40.98 12.82
CA GLN A 882 -28.85 42.37 13.03
C GLN A 882 -30.29 42.39 13.49
N THR A 883 -30.66 43.48 14.16
CA THR A 883 -32.02 43.67 14.65
C THR A 883 -32.77 44.62 13.71
N ILE A 884 -33.96 44.22 13.29
CA ILE A 884 -34.84 45.08 12.52
C ILE A 884 -35.70 45.86 13.50
N ASP A 885 -35.59 47.20 13.45
CA ASP A 885 -36.10 48.02 14.53
C ASP A 885 -37.61 48.28 14.44
N THR A 886 -38.24 48.01 13.30
CA THR A 886 -39.67 48.27 13.17
C THR A 886 -40.53 47.14 13.73
N ILE A 887 -39.95 45.98 13.99
CA ILE A 887 -40.73 44.84 14.48
C ILE A 887 -41.11 45.00 15.95
N PRO A 888 -40.18 45.15 16.87
CA PRO A 888 -40.54 45.07 18.29
C PRO A 888 -41.14 46.37 18.81
N GLY A 889 -41.67 46.30 20.02
CA GLY A 889 -42.16 47.47 20.72
C GLY A 889 -43.63 47.73 20.46
N SER A 890 -44.24 48.44 21.40
CA SER A 890 -45.64 48.80 21.31
C SER A 890 -45.85 49.87 20.23
N ASP A 891 -47.11 50.11 19.90
CA ASP A 891 -47.43 51.11 18.89
C ASP A 891 -47.02 52.50 19.34
N LYS A 892 -47.18 52.80 20.63
CA LYS A 892 -46.78 54.10 21.15
C LYS A 892 -45.28 54.32 21.00
N ALA A 893 -44.47 53.32 21.33
CA ALA A 893 -43.03 53.46 21.19
C ALA A 893 -42.62 53.64 19.73
N PHE A 894 -43.25 52.88 18.84
CA PHE A 894 -42.97 53.01 17.42
C PHE A 894 -43.31 54.42 16.92
N HIS A 895 -44.48 54.93 17.31
CA HIS A 895 -44.88 56.27 16.91
C HIS A 895 -43.93 57.32 17.46
N LYS A 896 -43.55 57.18 18.73
CA LYS A 896 -42.63 58.14 19.34
C LYS A 896 -41.29 58.13 18.63
N ARG A 897 -40.81 56.95 18.24
CA ARG A 897 -39.49 56.85 17.65
C ARG A 897 -39.47 57.36 16.21
N TYR A 898 -40.53 57.12 15.45
CA TYR A 898 -40.46 57.36 14.02
C TYR A 898 -41.29 58.53 13.49
N TYR A 899 -42.32 58.95 14.21
CA TYR A 899 -43.20 60.00 13.70
C TYR A 899 -42.60 61.37 13.91
N VAL A 900 -42.73 62.23 12.90
CA VAL A 900 -42.26 63.61 12.96
C VAL A 900 -43.42 64.52 12.53
N ASP A 901 -43.76 65.48 13.38
CA ASP A 901 -44.87 66.39 13.13
C ASP A 901 -44.33 67.80 13.00
N LEU A 902 -44.56 68.43 11.85
CA LEU A 902 -44.05 69.77 11.59
C LEU A 902 -45.05 70.86 11.92
N MET A 903 -46.26 70.51 12.36
CA MET A 903 -47.25 71.50 12.76
C MET A 903 -47.23 71.74 14.26
N ASP A 904 -47.28 70.68 15.06
CA ASP A 904 -47.15 70.82 16.50
C ASP A 904 -45.69 71.03 16.87
N GLU A 905 -45.44 72.05 17.71
CA GLU A 905 -44.07 72.42 18.01
C GLU A 905 -43.38 71.40 18.90
N LYS A 906 -44.07 70.92 19.94
CA LYS A 906 -43.45 70.01 20.89
C LYS A 906 -43.34 68.58 20.36
N ASN A 907 -43.95 68.29 19.21
CA ASN A 907 -43.82 66.98 18.57
C ASN A 907 -42.99 67.06 17.30
N SER A 908 -42.06 68.01 17.22
CA SER A 908 -41.23 68.23 16.04
C SER A 908 -39.79 67.91 16.36
N ILE A 909 -38.92 68.11 15.37
CA ILE A 909 -37.49 67.95 15.56
C ILE A 909 -37.00 69.03 16.52
N LYS A 910 -36.10 68.65 17.42
CA LYS A 910 -35.57 69.61 18.36
C LYS A 910 -34.83 70.72 17.62
N PRO A 911 -34.90 71.97 18.10
CA PRO A 911 -34.30 73.07 17.35
C PRO A 911 -32.81 73.17 17.48
N ASP A 912 -32.21 72.60 18.53
CA ASP A 912 -30.77 72.70 18.73
C ASP A 912 -29.98 71.71 17.88
N VAL A 913 -30.64 70.75 17.22
CA VAL A 913 -29.92 69.77 16.41
C VAL A 913 -29.86 70.15 14.94
N ILE A 914 -30.68 71.10 14.49
CA ILE A 914 -30.73 71.50 13.09
C ILE A 914 -30.56 73.01 12.99
N GLU A 915 -29.81 73.45 11.99
CA GLU A 915 -29.61 74.88 11.79
C GLU A 915 -30.87 75.57 11.30
N TYR A 916 -31.68 74.89 10.48
CA TYR A 916 -32.81 75.48 9.79
C TYR A 916 -34.13 75.29 10.53
N ALA A 917 -34.11 75.18 11.86
CA ALA A 917 -35.33 74.89 12.59
C ALA A 917 -36.35 76.03 12.49
N ALA A 918 -35.93 77.21 12.10
CA ALA A 918 -36.86 78.35 12.03
C ALA A 918 -37.87 78.18 10.91
N ASP A 919 -37.40 77.84 9.70
CA ASP A 919 -38.27 77.78 8.53
C ASP A 919 -38.72 76.37 8.22
N ILE A 920 -38.94 75.56 9.24
CA ILE A 920 -39.47 74.21 9.08
C ILE A 920 -40.94 74.13 9.49
N LEU A 921 -41.30 74.68 10.64
CA LEU A 921 -42.67 74.60 11.12
C LEU A 921 -43.62 75.28 10.16
N GLY A 922 -44.77 74.65 9.93
CA GLY A 922 -45.80 75.19 9.07
C GLY A 922 -45.67 74.81 7.60
N ASP A 923 -44.60 74.14 7.21
CA ASP A 923 -44.45 73.72 5.82
C ASP A 923 -45.33 72.51 5.56
N VAL A 924 -46.01 72.51 4.42
CA VAL A 924 -46.96 71.43 4.12
C VAL A 924 -46.39 70.39 3.17
N GLU A 925 -45.58 70.81 2.18
CA GLU A 925 -44.98 69.84 1.27
C GLU A 925 -44.00 68.94 2.00
N LEU A 926 -43.18 69.51 2.87
CA LEU A 926 -42.25 68.71 3.66
C LEU A 926 -43.01 67.76 4.58
N GLN A 927 -44.16 68.22 5.11
CA GLN A 927 -45.01 67.33 5.88
C GLN A 927 -45.55 66.19 5.04
N LYS A 928 -45.88 66.45 3.77
CA LYS A 928 -46.31 65.39 2.87
C LYS A 928 -45.21 64.35 2.70
N GLU A 929 -43.97 64.81 2.51
CA GLU A 929 -42.85 63.88 2.38
C GLU A 929 -42.69 63.04 3.65
N LEU A 930 -42.76 63.69 4.81
CA LEU A 930 -42.62 62.95 6.06
C LEU A 930 -43.74 61.94 6.24
N ASN A 931 -44.96 62.31 5.84
CA ASN A 931 -46.08 61.39 5.94
C ASN A 931 -45.88 60.19 5.04
N SER A 932 -45.35 60.41 3.84
CA SER A 932 -45.06 59.27 2.95
C SER A 932 -44.03 58.35 3.57
N GLU A 933 -42.98 58.93 4.17
CA GLU A 933 -41.98 58.11 4.85
C GLU A 933 -42.59 57.28 5.97
N TYR A 934 -43.45 57.91 6.79
CA TYR A 934 -44.04 57.20 7.91
C TYR A 934 -45.00 56.10 7.43
N GLU A 935 -45.72 56.35 6.35
CA GLU A 935 -46.60 55.32 5.81
C GLU A 935 -45.79 54.14 5.29
N GLN A 936 -44.65 54.42 4.65
CA GLN A 936 -43.78 53.34 4.22
C GLN A 936 -43.29 52.53 5.42
N LEU A 937 -42.92 53.22 6.51
CA LEU A 937 -42.47 52.52 7.70
C LEU A 937 -43.58 51.65 8.29
N VAL A 938 -44.81 52.16 8.32
CA VAL A 938 -45.92 51.39 8.87
C VAL A 938 -46.20 50.17 8.01
N SER A 939 -46.13 50.34 6.69
CA SER A 939 -46.31 49.20 5.79
C SER A 939 -45.23 48.15 6.02
N ASP A 940 -43.98 48.58 6.21
CA ASP A 940 -42.91 47.64 6.51
C ASP A 940 -43.18 46.91 7.81
N ARG A 941 -43.64 47.62 8.83
CA ARG A 941 -43.94 47.00 10.12
C ARG A 941 -45.02 45.94 9.96
N LYS A 942 -46.09 46.28 9.23
CA LYS A 942 -47.18 45.33 9.02
C LYS A 942 -46.70 44.10 8.25
N PHE A 943 -45.92 44.31 7.18
CA PHE A 943 -45.43 43.21 6.37
C PHE A 943 -44.54 42.28 7.17
N LEU A 944 -43.64 42.85 7.99
CA LEU A 944 -42.74 42.01 8.78
C LEU A 944 -43.49 41.30 9.90
N ARG A 945 -44.48 41.96 10.49
CA ARG A 945 -45.10 41.44 11.69
C ARG A 945 -46.20 40.44 11.39
N GLU A 946 -46.83 40.52 10.22
CA GLU A 946 -47.97 39.68 9.90
C GLU A 946 -47.68 38.58 8.89
N ILE A 947 -46.59 38.68 8.13
CA ILE A 947 -46.29 37.74 7.06
C ILE A 947 -44.98 36.99 7.33
N VAL A 948 -43.88 37.73 7.45
CA VAL A 948 -42.56 37.10 7.48
C VAL A 948 -42.28 36.48 8.84
N PHE A 949 -42.25 37.30 9.88
CA PHE A 949 -41.92 36.86 11.24
C PHE A 949 -43.18 37.02 12.10
N VAL A 950 -44.00 35.97 12.16
CA VAL A 950 -45.23 36.06 12.92
C VAL A 950 -44.94 36.03 14.42
N ASN A 951 -43.90 35.32 14.85
CA ASN A 951 -43.62 35.20 16.27
C ASN A 951 -42.85 36.38 16.82
N GLY A 952 -42.51 37.37 15.99
CA GLY A 952 -41.92 38.60 16.48
C GLY A 952 -40.43 38.58 16.67
N ASP A 953 -39.73 37.54 16.22
CA ASP A 953 -38.28 37.50 16.33
C ASP A 953 -37.67 38.52 15.38
N HIS A 954 -36.77 39.36 15.90
CA HIS A 954 -36.24 40.49 15.14
C HIS A 954 -34.73 40.44 14.98
N ASN A 955 -34.07 39.37 15.40
CA ASN A 955 -32.63 39.23 15.28
C ASN A 955 -32.34 38.18 14.21
N TRP A 956 -31.94 38.63 13.03
CA TRP A 956 -31.76 37.75 11.88
C TRP A 956 -30.48 38.09 11.16
N PRO A 957 -29.84 37.12 10.51
CA PRO A 957 -28.62 37.39 9.74
C PRO A 957 -28.93 38.14 8.46
N LEU A 958 -28.33 39.31 8.31
CA LEU A 958 -28.53 40.18 7.17
C LEU A 958 -27.19 40.75 6.74
N PRO A 959 -27.06 41.12 5.47
CA PRO A 959 -25.77 41.64 4.99
C PRO A 959 -25.46 43.01 5.58
N VAL A 960 -24.26 43.50 5.23
CA VAL A 960 -23.69 44.79 5.62
C VAL A 960 -24.18 45.34 6.96
N ASN A 961 -23.31 45.34 7.95
CA ASN A 961 -23.66 45.76 9.31
C ASN A 961 -23.85 47.28 9.34
N LEU A 962 -25.08 47.71 9.64
CA LEU A 962 -25.40 49.13 9.63
C LEU A 962 -24.86 49.85 10.85
N ARG A 963 -24.94 49.21 12.01
CA ARG A 963 -24.45 49.85 13.24
C ARG A 963 -22.96 50.16 13.14
N ARG A 964 -22.18 49.22 12.61
CA ARG A 964 -20.76 49.45 12.43
C ARG A 964 -20.50 50.61 11.48
N ILE A 965 -21.27 50.70 10.39
CA ILE A 965 -21.10 51.79 9.45
C ILE A 965 -21.38 53.13 10.12
N ILE A 966 -22.47 53.20 10.89
CA ILE A 966 -22.85 54.46 11.51
C ILE A 966 -21.81 54.89 12.52
N GLN A 967 -21.32 53.97 13.37
CA GLN A 967 -20.34 54.40 14.35
C GLN A 967 -19.00 54.71 13.69
N ASN A 968 -18.66 54.05 12.57
CA ASN A 968 -17.48 54.44 11.82
C ASN A 968 -17.62 55.85 11.28
N ALA A 969 -18.80 56.21 10.77
CA ALA A 969 -19.01 57.57 10.30
C ALA A 969 -18.89 58.57 11.42
N GLN A 970 -19.45 58.24 12.59
CA GLN A 970 -19.37 59.14 13.74
C GLN A 970 -17.93 59.36 14.17
N GLN A 971 -17.12 58.30 14.16
CA GLN A 971 -15.72 58.45 14.54
C GLN A 971 -14.94 59.21 13.47
N ILE A 972 -15.26 58.98 12.19
CA ILE A 972 -14.50 59.60 11.10
C ILE A 972 -14.74 61.09 11.06
N PHE A 973 -16.00 61.52 11.16
CA PHE A 973 -16.33 62.92 10.94
C PHE A 973 -16.48 63.70 12.23
N HIS A 974 -16.15 63.11 13.38
CA HIS A 974 -16.25 63.77 14.68
C HIS A 974 -17.65 64.34 14.90
N LEU A 975 -18.62 63.44 14.92
CA LEU A 975 -20.01 63.82 15.03
C LEU A 975 -20.45 64.04 16.46
N ASP A 976 -19.51 64.27 17.38
CA ASP A 976 -19.84 64.66 18.74
C ASP A 976 -20.17 66.15 18.75
N ARG A 977 -20.21 66.73 19.94
CA ARG A 977 -20.48 68.16 20.15
C ARG A 977 -21.94 68.48 19.85
N ALA A 978 -22.46 69.54 20.49
CA ALA A 978 -23.85 69.94 20.32
C ALA A 978 -24.09 70.74 19.04
N LYS A 979 -23.16 70.67 18.08
CA LYS A 979 -23.31 71.42 16.84
C LYS A 979 -24.55 70.97 16.10
N ALA A 980 -25.21 71.93 15.44
CA ALA A 980 -26.42 71.65 14.70
C ALA A 980 -26.09 71.13 13.31
N SER A 981 -26.87 70.16 12.84
CA SER A 981 -26.65 69.57 11.54
C SER A 981 -27.14 70.50 10.43
N ASP A 982 -26.53 70.35 9.26
CA ASP A 982 -26.92 71.09 8.07
C ASP A 982 -27.59 70.19 7.05
N LEU A 983 -28.14 69.06 7.48
CA LEU A 983 -28.71 68.07 6.60
C LEU A 983 -30.22 68.29 6.52
N THR A 984 -30.69 68.77 5.37
CA THR A 984 -32.11 69.05 5.21
C THR A 984 -32.90 67.74 5.12
N ILE A 985 -34.16 67.81 5.55
CA ILE A 985 -35.02 66.62 5.52
C ILE A 985 -35.22 66.07 4.11
N PRO A 986 -35.50 66.88 3.09
CA PRO A 986 -35.65 66.31 1.74
C PRO A 986 -34.41 65.57 1.26
N GLU A 987 -33.21 66.03 1.63
CA GLU A 987 -32.02 65.27 1.27
C GLU A 987 -32.02 63.89 1.90
N ILE A 988 -32.40 63.81 3.19
CA ILE A 988 -32.48 62.51 3.85
C ILE A 988 -33.45 61.60 3.13
N ILE A 989 -34.66 62.11 2.88
CA ILE A 989 -35.71 61.29 2.30
C ILE A 989 -35.29 60.79 0.92
N HIS A 990 -34.84 61.71 0.07
CA HIS A 990 -34.49 61.34 -1.30
C HIS A 990 -33.26 60.45 -1.34
N GLY A 991 -32.28 60.69 -0.46
CA GLY A 991 -31.11 59.84 -0.44
C GLY A 991 -31.43 58.41 -0.06
N VAL A 992 -32.21 58.23 0.99
CA VAL A 992 -32.56 56.86 1.39
C VAL A 992 -33.43 56.20 0.31
N ARG A 993 -34.36 56.95 -0.26
CA ARG A 993 -35.24 56.40 -1.30
C ARG A 993 -34.43 55.97 -2.52
N ASP A 994 -33.44 56.77 -2.92
CA ASP A 994 -32.61 56.41 -4.06
C ASP A 994 -31.70 55.24 -3.73
N LEU A 995 -31.17 55.19 -2.50
CA LEU A 995 -30.34 54.07 -2.10
C LEU A 995 -31.11 52.76 -2.17
N CYS A 996 -32.37 52.78 -1.74
CA CYS A 996 -33.15 51.55 -1.79
C CYS A 996 -33.47 51.10 -3.21
N LYS A 997 -32.92 51.74 -4.25
CA LYS A 997 -33.10 51.32 -5.62
C LYS A 997 -31.78 51.03 -6.33
N LYS A 998 -30.65 51.10 -5.63
CA LYS A 998 -29.35 50.82 -6.22
C LYS A 998 -28.73 49.54 -5.67
N LEU A 999 -29.49 48.73 -4.94
CA LEU A 999 -29.00 47.45 -4.42
C LEU A 999 -29.27 46.39 -5.47
N PHE A 1000 -28.36 46.30 -6.44
CA PHE A 1000 -28.54 45.42 -7.59
C PHE A 1000 -28.13 44.01 -7.23
N VAL A 1001 -29.08 43.08 -7.30
CA VAL A 1001 -28.78 41.65 -7.18
C VAL A 1001 -28.88 41.05 -8.58
N LEU A 1002 -29.78 41.60 -9.40
CA LEU A 1002 -29.99 41.16 -10.76
C LEU A 1002 -29.97 42.38 -11.68
N ARG A 1003 -29.19 42.29 -12.75
CA ARG A 1003 -29.16 43.36 -13.74
C ARG A 1003 -30.16 43.09 -14.85
N GLY A 1004 -30.64 44.18 -15.45
CA GLY A 1004 -31.56 44.07 -16.57
C GLY A 1004 -32.78 44.95 -16.44
N GLU A 1005 -33.38 45.32 -17.57
CA GLU A 1005 -34.57 46.17 -17.58
C GLU A 1005 -35.85 45.38 -17.74
N ASN A 1006 -35.77 44.05 -17.79
CA ASN A 1006 -36.97 43.24 -17.96
C ASN A 1006 -37.89 43.42 -16.75
N GLU A 1007 -39.19 43.41 -17.01
CA GLU A 1007 -40.16 43.63 -15.93
C GLU A 1007 -40.10 42.51 -14.90
N LEU A 1008 -39.99 41.27 -15.36
CA LEU A 1008 -39.87 40.14 -14.44
C LEU A 1008 -38.57 40.22 -13.66
N ILE A 1009 -37.50 40.69 -14.31
CA ILE A 1009 -36.23 40.90 -13.62
C ILE A 1009 -36.38 41.95 -12.54
N LYS A 1010 -37.09 43.05 -12.84
CA LYS A 1010 -37.29 44.09 -11.85
C LYS A 1010 -38.09 43.58 -10.67
N GLU A 1011 -39.12 42.76 -10.94
CA GLU A 1011 -39.91 42.20 -9.86
C GLU A 1011 -39.07 41.28 -8.97
N ALA A 1012 -38.24 40.44 -9.58
CA ALA A 1012 -37.36 39.58 -8.79
C ALA A 1012 -36.35 40.39 -7.99
N GLN A 1013 -35.80 41.44 -8.58
CA GLN A 1013 -34.85 42.30 -7.88
C GLN A 1013 -35.50 42.98 -6.69
N GLN A 1014 -36.74 43.46 -6.85
CA GLN A 1014 -37.45 44.06 -5.74
C GLN A 1014 -37.74 43.03 -4.65
N ASN A 1015 -38.11 41.82 -5.03
CA ASN A 1015 -38.37 40.79 -4.04
C ASN A 1015 -37.12 40.42 -3.26
N ALA A 1016 -35.96 40.37 -3.93
CA ALA A 1016 -34.76 39.84 -3.30
C ALA A 1016 -34.24 40.71 -2.15
N THR A 1017 -34.61 41.98 -2.10
CA THR A 1017 -34.07 42.90 -1.11
C THR A 1017 -35.12 43.46 -0.18
N SER A 1018 -36.26 42.79 -0.02
CA SER A 1018 -37.33 43.34 0.80
C SER A 1018 -36.91 43.48 2.25
N LEU A 1019 -36.38 42.40 2.84
CA LEU A 1019 -35.98 42.43 4.24
C LEU A 1019 -34.87 43.43 4.48
N PHE A 1020 -33.90 43.48 3.57
CA PHE A 1020 -32.78 44.40 3.75
C PHE A 1020 -33.24 45.86 3.62
N GLN A 1021 -34.15 46.13 2.69
CA GLN A 1021 -34.68 47.49 2.58
C GLN A 1021 -35.45 47.86 3.83
N CYS A 1022 -36.19 46.91 4.40
CA CYS A 1022 -36.87 47.18 5.66
C CYS A 1022 -35.87 47.53 6.76
N LEU A 1023 -34.76 46.80 6.84
CA LEU A 1023 -33.72 47.12 7.81
C LEU A 1023 -33.16 48.52 7.58
N VAL A 1024 -32.83 48.84 6.34
CA VAL A 1024 -32.22 50.14 6.04
C VAL A 1024 -33.17 51.28 6.39
N ARG A 1025 -34.44 51.14 6.01
CA ARG A 1025 -35.40 52.19 6.33
C ARG A 1025 -35.66 52.28 7.82
N ALA A 1026 -35.57 51.16 8.54
CA ALA A 1026 -35.73 51.20 9.99
C ALA A 1026 -34.58 51.96 10.64
N ARG A 1027 -33.36 51.78 10.13
CA ARG A 1027 -32.21 52.46 10.74
C ARG A 1027 -32.12 53.90 10.30
N LEU A 1028 -32.19 54.16 9.00
CA LEU A 1028 -31.99 55.51 8.47
C LEU A 1028 -33.29 56.29 8.35
N ALA A 1029 -34.05 56.34 9.44
CA ALA A 1029 -35.21 57.19 9.48
C ALA A 1029 -34.80 58.64 9.70
N THR A 1030 -35.71 59.56 9.40
CA THR A 1030 -35.38 60.99 9.51
C THR A 1030 -35.10 61.38 10.96
N ARG A 1031 -36.01 61.01 11.86
CA ARG A 1031 -35.84 61.38 13.27
C ARG A 1031 -34.58 60.75 13.85
N ARG A 1032 -34.34 59.48 13.54
CA ARG A 1032 -33.16 58.81 14.09
C ARG A 1032 -31.87 59.43 13.56
N ILE A 1033 -31.84 59.77 12.27
CA ILE A 1033 -30.64 60.39 11.71
C ILE A 1033 -30.39 61.75 12.34
N LEU A 1034 -31.43 62.58 12.46
CA LEU A 1034 -31.22 63.94 12.94
C LEU A 1034 -30.96 63.98 14.43
N GLU A 1035 -31.57 63.09 15.21
CA GLU A 1035 -31.50 63.15 16.67
C GLU A 1035 -30.57 62.09 17.26
N GLU A 1036 -30.78 60.81 16.94
CA GLU A 1036 -30.02 59.76 17.59
C GLU A 1036 -28.59 59.69 17.10
N PHE A 1037 -28.37 59.81 15.79
CA PHE A 1037 -27.03 59.72 15.23
C PHE A 1037 -26.39 61.07 14.98
N ARG A 1038 -27.19 62.10 14.72
CA ARG A 1038 -26.70 63.47 14.53
C ARG A 1038 -25.69 63.56 13.38
N LEU A 1039 -25.97 62.83 12.31
CA LEU A 1039 -25.12 62.93 11.12
C LEU A 1039 -25.28 64.28 10.46
N ASN A 1040 -24.19 64.77 9.88
CA ASN A 1040 -24.22 65.92 9.00
C ASN A 1040 -24.32 65.44 7.56
N ARG A 1041 -24.14 66.36 6.62
CA ARG A 1041 -24.27 66.01 5.22
C ARG A 1041 -23.21 65.00 4.82
N ASP A 1042 -21.93 65.39 4.96
CA ASP A 1042 -20.84 64.57 4.43
C ASP A 1042 -20.87 63.17 5.00
N ALA A 1043 -21.18 63.05 6.29
CA ALA A 1043 -21.38 61.73 6.89
C ALA A 1043 -22.52 61.00 6.20
N PHE A 1044 -23.56 61.73 5.78
CA PHE A 1044 -24.70 61.07 5.16
C PHE A 1044 -24.36 60.49 3.80
N GLU A 1045 -23.72 61.27 2.92
CA GLU A 1045 -23.30 60.68 1.65
C GLU A 1045 -22.27 59.57 1.86
N TRP A 1046 -21.39 59.72 2.85
CA TRP A 1046 -20.44 58.65 3.11
C TRP A 1046 -21.16 57.36 3.52
N VAL A 1047 -22.19 57.47 4.36
CA VAL A 1047 -22.93 56.30 4.79
C VAL A 1047 -23.64 55.65 3.61
N LEU A 1048 -24.26 56.47 2.77
CA LEU A 1048 -24.98 55.91 1.62
C LEU A 1048 -24.04 55.19 0.67
N GLY A 1049 -22.91 55.82 0.34
CA GLY A 1049 -21.95 55.16 -0.54
C GLY A 1049 -21.39 53.89 0.06
N THR A 1050 -21.10 53.90 1.35
CA THR A 1050 -20.56 52.71 1.99
C THR A 1050 -21.57 51.58 1.99
N ILE A 1051 -22.84 51.89 2.26
CA ILE A 1051 -23.86 50.85 2.25
C ILE A 1051 -23.96 50.23 0.87
N GLU A 1052 -24.00 51.06 -0.17
CA GLU A 1052 -24.12 50.53 -1.53
C GLU A 1052 -22.92 49.65 -1.88
N ALA A 1053 -21.71 50.13 -1.59
CA ALA A 1053 -20.50 49.38 -1.94
C ALA A 1053 -20.42 48.06 -1.20
N GLN A 1054 -20.70 48.07 0.11
CA GLN A 1054 -20.63 46.84 0.88
C GLN A 1054 -21.68 45.84 0.41
N PHE A 1055 -22.88 46.32 0.08
CA PHE A 1055 -23.89 45.39 -0.43
C PHE A 1055 -23.43 44.77 -1.73
N GLN A 1056 -22.84 45.56 -2.63
CA GLN A 1056 -22.31 44.98 -3.86
C GLN A 1056 -21.23 43.96 -3.57
N ARG A 1057 -20.44 44.19 -2.52
CA ARG A 1057 -19.37 43.24 -2.20
C ARG A 1057 -19.89 41.98 -1.52
N SER A 1058 -21.11 41.99 -0.99
CA SER A 1058 -21.60 40.84 -0.25
C SER A 1058 -22.38 39.84 -1.10
N LEU A 1059 -22.45 40.03 -2.42
CA LEU A 1059 -23.18 39.11 -3.27
C LEU A 1059 -22.41 37.83 -3.48
N VAL A 1060 -23.08 36.81 -4.00
CA VAL A 1060 -22.45 35.53 -4.26
C VAL A 1060 -21.75 35.58 -5.61
N HIS A 1061 -20.67 34.85 -5.74
CA HIS A 1061 -19.88 34.91 -6.96
C HIS A 1061 -20.28 33.79 -7.91
N PRO A 1062 -20.59 34.10 -9.16
CA PRO A 1062 -20.87 33.04 -10.12
C PRO A 1062 -19.70 32.09 -10.24
N GLY A 1063 -19.99 30.80 -10.25
CA GLY A 1063 -18.98 29.78 -10.17
C GLY A 1063 -18.83 29.13 -8.82
N GLU A 1064 -19.51 29.62 -7.79
CA GLU A 1064 -19.58 28.90 -6.53
C GLU A 1064 -20.14 27.50 -6.73
N MET A 1065 -19.48 26.54 -6.13
CA MET A 1065 -20.00 25.17 -6.08
C MET A 1065 -20.76 25.00 -4.76
N VAL A 1066 -21.92 25.66 -4.71
CA VAL A 1066 -22.67 25.76 -3.47
C VAL A 1066 -23.24 24.41 -3.03
N GLY A 1067 -23.38 23.46 -3.93
CA GLY A 1067 -23.87 22.15 -3.53
C GLY A 1067 -22.91 21.43 -2.61
N VAL A 1068 -21.62 21.44 -2.96
CA VAL A 1068 -20.63 20.78 -2.12
C VAL A 1068 -20.50 21.52 -0.79
N ILE A 1069 -20.55 22.85 -0.82
CA ILE A 1069 -20.46 23.63 0.41
C ILE A 1069 -21.63 23.31 1.32
N ALA A 1070 -22.83 23.22 0.76
CA ALA A 1070 -24.00 22.87 1.56
C ALA A 1070 -23.89 21.45 2.13
N ALA A 1071 -23.43 20.50 1.31
CA ALA A 1071 -23.31 19.13 1.78
C ALA A 1071 -22.30 19.04 2.93
N GLN A 1072 -21.16 19.72 2.79
CA GLN A 1072 -20.18 19.72 3.85
C GLN A 1072 -20.69 20.43 5.11
N SER A 1073 -21.39 21.54 4.93
CA SER A 1073 -21.92 22.28 6.08
C SER A 1073 -23.00 21.53 6.81
N ILE A 1074 -23.72 20.63 6.12
CA ILE A 1074 -24.72 19.83 6.82
C ILE A 1074 -24.08 18.60 7.44
N GLY A 1075 -23.12 17.97 6.76
CA GLY A 1075 -22.52 16.76 7.29
C GLY A 1075 -21.50 16.99 8.39
N GLU A 1076 -20.89 18.18 8.45
CA GLU A 1076 -19.90 18.45 9.48
C GLU A 1076 -20.48 18.40 10.89
N PRO A 1077 -21.61 19.04 11.21
CA PRO A 1077 -22.16 18.88 12.57
C PRO A 1077 -22.51 17.45 12.92
N ALA A 1078 -22.95 16.65 11.95
CA ALA A 1078 -23.37 15.29 12.25
C ALA A 1078 -22.23 14.46 12.82
N THR A 1079 -20.99 14.79 12.48
CA THR A 1079 -19.84 14.08 13.03
C THR A 1079 -19.64 14.40 14.50
N GLN A 1080 -20.18 15.51 14.99
CA GLN A 1080 -20.02 15.92 16.37
C GLN A 1080 -21.38 15.93 17.10
N MET A 1081 -22.19 14.91 16.84
CA MET A 1081 -23.49 14.80 17.49
C MET A 1081 -23.98 13.37 17.50
N ASN A 1095 -41.54 11.57 23.96
CA ASN A 1095 -40.36 10.85 23.48
C ASN A 1095 -40.34 10.81 21.96
N VAL A 1096 -39.29 11.37 21.36
CA VAL A 1096 -39.13 11.42 19.92
C VAL A 1096 -37.73 10.98 19.55
N THR A 1097 -37.57 10.57 18.30
CA THR A 1097 -36.26 10.17 17.78
C THR A 1097 -35.48 11.42 17.38
N LEU A 1098 -34.19 11.44 17.72
CA LEU A 1098 -33.36 12.58 17.40
C LEU A 1098 -31.92 12.11 17.18
N GLY A 1099 -31.14 12.94 16.51
CA GLY A 1099 -29.75 12.63 16.25
C GLY A 1099 -29.54 11.94 14.92
N VAL A 1100 -28.46 11.17 14.82
CA VAL A 1100 -28.14 10.50 13.56
C VAL A 1100 -29.25 9.57 13.09
N PRO A 1101 -29.88 8.74 13.93
CA PRO A 1101 -30.99 7.90 13.41
C PRO A 1101 -32.11 8.70 12.77
N ARG A 1102 -32.48 9.84 13.36
CA ARG A 1102 -33.54 10.64 12.77
C ARG A 1102 -33.10 11.28 11.46
N LEU A 1103 -31.84 11.72 11.39
CA LEU A 1103 -31.33 12.26 10.13
C LEU A 1103 -31.32 11.19 9.05
N LYS A 1104 -30.94 9.97 9.41
CA LYS A 1104 -30.97 8.86 8.46
C LYS A 1104 -32.39 8.57 8.00
N GLU A 1105 -33.35 8.67 8.91
CA GLU A 1105 -34.76 8.50 8.52
C GLU A 1105 -35.18 9.59 7.55
N ILE A 1106 -34.76 10.83 7.78
CA ILE A 1106 -35.16 11.94 6.92
C ILE A 1106 -34.55 11.79 5.53
N LEU A 1107 -33.24 11.51 5.46
CA LEU A 1107 -32.57 11.47 4.18
C LEU A 1107 -33.04 10.30 3.33
N ASN A 1108 -33.27 9.14 3.94
CA ASN A 1108 -33.76 7.99 3.21
C ASN A 1108 -35.22 8.12 2.80
N VAL A 1109 -35.94 9.11 3.34
CA VAL A 1109 -37.38 9.24 3.16
C VAL A 1109 -38.03 7.90 3.52
N ALA A 1110 -37.86 7.50 4.77
CA ALA A 1110 -38.45 6.25 5.22
C ALA A 1110 -39.97 6.37 5.29
N LYS A 1111 -40.65 5.31 4.85
CA LYS A 1111 -42.11 5.33 4.85
C LYS A 1111 -42.66 5.21 6.27
N ASN A 1112 -42.03 4.38 7.10
CA ASN A 1112 -42.49 4.10 8.45
C ASN A 1112 -41.40 4.54 9.44
N ILE A 1113 -41.54 5.77 9.94
CA ILE A 1113 -40.57 6.32 10.88
C ILE A 1113 -40.79 5.68 12.24
N LYS A 1114 -39.84 5.90 13.15
CA LYS A 1114 -39.86 5.21 14.44
C LYS A 1114 -41.03 5.66 15.30
N THR A 1115 -41.20 6.97 15.44
CA THR A 1115 -42.21 7.55 16.34
C THR A 1115 -43.06 8.56 15.58
N PRO A 1116 -44.05 8.10 14.84
CA PRO A 1116 -44.94 9.04 14.15
C PRO A 1116 -45.74 9.85 15.16
N ALA A 1117 -45.99 11.11 14.81
CA ALA A 1117 -46.69 11.99 15.73
C ALA A 1117 -47.42 13.09 14.95
N LEU A 1118 -48.42 13.66 15.60
CA LEU A 1118 -49.13 14.82 15.08
C LEU A 1118 -49.03 15.95 16.09
N THR A 1119 -49.25 17.17 15.63
CA THR A 1119 -49.31 18.33 16.50
C THR A 1119 -50.63 19.03 16.20
N VAL A 1120 -51.67 18.60 16.88
CA VAL A 1120 -53.02 19.11 16.65
C VAL A 1120 -53.18 20.39 17.44
N TYR A 1121 -53.51 21.48 16.75
CA TYR A 1121 -53.81 22.75 17.39
C TYR A 1121 -55.32 22.93 17.47
N LEU A 1122 -55.78 23.44 18.61
CA LEU A 1122 -57.20 23.61 18.86
C LEU A 1122 -57.62 25.04 18.56
N ASP A 1123 -58.94 25.24 18.48
CA ASP A 1123 -59.46 26.57 18.22
C ASP A 1123 -59.21 27.48 19.42
N ARG A 1124 -59.38 28.78 19.19
CA ARG A 1124 -58.99 29.77 20.19
C ARG A 1124 -59.73 29.57 21.50
N GLU A 1125 -61.05 29.38 21.43
CA GLU A 1125 -61.81 29.18 22.65
C GLU A 1125 -61.43 27.87 23.34
N ILE A 1126 -61.25 26.79 22.58
CA ILE A 1126 -60.91 25.51 23.17
C ILE A 1126 -59.48 25.52 23.69
N ALA A 1127 -58.58 26.26 23.03
CA ALA A 1127 -57.18 26.23 23.42
C ALA A 1127 -56.97 26.74 24.84
N LEU A 1128 -57.79 27.68 25.28
CA LEU A 1128 -57.64 28.27 26.61
C LEU A 1128 -58.54 27.63 27.66
N ASP A 1129 -59.28 26.59 27.31
CA ASP A 1129 -60.15 25.88 28.25
C ASP A 1129 -59.73 24.42 28.32
N ILE A 1130 -59.42 23.95 29.53
CA ILE A 1130 -58.94 22.58 29.68
C ILE A 1130 -60.04 21.55 29.48
N GLU A 1131 -61.28 21.89 29.86
CA GLU A 1131 -62.36 20.91 29.78
C GLU A 1131 -62.70 20.58 28.33
N LYS A 1132 -62.88 21.61 27.49
CA LYS A 1132 -63.16 21.36 26.09
C LYS A 1132 -62.00 20.65 25.41
N ALA A 1133 -60.77 20.99 25.80
CA ALA A 1133 -59.60 20.30 25.26
C ALA A 1133 -59.62 18.83 25.61
N LYS A 1134 -59.98 18.50 26.85
CA LYS A 1134 -60.09 17.10 27.23
C LYS A 1134 -61.19 16.40 26.46
N VAL A 1135 -62.30 17.09 26.20
CA VAL A 1135 -63.38 16.52 25.39
C VAL A 1135 -62.87 16.19 24.00
N ILE A 1136 -62.14 17.11 23.39
CA ILE A 1136 -61.60 16.88 22.04
C ILE A 1136 -60.62 15.72 22.07
N GLN A 1137 -59.77 15.66 23.10
CA GLN A 1137 -58.79 14.58 23.20
C GLN A 1137 -59.49 13.23 23.30
N SER A 1138 -60.55 13.15 24.09
CA SER A 1138 -61.31 11.91 24.16
C SER A 1138 -61.96 11.58 22.82
N SER A 1139 -62.42 12.61 22.11
CA SER A 1139 -63.09 12.35 20.83
C SER A 1139 -62.13 11.88 19.75
N ILE A 1140 -60.85 12.25 19.85
CA ILE A 1140 -59.89 11.89 18.80
C ILE A 1140 -59.31 10.49 19.01
N GLU A 1141 -58.95 10.15 20.24
CA GLU A 1141 -58.18 8.94 20.51
C GLU A 1141 -58.95 7.69 20.08
N TYR A 1142 -58.24 6.75 19.47
CA TYR A 1142 -58.84 5.51 19.01
C TYR A 1142 -59.10 4.57 20.17
N THR A 1143 -60.33 4.08 20.28
CA THR A 1143 -60.73 3.17 21.34
C THR A 1143 -61.53 2.03 20.73
N THR A 1144 -61.14 0.80 21.04
CA THR A 1144 -61.82 -0.39 20.54
C THR A 1144 -62.43 -1.15 21.70
N LEU A 1145 -63.25 -2.15 21.34
CA LEU A 1145 -63.89 -2.97 22.37
C LEU A 1145 -62.85 -3.71 23.20
N LYS A 1146 -61.75 -4.13 22.57
CA LYS A 1146 -60.70 -4.83 23.30
C LYS A 1146 -60.09 -3.96 24.38
N ASN A 1147 -60.10 -2.64 24.20
CA ASN A 1147 -59.51 -1.74 25.19
C ASN A 1147 -60.26 -1.80 26.51
N VAL A 1148 -61.59 -1.86 26.47
CA VAL A 1148 -62.39 -1.85 27.68
C VAL A 1148 -62.78 -3.25 28.15
N THR A 1149 -62.74 -4.25 27.28
CA THR A 1149 -63.13 -5.60 27.66
C THR A 1149 -62.12 -6.17 28.65
N SER A 1150 -62.62 -6.70 29.77
CA SER A 1150 -61.78 -7.31 30.80
C SER A 1150 -61.66 -8.82 30.64
N ALA A 1151 -62.74 -9.50 30.30
CA ALA A 1151 -62.71 -10.93 30.06
C ALA A 1151 -63.92 -11.32 29.21
N THR A 1152 -63.79 -12.46 28.54
CA THR A 1152 -64.87 -12.97 27.70
C THR A 1152 -65.08 -14.45 28.02
N GLU A 1153 -66.32 -14.90 27.87
CA GLU A 1153 -66.68 -16.27 28.23
C GLU A 1153 -67.77 -16.77 27.29
N ILE A 1154 -67.83 -18.09 27.16
CA ILE A 1154 -68.86 -18.75 26.36
C ILE A 1154 -69.56 -19.76 27.26
N TYR A 1155 -70.89 -19.72 27.26
CA TYR A 1155 -71.69 -20.60 28.10
C TYR A 1155 -72.71 -21.33 27.25
N TYR A 1156 -73.15 -22.49 27.75
CA TYR A 1156 -74.23 -23.26 27.15
C TYR A 1156 -75.51 -22.96 27.90
N ASP A 1157 -76.52 -22.46 27.19
CA ASP A 1157 -77.78 -22.08 27.81
C ASP A 1157 -78.89 -22.28 26.79
N PRO A 1158 -79.69 -23.33 26.95
CA PRO A 1158 -80.69 -23.67 25.92
C PRO A 1158 -81.97 -22.86 25.98
N ASP A 1159 -82.20 -22.07 27.02
CA ASP A 1159 -83.43 -21.31 27.16
C ASP A 1159 -83.18 -19.86 26.81
N PRO A 1160 -83.65 -19.38 25.67
CA PRO A 1160 -83.44 -17.96 25.33
C PRO A 1160 -84.14 -17.01 26.29
N THR A 1161 -85.23 -17.43 26.92
CA THR A 1161 -86.00 -16.57 27.81
C THR A 1161 -85.57 -16.69 29.26
N SER A 1162 -84.54 -17.48 29.55
CA SER A 1162 -84.03 -17.62 30.91
C SER A 1162 -82.53 -17.86 30.81
N THR A 1163 -81.93 -18.34 31.91
CA THR A 1163 -80.49 -18.58 31.91
C THR A 1163 -80.15 -19.61 32.97
N VAL A 1164 -78.93 -20.13 32.88
CA VAL A 1164 -78.41 -21.05 33.88
C VAL A 1164 -77.65 -20.31 34.98
N ILE A 1165 -76.89 -19.27 34.63
CA ILE A 1165 -76.10 -18.56 35.62
C ILE A 1165 -77.02 -17.81 36.57
N GLU A 1166 -76.84 -18.05 37.87
CA GLU A 1166 -77.66 -17.37 38.87
C GLU A 1166 -77.30 -15.91 38.99
N GLU A 1167 -76.02 -15.56 38.80
CA GLU A 1167 -75.58 -14.18 38.95
C GLU A 1167 -76.25 -13.27 37.92
N ASP A 1168 -76.31 -13.72 36.67
CA ASP A 1168 -76.92 -12.94 35.59
C ASP A 1168 -78.42 -13.20 35.46
N PHE A 1169 -78.96 -14.10 36.27
CA PHE A 1169 -80.39 -14.44 36.16
C PHE A 1169 -81.28 -13.24 36.45
N ASP A 1170 -80.95 -12.47 37.48
CA ASP A 1170 -81.78 -11.34 37.86
C ASP A 1170 -81.85 -10.31 36.74
N THR A 1171 -80.70 -9.96 36.17
CA THR A 1171 -80.67 -8.93 35.13
C THR A 1171 -81.43 -9.38 33.88
N VAL A 1172 -81.21 -10.63 33.45
CA VAL A 1172 -81.87 -11.10 32.24
C VAL A 1172 -83.38 -11.19 32.45
N GLU A 1173 -83.81 -11.66 33.64
CA GLU A 1173 -85.24 -11.75 33.90
C GLU A 1173 -85.87 -10.37 34.01
N ALA A 1174 -85.16 -9.40 34.58
CA ALA A 1174 -85.67 -8.03 34.62
C ALA A 1174 -85.78 -7.45 33.22
N TYR A 1175 -84.80 -7.75 32.36
CA TYR A 1175 -84.87 -7.29 30.97
C TYR A 1175 -86.06 -7.91 30.25
N PHE A 1176 -86.30 -9.20 30.46
CA PHE A 1176 -87.39 -9.88 29.78
C PHE A 1176 -88.76 -9.44 30.29
N SER A 1177 -88.83 -8.78 31.44
CA SER A 1177 -90.10 -8.32 31.99
C SER A 1177 -90.25 -6.82 31.82
N GLN A 1190 -82.49 -19.30 16.68
CA GLN A 1190 -81.38 -18.92 17.54
C GLN A 1190 -80.65 -20.14 18.08
N SER A 1191 -79.39 -19.97 18.46
CA SER A 1191 -78.60 -21.06 18.99
C SER A 1191 -78.50 -20.96 20.52
N PRO A 1192 -78.43 -22.11 21.20
CA PRO A 1192 -78.27 -22.09 22.67
C PRO A 1192 -76.93 -21.56 23.13
N TRP A 1193 -75.95 -21.45 22.25
CA TRP A 1193 -74.60 -21.04 22.65
C TRP A 1193 -74.61 -19.58 23.10
N LEU A 1194 -74.34 -19.35 24.38
CA LEU A 1194 -74.28 -18.02 24.95
C LEU A 1194 -72.87 -17.49 24.89
N LEU A 1195 -72.71 -16.26 24.39
CA LEU A 1195 -71.43 -15.57 24.36
C LEU A 1195 -71.57 -14.29 25.18
N ARG A 1196 -70.87 -14.22 26.30
CA ARG A 1196 -70.89 -13.07 27.18
C ARG A 1196 -69.46 -12.60 27.44
N LEU A 1197 -69.34 -11.35 27.86
CA LEU A 1197 -68.03 -10.80 28.19
C LEU A 1197 -68.20 -9.67 29.19
N GLU A 1198 -67.25 -9.58 30.12
CA GLU A 1198 -67.31 -8.61 31.20
C GLU A 1198 -66.41 -7.42 30.88
N LEU A 1199 -66.97 -6.23 30.95
CA LEU A 1199 -66.25 -4.99 30.68
C LEU A 1199 -65.73 -4.40 31.98
N ASP A 1200 -64.48 -3.94 31.95
CA ASP A 1200 -63.90 -3.27 33.11
C ASP A 1200 -64.64 -1.97 33.36
N ARG A 1201 -65.28 -1.87 34.53
CA ARG A 1201 -66.06 -0.68 34.84
C ARG A 1201 -65.18 0.56 34.94
N ALA A 1202 -63.98 0.41 35.51
CA ALA A 1202 -63.12 1.56 35.73
C ALA A 1202 -62.71 2.21 34.40
N ARG A 1203 -62.19 1.42 33.47
CA ARG A 1203 -61.78 1.97 32.18
C ARG A 1203 -62.98 2.39 31.33
N MET A 1204 -64.08 1.66 31.46
CA MET A 1204 -65.30 2.05 30.74
C MET A 1204 -65.76 3.43 31.17
N LEU A 1205 -65.71 3.71 32.48
CA LEU A 1205 -66.02 5.04 32.96
C LEU A 1205 -64.96 6.05 32.52
N ASP A 1206 -63.68 5.64 32.55
CA ASP A 1206 -62.60 6.55 32.16
C ASP A 1206 -62.72 6.99 30.71
N LYS A 1207 -63.05 6.05 29.82
CA LYS A 1207 -63.26 6.38 28.42
C LYS A 1207 -64.59 7.09 28.18
N GLN A 1208 -65.36 7.35 29.23
CA GLN A 1208 -66.61 8.12 29.13
C GLN A 1208 -67.58 7.47 28.15
N LEU A 1209 -67.67 6.14 28.21
CA LEU A 1209 -68.51 5.37 27.31
C LEU A 1209 -69.79 4.91 28.00
N THR A 1210 -70.78 4.55 27.18
CA THR A 1210 -72.07 4.09 27.66
C THR A 1210 -72.31 2.66 27.15
N MET A 1211 -72.85 1.82 28.03
CA MET A 1211 -73.17 0.45 27.64
C MET A 1211 -74.09 0.42 26.42
N ASN A 1212 -75.05 1.34 26.37
CA ASN A 1212 -75.91 1.44 25.21
C ASN A 1212 -75.11 1.75 23.95
N GLN A 1213 -74.10 2.60 24.06
CA GLN A 1213 -73.28 2.93 22.90
C GLN A 1213 -72.55 1.70 22.38
N VAL A 1214 -71.97 0.90 23.28
CA VAL A 1214 -71.28 -0.32 22.87
C VAL A 1214 -72.23 -1.28 22.20
N ALA A 1215 -73.42 -1.46 22.80
CA ALA A 1215 -74.42 -2.35 22.21
C ALA A 1215 -74.84 -1.87 20.83
N ASP A 1216 -75.02 -0.55 20.67
CA ASP A 1216 -75.41 0.00 19.39
C ASP A 1216 -74.31 -0.21 18.35
N LYS A 1217 -73.05 -0.05 18.74
CA LYS A 1217 -71.96 -0.29 17.80
C LYS A 1217 -71.94 -1.75 17.35
N ILE A 1218 -72.11 -2.68 18.30
CA ILE A 1218 -72.13 -4.09 17.94
C ILE A 1218 -73.30 -4.40 17.02
N SER A 1219 -74.47 -3.84 17.33
CA SER A 1219 -75.64 -4.06 16.49
C SER A 1219 -75.42 -3.51 15.08
N GLU A 1220 -74.83 -2.32 14.99
CA GLU A 1220 -74.59 -1.72 13.67
C GLU A 1220 -73.61 -2.55 12.86
N VAL A 1221 -72.56 -3.07 13.50
CA VAL A 1221 -71.58 -3.85 12.75
C VAL A 1221 -72.08 -5.26 12.44
N PHE A 1222 -73.08 -5.76 13.17
CA PHE A 1222 -73.60 -7.11 12.94
C PHE A 1222 -75.08 -7.14 12.61
N SER A 1223 -75.69 -5.99 12.31
CA SER A 1223 -77.09 -5.91 11.91
C SER A 1223 -78.00 -6.59 12.92
N ASP A 1224 -78.71 -7.65 12.49
CA ASP A 1224 -79.57 -8.43 13.36
C ASP A 1224 -79.13 -9.88 13.44
N ASP A 1225 -77.86 -10.16 13.14
CA ASP A 1225 -77.33 -11.52 13.20
C ASP A 1225 -77.04 -11.98 14.62
N LEU A 1226 -77.08 -11.08 15.61
CA LEU A 1226 -76.79 -11.42 16.99
C LEU A 1226 -77.74 -10.67 17.90
N PHE A 1227 -78.35 -11.39 18.84
CA PHE A 1227 -79.21 -10.78 19.84
C PHE A 1227 -78.35 -10.40 21.05
N VAL A 1228 -78.45 -9.14 21.46
CA VAL A 1228 -77.53 -8.58 22.43
C VAL A 1228 -78.31 -8.02 23.62
N MET A 1229 -77.88 -8.37 24.83
CA MET A 1229 -78.41 -7.79 26.05
C MET A 1229 -77.24 -7.26 26.88
N TRP A 1230 -77.46 -6.13 27.53
CA TRP A 1230 -76.40 -5.49 28.31
C TRP A 1230 -76.92 -5.15 29.69
N SER A 1231 -76.08 -5.37 30.70
CA SER A 1231 -76.44 -5.04 32.07
C SER A 1231 -76.49 -3.53 32.26
N GLU A 1232 -77.25 -3.12 33.27
CA GLU A 1232 -77.34 -1.71 33.59
C GLU A 1232 -76.05 -1.21 34.24
N ASP A 1233 -75.90 0.11 34.26
CA ASP A 1233 -74.71 0.72 34.86
C ASP A 1233 -74.67 0.52 36.37
N ASN A 1234 -75.80 0.26 37.01
CA ASN A 1234 -75.84 0.08 38.45
C ASN A 1234 -75.53 -1.35 38.89
N ALA A 1235 -75.31 -2.26 37.93
CA ALA A 1235 -74.95 -3.63 38.30
C ALA A 1235 -73.56 -3.66 38.93
N ASP A 1236 -73.33 -4.69 39.75
CA ASP A 1236 -72.04 -4.83 40.42
C ASP A 1236 -70.92 -4.98 39.41
N LYS A 1237 -71.13 -5.80 38.38
CA LYS A 1237 -70.17 -5.99 37.31
C LYS A 1237 -70.83 -5.65 35.98
N LEU A 1238 -70.15 -4.85 35.16
CA LEU A 1238 -70.67 -4.47 33.85
C LEU A 1238 -70.47 -5.64 32.90
N ILE A 1239 -71.58 -6.24 32.47
CA ILE A 1239 -71.55 -7.39 31.58
C ILE A 1239 -72.49 -7.15 30.42
N ILE A 1240 -72.19 -7.80 29.30
CA ILE A 1240 -73.02 -7.74 28.11
C ILE A 1240 -73.10 -9.14 27.51
N ARG A 1241 -74.29 -9.56 27.14
CA ARG A 1241 -74.54 -10.92 26.67
C ARG A 1241 -74.95 -10.91 25.21
N CYS A 1242 -74.62 -11.99 24.50
CA CYS A 1242 -74.89 -12.10 23.09
C CYS A 1242 -75.32 -13.51 22.75
N ARG A 1243 -76.06 -13.66 21.67
CA ARG A 1243 -76.54 -14.96 21.23
C ARG A 1243 -76.61 -14.99 19.70
N VAL A 1244 -76.32 -16.14 19.13
CA VAL A 1244 -76.42 -16.33 17.69
C VAL A 1244 -77.87 -16.61 17.32
N ILE A 1245 -78.34 -15.99 16.24
CA ILE A 1245 -79.70 -16.18 15.78
C ILE A 1245 -79.73 -17.08 14.54
N GLU A 1258 -72.26 -28.13 14.86
CA GLU A 1258 -71.03 -27.68 15.49
C GLU A 1258 -70.78 -26.20 15.18
N GLU A 1259 -70.98 -25.35 16.19
CA GLU A 1259 -70.80 -23.92 16.03
C GLU A 1259 -69.86 -23.31 17.08
N ASP A 1260 -69.24 -24.14 17.93
CA ASP A 1260 -68.35 -23.60 18.95
C ASP A 1260 -67.14 -22.91 18.33
N GLN A 1261 -66.54 -23.52 17.31
CA GLN A 1261 -65.41 -22.89 16.63
C GLN A 1261 -65.85 -21.62 15.90
N MET A 1262 -67.02 -21.64 15.28
CA MET A 1262 -67.55 -20.45 14.64
C MET A 1262 -67.76 -19.33 15.67
N LEU A 1263 -68.30 -19.68 16.84
CA LEU A 1263 -68.48 -18.68 17.88
C LEU A 1263 -67.15 -18.13 18.36
N LYS A 1264 -66.14 -18.99 18.50
CA LYS A 1264 -64.82 -18.51 18.90
C LYS A 1264 -64.23 -17.56 17.86
N ARG A 1265 -64.37 -17.89 16.58
CA ARG A 1265 -63.88 -17.01 15.52
C ARG A 1265 -64.62 -15.67 15.55
N ILE A 1266 -65.93 -15.70 15.77
CA ILE A 1266 -66.70 -14.47 15.83
C ILE A 1266 -66.28 -13.63 17.03
N GLU A 1267 -66.01 -14.29 18.16
CA GLU A 1267 -65.53 -13.57 19.35
C GLU A 1267 -64.16 -12.92 19.09
N ALA A 1268 -63.26 -13.64 18.41
CA ALA A 1268 -61.98 -13.06 18.07
C ALA A 1268 -62.13 -11.87 17.16
N HIS A 1269 -63.01 -11.97 16.16
CA HIS A 1269 -63.28 -10.86 15.26
C HIS A 1269 -63.84 -9.66 16.02
N MET A 1270 -64.75 -9.92 16.97
CA MET A 1270 -65.30 -8.87 17.80
C MET A 1270 -64.22 -8.15 18.59
N LEU A 1271 -63.39 -8.90 19.29
CA LEU A 1271 -62.28 -8.29 20.02
C LEU A 1271 -61.30 -7.60 19.07
N ASP A 1272 -61.29 -7.99 17.80
CA ASP A 1272 -60.32 -7.45 16.86
C ASP A 1272 -60.72 -6.08 16.32
N LEU A 1273 -61.85 -6.01 15.62
CA LEU A 1273 -62.12 -4.84 14.79
C LEU A 1273 -63.38 -4.07 15.17
N ILE A 1274 -63.85 -4.18 16.41
CA ILE A 1274 -64.97 -3.37 16.85
C ILE A 1274 -64.42 -2.03 17.33
N ALA A 1275 -64.68 -0.98 16.56
CA ALA A 1275 -64.19 0.36 16.86
C ALA A 1275 -65.29 1.14 17.56
N LEU A 1276 -65.01 1.60 18.77
CA LEU A 1276 -66.01 2.34 19.53
C LEU A 1276 -66.06 3.80 19.10
N ARG A 1277 -64.95 4.51 19.24
CA ARG A 1277 -64.90 5.90 18.80
C ARG A 1277 -63.45 6.32 18.63
N GLY A 1278 -63.26 7.41 17.91
CA GLY A 1278 -61.94 7.97 17.69
C GLY A 1278 -61.44 7.71 16.28
N ILE A 1279 -60.39 8.44 15.93
CA ILE A 1279 -59.77 8.31 14.61
C ILE A 1279 -58.91 7.07 14.58
N PRO A 1280 -59.09 6.17 13.61
CA PRO A 1280 -58.23 4.99 13.53
C PRO A 1280 -56.77 5.37 13.32
N GLY A 1281 -55.88 4.62 13.95
CA GLY A 1281 -54.46 4.87 13.84
C GLY A 1281 -53.87 5.80 14.87
N ILE A 1282 -54.70 6.45 15.68
CA ILE A 1282 -54.23 7.36 16.72
C ILE A 1282 -54.26 6.59 18.04
N SER A 1283 -53.12 6.00 18.41
CA SER A 1283 -53.10 5.12 19.58
C SER A 1283 -53.23 5.91 20.88
N LYS A 1284 -52.50 7.01 21.00
CA LYS A 1284 -52.47 7.78 22.24
C LYS A 1284 -52.52 9.26 21.91
N VAL A 1285 -53.05 10.05 22.84
CA VAL A 1285 -53.12 11.49 22.72
C VAL A 1285 -52.72 12.12 24.04
N TYR A 1286 -51.90 13.16 23.97
CA TYR A 1286 -51.43 13.87 25.16
C TYR A 1286 -51.84 15.34 25.09
N MET A 1287 -52.12 15.91 26.26
CA MET A 1287 -52.34 17.34 26.37
C MET A 1287 -51.00 18.04 26.61
N VAL A 1288 -50.73 19.08 25.83
CA VAL A 1288 -49.46 19.79 25.91
C VAL A 1288 -49.74 21.29 25.96
N LYS A 1289 -48.99 22.00 26.78
CA LYS A 1289 -49.09 23.45 26.88
C LYS A 1289 -48.03 24.09 25.99
N HIS A 1290 -48.44 25.02 25.15
CA HIS A 1290 -47.56 25.70 24.22
C HIS A 1290 -47.46 27.18 24.56
N LYS A 1291 -46.26 27.72 24.56
CA LYS A 1291 -46.03 29.14 24.78
C LYS A 1291 -45.88 29.83 23.44
N VAL A 1292 -46.78 30.77 23.15
CA VAL A 1292 -46.78 31.50 21.89
C VAL A 1292 -46.71 32.99 22.18
N SER A 1293 -45.87 33.70 21.44
CA SER A 1293 -45.75 35.14 21.58
C SER A 1293 -46.69 35.81 20.59
N VAL A 1294 -47.67 36.54 21.11
CA VAL A 1294 -48.68 37.18 20.29
C VAL A 1294 -48.70 38.68 20.60
N PRO A 1295 -48.81 39.55 19.60
CA PRO A 1295 -48.90 40.99 19.89
C PRO A 1295 -50.12 41.30 20.74
N ASP A 1296 -49.94 42.23 21.67
CA ASP A 1296 -50.99 42.61 22.59
C ASP A 1296 -51.90 43.65 21.93
N GLU A 1297 -52.84 44.20 22.71
CA GLU A 1297 -53.68 45.26 22.15
C GLU A 1297 -52.91 46.56 21.95
N SER A 1298 -51.76 46.71 22.60
CA SER A 1298 -50.90 47.87 22.41
C SER A 1298 -49.81 47.64 21.38
N GLY A 1299 -49.78 46.46 20.75
CA GLY A 1299 -48.73 46.12 19.81
C GLY A 1299 -47.53 45.44 20.42
N GLU A 1300 -47.46 45.38 21.75
CA GLU A 1300 -46.35 44.71 22.42
C GLU A 1300 -46.50 43.21 22.31
N TYR A 1301 -45.37 42.51 22.19
CA TYR A 1301 -45.38 41.06 22.15
C TYR A 1301 -45.34 40.50 23.57
N LYS A 1302 -46.33 39.68 23.90
CA LYS A 1302 -46.42 39.07 25.22
C LYS A 1302 -46.64 37.58 25.09
N ASN A 1303 -45.99 36.83 25.96
CA ASN A 1303 -46.11 35.38 25.94
C ASN A 1303 -47.51 34.95 26.37
N GLU A 1304 -47.90 33.76 25.94
CA GLU A 1304 -49.24 33.26 26.22
C GLU A 1304 -49.20 31.74 26.17
N GLU A 1305 -49.97 31.11 27.05
CA GLU A 1305 -50.01 29.66 27.15
C GLU A 1305 -51.33 29.15 26.57
N LEU A 1306 -51.24 28.12 25.73
CA LEU A 1306 -52.40 27.54 25.10
C LEU A 1306 -52.29 26.02 25.14
N TRP A 1307 -53.44 25.36 25.02
CA TRP A 1307 -53.50 23.91 25.05
C TRP A 1307 -53.51 23.34 23.64
N ALA A 1308 -52.75 22.28 23.43
CA ALA A 1308 -52.70 21.59 22.15
C ALA A 1308 -52.51 20.11 22.43
N LEU A 1309 -52.79 19.29 21.41
CA LEU A 1309 -52.70 17.84 21.52
C LEU A 1309 -51.53 17.32 20.71
N GLU A 1310 -50.85 16.31 21.23
CA GLU A 1310 -49.82 15.59 20.52
C GLU A 1310 -50.15 14.11 20.59
N THR A 1311 -50.11 13.45 19.44
CA THR A 1311 -50.59 12.07 19.34
C THR A 1311 -49.44 11.12 19.06
N ASP A 1312 -49.76 9.83 19.08
CA ASP A 1312 -48.89 8.77 18.60
C ASP A 1312 -49.58 8.09 17.42
N GLY A 1313 -48.84 7.92 16.33
CA GLY A 1313 -49.45 7.52 15.08
C GLY A 1313 -50.00 8.71 14.33
N ILE A 1314 -50.17 8.54 13.02
CA ILE A 1314 -50.49 9.64 12.13
C ILE A 1314 -51.73 9.29 11.32
N ASN A 1315 -52.69 10.22 11.31
CA ASN A 1315 -53.77 10.22 10.32
C ASN A 1315 -54.14 11.68 10.12
N LEU A 1316 -53.48 12.33 9.15
CA LEU A 1316 -53.58 13.76 9.02
C LEU A 1316 -54.94 14.17 8.43
N ALA A 1317 -55.38 13.48 7.38
CA ALA A 1317 -56.61 13.86 6.70
C ALA A 1317 -57.81 13.76 7.63
N GLU A 1318 -57.88 12.68 8.42
CA GLU A 1318 -59.03 12.49 9.29
C GLU A 1318 -59.00 13.45 10.48
N VAL A 1319 -57.83 13.63 11.08
CA VAL A 1319 -57.74 14.50 12.26
C VAL A 1319 -58.01 15.95 11.87
N MET A 1320 -57.58 16.36 10.67
CA MET A 1320 -57.82 17.72 10.22
C MET A 1320 -59.30 18.04 10.13
N ALA A 1321 -60.14 17.01 9.94
CA ALA A 1321 -61.56 17.21 9.74
C ALA A 1321 -62.37 17.17 11.03
N VAL A 1322 -61.75 16.88 12.17
CA VAL A 1322 -62.48 16.80 13.43
C VAL A 1322 -62.95 18.21 13.83
N PRO A 1323 -64.22 18.40 14.14
CA PRO A 1323 -64.68 19.72 14.59
C PRO A 1323 -64.01 20.12 15.89
N GLY A 1324 -63.72 21.41 16.02
CA GLY A 1324 -62.98 21.93 17.15
C GLY A 1324 -61.48 21.92 16.98
N VAL A 1325 -60.98 21.40 15.87
CA VAL A 1325 -59.56 21.35 15.58
C VAL A 1325 -59.22 22.46 14.59
N ASP A 1326 -58.15 23.20 14.88
CA ASP A 1326 -57.69 24.23 13.95
C ASP A 1326 -57.08 23.56 12.73
N SER A 1327 -57.90 23.36 11.70
CA SER A 1327 -57.46 22.61 10.54
C SER A 1327 -56.41 23.33 9.70
N SER A 1328 -56.20 24.62 9.94
CA SER A 1328 -55.22 25.38 9.18
C SER A 1328 -53.84 25.33 9.80
N ARG A 1329 -53.63 24.60 10.89
CA ARG A 1329 -52.33 24.53 11.53
C ARG A 1329 -51.93 23.12 11.95
N THR A 1330 -52.75 22.10 11.68
CA THR A 1330 -52.38 20.74 12.02
C THR A 1330 -51.10 20.34 11.28
N TYR A 1331 -50.17 19.74 12.01
CA TYR A 1331 -48.85 19.44 11.49
C TYR A 1331 -48.46 18.02 11.84
N SER A 1332 -47.65 17.41 10.98
CA SER A 1332 -47.17 16.06 11.18
C SER A 1332 -45.67 16.00 10.94
N ASN A 1333 -45.01 15.07 11.61
CA ASN A 1333 -43.57 14.91 11.45
C ASN A 1333 -43.22 13.87 10.40
N SER A 1334 -44.20 13.29 9.72
CA SER A 1334 -43.98 12.37 8.61
C SER A 1334 -44.34 13.11 7.33
N PHE A 1335 -43.33 13.61 6.62
CA PHE A 1335 -43.58 14.44 5.45
C PHE A 1335 -44.07 13.64 4.24
N VAL A 1336 -44.05 12.31 4.29
CA VAL A 1336 -44.70 11.55 3.23
C VAL A 1336 -46.21 11.78 3.26
N GLU A 1337 -46.80 11.74 4.46
CA GLU A 1337 -48.22 12.07 4.59
C GLU A 1337 -48.49 13.52 4.24
N ILE A 1338 -47.58 14.43 4.61
CA ILE A 1338 -47.73 15.83 4.22
C ILE A 1338 -47.74 15.96 2.71
N LEU A 1339 -46.90 15.19 2.02
CA LEU A 1339 -46.91 15.22 0.56
C LEU A 1339 -48.23 14.67 0.01
N SER A 1340 -48.74 13.61 0.63
CA SER A 1340 -49.98 13.01 0.13
C SER A 1340 -51.19 13.88 0.41
N VAL A 1341 -51.12 14.78 1.38
CA VAL A 1341 -52.27 15.57 1.83
C VAL A 1341 -52.21 17.01 1.32
N LEU A 1342 -51.13 17.73 1.61
CA LEU A 1342 -51.07 19.17 1.42
C LEU A 1342 -50.30 19.61 0.18
N GLY A 1343 -49.60 18.71 -0.49
CA GLY A 1343 -48.88 19.08 -1.69
C GLY A 1343 -47.37 18.96 -1.53
N ILE A 1344 -46.66 19.71 -2.37
CA ILE A 1344 -45.21 19.58 -2.44
C ILE A 1344 -44.53 20.77 -1.75
N GLU A 1345 -45.16 21.95 -1.80
CA GLU A 1345 -44.59 23.10 -1.10
C GLU A 1345 -44.68 22.93 0.41
N ALA A 1346 -45.80 22.41 0.90
CA ALA A 1346 -45.89 22.07 2.31
C ALA A 1346 -44.88 21.01 2.68
N THR A 1347 -44.62 20.06 1.78
CA THR A 1347 -43.59 19.07 2.03
C THR A 1347 -42.22 19.72 2.16
N ARG A 1348 -41.94 20.70 1.31
CA ARG A 1348 -40.67 21.42 1.39
C ARG A 1348 -40.52 22.10 2.74
N SER A 1349 -41.56 22.81 3.18
CA SER A 1349 -41.49 23.49 4.46
C SER A 1349 -41.35 22.51 5.62
N SER A 1350 -42.10 21.41 5.59
CA SER A 1350 -42.02 20.43 6.66
C SER A 1350 -40.65 19.77 6.70
N LEU A 1351 -40.10 19.47 5.53
CA LEU A 1351 -38.77 18.86 5.47
C LEU A 1351 -37.72 19.79 6.04
N TYR A 1352 -37.80 21.07 5.70
CA TYR A 1352 -36.86 22.02 6.29
C TYR A 1352 -37.02 22.09 7.79
N LYS A 1353 -38.27 22.09 8.28
CA LYS A 1353 -38.49 22.17 9.72
C LYS A 1353 -37.91 20.96 10.43
N GLU A 1354 -38.10 19.77 9.87
CA GLU A 1354 -37.56 18.55 10.49
C GLU A 1354 -36.04 18.57 10.50
N ILE A 1355 -35.41 18.97 9.39
CA ILE A 1355 -33.95 19.01 9.35
C ILE A 1355 -33.41 20.01 10.35
N LEU A 1356 -34.01 21.20 10.42
CA LEU A 1356 -33.57 22.19 11.38
C LEU A 1356 -33.76 21.71 12.81
N ASN A 1357 -34.86 21.00 13.07
CA ASN A 1357 -35.08 20.44 14.40
C ASN A 1357 -33.99 19.45 14.77
N VAL A 1358 -33.59 18.61 13.83
CA VAL A 1358 -32.52 17.65 14.11
C VAL A 1358 -31.21 18.36 14.39
N ILE A 1359 -30.87 19.36 13.55
CA ILE A 1359 -29.57 20.00 13.67
C ILE A 1359 -29.49 20.85 14.94
N ALA A 1360 -30.53 21.61 15.24
CA ALA A 1360 -30.48 22.61 16.30
C ALA A 1360 -30.82 22.05 17.68
N PHE A 1361 -31.05 20.75 17.79
CA PHE A 1361 -31.37 20.18 19.09
C PHE A 1361 -30.22 20.35 20.07
N ASP A 1362 -28.99 20.11 19.62
CA ASP A 1362 -27.81 20.24 20.45
C ASP A 1362 -27.22 21.64 20.46
N GLY A 1363 -28.02 22.65 20.07
CA GLY A 1363 -27.57 24.02 20.09
C GLY A 1363 -26.75 24.45 18.90
N SER A 1364 -26.47 23.55 17.96
CA SER A 1364 -25.68 23.91 16.79
C SER A 1364 -26.49 24.82 15.86
N TYR A 1365 -25.77 25.56 15.02
CA TYR A 1365 -26.40 26.47 14.08
C TYR A 1365 -25.78 26.28 12.71
N VAL A 1366 -26.62 26.05 11.71
CA VAL A 1366 -26.20 25.97 10.32
C VAL A 1366 -26.98 27.01 9.54
N ASN A 1367 -26.28 27.72 8.66
CA ASN A 1367 -26.90 28.80 7.91
C ASN A 1367 -28.11 28.30 7.12
N TYR A 1368 -29.06 29.20 6.88
CA TYR A 1368 -30.33 28.79 6.27
C TYR A 1368 -30.13 28.32 4.84
N ARG A 1369 -29.24 28.97 4.09
CA ARG A 1369 -29.16 28.71 2.65
C ARG A 1369 -28.75 27.28 2.35
N HIS A 1370 -27.95 26.66 3.22
CA HIS A 1370 -27.51 25.28 2.96
C HIS A 1370 -28.67 24.31 3.07
N MET A 1371 -29.45 24.40 4.14
CA MET A 1371 -30.61 23.53 4.29
C MET A 1371 -31.67 23.84 3.24
N ALA A 1372 -31.79 25.12 2.87
CA ALA A 1372 -32.71 25.48 1.80
C ALA A 1372 -32.31 24.80 0.49
N LEU A 1373 -31.02 24.80 0.18
CA LEU A 1373 -30.56 24.12 -1.03
C LEU A 1373 -30.83 22.62 -0.96
N LEU A 1374 -30.58 22.01 0.20
CA LEU A 1374 -30.80 20.57 0.32
C LEU A 1374 -32.27 20.22 0.12
N VAL A 1375 -33.17 20.94 0.78
CA VAL A 1375 -34.59 20.60 0.65
C VAL A 1375 -35.16 21.05 -0.68
N ASP A 1376 -34.51 21.97 -1.39
CA ASP A 1376 -34.93 22.28 -2.74
C ASP A 1376 -34.48 21.20 -3.71
N VAL A 1377 -33.34 20.56 -3.44
CA VAL A 1377 -32.92 19.43 -4.27
C VAL A 1377 -33.81 18.23 -4.04
N MET A 1378 -34.17 17.96 -2.79
CA MET A 1378 -34.96 16.77 -2.50
C MET A 1378 -36.37 16.83 -3.07
N THR A 1379 -36.91 18.02 -3.32
CA THR A 1379 -38.29 18.17 -3.78
C THR A 1379 -38.40 18.90 -5.10
N SER A 1380 -37.38 18.80 -5.96
CA SER A 1380 -37.39 19.55 -7.21
C SER A 1380 -38.08 18.81 -8.33
N ARG A 1381 -38.33 17.51 -8.19
CA ARG A 1381 -38.92 16.72 -9.25
C ARG A 1381 -40.42 16.53 -9.10
N GLY A 1382 -41.04 17.19 -8.11
CA GLY A 1382 -42.43 16.98 -7.83
C GLY A 1382 -42.72 15.89 -6.82
N TYR A 1383 -41.71 15.13 -6.42
CA TYR A 1383 -41.86 14.09 -5.42
C TYR A 1383 -40.58 14.04 -4.58
N LEU A 1384 -40.68 13.36 -3.45
CA LEU A 1384 -39.54 13.26 -2.54
C LEU A 1384 -38.48 12.36 -3.14
N MET A 1385 -37.30 12.91 -3.38
CA MET A 1385 -36.17 12.17 -3.94
C MET A 1385 -35.21 11.84 -2.81
N ALA A 1386 -35.21 10.57 -2.39
CA ALA A 1386 -34.36 10.14 -1.30
C ALA A 1386 -32.89 10.25 -1.69
N ILE A 1387 -32.04 10.52 -0.69
CA ILE A 1387 -30.59 10.60 -0.93
C ILE A 1387 -30.06 9.19 -0.76
N THR A 1388 -30.26 8.38 -1.80
CA THR A 1388 -29.75 7.02 -1.90
C THR A 1388 -29.51 6.74 -3.37
N ARG A 1389 -29.09 5.51 -3.68
CA ARG A 1389 -28.91 5.15 -5.08
C ARG A 1389 -30.24 5.12 -5.82
N HIS A 1390 -31.31 4.72 -5.14
CA HIS A 1390 -32.63 4.70 -5.77
C HIS A 1390 -33.18 6.08 -6.02
N GLY A 1391 -32.62 7.12 -5.42
CA GLY A 1391 -33.05 8.47 -5.70
C GLY A 1391 -32.13 9.22 -6.64
N ILE A 1392 -30.82 9.13 -6.39
CA ILE A 1392 -29.86 9.88 -7.20
C ILE A 1392 -29.66 9.23 -8.55
N ASN A 1393 -29.48 7.91 -8.57
CA ASN A 1393 -29.16 7.22 -9.83
C ASN A 1393 -30.35 7.11 -10.78
N ARG A 1394 -31.56 7.47 -10.35
CA ARG A 1394 -32.72 7.45 -11.22
C ARG A 1394 -32.98 8.81 -11.87
N ALA A 1395 -31.92 9.60 -12.07
CA ALA A 1395 -32.02 10.88 -12.75
C ALA A 1395 -31.57 10.70 -14.21
N ASP A 1396 -31.54 11.81 -14.95
CA ASP A 1396 -31.11 11.79 -16.34
C ASP A 1396 -29.67 12.25 -16.50
N THR A 1397 -28.91 12.31 -15.42
CA THR A 1397 -27.53 12.75 -15.48
C THR A 1397 -26.68 11.75 -16.26
N GLY A 1398 -25.44 12.15 -16.54
CA GLY A 1398 -24.57 11.33 -17.35
C GLY A 1398 -24.28 9.99 -16.70
N ALA A 1399 -24.07 8.98 -17.55
CA ALA A 1399 -23.80 7.63 -17.05
C ALA A 1399 -22.50 7.59 -16.27
N LEU A 1400 -21.48 8.31 -16.75
CA LEU A 1400 -20.19 8.31 -16.05
C LEU A 1400 -20.31 8.95 -14.67
N MET A 1401 -21.11 10.00 -14.54
CA MET A 1401 -21.32 10.60 -13.23
C MET A 1401 -22.08 9.67 -12.30
N ARG A 1402 -23.09 8.98 -12.82
CA ARG A 1402 -23.91 8.12 -11.97
C ARG A 1402 -23.16 6.87 -11.54
N CYS A 1403 -22.31 6.33 -12.42
CA CYS A 1403 -21.61 5.08 -12.10
C CYS A 1403 -20.53 5.29 -11.06
N SER A 1404 -20.09 6.52 -10.85
CA SER A 1404 -19.04 6.79 -9.87
C SER A 1404 -19.55 6.73 -8.43
N PHE A 1405 -20.86 6.69 -8.22
CA PHE A 1405 -21.40 6.67 -6.87
C PHE A 1405 -21.64 5.24 -6.39
N GLU A 1406 -22.54 4.52 -7.05
CA GLU A 1406 -22.87 3.15 -6.67
C GLU A 1406 -23.41 2.43 -7.90
N GLU A 1407 -23.38 1.10 -7.83
CA GLU A 1407 -23.85 0.24 -8.92
C GLU A 1407 -23.14 0.57 -10.23
N THR A 1408 -21.81 0.52 -10.20
CA THR A 1408 -21.04 0.97 -11.35
C THR A 1408 -21.27 0.07 -12.56
N VAL A 1409 -21.11 -1.24 -12.39
CA VAL A 1409 -21.13 -2.14 -13.54
C VAL A 1409 -22.55 -2.25 -14.11
N GLU A 1410 -23.55 -2.32 -13.24
CA GLU A 1410 -24.93 -2.38 -13.71
C GLU A 1410 -25.30 -1.11 -14.47
N ILE A 1411 -24.89 0.05 -13.96
CA ILE A 1411 -25.15 1.30 -14.66
C ILE A 1411 -24.47 1.31 -16.01
N LEU A 1412 -23.23 0.80 -16.08
CA LEU A 1412 -22.52 0.81 -17.35
C LEU A 1412 -23.17 -0.12 -18.37
N PHE A 1413 -23.62 -1.30 -17.94
CA PHE A 1413 -24.36 -2.16 -18.87
C PHE A 1413 -25.66 -1.52 -19.32
N GLU A 1414 -26.40 -0.89 -18.40
CA GLU A 1414 -27.66 -0.27 -18.80
C GLU A 1414 -27.42 0.88 -19.77
N ALA A 1415 -26.34 1.64 -19.57
CA ALA A 1415 -26.00 2.71 -20.50
C ALA A 1415 -25.61 2.15 -21.86
N GLY A 1416 -24.85 1.06 -21.88
CA GLY A 1416 -24.44 0.48 -23.14
C GLY A 1416 -25.62 -0.09 -23.93
N ALA A 1417 -26.51 -0.80 -23.25
CA ALA A 1417 -27.66 -1.41 -23.92
C ALA A 1417 -28.63 -0.36 -24.44
N ALA A 1418 -28.77 0.75 -23.72
CA ALA A 1418 -29.68 1.81 -24.11
C ALA A 1418 -29.01 2.89 -24.95
N ALA A 1419 -27.71 2.73 -25.26
CA ALA A 1419 -26.97 3.69 -26.09
C ALA A 1419 -27.06 5.10 -25.51
N GLU A 1420 -26.85 5.21 -24.20
CA GLU A 1420 -26.90 6.50 -23.54
C GLU A 1420 -25.80 7.41 -24.05
N LEU A 1421 -26.09 8.71 -24.09
CA LEU A 1421 -25.11 9.72 -24.48
C LEU A 1421 -24.81 10.60 -23.29
N ASP A 1422 -23.53 10.72 -22.95
CA ASP A 1422 -23.07 11.57 -21.86
C ASP A 1422 -22.47 12.84 -22.44
N ASP A 1423 -22.98 13.99 -22.02
CA ASP A 1423 -22.55 15.26 -22.57
C ASP A 1423 -21.36 15.86 -21.84
N CYS A 1424 -20.83 15.17 -20.82
CA CYS A 1424 -19.62 15.59 -20.11
C CYS A 1424 -19.75 17.00 -19.56
N ARG A 1425 -20.93 17.33 -19.02
CA ARG A 1425 -21.16 18.62 -18.41
C ARG A 1425 -20.94 18.61 -16.90
N GLY A 1426 -20.95 17.44 -16.28
CA GLY A 1426 -20.77 17.35 -14.85
C GLY A 1426 -19.33 17.54 -14.44
N VAL A 1427 -19.11 17.48 -13.13
CA VAL A 1427 -17.76 17.65 -12.59
C VAL A 1427 -17.06 16.31 -12.46
N SER A 1428 -17.80 15.24 -12.17
CA SER A 1428 -17.17 13.91 -12.07
C SER A 1428 -16.67 13.45 -13.43
N GLU A 1429 -17.43 13.71 -14.48
CA GLU A 1429 -17.00 13.31 -15.82
C GLU A 1429 -15.70 14.00 -16.20
N ASN A 1430 -15.59 15.28 -15.91
CA ASN A 1430 -14.38 16.01 -16.26
C ASN A 1430 -13.22 15.66 -15.35
N VAL A 1431 -13.51 15.29 -14.10
CA VAL A 1431 -12.45 14.86 -13.20
C VAL A 1431 -11.85 13.53 -13.66
N MET A 1432 -12.71 12.57 -14.00
CA MET A 1432 -12.21 11.26 -14.39
C MET A 1432 -11.64 11.23 -15.80
N LEU A 1433 -11.79 12.31 -16.57
CA LEU A 1433 -11.17 12.41 -17.88
C LEU A 1433 -9.99 13.38 -17.89
N GLY A 1434 -9.59 13.89 -16.73
CA GLY A 1434 -8.46 14.79 -16.66
C GLY A 1434 -8.65 16.07 -17.43
N GLN A 1435 -9.80 16.72 -17.27
CA GLN A 1435 -10.10 17.95 -17.97
C GLN A 1435 -10.48 19.04 -16.98
N LEU A 1436 -10.46 20.28 -17.46
CA LEU A 1436 -10.83 21.42 -16.63
C LEU A 1436 -12.34 21.41 -16.43
N ALA A 1437 -12.76 21.11 -15.21
CA ALA A 1437 -14.18 21.04 -14.91
C ALA A 1437 -14.83 22.41 -15.07
N PRO A 1438 -16.10 22.46 -15.49
CA PRO A 1438 -16.80 23.75 -15.60
C PRO A 1438 -17.26 24.28 -14.25
N MET A 1439 -16.31 24.50 -13.37
CA MET A 1439 -16.56 24.94 -12.01
C MET A 1439 -15.53 25.97 -11.62
N GLY A 1440 -15.87 26.79 -10.63
CA GLY A 1440 -14.91 27.72 -10.07
C GLY A 1440 -14.14 28.52 -11.10
N THR A 1441 -12.84 28.30 -11.16
CA THR A 1441 -12.00 29.00 -12.12
C THR A 1441 -12.14 28.45 -13.53
N GLY A 1442 -12.83 27.34 -13.71
CA GLY A 1442 -13.07 26.77 -15.02
C GLY A 1442 -14.44 27.04 -15.59
N ALA A 1443 -15.19 28.00 -15.03
CA ALA A 1443 -16.54 28.29 -15.45
C ALA A 1443 -16.61 29.35 -16.54
N PHE A 1444 -15.50 29.62 -17.21
CA PHE A 1444 -15.44 30.65 -18.24
C PHE A 1444 -14.24 30.36 -19.12
N ASP A 1445 -14.00 31.24 -20.08
CA ASP A 1445 -12.87 31.11 -20.99
C ASP A 1445 -12.12 32.42 -21.05
N VAL A 1446 -10.82 32.33 -21.28
CA VAL A 1446 -9.97 33.50 -21.41
C VAL A 1446 -9.53 33.60 -22.86
N MET A 1447 -9.80 34.73 -23.48
CA MET A 1447 -9.39 35.02 -24.85
C MET A 1447 -8.30 36.09 -24.85
N ILE A 1448 -7.68 36.27 -26.01
CA ILE A 1448 -6.60 37.23 -26.16
C ILE A 1448 -7.16 38.48 -26.84
N ASP A 1449 -6.90 39.64 -26.23
CA ASP A 1449 -7.50 40.90 -26.64
C ASP A 1449 -6.60 41.56 -27.68
N GLU A 1450 -6.84 41.25 -28.96
CA GLU A 1450 -6.03 41.83 -30.03
C GLU A 1450 -6.25 43.34 -30.13
N LYS A 1451 -7.39 43.84 -29.65
CA LYS A 1451 -7.63 45.28 -29.68
C LYS A 1451 -6.75 46.00 -28.66
N LEU A 1452 -6.68 45.47 -27.43
CA LEU A 1452 -5.92 46.15 -26.40
C LEU A 1452 -4.42 46.08 -26.66
N LEU A 1453 -3.95 45.01 -27.30
CA LEU A 1453 -2.52 44.87 -27.56
C LEU A 1453 -2.02 45.89 -28.57
N THR A 1454 -2.91 46.60 -29.27
CA THR A 1454 -2.49 47.62 -30.22
C THR A 1454 -1.85 48.83 -29.56
N SER A 1455 -1.97 48.97 -28.25
CA SER A 1455 -1.34 50.08 -27.54
C SER A 1455 0.17 49.92 -27.51
N ASP B 9 -9.20 -16.22 67.60
CA ASP B 9 -8.06 -16.15 66.69
C ASP B 9 -7.58 -14.71 66.55
N ASP B 10 -7.11 -14.36 65.36
CA ASP B 10 -6.68 -13.01 65.07
C ASP B 10 -7.24 -12.59 63.71
N THR B 11 -7.41 -11.28 63.54
CA THR B 11 -8.03 -10.76 62.33
C THR B 11 -7.10 -10.92 61.13
N ILE B 12 -7.71 -10.89 59.94
CA ILE B 12 -6.99 -10.99 58.68
C ILE B 12 -6.90 -9.60 58.07
N THR B 13 -5.69 -9.17 57.77
CA THR B 13 -5.45 -7.84 57.21
C THR B 13 -5.25 -7.94 55.70
N THR B 14 -4.97 -6.79 55.08
CA THR B 14 -4.71 -6.76 53.65
C THR B 14 -3.42 -7.49 53.30
N GLU B 15 -2.41 -7.38 54.17
CA GLU B 15 -1.13 -8.03 53.88
C GLU B 15 -1.29 -9.54 53.81
N ASP B 16 -2.20 -10.11 54.59
CA ASP B 16 -2.46 -11.54 54.50
C ASP B 16 -3.13 -11.89 53.17
N CYS B 17 -4.01 -11.02 52.69
CA CYS B 17 -4.59 -11.23 51.37
C CYS B 17 -3.51 -11.24 50.30
N TRP B 18 -2.54 -10.33 50.42
CA TRP B 18 -1.46 -10.32 49.44
C TRP B 18 -0.54 -11.52 49.59
N THR B 19 -0.39 -12.04 50.80
CA THR B 19 0.34 -13.30 50.98
C THR B 19 -0.35 -14.43 50.25
N VAL B 20 -1.68 -14.51 50.35
CA VAL B 20 -2.43 -15.55 49.66
C VAL B 20 -2.29 -15.38 48.15
N ILE B 21 -2.38 -14.16 47.66
CA ILE B 21 -2.25 -13.93 46.22
C ILE B 21 -0.85 -14.31 45.75
N SER B 22 0.16 -14.03 46.57
CA SER B 22 1.52 -14.44 46.24
C SER B 22 1.62 -15.96 46.14
N ALA B 23 0.96 -16.67 47.05
CA ALA B 23 0.94 -18.14 46.95
C ALA B 23 0.28 -18.58 45.66
N PHE B 24 -0.84 -17.95 45.30
CA PHE B 24 -1.51 -18.28 44.04
C PHE B 24 -0.57 -18.15 42.86
N PHE B 25 0.12 -17.01 42.77
CA PHE B 25 0.99 -16.79 41.62
C PHE B 25 2.23 -17.65 41.68
N GLU B 26 2.64 -18.06 42.87
CA GLU B 26 3.78 -18.98 42.98
C GLU B 26 3.42 -20.35 42.43
N GLU B 27 2.19 -20.82 42.67
CA GLU B 27 1.82 -22.12 42.12
C GLU B 27 1.42 -22.02 40.66
N LYS B 28 0.43 -21.19 40.34
CA LYS B 28 -0.16 -21.19 39.00
C LYS B 28 0.76 -20.55 37.98
N GLY B 29 1.10 -19.29 38.17
CA GLY B 29 1.76 -18.49 37.16
C GLY B 29 0.76 -17.69 36.36
N LEU B 30 1.27 -16.99 35.35
CA LEU B 30 0.44 -16.10 34.55
C LEU B 30 -0.08 -16.73 33.26
N VAL B 31 0.57 -17.78 32.76
CA VAL B 31 0.13 -18.40 31.52
C VAL B 31 -0.19 -19.87 31.77
N SER B 32 -0.67 -20.18 32.98
CA SER B 32 -0.90 -21.57 33.34
C SER B 32 -2.01 -22.19 32.50
N GLN B 33 -2.96 -21.38 32.03
CA GLN B 33 -4.09 -21.94 31.28
C GLN B 33 -3.65 -22.48 29.93
N GLN B 34 -2.76 -21.77 29.23
CA GLN B 34 -2.25 -22.24 27.95
C GLN B 34 -1.53 -23.57 28.12
N LEU B 35 -0.61 -23.63 29.08
CA LEU B 35 0.18 -24.84 29.29
C LEU B 35 -0.69 -26.00 29.74
N ASP B 36 -1.66 -25.73 30.62
CA ASP B 36 -2.54 -26.80 31.08
C ASP B 36 -3.38 -27.35 29.94
N SER B 37 -3.92 -26.47 29.10
CA SER B 37 -4.72 -26.92 27.98
C SER B 37 -3.89 -27.75 27.01
N PHE B 38 -2.65 -27.31 26.72
CA PHE B 38 -1.83 -28.08 25.80
C PHE B 38 -1.43 -29.43 26.39
N ASP B 39 -1.11 -29.46 27.69
CA ASP B 39 -0.77 -30.73 28.32
C ASP B 39 -1.94 -31.69 28.28
N GLU B 40 -3.16 -31.18 28.51
CA GLU B 40 -4.34 -32.02 28.39
C GLU B 40 -4.51 -32.54 26.98
N PHE B 41 -4.27 -31.69 25.98
CA PHE B 41 -4.41 -32.14 24.59
C PHE B 41 -3.43 -33.23 24.26
N MET B 42 -2.17 -33.08 24.67
CA MET B 42 -1.16 -34.06 24.30
C MET B 42 -1.33 -35.35 25.07
N GLU B 43 -1.65 -35.27 26.37
CA GLU B 43 -1.67 -36.46 27.20
C GLU B 43 -2.81 -37.40 26.79
N THR B 44 -4.02 -36.88 26.67
CA THR B 44 -5.19 -37.72 26.49
C THR B 44 -5.99 -37.44 25.23
N SER B 45 -5.99 -36.21 24.73
CA SER B 45 -6.91 -35.86 23.66
C SER B 45 -6.55 -36.54 22.35
N ILE B 46 -5.25 -36.66 22.05
CA ILE B 46 -4.84 -37.29 20.80
C ILE B 46 -5.28 -38.75 20.75
N GLN B 47 -5.07 -39.46 21.85
CA GLN B 47 -5.44 -40.87 21.90
C GLN B 47 -6.94 -41.05 21.70
N ASP B 48 -7.75 -40.20 22.32
CA ASP B 48 -9.20 -40.30 22.16
C ASP B 48 -9.63 -39.93 20.76
N LEU B 49 -8.97 -38.94 20.16
CA LEU B 49 -9.28 -38.60 18.76
C LEU B 49 -9.00 -39.78 17.85
N VAL B 50 -7.91 -40.50 18.11
CA VAL B 50 -7.58 -41.68 17.31
C VAL B 50 -8.61 -42.78 17.54
N TRP B 51 -8.98 -43.02 18.78
CA TRP B 51 -9.91 -44.10 19.11
C TRP B 51 -11.36 -43.76 18.77
N GLU B 52 -11.65 -42.52 18.38
CA GLU B 52 -13.00 -42.19 17.94
C GLU B 52 -13.43 -43.06 16.76
N GLU B 53 -12.52 -43.33 15.84
CA GLU B 53 -12.77 -44.23 14.71
C GLU B 53 -11.66 -45.28 14.70
N PRO B 54 -11.75 -46.30 15.54
CA PRO B 54 -10.63 -47.22 15.74
C PRO B 54 -10.52 -48.34 14.72
N ARG B 55 -11.37 -48.39 13.69
CA ARG B 55 -11.34 -49.50 12.76
C ARG B 55 -11.56 -49.04 11.33
N LEU B 56 -10.69 -49.50 10.43
CA LEU B 56 -10.89 -49.41 8.99
C LEU B 56 -11.10 -50.80 8.46
N ILE B 57 -12.25 -51.04 7.80
CA ILE B 57 -12.66 -52.37 7.42
C ILE B 57 -12.85 -52.43 5.90
N LEU B 58 -12.21 -53.39 5.25
CA LEU B 58 -12.49 -53.77 3.89
C LEU B 58 -12.84 -55.25 3.82
N ASP B 59 -13.85 -55.55 3.01
CA ASP B 59 -14.33 -56.92 2.83
C ASP B 59 -14.41 -57.21 1.34
N GLN B 60 -14.32 -58.50 1.01
CA GLN B 60 -14.37 -58.89 -0.39
C GLN B 60 -14.89 -60.31 -0.53
N PRO B 61 -16.06 -60.51 -1.12
CA PRO B 61 -16.59 -61.85 -1.39
C PRO B 61 -16.02 -62.43 -2.70
N ALA B 62 -14.81 -62.96 -2.59
CA ALA B 62 -14.09 -63.41 -3.78
C ALA B 62 -14.78 -64.60 -4.44
N GLN B 63 -15.14 -64.44 -5.72
CA GLN B 63 -15.62 -65.53 -6.56
C GLN B 63 -14.94 -65.34 -7.92
N HIS B 64 -13.74 -65.91 -8.06
CA HIS B 64 -12.93 -65.69 -9.25
C HIS B 64 -11.76 -66.68 -9.30
N ASP B 69 -16.59 -71.04 -5.22
CA ASP B 69 -15.39 -70.62 -4.50
C ASP B 69 -15.65 -69.36 -3.68
N ASN B 70 -16.78 -69.34 -2.98
CA ASN B 70 -17.18 -68.18 -2.19
C ASN B 70 -16.22 -68.00 -1.03
N ILE B 71 -15.33 -67.01 -1.14
CA ILE B 71 -14.32 -66.74 -0.12
C ILE B 71 -14.51 -65.29 0.31
N ASN B 72 -15.22 -65.09 1.43
CA ASN B 72 -15.43 -63.75 1.97
C ASN B 72 -14.22 -63.38 2.83
N LYS B 73 -13.39 -62.48 2.32
CA LYS B 73 -12.20 -62.02 3.02
C LYS B 73 -12.46 -60.61 3.54
N ARG B 74 -12.23 -60.41 4.84
CA ARG B 74 -12.33 -59.10 5.47
C ARG B 74 -10.95 -58.64 5.88
N TYR B 75 -10.55 -57.47 5.39
CA TYR B 75 -9.27 -56.85 5.73
C TYR B 75 -9.55 -55.66 6.64
N GLU B 76 -9.13 -55.76 7.89
CA GLU B 76 -9.39 -54.75 8.90
C GLU B 76 -8.09 -54.35 9.59
N ILE B 77 -7.90 -53.04 9.79
CA ILE B 77 -6.75 -52.51 10.49
C ILE B 77 -7.23 -51.69 11.67
N ARG B 78 -6.58 -51.88 12.82
CA ARG B 78 -6.96 -51.20 14.05
C ARG B 78 -5.85 -50.25 14.49
N PHE B 79 -6.26 -49.15 15.12
CA PHE B 79 -5.34 -48.16 15.64
C PHE B 79 -5.09 -48.40 17.12
N GLY B 80 -3.83 -48.43 17.52
CA GLY B 80 -3.49 -48.72 18.90
C GLY B 80 -3.02 -47.52 19.69
N LYS B 81 -1.94 -47.71 20.46
CA LYS B 81 -1.45 -46.66 21.34
C LYS B 81 -0.87 -45.50 20.55
N ILE B 82 -0.74 -44.37 21.22
CA ILE B 82 -0.02 -43.20 20.72
C ILE B 82 1.30 -43.11 21.45
N TYR B 83 2.38 -43.01 20.69
CA TYR B 83 3.70 -42.81 21.25
C TYR B 83 4.21 -41.44 20.86
N LEU B 84 4.61 -40.65 21.85
CA LEU B 84 5.16 -39.33 21.63
C LEU B 84 6.63 -39.32 22.02
N SER B 85 7.36 -38.35 21.49
CA SER B 85 8.77 -38.22 21.77
C SER B 85 9.11 -36.75 22.00
N ARG B 86 10.29 -36.51 22.53
CA ARG B 86 10.79 -35.15 22.64
C ARG B 86 11.08 -34.61 21.25
N PRO B 87 10.99 -33.30 21.06
CA PRO B 87 11.27 -32.71 19.74
C PRO B 87 12.67 -33.06 19.27
N THR B 88 12.79 -33.35 17.98
CA THR B 88 14.02 -33.84 17.40
C THR B 88 14.23 -33.18 16.04
N MET B 89 15.49 -32.93 15.70
CA MET B 89 15.87 -32.30 14.44
C MET B 89 16.62 -33.31 13.59
N THR B 90 16.18 -33.47 12.34
CA THR B 90 16.81 -34.39 11.40
C THR B 90 17.47 -33.58 10.30
N GLU B 91 18.79 -33.56 10.29
CA GLU B 91 19.54 -32.78 9.32
C GLU B 91 19.44 -33.42 7.93
N ALA B 92 19.93 -32.67 6.93
CA ALA B 92 19.92 -33.18 5.57
C ALA B 92 20.83 -34.39 5.41
N ASP B 93 21.98 -34.38 6.09
CA ASP B 93 22.92 -35.49 5.98
C ASP B 93 22.35 -36.79 6.54
N GLY B 94 21.44 -36.70 7.50
CA GLY B 94 20.79 -37.87 8.04
C GLY B 94 20.83 -37.98 9.55
N THR B 95 21.80 -37.32 10.18
CA THR B 95 21.92 -37.37 11.63
C THR B 95 20.74 -36.67 12.30
N THR B 96 20.28 -37.25 13.41
CA THR B 96 19.20 -36.68 14.20
C THR B 96 19.68 -36.40 15.61
N HIS B 97 19.24 -35.28 16.17
CA HIS B 97 19.68 -34.86 17.48
C HIS B 97 18.56 -34.10 18.17
N ALA B 98 18.66 -34.00 19.50
CA ALA B 98 17.69 -33.23 20.26
C ALA B 98 17.73 -31.77 19.85
N MET B 99 16.57 -31.13 19.86
CA MET B 99 16.43 -29.76 19.41
C MET B 99 15.93 -28.90 20.56
N PHE B 100 16.52 -27.72 20.71
CA PHE B 100 16.10 -26.78 21.72
C PHE B 100 15.58 -25.51 21.06
N PRO B 101 14.69 -24.78 21.73
CA PRO B 101 13.97 -23.70 21.03
C PRO B 101 14.86 -22.63 20.45
N GLN B 102 16.00 -22.32 21.08
CA GLN B 102 16.86 -21.27 20.54
C GLN B 102 17.41 -21.65 19.18
N GLU B 103 17.81 -22.91 19.01
CA GLU B 103 18.28 -23.37 17.71
C GLU B 103 17.17 -23.29 16.66
N ALA B 104 15.95 -23.64 17.04
CA ALA B 104 14.83 -23.55 16.11
C ALA B 104 14.59 -22.10 15.70
N ARG B 105 14.68 -21.17 16.66
CA ARG B 105 14.50 -19.77 16.33
C ARG B 105 15.59 -19.26 15.40
N LEU B 106 16.84 -19.64 15.66
CA LEU B 106 17.95 -19.12 14.88
C LEU B 106 17.95 -19.69 13.46
N ARG B 107 17.58 -20.95 13.31
CA ARG B 107 17.66 -21.65 12.04
C ARG B 107 16.33 -21.71 11.31
N ASN B 108 15.31 -21.01 11.80
CA ASN B 108 13.98 -20.99 11.18
C ASN B 108 13.41 -22.40 11.04
N LEU B 109 13.59 -23.21 12.06
CA LEU B 109 13.00 -24.54 12.10
C LEU B 109 11.63 -24.47 12.77
N THR B 110 11.02 -25.62 12.99
CA THR B 110 9.75 -25.72 13.71
C THR B 110 9.96 -26.65 14.89
N TYR B 111 9.60 -26.19 16.07
CA TYR B 111 9.75 -26.96 17.31
C TYR B 111 8.58 -27.92 17.40
N SER B 112 8.75 -29.12 16.87
CA SER B 112 7.70 -30.13 16.83
C SER B 112 8.28 -31.49 17.16
N SER B 113 7.39 -32.41 17.49
CA SER B 113 7.81 -33.75 17.88
C SER B 113 7.03 -34.80 17.10
N PRO B 114 7.68 -35.91 16.75
CA PRO B 114 6.98 -36.96 16.00
C PRO B 114 5.91 -37.64 16.84
N VAL B 115 4.90 -38.15 16.16
CA VAL B 115 3.82 -38.91 16.77
C VAL B 115 3.76 -40.28 16.11
N TYR B 116 3.82 -41.33 16.92
CA TYR B 116 3.82 -42.70 16.44
C TYR B 116 2.53 -43.40 16.85
N LEU B 117 1.96 -44.16 15.92
CA LEU B 117 0.71 -44.86 16.14
C LEU B 117 0.90 -46.34 15.87
N ASP B 118 0.32 -47.19 16.70
CA ASP B 118 0.35 -48.63 16.50
C ASP B 118 -0.83 -49.03 15.62
N MET B 119 -0.56 -49.66 14.49
CA MET B 119 -1.59 -50.16 13.60
C MET B 119 -1.50 -51.67 13.55
N GLU B 120 -2.62 -52.34 13.83
CA GLU B 120 -2.69 -53.79 13.81
C GLU B 120 -3.59 -54.22 12.66
N LYS B 121 -3.06 -55.06 11.77
CA LYS B 121 -3.77 -55.50 10.58
C LYS B 121 -4.28 -56.92 10.78
N SER B 122 -5.54 -57.15 10.45
CA SER B 122 -6.17 -58.44 10.60
C SER B 122 -6.75 -58.88 9.25
N MET B 123 -6.64 -60.18 8.97
CA MET B 123 -7.11 -60.78 7.73
C MET B 123 -8.20 -61.79 8.07
N PHE B 124 -9.43 -61.32 8.18
CA PHE B 124 -10.55 -62.22 8.43
C PHE B 124 -10.94 -62.94 7.15
N THR B 125 -11.11 -64.26 7.26
CA THR B 125 -11.42 -65.10 6.10
C THR B 125 -12.52 -66.08 6.49
N SER B 126 -13.65 -66.03 5.80
CA SER B 126 -14.73 -66.99 5.96
C SER B 126 -15.20 -67.41 4.59
N ILE B 127 -15.24 -68.73 4.35
CA ILE B 127 -15.70 -69.27 3.08
C ILE B 127 -17.18 -69.57 3.21
N ASP B 128 -18.01 -68.71 2.63
CA ASP B 128 -19.46 -68.82 2.73
C ASP B 128 -20.17 -67.96 1.70
N GLY B 153 2.94 -54.81 11.80
CA GLY B 153 2.27 -53.67 12.39
C GLY B 153 2.92 -53.20 13.68
N ASN B 154 3.51 -52.01 13.63
CA ASN B 154 4.24 -51.45 14.75
C ASN B 154 4.09 -49.94 14.70
N LYS B 155 4.99 -49.23 15.37
CA LYS B 155 4.89 -47.79 15.54
C LYS B 155 5.10 -47.11 14.19
N VAL B 156 4.02 -46.79 13.51
CA VAL B 156 4.08 -46.08 12.24
C VAL B 156 4.00 -44.59 12.51
N HIS B 157 4.78 -43.81 11.77
CA HIS B 157 4.90 -42.38 12.01
C HIS B 157 3.83 -41.64 11.21
N ILE B 158 2.96 -40.92 11.91
CA ILE B 158 1.82 -40.28 11.28
C ILE B 158 1.97 -38.77 11.14
N GLY B 159 2.92 -38.16 11.81
CA GLY B 159 3.12 -36.73 11.67
C GLY B 159 3.90 -36.15 12.83
N LYS B 160 4.09 -34.84 12.76
CA LYS B 160 4.83 -34.10 13.78
C LYS B 160 3.96 -32.99 14.34
N VAL B 161 3.77 -32.99 15.65
CA VAL B 161 2.91 -32.02 16.32
C VAL B 161 3.79 -30.94 16.93
N PRO B 162 3.55 -29.67 16.64
CA PRO B 162 4.33 -28.61 17.29
C PRO B 162 4.14 -28.63 18.80
N ILE B 163 5.19 -28.27 19.52
CA ILE B 163 5.23 -28.36 20.97
C ILE B 163 5.21 -26.94 21.54
N MET B 164 4.29 -26.71 22.47
CA MET B 164 4.23 -25.44 23.19
C MET B 164 5.39 -25.35 24.17
N LEU B 165 6.04 -24.20 24.20
CA LEU B 165 7.23 -24.03 25.03
C LEU B 165 6.86 -24.04 26.52
N ARG B 166 7.76 -24.62 27.32
CA ARG B 166 7.62 -24.78 28.75
C ARG B 166 6.48 -25.70 29.15
N SER B 167 5.88 -26.41 28.20
CA SER B 167 4.85 -27.38 28.53
C SER B 167 5.51 -28.69 28.95
N LYS B 168 4.70 -29.72 29.20
CA LYS B 168 5.24 -30.95 29.75
C LYS B 168 6.16 -31.68 28.77
N PHE B 169 5.96 -31.47 27.47
CA PHE B 169 6.74 -32.16 26.46
C PHE B 169 7.85 -31.28 25.88
N CYS B 170 8.10 -30.12 26.47
CA CYS B 170 9.16 -29.25 26.03
C CYS B 170 10.47 -29.64 26.69
N SER B 171 11.58 -29.38 26.00
CA SER B 171 12.88 -29.73 26.55
C SER B 171 13.30 -28.80 27.69
N LEU B 172 12.64 -27.66 27.84
CA LEU B 172 12.97 -26.69 28.88
C LEU B 172 12.19 -26.89 30.16
N ARG B 173 11.29 -27.87 30.21
CA ARG B 173 10.56 -28.13 31.46
C ARG B 173 11.51 -28.53 32.58
N THR B 174 12.50 -29.35 32.25
CA THR B 174 13.62 -29.65 33.11
C THR B 174 14.68 -28.55 32.92
N LEU B 175 15.92 -28.85 33.31
CA LEU B 175 17.13 -28.05 33.10
C LEU B 175 17.39 -26.98 34.16
N ASP B 176 16.51 -26.80 35.14
CA ASP B 176 16.81 -25.93 36.27
C ASP B 176 17.13 -24.50 35.82
N GLU B 177 17.78 -23.73 36.68
CA GLU B 177 18.08 -22.33 36.36
C GLU B 177 19.41 -22.19 35.63
N VAL B 178 20.43 -22.93 36.05
CA VAL B 178 21.77 -22.74 35.50
C VAL B 178 21.81 -23.16 34.04
N ASP B 179 21.29 -24.33 33.72
CA ASP B 179 21.34 -24.81 32.35
C ASP B 179 20.47 -23.99 31.42
N LEU B 180 19.50 -23.26 31.97
CA LEU B 180 18.68 -22.38 31.14
C LEU B 180 19.50 -21.25 30.55
N TYR B 181 20.58 -20.86 31.24
CA TYR B 181 21.47 -19.84 30.70
C TYR B 181 22.40 -20.38 29.62
N LYS B 182 22.86 -21.64 29.79
CA LYS B 182 23.74 -22.23 28.79
C LYS B 182 23.03 -22.45 27.48
N MET B 183 21.72 -22.69 27.50
CA MET B 183 20.93 -22.85 26.30
C MET B 183 20.48 -21.52 25.71
N LYS B 184 20.97 -20.40 26.24
CA LYS B 184 20.62 -19.07 25.76
C LYS B 184 19.12 -18.81 25.83
N GLU B 185 18.50 -19.27 26.92
CA GLU B 185 17.09 -19.03 27.17
C GLU B 185 16.96 -18.07 28.35
N CYS B 186 16.07 -17.11 28.22
CA CYS B 186 15.85 -16.17 29.29
C CYS B 186 15.04 -16.84 30.40
N PRO B 187 15.50 -16.80 31.65
CA PRO B 187 14.69 -17.36 32.74
C PRO B 187 13.37 -16.64 32.94
N TYR B 188 13.27 -15.40 32.49
CA TYR B 188 12.02 -14.66 32.60
C TYR B 188 10.99 -15.05 31.54
N ASP B 189 11.41 -15.76 30.49
CA ASP B 189 10.48 -16.21 29.49
C ASP B 189 9.50 -17.20 30.11
N MET B 190 8.23 -17.07 29.76
CA MET B 190 7.17 -17.81 30.40
C MET B 190 6.62 -18.95 29.54
N GLY B 191 7.01 -19.05 28.28
CA GLY B 191 6.47 -20.10 27.45
C GLY B 191 5.07 -19.78 26.98
N GLY B 192 4.31 -20.82 26.65
CA GLY B 192 2.95 -20.65 26.20
C GLY B 192 2.78 -20.32 24.74
N TYR B 193 3.83 -20.43 23.93
CA TYR B 193 3.73 -20.14 22.51
C TYR B 193 4.46 -21.22 21.73
N PHE B 194 4.14 -21.31 20.44
CA PHE B 194 4.78 -22.26 19.54
C PHE B 194 5.84 -21.54 18.72
N VAL B 195 6.73 -22.33 18.13
CA VAL B 195 7.76 -21.82 17.23
C VAL B 195 7.58 -22.51 15.89
N ILE B 196 6.96 -21.82 14.93
CA ILE B 196 6.76 -22.34 13.58
C ILE B 196 7.62 -21.54 12.64
N ASN B 197 8.55 -22.22 11.95
CA ASN B 197 9.46 -21.58 11.01
C ASN B 197 10.25 -20.46 11.67
N GLY B 198 10.67 -20.66 12.91
CA GLY B 198 11.46 -19.69 13.62
C GLY B 198 10.69 -18.51 14.16
N SER B 199 9.39 -18.45 13.94
CA SER B 199 8.56 -17.36 14.41
C SER B 199 7.68 -17.84 15.54
N GLU B 200 7.52 -17.00 16.56
CA GLU B 200 6.76 -17.36 17.75
C GLU B 200 5.30 -17.02 17.54
N LYS B 201 4.44 -18.05 17.57
CA LYS B 201 3.02 -17.90 17.35
C LYS B 201 2.28 -18.18 18.64
N VAL B 202 1.22 -17.41 18.90
CA VAL B 202 0.41 -17.57 20.09
C VAL B 202 -1.02 -17.87 19.66
N LEU B 203 -1.66 -18.81 20.34
CA LEU B 203 -3.04 -19.19 20.04
C LEU B 203 -3.98 -18.31 20.87
N ILE B 204 -4.80 -17.53 20.19
CA ILE B 204 -5.75 -16.66 20.85
C ILE B 204 -7.00 -17.46 21.20
N ALA B 205 -7.40 -17.42 22.47
CA ALA B 205 -8.57 -18.15 22.90
C ALA B 205 -9.82 -17.61 22.21
N GLN B 206 -10.69 -18.52 21.79
CA GLN B 206 -11.88 -18.17 21.03
C GLN B 206 -13.11 -18.40 21.88
N GLU B 207 -13.96 -17.38 21.97
CA GLU B 207 -15.15 -17.44 22.80
C GLU B 207 -16.34 -17.91 21.98
N ARG B 208 -17.11 -18.83 22.54
CA ARG B 208 -18.27 -19.41 21.86
C ARG B 208 -19.39 -19.61 22.87
N SER B 209 -20.59 -19.76 22.36
CA SER B 209 -21.74 -20.01 23.22
C SER B 209 -21.68 -21.43 23.76
N ALA B 210 -22.10 -21.61 25.00
CA ALA B 210 -22.10 -22.93 25.62
C ALA B 210 -23.10 -23.84 24.90
N ALA B 211 -22.80 -25.14 24.93
CA ALA B 211 -23.66 -26.14 24.34
C ALA B 211 -24.49 -26.83 25.41
N ASN B 212 -25.49 -27.60 24.96
CA ASN B 212 -26.34 -28.39 25.83
C ASN B 212 -27.17 -27.53 26.77
N ILE B 213 -27.48 -26.31 26.38
CA ILE B 213 -28.33 -25.42 27.17
C ILE B 213 -29.44 -24.89 26.29
N VAL B 214 -30.62 -24.75 26.85
CA VAL B 214 -31.80 -24.30 26.12
C VAL B 214 -31.82 -22.78 26.15
N GLN B 215 -31.88 -22.16 24.98
CA GLN B 215 -31.95 -20.71 24.85
C GLN B 215 -33.27 -20.34 24.20
N VAL B 216 -34.03 -19.47 24.86
CA VAL B 216 -35.34 -19.04 24.37
C VAL B 216 -35.22 -17.59 23.94
N PHE B 217 -35.61 -17.31 22.69
CA PHE B 217 -35.47 -16.00 22.11
C PHE B 217 -36.80 -15.53 21.54
N LYS B 218 -36.99 -14.22 21.53
CA LYS B 218 -38.18 -13.61 20.95
C LYS B 218 -37.83 -13.09 19.56
N LYS B 219 -38.51 -13.62 18.56
CA LYS B 219 -38.29 -13.17 17.19
C LYS B 219 -39.00 -11.85 16.95
N ALA B 220 -38.51 -11.10 15.95
CA ALA B 220 -39.08 -9.81 15.63
C ALA B 220 -40.45 -9.96 14.98
N ALA B 221 -41.19 -8.84 14.93
CA ALA B 221 -42.56 -8.87 14.44
C ALA B 221 -42.69 -9.36 13.00
N PRO B 222 -41.90 -8.88 12.02
CA PRO B 222 -42.13 -9.33 10.63
C PRO B 222 -41.76 -10.78 10.41
N SER B 223 -42.47 -11.68 11.09
CA SER B 223 -42.23 -13.11 10.98
C SER B 223 -43.37 -13.89 11.62
N PRO B 224 -43.77 -15.03 11.05
CA PRO B 224 -44.80 -15.85 11.71
C PRO B 224 -44.35 -16.42 13.05
N ILE B 225 -43.06 -16.46 13.32
CA ILE B 225 -42.52 -17.01 14.56
C ILE B 225 -42.42 -15.89 15.58
N SER B 226 -42.93 -16.14 16.79
CA SER B 226 -42.86 -15.18 17.88
C SER B 226 -41.77 -15.53 18.88
N HIS B 227 -41.66 -16.81 19.25
CA HIS B 227 -40.64 -17.27 20.18
C HIS B 227 -39.95 -18.50 19.61
N VAL B 228 -38.67 -18.64 19.92
CA VAL B 228 -37.86 -19.76 19.45
C VAL B 228 -37.14 -20.36 20.64
N ALA B 229 -37.15 -21.68 20.72
CA ALA B 229 -36.34 -22.43 21.68
C ALA B 229 -35.22 -23.13 20.94
N GLU B 230 -33.99 -22.85 21.32
CA GLU B 230 -32.81 -23.30 20.60
C GLU B 230 -31.96 -24.17 21.51
N ILE B 231 -31.35 -25.20 20.94
CA ILE B 231 -30.37 -26.01 21.66
C ILE B 231 -29.39 -26.59 20.66
N ARG B 232 -28.11 -26.55 21.01
CA ARG B 232 -27.05 -27.17 20.23
C ARG B 232 -26.44 -28.29 21.07
N SER B 233 -26.30 -29.46 20.47
CA SER B 233 -25.87 -30.65 21.20
C SER B 233 -24.39 -30.92 20.95
N ALA B 234 -23.74 -31.51 21.94
CA ALA B 234 -22.32 -31.84 21.85
C ALA B 234 -22.01 -33.00 22.77
N LEU B 235 -21.40 -34.04 22.22
CA LEU B 235 -21.03 -35.19 23.02
C LEU B 235 -19.97 -34.81 24.05
N GLU B 236 -20.07 -35.44 25.22
CA GLU B 236 -19.11 -35.17 26.29
C GLU B 236 -17.69 -35.55 25.87
N LYS B 237 -17.54 -36.70 25.24
CA LYS B 237 -16.23 -37.16 24.78
C LYS B 237 -15.86 -36.41 23.51
N GLY B 238 -14.92 -35.48 23.62
CA GLY B 238 -14.47 -34.66 22.52
C GLY B 238 -15.05 -33.27 22.49
N SER B 239 -16.22 -33.07 23.11
CA SER B 239 -16.87 -31.76 23.20
C SER B 239 -17.02 -31.12 21.83
N ARG B 240 -17.45 -31.92 20.84
CA ARG B 240 -17.61 -31.46 19.48
C ARG B 240 -19.08 -31.24 19.16
N LEU B 241 -19.36 -30.16 18.43
CA LEU B 241 -20.72 -29.87 18.00
C LEU B 241 -21.22 -30.96 17.07
N ILE B 242 -22.43 -31.44 17.31
CA ILE B 242 -23.03 -32.53 16.53
C ILE B 242 -24.22 -32.03 15.72
N SER B 243 -25.26 -31.53 16.39
CA SER B 243 -26.46 -31.11 15.70
C SER B 243 -27.15 -30.01 16.50
N THR B 244 -28.01 -29.27 15.81
CA THR B 244 -28.79 -28.21 16.41
C THR B 244 -30.28 -28.49 16.20
N MET B 245 -31.09 -28.08 17.17
CA MET B 245 -32.52 -28.32 17.13
C MET B 245 -33.26 -27.06 17.53
N GLN B 246 -34.42 -26.84 16.90
CA GLN B 246 -35.23 -25.68 17.20
C GLN B 246 -36.67 -26.11 17.42
N ILE B 247 -37.39 -25.32 18.22
CA ILE B 247 -38.81 -25.49 18.45
C ILE B 247 -39.45 -24.12 18.31
N LYS B 248 -39.99 -23.83 17.14
CA LYS B 248 -40.57 -22.52 16.85
C LYS B 248 -42.03 -22.48 17.26
N LEU B 249 -42.47 -21.31 17.72
CA LEU B 249 -43.86 -21.08 18.09
C LEU B 249 -44.45 -20.13 17.05
N TYR B 250 -45.26 -20.68 16.16
CA TYR B 250 -45.87 -19.87 15.11
C TYR B 250 -47.10 -19.13 15.63
N GLY B 251 -47.48 -18.10 14.89
CA GLY B 251 -48.65 -17.33 15.25
C GLY B 251 -48.33 -16.12 16.10
N ARG B 252 -48.58 -14.93 15.55
CA ARG B 252 -48.36 -13.69 16.28
C ARG B 252 -49.53 -13.43 17.23
N GLU B 253 -49.43 -12.36 18.01
CA GLU B 253 -50.51 -11.97 18.92
C GLU B 253 -51.76 -11.63 18.12
N ASP B 254 -52.82 -12.40 18.35
CA ASP B 254 -54.10 -12.24 17.64
C ASP B 254 -53.92 -12.34 16.12
N LYS B 255 -53.03 -13.23 15.68
CA LYS B 255 -52.78 -13.41 14.26
C LYS B 255 -52.30 -14.84 14.02
N GLY B 256 -52.58 -15.36 12.83
CA GLY B 256 -52.21 -16.71 12.50
C GLY B 256 -53.12 -17.77 13.04
N THR B 257 -54.37 -17.41 13.37
CA THR B 257 -55.35 -18.34 13.95
C THR B 257 -54.78 -19.02 15.20
N GLY B 258 -54.63 -20.34 15.14
CA GLY B 258 -54.06 -21.05 16.26
C GLY B 258 -52.57 -20.80 16.41
N ARG B 259 -52.09 -20.93 17.65
CA ARG B 259 -50.67 -20.76 17.94
C ARG B 259 -50.00 -22.12 17.99
N THR B 260 -49.81 -22.69 16.80
CA THR B 260 -49.23 -24.01 16.68
C THR B 260 -47.73 -23.96 16.97
N ILE B 261 -47.20 -25.11 17.40
CA ILE B 261 -45.79 -25.27 17.73
C ILE B 261 -45.20 -26.33 16.80
N LYS B 262 -44.25 -25.93 15.98
CA LYS B 262 -43.61 -26.82 15.03
C LYS B 262 -42.14 -26.98 15.41
N ALA B 263 -41.70 -28.23 15.53
CA ALA B 263 -40.32 -28.55 15.86
C ALA B 263 -39.52 -28.79 14.59
N THR B 264 -38.23 -28.46 14.66
CA THR B 264 -37.31 -28.63 13.54
C THR B 264 -36.31 -29.71 13.90
N LEU B 265 -36.21 -30.73 13.05
CA LEU B 265 -35.32 -31.84 13.31
C LEU B 265 -34.19 -31.88 12.28
N PRO B 266 -33.03 -32.42 12.64
CA PRO B 266 -31.94 -32.52 11.66
C PRO B 266 -32.29 -33.48 10.54
N TYR B 267 -31.75 -33.19 9.35
CA TYR B 267 -31.98 -33.99 8.15
C TYR B 267 -33.47 -34.16 7.89
N VAL B 268 -34.24 -33.11 8.11
CA VAL B 268 -35.67 -33.09 7.79
C VAL B 268 -35.97 -31.76 7.11
N LYS B 269 -36.63 -31.83 5.96
CA LYS B 269 -36.79 -30.65 5.13
C LYS B 269 -37.78 -29.65 5.72
N GLN B 270 -38.85 -30.13 6.34
CA GLN B 270 -39.94 -29.27 6.77
C GLN B 270 -40.19 -29.40 8.26
N ASP B 271 -40.77 -28.35 8.83
CA ASP B 271 -41.10 -28.34 10.25
C ASP B 271 -42.22 -29.33 10.54
N ILE B 272 -42.23 -29.83 11.77
CA ILE B 272 -43.18 -30.86 12.18
C ILE B 272 -43.85 -30.45 13.48
N PRO B 273 -45.18 -30.57 13.60
CA PRO B 273 -45.85 -30.22 14.86
C PRO B 273 -45.38 -31.11 16.00
N ILE B 274 -45.40 -30.55 17.21
CA ILE B 274 -44.78 -31.21 18.35
C ILE B 274 -45.52 -32.48 18.75
N VAL B 275 -46.84 -32.51 18.56
CA VAL B 275 -47.61 -33.69 18.94
C VAL B 275 -47.17 -34.89 18.13
N ILE B 276 -46.89 -34.67 16.85
CA ILE B 276 -46.47 -35.75 15.97
C ILE B 276 -45.14 -36.33 16.41
N VAL B 277 -44.17 -35.48 16.76
CA VAL B 277 -42.89 -36.00 17.18
C VAL B 277 -43.01 -36.69 18.54
N PHE B 278 -43.87 -36.17 19.42
CA PHE B 278 -44.10 -36.84 20.69
C PHE B 278 -44.63 -38.25 20.48
N ARG B 279 -45.62 -38.40 19.60
CA ARG B 279 -46.14 -39.73 19.30
C ARG B 279 -45.10 -40.58 18.60
N ALA B 280 -44.22 -39.96 17.80
CA ALA B 280 -43.15 -40.70 17.15
C ALA B 280 -42.19 -41.30 18.17
N LEU B 281 -41.87 -40.57 19.23
CA LEU B 281 -41.04 -41.14 20.29
C LEU B 281 -41.74 -42.30 21.00
N GLY B 282 -43.06 -42.37 20.96
CA GLY B 282 -43.76 -43.50 21.53
C GLY B 282 -44.69 -43.17 22.68
N VAL B 283 -45.24 -41.96 22.70
CA VAL B 283 -46.24 -41.57 23.70
C VAL B 283 -47.48 -41.08 22.93
N VAL B 284 -48.42 -41.98 22.69
CA VAL B 284 -49.57 -41.68 21.84
C VAL B 284 -50.73 -41.00 22.54
N PRO B 285 -51.11 -41.33 23.79
CA PRO B 285 -52.27 -40.66 24.38
C PRO B 285 -51.97 -39.21 24.69
N ASP B 286 -53.02 -38.38 24.65
CA ASP B 286 -52.82 -36.95 24.87
C ASP B 286 -52.61 -36.64 26.35
N GLY B 287 -53.25 -37.39 27.25
CA GLY B 287 -53.05 -37.16 28.66
C GLY B 287 -51.61 -37.36 29.09
N GLU B 288 -50.97 -38.40 28.56
CA GLU B 288 -49.56 -38.63 28.87
C GLU B 288 -48.69 -37.50 28.33
N ILE B 289 -49.01 -36.99 27.14
CA ILE B 289 -48.25 -35.88 26.58
C ILE B 289 -48.38 -34.65 27.46
N LEU B 290 -49.59 -34.35 27.91
CA LEU B 290 -49.79 -33.20 28.79
C LEU B 290 -49.05 -33.40 30.11
N GLN B 291 -49.03 -34.62 30.62
CA GLN B 291 -48.23 -34.89 31.82
C GLN B 291 -46.75 -34.62 31.56
N HIS B 292 -46.26 -35.02 30.39
CA HIS B 292 -44.87 -34.79 30.05
C HIS B 292 -44.54 -33.30 29.95
N ILE B 293 -45.45 -32.51 29.38
CA ILE B 293 -45.16 -31.10 29.14
C ILE B 293 -45.38 -30.27 30.40
N CYS B 294 -46.61 -30.27 30.91
CA CYS B 294 -46.95 -29.39 32.02
C CYS B 294 -46.71 -30.07 33.36
N TYR B 295 -46.75 -29.26 34.42
CA TYR B 295 -46.57 -29.76 35.78
C TYR B 295 -47.56 -29.13 36.75
N ASP B 296 -48.61 -28.50 36.24
CA ASP B 296 -49.64 -27.90 37.11
C ASP B 296 -50.92 -27.79 36.29
N GLU B 297 -51.87 -28.70 36.56
CA GLU B 297 -53.11 -28.72 35.79
C GLU B 297 -53.94 -27.45 35.97
N ASN B 298 -53.73 -26.72 37.07
CA ASN B 298 -54.47 -25.47 37.28
C ASN B 298 -54.01 -24.37 36.32
N ASP B 299 -52.84 -24.53 35.71
CA ASP B 299 -52.31 -23.54 34.77
C ASP B 299 -53.06 -23.66 33.45
N TRP B 300 -54.29 -23.12 33.44
CA TRP B 300 -55.14 -23.23 32.26
C TRP B 300 -54.60 -22.43 31.08
N GLN B 301 -53.73 -21.44 31.33
CA GLN B 301 -53.20 -20.64 30.23
C GLN B 301 -52.32 -21.47 29.30
N MET B 302 -51.37 -22.22 29.88
CA MET B 302 -50.54 -23.07 29.04
C MET B 302 -51.35 -24.18 28.39
N LEU B 303 -52.41 -24.65 29.07
CA LEU B 303 -53.27 -25.66 28.48
C LEU B 303 -53.99 -25.12 27.24
N GLU B 304 -54.53 -23.90 27.34
CA GLU B 304 -55.19 -23.33 26.18
C GLU B 304 -54.20 -22.97 25.09
N MET B 305 -52.95 -22.70 25.46
CA MET B 305 -51.92 -22.53 24.44
C MET B 305 -51.62 -23.84 23.74
N LEU B 306 -51.66 -24.96 24.47
CA LEU B 306 -51.39 -26.27 23.89
C LEU B 306 -52.56 -26.83 23.10
N LYS B 307 -53.77 -26.36 23.35
CA LYS B 307 -54.95 -26.86 22.62
C LYS B 307 -54.80 -26.84 21.11
N PRO B 308 -54.36 -25.76 20.47
CA PRO B 308 -54.22 -25.79 19.01
C PRO B 308 -53.26 -26.85 18.51
N CYS B 309 -52.19 -27.12 19.25
CA CYS B 309 -51.24 -28.15 18.83
C CYS B 309 -51.88 -29.53 18.83
N ILE B 310 -52.65 -29.83 19.88
CA ILE B 310 -53.36 -31.11 19.94
C ILE B 310 -54.38 -31.20 18.81
N GLU B 311 -55.11 -30.11 18.57
CA GLU B 311 -56.12 -30.13 17.51
C GLU B 311 -55.47 -30.37 16.16
N GLU B 312 -54.32 -29.74 15.90
CA GLU B 312 -53.63 -29.95 14.64
C GLU B 312 -53.10 -31.37 14.52
N GLY B 313 -52.51 -31.91 15.60
CA GLY B 313 -51.94 -33.24 15.54
C GLY B 313 -52.90 -34.38 15.73
N PHE B 314 -54.19 -34.08 15.91
CA PHE B 314 -55.18 -35.14 16.10
C PHE B 314 -55.25 -36.12 14.94
N VAL B 315 -54.79 -35.72 13.74
CA VAL B 315 -54.92 -36.59 12.58
C VAL B 315 -54.10 -37.87 12.77
N ILE B 316 -52.93 -37.76 13.38
CA ILE B 316 -52.06 -38.91 13.63
C ILE B 316 -52.39 -39.49 15.00
N GLN B 317 -52.64 -40.79 15.06
CA GLN B 317 -53.08 -41.42 16.31
C GLN B 317 -52.34 -42.72 16.60
N ASP B 318 -51.18 -42.94 15.99
CA ASP B 318 -50.44 -44.17 16.22
C ASP B 318 -48.95 -43.91 16.06
N LYS B 319 -48.16 -44.79 16.67
CA LYS B 319 -46.70 -44.64 16.62
C LYS B 319 -46.18 -44.84 15.20
N GLU B 320 -46.57 -45.94 14.55
CA GLU B 320 -45.98 -46.29 13.25
C GLU B 320 -46.32 -45.25 12.19
N VAL B 321 -47.55 -44.75 12.19
CA VAL B 321 -47.93 -43.74 11.20
C VAL B 321 -47.15 -42.45 11.44
N ALA B 322 -46.92 -42.10 12.70
CA ALA B 322 -46.11 -40.92 13.00
C ALA B 322 -44.68 -41.09 12.53
N LEU B 323 -44.09 -42.26 12.76
CA LEU B 323 -42.75 -42.54 12.25
C LEU B 323 -42.71 -42.46 10.73
N ASP B 324 -43.74 -42.98 10.07
CA ASP B 324 -43.78 -42.89 8.61
C ASP B 324 -43.86 -41.45 8.15
N PHE B 325 -44.66 -40.64 8.82
CA PHE B 325 -44.74 -39.22 8.45
C PHE B 325 -43.41 -38.52 8.64
N ILE B 326 -42.70 -38.82 9.73
CA ILE B 326 -41.38 -38.24 9.94
C ILE B 326 -40.43 -38.68 8.84
N GLY B 327 -40.45 -39.97 8.50
CA GLY B 327 -39.54 -40.49 7.50
C GLY B 327 -39.81 -39.95 6.11
N ARG B 328 -41.07 -39.67 5.78
CA ARG B 328 -41.40 -39.18 4.45
C ARG B 328 -40.69 -37.87 4.15
N ARG B 329 -40.63 -36.97 5.13
CA ARG B 329 -39.95 -35.69 4.96
C ARG B 329 -38.48 -35.76 5.36
N GLY B 330 -37.94 -36.96 5.58
CA GLY B 330 -36.60 -37.12 6.10
C GLY B 330 -35.48 -36.79 5.14
N SER B 331 -35.80 -36.17 4.02
CA SER B 331 -34.82 -35.73 3.02
C SER B 331 -33.93 -36.86 2.54
N ALA B 332 -34.40 -38.10 2.62
CA ALA B 332 -33.66 -39.25 2.16
C ALA B 332 -33.95 -39.48 0.68
N ALA B 333 -33.58 -40.64 0.16
CA ALA B 333 -33.87 -40.97 -1.22
C ALA B 333 -35.37 -41.05 -1.45
N LEU B 334 -35.80 -40.66 -2.65
CA LEU B 334 -37.21 -40.68 -2.98
C LEU B 334 -37.66 -42.09 -3.32
N GLY B 335 -38.92 -42.38 -2.99
CA GLY B 335 -39.48 -43.69 -3.27
C GLY B 335 -39.13 -44.78 -2.28
N ILE B 336 -38.63 -44.43 -1.10
CA ILE B 336 -38.28 -45.44 -0.11
C ILE B 336 -39.53 -46.13 0.39
N ARG B 337 -39.44 -47.45 0.52
CA ARG B 337 -40.57 -48.26 0.97
C ARG B 337 -40.96 -47.89 2.40
N ARG B 338 -42.18 -48.27 2.78
CA ARG B 338 -42.72 -47.88 4.07
C ARG B 338 -41.91 -48.47 5.22
N GLU B 339 -41.53 -49.75 5.13
CA GLU B 339 -40.72 -50.36 6.17
C GLU B 339 -39.36 -49.68 6.29
N LYS B 340 -38.72 -49.44 5.15
CA LYS B 340 -37.43 -48.74 5.17
C LYS B 340 -37.59 -47.30 5.60
N ARG B 341 -38.72 -46.67 5.27
CA ARG B 341 -38.97 -45.32 5.77
C ARG B 341 -39.08 -45.30 7.30
N ILE B 342 -39.79 -46.29 7.87
CA ILE B 342 -39.91 -46.36 9.32
C ILE B 342 -38.55 -46.61 9.97
N GLN B 343 -37.75 -47.50 9.37
CA GLN B 343 -36.42 -47.74 9.92
C GLN B 343 -35.54 -46.51 9.84
N TYR B 344 -35.63 -45.76 8.74
CA TYR B 344 -34.88 -44.52 8.61
C TYR B 344 -35.34 -43.50 9.65
N ALA B 345 -36.64 -43.44 9.91
CA ALA B 345 -37.14 -42.54 10.96
C ALA B 345 -36.62 -42.96 12.32
N LYS B 346 -36.59 -44.27 12.60
CA LYS B 346 -36.05 -44.72 13.87
C LYS B 346 -34.58 -44.37 14.01
N ASP B 347 -33.82 -44.49 12.92
CA ASP B 347 -32.42 -44.11 12.94
C ASP B 347 -32.26 -42.62 13.23
N ILE B 348 -33.01 -41.79 12.50
CA ILE B 348 -32.90 -40.33 12.66
C ILE B 348 -33.52 -39.85 13.97
N LEU B 349 -34.27 -40.70 14.65
CA LEU B 349 -34.91 -40.30 15.91
C LEU B 349 -34.07 -40.74 17.10
N GLN B 350 -33.58 -41.98 17.08
CA GLN B 350 -32.65 -42.42 18.11
C GLN B 350 -31.36 -41.62 18.07
N LYS B 351 -30.74 -41.52 16.91
CA LYS B 351 -29.52 -40.75 16.73
C LYS B 351 -29.84 -39.39 16.13
N GLU B 352 -28.94 -38.45 16.34
CA GLU B 352 -28.98 -37.13 15.73
C GLU B 352 -30.08 -36.24 16.32
N LEU B 353 -30.94 -36.79 17.16
CA LEU B 353 -31.94 -36.01 17.88
C LEU B 353 -31.54 -35.96 19.35
N LEU B 354 -31.12 -34.79 19.79
CA LEU B 354 -30.53 -34.60 21.12
C LEU B 354 -29.48 -35.68 21.40
N PRO B 355 -28.42 -35.74 20.59
CA PRO B 355 -27.41 -36.79 20.82
C PRO B 355 -26.74 -36.68 22.16
N HIS B 356 -26.66 -35.49 22.74
CA HIS B 356 -25.98 -35.34 24.02
C HIS B 356 -26.69 -36.07 25.16
N ILE B 357 -27.94 -36.48 24.96
CA ILE B 357 -28.67 -37.18 26.01
C ILE B 357 -28.30 -38.65 26.03
N THR B 358 -28.49 -39.35 24.91
CA THR B 358 -28.16 -40.76 24.83
C THR B 358 -28.10 -41.18 23.38
N GLN B 359 -27.59 -42.40 23.16
CA GLN B 359 -27.52 -42.99 21.83
C GLN B 359 -28.03 -44.42 21.76
N GLU B 360 -28.18 -45.12 22.87
CA GLU B 360 -28.54 -46.52 22.88
C GLU B 360 -30.04 -46.71 22.70
N GLU B 361 -30.43 -47.94 22.36
CA GLU B 361 -31.82 -48.27 22.10
C GLU B 361 -32.60 -48.43 23.39
N GLY B 362 -33.92 -48.30 23.27
CA GLY B 362 -34.80 -48.45 24.42
C GLY B 362 -34.50 -47.47 25.54
N PHE B 363 -34.07 -46.27 25.18
CA PHE B 363 -33.63 -45.27 26.15
C PHE B 363 -34.17 -43.91 25.74
N GLU B 364 -35.41 -43.87 25.27
CA GLU B 364 -36.00 -42.69 24.67
C GLU B 364 -36.95 -41.94 25.60
N THR B 365 -37.24 -42.49 26.78
CA THR B 365 -38.09 -41.77 27.72
C THR B 365 -37.44 -40.46 28.14
N ARG B 366 -36.12 -40.46 28.32
CA ARG B 366 -35.41 -39.24 28.69
C ARG B 366 -35.54 -38.19 27.59
N LYS B 367 -35.50 -38.61 26.33
CA LYS B 367 -35.70 -37.66 25.25
C LYS B 367 -37.10 -37.05 25.29
N THR B 368 -38.11 -37.86 25.58
CA THR B 368 -39.47 -37.33 25.72
C THR B 368 -39.55 -36.32 26.86
N PHE B 369 -38.93 -36.63 27.98
CA PHE B 369 -38.95 -35.71 29.12
C PHE B 369 -38.22 -34.41 28.78
N PHE B 370 -37.13 -34.50 28.02
CA PHE B 370 -36.42 -33.28 27.65
C PHE B 370 -37.21 -32.44 26.65
N LEU B 371 -37.93 -33.10 25.73
CA LEU B 371 -38.84 -32.35 24.88
C LEU B 371 -39.92 -31.66 25.70
N GLY B 372 -40.44 -32.35 26.72
CA GLY B 372 -41.38 -31.70 27.62
C GLY B 372 -40.78 -30.48 28.30
N TYR B 373 -39.53 -30.60 28.74
CA TYR B 373 -38.87 -29.48 29.40
C TYR B 373 -38.69 -28.31 28.43
N MET B 374 -38.27 -28.59 27.19
CA MET B 374 -38.09 -27.52 26.21
C MET B 374 -39.40 -26.83 25.90
N VAL B 375 -40.47 -27.61 25.71
CA VAL B 375 -41.77 -27.00 25.43
C VAL B 375 -42.26 -26.18 26.62
N ASN B 376 -42.02 -26.68 27.84
CA ASN B 376 -42.39 -25.95 29.03
C ASN B 376 -41.68 -24.61 29.08
N ARG B 377 -40.39 -24.60 28.80
CA ARG B 377 -39.63 -23.35 28.81
C ARG B 377 -40.12 -22.40 27.73
N LEU B 378 -40.40 -22.93 26.54
CA LEU B 378 -40.88 -22.08 25.45
C LEU B 378 -42.20 -21.42 25.80
N LEU B 379 -43.15 -22.20 26.32
CA LEU B 379 -44.44 -21.63 26.70
C LEU B 379 -44.27 -20.65 27.86
N LEU B 380 -43.41 -20.98 28.82
CA LEU B 380 -43.23 -20.11 29.97
C LEU B 380 -42.69 -18.75 29.56
N CYS B 381 -41.75 -18.72 28.61
CA CYS B 381 -41.28 -17.44 28.12
C CYS B 381 -42.30 -16.75 27.23
N ALA B 382 -43.08 -17.53 26.47
CA ALA B 382 -44.10 -16.92 25.61
C ALA B 382 -45.18 -16.25 26.43
N LEU B 383 -45.51 -16.82 27.58
CA LEU B 383 -46.51 -16.25 28.49
C LEU B 383 -45.96 -15.07 29.29
N GLU B 384 -44.78 -14.58 28.95
CA GLU B 384 -44.13 -13.44 29.60
C GLU B 384 -43.86 -13.67 31.08
N ARG B 385 -44.03 -14.89 31.58
CA ARG B 385 -43.80 -15.16 32.98
C ARG B 385 -42.32 -15.07 33.35
N LYS B 386 -41.43 -15.25 32.39
CA LYS B 386 -39.99 -15.15 32.63
C LYS B 386 -39.35 -14.31 31.54
N ASP B 387 -38.27 -13.63 31.89
CA ASP B 387 -37.51 -12.88 30.91
C ASP B 387 -36.77 -13.84 29.98
N GLN B 388 -36.66 -13.44 28.71
CA GLN B 388 -35.94 -14.25 27.75
C GLN B 388 -34.47 -14.36 28.14
N ASP B 389 -33.89 -15.51 27.85
CA ASP B 389 -32.52 -15.79 28.29
C ASP B 389 -31.56 -14.74 27.74
N ASP B 390 -30.70 -14.23 28.62
CA ASP B 390 -29.77 -13.18 28.23
C ASP B 390 -28.66 -13.79 27.37
N ARG B 391 -28.46 -13.22 26.18
CA ARG B 391 -27.43 -13.72 25.28
C ARG B 391 -26.05 -13.29 25.72
N ASP B 392 -25.94 -12.14 26.38
CA ASP B 392 -24.65 -11.61 26.79
C ASP B 392 -24.19 -12.12 28.15
N HIS B 393 -25.02 -12.91 28.83
CA HIS B 393 -24.66 -13.48 30.12
C HIS B 393 -23.37 -14.28 30.00
N PHE B 394 -22.29 -13.79 30.64
CA PHE B 394 -20.98 -14.41 30.47
C PHE B 394 -20.86 -15.78 31.11
N GLY B 395 -21.82 -16.17 31.95
CA GLY B 395 -21.79 -17.52 32.48
C GLY B 395 -22.21 -18.58 31.49
N LYS B 396 -22.77 -18.17 30.36
CA LYS B 396 -23.19 -19.08 29.31
C LYS B 396 -22.22 -19.13 28.14
N LYS B 397 -21.02 -18.60 28.31
CA LYS B 397 -20.00 -18.63 27.27
C LYS B 397 -18.91 -19.63 27.65
N ARG B 398 -18.15 -20.06 26.64
CA ARG B 398 -17.01 -20.94 26.85
C ARG B 398 -15.85 -20.41 26.05
N LEU B 399 -14.63 -20.69 26.53
CA LEU B 399 -13.41 -20.25 25.89
C LEU B 399 -12.64 -21.46 25.40
N ASP B 400 -12.24 -21.44 24.12
CA ASP B 400 -11.47 -22.52 23.53
C ASP B 400 -10.00 -22.16 23.56
N LEU B 401 -9.23 -22.88 24.37
CA LEU B 401 -7.80 -22.66 24.49
C LEU B 401 -7.08 -23.53 23.46
N ALA B 402 -5.77 -23.69 23.61
CA ALA B 402 -5.00 -24.48 22.66
C ALA B 402 -5.51 -25.90 22.55
N GLY B 403 -6.00 -26.47 23.64
CA GLY B 403 -6.48 -27.82 23.67
C GLY B 403 -7.59 -28.10 22.68
N PRO B 404 -8.76 -27.48 22.90
CA PRO B 404 -9.89 -27.73 21.98
C PRO B 404 -9.60 -27.35 20.54
N LEU B 405 -8.89 -26.26 20.30
CA LEU B 405 -8.61 -25.85 18.92
C LEU B 405 -7.73 -26.88 18.22
N LEU B 406 -6.64 -27.29 18.88
CA LEU B 406 -5.79 -28.32 18.30
C LEU B 406 -6.54 -29.63 18.15
N ALA B 407 -7.46 -29.93 19.06
CA ALA B 407 -8.22 -31.17 18.95
C ALA B 407 -9.11 -31.17 17.70
N ASN B 408 -9.79 -30.04 17.45
CA ASN B 408 -10.62 -29.96 16.24
C ASN B 408 -9.78 -30.10 14.99
N LEU B 409 -8.68 -29.34 14.92
CA LEU B 409 -7.83 -29.41 13.74
C LEU B 409 -7.26 -30.80 13.53
N PHE B 410 -6.82 -31.45 14.61
CA PHE B 410 -6.24 -32.77 14.49
C PHE B 410 -7.29 -33.79 14.09
N ARG B 411 -8.53 -33.64 14.57
CA ARG B 411 -9.58 -34.54 14.14
C ARG B 411 -9.80 -34.45 12.64
N ILE B 412 -9.85 -33.22 12.12
CA ILE B 412 -10.01 -33.05 10.67
C ILE B 412 -8.85 -33.70 9.92
N LEU B 413 -7.63 -33.40 10.34
CA LEU B 413 -6.46 -33.91 9.61
C LEU B 413 -6.37 -35.43 9.71
N PHE B 414 -6.72 -36.00 10.85
CA PHE B 414 -6.65 -37.45 11.00
C PHE B 414 -7.73 -38.14 10.19
N ARG B 415 -8.91 -37.54 10.08
CA ARG B 415 -9.91 -38.10 9.19
C ARG B 415 -9.42 -38.08 7.75
N LYS B 416 -8.75 -36.99 7.34
CA LYS B 416 -8.18 -36.94 6.01
C LYS B 416 -7.13 -38.03 5.80
N LEU B 417 -6.28 -38.25 6.80
CA LEU B 417 -5.26 -39.30 6.69
C LEU B 417 -5.91 -40.67 6.61
N THR B 418 -6.96 -40.90 7.39
CA THR B 418 -7.66 -42.18 7.36
C THR B 418 -8.28 -42.43 5.99
N ARG B 419 -8.88 -41.40 5.40
CA ARG B 419 -9.45 -41.55 4.06
C ARG B 419 -8.35 -41.84 3.04
N GLU B 420 -7.20 -41.19 3.17
CA GLU B 420 -6.09 -41.48 2.26
C GLU B 420 -5.62 -42.92 2.39
N ILE B 421 -5.52 -43.42 3.63
CA ILE B 421 -5.12 -44.81 3.84
C ILE B 421 -6.15 -45.75 3.22
N TYR B 422 -7.43 -45.44 3.40
CA TYR B 422 -8.49 -46.27 2.83
C TYR B 422 -8.40 -46.32 1.31
N ARG B 423 -8.21 -45.17 0.69
CA ARG B 423 -8.09 -45.12 -0.77
C ARG B 423 -6.87 -45.89 -1.26
N TYR B 424 -5.73 -45.72 -0.57
CA TYR B 424 -4.54 -46.45 -0.98
C TYR B 424 -4.72 -47.96 -0.82
N MET B 425 -5.40 -48.37 0.25
CA MET B 425 -5.67 -49.79 0.45
C MET B 425 -6.53 -50.35 -0.68
N GLN B 426 -7.59 -49.62 -1.04
CA GLN B 426 -8.44 -50.07 -2.14
C GLN B 426 -7.64 -50.17 -3.43
N ARG B 427 -6.77 -49.20 -3.69
CA ARG B 427 -5.98 -49.23 -4.91
C ARG B 427 -4.99 -50.40 -4.91
N CYS B 428 -4.41 -50.70 -3.75
CA CYS B 428 -3.31 -51.66 -3.70
C CYS B 428 -3.75 -53.10 -3.47
N ILE B 429 -4.99 -53.34 -3.03
CA ILE B 429 -5.45 -54.72 -2.89
C ILE B 429 -5.56 -55.40 -4.25
N GLU B 430 -5.79 -54.63 -5.32
CA GLU B 430 -5.91 -55.21 -6.64
C GLU B 430 -4.69 -56.05 -7.01
N THR B 431 -3.50 -55.63 -6.57
CA THR B 431 -2.30 -56.42 -6.77
C THR B 431 -2.20 -57.60 -5.80
N ASP B 432 -3.03 -57.63 -4.76
CA ASP B 432 -3.00 -58.69 -3.75
C ASP B 432 -1.62 -58.84 -3.14
N ARG B 433 -0.99 -57.71 -2.83
CA ARG B 433 0.35 -57.70 -2.26
C ARG B 433 0.29 -57.44 -0.77
N ASP B 434 1.29 -57.95 -0.05
CA ASP B 434 1.41 -57.65 1.37
C ASP B 434 1.98 -56.25 1.56
N PHE B 435 1.11 -55.25 1.53
CA PHE B 435 1.52 -53.87 1.75
C PHE B 435 2.18 -53.72 3.13
N ASN B 436 3.25 -52.92 3.17
CA ASN B 436 3.99 -52.72 4.41
C ASN B 436 3.18 -51.96 5.46
N LEU B 437 2.16 -51.23 5.04
CA LEU B 437 1.34 -50.37 5.89
C LEU B 437 2.17 -49.20 6.39
N ASN B 438 3.47 -49.22 6.16
CA ASN B 438 4.32 -48.07 6.36
C ASN B 438 4.41 -47.20 5.13
N LEU B 439 3.83 -47.65 4.02
CA LEU B 439 3.74 -46.87 2.79
C LEU B 439 2.37 -46.27 2.58
N ALA B 440 1.33 -46.88 3.16
CA ALA B 440 -0.01 -46.34 3.03
C ALA B 440 -0.12 -44.98 3.69
N VAL B 441 0.49 -44.81 4.86
CA VAL B 441 0.40 -43.55 5.58
C VAL B 441 1.19 -42.49 4.84
N LYS B 442 0.76 -41.25 4.99
CA LYS B 442 1.49 -40.08 4.52
C LYS B 442 1.71 -39.17 5.72
N SER B 443 2.91 -39.21 6.30
CA SER B 443 3.20 -38.38 7.45
C SER B 443 3.14 -36.90 7.12
N THR B 444 3.15 -36.56 5.82
CA THR B 444 3.14 -35.15 5.44
C THR B 444 1.78 -34.50 5.68
N THR B 445 0.70 -35.28 5.68
CA THR B 445 -0.63 -34.71 5.78
C THR B 445 -0.81 -33.92 7.07
N ILE B 446 -0.69 -34.61 8.21
CA ILE B 446 -0.89 -33.97 9.51
C ILE B 446 0.15 -32.88 9.73
N THR B 447 1.41 -33.17 9.39
CA THR B 447 2.48 -32.21 9.61
C THR B 447 2.20 -30.90 8.88
N SER B 448 1.91 -30.98 7.58
CA SER B 448 1.67 -29.78 6.79
C SER B 448 0.40 -29.08 7.23
N GLY B 449 -0.65 -29.84 7.56
CA GLY B 449 -1.87 -29.19 8.01
C GLY B 449 -1.69 -28.39 9.27
N LEU B 450 -1.08 -29.01 10.28
CA LEU B 450 -0.84 -28.31 11.54
C LEU B 450 0.07 -27.12 11.35
N LYS B 451 1.15 -27.30 10.59
CA LYS B 451 2.09 -26.20 10.40
C LYS B 451 1.45 -25.05 9.65
N TYR B 452 0.64 -25.34 8.63
CA TYR B 452 -0.01 -24.27 7.88
C TYR B 452 -1.00 -23.52 8.75
N SER B 453 -1.82 -24.24 9.51
CA SER B 453 -2.83 -23.57 10.33
C SER B 453 -2.17 -22.72 11.41
N LEU B 454 -1.07 -23.20 11.98
CA LEU B 454 -0.41 -22.41 13.02
C LEU B 454 0.36 -21.24 12.42
N ALA B 455 0.90 -21.41 11.22
CA ALA B 455 1.70 -20.35 10.61
C ALA B 455 0.82 -19.20 10.09
N THR B 456 -0.29 -19.53 9.45
CA THR B 456 -1.09 -18.49 8.83
C THR B 456 -2.27 -18.02 9.68
N GLY B 457 -2.71 -18.83 10.65
CA GLY B 457 -3.82 -18.47 11.48
C GLY B 457 -5.17 -18.90 10.97
N ASN B 458 -5.25 -19.37 9.72
CA ASN B 458 -6.49 -19.90 9.19
C ASN B 458 -6.75 -21.27 9.78
N TRP B 459 -7.81 -21.41 10.57
CA TRP B 459 -8.04 -22.64 11.30
C TRP B 459 -8.90 -23.57 10.44
N GLY B 460 -8.22 -24.36 9.61
CA GLY B 460 -8.92 -25.28 8.75
C GLY B 460 -7.95 -25.88 7.74
N GLU B 461 -8.52 -26.57 6.75
CA GLU B 461 -7.70 -27.15 5.70
C GLU B 461 -7.17 -26.05 4.79
N GLN B 462 -6.04 -26.32 4.14
CA GLN B 462 -5.37 -25.33 3.28
C GLN B 462 -6.20 -24.98 2.04
N LYS B 463 -6.94 -25.96 1.47
CA LYS B 463 -7.74 -25.71 0.28
C LYS B 463 -9.11 -25.14 0.60
N LYS B 464 -9.45 -25.04 1.88
CA LYS B 464 -10.68 -24.39 2.33
C LYS B 464 -10.36 -23.13 3.13
N ALA B 465 -9.40 -22.34 2.66
CA ALA B 465 -8.99 -21.16 3.39
C ALA B 465 -10.14 -20.17 3.55
N MET B 466 -10.91 -19.97 2.49
CA MET B 466 -12.14 -19.20 2.61
C MET B 466 -13.11 -19.94 3.51
N SER B 467 -13.93 -19.17 4.22
CA SER B 467 -14.93 -19.63 5.18
C SER B 467 -14.32 -20.22 6.44
N SER B 468 -12.99 -20.24 6.57
CA SER B 468 -12.35 -20.71 7.78
C SER B 468 -12.12 -19.54 8.73
N ARG B 469 -12.09 -19.86 10.02
CA ARG B 469 -11.90 -18.84 11.04
C ARG B 469 -10.45 -18.37 11.02
N ALA B 470 -10.23 -17.10 10.70
CA ALA B 470 -8.90 -16.54 10.55
C ALA B 470 -8.51 -15.73 11.79
N GLY B 471 -7.20 -15.56 11.95
CA GLY B 471 -6.67 -14.81 13.07
C GLY B 471 -6.54 -15.58 14.36
N VAL B 472 -6.72 -16.91 14.34
CA VAL B 472 -6.60 -17.69 15.56
C VAL B 472 -5.17 -17.67 16.07
N SER B 473 -4.20 -17.78 15.19
CA SER B 473 -2.79 -17.77 15.54
C SER B 473 -2.16 -16.45 15.11
N GLN B 474 -1.44 -15.82 16.02
CA GLN B 474 -0.85 -14.51 15.77
C GLN B 474 0.60 -14.51 16.20
N VAL B 475 1.36 -13.57 15.62
CA VAL B 475 2.77 -13.43 15.98
C VAL B 475 2.86 -12.82 17.37
N LEU B 476 3.66 -13.44 18.24
CA LEU B 476 3.77 -12.98 19.61
C LEU B 476 4.37 -11.59 19.65
N ASN B 477 3.75 -10.71 20.44
CA ASN B 477 4.19 -9.33 20.56
C ASN B 477 5.31 -9.26 21.59
N ARG B 478 6.51 -8.94 21.15
CA ARG B 478 7.68 -8.91 22.02
C ARG B 478 8.25 -7.50 22.16
N TYR B 479 7.40 -6.48 22.08
CA TYR B 479 7.92 -5.12 22.21
C TYR B 479 8.39 -4.86 23.63
N THR B 480 7.66 -5.35 24.62
CA THR B 480 8.08 -5.24 26.01
C THR B 480 7.45 -6.39 26.77
N TYR B 481 7.92 -6.61 27.99
CA TYR B 481 7.50 -7.78 28.76
C TYR B 481 6.00 -7.75 29.03
N SER B 482 5.48 -6.59 29.40
CA SER B 482 4.06 -6.47 29.69
C SER B 482 3.22 -6.76 28.45
N SER B 483 3.69 -6.34 27.28
CA SER B 483 2.94 -6.61 26.06
C SER B 483 2.87 -8.10 25.76
N THR B 484 3.97 -8.83 25.99
CA THR B 484 3.95 -10.27 25.82
C THR B 484 2.99 -10.92 26.80
N LEU B 485 3.03 -10.50 28.07
CA LEU B 485 2.13 -11.08 29.04
C LEU B 485 0.68 -10.81 28.69
N SER B 486 0.38 -9.61 28.21
CA SER B 486 -0.99 -9.30 27.80
C SER B 486 -1.41 -10.13 26.60
N HIS B 487 -0.51 -10.31 25.63
CA HIS B 487 -0.86 -11.08 24.44
C HIS B 487 -1.13 -12.54 24.78
N LEU B 488 -0.40 -13.09 25.75
CA LEU B 488 -0.61 -14.49 26.08
C LEU B 488 -1.90 -14.75 26.83
N ARG B 489 -2.61 -13.70 27.26
CA ARG B 489 -3.86 -13.87 27.99
C ARG B 489 -5.01 -13.14 27.32
N ARG B 490 -5.13 -13.28 26.01
CA ARG B 490 -6.10 -12.53 25.23
C ARG B 490 -7.16 -13.47 24.67
N THR B 491 -8.40 -12.99 24.62
CA THR B 491 -9.52 -13.76 24.11
C THR B 491 -10.21 -12.98 23.00
N ASN B 492 -10.84 -13.70 22.09
CA ASN B 492 -11.45 -13.08 20.92
C ASN B 492 -12.88 -13.58 20.75
N THR B 493 -13.77 -12.68 20.34
CA THR B 493 -15.16 -13.03 20.06
C THR B 493 -15.35 -13.01 18.55
N PRO B 494 -15.55 -14.15 17.90
CA PRO B 494 -15.61 -14.20 16.43
C PRO B 494 -16.96 -13.82 15.86
N ILE B 495 -17.46 -12.65 16.25
CA ILE B 495 -18.70 -12.15 15.67
C ILE B 495 -18.45 -11.35 14.39
N GLY B 496 -17.21 -10.91 14.18
CA GLY B 496 -16.86 -10.22 12.96
C GLY B 496 -17.39 -8.79 12.90
N ARG B 497 -17.35 -8.24 11.70
CA ARG B 497 -17.77 -6.87 11.42
C ARG B 497 -19.15 -6.80 10.76
N ASP B 498 -19.45 -7.72 9.85
CA ASP B 498 -20.76 -7.74 9.22
C ASP B 498 -21.85 -8.01 10.25
N GLY B 499 -22.94 -7.27 10.16
CA GLY B 499 -24.03 -7.42 11.11
C GLY B 499 -23.64 -7.08 12.53
N LYS B 500 -22.87 -6.01 12.72
CA LYS B 500 -22.43 -5.62 14.04
C LYS B 500 -23.59 -5.08 14.87
N LEU B 501 -23.43 -5.14 16.18
CA LEU B 501 -24.40 -4.58 17.11
C LEU B 501 -23.65 -4.13 18.36
N ALA B 502 -24.25 -3.20 19.10
CA ALA B 502 -23.58 -2.65 20.27
C ALA B 502 -23.58 -3.62 21.45
N LYS B 503 -24.62 -4.45 21.56
CA LYS B 503 -24.74 -5.32 22.73
C LYS B 503 -23.57 -6.27 22.92
N PRO B 504 -23.08 -6.98 21.90
CA PRO B 504 -21.91 -7.84 22.13
C PRO B 504 -20.68 -7.07 22.58
N ARG B 505 -20.52 -5.82 22.14
CA ARG B 505 -19.33 -5.04 22.47
C ARG B 505 -19.38 -4.45 23.87
N GLN B 506 -20.54 -4.42 24.51
CA GLN B 506 -20.67 -3.75 25.78
C GLN B 506 -19.96 -4.52 26.88
N LEU B 507 -19.71 -3.83 28.00
CA LEU B 507 -19.17 -4.44 29.20
C LEU B 507 -20.34 -4.83 30.10
N HIS B 508 -20.55 -6.12 30.26
CA HIS B 508 -21.72 -6.62 30.96
C HIS B 508 -21.44 -6.75 32.45
N ASN B 509 -22.52 -6.83 33.23
CA ASN B 509 -22.37 -6.97 34.67
C ASN B 509 -21.64 -8.26 35.03
N THR B 510 -21.91 -9.33 34.30
CA THR B 510 -21.33 -10.63 34.61
C THR B 510 -19.85 -10.72 34.27
N HIS B 511 -19.29 -9.73 33.58
CA HIS B 511 -17.86 -9.70 33.32
C HIS B 511 -17.05 -9.39 34.56
N TRP B 512 -17.67 -9.03 35.67
CA TRP B 512 -16.94 -8.63 36.87
C TRP B 512 -16.05 -9.76 37.35
N GLY B 513 -14.75 -9.45 37.51
CA GLY B 513 -13.81 -10.38 38.08
C GLY B 513 -13.24 -11.39 37.12
N LEU B 514 -13.79 -11.51 35.91
CA LEU B 514 -13.33 -12.50 34.95
C LEU B 514 -12.60 -11.89 33.77
N VAL B 515 -12.96 -10.69 33.34
CA VAL B 515 -12.22 -9.98 32.28
C VAL B 515 -11.95 -8.55 32.74
N CYS B 516 -10.94 -7.96 32.14
CA CYS B 516 -10.52 -6.62 32.53
C CYS B 516 -11.54 -5.60 32.06
N PRO B 517 -12.03 -4.73 32.95
CA PRO B 517 -12.97 -3.69 32.51
C PRO B 517 -12.32 -2.59 31.69
N ALA B 518 -11.01 -2.41 31.80
CA ALA B 518 -10.34 -1.27 31.18
C ALA B 518 -9.64 -1.59 29.88
N GLU B 519 -9.13 -2.80 29.71
CA GLU B 519 -8.27 -3.12 28.57
C GLU B 519 -9.11 -3.65 27.41
N THR B 520 -9.14 -2.89 26.31
CA THR B 520 -9.77 -3.33 25.08
C THR B 520 -9.20 -2.50 23.95
N PRO B 521 -9.13 -3.04 22.73
CA PRO B 521 -8.57 -2.29 21.61
C PRO B 521 -9.46 -1.14 21.19
N GLU B 522 -8.97 -0.39 20.22
CA GLU B 522 -9.71 0.71 19.63
C GLU B 522 -10.15 0.36 18.22
N GLY B 523 -11.22 0.99 17.77
CA GLY B 523 -11.69 0.84 16.41
C GLY B 523 -12.60 -0.35 16.25
N GLN B 524 -12.32 -1.18 15.24
CA GLN B 524 -13.26 -2.24 14.85
C GLN B 524 -13.41 -3.28 15.95
N ALA B 525 -12.33 -3.65 16.61
CA ALA B 525 -12.33 -4.76 17.55
C ALA B 525 -12.63 -4.33 18.98
N CYS B 526 -13.08 -3.09 19.20
CA CYS B 526 -13.37 -2.62 20.54
C CYS B 526 -14.48 -3.46 21.18
N GLY B 527 -14.21 -3.98 22.37
CA GLY B 527 -15.19 -4.77 23.08
C GLY B 527 -15.22 -6.23 22.71
N LEU B 528 -14.88 -6.55 21.47
CA LEU B 528 -14.88 -7.94 21.04
C LEU B 528 -13.65 -8.69 21.55
N VAL B 529 -12.53 -7.99 21.73
CA VAL B 529 -11.30 -8.59 22.22
C VAL B 529 -11.21 -8.32 23.72
N LYS B 530 -11.07 -9.38 24.50
CA LYS B 530 -11.09 -9.28 25.94
C LYS B 530 -9.80 -9.86 26.53
N ASN B 531 -9.47 -9.40 27.73
CA ASN B 531 -8.29 -9.87 28.44
C ASN B 531 -8.73 -10.44 29.78
N LEU B 532 -8.20 -11.61 30.12
CA LEU B 532 -8.55 -12.25 31.38
C LEU B 532 -8.10 -11.38 32.56
N SER B 533 -8.89 -11.41 33.63
CA SER B 533 -8.47 -10.74 34.85
C SER B 533 -7.26 -11.43 35.44
N LEU B 534 -6.69 -10.83 36.46
CA LEU B 534 -5.39 -11.26 36.91
C LEU B 534 -5.46 -12.50 37.79
N LEU B 535 -6.66 -12.90 38.24
CA LEU B 535 -6.83 -14.13 39.00
C LEU B 535 -7.74 -15.14 38.31
N SER B 536 -8.07 -14.92 37.04
CA SER B 536 -9.01 -15.79 36.36
C SER B 536 -8.35 -17.10 35.94
N GLY B 537 -9.19 -18.10 35.68
CA GLY B 537 -8.73 -19.35 35.13
C GLY B 537 -9.77 -19.90 34.18
N ILE B 538 -9.39 -20.94 33.46
CA ILE B 538 -10.27 -21.63 32.53
C ILE B 538 -10.37 -23.08 32.96
N SER B 539 -11.58 -23.60 33.06
CA SER B 539 -11.76 -24.98 33.49
C SER B 539 -11.17 -25.92 32.46
N ILE B 540 -10.64 -27.06 32.93
CA ILE B 540 -9.94 -28.00 32.07
C ILE B 540 -10.83 -29.14 31.62
N GLY B 541 -11.96 -29.37 32.28
CA GLY B 541 -12.84 -30.45 31.92
C GLY B 541 -12.65 -31.66 32.82
N SER B 542 -13.75 -32.25 33.28
CA SER B 542 -13.71 -33.39 34.18
C SER B 542 -14.77 -34.40 33.77
N PRO B 543 -14.53 -35.68 34.00
CA PRO B 543 -15.57 -36.69 33.74
C PRO B 543 -16.74 -36.52 34.69
N SER B 544 -17.94 -36.76 34.17
CA SER B 544 -19.16 -36.58 34.95
C SER B 544 -19.63 -37.85 35.64
N GLU B 545 -18.98 -38.99 35.39
CA GLU B 545 -19.42 -40.24 36.02
C GLU B 545 -19.36 -40.20 37.53
N PRO B 546 -18.29 -39.72 38.18
CA PRO B 546 -18.31 -39.64 39.65
C PRO B 546 -19.44 -38.78 40.18
N ILE B 547 -19.80 -37.70 39.46
CA ILE B 547 -20.90 -36.86 39.91
C ILE B 547 -22.20 -37.64 39.91
N ILE B 548 -22.45 -38.39 38.83
CA ILE B 548 -23.67 -39.19 38.75
C ILE B 548 -23.68 -40.25 39.86
N ASN B 549 -22.51 -40.87 40.11
CA ASN B 549 -22.45 -41.88 41.16
C ASN B 549 -22.77 -41.27 42.52
N PHE B 550 -22.20 -40.11 42.83
CA PHE B 550 -22.50 -39.46 44.10
C PHE B 550 -23.97 -39.09 44.20
N LEU B 551 -24.53 -38.55 43.12
CA LEU B 551 -25.93 -38.16 43.14
C LEU B 551 -26.84 -39.35 43.38
N GLU B 552 -26.58 -40.47 42.69
CA GLU B 552 -27.39 -41.66 42.92
C GLU B 552 -27.20 -42.20 44.32
N GLU B 553 -25.98 -42.13 44.85
CA GLU B 553 -25.73 -42.62 46.20
C GLU B 553 -26.48 -41.80 47.24
N TRP B 554 -26.62 -40.49 47.01
CA TRP B 554 -27.23 -39.61 48.00
C TRP B 554 -28.71 -39.35 47.73
N GLY B 555 -29.41 -40.33 47.16
CA GLY B 555 -30.85 -40.31 47.18
C GLY B 555 -31.54 -39.81 45.93
N MET B 556 -30.80 -39.38 44.91
CA MET B 556 -31.44 -38.94 43.68
C MET B 556 -32.12 -40.11 43.00
N GLU B 557 -33.32 -39.88 42.50
CA GLU B 557 -34.06 -40.96 41.87
C GLU B 557 -34.24 -40.70 40.38
N PRO B 558 -33.97 -41.70 39.55
CA PRO B 558 -33.95 -41.48 38.09
C PRO B 558 -35.30 -41.14 37.49
N LEU B 559 -35.32 -40.85 36.20
CA LEU B 559 -36.51 -40.30 35.55
C LEU B 559 -37.62 -41.34 35.40
N GLU B 560 -37.28 -42.61 35.20
CA GLU B 560 -38.32 -43.62 35.01
C GLU B 560 -39.18 -43.81 36.26
N ASP B 561 -38.69 -43.41 37.42
CA ASP B 561 -39.46 -43.44 38.66
C ASP B 561 -40.15 -42.13 38.95
N TYR B 562 -40.38 -41.30 37.92
CA TYR B 562 -40.91 -39.97 38.09
C TYR B 562 -42.28 -39.84 37.44
N ASP B 563 -43.23 -39.27 38.18
CA ASP B 563 -44.54 -38.94 37.66
C ASP B 563 -44.82 -37.47 37.99
N PRO B 564 -45.16 -36.65 37.01
CA PRO B 564 -45.39 -35.22 37.30
C PRO B 564 -46.49 -34.97 38.32
N ALA B 565 -47.56 -35.77 38.30
CA ALA B 565 -48.63 -35.59 39.28
C ALA B 565 -48.15 -35.90 40.68
N GLN B 566 -47.33 -36.94 40.84
CA GLN B 566 -46.86 -37.32 42.17
C GLN B 566 -45.84 -36.32 42.70
N HIS B 567 -44.70 -36.20 42.02
CA HIS B 567 -43.63 -35.29 42.44
C HIS B 567 -43.92 -33.88 41.91
N THR B 568 -44.94 -33.27 42.50
CA THR B 568 -45.30 -31.90 42.14
C THR B 568 -44.43 -30.87 42.82
N LYS B 569 -43.55 -31.30 43.73
CA LYS B 569 -42.69 -30.39 44.47
C LYS B 569 -41.22 -30.77 44.42
N SER B 570 -40.87 -31.86 43.74
CA SER B 570 -39.48 -32.27 43.67
C SER B 570 -38.67 -31.32 42.79
N THR B 571 -37.35 -31.38 42.95
CA THR B 571 -36.43 -30.51 42.24
C THR B 571 -35.72 -31.29 41.16
N ARG B 572 -35.70 -30.74 39.95
CA ARG B 572 -34.98 -31.36 38.86
C ARG B 572 -33.47 -31.25 39.07
N ILE B 573 -32.73 -32.16 38.45
CA ILE B 573 -31.27 -32.20 38.56
C ILE B 573 -30.68 -32.32 37.18
N PHE B 574 -29.85 -31.35 36.81
CA PHE B 574 -29.18 -31.34 35.51
C PHE B 574 -27.69 -31.55 35.73
N VAL B 575 -27.08 -32.39 34.89
CA VAL B 575 -25.64 -32.60 34.90
C VAL B 575 -25.13 -32.37 33.50
N ASN B 576 -24.32 -31.32 33.32
CA ASN B 576 -23.79 -30.94 32.02
C ASN B 576 -24.89 -30.70 30.99
N GLY B 577 -26.04 -30.20 31.45
CA GLY B 577 -27.11 -29.80 30.56
C GLY B 577 -28.14 -30.87 30.26
N VAL B 578 -27.97 -32.09 30.74
CA VAL B 578 -28.96 -33.14 30.52
C VAL B 578 -29.73 -33.37 31.82
N TRP B 579 -31.04 -33.47 31.71
CA TRP B 579 -31.88 -33.78 32.86
C TRP B 579 -31.70 -35.24 33.20
N THR B 580 -31.14 -35.52 34.38
CA THR B 580 -30.80 -36.89 34.75
C THR B 580 -31.70 -37.49 35.83
N GLY B 581 -32.42 -36.68 36.58
CA GLY B 581 -33.24 -37.22 37.64
C GLY B 581 -33.95 -36.12 38.40
N ILE B 582 -34.53 -36.50 39.53
CA ILE B 582 -35.23 -35.58 40.42
C ILE B 582 -34.81 -35.88 41.85
N HIS B 583 -35.00 -34.90 42.71
CA HIS B 583 -34.69 -35.03 44.14
C HIS B 583 -35.72 -34.26 44.93
N ARG B 584 -36.05 -34.77 46.11
CA ARG B 584 -37.10 -34.19 46.95
C ARG B 584 -36.57 -33.34 48.08
N ASP B 585 -35.29 -33.44 48.41
CA ASP B 585 -34.67 -32.64 49.47
C ASP B 585 -33.39 -32.03 48.91
N PRO B 586 -33.52 -31.02 48.04
CA PRO B 586 -32.33 -30.46 47.39
C PRO B 586 -31.36 -29.78 48.34
N SER B 587 -31.82 -29.32 49.50
CA SER B 587 -30.94 -28.57 50.40
C SER B 587 -29.80 -29.43 50.91
N MET B 588 -30.12 -30.61 51.45
CA MET B 588 -29.07 -31.47 51.95
C MET B 588 -28.18 -31.97 50.81
N LEU B 589 -28.73 -32.15 49.62
CA LEU B 589 -27.93 -32.61 48.49
C LEU B 589 -26.92 -31.54 48.07
N VAL B 590 -27.35 -30.29 47.99
CA VAL B 590 -26.42 -29.24 47.59
C VAL B 590 -25.38 -29.02 48.69
N SER B 591 -25.78 -29.13 49.95
CA SER B 591 -24.81 -29.04 51.03
C SER B 591 -23.76 -30.14 50.94
N THR B 592 -24.19 -31.38 50.67
CA THR B 592 -23.27 -32.50 50.56
C THR B 592 -22.33 -32.33 49.37
N MET B 593 -22.86 -31.94 48.22
CA MET B 593 -22.02 -31.77 47.04
C MET B 593 -21.00 -30.66 47.26
N ARG B 594 -21.43 -29.54 47.85
CA ARG B 594 -20.51 -28.45 48.11
C ARG B 594 -19.42 -28.85 49.10
N ASP B 595 -19.80 -29.59 50.16
CA ASP B 595 -18.79 -30.04 51.12
C ASP B 595 -17.81 -31.01 50.47
N LEU B 596 -18.31 -31.89 49.61
CA LEU B 596 -17.43 -32.81 48.90
C LEU B 596 -16.46 -32.06 48.01
N ARG B 597 -16.93 -31.03 47.31
CA ARG B 597 -16.04 -30.24 46.46
C ARG B 597 -15.00 -29.52 47.29
N ARG B 598 -15.40 -28.98 48.45
CA ARG B 598 -14.45 -28.29 49.30
C ARG B 598 -13.43 -29.24 49.91
N SER B 599 -13.81 -30.49 50.14
CA SER B 599 -12.86 -31.45 50.71
C SER B 599 -11.93 -32.04 49.66
N GLY B 600 -12.13 -31.72 48.38
CA GLY B 600 -11.28 -32.23 47.32
C GLY B 600 -11.74 -33.51 46.67
N ALA B 601 -12.82 -34.12 47.17
CA ALA B 601 -13.30 -35.36 46.55
C ALA B 601 -13.78 -35.11 45.13
N ILE B 602 -14.46 -34.01 44.90
CA ILE B 602 -14.85 -33.58 43.56
C ILE B 602 -13.86 -32.53 43.10
N SER B 603 -13.63 -32.49 41.79
CA SER B 603 -12.66 -31.55 41.24
C SER B 603 -13.10 -30.12 41.57
N PRO B 604 -12.21 -29.26 42.05
CA PRO B 604 -12.63 -27.93 42.51
C PRO B 604 -13.23 -27.06 41.42
N GLU B 605 -12.97 -27.36 40.14
CA GLU B 605 -13.52 -26.56 39.05
C GLU B 605 -14.93 -26.99 38.66
N VAL B 606 -15.50 -27.99 39.33
CA VAL B 606 -16.87 -28.38 39.06
C VAL B 606 -17.83 -27.34 39.60
N SER B 607 -18.75 -26.90 38.77
CA SER B 607 -19.69 -25.83 39.11
C SER B 607 -20.97 -26.44 39.67
N ILE B 608 -21.36 -26.01 40.87
CA ILE B 608 -22.55 -26.49 41.55
C ILE B 608 -23.49 -25.31 41.75
N ILE B 609 -24.65 -25.35 41.10
CA ILE B 609 -25.58 -24.24 41.09
C ILE B 609 -26.95 -24.74 41.56
N ARG B 610 -27.57 -24.00 42.46
CA ARG B 610 -28.94 -24.29 42.88
C ARG B 610 -29.81 -23.09 42.58
N ASP B 611 -30.83 -23.28 41.76
CA ASP B 611 -31.79 -22.23 41.41
C ASP B 611 -33.06 -22.48 42.21
N ILE B 612 -33.17 -21.83 43.36
CA ILE B 612 -34.31 -22.08 44.24
C ILE B 612 -35.60 -21.60 43.61
N ARG B 613 -35.56 -20.48 42.89
CA ARG B 613 -36.77 -19.93 42.29
C ARG B 613 -37.37 -20.89 41.26
N GLU B 614 -36.52 -21.48 40.42
CA GLU B 614 -36.99 -22.35 39.35
C GLU B 614 -37.00 -23.82 39.75
N ARG B 615 -36.64 -24.15 40.98
CA ARG B 615 -36.60 -25.52 41.46
C ARG B 615 -35.69 -26.40 40.58
N GLU B 616 -34.47 -25.93 40.39
CA GLU B 616 -33.48 -26.64 39.59
C GLU B 616 -32.18 -26.74 40.39
N PHE B 617 -31.39 -27.76 40.06
CA PHE B 617 -30.10 -27.98 40.72
C PHE B 617 -29.13 -28.46 39.64
N LYS B 618 -28.39 -27.51 39.07
CA LYS B 618 -27.55 -27.77 37.91
C LYS B 618 -26.10 -28.03 38.35
N ILE B 619 -25.42 -28.89 37.60
CA ILE B 619 -24.01 -29.21 37.84
C ILE B 619 -23.30 -29.16 36.50
N PHE B 620 -22.11 -28.54 36.48
CA PHE B 620 -21.33 -28.40 35.27
C PHE B 620 -19.92 -28.94 35.52
N THR B 621 -19.49 -29.87 34.67
CA THR B 621 -18.09 -30.29 34.62
C THR B 621 -17.49 -30.01 33.25
N ASP B 622 -18.06 -29.06 32.53
CA ASP B 622 -17.67 -28.76 31.16
C ASP B 622 -16.28 -28.14 31.12
N VAL B 623 -15.71 -28.09 29.91
CA VAL B 623 -14.41 -27.50 29.67
C VAL B 623 -14.60 -26.13 29.03
N GLY B 624 -13.85 -25.15 29.51
CA GLY B 624 -13.92 -23.82 28.96
C GLY B 624 -14.68 -22.81 29.80
N ARG B 625 -14.94 -23.09 31.07
CA ARG B 625 -15.66 -22.17 31.92
C ARG B 625 -14.68 -21.31 32.70
N VAL B 626 -14.88 -20.00 32.65
CA VAL B 626 -13.99 -19.07 33.33
C VAL B 626 -14.42 -18.95 34.78
N TYR B 627 -13.49 -19.19 35.70
CA TYR B 627 -13.77 -19.10 37.12
C TYR B 627 -12.75 -18.18 37.79
N ARG B 628 -12.93 -17.97 39.09
CA ARG B 628 -12.04 -17.14 39.88
C ARG B 628 -12.16 -17.55 41.34
N PRO B 629 -11.10 -17.41 42.13
CA PRO B 629 -11.15 -17.83 43.53
C PRO B 629 -11.79 -16.79 44.43
N LEU B 630 -12.33 -17.27 45.55
CA LEU B 630 -12.94 -16.41 46.55
C LEU B 630 -12.71 -17.01 47.93
N PHE B 631 -12.67 -16.16 48.94
CA PHE B 631 -12.67 -16.64 50.31
C PHE B 631 -14.03 -17.24 50.66
N ILE B 632 -14.04 -18.11 51.66
CA ILE B 632 -15.25 -18.77 52.10
C ILE B 632 -15.59 -18.27 53.49
N VAL B 633 -16.84 -17.81 53.67
CA VAL B 633 -17.34 -17.32 54.94
C VAL B 633 -18.16 -18.43 55.59
N GLU B 634 -17.89 -18.71 56.85
CA GLU B 634 -18.59 -19.77 57.56
C GLU B 634 -20.03 -19.33 57.80
N ASP B 635 -20.97 -19.92 57.05
CA ASP B 635 -22.36 -19.50 57.08
C ASP B 635 -23.27 -20.49 57.80
N ASP B 636 -22.70 -21.49 58.47
CA ASP B 636 -23.52 -22.44 59.22
C ASP B 636 -24.04 -21.79 60.49
N GLU B 637 -25.35 -21.81 60.69
CA GLU B 637 -25.94 -21.21 61.87
C GLU B 637 -25.51 -21.95 63.14
N SER B 638 -25.41 -23.28 63.06
CA SER B 638 -25.05 -24.08 64.22
C SER B 638 -23.61 -23.88 64.67
N LYS B 639 -22.79 -23.22 63.86
CA LYS B 639 -21.37 -23.07 64.17
C LYS B 639 -21.13 -21.78 64.94
N ASP B 640 -20.20 -21.84 65.90
CA ASP B 640 -19.82 -20.65 66.64
C ASP B 640 -19.12 -19.63 65.75
N ASN B 641 -18.47 -20.08 64.69
CA ASN B 641 -17.74 -19.23 63.78
C ASN B 641 -18.62 -18.62 62.69
N LYS B 642 -19.92 -18.56 62.91
CA LYS B 642 -20.85 -18.08 61.90
C LYS B 642 -20.53 -16.65 61.48
N GLY B 643 -20.54 -16.39 60.18
CA GLY B 643 -20.31 -15.07 59.67
C GLY B 643 -18.88 -14.59 59.69
N GLU B 644 -17.91 -15.50 59.74
CA GLU B 644 -16.50 -15.15 59.77
C GLU B 644 -15.76 -15.88 58.68
N LEU B 645 -14.64 -15.31 58.24
CA LEU B 645 -13.79 -15.97 57.29
C LEU B 645 -13.25 -17.27 57.87
N ARG B 646 -13.21 -18.31 57.04
CA ARG B 646 -12.65 -19.58 57.49
C ARG B 646 -11.14 -19.51 57.63
N ILE B 647 -10.47 -18.74 56.75
CA ILE B 647 -9.03 -18.64 56.80
C ILE B 647 -8.60 -17.85 58.02
N THR B 648 -7.60 -18.36 58.73
CA THR B 648 -7.10 -17.75 59.94
C THR B 648 -5.61 -17.50 59.80
N LYS B 649 -5.02 -16.85 60.80
CA LYS B 649 -3.58 -16.57 60.76
C LYS B 649 -2.75 -17.84 60.75
N GLU B 650 -3.29 -18.96 61.21
CA GLU B 650 -2.55 -20.21 61.15
C GLU B 650 -2.30 -20.62 59.71
N HIS B 651 -3.30 -20.48 58.84
CA HIS B 651 -3.09 -20.78 57.43
C HIS B 651 -2.07 -19.82 56.82
N ILE B 652 -2.10 -18.55 57.21
CA ILE B 652 -1.14 -17.58 56.68
C ILE B 652 0.28 -17.96 57.08
N ARG B 653 0.48 -18.35 58.34
CA ARG B 653 1.83 -18.72 58.77
C ARG B 653 2.26 -20.03 58.13
N LYS B 654 1.33 -20.96 57.90
CA LYS B 654 1.69 -22.17 57.18
C LYS B 654 2.12 -21.85 55.74
N ILE B 655 1.42 -20.93 55.09
CA ILE B 655 1.79 -20.54 53.74
C ILE B 655 3.16 -19.89 53.73
N GLN B 656 3.43 -19.02 54.69
CA GLN B 656 4.73 -18.36 54.75
C GLN B 656 5.84 -19.35 55.00
N GLN B 657 5.63 -20.30 55.91
CA GLN B 657 6.65 -21.32 56.18
C GLN B 657 6.89 -22.18 54.95
N GLY B 658 5.82 -22.62 54.28
CA GLY B 658 5.91 -23.50 53.15
C GLY B 658 5.62 -24.96 53.44
N TYR B 659 5.28 -25.29 54.68
CA TYR B 659 4.98 -26.67 55.05
C TYR B 659 4.00 -26.67 56.21
N ASP B 660 3.30 -27.79 56.37
CA ASP B 660 2.36 -27.94 57.47
C ASP B 660 3.05 -28.56 58.68
N ASP B 661 2.44 -28.35 59.85
CA ASP B 661 2.96 -28.90 61.09
C ASP B 661 2.18 -30.17 61.44
N ASP B 662 2.50 -31.24 60.71
CA ASP B 662 1.88 -32.55 60.89
C ASP B 662 0.36 -32.49 60.78
N VAL B 675 4.61 -29.98 51.12
CA VAL B 675 4.52 -28.58 50.71
C VAL B 675 3.09 -28.08 50.91
N TYR B 676 2.97 -26.91 51.50
CA TYR B 676 1.67 -26.29 51.80
C TYR B 676 1.56 -25.03 50.96
N GLY B 677 0.81 -25.10 49.87
CA GLY B 677 0.70 -23.97 48.96
C GLY B 677 -0.74 -23.56 48.69
N TRP B 678 -0.99 -23.07 47.48
CA TRP B 678 -2.32 -22.62 47.13
C TRP B 678 -3.30 -23.79 47.03
N SER B 679 -2.87 -24.90 46.44
CA SER B 679 -3.76 -26.05 46.30
C SER B 679 -4.16 -26.59 47.66
N SER B 680 -3.26 -26.52 48.64
CA SER B 680 -3.62 -26.93 49.99
C SER B 680 -4.70 -26.04 50.56
N LEU B 681 -4.63 -24.74 50.29
CA LEU B 681 -5.70 -23.84 50.72
C LEU B 681 -7.02 -24.20 50.06
N VAL B 682 -6.98 -24.50 48.76
CA VAL B 682 -8.23 -24.82 48.05
C VAL B 682 -8.84 -26.11 48.58
N THR B 683 -8.03 -27.14 48.80
CA THR B 683 -8.56 -28.42 49.24
C THR B 683 -8.84 -28.48 50.73
N SER B 684 -8.39 -27.51 51.51
CA SER B 684 -8.69 -27.49 52.94
C SER B 684 -9.98 -26.74 53.25
N GLY B 685 -10.69 -26.27 52.23
CA GLY B 685 -11.99 -25.68 52.45
C GLY B 685 -11.98 -24.23 52.90
N VAL B 686 -10.95 -23.46 52.57
CA VAL B 686 -10.93 -22.05 52.90
C VAL B 686 -11.03 -21.16 51.67
N ILE B 687 -10.79 -21.69 50.48
CA ILE B 687 -10.91 -20.93 49.23
C ILE B 687 -11.57 -21.85 48.22
N GLU B 688 -12.44 -21.29 47.37
CA GLU B 688 -13.08 -22.08 46.33
C GLU B 688 -13.27 -21.25 45.08
N TYR B 689 -13.35 -21.92 43.94
CA TYR B 689 -13.54 -21.28 42.65
C TYR B 689 -15.02 -21.20 42.31
N VAL B 690 -15.45 -20.06 41.78
CA VAL B 690 -16.81 -19.88 41.29
C VAL B 690 -16.75 -19.29 39.89
N ASP B 691 -17.67 -19.72 39.03
CA ASP B 691 -17.74 -19.24 37.67
C ASP B 691 -18.86 -18.21 37.53
N GLY B 692 -19.12 -17.79 36.29
CA GLY B 692 -20.10 -16.74 36.06
C GLY B 692 -21.54 -17.16 36.34
N GLU B 693 -21.81 -18.47 36.36
CA GLU B 693 -23.16 -18.95 36.59
C GLU B 693 -23.41 -19.25 38.06
N GLU B 694 -22.39 -19.68 38.80
CA GLU B 694 -22.57 -19.90 40.23
C GLU B 694 -22.61 -18.59 40.99
N GLU B 695 -22.03 -17.52 40.42
CA GLU B 695 -22.07 -16.22 41.08
C GLU B 695 -23.48 -15.66 41.20
N GLU B 696 -24.42 -16.16 40.40
CA GLU B 696 -25.79 -15.69 40.50
C GLU B 696 -26.41 -15.99 41.85
N THR B 697 -25.91 -16.99 42.56
CA THR B 697 -26.58 -17.52 43.74
C THR B 697 -25.78 -17.32 45.02
N ILE B 698 -24.81 -16.41 45.02
CA ILE B 698 -23.97 -16.19 46.19
C ILE B 698 -24.00 -14.73 46.56
N MET B 699 -23.70 -14.46 47.83
CA MET B 699 -23.61 -13.11 48.37
C MET B 699 -22.18 -12.87 48.80
N ILE B 700 -21.50 -11.95 48.13
CA ILE B 700 -20.08 -11.70 48.30
C ILE B 700 -19.87 -10.41 49.08
N ALA B 701 -18.90 -10.41 49.97
CA ALA B 701 -18.46 -9.20 50.66
C ALA B 701 -17.26 -8.64 49.90
N MET B 702 -17.16 -7.32 49.84
CA MET B 702 -16.07 -6.71 49.08
C MET B 702 -14.74 -6.82 49.82
N THR B 703 -14.76 -6.64 51.13
CA THR B 703 -13.56 -6.68 51.94
C THR B 703 -13.88 -7.41 53.25
N PRO B 704 -12.88 -7.96 53.92
CA PRO B 704 -13.15 -8.59 55.22
C PRO B 704 -13.72 -7.63 56.24
N GLU B 705 -13.50 -6.32 56.06
CA GLU B 705 -14.12 -5.34 56.93
C GLU B 705 -15.63 -5.26 56.76
N ASP B 706 -16.15 -5.69 55.60
CA ASP B 706 -17.60 -5.69 55.39
C ASP B 706 -18.30 -6.79 56.16
N LEU B 707 -17.56 -7.73 56.74
CA LEU B 707 -18.19 -8.85 57.44
C LEU B 707 -18.74 -8.47 58.79
N GLN B 708 -18.49 -7.26 59.27
CA GLN B 708 -19.04 -6.80 60.54
C GLN B 708 -19.66 -5.41 60.36
N THR B 709 -20.64 -5.11 61.20
CA THR B 709 -21.34 -3.84 61.14
C THR B 709 -20.45 -2.68 61.59
N ASN B 720 -16.14 11.72 59.75
CA ASN B 720 -16.40 13.03 59.17
C ASN B 720 -15.13 13.62 58.55
N ASP B 721 -14.52 12.87 57.64
CA ASP B 721 -13.29 13.27 56.97
C ASP B 721 -13.59 13.64 55.52
N THR B 722 -13.02 14.76 55.07
CA THR B 722 -13.29 15.26 53.73
C THR B 722 -12.42 14.60 52.65
N ALA B 723 -11.47 13.77 53.04
CA ALA B 723 -10.55 13.14 52.09
C ALA B 723 -10.84 11.66 51.84
N LYS B 724 -11.21 10.91 52.87
CA LYS B 724 -11.45 9.49 52.70
C LYS B 724 -12.77 9.24 51.99
N ARG B 725 -12.86 8.11 51.29
CA ARG B 725 -14.03 7.82 50.48
C ARG B 725 -15.16 7.25 51.35
N ILE B 726 -16.33 7.14 50.74
CA ILE B 726 -17.56 6.79 51.43
C ILE B 726 -17.99 5.39 50.99
N LYS B 727 -18.18 4.50 51.96
CA LYS B 727 -18.65 3.15 51.70
C LYS B 727 -20.17 3.14 51.53
N PRO B 728 -20.70 2.17 50.78
CA PRO B 728 -22.17 2.07 50.64
C PRO B 728 -22.84 1.83 51.98
N GLU B 729 -24.00 2.47 52.17
CA GLU B 729 -24.73 2.34 53.42
C GLU B 729 -25.40 0.98 53.54
N MET B 730 -26.04 0.52 52.47
CA MET B 730 -26.69 -0.79 52.41
C MET B 730 -27.72 -0.95 53.54
N SER B 731 -28.65 0.00 53.61
CA SER B 731 -29.68 0.02 54.64
C SER B 731 -30.96 -0.68 54.22
N THR B 732 -31.03 -1.20 52.99
CA THR B 732 -32.25 -1.87 52.54
C THR B 732 -32.45 -3.20 53.24
N SER B 733 -31.37 -3.85 53.65
CA SER B 733 -31.42 -5.14 54.32
C SER B 733 -31.15 -4.96 55.81
N SER B 734 -32.06 -5.49 56.64
CA SER B 734 -31.87 -5.41 58.08
C SER B 734 -30.61 -6.16 58.52
N HIS B 735 -30.34 -7.28 57.87
CA HIS B 735 -29.16 -8.09 58.19
C HIS B 735 -28.68 -8.79 56.93
N HIS B 736 -27.41 -9.15 56.92
CA HIS B 736 -26.80 -9.83 55.79
C HIS B 736 -26.17 -11.14 56.23
N THR B 737 -26.21 -12.12 55.34
CA THR B 737 -25.56 -13.41 55.53
C THR B 737 -24.67 -13.63 54.31
N PHE B 738 -23.44 -13.12 54.39
CA PHE B 738 -22.49 -13.31 53.31
C PHE B 738 -22.04 -14.76 53.24
N THR B 739 -21.73 -15.21 52.03
CA THR B 739 -21.21 -16.56 51.82
C THR B 739 -19.78 -16.57 51.31
N HIS B 740 -19.29 -15.50 50.73
CA HIS B 740 -17.93 -15.43 50.22
C HIS B 740 -17.40 -14.02 50.42
N CYS B 741 -16.08 -13.88 50.31
CA CYS B 741 -15.42 -12.60 50.42
C CYS B 741 -14.37 -12.48 49.32
N GLU B 742 -14.27 -11.30 48.73
CA GLU B 742 -13.27 -11.07 47.70
C GLU B 742 -11.87 -11.07 48.30
N ILE B 743 -10.94 -11.73 47.60
CA ILE B 743 -9.56 -11.78 48.10
C ILE B 743 -8.94 -10.38 48.10
N HIS B 744 -9.02 -9.69 46.97
CA HIS B 744 -8.73 -8.27 46.92
C HIS B 744 -9.37 -7.67 45.69
N PRO B 745 -10.13 -6.58 45.84
CA PRO B 745 -10.89 -6.05 44.69
C PRO B 745 -10.03 -5.61 43.52
N SER B 746 -8.76 -5.29 43.75
CA SER B 746 -7.91 -4.79 42.68
C SER B 746 -7.49 -5.91 41.74
N MET B 747 -7.92 -7.14 42.01
CA MET B 747 -7.61 -8.27 41.14
C MET B 747 -8.58 -8.39 39.98
N ILE B 748 -9.55 -7.48 39.86
CA ILE B 748 -10.44 -7.49 38.71
C ILE B 748 -9.79 -6.89 37.47
N LEU B 749 -8.56 -6.41 37.58
CA LEU B 749 -7.86 -5.77 36.47
C LEU B 749 -6.95 -6.79 35.77
N GLY B 750 -6.63 -6.48 34.52
CA GLY B 750 -5.80 -7.33 33.71
C GLY B 750 -4.33 -7.02 33.90
N VAL B 751 -3.52 -7.55 32.97
CA VAL B 751 -2.08 -7.35 33.04
C VAL B 751 -1.72 -5.91 32.72
N ALA B 752 -2.31 -5.35 31.66
CA ALA B 752 -1.93 -4.02 31.23
C ALA B 752 -2.51 -2.95 32.15
N ALA B 753 -3.69 -3.19 32.71
CA ALA B 753 -4.31 -2.24 33.61
C ALA B 753 -3.77 -2.32 35.03
N SER B 754 -2.92 -3.29 35.33
CA SER B 754 -2.31 -3.37 36.65
C SER B 754 -1.08 -2.49 36.78
N ILE B 755 -0.70 -1.79 35.70
CA ILE B 755 0.43 -0.88 35.76
C ILE B 755 0.00 0.51 36.20
N ILE B 756 -1.23 0.92 35.91
CA ILE B 756 -1.69 2.27 36.23
C ILE B 756 -1.68 2.45 37.75
N PRO B 757 -1.09 3.53 38.27
CA PRO B 757 -1.22 3.84 39.69
C PRO B 757 -2.48 4.64 39.94
N PHE B 758 -3.20 4.28 41.00
CA PHE B 758 -4.48 4.90 41.34
C PHE B 758 -5.43 4.91 40.14
N PRO B 759 -5.77 3.74 39.59
CA PRO B 759 -6.72 3.74 38.46
C PRO B 759 -8.11 4.19 38.85
N ASP B 760 -8.44 4.18 40.15
CA ASP B 760 -9.75 4.62 40.60
C ASP B 760 -9.87 6.13 40.77
N HIS B 761 -8.81 6.88 40.53
CA HIS B 761 -8.88 8.34 40.52
C HIS B 761 -8.90 8.90 39.10
N ASN B 762 -9.14 8.06 38.10
CA ASN B 762 -9.03 8.44 36.70
C ASN B 762 -10.36 8.30 36.01
N GLN B 763 -10.57 9.11 34.98
CA GLN B 763 -11.67 8.86 34.05
C GLN B 763 -11.37 7.59 33.26
N SER B 764 -12.36 6.70 33.17
CA SER B 764 -12.13 5.36 32.63
C SER B 764 -11.57 5.34 31.20
N PRO B 765 -11.99 6.20 30.27
CA PRO B 765 -11.36 6.17 28.95
C PRO B 765 -9.86 6.39 29.01
N ARG B 766 -9.39 7.17 29.99
CA ARG B 766 -7.95 7.33 30.13
C ARG B 766 -7.29 6.04 30.58
N ASN B 767 -7.96 5.25 31.42
CA ASN B 767 -7.43 3.94 31.77
C ASN B 767 -7.34 3.05 30.54
N THR B 768 -8.36 3.09 29.68
CA THR B 768 -8.31 2.28 28.46
C THR B 768 -7.17 2.73 27.55
N TYR B 769 -7.00 4.04 27.39
CA TYR B 769 -5.92 4.55 26.54
C TYR B 769 -4.56 4.14 27.09
N GLN B 770 -4.38 4.18 28.41
CA GLN B 770 -3.11 3.75 28.98
C GLN B 770 -2.90 2.25 28.79
N SER B 771 -3.97 1.45 28.92
CA SER B 771 -3.82 0.03 28.65
C SER B 771 -3.35 -0.19 27.22
N ALA B 772 -3.84 0.62 26.29
CA ALA B 772 -3.38 0.50 24.91
C ALA B 772 -1.93 0.94 24.75
N MET B 773 -1.55 2.06 25.36
CA MET B 773 -0.23 2.63 25.14
C MET B 773 0.87 1.96 25.94
N GLY B 774 0.53 1.17 26.96
CA GLY B 774 1.55 0.49 27.73
C GLY B 774 2.18 -0.67 26.99
N LYS B 775 1.54 -1.14 25.92
CA LYS B 775 2.07 -2.19 25.07
C LYS B 775 2.98 -1.65 23.99
N GLN B 776 3.18 -0.33 23.94
CA GLN B 776 4.08 0.30 22.98
C GLN B 776 5.24 1.00 23.66
N ALA B 777 5.42 0.82 24.96
CA ALA B 777 6.50 1.44 25.70
C ALA B 777 7.77 0.61 25.56
N MET B 778 8.87 1.26 25.20
CA MET B 778 10.14 0.56 25.07
C MET B 778 10.72 0.27 26.43
N GLY B 779 11.15 -0.97 26.63
CA GLY B 779 11.78 -1.37 27.87
C GLY B 779 12.86 -2.39 27.63
N VAL B 780 12.83 -3.49 28.38
CA VAL B 780 13.70 -4.63 28.17
C VAL B 780 12.81 -5.85 28.07
N PHE B 781 12.52 -6.30 26.84
CA PHE B 781 11.56 -7.39 26.69
C PHE B 781 12.12 -8.71 27.22
N LEU B 782 13.42 -8.94 27.06
CA LEU B 782 14.03 -10.15 27.56
C LEU B 782 15.48 -9.84 27.92
N THR B 783 16.06 -10.69 28.76
CA THR B 783 17.44 -10.51 29.15
C THR B 783 18.43 -11.09 28.14
N ASN B 784 17.97 -11.92 27.21
CA ASN B 784 18.85 -12.52 26.21
C ASN B 784 18.69 -11.85 24.85
N TYR B 785 18.47 -10.55 24.83
CA TYR B 785 18.25 -9.87 23.56
C TYR B 785 19.48 -9.86 22.67
N ASN B 786 20.67 -10.13 23.22
CA ASN B 786 21.86 -10.17 22.40
C ASN B 786 21.90 -11.39 21.49
N VAL B 787 21.43 -12.54 21.97
CA VAL B 787 21.52 -13.77 21.22
C VAL B 787 20.29 -14.01 20.36
N ARG B 788 19.33 -13.10 20.36
CA ARG B 788 18.12 -13.24 19.56
C ARG B 788 18.24 -12.41 18.29
N MET B 789 17.64 -12.92 17.22
CA MET B 789 17.60 -12.24 15.93
C MET B 789 16.14 -11.94 15.61
N ASP B 790 15.62 -10.85 16.16
CA ASP B 790 14.26 -10.43 15.90
C ASP B 790 14.27 -9.40 14.77
N THR B 791 13.13 -9.28 14.10
CA THR B 791 13.03 -8.30 13.01
C THR B 791 13.23 -6.89 13.53
N MET B 792 12.64 -6.57 14.68
CA MET B 792 12.88 -5.31 15.36
C MET B 792 13.11 -5.58 16.83
N ALA B 793 13.84 -4.66 17.47
CA ALA B 793 14.05 -4.73 18.91
C ALA B 793 14.41 -3.35 19.40
N ASN B 794 13.77 -2.91 20.47
CA ASN B 794 14.07 -1.63 21.10
C ASN B 794 14.41 -1.88 22.56
N ILE B 795 15.57 -1.38 23.00
CA ILE B 795 16.04 -1.54 24.36
C ILE B 795 16.37 -0.16 24.91
N LEU B 796 15.86 0.16 26.08
CA LEU B 796 16.11 1.44 26.70
C LEU B 796 17.44 1.37 27.46
N TYR B 797 18.26 2.41 27.36
CA TYR B 797 19.58 2.37 27.98
C TYR B 797 19.48 2.16 29.49
N TYR B 798 18.72 3.01 30.16
CA TYR B 798 18.72 3.09 31.62
C TYR B 798 17.29 2.96 32.14
N PRO B 799 16.73 1.75 32.15
CA PRO B 799 15.41 1.58 32.74
C PRO B 799 15.43 1.86 34.24
N GLN B 800 14.33 2.40 34.73
CA GLN B 800 14.16 2.66 36.15
C GLN B 800 12.82 2.12 36.60
N LYS B 801 12.76 1.62 37.81
CA LYS B 801 11.47 1.18 38.32
C LYS B 801 10.67 2.37 38.82
N PRO B 802 9.34 2.30 38.72
CA PRO B 802 8.52 3.43 39.16
C PRO B 802 8.61 3.67 40.65
N LEU B 803 8.51 4.94 41.03
CA LEU B 803 8.50 5.29 42.45
C LEU B 803 7.14 5.01 43.07
N ALA B 804 6.07 5.25 42.32
CA ALA B 804 4.71 4.94 42.76
C ALA B 804 4.28 3.67 42.03
N LYS B 805 4.38 2.54 42.71
CA LYS B 805 4.08 1.23 42.15
C LYS B 805 2.80 0.69 42.74
N THR B 806 2.33 -0.42 42.17
CA THR B 806 1.18 -1.13 42.68
C THR B 806 1.60 -2.52 43.13
N GLN B 807 0.79 -3.14 43.97
CA GLN B 807 1.12 -4.46 44.49
C GLN B 807 1.07 -5.52 43.40
N ALA B 808 0.26 -5.30 42.36
CA ALA B 808 0.16 -6.28 41.28
C ALA B 808 1.38 -6.27 40.38
N MET B 809 2.23 -5.23 40.46
CA MET B 809 3.44 -5.21 39.67
C MET B 809 4.46 -6.23 40.12
N GLU B 810 4.29 -6.79 41.32
CA GLU B 810 5.26 -7.76 41.81
C GLU B 810 5.24 -9.03 40.99
N TYR B 811 4.05 -9.46 40.57
CA TYR B 811 3.88 -10.70 39.84
C TYR B 811 3.95 -10.52 38.33
N LEU B 812 4.05 -9.27 37.86
CA LEU B 812 4.28 -8.99 36.45
C LEU B 812 5.74 -8.73 36.15
N LYS B 813 6.62 -8.88 37.15
CA LYS B 813 8.06 -8.65 37.01
C LYS B 813 8.38 -7.25 36.51
N PHE B 814 7.49 -6.29 36.73
CA PHE B 814 7.74 -4.94 36.24
C PHE B 814 8.91 -4.29 36.97
N ARG B 815 9.24 -4.78 38.16
CA ARG B 815 10.37 -4.24 38.89
C ARG B 815 11.69 -4.67 38.27
N GLU B 816 11.72 -5.84 37.63
CA GLU B 816 12.95 -6.40 37.07
C GLU B 816 13.15 -6.08 35.61
N LEU B 817 12.10 -5.82 34.86
CA LEU B 817 12.18 -5.44 33.44
C LEU B 817 11.29 -4.23 33.21
N PRO B 818 11.64 -3.08 33.77
CA PRO B 818 10.77 -1.91 33.66
C PRO B 818 10.89 -1.27 32.30
N ALA B 819 9.90 -0.44 31.98
CA ALA B 819 9.74 0.13 30.64
C ALA B 819 9.49 1.62 30.71
N GLY B 820 10.33 2.34 31.43
CA GLY B 820 10.17 3.78 31.54
C GLY B 820 11.25 4.37 32.41
N GLN B 821 11.12 5.67 32.66
CA GLN B 821 12.06 6.38 33.51
C GLN B 821 11.31 7.43 34.33
N ASN B 822 11.88 7.78 35.47
CA ASN B 822 11.31 8.79 36.35
C ASN B 822 11.86 10.15 35.94
N ALA B 823 11.04 10.97 35.30
CA ALA B 823 11.43 12.30 34.89
C ALA B 823 10.90 13.32 35.89
N ILE B 824 11.65 14.38 36.10
CA ILE B 824 11.18 15.49 36.93
C ILE B 824 10.28 16.35 36.07
N VAL B 825 8.98 16.29 36.32
CA VAL B 825 7.97 16.94 35.49
C VAL B 825 7.49 18.20 36.18
N ALA B 826 7.40 19.29 35.42
CA ALA B 826 6.83 20.53 35.90
C ALA B 826 5.65 20.90 35.03
N ILE B 827 4.52 21.19 35.64
CA ILE B 827 3.31 21.56 34.92
C ILE B 827 3.28 23.08 34.86
N ALA B 828 3.47 23.64 33.68
CA ALA B 828 3.54 25.09 33.54
C ALA B 828 3.37 25.47 32.08
N CYS B 829 2.82 26.67 31.86
CA CYS B 829 2.85 27.32 30.56
C CYS B 829 4.12 28.13 30.49
N TYR B 830 5.21 27.50 30.03
CA TYR B 830 6.47 28.24 30.06
C TYR B 830 6.60 29.18 28.88
N SER B 831 6.74 28.64 27.67
CA SER B 831 7.01 29.50 26.53
C SER B 831 5.99 29.33 25.40
N GLY B 832 4.93 28.56 25.63
CA GLY B 832 3.96 28.31 24.61
C GLY B 832 4.29 27.18 23.68
N TYR B 833 5.39 26.47 23.90
CA TYR B 833 5.79 25.38 23.04
C TYR B 833 5.25 24.03 23.49
N ASN B 834 4.49 23.99 24.57
CA ASN B 834 3.93 22.74 25.08
C ASN B 834 2.41 22.73 25.03
N GLN B 835 1.80 23.58 24.22
CA GLN B 835 0.36 23.58 24.10
C GLN B 835 -0.11 22.47 23.18
N GLU B 836 -1.38 22.12 23.31
CA GLU B 836 -2.02 21.12 22.45
C GLU B 836 -1.28 19.79 22.51
N ASP B 837 -1.03 19.31 23.73
CA ASP B 837 -0.43 18.02 24.02
C ASP B 837 1.06 17.94 23.69
N SER B 838 1.71 19.05 23.36
CA SER B 838 3.15 19.02 23.22
C SER B 838 3.82 19.00 24.59
N MET B 839 5.15 18.99 24.59
CA MET B 839 5.89 19.08 25.83
C MET B 839 7.27 19.61 25.52
N ILE B 840 7.91 20.19 26.53
CA ILE B 840 9.25 20.72 26.43
C ILE B 840 10.19 19.79 27.19
N MET B 841 11.27 19.37 26.55
CA MET B 841 12.22 18.48 27.18
C MET B 841 13.55 19.21 27.39
N ASN B 842 14.24 18.85 28.45
CA ASN B 842 15.53 19.44 28.77
C ASN B 842 16.59 18.84 27.85
N GLN B 843 17.29 19.69 27.11
CA GLN B 843 18.31 19.20 26.20
C GLN B 843 19.49 18.60 26.96
N SER B 844 19.84 19.18 28.10
CA SER B 844 20.97 18.67 28.87
C SER B 844 20.66 17.29 29.44
N SER B 845 19.41 17.05 29.82
CA SER B 845 19.04 15.71 30.28
C SER B 845 19.13 14.70 29.15
N ILE B 846 18.73 15.10 27.94
CA ILE B 846 18.87 14.23 26.78
C ILE B 846 20.34 13.93 26.52
N ASP B 847 21.20 14.94 26.67
CA ASP B 847 22.63 14.74 26.49
C ASP B 847 23.19 13.75 27.50
N ARG B 848 22.63 13.71 28.70
CA ARG B 848 23.12 12.84 29.74
C ARG B 848 22.52 11.44 29.70
N GLY B 849 21.67 11.15 28.70
CA GLY B 849 21.18 9.82 28.48
C GLY B 849 19.72 9.58 28.81
N LEU B 850 18.92 10.63 29.01
CA LEU B 850 17.52 10.43 29.35
C LEU B 850 16.75 9.92 28.14
N PHE B 851 16.04 8.81 28.31
CA PHE B 851 15.15 8.24 27.31
C PHE B 851 15.89 7.81 26.04
N ARG B 852 17.22 7.72 26.10
CA ARG B 852 17.98 7.20 24.97
C ARG B 852 17.76 5.71 24.86
N SER B 853 17.74 5.20 23.62
CA SER B 853 17.42 3.79 23.42
C SER B 853 18.28 3.20 22.31
N LEU B 854 18.14 1.89 22.16
CA LEU B 854 18.93 1.08 21.24
C LEU B 854 17.99 0.39 20.28
N PHE B 855 18.36 0.33 19.00
CA PHE B 855 17.48 -0.21 17.97
C PHE B 855 18.22 -1.30 17.20
N PHE B 856 17.57 -2.45 17.06
CA PHE B 856 18.12 -3.58 16.31
C PHE B 856 17.16 -3.96 15.20
N ARG B 857 17.71 -4.24 14.02
CA ARG B 857 16.94 -4.79 12.92
C ARG B 857 17.72 -5.92 12.27
N SER B 858 17.03 -7.01 11.95
CA SER B 858 17.64 -8.19 11.37
C SER B 858 17.17 -8.39 9.94
N TYR B 859 18.07 -8.87 9.09
CA TYR B 859 17.75 -9.21 7.71
C TYR B 859 18.05 -10.69 7.51
N MET B 860 17.20 -11.35 6.73
CA MET B 860 17.36 -12.77 6.45
C MET B 860 17.51 -12.98 4.95
N ASP B 861 18.29 -13.99 4.58
CA ASP B 861 18.37 -14.43 3.20
C ASP B 861 18.88 -15.86 3.16
N GLN B 862 18.54 -16.57 2.10
CA GLN B 862 18.94 -17.96 1.96
C GLN B 862 19.10 -18.30 0.49
N GLU B 863 19.86 -19.35 0.23
CA GLU B 863 20.11 -19.82 -1.12
C GLU B 863 18.97 -20.74 -1.55
N LYS B 864 18.27 -20.37 -2.60
CA LYS B 864 17.17 -21.19 -3.11
C LYS B 864 17.69 -22.18 -4.13
N ARG B 865 16.98 -23.30 -4.24
CA ARG B 865 17.28 -24.35 -5.20
C ARG B 865 16.16 -24.40 -6.23
N PHE B 866 16.50 -24.14 -7.49
CA PHE B 866 15.52 -24.13 -8.57
C PHE B 866 15.51 -25.41 -9.39
N GLY B 867 16.54 -26.23 -9.31
CA GLY B 867 16.60 -27.42 -10.11
C GLY B 867 17.69 -28.35 -9.65
N ILE B 868 18.10 -29.25 -10.55
CA ILE B 868 19.13 -30.27 -10.30
C ILE B 868 20.51 -29.62 -10.05
N SER B 869 20.82 -28.51 -10.74
CA SER B 869 22.10 -27.82 -10.56
C SER B 869 21.95 -26.31 -10.75
N ILE B 870 20.77 -25.76 -10.52
CA ILE B 870 20.54 -24.33 -10.56
C ILE B 870 20.38 -23.88 -9.11
N VAL B 871 21.44 -23.29 -8.55
CA VAL B 871 21.46 -22.85 -7.16
C VAL B 871 21.89 -21.40 -7.13
N GLU B 872 21.44 -20.69 -6.09
CA GLU B 872 21.94 -19.35 -5.83
C GLU B 872 23.21 -19.44 -4.99
N GLU B 873 24.03 -18.40 -5.10
CA GLU B 873 25.34 -18.40 -4.47
C GLU B 873 25.54 -17.08 -3.72
N PHE B 874 26.10 -17.17 -2.52
CA PHE B 874 26.50 -15.98 -1.77
C PHE B 874 27.90 -15.59 -2.24
N GLU B 875 28.01 -14.45 -2.90
CA GLU B 875 29.28 -14.01 -3.44
C GLU B 875 29.23 -12.50 -3.62
N LYS B 876 30.41 -11.91 -3.79
CA LYS B 876 30.49 -10.50 -4.12
C LYS B 876 30.42 -10.35 -5.63
N PRO B 877 29.27 -9.95 -6.18
CA PRO B 877 29.14 -9.88 -7.64
C PRO B 877 30.03 -8.80 -8.22
N THR B 878 30.51 -9.07 -9.43
CA THR B 878 31.38 -8.15 -10.16
C THR B 878 30.59 -7.47 -11.28
N ARG B 879 31.04 -6.26 -11.62
CA ARG B 879 30.36 -5.50 -12.66
C ARG B 879 30.43 -6.20 -14.02
N ALA B 880 31.38 -7.11 -14.20
CA ALA B 880 31.59 -7.77 -15.48
C ALA B 880 30.73 -9.03 -15.65
N THR B 881 30.76 -9.94 -14.68
CA THR B 881 30.12 -11.24 -14.83
C THR B 881 28.64 -11.24 -14.45
N THR B 882 28.12 -10.14 -13.90
CA THR B 882 26.73 -10.06 -13.51
C THR B 882 26.10 -8.84 -14.15
N LEU B 883 24.78 -8.87 -14.29
CA LEU B 883 24.05 -7.79 -14.95
C LEU B 883 22.89 -7.35 -14.07
N ARG B 884 22.50 -6.08 -14.26
CA ARG B 884 21.44 -5.44 -13.48
C ARG B 884 21.78 -5.42 -11.99
N LEU B 885 22.88 -4.74 -11.67
CA LEU B 885 23.30 -4.60 -10.30
C LEU B 885 22.54 -3.46 -9.63
N LYS B 886 22.43 -3.55 -8.30
CA LYS B 886 21.82 -2.48 -7.52
C LYS B 886 22.70 -1.23 -7.58
N HIS B 887 22.06 -0.06 -7.40
CA HIS B 887 22.80 1.19 -7.50
C HIS B 887 23.64 1.47 -6.27
N GLY B 888 23.52 0.68 -5.20
CA GLY B 888 24.31 0.87 -4.01
C GLY B 888 25.76 0.49 -4.24
N THR B 889 26.48 0.36 -3.14
CA THR B 889 27.90 0.01 -3.18
C THR B 889 28.12 -1.40 -2.66
N TYR B 890 28.97 -2.15 -3.36
CA TYR B 890 29.31 -3.51 -2.97
C TYR B 890 30.66 -3.60 -2.29
N GLU B 891 31.29 -2.47 -1.98
CA GLU B 891 32.67 -2.50 -1.49
C GLU B 891 32.77 -2.91 -0.04
N LYS B 892 31.66 -3.00 0.68
CA LYS B 892 31.69 -3.40 2.08
C LYS B 892 31.53 -4.90 2.26
N LEU B 893 31.32 -5.65 1.19
CA LEU B 893 31.15 -7.09 1.30
C LEU B 893 32.51 -7.79 1.40
N ASP B 894 32.51 -8.90 2.10
CA ASP B 894 33.71 -9.72 2.23
C ASP B 894 33.82 -10.67 1.04
N GLU B 895 34.76 -11.62 1.11
CA GLU B 895 34.95 -12.55 0.01
C GLU B 895 33.76 -13.49 -0.15
N ASP B 896 33.07 -13.81 0.94
CA ASP B 896 31.95 -14.73 0.89
C ASP B 896 30.62 -14.04 0.64
N GLY B 897 30.62 -12.75 0.33
CA GLY B 897 29.39 -12.05 0.04
C GLY B 897 28.59 -11.62 1.25
N LEU B 898 29.20 -11.61 2.43
CA LEU B 898 28.54 -11.17 3.66
C LEU B 898 29.35 -10.07 4.31
N ILE B 899 28.66 -9.03 4.78
CA ILE B 899 29.33 -7.95 5.47
C ILE B 899 29.81 -8.43 6.84
N ALA B 900 30.82 -7.74 7.37
CA ALA B 900 31.34 -8.19 8.65
C ALA B 900 30.87 -7.28 9.78
N PRO B 901 30.70 -7.81 10.98
CA PRO B 901 30.25 -6.97 12.10
C PRO B 901 31.25 -5.88 12.43
N GLY B 902 30.73 -4.76 12.92
CA GLY B 902 31.54 -3.61 13.22
C GLY B 902 31.66 -2.60 12.10
N VAL B 903 31.06 -2.86 10.94
CA VAL B 903 31.15 -1.97 9.79
C VAL B 903 29.94 -1.05 9.78
N ARG B 904 30.19 0.24 9.67
CA ARG B 904 29.11 1.21 9.56
C ARG B 904 28.48 1.14 8.17
N VAL B 905 27.15 1.07 8.13
CA VAL B 905 26.41 0.97 6.88
C VAL B 905 25.43 2.13 6.78
N SER B 906 25.10 2.51 5.55
CA SER B 906 24.15 3.57 5.27
C SER B 906 23.03 3.00 4.41
N GLY B 907 22.07 3.85 4.08
CA GLY B 907 20.96 3.40 3.27
C GLY B 907 21.42 2.96 1.89
N ASP B 908 20.75 1.94 1.36
CA ASP B 908 20.95 1.36 0.04
C ASP B 908 22.27 0.61 -0.10
N ASP B 909 23.09 0.52 0.94
CA ASP B 909 24.28 -0.30 0.88
C ASP B 909 23.89 -1.77 0.82
N ILE B 910 24.78 -2.56 0.22
CA ILE B 910 24.54 -3.99 0.05
C ILE B 910 25.16 -4.72 1.23
N ILE B 911 24.33 -5.42 2.01
CA ILE B 911 24.81 -6.16 3.15
C ILE B 911 24.89 -7.66 2.87
N ILE B 912 24.16 -8.17 1.89
CA ILE B 912 24.22 -9.56 1.48
C ILE B 912 24.37 -9.60 -0.03
N GLY B 913 25.41 -10.28 -0.51
CA GLY B 913 25.66 -10.41 -1.92
C GLY B 913 25.26 -11.78 -2.42
N LYS B 914 24.28 -11.81 -3.31
CA LYS B 914 23.75 -13.06 -3.83
C LYS B 914 23.54 -12.93 -5.33
N THR B 915 23.84 -13.99 -6.06
CA THR B 915 23.67 -14.04 -7.51
C THR B 915 22.93 -15.31 -7.89
N THR B 916 22.12 -15.21 -8.95
CA THR B 916 21.42 -16.35 -9.48
C THR B 916 21.87 -16.62 -10.91
N PRO B 917 22.08 -17.88 -11.28
CA PRO B 917 22.60 -18.19 -12.61
C PRO B 917 21.59 -17.87 -13.70
N ILE B 918 22.13 -17.51 -14.86
CA ILE B 918 21.31 -17.19 -16.05
C ILE B 918 21.93 -17.88 -17.25
N PRO B 919 21.14 -18.47 -18.14
CA PRO B 919 21.69 -19.09 -19.35
C PRO B 919 22.45 -18.06 -20.18
N PRO B 920 23.70 -18.36 -20.53
CA PRO B 920 24.52 -17.37 -21.23
C PRO B 920 23.99 -17.08 -22.63
N ASP B 921 24.29 -15.87 -23.10
CA ASP B 921 23.86 -15.41 -24.41
C ASP B 921 24.93 -15.77 -25.44
N THR B 922 24.81 -15.22 -26.65
CA THR B 922 25.81 -15.41 -27.70
C THR B 922 27.02 -14.53 -27.51
N GLU B 923 27.20 -13.93 -26.33
CA GLU B 923 28.33 -13.05 -26.08
C GLU B 923 29.66 -13.80 -26.15
N GLU B 924 29.63 -15.14 -26.11
CA GLU B 924 30.84 -15.94 -26.25
C GLU B 924 31.47 -15.78 -27.62
N LEU B 925 30.80 -15.01 -28.49
CA LEU B 925 31.34 -14.67 -29.81
C LEU B 925 32.76 -14.12 -29.71
N GLY B 926 32.91 -12.98 -29.01
CA GLY B 926 34.19 -12.32 -28.94
C GLY B 926 34.51 -11.71 -27.59
N GLN B 927 33.72 -12.04 -26.57
CA GLN B 927 33.98 -11.57 -25.22
C GLN B 927 35.08 -12.42 -24.59
N ARG B 928 36.07 -11.76 -23.99
CA ARG B 928 37.17 -12.46 -23.33
C ARG B 928 36.75 -12.84 -21.90
N THR B 929 35.82 -13.80 -21.84
CA THR B 929 35.29 -14.37 -20.60
C THR B 929 34.44 -13.36 -19.85
N LYS B 930 34.39 -12.12 -20.35
CA LYS B 930 33.64 -11.04 -19.71
C LYS B 930 32.21 -10.97 -20.22
N TYR B 931 31.48 -12.07 -20.07
CA TYR B 931 30.09 -12.15 -20.49
C TYR B 931 29.22 -12.51 -19.29
N HIS B 932 28.02 -11.91 -19.24
CA HIS B 932 27.17 -12.03 -18.07
C HIS B 932 26.51 -13.40 -18.01
N THR B 933 26.83 -14.18 -16.98
CA THR B 933 26.22 -15.48 -16.76
C THR B 933 25.31 -15.52 -15.54
N LYS B 934 25.39 -14.53 -14.66
CA LYS B 934 24.64 -14.51 -13.42
C LYS B 934 23.87 -13.20 -13.30
N ARG B 935 22.76 -13.25 -12.56
CA ARG B 935 21.96 -12.06 -12.30
C ARG B 935 21.99 -11.75 -10.81
N ASP B 936 22.07 -10.45 -10.49
CA ASP B 936 22.18 -10.03 -9.11
C ASP B 936 20.85 -10.18 -8.37
N ALA B 937 20.93 -10.70 -7.14
CA ALA B 937 19.78 -10.79 -6.25
C ALA B 937 20.17 -10.32 -4.85
N SER B 938 20.97 -9.27 -4.77
CA SER B 938 21.53 -8.83 -3.50
C SER B 938 20.48 -8.16 -2.63
N THR B 939 20.75 -8.13 -1.34
CA THR B 939 19.87 -7.51 -0.35
C THR B 939 20.43 -6.18 0.08
N PRO B 940 19.80 -5.05 -0.25
CA PRO B 940 20.30 -3.76 0.21
C PRO B 940 19.71 -3.38 1.56
N LEU B 941 20.45 -2.55 2.28
CA LEU B 941 19.92 -1.96 3.50
C LEU B 941 18.77 -1.02 3.16
N ARG B 942 17.83 -0.89 4.09
CA ARG B 942 16.68 -0.03 3.86
C ARG B 942 17.13 1.41 3.64
N SER B 943 16.41 2.11 2.76
CA SER B 943 16.88 3.40 2.29
C SER B 943 16.95 4.43 3.40
N THR B 944 16.02 4.38 4.34
CA THR B 944 15.91 5.38 5.39
C THR B 944 16.67 5.02 6.65
N GLU B 945 17.36 3.89 6.68
CA GLU B 945 17.99 3.39 7.89
C GLU B 945 19.50 3.32 7.71
N ASN B 946 20.22 3.47 8.82
CA ASN B 946 21.66 3.31 8.83
C ASN B 946 22.09 2.97 10.25
N GLY B 947 23.27 2.37 10.36
CA GLY B 947 23.76 1.96 11.67
C GLY B 947 25.05 1.16 11.53
N ILE B 948 25.31 0.35 12.55
CA ILE B 948 26.50 -0.49 12.62
C ILE B 948 26.07 -1.94 12.49
N VAL B 949 26.81 -2.71 11.69
CA VAL B 949 26.54 -4.13 11.62
C VAL B 949 26.92 -4.77 12.95
N ASP B 950 25.96 -5.37 13.62
CA ASP B 950 26.16 -5.83 14.99
C ASP B 950 26.58 -7.29 15.06
N GLN B 951 25.98 -8.15 14.25
CA GLN B 951 26.23 -9.58 14.36
C GLN B 951 25.73 -10.26 13.10
N VAL B 952 26.57 -11.11 12.51
CA VAL B 952 26.26 -11.83 11.30
C VAL B 952 26.22 -13.31 11.60
N LEU B 953 25.13 -13.97 11.22
CA LEU B 953 24.91 -15.37 11.51
C LEU B 953 24.86 -16.15 10.22
N LEU B 954 25.62 -17.24 10.15
CA LEU B 954 25.68 -18.08 8.96
C LEU B 954 25.43 -19.52 9.37
N THR B 955 24.46 -20.16 8.70
CA THR B 955 24.09 -21.53 9.04
C THR B 955 23.39 -22.15 7.85
N THR B 956 22.85 -23.35 8.03
CA THR B 956 22.16 -24.09 6.99
C THR B 956 20.70 -24.26 7.37
N ASN B 957 19.81 -24.13 6.38
CA ASN B 957 18.39 -24.27 6.60
C ASN B 957 18.04 -25.76 6.70
N GLN B 958 16.75 -26.07 6.74
CA GLN B 958 16.31 -27.45 6.83
C GLN B 958 16.72 -28.24 5.58
N GLU B 959 16.83 -27.57 4.44
CA GLU B 959 17.12 -28.22 3.18
C GLU B 959 18.61 -28.39 2.92
N GLY B 960 19.46 -27.93 3.82
CA GLY B 960 20.89 -28.06 3.62
C GLY B 960 21.55 -26.96 2.82
N LEU B 961 20.83 -25.91 2.49
CA LEU B 961 21.40 -24.77 1.78
C LEU B 961 21.86 -23.71 2.77
N LYS B 962 22.70 -22.80 2.29
CA LYS B 962 23.20 -21.74 3.15
C LYS B 962 22.08 -20.78 3.54
N PHE B 963 22.27 -20.11 4.67
CA PHE B 963 21.21 -19.32 5.28
C PHE B 963 21.87 -18.32 6.22
N VAL B 964 21.65 -17.03 5.99
CA VAL B 964 22.35 -15.99 6.74
C VAL B 964 21.34 -15.07 7.39
N LYS B 965 21.74 -14.46 8.51
CA LYS B 965 20.98 -13.43 9.19
C LYS B 965 21.95 -12.33 9.59
N VAL B 966 21.61 -11.09 9.28
CA VAL B 966 22.46 -9.94 9.59
C VAL B 966 21.66 -9.01 10.49
N ARG B 967 22.23 -8.66 11.64
CA ARG B 967 21.59 -7.76 12.60
C ARG B 967 22.32 -6.43 12.61
N MET B 968 21.55 -5.35 12.47
CA MET B 968 22.08 -3.99 12.44
C MET B 968 21.66 -3.26 13.71
N ARG B 969 22.55 -2.45 14.25
CA ARG B 969 22.30 -1.74 15.51
C ARG B 969 22.50 -0.24 15.32
N THR B 970 21.62 0.54 15.93
CA THR B 970 21.75 1.99 15.96
C THR B 970 21.14 2.53 17.25
N THR B 971 21.50 3.76 17.59
CA THR B 971 20.99 4.42 18.78
C THR B 971 20.08 5.56 18.38
N LYS B 972 18.92 5.65 19.02
CA LYS B 972 17.91 6.66 18.73
C LYS B 972 17.80 7.60 19.93
N VAL B 973 18.16 8.86 19.72
CA VAL B 973 18.14 9.87 20.77
C VAL B 973 16.84 10.66 20.64
N PRO B 974 16.19 11.01 21.74
CA PRO B 974 14.94 11.78 21.65
C PRO B 974 15.15 13.10 20.93
N GLN B 975 14.14 13.50 20.18
CA GLN B 975 14.20 14.75 19.43
C GLN B 975 12.78 15.25 19.22
N ILE B 976 12.67 16.42 18.60
CA ILE B 976 11.36 17.02 18.36
C ILE B 976 10.51 16.09 17.53
N GLY B 977 9.35 15.73 18.06
CA GLY B 977 8.41 14.88 17.38
C GLY B 977 8.25 13.49 17.96
N ASP B 978 9.15 13.08 18.85
CA ASP B 978 9.04 11.76 19.46
C ASP B 978 7.91 11.74 20.47
N LYS B 979 7.23 10.60 20.55
CA LYS B 979 6.02 10.46 21.34
C LYS B 979 6.35 9.89 22.71
N PHE B 980 5.83 10.52 23.75
CA PHE B 980 6.00 10.09 25.13
C PHE B 980 4.64 10.04 25.79
N ALA B 981 4.56 9.32 26.92
CA ALA B 981 3.29 9.18 27.60
C ALA B 981 3.53 8.81 29.04
N SER B 982 2.63 9.25 29.91
CA SER B 982 2.63 8.81 31.30
C SER B 982 1.69 7.62 31.43
N ARG B 983 1.52 7.12 32.65
CA ARG B 983 0.71 5.93 32.87
C ARG B 983 -0.77 6.26 33.03
N HIS B 984 -1.22 7.42 32.52
CA HIS B 984 -2.59 7.84 32.67
C HIS B 984 -3.17 8.37 31.36
N GLY B 985 -2.71 7.86 30.23
CA GLY B 985 -3.26 8.29 28.96
C GLY B 985 -2.89 9.68 28.54
N GLN B 986 -1.79 10.22 29.05
CA GLN B 986 -1.37 11.57 28.75
C GLN B 986 -0.23 11.55 27.73
N LYS B 987 -0.58 11.17 26.50
CA LYS B 987 0.42 11.09 25.44
C LYS B 987 0.70 12.46 24.87
N GLY B 988 1.89 12.61 24.30
CA GLY B 988 2.30 13.86 23.69
C GLY B 988 3.61 13.70 22.97
N THR B 989 3.99 14.74 22.24
CA THR B 989 5.23 14.75 21.50
C THR B 989 6.09 15.94 21.92
N ILE B 990 7.39 15.81 21.73
CA ILE B 990 8.31 16.89 22.11
C ILE B 990 8.13 18.06 21.17
N GLY B 991 7.96 19.25 21.74
CA GLY B 991 7.75 20.43 20.94
C GLY B 991 9.02 21.22 20.70
N VAL B 992 9.88 21.27 21.71
CA VAL B 992 11.17 21.95 21.59
C VAL B 992 12.03 21.47 22.75
N THR B 993 13.34 21.63 22.63
CA THR B 993 14.28 21.27 23.67
C THR B 993 15.04 22.52 24.11
N TYR B 994 15.03 22.78 25.41
CA TYR B 994 15.79 23.87 26.00
C TYR B 994 16.98 23.30 26.76
N ARG B 995 18.04 24.09 26.82
CA ARG B 995 19.24 23.64 27.52
C ARG B 995 19.05 23.82 29.02
N HIS B 996 20.09 23.47 29.78
CA HIS B 996 19.98 23.50 31.24
C HIS B 996 19.74 24.91 31.75
N GLU B 997 20.39 25.90 31.15
CA GLU B 997 20.33 27.26 31.67
C GLU B 997 19.09 28.03 31.20
N ASP B 998 18.31 27.47 30.28
CA ASP B 998 17.09 28.15 29.84
C ASP B 998 15.85 27.65 30.56
N MET B 999 15.93 26.54 31.28
CA MET B 999 14.78 26.01 31.97
C MET B 999 14.52 26.80 33.26
N PRO B 1000 13.28 26.86 33.71
CA PRO B 1000 13.03 27.40 35.05
C PRO B 1000 13.62 26.50 36.11
N PHE B 1001 14.03 27.11 37.21
CA PHE B 1001 14.71 26.39 38.27
C PHE B 1001 14.12 26.78 39.61
N SER B 1002 14.23 25.89 40.59
CA SER B 1002 13.75 26.17 41.92
C SER B 1002 14.88 26.81 42.72
N ALA B 1003 14.60 27.13 43.99
CA ALA B 1003 15.60 27.81 44.81
C ALA B 1003 16.83 26.94 45.04
N GLU B 1004 16.67 25.63 44.98
CA GLU B 1004 17.77 24.70 45.22
C GLU B 1004 18.37 24.15 43.93
N GLY B 1005 18.08 24.78 42.79
CA GLY B 1005 18.79 24.50 41.56
C GLY B 1005 18.25 23.35 40.73
N ILE B 1006 17.08 22.81 41.05
CA ILE B 1006 16.53 21.69 40.31
C ILE B 1006 15.81 22.21 39.08
N VAL B 1007 16.20 21.72 37.91
CA VAL B 1007 15.50 22.05 36.67
C VAL B 1007 14.68 20.84 36.25
N PRO B 1008 13.52 21.02 35.64
CA PRO B 1008 12.74 19.86 35.21
C PRO B 1008 13.36 19.20 33.99
N ASP B 1009 13.09 17.90 33.85
CA ASP B 1009 13.44 17.22 32.61
C ASP B 1009 12.38 17.40 31.54
N LEU B 1010 11.21 17.91 31.92
CA LEU B 1010 10.05 17.83 31.05
C LEU B 1010 8.96 18.74 31.57
N ILE B 1011 8.38 19.57 30.70
CA ILE B 1011 7.33 20.52 31.08
C ILE B 1011 6.09 20.21 30.27
N ILE B 1012 4.96 20.02 30.95
CA ILE B 1012 3.69 19.75 30.28
C ILE B 1012 2.70 20.86 30.61
N ASN B 1013 1.78 21.08 29.69
CA ASN B 1013 0.82 22.17 29.82
C ASN B 1013 -0.21 21.87 30.90
N PRO B 1014 -0.63 22.88 31.66
CA PRO B 1014 -1.73 22.67 32.61
C PRO B 1014 -3.03 22.28 31.96
N HIS B 1015 -3.23 22.63 30.69
CA HIS B 1015 -4.52 22.39 30.03
C HIS B 1015 -4.77 20.92 29.77
N ALA B 1016 -3.76 20.06 29.95
CA ALA B 1016 -3.98 18.63 29.78
C ALA B 1016 -4.85 18.04 30.87
N ILE B 1017 -4.89 18.67 32.04
CA ILE B 1017 -5.52 18.08 33.22
C ILE B 1017 -7.03 18.31 33.28
N PRO B 1018 -7.53 19.55 33.26
CA PRO B 1018 -8.94 19.75 33.66
C PRO B 1018 -9.96 19.06 32.77
N SER B 1019 -9.75 19.04 31.46
CA SER B 1019 -10.74 18.43 30.58
C SER B 1019 -10.73 16.92 30.67
N ARG B 1020 -9.55 16.33 30.90
CA ARG B 1020 -9.42 14.88 30.94
C ARG B 1020 -9.53 14.31 32.35
N MET B 1021 -9.40 15.14 33.37
CA MET B 1021 -9.64 14.74 34.76
C MET B 1021 -8.79 13.54 35.17
N THR B 1022 -7.49 13.63 34.88
CA THR B 1022 -6.53 12.63 35.33
C THR B 1022 -5.89 13.07 36.64
N VAL B 1023 -6.70 13.02 37.70
CA VAL B 1023 -6.23 13.38 39.03
C VAL B 1023 -5.15 12.41 39.49
N ALA B 1024 -5.20 11.17 39.00
CA ALA B 1024 -4.19 10.19 39.39
C ALA B 1024 -2.80 10.63 39.00
N HIS B 1025 -2.68 11.41 37.91
CA HIS B 1025 -1.39 11.96 37.53
C HIS B 1025 -0.82 12.82 38.64
N LEU B 1026 -1.63 13.74 39.16
CA LEU B 1026 -1.19 14.65 40.21
C LEU B 1026 -0.89 13.90 41.50
N ILE B 1027 -1.74 12.93 41.85
CA ILE B 1027 -1.52 12.18 43.07
C ILE B 1027 -0.24 11.35 42.97
N GLU B 1028 0.01 10.76 41.80
CA GLU B 1028 1.24 10.00 41.61
C GLU B 1028 2.46 10.90 41.70
N CYS B 1029 2.38 12.11 41.13
CA CYS B 1029 3.50 13.03 41.23
C CYS B 1029 3.80 13.38 42.68
N LEU B 1030 2.76 13.66 43.46
CA LEU B 1030 2.95 13.99 44.88
C LEU B 1030 3.54 12.82 45.65
N LEU B 1031 2.98 11.63 45.46
CA LEU B 1031 3.46 10.46 46.18
C LEU B 1031 4.89 10.12 45.81
N SER B 1032 5.24 10.25 44.53
CA SER B 1032 6.61 10.01 44.09
C SER B 1032 7.56 11.02 44.69
N LYS B 1033 7.15 12.28 44.78
CA LYS B 1033 7.99 13.28 45.43
C LYS B 1033 8.29 12.88 46.86
N VAL B 1034 7.26 12.50 47.61
CA VAL B 1034 7.47 12.10 49.00
C VAL B 1034 8.37 10.88 49.08
N GLY B 1035 8.14 9.90 48.22
CA GLY B 1035 8.93 8.67 48.26
C GLY B 1035 10.39 8.90 47.95
N SER B 1036 10.68 9.73 46.95
CA SER B 1036 12.07 10.00 46.60
C SER B 1036 12.74 10.85 47.67
N ILE B 1037 11.99 11.72 48.34
CA ILE B 1037 12.57 12.47 49.44
C ILE B 1037 12.93 11.54 50.59
N ARG B 1038 12.04 10.63 50.95
CA ARG B 1038 12.24 9.78 52.11
C ARG B 1038 12.93 8.46 51.80
N GLY B 1039 13.16 8.14 50.53
CA GLY B 1039 13.80 6.87 50.21
C GLY B 1039 12.90 5.67 50.28
N TYR B 1040 11.62 5.83 50.00
CA TYR B 1040 10.67 4.72 49.98
C TYR B 1040 10.07 4.59 48.59
N GLU B 1041 9.25 3.55 48.41
CA GLU B 1041 8.46 3.37 47.20
C GLU B 1041 7.00 3.48 47.55
N GLY B 1042 6.29 4.41 46.89
CA GLY B 1042 4.89 4.59 47.18
C GLY B 1042 4.06 3.40 46.78
N ASP B 1043 2.98 3.18 47.51
CA ASP B 1043 2.06 2.07 47.25
C ASP B 1043 0.79 2.65 46.65
N ALA B 1044 0.69 2.57 45.32
CA ALA B 1044 -0.44 3.14 44.59
C ALA B 1044 -1.46 2.08 44.20
N THR B 1045 -1.64 1.07 45.01
CA THR B 1045 -2.66 0.06 44.75
C THR B 1045 -4.04 0.69 44.85
N PRO B 1046 -4.95 0.41 43.93
CA PRO B 1046 -6.29 0.98 44.02
C PRO B 1046 -7.07 0.39 45.18
N PHE B 1047 -8.12 1.12 45.57
CA PHE B 1047 -9.08 0.67 46.59
C PHE B 1047 -8.40 0.42 47.93
N THR B 1048 -7.46 1.28 48.28
CA THR B 1048 -6.80 1.25 49.58
C THR B 1048 -7.25 2.46 50.40
N ASP B 1049 -6.66 2.59 51.57
CA ASP B 1049 -7.02 3.66 52.49
C ASP B 1049 -6.14 4.90 52.33
N LEU B 1050 -5.26 4.93 51.35
CA LEU B 1050 -4.42 6.09 51.13
C LEU B 1050 -5.28 7.30 50.79
N THR B 1051 -4.98 8.43 51.42
CA THR B 1051 -5.67 9.68 51.16
C THR B 1051 -4.64 10.75 50.81
N VAL B 1052 -5.08 11.78 50.10
CA VAL B 1052 -4.18 12.85 49.71
C VAL B 1052 -3.66 13.60 50.94
N ASP B 1053 -4.47 13.67 52.00
CA ASP B 1053 -4.07 14.45 53.17
C ASP B 1053 -2.91 13.80 53.90
N ALA B 1054 -2.85 12.47 53.93
CA ALA B 1054 -1.72 11.80 54.56
C ALA B 1054 -0.42 12.08 53.80
N VAL B 1055 -0.48 12.02 52.47
CA VAL B 1055 0.68 12.33 51.65
C VAL B 1055 1.09 13.78 51.84
N SER B 1056 0.10 14.66 51.96
CA SER B 1056 0.41 16.07 52.14
C SER B 1056 1.07 16.33 53.48
N ASN B 1057 0.60 15.67 54.54
CA ASN B 1057 1.24 15.81 55.84
C ASN B 1057 2.69 15.31 55.78
N LEU B 1058 2.91 14.17 55.14
CA LEU B 1058 4.27 13.67 55.01
C LEU B 1058 5.15 14.65 54.24
N LEU B 1059 4.63 15.23 53.17
CA LEU B 1059 5.40 16.18 52.37
C LEU B 1059 5.70 17.45 53.17
N ARG B 1060 4.74 17.91 53.97
CA ARG B 1060 4.97 19.10 54.78
C ARG B 1060 6.02 18.85 55.84
N ASP B 1061 6.03 17.66 56.43
CA ASP B 1061 7.01 17.35 57.46
C ASP B 1061 8.44 17.37 56.95
N ASN B 1062 8.64 17.26 55.64
CA ASN B 1062 9.97 17.23 55.05
C ASN B 1062 10.44 18.60 54.59
N GLY B 1063 9.69 19.66 54.86
CA GLY B 1063 10.11 21.00 54.51
C GLY B 1063 9.65 21.51 53.16
N TYR B 1064 8.69 20.84 52.53
CA TYR B 1064 8.14 21.28 51.25
C TYR B 1064 6.70 21.71 51.43
N GLN B 1065 6.20 22.45 50.45
CA GLN B 1065 4.79 22.81 50.47
C GLN B 1065 3.93 21.56 50.36
N SER B 1066 2.90 21.49 51.18
CA SER B 1066 2.16 20.23 51.34
C SER B 1066 1.43 19.83 50.07
N ARG B 1067 1.12 20.77 49.20
CA ARG B 1067 0.39 20.47 47.97
C ARG B 1067 1.31 20.26 46.77
N GLY B 1068 2.63 20.37 46.96
CA GLY B 1068 3.57 20.12 45.90
C GLY B 1068 4.03 21.33 45.12
N PHE B 1069 3.51 22.51 45.41
CA PHE B 1069 3.93 23.69 44.68
C PHE B 1069 5.34 24.10 45.10
N GLU B 1070 6.01 24.87 44.24
CA GLU B 1070 7.37 25.31 44.48
C GLU B 1070 7.55 26.69 43.87
N VAL B 1071 8.23 27.58 44.60
CA VAL B 1071 8.59 28.87 44.04
C VAL B 1071 9.69 28.67 43.02
N MET B 1072 9.46 29.12 41.80
CA MET B 1072 10.34 28.80 40.69
C MET B 1072 10.75 30.08 39.98
N TYR B 1073 12.00 30.11 39.52
CA TYR B 1073 12.57 31.29 38.90
C TYR B 1073 12.63 31.13 37.39
N ASN B 1074 12.66 32.26 36.70
CA ASN B 1074 12.70 32.26 35.24
C ASN B 1074 14.12 32.06 34.75
N GLY B 1075 14.28 31.18 33.76
CA GLY B 1075 15.61 30.89 33.25
C GLY B 1075 16.23 32.05 32.51
N HIS B 1076 15.43 32.78 31.74
CA HIS B 1076 15.97 33.82 30.87
C HIS B 1076 16.48 35.01 31.67
N THR B 1077 15.68 35.49 32.62
CA THR B 1077 15.99 36.72 33.32
C THR B 1077 16.33 36.51 34.79
N GLY B 1078 15.99 35.37 35.36
CA GLY B 1078 16.29 35.10 36.75
C GLY B 1078 15.23 35.59 37.72
N LYS B 1079 14.24 36.34 37.24
CA LYS B 1079 13.19 36.85 38.10
C LYS B 1079 12.26 35.74 38.53
N LYS B 1080 11.67 35.88 39.72
CA LYS B 1080 10.71 34.91 40.20
C LYS B 1080 9.49 34.87 39.29
N LEU B 1081 8.91 33.69 39.13
CA LEU B 1081 7.63 33.57 38.47
C LEU B 1081 6.53 33.95 39.45
N MET B 1082 5.54 34.69 38.96
CA MET B 1082 4.45 35.13 39.82
C MET B 1082 3.59 33.97 40.29
N ALA B 1083 3.53 32.90 39.53
CA ALA B 1083 2.74 31.72 39.87
C ALA B 1083 3.67 30.58 40.25
N GLN B 1084 3.39 29.93 41.37
CA GLN B 1084 4.16 28.77 41.78
C GLN B 1084 3.83 27.58 40.89
N VAL B 1085 4.77 26.65 40.81
CA VAL B 1085 4.75 25.59 39.81
C VAL B 1085 4.63 24.25 40.50
N PHE B 1086 3.67 23.45 40.06
CA PHE B 1086 3.59 22.06 40.50
C PHE B 1086 4.79 21.29 39.97
N PHE B 1087 5.45 20.54 40.83
CA PHE B 1087 6.81 20.11 40.55
C PHE B 1087 7.09 18.80 41.28
N GLY B 1088 7.55 17.79 40.54
CA GLY B 1088 7.89 16.52 41.13
C GLY B 1088 8.16 15.45 40.09
N PRO B 1089 8.64 14.30 40.53
CA PRO B 1089 8.97 13.23 39.59
C PRO B 1089 7.75 12.39 39.23
N THR B 1090 7.71 11.98 37.97
CA THR B 1090 6.63 11.14 37.45
C THR B 1090 7.22 10.15 36.48
N TYR B 1091 6.61 8.97 36.40
CA TYR B 1091 7.11 7.88 35.57
C TYR B 1091 6.58 8.06 34.15
N TYR B 1092 7.50 8.30 33.20
CA TYR B 1092 7.16 8.44 31.80
C TYR B 1092 7.75 7.29 31.01
N GLN B 1093 7.13 6.99 29.88
CA GLN B 1093 7.57 5.91 29.03
C GLN B 1093 7.63 6.37 27.58
N ARG B 1094 8.64 5.90 26.86
CA ARG B 1094 8.87 6.32 25.48
C ARG B 1094 8.18 5.34 24.53
N LEU B 1095 7.32 5.86 23.67
CA LEU B 1095 6.55 5.01 22.78
C LEU B 1095 7.29 4.79 21.47
N ARG B 1096 6.88 3.75 20.75
CA ARG B 1096 7.59 3.30 19.56
C ARG B 1096 7.48 4.26 18.39
N HIS B 1097 6.55 5.22 18.44
CA HIS B 1097 6.28 6.08 17.31
C HIS B 1097 7.23 7.27 17.33
N MET B 1098 8.22 7.26 16.47
CA MET B 1098 9.20 8.33 16.36
C MET B 1098 9.06 8.99 15.00
N VAL B 1099 9.36 10.28 14.94
CA VAL B 1099 9.08 11.05 13.73
C VAL B 1099 9.97 10.56 12.58
N ASP B 1100 11.20 10.16 12.88
CA ASP B 1100 12.10 9.74 11.82
C ASP B 1100 11.67 8.43 11.17
N ASP B 1101 10.75 7.70 11.78
CA ASP B 1101 10.15 6.53 11.16
C ASP B 1101 8.85 6.84 10.44
N LYS B 1102 8.43 8.11 10.43
CA LYS B 1102 7.20 8.50 9.77
C LYS B 1102 7.38 9.58 8.70
N ILE B 1103 8.47 10.33 8.72
CA ILE B 1103 8.66 11.39 7.74
C ILE B 1103 8.87 10.77 6.36
N HIS B 1104 8.21 11.33 5.35
CA HIS B 1104 8.28 10.78 4.02
C HIS B 1104 7.96 11.88 3.01
N ALA B 1105 8.70 11.89 1.91
CA ALA B 1105 8.46 12.83 0.83
C ALA B 1105 8.73 12.14 -0.49
N ARG B 1106 8.07 12.62 -1.54
CA ARG B 1106 8.24 12.01 -2.85
C ARG B 1106 8.04 13.06 -3.94
N ALA B 1107 9.01 13.16 -4.84
CA ALA B 1107 8.87 13.97 -6.04
C ALA B 1107 8.47 13.12 -7.24
N ARG B 1108 9.28 12.12 -7.56
CA ARG B 1108 8.94 11.13 -8.58
C ARG B 1108 9.63 9.84 -8.22
N GLY B 1109 9.10 8.72 -8.73
CA GLY B 1109 9.64 7.43 -8.40
C GLY B 1109 8.90 6.28 -9.04
N PRO B 1110 8.98 5.11 -8.43
CA PRO B 1110 8.35 3.93 -9.02
C PRO B 1110 6.84 4.07 -9.10
N VAL B 1111 6.27 3.44 -10.13
CA VAL B 1111 4.83 3.43 -10.35
C VAL B 1111 4.38 1.99 -10.56
N GLN B 1112 3.10 1.75 -10.32
CA GLN B 1112 2.54 0.42 -10.52
C GLN B 1112 2.53 0.06 -12.00
N VAL B 1113 2.65 -1.23 -12.29
CA VAL B 1113 2.69 -1.66 -13.69
C VAL B 1113 1.30 -1.60 -14.31
N LEU B 1114 0.26 -1.94 -13.56
CA LEU B 1114 -1.08 -1.99 -14.14
C LEU B 1114 -1.63 -0.59 -14.39
N THR B 1115 -1.52 0.30 -13.42
CA THR B 1115 -2.18 1.60 -13.49
C THR B 1115 -1.23 2.76 -13.72
N ARG B 1116 0.08 2.55 -13.61
CA ARG B 1116 1.07 3.60 -13.80
C ARG B 1116 0.85 4.79 -12.88
N GLN B 1117 0.42 4.51 -11.66
CA GLN B 1117 0.29 5.49 -10.59
C GLN B 1117 1.32 5.19 -9.52
N PRO B 1118 1.65 6.18 -8.68
CA PRO B 1118 2.68 5.94 -7.66
C PRO B 1118 2.33 4.77 -6.76
N VAL B 1119 3.36 4.02 -6.37
CA VAL B 1119 3.19 2.83 -5.55
C VAL B 1119 2.74 3.25 -4.16
N GLU B 1120 2.35 2.27 -3.35
CA GLU B 1120 1.87 2.53 -2.00
C GLU B 1120 2.93 2.13 -0.99
N GLY B 1121 3.21 3.03 -0.05
CA GLY B 1121 4.13 2.70 1.03
C GLY B 1121 5.27 3.66 1.18
N ARG B 1122 5.62 3.98 2.43
CA ARG B 1122 6.79 4.82 2.67
C ARG B 1122 8.07 4.05 2.41
N SER B 1123 8.06 2.74 2.68
CA SER B 1123 9.25 1.93 2.47
C SER B 1123 9.58 1.76 1.00
N ARG B 1124 8.57 1.84 0.13
CA ARG B 1124 8.74 1.66 -1.30
C ARG B 1124 8.83 2.98 -2.05
N ASP B 1125 9.06 4.09 -1.35
CA ASP B 1125 9.06 5.42 -1.95
C ASP B 1125 7.75 5.71 -2.66
N GLY B 1126 6.64 5.37 -2.01
CA GLY B 1126 5.34 5.53 -2.62
C GLY B 1126 4.81 6.95 -2.53
N GLY B 1127 3.62 7.13 -3.09
CA GLY B 1127 2.97 8.43 -3.06
C GLY B 1127 1.82 8.47 -2.06
N LEU B 1128 1.28 9.66 -1.90
CA LEU B 1128 0.18 9.88 -0.98
C LEU B 1128 -1.13 9.94 -1.73
N ARG B 1129 -2.19 9.48 -1.09
CA ARG B 1129 -3.48 9.33 -1.75
C ARG B 1129 -4.27 10.63 -1.68
N PHE B 1130 -4.69 11.13 -2.84
CA PHE B 1130 -5.55 12.31 -2.95
C PHE B 1130 -6.98 11.80 -3.14
N GLY B 1131 -7.59 11.38 -2.04
CA GLY B 1131 -8.84 10.65 -2.08
C GLY B 1131 -10.01 11.50 -2.53
N GLU B 1132 -11.20 10.94 -2.33
CA GLU B 1132 -12.41 11.58 -2.81
C GLU B 1132 -12.79 12.79 -1.96
N MET B 1133 -12.56 12.71 -0.65
CA MET B 1133 -12.91 13.83 0.22
C MET B 1133 -12.03 15.04 -0.06
N GLU B 1134 -10.74 14.81 -0.34
CA GLU B 1134 -9.87 15.91 -0.74
C GLU B 1134 -10.33 16.49 -2.07
N ARG B 1135 -10.80 15.65 -2.97
CA ARG B 1135 -11.33 16.13 -4.24
C ARG B 1135 -12.55 17.02 -4.02
N ASP B 1136 -13.42 16.63 -3.07
CA ASP B 1136 -14.58 17.45 -2.75
C ASP B 1136 -14.18 18.77 -2.11
N CYS B 1137 -13.16 18.76 -1.25
CA CYS B 1137 -12.67 20.01 -0.68
C CYS B 1137 -12.12 20.93 -1.75
N MET B 1138 -11.39 20.36 -2.71
CA MET B 1138 -10.85 21.19 -3.80
C MET B 1138 -11.96 21.71 -4.70
N ILE B 1139 -13.03 20.95 -4.87
CA ILE B 1139 -14.20 21.46 -5.60
C ILE B 1139 -14.83 22.62 -4.84
N ALA B 1140 -14.96 22.47 -3.52
CA ALA B 1140 -15.55 23.53 -2.72
C ALA B 1140 -14.73 24.81 -2.79
N HIS B 1141 -13.39 24.68 -2.80
CA HIS B 1141 -12.57 25.87 -2.96
C HIS B 1141 -12.73 26.50 -4.33
N GLY B 1142 -13.12 25.72 -5.33
CA GLY B 1142 -13.28 26.22 -6.68
C GLY B 1142 -12.04 26.20 -7.53
N ALA B 1143 -10.97 25.55 -7.07
CA ALA B 1143 -9.71 25.50 -7.79
C ALA B 1143 -9.74 24.33 -8.76
N ALA B 1144 -10.16 24.59 -9.99
CA ALA B 1144 -10.22 23.54 -11.00
C ALA B 1144 -8.84 23.21 -11.56
N GLY B 1145 -7.99 24.23 -11.70
CA GLY B 1145 -6.66 23.99 -12.25
C GLY B 1145 -5.81 23.13 -11.34
N PHE B 1146 -5.84 23.39 -10.03
CA PHE B 1146 -5.08 22.58 -9.10
C PHE B 1146 -5.58 21.13 -9.12
N LEU B 1147 -6.89 20.93 -9.19
CA LEU B 1147 -7.43 19.58 -9.21
C LEU B 1147 -6.99 18.84 -10.47
N LYS B 1148 -7.07 19.51 -11.63
CA LYS B 1148 -6.63 18.88 -12.87
C LYS B 1148 -5.15 18.54 -12.82
N GLU B 1149 -4.33 19.45 -12.29
CA GLU B 1149 -2.89 19.19 -12.20
C GLU B 1149 -2.59 18.05 -11.25
N ARG B 1150 -3.27 18.00 -10.10
CA ARG B 1150 -3.05 16.90 -9.17
C ARG B 1150 -3.39 15.56 -9.81
N LEU B 1151 -4.53 15.49 -10.50
CA LEU B 1151 -4.97 14.21 -11.00
C LEU B 1151 -4.38 13.84 -12.36
N MET B 1152 -3.68 14.75 -13.03
CA MET B 1152 -3.06 14.41 -14.31
C MET B 1152 -1.55 14.56 -14.29
N GLU B 1153 -1.02 15.75 -14.01
CA GLU B 1153 0.43 15.94 -14.15
C GLU B 1153 1.19 15.28 -13.00
N ALA B 1154 0.67 15.39 -11.78
CA ALA B 1154 1.29 14.76 -10.62
C ALA B 1154 0.90 13.30 -10.46
N SER B 1155 0.42 12.67 -11.52
CA SER B 1155 -0.07 11.30 -11.48
C SER B 1155 -0.05 10.75 -12.90
N ASP B 1156 -0.84 9.71 -13.15
CA ASP B 1156 -0.83 8.98 -14.41
C ASP B 1156 -1.42 9.82 -15.53
N ALA B 1157 -0.57 10.58 -16.21
CA ALA B 1157 -0.99 11.25 -17.43
C ALA B 1157 -0.58 10.42 -18.64
N PHE B 1158 -1.42 10.45 -19.67
CA PHE B 1158 -1.21 9.59 -20.83
C PHE B 1158 -1.78 10.28 -22.05
N ARG B 1159 -1.26 9.91 -23.22
CA ARG B 1159 -1.69 10.45 -24.50
C ARG B 1159 -2.17 9.31 -25.38
N VAL B 1160 -3.38 9.47 -25.94
CA VAL B 1160 -3.96 8.47 -26.82
C VAL B 1160 -4.46 9.19 -28.08
N HIS B 1161 -4.71 8.40 -29.11
CA HIS B 1161 -5.27 8.88 -30.36
C HIS B 1161 -6.63 8.24 -30.58
N VAL B 1162 -7.61 9.03 -30.98
CA VAL B 1162 -8.96 8.56 -31.22
C VAL B 1162 -9.35 8.87 -32.66
N CYS B 1163 -10.06 7.93 -33.28
CA CYS B 1163 -10.58 8.17 -34.61
C CYS B 1163 -11.69 9.21 -34.56
N GLY B 1164 -11.69 10.11 -35.54
CA GLY B 1164 -12.72 11.12 -35.58
C GLY B 1164 -14.07 10.63 -36.04
N ILE B 1165 -14.17 9.38 -36.48
CA ILE B 1165 -15.40 8.80 -36.96
C ILE B 1165 -15.94 7.76 -35.99
N CYS B 1166 -15.19 6.66 -35.79
CA CYS B 1166 -15.67 5.61 -34.91
C CYS B 1166 -15.61 6.05 -33.44
N GLY B 1167 -14.74 6.99 -33.11
CA GLY B 1167 -14.64 7.46 -31.75
C GLY B 1167 -13.95 6.53 -30.79
N LEU B 1168 -13.36 5.44 -31.29
CA LEU B 1168 -12.67 4.47 -30.46
C LEU B 1168 -11.17 4.73 -30.44
N MET B 1169 -10.50 4.18 -29.45
CA MET B 1169 -9.05 4.30 -29.33
C MET B 1169 -8.33 3.20 -30.10
N SER B 1170 -8.71 3.02 -31.36
CA SER B 1170 -8.17 1.97 -32.20
C SER B 1170 -7.20 2.49 -33.23
N VAL B 1171 -6.80 3.76 -33.14
CA VAL B 1171 -5.87 4.32 -34.10
C VAL B 1171 -4.50 3.69 -33.89
N ILE B 1172 -3.92 3.17 -34.97
CA ILE B 1172 -2.57 2.59 -34.92
C ILE B 1172 -1.63 3.72 -35.31
N ALA B 1173 -1.11 4.42 -34.31
CA ALA B 1173 -0.31 5.61 -34.50
C ALA B 1173 1.17 5.23 -34.44
N ASN B 1174 1.92 5.67 -35.45
CA ASN B 1174 3.37 5.48 -35.47
C ASN B 1174 4.01 6.87 -35.58
N LEU B 1175 4.49 7.38 -34.45
CA LEU B 1175 4.91 8.77 -34.37
C LEU B 1175 6.16 9.02 -35.20
N LYS B 1176 7.12 8.08 -35.20
CA LYS B 1176 8.37 8.30 -35.91
C LYS B 1176 8.16 8.35 -37.42
N LYS B 1177 7.29 7.48 -37.95
CA LYS B 1177 6.99 7.50 -39.38
C LYS B 1177 5.95 8.54 -39.74
N ASN B 1178 5.29 9.15 -38.76
CA ASN B 1178 4.28 10.18 -38.99
C ASN B 1178 3.14 9.67 -39.86
N GLN B 1179 2.53 8.56 -39.45
CA GLN B 1179 1.35 8.04 -40.12
C GLN B 1179 0.38 7.48 -39.11
N PHE B 1180 -0.87 7.89 -39.20
CA PHE B 1180 -1.95 7.42 -38.34
C PHE B 1180 -3.02 6.77 -39.21
N GLU B 1181 -3.68 5.76 -38.67
CA GLU B 1181 -4.57 4.96 -39.49
C GLU B 1181 -5.52 4.16 -38.61
N CYS B 1182 -6.82 4.30 -38.86
CA CYS B 1182 -7.86 3.52 -38.20
C CYS B 1182 -8.38 2.49 -39.19
N ARG B 1183 -8.10 1.22 -38.95
CA ARG B 1183 -8.42 0.19 -39.92
C ARG B 1183 -9.92 0.01 -40.08
N SER B 1184 -10.67 0.09 -38.98
CA SER B 1184 -12.11 -0.15 -39.04
C SER B 1184 -12.80 0.87 -39.93
N CYS B 1185 -12.45 2.14 -39.79
CA CYS B 1185 -13.06 3.19 -40.59
C CYS B 1185 -12.31 3.51 -41.86
N LYS B 1186 -11.09 2.98 -42.02
CA LYS B 1186 -10.28 3.17 -43.22
C LYS B 1186 -10.04 4.65 -43.51
N ASN B 1187 -9.64 5.40 -42.48
CA ASN B 1187 -9.32 6.80 -42.66
C ASN B 1187 -7.93 7.09 -42.12
N LYS B 1188 -7.32 8.14 -42.66
CA LYS B 1188 -5.98 8.55 -42.29
C LYS B 1188 -5.90 10.00 -41.82
N THR B 1189 -7.00 10.74 -41.87
CA THR B 1189 -6.97 12.18 -41.64
C THR B 1189 -7.72 12.59 -40.38
N ASN B 1190 -8.98 12.19 -40.23
CA ASN B 1190 -9.81 12.64 -39.12
C ASN B 1190 -9.40 11.90 -37.86
N ILE B 1191 -8.27 12.32 -37.29
CA ILE B 1191 -7.70 11.67 -36.11
C ILE B 1191 -7.21 12.74 -35.16
N TYR B 1192 -7.56 12.62 -33.89
CA TYR B 1192 -7.17 13.56 -32.85
C TYR B 1192 -6.44 12.82 -31.74
N GLN B 1193 -5.73 13.58 -30.92
CA GLN B 1193 -5.05 13.06 -29.75
C GLN B 1193 -5.61 13.69 -28.50
N LEU B 1194 -5.61 12.92 -27.41
CA LEU B 1194 -6.17 13.36 -26.14
C LEU B 1194 -5.15 13.15 -25.03
N HIS B 1195 -5.30 13.89 -23.95
CA HIS B 1195 -4.55 13.68 -22.73
C HIS B 1195 -5.54 13.21 -21.66
N ILE B 1196 -5.47 11.93 -21.32
CA ILE B 1196 -6.38 11.35 -20.33
C ILE B 1196 -5.57 10.57 -19.32
N PRO B 1197 -6.09 10.39 -18.11
CA PRO B 1197 -5.40 9.56 -17.13
C PRO B 1197 -5.24 8.14 -17.66
N TYR B 1198 -4.12 7.51 -17.31
CA TYR B 1198 -3.92 6.14 -17.74
C TYR B 1198 -5.00 5.21 -17.18
N ALA B 1199 -5.51 5.51 -15.99
CA ALA B 1199 -6.58 4.70 -15.44
C ALA B 1199 -7.84 4.81 -16.28
N ALA B 1200 -8.09 5.96 -16.88
CA ALA B 1200 -9.24 6.09 -17.77
C ALA B 1200 -9.08 5.24 -19.02
N LYS B 1201 -7.87 5.23 -19.59
CA LYS B 1201 -7.60 4.37 -20.73
C LYS B 1201 -7.80 2.90 -20.36
N LEU B 1202 -7.31 2.51 -19.18
CA LEU B 1202 -7.49 1.14 -18.74
C LEU B 1202 -8.96 0.81 -18.53
N LEU B 1203 -9.73 1.74 -17.99
CA LEU B 1203 -11.15 1.50 -17.79
C LEU B 1203 -11.89 1.33 -19.10
N PHE B 1204 -11.56 2.16 -20.09
CA PHE B 1204 -12.22 2.04 -21.38
C PHE B 1204 -11.84 0.74 -22.07
N GLN B 1205 -10.58 0.32 -21.94
CA GLN B 1205 -10.18 -0.96 -22.53
C GLN B 1205 -10.85 -2.13 -21.85
N GLU B 1206 -11.01 -2.07 -20.52
CA GLU B 1206 -11.72 -3.13 -19.82
C GLU B 1206 -13.19 -3.15 -20.18
N LEU B 1207 -13.78 -1.97 -20.44
CA LEU B 1207 -15.15 -1.94 -20.93
C LEU B 1207 -15.26 -2.56 -22.31
N MET B 1208 -14.30 -2.27 -23.18
CA MET B 1208 -14.31 -2.90 -24.51
C MET B 1208 -14.13 -4.41 -24.41
N ALA B 1209 -13.40 -4.87 -23.40
CA ALA B 1209 -13.24 -6.30 -23.19
C ALA B 1209 -14.58 -6.97 -22.87
N MET B 1210 -15.55 -6.20 -22.39
CA MET B 1210 -16.88 -6.72 -22.06
C MET B 1210 -17.94 -6.30 -23.07
N ASN B 1211 -17.53 -6.09 -24.32
CA ASN B 1211 -18.43 -5.81 -25.43
C ASN B 1211 -19.15 -4.47 -25.30
N ILE B 1212 -18.73 -3.61 -24.38
CA ILE B 1212 -19.27 -2.26 -24.25
C ILE B 1212 -18.33 -1.32 -24.98
N ALA B 1213 -18.90 -0.43 -25.78
CA ALA B 1213 -18.08 0.46 -26.60
C ALA B 1213 -18.24 1.90 -26.16
N PRO B 1214 -17.33 2.44 -25.34
CA PRO B 1214 -17.38 3.87 -25.02
C PRO B 1214 -16.67 4.68 -26.09
N ARG B 1215 -17.41 5.52 -26.79
CA ARG B 1215 -16.87 6.31 -27.89
C ARG B 1215 -16.68 7.75 -27.45
N LEU B 1216 -15.46 8.25 -27.61
CA LEU B 1216 -15.10 9.60 -27.18
C LEU B 1216 -15.11 10.52 -28.39
N TYR B 1217 -15.89 11.58 -28.31
CA TYR B 1217 -16.02 12.53 -29.40
C TYR B 1217 -15.63 13.92 -28.91
N THR B 1218 -14.94 14.66 -29.75
CA THR B 1218 -14.42 15.97 -29.39
C THR B 1218 -15.33 17.11 -29.80
N GLU B 1219 -16.52 16.81 -30.34
CA GLU B 1219 -17.49 17.83 -30.70
C GLU B 1219 -18.87 17.38 -30.24
N ARG B 1220 -19.69 18.36 -29.86
CA ARG B 1220 -21.06 18.07 -29.47
C ARG B 1220 -21.95 18.01 -30.70
N SER B 1221 -23.11 17.38 -30.54
CA SER B 1221 -24.07 17.25 -31.62
C SER B 1221 -25.47 17.74 -31.28
N GLY B 1222 -25.85 17.78 -30.01
CA GLY B 1222 -27.18 18.23 -29.63
C GLY B 1222 -28.15 17.08 -29.42
N GLU C 4 31.70 49.18 44.13
CA GLU C 4 30.30 49.15 44.54
C GLU C 4 29.76 47.72 44.75
N PRO C 5 30.01 46.79 43.83
CA PRO C 5 29.60 45.40 44.08
C PRO C 5 30.36 44.82 45.26
N LYS C 6 29.69 43.91 45.97
CA LYS C 6 30.28 43.25 47.13
C LYS C 6 30.05 41.75 47.05
N VAL C 7 30.98 40.99 47.60
CA VAL C 7 30.88 39.53 47.69
C VAL C 7 31.14 39.12 49.13
N ASN C 8 30.32 38.20 49.63
CA ASN C 8 30.45 37.68 50.98
C ASN C 8 30.30 36.17 50.92
N ILE C 9 31.31 35.43 51.34
CA ILE C 9 31.32 33.98 51.25
C ILE C 9 30.81 33.39 52.55
N ILE C 10 29.86 32.45 52.44
CA ILE C 10 29.29 31.81 53.61
C ILE C 10 30.00 30.50 53.93
N ASN C 11 30.05 29.58 52.97
CA ASN C 11 30.78 28.33 53.11
C ASN C 11 31.69 28.18 51.91
N ALA C 12 32.85 27.57 52.13
CA ALA C 12 33.83 27.34 51.07
C ALA C 12 34.31 25.91 51.13
N GLN C 13 34.38 25.26 49.97
CA GLN C 13 34.92 23.92 49.84
C GLN C 13 35.60 23.80 48.49
N ASP C 14 36.26 22.67 48.27
CA ASP C 14 36.87 22.43 46.98
C ASP C 14 35.83 22.23 45.89
N ASP C 15 34.67 21.69 46.25
CA ASP C 15 33.65 21.35 45.26
C ASP C 15 32.45 22.27 45.26
N GLU C 16 32.18 23.01 46.34
CA GLU C 16 31.07 23.93 46.34
C GLU C 16 31.37 25.14 47.22
N VAL C 17 30.92 26.30 46.76
CA VAL C 17 31.04 27.55 47.50
C VAL C 17 29.65 28.19 47.59
N GLU C 18 29.30 28.65 48.78
CA GLU C 18 28.03 29.31 49.02
C GLU C 18 28.30 30.76 49.36
N LEU C 19 27.88 31.67 48.49
CA LEU C 19 28.25 33.07 48.61
C LEU C 19 27.04 33.94 48.42
N MET C 20 27.16 35.20 48.84
CA MET C 20 26.10 36.18 48.70
C MET C 20 26.62 37.39 47.94
N LEU C 21 25.97 37.70 46.82
CA LEU C 21 26.28 38.87 46.03
C LEU C 21 25.36 40.01 46.44
N SER C 22 25.87 41.23 46.38
CA SER C 22 25.07 42.39 46.74
C SER C 22 25.51 43.57 45.91
N ASP C 23 24.62 44.56 45.80
CA ASP C 23 24.87 45.78 45.04
C ASP C 23 25.14 45.50 43.57
N VAL C 24 24.50 44.47 43.05
CA VAL C 24 24.53 44.17 41.62
C VAL C 24 23.10 44.01 41.13
N ASN C 25 22.90 44.20 39.83
CA ASN C 25 21.58 43.99 39.25
C ASN C 25 21.26 42.51 39.19
N LEU C 26 19.97 42.21 39.15
CA LEU C 26 19.54 40.82 39.02
C LEU C 26 20.02 40.23 37.70
N SER C 27 20.05 41.05 36.65
CA SER C 27 20.49 40.57 35.35
C SER C 27 21.94 40.12 35.39
N LEU C 28 22.80 40.86 36.08
CA LEU C 28 24.21 40.48 36.14
C LEU C 28 24.38 39.15 36.87
N ALA C 29 23.68 38.96 37.98
CA ALA C 29 23.77 37.70 38.70
C ALA C 29 23.25 36.54 37.85
N ASN C 30 22.14 36.75 37.15
CA ASN C 30 21.61 35.68 36.32
C ASN C 30 22.53 35.37 35.14
N SER C 31 23.13 36.39 34.54
CA SER C 31 24.08 36.15 33.46
C SER C 31 25.30 35.40 33.96
N LEU C 32 25.75 35.72 35.17
CA LEU C 32 26.86 34.98 35.77
C LEU C 32 26.48 33.52 35.99
N ARG C 33 25.27 33.28 36.48
CA ARG C 33 24.81 31.90 36.69
C ARG C 33 24.75 31.14 35.37
N ARG C 34 24.20 31.76 34.34
CA ARG C 34 24.11 31.12 33.03
C ARG C 34 25.49 30.84 32.45
N THR C 35 26.42 31.79 32.61
CA THR C 35 27.77 31.59 32.10
C THR C 35 28.46 30.43 32.81
N MET C 36 28.35 30.37 34.13
CA MET C 36 28.93 29.25 34.85
C MET C 36 28.30 27.93 34.42
N LEU C 37 27.00 27.94 34.12
CA LEU C 37 26.35 26.69 33.76
C LEU C 37 26.76 26.21 32.38
N ALA C 38 26.90 27.11 31.41
CA ALA C 38 26.99 26.62 30.04
C ALA C 38 28.03 27.31 29.17
N GLU C 39 29.00 28.04 29.74
CA GLU C 39 29.96 28.72 28.89
C GLU C 39 31.39 28.72 29.42
N VAL C 40 31.68 27.95 30.46
CA VAL C 40 33.05 27.84 31.00
C VAL C 40 33.68 26.62 30.35
N PRO C 41 34.82 26.77 29.66
CA PRO C 41 35.40 25.62 28.96
C PRO C 41 36.00 24.61 29.91
N THR C 42 35.78 23.33 29.61
CA THR C 42 36.39 22.23 30.34
C THR C 42 36.95 21.24 29.33
N LEU C 43 37.40 20.10 29.83
CA LEU C 43 38.01 19.05 29.02
C LEU C 43 37.22 17.77 29.19
N ALA C 44 36.83 17.15 28.08
CA ALA C 44 36.05 15.92 28.15
C ALA C 44 36.38 15.05 26.95
N ILE C 45 36.19 13.74 27.11
CA ILE C 45 36.47 12.80 26.05
C ILE C 45 35.49 13.02 24.91
N ASP C 46 36.01 13.16 23.70
CA ASP C 46 35.18 13.45 22.54
C ASP C 46 35.31 12.47 21.39
N LEU C 47 36.34 11.64 21.37
CA LEU C 47 36.46 10.59 20.36
C LEU C 47 36.91 9.31 21.04
N VAL C 48 36.28 8.20 20.67
CA VAL C 48 36.62 6.90 21.20
C VAL C 48 36.94 5.98 20.03
N GLU C 49 38.13 5.41 20.03
CA GLU C 49 38.54 4.43 19.02
C GLU C 49 38.57 3.07 19.71
N ILE C 50 37.66 2.20 19.31
CA ILE C 50 37.44 0.94 20.01
C ILE C 50 38.22 -0.14 19.27
N LYS C 51 39.34 -0.55 19.86
CA LYS C 51 40.17 -1.58 19.24
C LYS C 51 39.65 -2.98 19.54
N MET C 52 39.01 -3.16 20.69
CA MET C 52 38.34 -4.42 20.99
C MET C 52 37.34 -4.20 22.11
N ASN C 53 36.14 -4.74 21.93
CA ASN C 53 35.09 -4.63 22.95
C ASN C 53 34.25 -5.89 22.87
N THR C 54 34.52 -6.84 23.76
CA THR C 54 33.75 -8.07 23.84
C THR C 54 32.85 -8.09 25.06
N SER C 55 32.62 -6.95 25.70
CA SER C 55 31.72 -6.88 26.83
C SER C 55 30.27 -6.90 26.35
N VAL C 56 29.35 -7.05 27.30
CA VAL C 56 27.93 -7.12 26.96
C VAL C 56 27.33 -5.77 26.62
N LEU C 57 28.06 -4.68 26.84
CA LEU C 57 27.57 -3.35 26.51
C LEU C 57 27.91 -3.00 25.08
N ALA C 58 27.03 -2.23 24.44
CA ALA C 58 27.26 -1.79 23.08
C ALA C 58 28.44 -0.82 23.04
N ASP C 59 29.06 -0.72 21.87
CA ASP C 59 30.22 0.14 21.72
C ASP C 59 29.86 1.60 21.97
N GLU C 60 28.74 2.05 21.42
CA GLU C 60 28.33 3.44 21.60
C GLU C 60 27.75 3.68 22.97
N PHE C 61 27.23 2.64 23.63
CA PHE C 61 26.88 2.74 25.04
C PHE C 61 28.11 3.12 25.88
N ILE C 62 29.21 2.38 25.70
CA ILE C 62 30.42 2.67 26.44
C ILE C 62 31.01 4.01 26.03
N SER C 63 30.88 4.38 24.75
CA SER C 63 31.39 5.68 24.32
C SER C 63 30.65 6.81 25.00
N HIS C 64 29.32 6.72 25.07
CA HIS C 64 28.53 7.71 25.77
C HIS C 64 28.90 7.77 27.24
N ARG C 65 29.10 6.62 27.87
CA ARG C 65 29.50 6.61 29.27
C ARG C 65 30.85 7.28 29.46
N LEU C 66 31.81 7.02 28.55
CA LEU C 66 33.13 7.61 28.67
C LEU C 66 33.08 9.13 28.52
N GLY C 67 32.27 9.62 27.58
CA GLY C 67 32.21 11.05 27.37
C GLY C 67 31.77 11.82 28.61
N LEU C 68 31.02 11.18 29.48
CA LEU C 68 30.47 11.82 30.67
C LEU C 68 31.43 11.80 31.85
N ILE C 69 32.58 11.15 31.73
CA ILE C 69 33.53 11.09 32.86
C ILE C 69 34.24 12.42 32.97
N PRO C 70 34.22 13.07 34.14
CA PRO C 70 34.91 14.35 34.28
C PRO C 70 36.42 14.19 34.36
N LEU C 71 37.12 15.07 33.65
CA LEU C 71 38.58 15.09 33.62
C LEU C 71 39.08 16.41 34.18
N VAL C 72 40.24 16.37 34.82
CA VAL C 72 40.81 17.58 35.40
C VAL C 72 41.08 18.59 34.30
N SER C 73 40.54 19.80 34.47
CA SER C 73 40.62 20.85 33.45
C SER C 73 41.18 22.13 34.03
N GLU C 74 42.20 22.02 34.89
CA GLU C 74 42.71 23.20 35.57
C GLU C 74 43.38 24.16 34.59
N ASP C 75 44.26 23.65 33.73
CA ASP C 75 45.03 24.48 32.81
C ASP C 75 44.44 24.48 31.40
N VAL C 76 43.12 24.42 31.27
CA VAL C 76 42.51 24.34 29.96
C VAL C 76 42.59 25.66 29.21
N GLU C 77 42.90 26.76 29.90
CA GLU C 77 43.05 28.04 29.22
C GLU C 77 44.21 28.00 28.22
N GLU C 78 45.33 27.42 28.64
CA GLU C 78 46.49 27.33 27.73
C GLU C 78 46.18 26.47 26.52
N MET C 79 45.26 25.53 26.66
CA MET C 79 44.91 24.63 25.57
C MET C 79 44.11 25.36 24.50
N LYS C 80 44.18 24.84 23.28
CA LYS C 80 43.50 25.45 22.14
C LYS C 80 42.31 24.61 21.71
N TYR C 81 41.38 25.25 21.02
CA TYR C 81 40.25 24.53 20.46
C TYR C 81 40.69 23.70 19.27
N SER C 82 40.01 22.56 19.08
CA SER C 82 40.39 21.63 18.03
C SER C 82 40.25 22.27 16.65
N ARG C 83 39.18 23.04 16.44
CA ARG C 83 38.95 23.65 15.14
C ARG C 83 39.86 24.84 14.88
N ASP C 84 40.51 25.37 15.92
CA ASP C 84 41.40 26.51 15.78
C ASP C 84 42.87 26.13 15.74
N CYS C 85 43.19 24.84 15.71
CA CYS C 85 44.56 24.38 15.66
C CYS C 85 44.91 24.02 14.23
N THR C 86 45.96 24.67 13.70
CA THR C 86 46.36 24.48 12.31
C THR C 86 47.03 23.13 12.06
N CYS C 87 47.36 22.39 13.11
CA CYS C 87 48.05 21.12 12.94
C CYS C 87 47.18 20.12 12.19
N GLU C 88 47.81 19.36 11.29
CA GLU C 88 47.13 18.23 10.68
C GLU C 88 46.89 17.16 11.72
N ASP C 89 45.69 16.56 11.67
CA ASP C 89 45.26 15.60 12.69
C ASP C 89 45.29 16.32 14.05
N TYR C 90 45.48 15.58 15.13
CA TYR C 90 45.54 16.15 16.47
C TYR C 90 46.97 16.14 17.00
N CYS C 91 47.39 17.26 17.57
CA CYS C 91 48.70 17.39 18.19
C CYS C 91 48.55 17.28 19.71
N ASP C 92 49.66 17.53 20.41
CA ASP C 92 49.64 17.55 21.86
C ASP C 92 49.09 18.85 22.42
N GLU C 93 48.90 19.87 21.59
CA GLU C 93 48.48 21.18 22.06
C GLU C 93 46.98 21.41 21.92
N CYS C 94 46.25 20.44 21.37
CA CYS C 94 44.80 20.58 21.20
C CYS C 94 44.04 19.32 21.56
N SER C 95 44.69 18.31 22.14
CA SER C 95 44.02 17.08 22.49
C SER C 95 44.83 16.36 23.56
N VAL C 96 44.14 15.53 24.34
CA VAL C 96 44.77 14.68 25.34
C VAL C 96 44.33 13.25 25.05
N VAL C 97 45.29 12.34 24.98
CA VAL C 97 45.03 10.95 24.64
C VAL C 97 45.06 10.11 25.90
N LEU C 98 43.95 9.44 26.19
CA LEU C 98 43.87 8.49 27.29
C LEU C 98 43.62 7.10 26.71
N GLU C 99 44.10 6.09 27.42
CA GLU C 99 43.96 4.72 26.97
C GLU C 99 43.45 3.85 28.11
N LEU C 100 42.54 2.93 27.78
CA LEU C 100 41.97 2.02 28.76
C LEU C 100 42.13 0.60 28.26
N SER C 101 42.51 -0.30 29.15
CA SER C 101 42.70 -1.71 28.81
C SER C 101 42.27 -2.53 30.02
N ALA C 102 41.21 -3.30 29.87
CA ALA C 102 40.66 -4.08 30.96
C ALA C 102 40.43 -5.51 30.51
N ARG C 103 40.66 -6.44 31.42
CA ARG C 103 40.53 -7.86 31.11
C ARG C 103 40.28 -8.63 32.39
N HIS C 104 39.56 -9.73 32.28
CA HIS C 104 39.27 -10.59 33.41
C HIS C 104 40.02 -11.90 33.25
N GLU C 105 40.77 -12.29 34.28
CA GLU C 105 41.56 -13.51 34.27
C GLU C 105 40.93 -14.53 35.21
N GLY C 106 41.02 -15.79 34.83
CA GLY C 106 40.33 -16.82 35.58
C GLY C 106 38.95 -17.10 35.01
N GLU C 107 38.42 -18.27 35.35
CA GLU C 107 37.14 -18.71 34.84
C GLU C 107 35.98 -18.47 35.79
N GLU C 108 36.19 -17.70 36.85
CA GLU C 108 35.13 -17.38 37.79
C GLU C 108 35.28 -15.95 38.26
N GLY C 109 34.16 -15.36 38.69
CA GLY C 109 34.15 -14.01 39.18
C GLY C 109 33.84 -12.99 38.11
N THR C 110 33.65 -11.74 38.56
CA THR C 110 33.34 -10.62 37.70
C THR C 110 34.31 -9.49 38.00
N THR C 111 34.81 -8.85 36.96
CA THR C 111 35.76 -7.75 37.09
C THR C 111 35.04 -6.43 36.79
N ASP C 112 35.24 -5.45 37.67
CA ASP C 112 34.68 -4.12 37.47
C ASP C 112 35.72 -3.21 36.82
N VAL C 113 35.30 -2.48 35.80
CA VAL C 113 36.17 -1.52 35.10
C VAL C 113 35.82 -0.13 35.61
N TYR C 114 36.77 0.51 36.27
CA TYR C 114 36.56 1.83 36.85
C TYR C 114 37.31 2.88 36.04
N SER C 115 36.98 4.14 36.31
CA SER C 115 37.63 5.23 35.61
C SER C 115 39.06 5.44 36.06
N SER C 116 39.48 4.81 37.16
CA SER C 116 40.87 4.86 37.55
C SER C 116 41.77 4.15 36.55
N SER C 117 41.22 3.23 35.76
CA SER C 117 42.00 2.50 34.76
C SER C 117 42.33 3.35 33.55
N LEU C 118 41.75 4.53 33.41
CA LEU C 118 42.07 5.41 32.30
C LEU C 118 43.44 6.02 32.53
N ILE C 119 44.38 5.74 31.63
CA ILE C 119 45.78 6.13 31.78
C ILE C 119 46.08 7.20 30.75
N LYS C 120 46.61 8.34 31.20
CA LYS C 120 46.98 9.42 30.31
C LYS C 120 48.26 9.06 29.56
N VAL C 121 48.19 9.07 28.24
CA VAL C 121 49.30 8.68 27.40
C VAL C 121 50.05 9.89 26.86
N SER C 122 49.33 10.86 26.31
CA SER C 122 49.96 12.05 25.76
C SER C 122 49.08 13.25 26.02
N GLY C 123 49.71 14.42 26.04
CA GLY C 123 49.02 15.65 26.28
C GLY C 123 49.96 16.84 26.24
N PRO C 124 49.45 18.04 26.49
CA PRO C 124 50.31 19.22 26.48
C PRO C 124 51.37 19.13 27.56
N GLY C 125 52.56 19.68 27.24
CA GLY C 125 53.68 19.63 28.15
C GLY C 125 53.50 20.42 29.42
N ASN C 126 53.62 19.75 30.56
CA ASN C 126 53.60 20.36 31.89
C ASN C 126 52.27 21.01 32.24
N LEU C 127 51.23 20.78 31.46
CA LEU C 127 49.90 21.30 31.79
C LEU C 127 49.15 20.27 32.61
N ASN C 128 48.54 20.72 33.71
CA ASN C 128 47.79 19.83 34.60
C ASN C 128 46.37 19.66 34.06
N VAL C 129 46.28 18.87 32.98
CA VAL C 129 45.00 18.55 32.36
C VAL C 129 44.98 17.07 32.00
N GLY C 130 43.79 16.52 31.85
CA GLY C 130 43.58 15.22 31.26
C GLY C 130 43.31 14.10 32.24
N GLU C 131 43.90 14.14 33.42
CA GLU C 131 43.73 13.06 34.38
C GLU C 131 42.28 13.00 34.84
N PRO C 132 41.66 11.82 34.85
CA PRO C 132 40.29 11.72 35.38
C PRO C 132 40.25 12.12 36.84
N VAL C 133 39.16 12.79 37.23
CA VAL C 133 39.03 13.33 38.57
C VAL C 133 38.84 12.19 39.56
N ARG C 134 39.58 12.24 40.66
CA ARG C 134 39.44 11.27 41.73
C ARG C 134 39.17 11.99 43.04
N ARG C 135 38.21 11.48 43.81
CA ARG C 135 37.88 12.09 45.09
C ARG C 135 39.06 12.02 46.05
N ASP C 136 39.66 10.83 46.16
CA ASP C 136 40.84 10.64 47.00
C ASP C 136 41.91 9.86 46.23
N ASP C 137 42.97 9.47 46.91
CA ASP C 137 43.96 8.60 46.30
C ASP C 137 43.51 7.15 46.23
N TYR C 138 42.54 6.76 47.05
CA TYR C 138 42.02 5.40 47.07
C TYR C 138 40.62 5.30 46.50
N ASP C 139 40.12 6.35 45.87
CA ASP C 139 38.81 6.32 45.23
C ASP C 139 38.93 5.64 43.88
N GLN C 140 38.14 4.58 43.68
CA GLN C 140 38.23 3.85 42.42
C GLN C 140 37.61 4.62 41.27
N GLY C 141 36.63 5.47 41.54
CA GLY C 141 36.05 6.32 40.53
C GLY C 141 34.74 5.81 39.99
N ILE C 142 34.40 6.29 38.79
CA ILE C 142 33.13 5.97 38.17
C ILE C 142 33.18 4.56 37.60
N LEU C 143 32.13 3.78 37.87
CA LEU C 143 32.03 2.45 37.31
C LEU C 143 31.70 2.54 35.82
N LEU C 144 32.57 1.97 34.99
CA LEU C 144 32.42 2.06 33.54
C LEU C 144 31.78 0.82 32.93
N CYS C 145 32.13 -0.37 33.39
CA CYS C 145 31.67 -1.60 32.77
C CYS C 145 31.91 -2.74 33.74
N LYS C 146 31.45 -3.93 33.36
CA LYS C 146 31.75 -5.15 34.08
C LYS C 146 32.12 -6.24 33.08
N LEU C 147 33.01 -7.13 33.51
CA LEU C 147 33.53 -8.16 32.63
C LEU C 147 33.52 -9.49 33.35
N ARG C 148 33.32 -10.55 32.58
CA ARG C 148 33.50 -11.92 33.05
C ARG C 148 34.63 -12.56 32.24
N ASN C 149 34.82 -13.85 32.44
CA ASN C 149 35.96 -14.53 31.83
C ASN C 149 35.98 -14.37 30.32
N HIS C 150 37.16 -14.10 29.78
CA HIS C 150 37.42 -14.01 28.34
C HIS C 150 36.73 -12.81 27.68
N GLN C 151 36.34 -11.81 28.46
CA GLN C 151 35.81 -10.57 27.93
C GLN C 151 36.83 -9.47 28.15
N GLU C 152 37.14 -8.71 27.11
CA GLU C 152 38.19 -7.71 27.17
C GLU C 152 37.70 -6.42 26.56
N LEU C 153 38.16 -5.31 27.13
CA LEU C 153 37.85 -3.97 26.65
C LEU C 153 39.15 -3.22 26.43
N ASN C 154 39.38 -2.77 25.21
CA ASN C 154 40.63 -2.12 24.83
C ASN C 154 40.31 -0.95 23.91
N ILE C 155 40.43 0.26 24.43
CA ILE C 155 39.98 1.46 23.75
C ILE C 155 41.04 2.55 23.90
N ARG C 156 40.97 3.53 23.01
CA ARG C 156 41.84 4.71 23.06
C ARG C 156 40.98 5.94 22.88
N CYS C 157 40.98 6.82 23.87
CA CYS C 157 40.08 7.96 23.92
C CYS C 157 40.87 9.26 23.78
N ILE C 158 40.24 10.24 23.13
CA ILE C 158 40.85 11.54 22.88
C ILE C 158 39.96 12.61 23.50
N ALA C 159 40.54 13.46 24.34
CA ALA C 159 39.82 14.49 25.05
C ALA C 159 40.07 15.85 24.42
N LYS C 160 39.01 16.63 24.24
CA LYS C 160 39.11 17.93 23.61
C LYS C 160 38.48 18.99 24.53
N LYS C 161 38.70 20.25 24.18
CA LYS C 161 38.19 21.37 24.96
C LYS C 161 36.89 21.87 24.33
N GLY C 162 35.89 22.12 25.17
CA GLY C 162 34.61 22.60 24.68
C GLY C 162 33.80 23.20 25.79
N ILE C 163 32.60 23.64 25.44
CA ILE C 163 31.68 24.27 26.38
C ILE C 163 30.39 23.49 26.42
N ALA C 164 29.60 23.74 27.47
CA ALA C 164 28.38 22.98 27.70
C ALA C 164 27.26 23.34 26.73
N LYS C 165 27.42 24.41 25.96
CA LYS C 165 26.45 24.70 24.91
C LYS C 165 26.45 23.59 23.86
N GLU C 166 27.63 23.08 23.52
CA GLU C 166 27.74 22.05 22.49
C GLU C 166 27.25 20.70 23.00
N HIS C 167 27.59 20.34 24.23
CA HIS C 167 27.15 19.09 24.82
C HIS C 167 27.27 19.22 26.33
N ALA C 168 26.35 18.58 27.05
CA ALA C 168 26.29 18.73 28.50
C ALA C 168 27.48 18.09 29.21
N LYS C 169 28.29 17.31 28.50
CA LYS C 169 29.42 16.65 29.15
C LYS C 169 30.54 17.63 29.48
N TRP C 170 30.55 18.83 28.89
CA TRP C 170 31.56 19.82 29.16
C TRP C 170 31.15 20.81 30.23
N SER C 171 30.04 20.57 30.92
CA SER C 171 29.58 21.49 31.96
C SER C 171 30.37 21.28 33.23
N PRO C 172 30.98 22.29 33.81
CA PRO C 172 31.75 22.10 35.04
C PRO C 172 30.87 22.05 36.27
N CYS C 173 29.73 22.73 36.23
CA CYS C 173 28.82 22.80 37.36
C CYS C 173 27.77 21.70 37.27
N SER C 174 27.25 21.31 38.43
CA SER C 174 26.11 20.39 38.46
C SER C 174 24.80 21.16 38.57
N ALA C 175 24.60 21.84 39.70
CA ALA C 175 23.38 22.61 39.89
C ALA C 175 23.72 23.86 40.67
N ILE C 176 23.29 25.01 40.16
CA ILE C 176 23.58 26.29 40.78
C ILE C 176 22.29 26.75 41.47
N ALA C 177 22.23 26.59 42.78
CA ALA C 177 21.13 27.15 43.54
C ALA C 177 21.20 28.67 43.49
N PHE C 178 20.04 29.30 43.27
CA PHE C 178 19.98 30.75 43.10
C PHE C 178 18.72 31.24 43.79
N GLU C 179 18.83 32.35 44.50
CA GLU C 179 17.74 32.76 45.38
C GLU C 179 17.93 34.21 45.77
N TYR C 180 16.82 34.93 45.89
CA TYR C 180 16.86 36.29 46.39
C TYR C 180 15.52 36.61 47.03
N ASP C 181 15.54 37.62 47.90
CA ASP C 181 14.35 38.14 48.58
C ASP C 181 13.58 37.03 49.29
N PRO C 182 14.13 36.46 50.36
CA PRO C 182 13.43 35.35 51.04
C PRO C 182 12.07 35.72 51.60
N HIS C 183 11.87 36.96 52.03
CA HIS C 183 10.64 37.36 52.71
C HIS C 183 9.62 38.00 51.79
N ASN C 184 9.90 38.07 50.49
CA ASN C 184 8.94 38.54 49.51
C ASN C 184 8.50 39.98 49.79
N LYS C 185 9.46 40.85 50.09
CA LYS C 185 9.13 42.25 50.29
C LYS C 185 8.87 42.95 48.97
N LEU C 186 9.46 42.47 47.88
CA LEU C 186 9.26 43.06 46.57
C LEU C 186 7.96 42.61 45.91
N LYS C 187 7.28 41.62 46.49
CA LYS C 187 6.05 41.07 45.93
C LYS C 187 6.28 40.60 44.50
N HIS C 188 7.40 39.92 44.26
CA HIS C 188 7.66 39.38 42.95
C HIS C 188 6.93 38.08 42.71
N THR C 189 6.40 37.45 43.76
CA THR C 189 5.60 36.25 43.62
C THR C 189 4.35 36.38 44.47
N ASP C 190 3.28 35.74 44.03
CA ASP C 190 2.01 35.75 44.72
C ASP C 190 1.71 34.34 45.21
N PHE C 191 1.47 34.19 46.50
CA PHE C 191 1.51 32.88 47.14
C PHE C 191 0.15 32.21 47.11
N TRP C 192 0.08 31.08 46.43
CA TRP C 192 -1.12 30.24 46.44
C TRP C 192 -1.35 29.70 47.84
N PHE C 193 -2.63 29.64 48.24
CA PHE C 193 -2.95 29.18 49.59
C PHE C 193 -4.37 28.67 49.62
N GLU C 194 -4.68 27.94 50.69
CA GLU C 194 -6.02 27.45 50.98
C GLU C 194 -6.68 28.21 52.12
N VAL C 195 -5.97 28.39 53.23
CA VAL C 195 -6.52 29.07 54.39
C VAL C 195 -5.69 30.32 54.69
N ASP C 196 -4.39 30.12 54.98
CA ASP C 196 -3.48 31.21 55.26
C ASP C 196 -2.18 30.97 54.52
N ALA C 197 -1.71 31.99 53.79
CA ALA C 197 -0.52 31.81 52.96
C ALA C 197 0.75 31.84 53.79
N LYS C 198 0.70 32.41 54.99
CA LYS C 198 1.92 32.56 55.78
C LYS C 198 2.35 31.23 56.40
N LYS C 199 1.41 30.45 56.93
CA LYS C 199 1.73 29.23 57.62
C LYS C 199 1.67 28.00 56.73
N GLU C 200 1.31 28.16 55.46
CA GLU C 200 1.26 27.03 54.53
C GLU C 200 2.51 26.92 53.68
N TRP C 201 3.42 27.89 53.76
CA TRP C 201 4.61 27.91 52.91
C TRP C 201 5.85 27.81 53.77
N PRO C 202 6.76 26.88 53.47
CA PRO C 202 7.96 26.74 54.29
C PRO C 202 8.85 27.98 54.17
N ASP C 203 9.55 28.27 55.26
CA ASP C 203 10.48 29.39 55.25
C ASP C 203 11.70 29.08 54.39
N SER C 204 12.23 30.10 53.74
CA SER C 204 13.44 29.92 52.97
C SER C 204 14.63 29.67 53.90
N LYS C 205 15.64 28.99 53.37
CA LYS C 205 16.81 28.68 54.18
C LYS C 205 17.64 29.91 54.52
N TYR C 206 17.39 31.03 53.86
CA TYR C 206 18.07 32.29 54.17
C TYR C 206 17.13 33.29 54.82
N ALA C 207 16.01 32.83 55.39
CA ALA C 207 15.03 33.74 55.95
C ALA C 207 15.59 34.50 57.16
N THR C 208 16.53 33.90 57.87
CA THR C 208 17.12 34.56 59.03
C THR C 208 18.15 35.62 58.65
N TRP C 209 18.56 35.68 57.38
CA TRP C 209 19.54 36.66 56.95
C TRP C 209 18.93 38.02 56.65
N GLU C 210 17.61 38.13 56.64
CA GLU C 210 16.93 39.40 56.35
C GLU C 210 15.83 39.61 57.36
N GLU C 211 15.63 40.86 57.76
CA GLU C 211 14.63 41.18 58.77
C GLU C 211 13.24 41.03 58.16
N PRO C 212 12.34 40.30 58.81
CA PRO C 212 10.99 40.17 58.28
C PRO C 212 10.28 41.50 58.29
N PRO C 213 9.36 41.73 57.36
CA PRO C 213 8.68 43.03 57.30
C PRO C 213 7.83 43.28 58.53
N LYS C 214 7.76 44.53 58.94
CA LYS C 214 6.98 44.91 60.10
C LYS C 214 5.49 44.80 59.80
N PRO C 215 4.67 44.50 60.80
CA PRO C 215 3.22 44.38 60.55
C PRO C 215 2.59 45.66 60.00
N GLY C 216 3.03 46.82 60.47
CA GLY C 216 2.50 48.08 60.00
C GLY C 216 3.21 48.68 58.80
N GLU C 217 4.18 47.97 58.24
CA GLU C 217 4.94 48.49 57.11
C GLU C 217 4.08 48.55 55.86
N VAL C 218 4.26 49.63 55.08
CA VAL C 218 3.60 49.77 53.80
C VAL C 218 4.49 49.19 52.71
N PHE C 219 3.89 48.93 51.56
CA PHE C 219 4.65 48.42 50.42
C PHE C 219 5.61 49.50 49.92
N ASP C 220 6.83 49.08 49.58
CA ASP C 220 7.86 49.97 49.08
C ASP C 220 7.99 49.74 47.57
N TYR C 221 7.52 50.69 46.78
CA TYR C 221 7.58 50.57 45.33
C TYR C 221 8.91 51.01 44.74
N LYS C 222 9.80 51.58 45.55
CA LYS C 222 11.09 52.04 45.08
C LYS C 222 12.19 51.00 45.23
N ALA C 223 11.88 49.83 45.77
CA ALA C 223 12.89 48.83 46.07
C ALA C 223 13.15 47.93 44.87
N LYS C 224 14.38 47.43 44.79
CA LYS C 224 14.84 46.50 43.78
C LYS C 224 15.58 45.35 44.45
N PRO C 225 15.62 44.18 43.84
CA PRO C 225 16.41 43.09 44.41
C PRO C 225 17.87 43.47 44.49
N ASN C 226 18.46 43.25 45.66
CA ASN C 226 19.79 43.79 45.93
C ASN C 226 20.78 42.74 46.41
N ARG C 227 20.29 41.73 47.11
CA ARG C 227 21.14 40.68 47.66
C ARG C 227 20.73 39.34 47.07
N PHE C 228 21.70 38.61 46.53
CA PHE C 228 21.46 37.33 45.88
C PHE C 228 22.29 36.25 46.56
N TYR C 229 21.66 35.13 46.87
CA TYR C 229 22.31 34.00 47.50
C TYR C 229 22.42 32.88 46.48
N MET C 230 23.64 32.45 46.20
CA MET C 230 23.82 31.40 45.20
C MET C 230 24.90 30.42 45.63
N THR C 231 24.66 29.15 45.35
CA THR C 231 25.57 28.06 45.67
C THR C 231 26.04 27.41 44.37
N VAL C 232 27.35 27.30 44.19
CA VAL C 232 27.93 26.74 42.98
C VAL C 232 28.52 25.39 43.33
N GLU C 233 27.97 24.33 42.74
CA GLU C 233 28.49 22.98 42.89
C GLU C 233 29.15 22.55 41.61
N THR C 234 30.31 21.90 41.73
CA THR C 234 31.07 21.46 40.58
C THR C 234 31.19 19.94 40.57
N THR C 235 31.58 19.41 39.42
CA THR C 235 31.74 17.98 39.24
C THR C 235 33.12 17.49 39.62
N GLY C 236 34.02 18.38 40.02
CA GLY C 236 35.37 18.02 40.39
C GLY C 236 36.40 18.36 39.32
N SER C 237 35.98 18.57 38.08
CA SER C 237 36.93 18.97 37.05
C SER C 237 37.54 20.33 37.37
N LEU C 238 36.75 21.25 37.90
CA LEU C 238 37.22 22.56 38.31
C LEU C 238 36.77 22.83 39.75
N LYS C 239 37.63 23.52 40.49
CA LYS C 239 37.25 23.95 41.83
C LYS C 239 36.21 25.04 41.75
N ALA C 240 35.50 25.26 42.87
CA ALA C 240 34.41 26.23 42.88
C ALA C 240 34.91 27.63 42.60
N ASN C 241 36.02 28.04 43.24
CA ASN C 241 36.56 29.36 42.99
C ASN C 241 37.01 29.51 41.55
N GLN C 242 37.61 28.46 40.99
CA GLN C 242 38.00 28.50 39.59
C GLN C 242 36.79 28.66 38.68
N VAL C 243 35.70 27.97 38.99
CA VAL C 243 34.49 28.10 38.18
C VAL C 243 33.96 29.53 38.24
N PHE C 244 33.89 30.11 39.44
CA PHE C 244 33.38 31.47 39.57
C PHE C 244 34.26 32.46 38.82
N SER C 245 35.57 32.38 39.04
CA SER C 245 36.48 33.32 38.41
C SER C 245 36.48 33.18 36.90
N ARG C 246 36.42 31.94 36.39
CA ARG C 246 36.43 31.75 34.94
C ARG C 246 35.11 32.14 34.32
N GLY C 247 33.99 32.00 35.04
CA GLY C 247 32.74 32.54 34.52
C GLY C 247 32.79 34.05 34.40
N ILE C 248 33.34 34.72 35.40
CA ILE C 248 33.50 36.17 35.32
C ILE C 248 34.39 36.54 34.14
N LYS C 249 35.50 35.82 33.96
CA LYS C 249 36.42 36.12 32.87
C LYS C 249 35.77 35.88 31.51
N THR C 250 34.99 34.82 31.39
CA THR C 250 34.29 34.55 30.13
C THR C 250 33.30 35.64 29.80
N LEU C 251 32.55 36.10 30.80
CA LEU C 251 31.61 37.21 30.57
C LEU C 251 32.36 38.46 30.14
N GLN C 252 33.50 38.75 30.78
CA GLN C 252 34.30 39.90 30.39
C GLN C 252 34.79 39.77 28.95
N GLU C 253 35.25 38.58 28.57
CA GLU C 253 35.73 38.37 27.21
C GLU C 253 34.62 38.58 26.19
N LYS C 254 33.41 38.09 26.49
CA LYS C 254 32.29 38.28 25.58
C LYS C 254 31.98 39.76 25.40
N LEU C 255 31.92 40.51 26.51
CA LEU C 255 31.63 41.94 26.41
C LEU C 255 32.75 42.68 25.67
N ALA C 256 34.00 42.29 25.91
CA ALA C 256 35.12 42.92 25.22
C ALA C 256 35.06 42.65 23.72
N ASN C 257 34.65 41.44 23.34
CA ASN C 257 34.49 41.14 21.93
C ASN C 257 33.41 42.00 21.29
N VAL C 258 32.29 42.19 22.00
CA VAL C 258 31.25 43.06 21.47
C VAL C 258 31.76 44.49 21.31
N LEU C 259 32.51 44.96 22.30
CA LEU C 259 33.06 46.32 22.24
C LEU C 259 34.02 46.47 21.07
N PHE C 260 34.87 45.47 20.85
CA PHE C 260 35.80 45.52 19.73
C PHE C 260 35.06 45.53 18.41
N GLU C 261 34.00 44.73 18.28
CA GLU C 261 33.20 44.72 17.06
C GLU C 261 32.60 46.10 16.81
N LEU C 262 32.05 46.72 17.86
CA LEU C 262 31.48 48.06 17.69
C LEU C 262 32.54 49.05 17.24
N GLU C 263 33.71 49.03 17.88
CA GLU C 263 34.73 50.02 17.56
C GLU C 263 35.33 49.80 16.18
N ASN C 264 35.41 48.56 15.72
CA ASN C 264 35.91 48.26 14.39
C ASN C 264 34.84 48.42 13.31
N SER C 265 33.57 48.50 13.68
CA SER C 265 32.51 48.63 12.68
C SER C 265 32.64 49.92 11.90
N ARG C 266 32.94 51.03 12.57
CA ARG C 266 33.08 52.32 11.90
C ARG C 266 34.25 52.33 10.93
N VAL D 3 -4.48 18.45 -42.25
CA VAL D 3 -4.23 19.65 -41.47
C VAL D 3 -5.44 20.57 -41.53
N SER D 4 -5.65 21.19 -42.68
CA SER D 4 -6.80 22.06 -42.88
C SER D 4 -8.09 21.23 -42.86
N THR D 5 -9.12 21.77 -42.22
CA THR D 5 -10.39 21.09 -42.05
C THR D 5 -11.47 21.76 -42.87
N SER D 6 -12.28 20.95 -43.55
CA SER D 6 -13.37 21.48 -44.35
C SER D 6 -14.52 21.95 -43.46
N THR D 7 -15.40 22.76 -44.05
CA THR D 7 -16.58 23.22 -43.33
C THR D 7 -17.57 22.11 -43.04
N VAL D 8 -17.43 20.95 -43.68
CA VAL D 8 -18.30 19.81 -43.44
C VAL D 8 -17.73 18.97 -42.32
N GLY D 9 -18.53 18.72 -41.29
CA GLY D 9 -18.07 17.97 -40.14
C GLY D 9 -18.88 16.73 -39.85
N ALA D 10 -19.00 16.37 -38.57
CA ALA D 10 -19.75 15.21 -38.13
C ALA D 10 -19.29 13.94 -38.83
N ARG D 11 -20.19 13.31 -39.58
CA ARG D 11 -19.91 12.07 -40.30
C ARG D 11 -19.46 10.98 -39.32
N ARG D 12 -20.38 10.60 -38.44
CA ARG D 12 -20.08 9.61 -37.43
C ARG D 12 -20.40 8.20 -37.96
N ARG D 13 -20.28 7.21 -37.09
CA ARG D 13 -20.40 5.82 -37.50
C ARG D 13 -21.84 5.47 -37.83
N ARG D 14 -22.00 4.60 -38.83
CA ARG D 14 -23.29 4.03 -39.19
C ARG D 14 -23.08 2.57 -39.56
N ALA D 15 -24.12 1.94 -40.12
CA ALA D 15 -24.05 0.55 -40.55
C ALA D 15 -24.20 0.37 -42.06
N LYS D 16 -24.98 1.22 -42.72
CA LYS D 16 -25.15 1.11 -44.16
C LYS D 16 -23.88 1.54 -44.89
N GLN D 17 -23.60 0.87 -46.01
CA GLN D 17 -22.52 1.23 -46.89
C GLN D 17 -23.06 1.52 -48.28
N GLN D 18 -22.59 2.59 -48.89
CA GLN D 18 -23.10 3.06 -50.17
C GLN D 18 -22.03 2.94 -51.25
N VAL D 19 -22.50 2.85 -52.50
CA VAL D 19 -21.58 2.75 -53.63
C VAL D 19 -21.16 4.12 -54.16
N ASP D 20 -21.91 5.18 -53.82
CA ASP D 20 -21.53 6.54 -54.20
C ASP D 20 -20.60 7.18 -53.18
N ASP D 21 -19.50 6.49 -52.88
CA ASP D 21 -18.52 6.99 -51.93
C ASP D 21 -17.15 7.06 -52.58
N GLU D 22 -16.91 6.20 -53.57
CA GLU D 22 -15.62 6.14 -54.24
C GLU D 22 -15.52 7.24 -55.29
N GLU D 23 -14.33 7.83 -55.37
CA GLU D 23 -14.08 8.88 -56.35
C GLU D 23 -14.13 8.31 -57.77
N ASN D 24 -14.83 9.01 -58.66
CA ASN D 24 -14.91 8.59 -60.06
C ASN D 24 -15.37 9.77 -60.89
N ALA D 25 -14.51 10.25 -61.79
CA ALA D 25 -14.86 11.38 -62.64
C ALA D 25 -15.95 11.01 -63.63
N THR D 26 -15.89 9.81 -64.20
CA THR D 26 -16.87 9.40 -65.19
C THR D 26 -18.27 9.33 -64.59
N LEU D 27 -18.39 8.80 -63.38
CA LEU D 27 -19.68 8.70 -62.71
C LEU D 27 -20.10 9.99 -62.01
N LEU D 28 -19.25 11.02 -62.05
CA LEU D 28 -19.52 12.30 -61.38
C LEU D 28 -19.78 12.09 -59.89
N ARG D 29 -18.98 11.22 -59.28
CA ARG D 29 -19.02 10.99 -57.84
C ARG D 29 -17.72 11.55 -57.25
N LEU D 30 -17.79 12.78 -56.74
CA LEU D 30 -16.61 13.50 -56.28
C LEU D 30 -16.42 13.43 -54.77
N GLY D 31 -17.23 12.65 -54.07
CA GLY D 31 -17.08 12.50 -52.64
C GLY D 31 -17.80 13.59 -51.86
N PRO D 32 -17.83 13.44 -50.54
CA PRO D 32 -18.58 14.40 -49.71
C PRO D 32 -17.99 15.81 -49.73
N GLU D 33 -16.67 15.91 -49.62
CA GLU D 33 -16.02 17.21 -49.57
C GLU D 33 -16.11 17.98 -50.89
N PHE D 34 -16.46 17.32 -51.98
CA PHE D 34 -16.65 17.95 -53.27
C PHE D 34 -18.07 17.75 -53.79
N ALA D 35 -19.02 17.70 -52.87
CA ALA D 35 -20.41 17.49 -53.25
C ALA D 35 -20.97 18.72 -53.95
N LEU D 36 -22.11 18.53 -54.62
CA LEU D 36 -22.71 19.62 -55.38
C LEU D 36 -23.17 20.76 -54.48
N LYS D 37 -23.53 20.46 -53.24
CA LYS D 37 -24.01 21.46 -52.30
C LYS D 37 -22.96 21.68 -51.21
N GLN D 38 -22.57 22.94 -51.01
CA GLN D 38 -21.58 23.32 -50.02
C GLN D 38 -22.16 24.40 -49.13
N TYR D 39 -21.45 24.71 -48.05
CA TYR D 39 -21.85 25.76 -47.12
C TYR D 39 -20.68 26.71 -46.89
N ASP D 40 -20.98 28.00 -46.85
CA ASP D 40 -19.96 29.01 -46.63
C ASP D 40 -19.73 29.21 -45.13
N HIS D 41 -18.99 30.26 -44.77
CA HIS D 41 -18.74 30.55 -43.36
C HIS D 41 -20.02 30.93 -42.63
N ASP D 42 -21.04 31.40 -43.33
CA ASP D 42 -22.32 31.73 -42.73
C ASP D 42 -23.30 30.57 -42.74
N GLY D 43 -22.92 29.43 -43.30
CA GLY D 43 -23.78 28.27 -43.35
C GLY D 43 -24.84 28.30 -44.43
N ASN D 44 -24.86 29.32 -45.28
CA ASN D 44 -25.86 29.42 -46.32
C ASN D 44 -25.54 28.44 -47.45
N GLU D 45 -26.54 28.21 -48.31
CA GLU D 45 -26.38 27.30 -49.42
C GLU D 45 -25.31 27.81 -50.38
N HIS D 46 -24.53 26.88 -50.93
CA HIS D 46 -23.44 27.21 -51.83
C HIS D 46 -23.24 26.07 -52.81
N ASP D 47 -22.92 26.41 -54.04
CA ASP D 47 -22.69 25.42 -55.09
C ASP D 47 -21.21 25.13 -55.23
N LEU D 48 -20.90 23.91 -55.67
CA LEU D 48 -19.52 23.53 -55.91
C LEU D 48 -18.92 24.43 -57.00
N ILE D 49 -17.74 24.97 -56.73
CA ILE D 49 -17.12 25.95 -57.61
C ILE D 49 -15.96 25.26 -58.32
N ALA D 50 -16.21 24.81 -59.55
CA ALA D 50 -15.14 24.32 -60.40
C ALA D 50 -14.46 25.50 -61.09
N LEU D 51 -13.26 25.24 -61.61
CA LEU D 51 -12.49 26.28 -62.28
C LEU D 51 -11.79 25.70 -63.50
N SER D 52 -12.05 26.28 -64.67
CA SER D 52 -11.30 25.95 -65.86
C SER D 52 -9.91 26.59 -65.80
N LEU D 53 -9.01 26.11 -66.67
CA LEU D 53 -7.65 26.62 -66.67
C LEU D 53 -7.60 28.11 -66.93
N SER D 54 -8.52 28.62 -67.75
CA SER D 54 -8.58 30.06 -67.97
C SER D 54 -8.97 30.80 -66.70
N GLU D 55 -10.06 30.35 -66.05
CA GLU D 55 -10.50 30.99 -64.81
C GLU D 55 -9.45 30.84 -63.72
N SER D 56 -8.86 29.65 -63.61
CA SER D 56 -7.84 29.43 -62.58
C SER D 56 -6.63 30.32 -62.82
N ARG D 57 -6.20 30.45 -64.08
CA ARG D 57 -5.05 31.30 -64.39
C ARG D 57 -5.37 32.76 -64.07
N LEU D 58 -6.57 33.22 -64.44
CA LEU D 58 -6.95 34.59 -64.14
C LEU D 58 -6.94 34.85 -62.64
N LEU D 59 -7.54 33.94 -61.86
CA LEU D 59 -7.62 34.14 -60.43
C LEU D 59 -6.24 34.11 -59.78
N ILE D 60 -5.39 33.15 -60.17
CA ILE D 60 -4.08 33.06 -59.55
C ILE D 60 -3.23 34.28 -59.91
N ARG D 61 -3.29 34.73 -61.17
CA ARG D 61 -2.52 35.90 -61.57
C ARG D 61 -3.00 37.14 -60.80
N GLU D 62 -4.33 37.31 -60.70
CA GLU D 62 -4.85 38.46 -59.99
C GLU D 62 -4.44 38.47 -58.53
N ALA D 63 -4.60 37.32 -57.86
CA ALA D 63 -4.25 37.25 -56.44
C ALA D 63 -2.76 37.46 -56.22
N LEU D 64 -1.93 36.83 -57.05
CA LEU D 64 -0.48 36.96 -56.88
C LEU D 64 -0.02 38.40 -57.13
N LYS D 65 -0.54 39.05 -58.17
CA LYS D 65 -0.14 40.42 -58.42
C LYS D 65 -0.68 41.37 -57.35
N ALA D 66 -1.87 41.08 -56.80
CA ALA D 66 -2.37 41.89 -55.70
C ALA D 66 -1.47 41.76 -54.48
N ARG D 67 -1.04 40.54 -54.16
CA ARG D 67 -0.16 40.34 -53.02
C ARG D 67 1.20 41.01 -53.26
N SER D 68 1.72 40.91 -54.49
CA SER D 68 2.99 41.55 -54.79
C SER D 68 2.89 43.07 -54.68
N ARG D 69 1.79 43.65 -55.15
CA ARG D 69 1.59 45.09 -55.01
C ARG D 69 1.46 45.48 -53.54
N ALA D 70 0.74 44.69 -52.76
CA ALA D 70 0.56 45.01 -51.35
C ALA D 70 1.89 44.94 -50.59
N ARG D 71 2.70 43.92 -50.87
CA ARG D 71 3.97 43.77 -50.15
C ARG D 71 4.97 44.87 -50.49
N ASN D 72 4.76 45.59 -51.59
CA ASN D 72 5.64 46.69 -51.98
C ASN D 72 5.06 48.05 -51.64
N GLY D 73 4.00 48.09 -50.83
CA GLY D 73 3.39 49.34 -50.45
C GLY D 73 2.48 49.94 -51.48
N GLY D 74 1.86 49.11 -52.33
CA GLY D 74 0.93 49.61 -53.33
C GLY D 74 1.57 50.48 -54.40
N VAL D 75 2.77 50.14 -54.83
CA VAL D 75 3.46 50.92 -55.86
C VAL D 75 2.78 50.72 -57.21
N ILE D 84 4.27 41.39 -63.39
CA ILE D 84 3.76 40.89 -64.66
C ILE D 84 4.49 39.61 -65.07
N ASP D 85 5.80 39.58 -64.82
CA ASP D 85 6.60 38.42 -65.14
C ASP D 85 6.22 37.25 -64.24
N ASP D 86 6.00 36.09 -64.87
CA ASP D 86 5.59 34.91 -64.10
C ASP D 86 6.70 34.45 -63.16
N ASP D 87 7.96 34.53 -63.59
CA ASP D 87 9.05 34.13 -62.72
C ASP D 87 9.15 35.02 -61.49
N GLU D 88 9.09 36.34 -61.69
CA GLU D 88 9.10 37.27 -60.56
C GLU D 88 7.88 37.06 -59.67
N LEU D 89 6.72 36.86 -60.30
CA LEU D 89 5.49 36.66 -59.53
C LEU D 89 5.59 35.41 -58.66
N ALA D 90 6.15 34.33 -59.19
CA ALA D 90 6.38 33.14 -58.39
C ALA D 90 7.39 33.41 -57.28
N LYS D 91 8.46 34.17 -57.59
CA LYS D 91 9.44 34.50 -56.58
C LYS D 91 8.87 35.37 -55.47
N VAL D 92 7.74 36.03 -55.70
CA VAL D 92 7.12 36.85 -54.67
C VAL D 92 6.75 35.99 -53.46
N THR D 93 6.19 34.81 -53.70
CA THR D 93 5.74 33.95 -52.61
C THR D 93 6.91 33.48 -51.76
N SER D 94 6.60 33.05 -50.54
CA SER D 94 7.59 32.57 -49.59
C SER D 94 7.53 31.05 -49.50
N GLY D 95 8.69 30.43 -49.29
CA GLY D 95 8.79 29.00 -49.22
C GLY D 95 9.34 28.39 -50.49
N ALA D 96 10.50 27.73 -50.39
CA ALA D 96 11.13 27.16 -51.58
C ALA D 96 10.23 26.11 -52.23
N VAL D 97 9.64 25.23 -51.42
CA VAL D 97 8.72 24.23 -51.97
C VAL D 97 7.47 24.91 -52.51
N ALA D 98 6.95 25.92 -51.80
CA ALA D 98 5.82 26.68 -52.31
C ALA D 98 6.18 27.40 -53.59
N ASN D 99 7.39 27.96 -53.66
CA ASN D 99 7.83 28.62 -54.89
C ASN D 99 7.87 27.64 -56.04
N GLY D 100 8.41 26.44 -55.82
CA GLY D 100 8.43 25.44 -56.88
C GLY D 100 7.05 25.01 -57.31
N VAL D 101 6.14 24.82 -56.35
CA VAL D 101 4.79 24.38 -56.68
C VAL D 101 4.07 25.43 -57.50
N VAL D 102 4.16 26.70 -57.08
CA VAL D 102 3.50 27.76 -57.83
C VAL D 102 4.16 27.93 -59.19
N LYS D 103 5.48 27.73 -59.29
CA LYS D 103 6.15 27.77 -60.59
C LYS D 103 5.59 26.70 -61.52
N LYS D 104 5.45 25.48 -61.01
CA LYS D 104 4.93 24.39 -61.85
C LYS D 104 3.50 24.66 -62.28
N THR D 105 2.66 25.14 -61.36
CA THR D 105 1.28 25.44 -61.71
C THR D 105 1.21 26.56 -62.74
N LEU D 106 2.02 27.60 -62.58
CA LEU D 106 2.04 28.69 -63.55
C LEU D 106 2.52 28.20 -64.91
N ASP D 107 3.55 27.34 -64.93
CA ASP D 107 4.02 26.81 -66.21
C ASP D 107 2.93 25.98 -66.89
N TYR D 108 2.25 25.13 -66.14
CA TYR D 108 1.17 24.34 -66.72
C TYR D 108 0.08 25.24 -67.28
N LEU D 109 -0.36 26.23 -66.50
CA LEU D 109 -1.43 27.12 -66.94
C LEU D 109 -1.01 27.91 -68.18
N ASN D 110 0.23 28.42 -68.19
CA ASN D 110 0.68 29.21 -69.33
C ASN D 110 0.82 28.35 -70.59
N THR D 111 1.39 27.15 -70.46
CA THR D 111 1.58 26.28 -71.61
C THR D 111 0.31 25.58 -72.06
N PHE D 112 -0.78 25.70 -71.30
CA PHE D 112 -2.05 25.16 -71.78
C PHE D 112 -3.20 26.16 -71.65
N ALA D 113 -2.90 27.47 -71.66
CA ALA D 113 -3.94 28.47 -71.50
C ALA D 113 -4.74 28.61 -72.79
N ARG D 114 -5.98 28.13 -72.78
CA ARG D 114 -6.85 28.31 -73.93
C ARG D 114 -7.31 29.75 -74.08
N PHE D 115 -7.45 30.47 -72.97
CA PHE D 115 -7.96 31.84 -72.99
C PHE D 115 -7.12 32.67 -72.02
N LYS D 116 -6.24 33.51 -72.57
CA LYS D 116 -5.39 34.37 -71.76
C LYS D 116 -5.98 35.77 -71.57
N ASP D 117 -7.18 36.02 -72.06
CA ASP D 117 -7.82 37.32 -71.96
C ASP D 117 -9.01 37.25 -71.04
N GLU D 118 -9.20 38.30 -70.23
CA GLU D 118 -10.31 38.34 -69.28
C GLU D 118 -11.65 38.32 -69.99
N GLU D 119 -11.78 39.09 -71.07
CA GLU D 119 -13.07 39.18 -71.75
C GLU D 119 -13.42 37.89 -72.48
N THR D 120 -12.44 37.21 -73.06
CA THR D 120 -12.71 35.92 -73.69
C THR D 120 -13.21 34.91 -72.67
N CYS D 121 -12.56 34.85 -71.51
CA CYS D 121 -13.00 33.95 -70.45
C CYS D 121 -14.38 34.33 -69.95
N THR D 122 -14.65 35.63 -69.84
CA THR D 122 -15.96 36.09 -69.39
C THR D 122 -17.05 35.65 -70.36
N ALA D 123 -16.79 35.82 -71.67
CA ALA D 123 -17.76 35.39 -72.67
C ALA D 123 -17.95 33.88 -72.65
N VAL D 124 -16.86 33.13 -72.48
CA VAL D 124 -16.95 31.68 -72.42
C VAL D 124 -17.79 31.24 -71.23
N ASP D 125 -17.55 31.85 -70.07
CA ASP D 125 -18.32 31.51 -68.87
C ASP D 125 -19.79 31.88 -69.05
N GLN D 126 -20.07 33.04 -69.65
CA GLN D 126 -21.45 33.43 -69.91
C GLN D 126 -22.14 32.44 -70.83
N LEU D 127 -21.45 31.99 -71.88
CA LEU D 127 -22.03 31.02 -72.79
C LEU D 127 -22.27 29.68 -72.09
N LEU D 128 -21.33 29.23 -71.27
CA LEU D 128 -21.45 27.94 -70.60
C LEU D 128 -22.37 27.97 -69.40
N HIS D 129 -22.77 29.15 -68.92
CA HIS D 129 -23.65 29.24 -67.76
C HIS D 129 -25.07 29.65 -68.14
N ASN D 130 -25.23 30.74 -68.89
CA ASN D 130 -26.54 31.27 -69.21
C ASN D 130 -27.29 30.46 -70.26
N SER D 131 -26.63 29.49 -70.91
CA SER D 131 -27.30 28.69 -71.92
C SER D 131 -28.39 27.84 -71.29
N SER D 132 -29.51 27.71 -72.01
CA SER D 132 -30.61 26.88 -71.53
C SER D 132 -30.21 25.43 -71.42
N ASP D 133 -29.46 24.92 -72.41
CA ASP D 133 -28.97 23.55 -72.33
C ASP D 133 -27.98 23.38 -71.19
N CYS D 134 -27.13 24.38 -70.96
CA CYS D 134 -26.10 24.30 -69.93
C CYS D 134 -26.63 24.56 -68.53
N SER D 135 -27.90 24.94 -68.38
CA SER D 135 -28.48 25.13 -67.05
C SER D 135 -28.54 23.84 -66.24
N VAL D 136 -28.42 22.69 -66.91
CA VAL D 136 -28.36 21.41 -66.21
C VAL D 136 -26.94 20.86 -66.14
N LEU D 137 -26.04 21.34 -66.99
CA LEU D 137 -24.68 20.81 -67.03
C LEU D 137 -23.98 20.95 -65.69
N HIS D 138 -23.32 19.88 -65.26
CA HIS D 138 -22.58 19.92 -64.02
C HIS D 138 -21.38 20.87 -64.16
N PRO D 139 -21.02 21.61 -63.10
CA PRO D 139 -19.86 22.50 -63.20
C PRO D 139 -18.57 21.77 -63.56
N PHE D 140 -18.41 20.52 -63.11
CA PHE D 140 -17.24 19.75 -63.51
C PHE D 140 -17.24 19.52 -65.02
N GLU D 141 -18.40 19.21 -65.59
CA GLU D 141 -18.50 19.04 -67.04
C GLU D 141 -18.15 20.34 -67.76
N ILE D 142 -18.62 21.47 -67.24
CA ILE D 142 -18.32 22.76 -67.85
C ILE D 142 -16.83 23.04 -67.82
N ALA D 143 -16.20 22.79 -66.67
CA ALA D 143 -14.76 22.99 -66.56
C ALA D 143 -13.99 22.09 -67.50
N GLN D 144 -14.39 20.83 -67.61
CA GLN D 144 -13.73 19.90 -68.53
C GLN D 144 -13.87 20.36 -69.97
N LEU D 145 -15.08 20.81 -70.34
CA LEU D 145 -15.30 21.30 -71.70
C LEU D 145 -14.43 22.52 -72.01
N SER D 146 -14.37 23.47 -71.08
CA SER D 146 -13.58 24.66 -71.32
C SER D 146 -12.08 24.40 -71.23
N SER D 147 -11.68 23.30 -70.59
CA SER D 147 -10.27 23.01 -70.37
C SER D 147 -9.66 22.14 -71.47
N LEU D 148 -10.26 20.98 -71.73
CA LEU D 148 -9.67 20.03 -72.67
C LEU D 148 -9.65 20.57 -74.10
N GLY D 149 -10.51 21.53 -74.43
CA GLY D 149 -10.54 22.10 -75.75
C GLY D 149 -10.90 21.10 -76.84
N CYS D 150 -11.89 20.25 -76.56
CA CYS D 150 -12.31 19.25 -77.51
C CYS D 150 -12.91 19.91 -78.76
N GLU D 151 -12.87 19.16 -79.87
CA GLU D 151 -13.33 19.67 -81.15
C GLU D 151 -14.55 18.95 -81.70
N ASP D 152 -14.84 17.74 -81.25
CA ASP D 152 -15.88 16.91 -81.85
C ASP D 152 -16.84 16.42 -80.77
N VAL D 153 -18.09 16.20 -81.18
CA VAL D 153 -19.09 15.65 -80.25
C VAL D 153 -18.68 14.25 -79.81
N ASP D 154 -18.26 13.41 -80.76
CA ASP D 154 -17.81 12.06 -80.42
C ASP D 154 -16.56 12.10 -79.54
N GLU D 155 -15.62 12.98 -79.87
CA GLU D 155 -14.41 13.11 -79.05
C GLU D 155 -14.76 13.58 -77.65
N ALA D 156 -15.64 14.57 -77.53
CA ALA D 156 -16.03 15.08 -76.22
C ALA D 156 -16.74 14.00 -75.41
N ILE D 157 -17.63 13.23 -76.05
CA ILE D 157 -18.34 12.17 -75.34
C ILE D 157 -17.38 11.09 -74.88
N THR D 158 -16.41 10.73 -75.73
CA THR D 158 -15.42 9.73 -75.33
C THR D 158 -14.58 10.23 -74.17
N LEU D 159 -14.13 11.49 -74.23
CA LEU D 159 -13.34 12.05 -73.13
C LEU D 159 -14.19 12.29 -71.89
N ILE D 160 -15.43 12.71 -72.09
CA ILE D 160 -16.33 13.00 -70.97
C ILE D 160 -17.54 12.08 -71.05
N PRO D 161 -17.51 10.93 -70.38
CA PRO D 161 -18.64 9.99 -70.46
C PRO D 161 -19.95 10.56 -69.92
N SER D 162 -19.88 11.57 -69.04
CA SER D 162 -21.09 12.12 -68.46
C SER D 162 -21.97 12.81 -69.51
N LEU D 163 -21.35 13.49 -70.48
CA LEU D 163 -22.10 14.18 -71.51
C LEU D 163 -22.83 13.22 -72.46
N ALA D 164 -22.49 11.93 -72.44
CA ALA D 164 -23.20 10.97 -73.29
C ALA D 164 -24.66 10.85 -72.87
N ALA D 165 -24.94 10.84 -71.57
CA ALA D 165 -26.32 10.73 -71.09
C ALA D 165 -27.08 12.04 -71.21
N LYS D 166 -26.39 13.16 -71.44
CA LYS D 166 -27.04 14.46 -71.64
C LYS D 166 -27.04 14.76 -73.14
N LYS D 167 -28.07 14.23 -73.82
CA LYS D 167 -28.23 14.43 -75.25
C LYS D 167 -29.09 15.64 -75.58
N GLU D 168 -29.55 16.39 -74.58
CA GLU D 168 -30.30 17.62 -74.78
C GLU D 168 -29.40 18.85 -74.86
N VAL D 169 -28.15 18.66 -75.27
CA VAL D 169 -27.15 19.73 -75.30
C VAL D 169 -26.75 19.97 -76.74
N ASN D 170 -26.72 21.25 -77.14
CA ASN D 170 -26.24 21.65 -78.46
C ASN D 170 -24.72 21.57 -78.51
N LEU D 171 -24.22 20.33 -78.40
CA LEU D 171 -22.80 20.11 -78.15
C LEU D 171 -21.93 20.61 -79.30
N GLN D 172 -22.32 20.32 -80.54
CA GLN D 172 -21.46 20.64 -81.68
C GLN D 172 -21.35 22.15 -81.88
N ARG D 173 -22.48 22.87 -81.85
CA ARG D 173 -22.41 24.31 -82.05
C ARG D 173 -21.74 25.00 -80.87
N ILE D 174 -21.90 24.48 -79.65
CA ILE D 174 -21.18 25.04 -78.52
C ILE D 174 -19.67 24.82 -78.69
N LEU D 175 -19.28 23.64 -79.17
CA LEU D 175 -17.87 23.39 -79.45
C LEU D 175 -17.33 24.35 -80.50
N ASP D 176 -18.11 24.59 -81.55
CA ASP D 176 -17.68 25.53 -82.58
C ASP D 176 -17.58 26.95 -82.04
N GLU D 177 -18.51 27.33 -81.15
CA GLU D 177 -18.44 28.65 -80.51
C GLU D 177 -17.17 28.77 -79.67
N LEU D 178 -16.83 27.71 -78.93
CA LEU D 178 -15.60 27.73 -78.14
C LEU D 178 -14.38 27.83 -79.03
N ASN D 179 -14.37 27.09 -80.14
CA ASN D 179 -13.25 27.16 -81.07
C ASN D 179 -13.12 28.55 -81.67
N ARG D 180 -14.24 29.18 -82.00
CA ARG D 180 -14.21 30.57 -82.46
C ARG D 180 -13.64 31.49 -81.39
N LEU D 181 -14.12 31.36 -80.16
CA LEU D 181 -13.62 32.20 -79.07
C LEU D 181 -12.16 31.91 -78.76
N GLU D 182 -11.73 30.66 -78.97
CA GLU D 182 -10.32 30.32 -78.82
C GLU D 182 -9.47 31.14 -79.78
N ASP D 183 -8.45 31.79 -79.25
CA ASP D 183 -7.57 32.61 -80.07
C ASP D 183 -6.65 31.72 -80.89
N PRO D 184 -6.66 31.83 -82.23
CA PRO D 184 -5.83 30.98 -83.10
C PRO D 184 -4.36 31.42 -83.11
N GLU E 2 -77.22 14.60 16.35
CA GLU E 2 -76.72 13.24 16.29
C GLU E 2 -75.83 13.05 15.05
N ASP E 3 -75.70 11.79 14.61
CA ASP E 3 -74.89 11.50 13.43
C ASP E 3 -75.43 12.20 12.19
N ASN E 4 -76.75 12.42 12.13
CA ASN E 4 -77.31 13.19 11.04
C ASN E 4 -76.77 14.61 11.03
N ASN E 5 -76.65 15.22 12.21
CA ASN E 5 -76.10 16.57 12.30
C ASN E 5 -74.66 16.63 11.82
N ARG E 6 -73.84 15.66 12.21
CA ARG E 6 -72.44 15.68 11.79
C ARG E 6 -72.31 15.41 10.30
N ILE E 7 -73.16 14.52 9.75
CA ILE E 7 -73.14 14.29 8.31
C ILE E 7 -73.50 15.56 7.56
N ILE E 8 -74.54 16.26 8.02
CA ILE E 8 -74.95 17.51 7.38
C ILE E 8 -73.84 18.55 7.49
N SER E 9 -73.18 18.62 8.64
CA SER E 9 -72.10 19.59 8.81
C SER E 9 -70.95 19.30 7.87
N ARG E 10 -70.55 18.04 7.74
CA ARG E 10 -69.48 17.69 6.83
C ARG E 10 -69.86 18.00 5.39
N LEU E 11 -71.10 17.70 5.02
CA LEU E 11 -71.56 18.01 3.67
C LEU E 11 -71.53 19.51 3.41
N TRP E 12 -71.94 20.30 4.40
CA TRP E 12 -71.91 21.75 4.25
C TRP E 12 -70.49 22.26 4.08
N ARG E 13 -69.55 21.70 4.87
CA ARG E 13 -68.16 22.11 4.73
C ARG E 13 -67.61 21.76 3.36
N SER E 14 -67.96 20.58 2.84
CA SER E 14 -67.52 20.21 1.50
C SER E 14 -68.11 21.14 0.45
N PHE E 15 -69.38 21.52 0.60
CA PHE E 15 -69.99 22.46 -0.32
C PHE E 15 -69.26 23.79 -0.30
N ARG E 16 -68.94 24.28 0.89
CA ARG E 16 -68.22 25.56 1.01
C ARG E 16 -66.85 25.46 0.36
N THR E 17 -66.16 24.34 0.56
CA THR E 17 -64.85 24.15 -0.04
C THR E 17 -64.94 24.13 -1.57
N VAL E 18 -65.96 23.46 -2.11
CA VAL E 18 -66.12 23.41 -3.56
C VAL E 18 -66.38 24.80 -4.10
N LYS E 19 -67.21 25.58 -3.42
CA LYS E 19 -67.49 26.94 -3.87
C LYS E 19 -66.23 27.80 -3.84
N GLU E 20 -65.42 27.67 -2.77
CA GLU E 20 -64.16 28.40 -2.71
C GLU E 20 -63.22 27.98 -3.84
N MET E 21 -63.16 26.69 -4.13
CA MET E 21 -62.30 26.20 -5.20
C MET E 21 -62.75 26.77 -6.54
N ALA E 22 -64.06 26.78 -6.79
CA ALA E 22 -64.56 27.34 -8.04
C ALA E 22 -64.24 28.83 -8.13
N ALA E 23 -64.33 29.54 -7.01
CA ALA E 23 -63.98 30.96 -7.02
C ALA E 23 -62.50 31.16 -7.33
N ASP E 24 -61.64 30.30 -6.78
CA ASP E 24 -60.20 30.46 -6.99
C ASP E 24 -59.82 30.20 -8.44
N ARG E 25 -60.47 29.24 -9.09
CA ARG E 25 -60.13 28.88 -10.46
C ARG E 25 -60.58 29.92 -11.48
N GLY E 26 -61.30 30.96 -11.05
CA GLY E 26 -61.66 32.07 -11.93
C GLY E 26 -63.14 32.26 -12.12
N TYR E 27 -63.98 31.31 -11.75
CA TYR E 27 -65.41 31.45 -11.96
C TYR E 27 -66.01 32.40 -10.94
N PHE E 28 -67.22 32.86 -11.23
CA PHE E 28 -67.89 33.84 -10.38
C PHE E 28 -68.89 33.16 -9.47
N ILE E 29 -68.73 33.38 -8.17
CA ILE E 29 -69.65 32.88 -7.17
C ILE E 29 -70.16 34.07 -6.38
N SER E 30 -71.48 34.20 -6.26
CA SER E 30 -72.08 35.34 -5.60
C SER E 30 -71.66 35.39 -4.13
N GLN E 31 -71.47 36.61 -3.63
CA GLN E 31 -70.98 36.79 -2.27
C GLN E 31 -71.97 36.22 -1.25
N GLU E 32 -73.27 36.38 -1.52
CA GLU E 32 -74.27 35.80 -0.62
C GLU E 32 -74.19 34.28 -0.62
N GLU E 33 -73.91 33.68 -1.78
CA GLU E 33 -73.77 32.23 -1.83
C GLU E 33 -72.49 31.77 -1.15
N MET E 34 -71.45 32.61 -1.15
CA MET E 34 -70.21 32.24 -0.50
C MET E 34 -70.39 32.09 1.00
N ASP E 35 -71.12 33.02 1.63
CA ASP E 35 -71.35 33.00 3.06
C ASP E 35 -72.63 32.26 3.43
N GLN E 36 -73.10 31.36 2.57
CA GLN E 36 -74.33 30.62 2.81
C GLN E 36 -74.16 29.69 4.01
N SER E 37 -74.80 30.05 5.12
CA SER E 37 -74.49 29.45 6.42
C SER E 37 -75.05 28.03 6.54
N LEU E 38 -74.81 27.42 7.69
CA LEU E 38 -75.17 26.01 7.87
C LEU E 38 -76.68 25.85 8.06
N GLU E 39 -77.31 26.76 8.82
CA GLU E 39 -78.74 26.67 9.03
C GLU E 39 -79.50 26.82 7.71
N GLU E 40 -79.05 27.74 6.87
CA GLU E 40 -79.65 27.88 5.54
C GLU E 40 -79.45 26.61 4.72
N PHE E 41 -78.30 25.97 4.86
CA PHE E 41 -78.04 24.73 4.14
C PHE E 41 -79.00 23.64 4.57
N ARG E 42 -79.22 23.52 5.89
CA ARG E 42 -80.17 22.53 6.39
C ARG E 42 -81.58 22.85 5.91
N SER E 43 -81.93 24.14 5.87
CA SER E 43 -83.25 24.53 5.40
C SER E 43 -83.45 24.15 3.95
N LYS E 44 -82.43 24.36 3.12
CA LYS E 44 -82.60 24.17 1.68
C LYS E 44 -82.44 22.73 1.24
N ILE E 45 -81.63 21.93 1.94
CA ILE E 45 -81.29 20.59 1.50
C ILE E 45 -82.03 19.53 2.30
N CYS E 46 -82.01 19.64 3.63
CA CYS E 46 -82.60 18.62 4.47
C CYS E 46 -84.11 18.56 4.29
N ASP E 47 -84.66 17.35 4.32
CA ASP E 47 -86.09 17.13 4.19
C ASP E 47 -86.75 17.16 5.56
N SER E 48 -88.01 16.71 5.62
CA SER E 48 -88.72 16.65 6.89
C SER E 48 -88.01 15.75 7.88
N MET E 49 -87.45 14.64 7.40
CA MET E 49 -86.65 13.77 8.26
C MET E 49 -85.20 14.21 8.36
N GLY E 50 -84.82 15.29 7.68
CA GLY E 50 -83.47 15.80 7.74
C GLY E 50 -82.50 15.19 6.76
N ASN E 51 -82.92 14.22 5.97
CA ASN E 51 -82.02 13.62 4.99
C ASN E 51 -81.72 14.62 3.88
N PRO E 52 -80.49 14.67 3.39
CA PRO E 52 -80.13 15.61 2.33
C PRO E 52 -80.27 15.00 0.94
N GLN E 53 -80.46 15.87 -0.04
CA GLN E 53 -80.44 15.51 -1.44
C GLN E 53 -79.22 16.14 -2.09
N ARG E 54 -78.30 15.30 -2.58
CA ARG E 54 -77.15 15.81 -3.30
C ARG E 54 -77.55 16.43 -4.63
N LYS E 55 -78.70 16.06 -5.18
CA LYS E 55 -79.10 16.58 -6.48
C LYS E 55 -79.51 18.04 -6.42
N LEU E 56 -79.83 18.55 -5.23
CA LEU E 56 -80.21 19.95 -5.11
C LEU E 56 -79.01 20.88 -4.92
N MET E 57 -77.80 20.33 -4.82
CA MET E 57 -76.61 21.15 -4.60
C MET E 57 -75.86 21.49 -5.88
N SER E 58 -76.17 20.83 -6.99
CA SER E 58 -75.49 21.13 -8.24
C SER E 58 -75.73 22.58 -8.64
N PHE E 59 -74.68 23.22 -9.16
CA PHE E 59 -74.77 24.62 -9.55
C PHE E 59 -73.97 24.84 -10.82
N LEU E 60 -74.05 26.06 -11.35
CA LEU E 60 -73.35 26.45 -12.55
C LEU E 60 -72.63 27.77 -12.29
N ALA E 61 -71.55 28.00 -13.02
CA ALA E 61 -70.79 29.23 -12.86
C ALA E 61 -70.18 29.62 -14.19
N ASN E 62 -69.96 30.92 -14.36
CA ASN E 62 -69.31 31.46 -15.54
C ASN E 62 -68.10 32.27 -15.13
N PRO E 63 -67.06 32.30 -15.97
CA PRO E 63 -65.86 33.06 -15.60
C PRO E 63 -66.15 34.54 -15.46
N THR E 64 -65.45 35.16 -14.51
CA THR E 64 -65.51 36.59 -14.37
C THR E 64 -64.81 37.24 -15.56
N PRO E 65 -65.12 38.51 -15.86
CA PRO E 65 -64.44 39.17 -16.99
C PRO E 65 -62.93 39.19 -16.82
N GLU E 66 -62.43 39.34 -15.59
CA GLU E 66 -60.99 39.34 -15.38
C GLU E 66 -60.38 37.98 -15.70
N ALA E 67 -60.98 36.91 -15.19
CA ALA E 67 -60.47 35.57 -15.47
C ALA E 67 -60.61 35.24 -16.94
N LEU E 68 -61.72 35.64 -17.57
CA LEU E 68 -61.90 35.39 -18.99
C LEU E 68 -60.85 36.11 -19.82
N GLU E 69 -60.56 37.36 -19.46
CA GLU E 69 -59.52 38.11 -20.18
C GLU E 69 -58.16 37.49 -19.99
N LYS E 70 -57.82 37.12 -18.74
CA LYS E 70 -56.50 36.56 -18.48
C LYS E 70 -56.35 35.18 -19.10
N TYR E 71 -57.31 34.29 -18.87
CA TYR E 71 -57.29 32.94 -19.40
C TYR E 71 -58.38 32.84 -20.46
N SER E 72 -57.98 32.66 -21.72
CA SER E 72 -58.94 32.62 -22.82
C SER E 72 -59.60 31.25 -22.98
N ASP E 73 -59.16 30.24 -22.25
CA ASP E 73 -59.69 28.89 -22.37
C ASP E 73 -60.73 28.56 -21.31
N LEU E 74 -61.20 29.56 -20.58
CA LEU E 74 -62.08 29.34 -19.44
C LEU E 74 -63.53 29.39 -19.92
N GLY E 75 -64.21 28.25 -19.84
CA GLY E 75 -65.59 28.14 -20.24
C GLY E 75 -66.54 28.11 -19.06
N THR E 76 -67.64 27.39 -19.22
CA THR E 76 -68.63 27.24 -18.15
C THR E 76 -68.32 25.99 -17.34
N LEU E 77 -68.62 26.05 -16.04
CA LEU E 77 -68.30 24.99 -15.11
C LEU E 77 -69.59 24.41 -14.55
N TRP E 78 -69.66 23.08 -14.52
CA TRP E 78 -70.80 22.36 -13.96
C TRP E 78 -70.31 21.47 -12.82
N VAL E 79 -70.87 21.67 -11.63
CA VAL E 79 -70.49 20.92 -10.44
C VAL E 79 -71.71 20.14 -9.98
N GLU E 80 -71.55 18.82 -9.84
CA GLU E 80 -72.65 17.94 -9.47
C GLU E 80 -72.20 16.99 -8.37
N PHE E 81 -73.03 16.84 -7.35
CA PHE E 81 -72.81 15.84 -6.32
C PHE E 81 -73.64 14.60 -6.65
N CYS E 82 -73.06 13.43 -6.38
CA CYS E 82 -73.68 12.17 -6.75
C CYS E 82 -74.36 11.54 -5.54
N ASP E 83 -75.63 11.15 -5.72
CA ASP E 83 -76.36 10.47 -4.65
C ASP E 83 -75.82 9.07 -4.41
N GLU E 84 -75.39 8.38 -5.47
CA GLU E 84 -74.96 7.00 -5.33
C GLU E 84 -73.67 6.94 -4.51
N PRO E 85 -73.65 6.16 -3.42
CA PRO E 85 -72.39 6.04 -2.65
C PRO E 85 -71.24 5.49 -3.46
N SER E 86 -71.51 4.55 -4.36
CA SER E 86 -70.50 3.99 -5.25
C SER E 86 -70.91 4.29 -6.68
N VAL E 87 -69.97 4.80 -7.48
CA VAL E 87 -70.23 5.20 -8.85
C VAL E 87 -69.61 4.17 -9.79
N GLY E 88 -70.35 3.80 -10.83
CA GLY E 88 -69.90 2.82 -11.79
C GLY E 88 -69.83 3.36 -13.20
N ILE E 89 -69.83 2.46 -14.18
CA ILE E 89 -69.71 2.90 -15.58
C ILE E 89 -70.99 3.59 -16.04
N LYS E 90 -72.15 3.13 -15.57
CA LYS E 90 -73.41 3.73 -15.98
C LYS E 90 -73.51 5.19 -15.55
N THR E 91 -73.20 5.46 -14.28
CA THR E 91 -73.33 6.83 -13.77
C THR E 91 -72.34 7.77 -14.46
N MET E 92 -71.11 7.31 -14.65
CA MET E 92 -70.13 8.15 -15.34
C MET E 92 -70.54 8.39 -16.78
N ARG E 93 -71.11 7.37 -17.43
CA ARG E 93 -71.58 7.53 -18.80
C ARG E 93 -72.68 8.56 -18.90
N ASN E 94 -73.65 8.51 -17.98
CA ASN E 94 -74.75 9.47 -18.04
C ASN E 94 -74.28 10.87 -17.67
N PHE E 95 -73.31 10.99 -16.76
CA PHE E 95 -72.72 12.29 -16.48
C PHE E 95 -72.01 12.86 -17.71
N CYS E 96 -71.28 12.00 -18.42
CA CYS E 96 -70.65 12.43 -19.66
C CYS E 96 -71.68 12.87 -20.69
N LEU E 97 -72.79 12.14 -20.78
CA LEU E 97 -73.86 12.53 -21.70
C LEU E 97 -74.43 13.89 -21.32
N ARG E 98 -74.65 14.11 -20.02
CA ARG E 98 -75.18 15.39 -19.57
C ARG E 98 -74.22 16.53 -19.90
N ILE E 99 -72.92 16.31 -19.71
CA ILE E 99 -71.94 17.34 -20.03
C ILE E 99 -71.93 17.62 -21.53
N GLN E 100 -71.93 16.57 -22.34
CA GLN E 100 -71.86 16.75 -23.80
C GLN E 100 -73.10 17.46 -24.33
N GLU E 101 -74.29 17.09 -23.84
CA GLU E 101 -75.52 17.67 -24.37
C GLU E 101 -75.64 19.15 -24.01
N LYS E 102 -75.03 19.58 -22.90
CA LYS E 102 -75.10 20.95 -22.44
C LYS E 102 -73.77 21.68 -22.62
N ASN E 103 -72.89 21.15 -23.46
CA ASN E 103 -71.63 21.76 -23.91
C ASN E 103 -70.94 22.58 -22.81
N PHE E 104 -70.78 21.95 -21.64
CA PHE E 104 -70.00 22.54 -20.57
C PHE E 104 -68.51 22.31 -20.82
N SER E 105 -67.71 23.34 -20.56
CA SER E 105 -66.27 23.21 -20.76
C SER E 105 -65.64 22.30 -19.72
N THR E 106 -66.05 22.45 -18.46
CA THR E 106 -65.45 21.69 -17.36
C THR E 106 -66.55 21.16 -16.46
N GLY E 107 -66.42 19.90 -16.07
CA GLY E 107 -67.36 19.31 -15.14
C GLY E 107 -66.68 18.66 -13.95
N ILE E 108 -67.13 19.01 -12.75
CA ILE E 108 -66.58 18.46 -11.51
C ILE E 108 -67.62 17.52 -10.92
N PHE E 109 -67.21 16.29 -10.65
CA PHE E 109 -68.11 15.24 -10.20
C PHE E 109 -67.62 14.73 -8.86
N ILE E 110 -68.34 15.06 -7.79
CA ILE E 110 -67.96 14.69 -6.43
C ILE E 110 -68.76 13.46 -6.03
N TYR E 111 -68.06 12.37 -5.73
CA TYR E 111 -68.67 11.14 -5.27
C TYR E 111 -68.45 10.97 -3.78
N GLN E 112 -69.00 9.90 -3.23
CA GLN E 112 -69.02 9.72 -1.77
C GLN E 112 -67.94 8.76 -1.28
N ASN E 113 -67.95 7.51 -1.76
CA ASN E 113 -67.10 6.48 -1.21
C ASN E 113 -65.93 6.13 -2.13
N ASN E 114 -66.20 5.72 -3.36
CA ASN E 114 -65.13 5.27 -4.25
C ASN E 114 -65.66 5.25 -5.68
N ILE E 115 -64.73 5.15 -6.62
CA ILE E 115 -65.05 5.11 -8.04
C ILE E 115 -64.43 3.85 -8.64
N THR E 116 -65.24 3.11 -9.40
CA THR E 116 -64.77 1.88 -9.99
C THR E 116 -63.72 2.18 -11.07
N PRO E 117 -62.76 1.27 -11.27
CA PRO E 117 -61.74 1.50 -12.31
C PRO E 117 -62.32 1.68 -13.70
N SER E 118 -63.42 0.97 -14.02
CA SER E 118 -64.04 1.15 -15.32
C SER E 118 -64.53 2.58 -15.52
N ALA E 119 -65.09 3.18 -14.47
CA ALA E 119 -65.47 4.58 -14.55
C ALA E 119 -64.25 5.48 -14.71
N ASN E 120 -63.14 5.12 -14.07
CA ASN E 120 -61.90 5.88 -14.26
C ASN E 120 -61.41 5.80 -15.70
N LYS E 121 -61.68 4.69 -16.37
CA LYS E 121 -61.17 4.49 -17.73
C LYS E 121 -61.77 5.48 -18.72
N MET E 122 -63.03 5.85 -18.54
CA MET E 122 -63.72 6.70 -19.52
C MET E 122 -63.56 8.18 -19.23
N ILE E 123 -62.84 8.56 -18.18
CA ILE E 123 -62.57 9.98 -17.94
C ILE E 123 -61.74 10.62 -19.05
N PRO E 124 -60.62 10.04 -19.49
CA PRO E 124 -59.81 10.72 -20.52
C PRO E 124 -60.47 10.82 -21.89
N THR E 125 -61.53 10.06 -22.16
CA THR E 125 -62.17 10.07 -23.47
C THR E 125 -63.42 10.96 -23.52
N VAL E 126 -63.50 11.96 -22.64
CA VAL E 126 -64.64 12.87 -22.59
C VAL E 126 -64.33 14.17 -23.33
N SER E 127 -63.32 14.16 -24.21
CA SER E 127 -62.91 15.37 -24.90
C SER E 127 -64.06 15.92 -25.74
N PRO E 128 -64.11 17.25 -25.95
CA PRO E 128 -63.15 18.24 -25.47
C PRO E 128 -63.42 18.74 -24.05
N ALA E 129 -64.57 18.38 -23.49
CA ALA E 129 -64.88 18.75 -22.12
C ALA E 129 -63.96 18.01 -21.16
N ILE E 130 -63.75 18.60 -19.99
CA ILE E 130 -62.86 18.06 -18.97
C ILE E 130 -63.70 17.63 -17.79
N ILE E 131 -63.47 16.40 -17.32
CA ILE E 131 -64.18 15.84 -16.18
C ILE E 131 -63.18 15.57 -15.07
N GLU E 132 -63.37 16.20 -13.93
CA GLU E 132 -62.53 16.00 -12.75
C GLU E 132 -63.40 15.46 -11.62
N THR E 133 -62.88 14.47 -10.92
CA THR E 133 -63.61 13.81 -9.85
C THR E 133 -62.91 14.04 -8.52
N PHE E 134 -63.71 14.37 -7.50
CA PHE E 134 -63.22 14.54 -6.15
C PHE E 134 -64.02 13.67 -5.20
N GLN E 135 -63.36 13.20 -4.15
CA GLN E 135 -64.06 12.49 -3.09
C GLN E 135 -64.61 13.47 -2.10
N GLU E 136 -65.68 13.07 -1.40
CA GLU E 136 -66.27 13.94 -0.39
C GLU E 136 -65.37 14.08 0.82
N SER E 137 -64.64 13.03 1.18
CA SER E 137 -63.87 13.04 2.41
C SER E 137 -62.75 14.06 2.37
N ASP E 138 -62.05 14.19 1.24
CA ASP E 138 -60.88 15.06 1.18
C ASP E 138 -61.23 16.51 0.93
N LEU E 139 -62.50 16.84 0.71
CA LEU E 139 -62.92 18.21 0.49
C LEU E 139 -63.45 18.87 1.76
N VAL E 140 -63.45 18.18 2.89
CA VAL E 140 -63.99 18.76 4.12
C VAL E 140 -63.14 19.94 4.56
N VAL E 141 -61.82 19.84 4.42
CA VAL E 141 -60.90 20.90 4.77
C VAL E 141 -60.30 21.47 3.51
N ASN E 142 -60.25 22.80 3.42
CA ASN E 142 -59.63 23.48 2.29
C ASN E 142 -58.14 23.56 2.54
N ILE E 143 -57.36 22.76 1.81
CA ILE E 143 -55.93 22.68 2.08
C ILE E 143 -55.23 23.99 1.76
N THR E 144 -55.75 24.76 0.80
CA THR E 144 -55.09 26.00 0.44
C THR E 144 -55.16 27.05 1.54
N HIS E 145 -55.98 26.83 2.56
CA HIS E 145 -56.01 27.70 3.72
C HIS E 145 -55.05 27.25 4.82
N HIS E 146 -54.27 26.21 4.58
CA HIS E 146 -53.29 25.76 5.56
C HIS E 146 -52.14 26.75 5.66
N GLU E 147 -51.48 26.75 6.81
CA GLU E 147 -50.32 27.62 7.00
C GLU E 147 -49.17 27.23 6.08
N LEU E 148 -48.92 25.93 5.93
CA LEU E 148 -47.77 25.47 5.17
C LEU E 148 -47.96 25.59 3.68
N VAL E 149 -49.17 25.85 3.19
CA VAL E 149 -49.46 25.87 1.77
C VAL E 149 -49.44 27.32 1.31
N PRO E 150 -48.45 27.75 0.53
CA PRO E 150 -48.44 29.12 0.01
C PRO E 150 -49.48 29.30 -1.09
N LYS E 151 -49.55 30.49 -1.66
CA LYS E 151 -50.55 30.79 -2.68
C LYS E 151 -50.03 30.41 -4.06
N HIS E 152 -50.79 29.58 -4.75
CA HIS E 152 -50.46 29.15 -6.12
C HIS E 152 -51.35 29.90 -7.09
N ILE E 153 -50.73 30.47 -8.13
CA ILE E 153 -51.44 31.22 -9.15
C ILE E 153 -51.05 30.66 -10.51
N ARG E 154 -52.03 30.21 -11.28
CA ARG E 154 -51.75 29.64 -12.59
C ARG E 154 -51.36 30.74 -13.56
N LEU E 155 -50.26 30.51 -14.28
CA LEU E 155 -49.77 31.50 -15.23
C LEU E 155 -50.47 31.36 -16.57
N SER E 156 -50.77 32.49 -17.19
CA SER E 156 -51.31 32.49 -18.53
C SER E 156 -50.21 32.13 -19.53
N ASP E 157 -50.62 31.86 -20.77
CA ASP E 157 -49.66 31.43 -21.78
C ASP E 157 -48.62 32.50 -22.08
N GLY E 158 -49.05 33.76 -22.17
CA GLY E 158 -48.10 34.83 -22.40
C GLY E 158 -47.09 34.97 -21.28
N GLU E 159 -47.55 34.85 -20.03
CA GLU E 159 -46.65 34.92 -18.90
C GLU E 159 -45.67 33.76 -18.90
N LYS E 160 -46.13 32.56 -19.25
CA LYS E 160 -45.23 31.42 -19.33
C LYS E 160 -44.16 31.64 -20.40
N SER E 161 -44.56 32.17 -21.55
CA SER E 161 -43.60 32.47 -22.60
C SER E 161 -42.58 33.50 -22.13
N GLN E 162 -43.05 34.54 -21.45
CA GLN E 162 -42.14 35.56 -20.95
C GLN E 162 -41.17 34.99 -19.94
N LEU E 163 -41.64 34.09 -19.07
CA LEU E 163 -40.77 33.44 -18.11
C LEU E 163 -39.68 32.64 -18.79
N LEU E 164 -40.08 31.78 -19.74
CA LEU E 164 -39.10 30.93 -20.43
C LEU E 164 -38.10 31.78 -21.20
N GLN E 165 -38.55 32.90 -21.75
CA GLN E 165 -37.61 33.77 -22.46
C GLN E 165 -36.67 34.47 -21.50
N ARG E 166 -37.17 34.89 -20.33
CA ARG E 166 -36.32 35.58 -19.37
C ARG E 166 -35.23 34.68 -18.85
N TYR E 167 -35.56 33.43 -18.51
CA TYR E 167 -34.54 32.53 -17.98
C TYR E 167 -33.82 31.74 -19.06
N LYS E 168 -34.23 31.88 -20.32
CA LYS E 168 -33.67 31.12 -21.43
C LYS E 168 -33.71 29.62 -21.13
N LEU E 169 -34.92 29.14 -20.89
CA LEU E 169 -35.17 27.80 -20.38
C LEU E 169 -35.84 26.93 -21.43
N LYS E 170 -35.89 25.65 -21.10
CA LYS E 170 -36.76 24.68 -21.75
C LYS E 170 -37.73 24.16 -20.70
N GLU E 171 -38.92 23.75 -21.14
CA GLU E 171 -39.96 23.37 -20.20
C GLU E 171 -39.52 22.25 -19.26
N SER E 172 -38.60 21.39 -19.70
CA SER E 172 -38.13 20.31 -18.86
C SER E 172 -37.15 20.77 -17.79
N GLN E 173 -36.72 22.03 -17.82
CA GLN E 173 -35.74 22.54 -16.89
C GLN E 173 -36.34 23.31 -15.72
N LEU E 174 -37.66 23.43 -15.68
CA LEU E 174 -38.32 24.05 -14.53
C LEU E 174 -38.56 23.01 -13.45
N PRO E 175 -38.67 23.43 -12.19
CA PRO E 175 -39.12 22.51 -11.16
C PRO E 175 -40.53 22.02 -11.48
N ARG E 176 -40.81 20.77 -11.11
CA ARG E 176 -42.04 20.11 -11.53
C ARG E 176 -43.00 19.99 -10.36
N ILE E 177 -44.29 19.92 -10.69
CA ILE E 177 -45.35 19.61 -9.75
C ILE E 177 -46.21 18.51 -10.38
N GLN E 178 -46.55 17.49 -9.60
CA GLN E 178 -47.27 16.35 -10.15
C GLN E 178 -48.71 16.74 -10.50
N ARG E 179 -49.28 15.99 -11.44
CA ARG E 179 -50.66 16.26 -11.85
C ARG E 179 -51.65 15.84 -10.77
N GLU E 180 -51.30 14.82 -9.98
CA GLU E 180 -52.14 14.36 -8.89
C GLU E 180 -51.82 15.06 -7.57
N ASP E 181 -50.97 16.07 -7.60
CA ASP E 181 -50.68 16.85 -6.41
C ASP E 181 -51.96 17.52 -5.92
N PRO E 182 -52.22 17.51 -4.61
CA PRO E 182 -53.52 18.03 -4.12
C PRO E 182 -53.80 19.46 -4.54
N VAL E 183 -52.79 20.33 -4.52
CA VAL E 183 -53.01 21.71 -4.95
C VAL E 183 -53.19 21.77 -6.46
N ALA E 184 -52.51 20.89 -7.20
CA ALA E 184 -52.69 20.84 -8.64
C ALA E 184 -54.11 20.44 -9.01
N ARG E 185 -54.66 19.45 -8.32
CA ARG E 185 -56.05 19.07 -8.56
C ARG E 185 -57.01 20.14 -8.06
N TYR E 186 -56.66 20.86 -7.00
CA TYR E 186 -57.47 21.98 -6.55
C TYR E 186 -57.57 23.05 -7.63
N LEU E 187 -56.45 23.35 -8.28
CA LEU E 187 -56.45 24.39 -9.31
C LEU E 187 -56.85 23.87 -10.68
N GLY E 188 -57.04 22.57 -10.83
CA GLY E 188 -57.36 22.02 -12.13
C GLY E 188 -56.25 22.22 -13.13
N LEU E 189 -55.02 21.93 -12.71
CA LEU E 189 -53.87 22.10 -13.59
C LEU E 189 -53.85 21.02 -14.66
N LYS E 190 -53.59 21.44 -15.90
CA LYS E 190 -53.41 20.53 -17.02
C LYS E 190 -51.93 20.49 -17.38
N ARG E 191 -51.51 19.38 -17.96
CA ARG E 191 -50.10 19.16 -18.24
C ARG E 191 -49.55 20.27 -19.11
N GLY E 192 -48.38 20.80 -18.71
CA GLY E 192 -47.75 21.88 -19.42
C GLY E 192 -48.05 23.26 -18.91
N GLN E 193 -48.81 23.39 -17.83
CA GLN E 193 -49.16 24.68 -17.26
C GLN E 193 -48.28 25.00 -16.07
N VAL E 194 -48.00 26.28 -15.87
CA VAL E 194 -47.04 26.74 -14.88
C VAL E 194 -47.79 27.52 -13.81
N VAL E 195 -47.48 27.22 -12.55
CA VAL E 195 -48.03 27.96 -11.40
C VAL E 195 -46.92 28.78 -10.79
N LYS E 196 -47.22 30.01 -10.42
CA LYS E 196 -46.29 30.87 -9.71
C LYS E 196 -46.63 30.84 -8.23
N ILE E 197 -45.63 30.54 -7.40
CA ILE E 197 -45.81 30.38 -5.97
C ILE E 197 -45.01 31.47 -5.28
N ILE E 198 -45.71 32.39 -4.63
CA ILE E 198 -45.08 33.45 -3.84
C ILE E 198 -45.01 32.97 -2.40
N ARG E 199 -43.81 32.96 -1.84
CA ARG E 199 -43.53 32.20 -0.63
C ARG E 199 -42.82 33.07 0.38
N ARG E 200 -43.09 32.80 1.66
CA ARG E 200 -42.36 33.45 2.74
C ARG E 200 -40.91 33.00 2.76
N SER E 201 -40.00 33.95 2.95
CA SER E 201 -38.58 33.65 3.02
C SER E 201 -37.97 34.41 4.18
N GLU E 202 -37.16 33.73 4.98
CA GLU E 202 -36.56 34.36 6.14
C GLU E 202 -35.24 35.05 5.82
N THR E 203 -34.78 34.98 4.57
CA THR E 203 -33.60 35.70 4.14
C THR E 203 -33.90 36.92 3.30
N SER E 204 -35.04 36.95 2.61
CA SER E 204 -35.40 38.08 1.78
C SER E 204 -36.84 38.54 1.96
N GLY E 205 -37.61 37.91 2.84
CA GLY E 205 -38.99 38.31 3.04
C GLY E 205 -39.95 37.60 2.11
N ARG E 206 -39.78 37.81 0.81
CA ARG E 206 -40.68 37.28 -0.20
C ARG E 206 -39.86 36.65 -1.31
N TYR E 207 -40.27 35.46 -1.75
CA TYR E 207 -39.56 34.72 -2.79
C TYR E 207 -40.58 34.06 -3.70
N ALA E 208 -40.45 34.30 -5.00
CA ALA E 208 -41.40 33.78 -5.97
C ALA E 208 -40.77 32.61 -6.72
N SER E 209 -41.42 31.45 -6.65
CA SER E 209 -40.96 30.25 -7.29
C SER E 209 -41.98 29.80 -8.34
N TYR E 210 -41.52 29.02 -9.29
CA TYR E 210 -42.36 28.55 -10.38
C TYR E 210 -42.24 27.04 -10.50
N ARG E 211 -43.34 26.38 -10.84
CA ARG E 211 -43.37 24.95 -11.05
C ARG E 211 -44.22 24.65 -12.28
N ILE E 212 -43.91 23.56 -12.95
CA ILE E 212 -44.60 23.16 -14.17
C ILE E 212 -45.29 21.83 -13.92
N CYS E 213 -46.50 21.69 -14.45
CA CYS E 213 -47.25 20.47 -14.23
C CYS E 213 -46.76 19.35 -15.15
N LEU E 214 -47.18 18.13 -14.85
CA LEU E 214 -46.76 16.96 -15.60
C LEU E 214 -47.93 16.17 -16.14
N GLU F 71 -24.62 35.10 -33.35
CA GLU F 71 -25.71 34.24 -32.91
C GLU F 71 -25.64 34.00 -31.41
N LEU F 72 -24.64 33.22 -30.99
CA LEU F 72 -24.46 32.92 -29.58
C LEU F 72 -23.90 34.11 -28.81
N ALA F 73 -23.08 34.93 -29.45
CA ALA F 73 -22.51 36.10 -28.78
C ALA F 73 -23.60 37.09 -28.41
N ILE F 74 -23.43 37.74 -27.27
CA ILE F 74 -24.39 38.72 -26.76
C ILE F 74 -23.80 40.11 -26.94
N LEU F 75 -24.60 41.01 -27.50
CA LEU F 75 -24.12 42.36 -27.82
C LEU F 75 -23.72 43.10 -26.56
N LYS F 76 -22.79 44.05 -26.72
CA LYS F 76 -22.27 44.80 -25.58
C LYS F 76 -23.37 45.62 -24.91
N GLU F 77 -24.38 46.04 -25.66
CA GLU F 77 -25.43 46.88 -25.08
C GLU F 77 -26.35 46.07 -24.18
N GLU F 78 -26.50 44.78 -24.43
CA GLU F 78 -27.45 43.94 -23.71
C GLU F 78 -26.77 42.99 -22.73
N ARG F 79 -25.57 43.33 -22.26
CA ARG F 79 -24.88 42.48 -21.31
C ARG F 79 -25.47 42.66 -19.93
N THR F 80 -25.91 41.56 -19.32
CA THR F 80 -26.63 41.60 -18.05
C THR F 80 -25.90 40.91 -16.90
N THR F 81 -24.68 40.42 -17.11
CA THR F 81 -23.95 39.82 -16.02
C THR F 81 -23.36 40.92 -15.12
N THR F 82 -22.78 40.50 -14.00
CA THR F 82 -22.25 41.45 -13.05
C THR F 82 -21.08 42.21 -13.66
N PRO F 83 -20.95 43.50 -13.38
CA PRO F 83 -19.81 44.28 -13.90
C PRO F 83 -18.54 44.19 -13.06
N TYR F 84 -18.44 43.23 -12.15
CA TYR F 84 -17.30 43.10 -11.27
C TYR F 84 -16.52 41.83 -11.59
N LEU F 85 -15.24 41.84 -11.26
CA LEU F 85 -14.38 40.69 -11.46
C LEU F 85 -14.57 39.74 -10.28
N THR F 86 -15.14 38.56 -10.54
CA THR F 86 -15.32 37.59 -9.47
C THR F 86 -13.98 37.04 -9.05
N LYS F 87 -13.94 36.42 -7.87
CA LYS F 87 -12.67 35.96 -7.33
C LYS F 87 -12.08 34.84 -8.17
N TYR F 88 -12.93 33.98 -8.72
CA TYR F 88 -12.45 32.93 -9.63
C TYR F 88 -11.86 33.52 -10.89
N GLU F 89 -12.52 34.52 -11.48
CA GLU F 89 -11.98 35.18 -12.66
C GLU F 89 -10.68 35.89 -12.33
N ARG F 90 -10.60 36.52 -11.17
CA ARG F 90 -9.38 37.21 -10.78
C ARG F 90 -8.23 36.22 -10.64
N ALA F 91 -8.48 35.09 -9.97
CA ALA F 91 -7.43 34.09 -9.77
C ALA F 91 -6.97 33.51 -11.10
N ARG F 92 -7.92 33.17 -11.98
CA ARG F 92 -7.55 32.60 -13.26
C ARG F 92 -6.80 33.61 -14.13
N ILE F 93 -7.24 34.87 -14.13
CA ILE F 93 -6.55 35.89 -14.91
C ILE F 93 -5.14 36.10 -14.40
N LEU F 94 -4.97 36.17 -13.08
CA LEU F 94 -3.62 36.35 -12.53
C LEU F 94 -2.74 35.16 -12.88
N GLY F 95 -3.26 33.94 -12.77
CA GLY F 95 -2.45 32.78 -13.11
C GLY F 95 -2.04 32.75 -14.56
N THR F 96 -2.99 33.02 -15.46
CA THR F 96 -2.67 33.01 -16.88
C THR F 96 -1.67 34.10 -17.23
N ARG F 97 -1.86 35.30 -16.68
CA ARG F 97 -0.92 36.38 -16.98
C ARG F 97 0.45 36.10 -16.42
N ALA F 98 0.54 35.52 -15.22
CA ALA F 98 1.83 35.16 -14.66
C ALA F 98 2.53 34.12 -15.52
N LEU F 99 1.79 33.12 -15.97
CA LEU F 99 2.39 32.10 -16.84
C LEU F 99 2.89 32.73 -18.15
N GLN F 100 2.08 33.60 -18.75
CA GLN F 100 2.49 34.24 -20.00
C GLN F 100 3.72 35.09 -19.82
N ILE F 101 3.80 35.85 -18.72
CA ILE F 101 4.99 36.65 -18.45
C ILE F 101 6.20 35.75 -18.25
N SER F 102 6.03 34.65 -17.51
CA SER F 102 7.11 33.70 -17.35
C SER F 102 7.52 33.07 -18.68
N MET F 103 6.65 33.09 -19.68
CA MET F 103 7.01 32.65 -21.02
C MET F 103 7.39 33.81 -21.93
N ASN F 104 7.94 34.88 -21.36
CA ASN F 104 8.54 35.97 -22.11
C ASN F 104 7.51 36.73 -22.95
N ALA F 105 6.35 36.97 -22.40
CA ALA F 105 5.42 37.85 -23.08
C ALA F 105 5.76 39.31 -22.76
N PRO F 106 5.43 40.24 -23.64
CA PRO F 106 5.68 41.65 -23.34
C PRO F 106 4.88 42.11 -22.13
N VAL F 107 5.49 42.98 -21.33
CA VAL F 107 4.88 43.52 -20.13
C VAL F 107 4.39 44.92 -20.45
N LEU F 108 3.14 45.21 -20.11
CA LEU F 108 2.49 46.44 -20.49
C LEU F 108 2.59 47.53 -19.43
N VAL F 109 3.27 47.27 -18.32
CA VAL F 109 3.48 48.27 -17.29
C VAL F 109 4.96 48.34 -16.97
N ASP F 110 5.38 49.50 -16.45
CA ASP F 110 6.77 49.67 -16.05
C ASP F 110 7.05 48.93 -14.76
N ILE F 111 8.15 48.19 -14.73
CA ILE F 111 8.55 47.41 -13.57
C ILE F 111 9.65 48.17 -12.86
N GLU F 112 9.42 48.50 -11.59
CA GLU F 112 10.44 49.21 -10.83
C GLU F 112 11.58 48.27 -10.44
N GLY F 113 11.29 47.31 -9.56
CA GLY F 113 12.30 46.37 -9.11
C GLY F 113 11.72 44.99 -8.96
N GLU F 114 10.51 44.79 -9.44
CA GLU F 114 9.82 43.52 -9.27
C GLU F 114 10.40 42.46 -10.20
N THR F 115 10.40 41.22 -9.72
CA THR F 115 10.90 40.10 -10.49
C THR F 115 9.96 38.90 -10.53
N ASP F 116 9.01 38.80 -9.61
CA ASP F 116 8.10 37.67 -9.57
C ASP F 116 7.02 37.85 -10.62
N PRO F 117 6.81 36.85 -11.49
CA PRO F 117 5.74 36.99 -12.50
C PRO F 117 4.37 37.25 -11.90
N LEU F 118 4.05 36.63 -10.76
CA LEU F 118 2.75 36.87 -10.15
C LEU F 118 2.62 38.31 -9.69
N GLN F 119 3.70 38.87 -9.13
CA GLN F 119 3.65 40.26 -8.69
C GLN F 119 3.50 41.21 -9.86
N ILE F 120 4.19 40.93 -10.97
CA ILE F 120 4.02 41.75 -12.17
C ILE F 120 2.60 41.66 -12.68
N ALA F 121 2.02 40.45 -12.64
CA ALA F 121 0.63 40.29 -13.09
C ALA F 121 -0.32 41.08 -12.20
N MET F 122 -0.11 41.06 -10.88
CA MET F 122 -0.96 41.83 -9.98
C MET F 122 -0.81 43.32 -10.25
N LYS F 123 0.41 43.77 -10.50
CA LYS F 123 0.63 45.18 -10.82
C LYS F 123 -0.08 45.56 -12.12
N GLU F 124 -0.04 44.69 -13.12
CA GLU F 124 -0.76 44.94 -14.35
C GLU F 124 -2.26 45.01 -14.11
N LEU F 125 -2.78 44.09 -13.30
CA LEU F 125 -4.21 44.05 -13.05
C LEU F 125 -4.68 45.31 -12.33
N SER F 126 -3.91 45.78 -11.35
CA SER F 126 -4.31 46.97 -10.60
C SER F 126 -4.42 48.19 -11.50
N GLN F 127 -3.63 48.25 -12.57
CA GLN F 127 -3.64 49.39 -13.48
C GLN F 127 -4.55 49.16 -14.68
N ARG F 128 -5.29 48.06 -14.73
CA ARG F 128 -6.19 47.74 -15.82
C ARG F 128 -5.45 47.67 -17.16
N LYS F 129 -4.35 46.92 -17.18
CA LYS F 129 -3.51 46.80 -18.35
C LYS F 129 -3.37 45.37 -18.85
N ILE F 130 -4.15 44.43 -18.30
CA ILE F 130 -4.04 43.03 -18.72
C ILE F 130 -4.77 42.87 -20.05
N PRO F 131 -4.12 42.35 -21.07
CA PRO F 131 -4.74 42.23 -22.40
C PRO F 131 -5.47 40.90 -22.60
N LEU F 132 -6.40 40.60 -21.69
CA LEU F 132 -7.16 39.36 -21.76
C LEU F 132 -8.65 39.69 -21.73
N VAL F 133 -9.44 38.76 -22.23
CA VAL F 133 -10.89 38.90 -22.32
C VAL F 133 -11.52 37.73 -21.60
N ILE F 134 -12.49 38.00 -20.73
CA ILE F 134 -13.26 36.98 -20.05
C ILE F 134 -14.49 36.68 -20.90
N ARG F 135 -14.74 35.40 -21.13
CA ARG F 135 -15.93 34.96 -21.86
C ARG F 135 -16.80 34.16 -20.90
N ARG F 136 -17.91 34.76 -20.48
CA ARG F 136 -18.77 34.19 -19.45
C ARG F 136 -19.87 33.37 -20.12
N TYR F 137 -19.92 32.08 -19.81
CA TYR F 137 -20.84 31.16 -20.47
C TYR F 137 -22.16 31.09 -19.72
N LEU F 138 -23.24 31.50 -20.37
CA LEU F 138 -24.57 31.35 -19.82
C LEU F 138 -25.03 29.90 -19.94
N PRO F 139 -26.00 29.50 -19.13
CA PRO F 139 -26.39 28.07 -19.13
C PRO F 139 -26.89 27.57 -20.46
N ASP F 140 -27.51 28.41 -21.28
CA ASP F 140 -28.06 27.96 -22.56
C ASP F 140 -27.00 27.83 -23.64
N GLY F 141 -25.78 28.27 -23.40
CA GLY F 141 -24.71 28.21 -24.37
C GLY F 141 -24.27 29.56 -24.89
N SER F 142 -25.11 30.58 -24.80
CA SER F 142 -24.69 31.92 -25.19
C SER F 142 -23.65 32.44 -24.20
N TYR F 143 -22.93 33.47 -24.61
CA TYR F 143 -21.83 33.97 -23.80
C TYR F 143 -21.72 35.48 -23.93
N GLU F 144 -21.05 36.08 -22.95
CA GLU F 144 -20.72 37.49 -22.95
C GLU F 144 -19.21 37.66 -22.87
N ASP F 145 -18.67 38.53 -23.69
CA ASP F 145 -17.24 38.82 -23.70
C ASP F 145 -16.99 40.12 -22.96
N TRP F 146 -16.26 40.05 -21.86
CA TRP F 146 -15.90 41.20 -21.07
C TRP F 146 -14.40 41.38 -21.10
N GLY F 147 -13.94 42.59 -21.40
CA GLY F 147 -12.53 42.89 -21.29
C GLY F 147 -12.12 43.10 -19.85
N CYS F 148 -10.92 42.64 -19.51
CA CYS F 148 -10.43 42.83 -18.14
C CYS F 148 -10.17 44.29 -17.83
N ASP F 149 -10.13 45.16 -18.84
CA ASP F 149 -9.97 46.58 -18.61
C ASP F 149 -11.28 47.29 -18.31
N GLU F 150 -12.41 46.62 -18.50
CA GLU F 150 -13.72 47.20 -18.23
C GLU F 150 -14.46 46.51 -17.08
N LEU F 151 -13.86 45.50 -16.47
CA LEU F 151 -14.42 44.87 -15.29
C LEU F 151 -13.84 45.52 -14.04
N ILE F 152 -14.72 45.86 -13.10
CA ILE F 152 -14.30 46.53 -11.88
C ILE F 152 -13.65 45.52 -10.95
N VAL F 153 -12.48 45.86 -10.42
CA VAL F 153 -11.73 44.99 -9.53
C VAL F 153 -11.61 45.68 -8.17
N ASP F 154 -11.81 44.90 -7.11
CA ASP F 154 -11.72 45.43 -5.76
C ASP F 154 -10.28 45.48 -5.29
N MET G 1 -8.22 18.80 -61.31
CA MET G 1 -9.17 19.87 -61.62
C MET G 1 -9.15 20.91 -60.51
N PHE G 2 -9.18 22.18 -60.89
CA PHE G 2 -9.09 23.28 -59.95
C PHE G 2 -10.47 23.60 -59.36
N PHE G 3 -10.45 24.05 -58.11
CA PHE G 3 -11.69 24.36 -57.41
C PHE G 3 -11.47 25.52 -56.45
N LEU G 4 -12.58 26.12 -56.01
CA LEU G 4 -12.57 27.06 -54.90
C LEU G 4 -13.21 26.39 -53.69
N LYS G 5 -12.51 26.40 -52.57
CA LYS G 5 -12.97 25.76 -51.35
C LYS G 5 -12.81 26.72 -50.18
N ASP G 6 -13.72 26.62 -49.22
CA ASP G 6 -13.63 27.36 -47.96
C ASP G 6 -13.01 26.44 -46.92
N LEU G 7 -11.75 26.71 -46.57
CA LEU G 7 -11.01 25.88 -45.63
C LEU G 7 -10.79 26.63 -44.33
N SER G 8 -10.45 25.87 -43.30
CA SER G 8 -10.17 26.42 -41.97
C SER G 8 -8.90 25.82 -41.41
N LEU G 9 -8.17 26.62 -40.64
CA LEU G 9 -6.91 26.19 -40.06
C LEU G 9 -6.86 26.57 -38.59
N ILE G 10 -6.28 25.69 -37.78
CA ILE G 10 -6.06 25.95 -36.36
C ILE G 10 -4.61 26.40 -36.19
N LEU G 11 -4.43 27.61 -35.69
CA LEU G 11 -3.10 28.21 -35.54
C LEU G 11 -2.83 28.49 -34.07
N THR G 12 -1.70 28.01 -33.58
CA THR G 12 -1.30 28.20 -32.20
C THR G 12 -0.15 29.21 -32.16
N LEU G 13 -0.26 30.20 -31.29
CA LEU G 13 0.70 31.28 -31.20
C LEU G 13 1.36 31.29 -29.83
N HIS G 14 2.69 31.41 -29.81
CA HIS G 14 3.43 31.47 -28.56
C HIS G 14 3.24 32.84 -27.91
N PRO G 15 3.24 32.91 -26.58
CA PRO G 15 3.02 34.20 -25.91
C PRO G 15 4.06 35.25 -26.24
N SER G 16 5.25 34.86 -26.70
CA SER G 16 6.27 35.83 -27.01
C SER G 16 5.89 36.72 -28.18
N TYR G 17 4.86 36.37 -28.95
CA TYR G 17 4.42 37.14 -30.10
C TYR G 17 3.17 37.95 -29.80
N PHE G 18 2.79 38.08 -28.52
CA PHE G 18 1.58 38.82 -28.15
C PHE G 18 1.87 40.32 -28.22
N GLY G 19 1.92 40.81 -29.45
CA GLY G 19 2.17 42.22 -29.68
C GLY G 19 1.13 42.85 -30.59
N PRO G 20 1.30 44.13 -30.89
CA PRO G 20 0.37 44.79 -31.81
C PRO G 20 0.34 44.18 -33.21
N GLN G 21 1.47 43.65 -33.68
CA GLN G 21 1.54 43.03 -35.00
C GLN G 21 1.12 41.56 -34.99
N MET G 22 0.29 41.16 -34.04
CA MET G 22 -0.11 39.77 -33.94
C MET G 22 -0.88 39.31 -35.17
N ASN G 23 -1.83 40.12 -35.65
CA ASN G 23 -2.70 39.70 -36.73
C ASN G 23 -1.92 39.51 -38.03
N GLN G 24 -1.08 40.48 -38.38
CA GLN G 24 -0.32 40.34 -39.63
C GLN G 24 0.61 39.15 -39.55
N TYR G 25 1.24 38.93 -38.40
CA TYR G 25 2.13 37.79 -38.23
C TYR G 25 1.38 36.48 -38.41
N LEU G 26 0.17 36.40 -37.86
CA LEU G 26 -0.65 35.21 -38.10
C LEU G 26 -0.96 35.05 -39.58
N ARG G 27 -1.20 36.16 -40.29
CA ARG G 27 -1.47 36.06 -41.71
C ARG G 27 -0.28 35.47 -42.47
N GLU G 28 0.92 35.99 -42.23
CA GLU G 28 2.07 35.44 -42.96
C GLU G 28 2.36 34.01 -42.54
N LYS G 29 2.13 33.67 -41.26
CA LYS G 29 2.33 32.29 -40.84
C LYS G 29 1.38 31.35 -41.57
N LEU G 30 0.11 31.77 -41.70
CA LEU G 30 -0.86 30.97 -42.44
C LEU G 30 -0.43 30.81 -43.90
N LEU G 31 0.03 31.90 -44.52
CA LEU G 31 0.43 31.83 -45.91
C LEU G 31 1.62 30.89 -46.10
N THR G 32 2.60 30.98 -45.21
CA THR G 32 3.76 30.11 -45.33
C THR G 32 3.41 28.65 -45.07
N ASP G 33 2.43 28.39 -44.19
CA ASP G 33 2.11 27.02 -43.82
C ASP G 33 1.03 26.39 -44.69
N VAL G 34 0.39 27.13 -45.58
CA VAL G 34 -0.67 26.60 -46.43
C VAL G 34 -0.29 26.63 -47.91
N GLU G 35 0.31 27.72 -48.36
CA GLU G 35 0.70 27.85 -49.76
C GLU G 35 1.67 26.74 -50.14
N GLY G 36 1.29 25.95 -51.14
CA GLY G 36 2.15 24.92 -51.68
C GLY G 36 2.09 23.57 -51.00
N THR G 37 1.35 23.46 -49.90
CA THR G 37 1.27 22.17 -49.21
C THR G 37 0.39 21.20 -50.01
N CYS G 38 0.50 19.92 -49.67
CA CYS G 38 -0.22 18.86 -50.36
C CYS G 38 -0.90 17.97 -49.33
N THR G 39 -2.23 18.01 -49.31
CA THR G 39 -3.03 17.17 -48.43
C THR G 39 -3.81 16.17 -49.27
N GLY G 40 -3.76 14.90 -48.87
CA GLY G 40 -4.43 13.86 -49.64
C GLY G 40 -5.93 14.06 -49.73
N GLN G 41 -6.54 14.59 -48.66
CA GLN G 41 -7.98 14.81 -48.67
C GLN G 41 -8.39 15.84 -49.71
N PHE G 42 -7.62 16.91 -49.85
CA PHE G 42 -7.96 18.01 -50.74
C PHE G 42 -7.12 18.08 -52.00
N GLY G 43 -5.89 17.61 -51.95
CA GLY G 43 -5.01 17.72 -53.10
C GLY G 43 -3.87 18.68 -52.86
N TYR G 44 -3.78 19.71 -53.70
CA TYR G 44 -2.74 20.73 -53.60
C TYR G 44 -3.39 22.09 -53.46
N ILE G 45 -2.98 22.84 -52.44
CA ILE G 45 -3.41 24.21 -52.26
C ILE G 45 -2.38 25.10 -52.92
N VAL G 46 -2.80 25.86 -53.93
CA VAL G 46 -1.87 26.63 -54.74
C VAL G 46 -1.81 28.09 -54.31
N THR G 47 -2.96 28.71 -54.06
CA THR G 47 -3.01 30.10 -53.61
C THR G 47 -4.16 30.29 -52.64
N VAL G 48 -4.06 31.35 -51.85
CA VAL G 48 -5.12 31.76 -50.93
C VAL G 48 -5.63 33.11 -51.38
N LEU G 49 -6.93 33.19 -51.66
CA LEU G 49 -7.52 34.44 -52.12
C LEU G 49 -7.67 35.41 -50.96
N ASP G 50 -7.49 36.70 -51.27
CA ASP G 50 -7.61 37.77 -50.26
C ASP G 50 -6.69 37.51 -49.08
N GLY G 51 -5.42 37.23 -49.38
CA GLY G 51 -4.48 36.78 -48.36
C GLY G 51 -4.14 37.81 -47.31
N MET G 52 -4.40 39.09 -47.57
CA MET G 52 -4.08 40.15 -46.63
C MET G 52 -5.29 40.65 -45.86
N ASN G 53 -6.46 40.08 -46.08
CA ASN G 53 -7.68 40.50 -45.39
C ASN G 53 -8.44 39.29 -44.87
N ILE G 54 -7.73 38.35 -44.27
CA ILE G 54 -8.34 37.15 -43.71
C ILE G 54 -8.71 37.41 -42.25
N ASP G 55 -9.95 37.10 -41.89
CA ASP G 55 -10.37 37.24 -40.50
C ASP G 55 -9.79 36.11 -39.66
N VAL G 56 -9.29 36.45 -38.48
CA VAL G 56 -8.72 35.48 -37.57
C VAL G 56 -9.52 35.32 -36.29
N GLY G 57 -10.42 36.24 -35.98
CA GLY G 57 -11.23 36.09 -34.79
C GLY G 57 -10.43 36.34 -33.52
N LYS G 58 -10.95 35.80 -32.43
CA LYS G 58 -10.33 35.94 -31.11
C LYS G 58 -9.71 34.62 -30.72
N GLY G 59 -8.43 34.67 -30.33
CA GLY G 59 -7.76 33.47 -29.93
C GLY G 59 -8.06 33.08 -28.49
N ARG G 60 -8.12 31.78 -28.25
CA ARG G 60 -8.45 31.23 -26.95
C ARG G 60 -7.17 30.76 -26.26
N ILE G 61 -7.00 31.15 -25.01
CA ILE G 61 -5.81 30.78 -24.26
C ILE G 61 -5.95 29.33 -23.82
N ILE G 62 -4.97 28.51 -24.19
CA ILE G 62 -5.02 27.10 -23.79
C ILE G 62 -4.71 27.00 -22.31
N PRO G 63 -5.61 26.43 -21.50
CA PRO G 63 -5.35 26.33 -20.06
C PRO G 63 -4.14 25.45 -19.78
N GLY G 64 -3.22 26.00 -18.99
CA GLY G 64 -2.03 25.27 -18.59
C GLY G 64 -0.84 25.39 -19.51
N SER G 65 -0.98 26.04 -20.67
CA SER G 65 0.15 26.21 -21.56
C SER G 65 0.32 27.63 -22.10
N GLY G 66 -0.62 28.54 -21.83
CA GLY G 66 -0.40 29.94 -22.13
C GLY G 66 -0.60 30.32 -23.59
N SER G 67 -0.26 29.42 -24.50
CA SER G 67 -0.36 29.71 -25.92
C SER G 67 -1.81 29.92 -26.33
N ALA G 68 -2.03 30.84 -27.26
CA ALA G 68 -3.35 31.12 -27.78
C ALA G 68 -3.62 30.29 -29.04
N GLU G 69 -4.86 29.86 -29.18
CA GLU G 69 -5.28 29.05 -30.32
C GLU G 69 -6.25 29.85 -31.17
N PHE G 70 -5.94 29.99 -32.46
CA PHE G 70 -6.73 30.79 -33.38
C PHE G 70 -7.37 29.89 -34.43
N GLU G 71 -8.62 30.20 -34.77
CA GLU G 71 -9.35 29.50 -35.82
C GLU G 71 -9.46 30.41 -37.02
N VAL G 72 -8.74 30.07 -38.10
CA VAL G 72 -8.64 30.92 -39.28
C VAL G 72 -9.40 30.27 -40.41
N LYS G 73 -10.37 31.00 -40.96
CA LYS G 73 -11.17 30.53 -42.09
C LYS G 73 -10.79 31.34 -43.32
N TYR G 74 -10.59 30.64 -44.44
CA TYR G 74 -10.11 31.30 -45.65
C TYR G 74 -10.58 30.53 -46.87
N ARG G 75 -10.55 31.21 -48.01
CA ARG G 75 -10.91 30.64 -49.31
C ARG G 75 -9.64 30.47 -50.14
N ALA G 76 -9.45 29.29 -50.70
CA ALA G 76 -8.22 28.98 -51.41
C ALA G 76 -8.54 28.21 -52.69
N VAL G 77 -7.62 28.29 -53.65
CA VAL G 77 -7.71 27.53 -54.89
C VAL G 77 -7.04 26.19 -54.68
N VAL G 78 -7.76 25.12 -54.98
CA VAL G 78 -7.26 23.77 -54.75
C VAL G 78 -7.39 22.95 -56.03
N TRP G 79 -6.35 22.17 -56.31
CA TRP G 79 -6.31 21.27 -57.46
C TRP G 79 -6.22 19.84 -56.98
N LYS G 80 -7.08 18.98 -57.51
CA LYS G 80 -7.05 17.57 -57.16
C LYS G 80 -7.44 16.70 -58.35
N PRO G 81 -6.61 15.72 -58.72
CA PRO G 81 -6.98 14.79 -59.77
C PRO G 81 -8.05 13.81 -59.30
N PHE G 82 -8.81 13.30 -60.26
CA PHE G 82 -9.87 12.34 -59.99
C PHE G 82 -9.67 11.10 -60.85
N LYS G 83 -10.12 9.95 -60.33
CA LYS G 83 -10.04 8.71 -61.08
C LYS G 83 -10.88 8.80 -62.35
N GLY G 84 -10.30 8.36 -63.46
CA GLY G 84 -11.01 8.37 -64.73
C GLY G 84 -11.12 9.72 -65.39
N GLU G 85 -10.15 10.60 -65.17
CA GLU G 85 -10.16 11.93 -65.76
C GLU G 85 -9.03 12.08 -66.77
N VAL G 86 -9.34 12.73 -67.89
CA VAL G 86 -8.38 12.92 -68.98
C VAL G 86 -7.90 14.37 -68.92
N VAL G 87 -6.59 14.55 -68.80
CA VAL G 87 -5.99 15.88 -68.68
C VAL G 87 -4.74 15.96 -69.54
N ASP G 88 -4.31 17.19 -69.81
CA ASP G 88 -3.09 17.44 -70.55
C ASP G 88 -1.88 17.27 -69.64
N ALA G 89 -0.71 17.06 -70.26
CA ALA G 89 0.50 16.80 -69.50
C ALA G 89 1.71 17.13 -70.36
N ILE G 90 2.87 17.18 -69.71
CA ILE G 90 4.16 17.35 -70.37
C ILE G 90 5.10 16.28 -69.86
N VAL G 91 5.70 15.51 -70.77
CA VAL G 91 6.56 14.42 -70.37
C VAL G 91 7.84 14.97 -69.75
N SER G 92 8.20 14.44 -68.58
CA SER G 92 9.38 14.89 -67.86
C SER G 92 10.54 13.91 -67.96
N ASN G 93 10.29 12.63 -68.18
CA ASN G 93 11.35 11.64 -68.25
C ASN G 93 10.88 10.44 -69.06
N VAL G 94 11.83 9.78 -69.71
CA VAL G 94 11.57 8.57 -70.49
C VAL G 94 12.45 7.46 -69.94
N SER G 95 11.83 6.30 -69.69
CA SER G 95 12.54 5.18 -69.09
C SER G 95 11.96 3.89 -69.64
N PRO G 96 12.73 2.80 -69.64
CA PRO G 96 12.20 1.53 -70.17
C PRO G 96 10.95 1.04 -69.45
N ILE G 97 10.84 1.27 -68.14
CA ILE G 97 9.66 0.85 -67.40
C ILE G 97 8.45 1.73 -67.69
N GLY G 98 8.65 2.88 -68.31
CA GLY G 98 7.59 3.81 -68.61
C GLY G 98 8.11 5.23 -68.61
N PHE G 99 7.20 6.19 -68.77
CA PHE G 99 7.56 7.59 -68.83
C PHE G 99 6.81 8.36 -67.77
N PHE G 100 7.45 9.41 -67.27
CA PHE G 100 6.90 10.26 -66.22
C PHE G 100 6.48 11.60 -66.81
N ALA G 101 5.24 12.00 -66.57
CA ALA G 101 4.71 13.27 -67.03
C ALA G 101 4.39 14.15 -65.82
N ASP G 102 4.15 15.42 -66.09
CA ASP G 102 3.83 16.39 -65.05
C ASP G 102 2.52 17.08 -65.38
N VAL G 103 1.58 17.04 -64.43
CA VAL G 103 0.30 17.74 -64.55
C VAL G 103 0.28 18.75 -63.41
N GLY G 104 0.73 19.97 -63.69
CA GLY G 104 0.93 20.95 -62.64
C GLY G 104 1.96 20.48 -61.63
N PRO G 105 1.60 20.54 -60.35
CA PRO G 105 2.52 20.04 -59.31
C PRO G 105 2.56 18.52 -59.24
N LEU G 106 1.58 17.83 -59.79
CA LEU G 106 1.52 16.37 -59.72
C LEU G 106 2.40 15.75 -60.80
N ASN G 107 3.17 14.74 -60.42
CA ASN G 107 3.98 13.96 -61.34
C ASN G 107 3.33 12.59 -61.53
N VAL G 108 3.04 12.24 -62.77
CA VAL G 108 2.29 11.04 -63.10
C VAL G 108 3.21 10.07 -63.82
N PHE G 109 3.18 8.81 -63.37
CA PHE G 109 3.97 7.74 -63.97
C PHE G 109 3.05 6.82 -64.77
N VAL G 110 3.42 6.57 -66.02
CA VAL G 110 2.65 5.68 -66.90
C VAL G 110 3.54 4.49 -67.25
N SER G 111 3.07 3.29 -66.93
CA SER G 111 3.83 2.09 -67.20
C SER G 111 3.64 1.65 -68.66
N THR G 112 4.56 0.81 -69.12
CA THR G 112 4.48 0.31 -70.49
C THR G 112 3.22 -0.50 -70.73
N ARG G 113 2.72 -1.18 -69.69
CA ARG G 113 1.51 -1.97 -69.79
C ARG G 113 0.26 -1.12 -70.01
N LEU G 114 0.36 0.20 -69.84
CA LEU G 114 -0.72 1.12 -70.12
C LEU G 114 -0.43 1.99 -71.34
N ILE G 115 0.55 1.60 -72.16
CA ILE G 115 0.94 2.35 -73.35
C ILE G 115 0.61 1.48 -74.57
N PRO G 116 0.11 2.07 -75.66
CA PRO G 116 -0.12 1.28 -76.87
C PRO G 116 1.15 0.60 -77.36
N ASP G 117 0.99 -0.60 -77.90
CA ASP G 117 2.13 -1.45 -78.24
C ASP G 117 2.97 -0.87 -79.37
N ASN G 118 2.33 -0.17 -80.32
CA ASN G 118 3.08 0.37 -81.45
C ASN G 118 4.07 1.44 -81.03
N LEU G 119 3.90 2.04 -79.85
CA LEU G 119 4.83 3.05 -79.34
C LEU G 119 5.98 2.35 -78.63
N VAL G 120 6.80 1.66 -79.43
CA VAL G 120 7.93 0.92 -78.89
C VAL G 120 8.98 1.90 -78.36
N TYR G 121 9.50 1.62 -77.18
CA TYR G 121 10.52 2.47 -76.59
C TYR G 121 11.81 2.39 -77.40
N ASN G 122 12.32 3.55 -77.80
CA ASN G 122 13.56 3.61 -78.59
C ASN G 122 14.67 4.21 -77.73
N PRO G 123 15.58 3.40 -77.18
CA PRO G 123 16.68 3.98 -76.41
C PRO G 123 17.79 4.56 -77.25
N SER G 124 17.88 4.18 -78.53
CA SER G 124 18.92 4.74 -79.39
C SER G 124 18.61 6.17 -79.81
N ASN G 125 17.33 6.55 -79.84
CA ASN G 125 16.95 7.89 -80.24
C ASN G 125 17.49 8.92 -79.25
N SER G 126 17.72 10.12 -79.76
CA SER G 126 18.29 11.22 -78.96
C SER G 126 17.31 12.37 -78.90
N PRO G 127 16.60 12.57 -77.78
CA PRO G 127 16.66 11.74 -76.57
C PRO G 127 15.80 10.48 -76.69
N PRO G 128 16.07 9.47 -75.86
CA PRO G 128 15.28 8.23 -75.94
C PRO G 128 13.80 8.51 -75.73
N ALA G 129 12.98 7.76 -76.46
CA ALA G 129 11.56 8.06 -76.53
C ALA G 129 10.78 6.77 -76.78
N TYR G 130 9.46 6.86 -76.58
CA TYR G 130 8.51 5.81 -76.95
C TYR G 130 7.87 6.26 -78.25
N MET G 131 8.27 5.66 -79.37
CA MET G 131 7.89 6.15 -80.68
C MET G 131 7.19 5.09 -81.49
N SER G 132 6.33 5.54 -82.40
CA SER G 132 5.68 4.68 -83.38
C SER G 132 5.97 5.25 -84.76
N ASN G 133 5.29 4.73 -85.79
CA ASN G 133 5.50 5.22 -87.14
C ASN G 133 5.13 6.70 -87.26
N ASP G 134 3.96 7.06 -86.75
CA ASP G 134 3.47 8.44 -86.84
C ASP G 134 3.50 9.18 -85.51
N GLU G 135 3.92 8.51 -84.42
CA GLU G 135 3.95 9.14 -83.11
C GLU G 135 5.33 9.02 -82.50
N LEU G 136 5.74 10.08 -81.81
CA LEU G 136 7.04 10.12 -81.13
C LEU G 136 6.86 10.97 -79.87
N ILE G 137 6.92 10.33 -78.72
CA ILE G 137 6.72 11.01 -77.44
C ILE G 137 8.02 10.94 -76.66
N THR G 138 8.61 12.10 -76.39
CA THR G 138 9.89 12.19 -75.69
C THR G 138 9.76 13.25 -74.60
N LYS G 139 10.89 13.58 -73.99
CA LYS G 139 10.92 14.62 -72.96
C LYS G 139 10.45 15.95 -73.54
N GLY G 140 9.54 16.61 -72.83
CA GLY G 140 9.01 17.88 -73.26
C GLY G 140 7.87 17.80 -74.26
N SER G 141 7.41 16.60 -74.60
CA SER G 141 6.34 16.45 -75.58
C SER G 141 4.98 16.51 -74.89
N LYS G 142 4.05 17.24 -75.50
CA LYS G 142 2.68 17.30 -74.99
C LYS G 142 2.00 15.95 -75.15
N VAL G 143 1.37 15.48 -74.09
CA VAL G 143 0.64 14.21 -74.10
C VAL G 143 -0.70 14.40 -73.41
N ARG G 144 -1.72 13.74 -73.94
CA ARG G 144 -3.06 13.73 -73.33
C ARG G 144 -3.28 12.34 -72.74
N LEU G 145 -3.40 12.28 -71.42
CA LEU G 145 -3.51 11.01 -70.71
C LEU G 145 -4.71 11.03 -69.77
N LYS G 146 -5.18 9.84 -69.42
CA LYS G 146 -6.30 9.65 -68.51
C LYS G 146 -5.79 9.06 -67.21
N VAL G 147 -6.08 9.74 -66.10
CA VAL G 147 -5.64 9.28 -64.79
C VAL G 147 -6.52 8.11 -64.36
N VAL G 148 -5.89 6.98 -64.04
CA VAL G 148 -6.59 5.78 -63.65
C VAL G 148 -6.62 5.60 -62.15
N GLY G 149 -5.48 5.73 -61.49
CA GLY G 149 -5.41 5.54 -60.05
C GLY G 149 -4.59 6.63 -59.40
N THR G 150 -4.95 6.93 -58.15
CA THR G 150 -4.25 7.93 -57.34
C THR G 150 -3.84 7.29 -56.03
N ARG G 151 -2.59 7.49 -55.64
CA ARG G 151 -2.04 6.94 -54.41
C ARG G 151 -1.85 8.07 -53.40
N THR G 152 -2.34 7.86 -52.18
CA THR G 152 -2.27 8.87 -51.13
C THR G 152 -1.07 8.59 -50.23
N ASP G 153 -0.26 9.61 -50.01
CA ASP G 153 0.90 9.53 -49.14
C ASP G 153 0.73 10.50 -47.98
N VAL G 154 1.77 10.65 -47.16
CA VAL G 154 1.71 11.54 -46.01
C VAL G 154 1.38 12.96 -46.45
N ASN G 155 2.25 13.55 -47.27
CA ASN G 155 2.00 14.86 -47.84
C ASN G 155 2.28 14.88 -49.33
N GLU G 156 1.99 13.77 -50.02
CA GLU G 156 2.24 13.65 -51.44
C GLU G 156 1.13 12.83 -52.07
N ILE G 157 0.94 13.01 -53.37
CA ILE G 157 -0.05 12.27 -54.14
C ILE G 157 0.64 11.67 -55.36
N TYR G 158 0.44 10.37 -55.56
CA TYR G 158 0.99 9.66 -56.71
C TYR G 158 -0.14 9.20 -57.60
N ALA G 159 -0.10 9.58 -58.86
CA ALA G 159 -1.13 9.24 -59.83
C ALA G 159 -0.55 8.37 -60.94
N ILE G 160 -1.41 7.54 -61.52
CA ILE G 160 -1.05 6.67 -62.62
C ILE G 160 -1.91 7.02 -63.83
N GLY G 161 -1.27 7.27 -64.97
CA GLY G 161 -1.97 7.63 -66.19
C GLY G 161 -1.93 6.52 -67.22
N SER G 162 -2.70 6.71 -68.29
CA SER G 162 -2.76 5.76 -69.37
C SER G 162 -3.08 6.49 -70.67
N ILE G 163 -2.57 5.95 -71.77
CA ILE G 163 -2.77 6.53 -73.09
C ILE G 163 -3.24 5.45 -74.06
N LYS G 164 -3.69 4.33 -73.50
CA LYS G 164 -4.06 3.17 -74.31
C LYS G 164 -5.43 3.31 -74.98
N GLU G 165 -6.24 4.29 -74.64
CA GLU G 165 -7.55 4.47 -75.26
C GLU G 165 -7.47 5.56 -76.32
N ASP G 166 -8.60 5.80 -76.98
CA ASP G 166 -8.65 6.73 -78.10
C ASP G 166 -8.53 8.16 -77.62
N PHE G 167 -8.11 9.03 -78.54
CA PHE G 167 -7.93 10.46 -78.29
C PHE G 167 -6.88 10.71 -77.21
N LEU G 168 -5.97 9.77 -77.02
CA LEU G 168 -4.91 9.86 -76.04
C LEU G 168 -3.56 9.84 -76.74
N GLY G 169 -2.49 9.75 -75.95
CA GLY G 169 -1.16 9.73 -76.53
C GLY G 169 -0.65 11.13 -76.84
N ALA G 170 0.15 11.21 -77.91
CA ALA G 170 0.74 12.48 -78.30
C ALA G 170 -0.34 13.47 -78.74
N ILE G 171 -0.12 14.74 -78.42
CA ILE G 171 -0.99 15.82 -78.87
C ILE G 171 -0.14 17.01 -79.29
N SER H 3 -5.57 76.03 32.89
CA SER H 3 -4.69 74.91 33.17
C SER H 3 -5.47 73.71 33.69
N ALA H 4 -6.09 73.87 34.85
CA ALA H 4 -6.88 72.83 35.48
C ALA H 4 -8.34 73.01 35.10
N LEU H 5 -9.00 71.91 34.74
CA LEU H 5 -10.36 71.97 34.24
C LEU H 5 -11.40 71.71 35.32
N PHE H 6 -10.99 71.18 36.46
CA PHE H 6 -11.92 70.89 37.54
C PHE H 6 -11.12 70.77 38.82
N ASP H 7 -11.69 71.22 39.93
CA ASP H 7 -11.00 71.17 41.22
C ASP H 7 -12.05 71.11 42.33
N ASP H 8 -11.79 70.27 43.31
CA ASP H 8 -12.72 70.09 44.42
C ASP H 8 -12.03 69.27 45.50
N ILE H 9 -12.70 69.10 46.64
CA ILE H 9 -12.22 68.31 47.75
C ILE H 9 -13.29 67.30 48.11
N PHE H 10 -12.93 66.04 48.20
CA PHE H 10 -13.87 64.96 48.39
C PHE H 10 -13.59 64.23 49.70
N THR H 11 -14.65 63.74 50.33
CA THR H 11 -14.54 62.90 51.50
C THR H 11 -14.98 61.49 51.14
N VAL H 12 -14.13 60.51 51.42
CA VAL H 12 -14.39 59.14 51.01
C VAL H 12 -15.46 58.53 51.89
N GLN H 13 -16.55 58.09 51.28
CA GLN H 13 -17.62 57.43 52.03
C GLN H 13 -17.36 55.93 52.18
N THR H 14 -17.10 55.26 51.07
CA THR H 14 -16.94 53.81 51.05
C THR H 14 -15.67 53.45 50.29
N VAL H 15 -14.99 52.41 50.76
CA VAL H 15 -13.84 51.84 50.08
C VAL H 15 -14.12 50.35 49.89
N ASP H 16 -14.17 49.90 48.65
CA ASP H 16 -14.53 48.52 48.32
C ASP H 16 -13.33 47.85 47.66
N ASN H 17 -12.75 46.86 48.34
CA ASN H 17 -11.70 46.07 47.73
C ASN H 17 -12.30 44.99 46.82
N GLY H 18 -13.21 44.20 47.38
CA GLY H 18 -13.92 43.20 46.60
C GLY H 18 -13.06 42.11 46.02
N ARG H 19 -13.19 41.87 44.72
CA ARG H 19 -12.50 40.75 44.10
C ARG H 19 -10.99 40.93 44.11
N TYR H 20 -10.53 42.16 43.90
CA TYR H 20 -9.12 42.43 43.60
C TYR H 20 -8.33 42.67 44.88
N ASN H 21 -7.01 42.68 44.71
CA ASN H 21 -6.08 42.96 45.80
C ASN H 21 -5.39 44.31 45.68
N LYS H 22 -5.12 44.75 44.45
CA LYS H 22 -4.38 45.99 44.23
C LYS H 22 -5.27 47.14 43.78
N VAL H 23 -6.58 46.94 43.72
CA VAL H 23 -7.50 47.94 43.18
C VAL H 23 -8.65 48.13 44.16
N SER H 24 -8.99 49.39 44.43
CA SER H 24 -10.07 49.72 45.33
C SER H 24 -11.02 50.72 44.66
N ARG H 25 -12.32 50.50 44.86
CA ARG H 25 -13.35 51.48 44.50
C ARG H 25 -13.58 52.41 45.67
N ILE H 26 -13.47 53.72 45.44
CA ILE H 26 -13.78 54.72 46.45
C ILE H 26 -14.91 55.59 45.94
N ILE H 27 -15.82 55.96 46.83
CA ILE H 27 -16.94 56.83 46.53
C ILE H 27 -16.83 58.07 47.41
N GLY H 28 -16.90 59.23 46.79
CA GLY H 28 -16.76 60.47 47.53
C GLY H 28 -17.75 61.51 47.06
N ILE H 29 -18.09 62.41 47.98
CA ILE H 29 -18.97 63.54 47.69
C ILE H 29 -18.22 64.82 48.05
N SER H 30 -18.40 65.84 47.22
CA SER H 30 -17.70 67.09 47.43
C SER H 30 -18.17 67.76 48.70
N THR H 31 -17.22 68.32 49.44
CA THR H 31 -17.57 69.01 50.69
C THR H 31 -18.23 70.35 50.41
N THR H 32 -17.73 71.09 49.42
CA THR H 32 -18.28 72.41 49.12
C THR H 32 -19.60 72.36 48.39
N ASN H 33 -19.94 71.22 47.80
CA ASN H 33 -21.13 71.11 46.97
C ASN H 33 -21.59 69.67 46.93
N SER H 34 -22.72 69.37 47.54
CA SER H 34 -23.30 68.04 47.42
C SER H 34 -23.78 67.82 45.99
N ALA H 35 -24.37 66.66 45.75
CA ALA H 35 -24.82 66.22 44.43
C ALA H 35 -23.68 66.11 43.43
N ILE H 36 -22.43 66.19 43.88
CA ILE H 36 -21.26 65.87 43.07
C ILE H 36 -20.67 64.59 43.63
N LYS H 37 -20.68 63.53 42.84
CA LYS H 37 -20.19 62.23 43.26
C LYS H 37 -18.94 61.86 42.48
N LEU H 38 -18.09 61.04 43.07
CA LEU H 38 -16.89 60.54 42.42
C LEU H 38 -16.75 59.06 42.74
N THR H 39 -16.90 58.21 41.74
CA THR H 39 -16.55 56.79 41.84
C THR H 39 -15.25 56.58 41.08
N LEU H 40 -14.29 55.91 41.71
CA LEU H 40 -12.95 55.86 41.15
C LEU H 40 -12.27 54.54 41.50
N ASP H 41 -11.47 54.05 40.56
CA ASP H 41 -10.53 52.96 40.82
C ASP H 41 -9.15 53.55 41.12
N ILE H 42 -8.50 53.05 42.18
CA ILE H 42 -7.15 53.47 42.53
C ILE H 42 -6.31 52.23 42.79
N ASN H 43 -5.00 52.43 42.77
CA ASN H 43 -4.05 51.39 43.08
C ASN H 43 -3.75 51.44 44.57
N ASN H 44 -4.08 50.37 45.30
CA ASN H 44 -3.93 50.36 46.74
C ASN H 44 -2.46 50.50 47.14
N GLU H 45 -1.58 49.78 46.47
CA GLU H 45 -0.18 49.69 46.89
C GLU H 45 0.56 51.01 46.72
N MET H 46 0.10 51.89 45.84
CA MET H 46 0.77 53.16 45.60
C MET H 46 0.10 54.33 46.31
N PHE H 47 -1.22 54.37 46.31
CA PHE H 47 -1.98 55.43 46.98
C PHE H 47 -3.05 54.80 47.85
N PRO H 48 -2.67 54.23 48.98
CA PRO H 48 -3.68 53.64 49.88
C PRO H 48 -4.53 54.72 50.51
N VAL H 49 -5.83 54.44 50.62
CA VAL H 49 -6.78 55.37 51.21
C VAL H 49 -7.61 54.63 52.25
N SER H 50 -8.19 55.40 53.16
CA SER H 50 -9.05 54.88 54.20
C SER H 50 -10.37 55.64 54.19
N GLN H 51 -11.36 55.09 54.88
CA GLN H 51 -12.67 55.72 54.94
C GLN H 51 -12.58 57.08 55.63
N ASP H 52 -13.43 58.01 55.18
CA ASP H 52 -13.53 59.36 55.74
C ASP H 52 -12.27 60.19 55.50
N ASP H 53 -11.43 59.79 54.56
CA ASP H 53 -10.29 60.61 54.19
C ASP H 53 -10.74 61.80 53.35
N SER H 54 -9.90 62.82 53.31
CA SER H 54 -10.13 64.01 52.50
C SER H 54 -9.13 64.02 51.36
N LEU H 55 -9.64 64.07 50.13
CA LEU H 55 -8.82 64.03 48.94
C LEU H 55 -9.04 65.29 48.12
N THR H 56 -7.96 65.88 47.64
CA THR H 56 -8.02 67.01 46.71
C THR H 56 -7.89 66.46 45.30
N VAL H 57 -8.99 66.51 44.55
CA VAL H 57 -9.04 65.94 43.21
C VAL H 57 -9.03 67.09 42.20
N THR H 58 -8.15 66.98 41.21
CA THR H 58 -8.02 67.96 40.15
C THR H 58 -8.00 67.25 38.82
N LEU H 59 -8.71 67.79 37.84
CA LEU H 59 -8.74 67.24 36.50
C LEU H 59 -8.15 68.27 35.53
N ALA H 60 -7.18 67.84 34.73
CA ALA H 60 -6.53 68.74 33.79
C ALA H 60 -6.44 68.04 32.44
N ASN H 61 -6.39 68.85 31.39
CA ASN H 61 -6.20 68.34 30.04
C ASN H 61 -4.74 68.33 29.61
N SER H 62 -3.84 68.84 30.45
CA SER H 62 -2.42 68.83 30.17
C SER H 62 -1.67 69.10 31.45
N LEU H 63 -0.46 68.54 31.55
CA LEU H 63 0.37 68.71 32.73
C LEU H 63 1.36 69.86 32.59
N SER H 64 1.38 70.54 31.45
CA SER H 64 2.35 71.60 31.23
C SER H 64 2.02 72.82 32.10
N LEU H 65 3.00 73.70 32.23
CA LEU H 65 2.83 74.92 33.02
C LEU H 65 3.04 76.17 32.16
N LYS H 76 5.43 62.53 20.58
CA LYS H 76 4.29 61.97 21.29
C LYS H 76 4.69 60.77 22.13
N SER H 77 5.82 60.17 21.78
CA SER H 77 6.30 59.01 22.52
C SER H 77 6.65 59.39 23.95
N TRP H 78 6.14 58.61 24.90
CA TRP H 78 6.44 58.87 26.30
C TRP H 78 7.90 58.59 26.61
N ARG H 79 8.46 59.40 27.50
CA ARG H 79 9.83 59.24 27.96
C ARG H 79 9.86 59.38 29.46
N PRO H 80 10.78 58.72 30.13
CA PRO H 80 10.95 58.91 31.56
C PRO H 80 11.25 60.38 31.86
N PRO H 81 10.60 60.96 32.86
CA PRO H 81 10.75 62.40 33.09
C PRO H 81 12.13 62.73 33.62
N LYS H 82 12.76 63.73 33.01
CA LYS H 82 14.04 64.21 33.51
C LYS H 82 13.83 64.88 34.87
N PRO H 83 14.79 64.73 35.79
CA PRO H 83 14.65 65.41 37.10
C PRO H 83 14.66 66.92 36.99
N THR H 84 15.22 67.48 35.92
CA THR H 84 15.32 68.93 35.79
C THR H 84 13.99 69.59 35.43
N ASP H 85 13.17 68.94 34.61
CA ASP H 85 11.93 69.57 34.18
C ASP H 85 10.89 69.54 35.30
N LYS H 86 9.98 70.49 35.25
CA LYS H 86 8.91 70.61 36.22
C LYS H 86 7.58 70.65 35.50
N SER H 87 6.57 70.01 36.09
CA SER H 87 5.25 69.92 35.50
C SER H 87 4.21 70.04 36.61
N LEU H 88 2.94 70.04 36.21
CA LEU H 88 1.86 70.20 37.17
C LEU H 88 1.82 69.06 38.18
N ALA H 89 2.34 67.90 37.81
CA ALA H 89 2.26 66.72 38.67
C ALA H 89 3.17 66.82 39.89
N ASP H 90 4.03 67.83 39.96
CA ASP H 90 4.96 67.94 41.09
C ASP H 90 4.26 68.27 42.40
N ASP H 91 2.99 68.68 42.36
CA ASP H 91 2.29 69.12 43.55
C ASP H 91 1.36 68.05 44.12
N TYR H 92 1.28 66.88 43.50
CA TYR H 92 0.28 65.88 43.85
C TYR H 92 0.95 64.54 44.11
N ASP H 93 0.19 63.64 44.73
CA ASP H 93 0.69 62.35 45.17
C ASP H 93 0.31 61.21 44.27
N TYR H 94 -0.60 61.41 43.32
CA TYR H 94 -1.13 60.31 42.51
C TYR H 94 -1.71 60.91 41.24
N VAL H 95 -1.08 60.62 40.10
CA VAL H 95 -1.50 61.15 38.81
C VAL H 95 -1.82 60.00 37.89
N MET H 96 -2.96 60.07 37.22
CA MET H 96 -3.35 59.08 36.23
C MET H 96 -3.75 59.78 34.95
N PHE H 97 -3.71 59.04 33.85
CA PHE H 97 -4.05 59.56 32.54
C PHE H 97 -5.02 58.60 31.87
N GLY H 98 -6.15 59.12 31.38
CA GLY H 98 -7.16 58.28 30.81
C GLY H 98 -7.91 58.96 29.68
N THR H 99 -8.80 58.21 29.06
CA THR H 99 -9.61 58.68 27.94
C THR H 99 -11.06 58.77 28.37
N VAL H 100 -11.74 59.84 27.94
CA VAL H 100 -13.16 60.02 28.23
C VAL H 100 -13.95 59.27 27.18
N TYR H 101 -14.70 58.26 27.60
CA TYR H 101 -15.46 57.44 26.67
C TYR H 101 -16.96 57.64 26.75
N LYS H 102 -17.44 58.59 27.54
CA LYS H 102 -18.86 58.86 27.63
C LYS H 102 -19.07 60.20 28.33
N PHE H 103 -19.88 61.06 27.73
CA PHE H 103 -20.24 62.36 28.31
C PHE H 103 -21.76 62.44 28.26
N GLU H 104 -22.41 61.95 29.31
CA GLU H 104 -23.86 61.83 29.32
C GLU H 104 -24.48 63.19 29.62
N GLU H 105 -24.95 63.87 28.58
CA GLU H 105 -25.75 65.08 28.74
C GLU H 105 -27.16 64.65 29.15
N GLY H 106 -27.31 64.42 30.45
CA GLY H 106 -28.51 63.80 30.98
C GLY H 106 -29.65 64.78 31.20
N ASP H 107 -30.18 64.80 32.42
CA ASP H 107 -31.35 65.60 32.74
C ASP H 107 -30.96 67.07 32.85
N GLU H 108 -31.84 67.87 33.44
CA GLU H 108 -31.67 69.32 33.48
C GLU H 108 -30.28 69.74 33.94
N ASP H 109 -29.82 69.16 35.05
CA ASP H 109 -28.48 69.47 35.53
C ASP H 109 -27.73 68.24 36.01
N LYS H 110 -28.03 67.06 35.46
CA LYS H 110 -27.35 65.84 35.82
C LYS H 110 -26.43 65.44 34.67
N ILE H 111 -25.13 65.61 34.87
CA ILE H 111 -24.12 65.29 33.87
C ILE H 111 -23.20 64.22 34.43
N LYS H 112 -22.97 63.17 33.65
CA LYS H 112 -22.08 62.09 34.02
C LYS H 112 -20.93 62.02 33.04
N VAL H 113 -19.71 61.94 33.56
CA VAL H 113 -18.52 61.80 32.75
C VAL H 113 -17.84 60.49 33.12
N TYR H 114 -17.67 59.61 32.14
CA TYR H 114 -17.01 58.33 32.34
C TYR H 114 -15.61 58.42 31.75
N VAL H 115 -14.61 58.08 32.56
CA VAL H 115 -13.22 58.12 32.15
C VAL H 115 -12.58 56.80 32.52
N SER H 116 -11.77 56.26 31.62
CA SER H 116 -11.10 54.98 31.81
C SER H 116 -9.60 55.18 31.78
N PHE H 117 -8.94 54.96 32.91
CA PHE H 117 -7.49 55.08 33.00
C PHE H 117 -6.87 53.70 32.75
N GLY H 118 -6.89 53.30 31.50
CA GLY H 118 -6.35 52.00 31.13
C GLY H 118 -7.06 50.84 31.78
N GLY H 119 -8.38 50.90 31.89
CA GLY H 119 -9.16 49.87 32.52
C GLY H 119 -9.62 50.20 33.93
N LEU H 120 -9.03 51.20 34.56
CA LEU H 120 -9.45 51.66 35.88
C LEU H 120 -10.45 52.79 35.69
N LEU H 121 -11.68 52.58 36.11
CA LEU H 121 -12.80 53.41 35.69
C LEU H 121 -13.11 54.50 36.70
N MET H 122 -13.58 55.63 36.19
CA MET H 122 -14.03 56.75 37.01
C MET H 122 -15.32 57.30 36.45
N CYS H 123 -16.26 57.62 37.32
CA CYS H 123 -17.51 58.28 36.95
C CYS H 123 -17.69 59.51 37.82
N LEU H 124 -17.99 60.63 37.20
CA LEU H 124 -18.13 61.91 37.89
C LEU H 124 -19.50 62.49 37.62
N GLU H 125 -20.35 62.50 38.65
CA GLU H 125 -21.68 63.08 38.56
C GLU H 125 -21.65 64.51 39.08
N GLY H 126 -22.34 65.40 38.41
CA GLY H 126 -22.38 66.78 38.85
C GLY H 126 -23.24 67.63 37.95
N GLY H 127 -23.33 68.91 38.32
CA GLY H 127 -24.10 69.84 37.52
C GLY H 127 -23.39 70.23 36.24
N TYR H 128 -24.16 70.79 35.30
CA TYR H 128 -23.61 71.16 34.02
C TYR H 128 -22.55 72.25 34.14
N LYS H 129 -22.77 73.22 35.02
CA LYS H 129 -21.85 74.35 35.12
C LYS H 129 -20.47 73.89 35.57
N SER H 130 -20.41 72.95 36.51
CA SER H 130 -19.12 72.48 37.01
C SER H 130 -18.38 71.66 35.97
N LEU H 131 -19.08 70.77 35.28
CA LEU H 131 -18.47 69.79 34.40
C LEU H 131 -18.58 70.15 32.92
N ALA H 132 -18.90 71.40 32.60
CA ALA H 132 -19.01 71.79 31.20
C ALA H 132 -17.69 71.66 30.46
N SER H 133 -16.59 72.05 31.11
CA SER H 133 -15.29 72.05 30.46
C SER H 133 -14.68 70.67 30.32
N LEU H 134 -15.29 69.65 30.92
CA LEU H 134 -14.74 68.30 30.90
C LEU H 134 -15.07 67.53 29.64
N LYS H 135 -15.40 68.21 28.55
CA LYS H 135 -15.71 67.55 27.27
C LYS H 135 -14.43 67.47 26.43
N GLN H 136 -13.50 66.67 26.90
CA GLN H 136 -12.21 66.48 26.25
C GLN H 136 -12.02 65.02 25.91
N ASP H 137 -11.09 64.75 24.99
CA ASP H 137 -10.78 63.37 24.64
C ASP H 137 -10.05 62.66 25.77
N ASN H 138 -9.02 63.30 26.33
CA ASN H 138 -8.20 62.69 27.37
C ASN H 138 -8.09 63.64 28.55
N LEU H 139 -8.01 63.07 29.75
CA LEU H 139 -7.96 63.83 30.98
C LEU H 139 -6.92 63.25 31.92
N TYR H 140 -6.20 64.12 32.61
CA TYR H 140 -5.38 63.74 33.75
C TYR H 140 -6.18 63.96 35.01
N ILE H 141 -6.06 63.03 35.96
CA ILE H 141 -6.63 63.21 37.29
C ILE H 141 -5.48 63.27 38.28
N LEU H 142 -5.49 64.29 39.12
CA LEU H 142 -4.41 64.53 40.07
C LEU H 142 -4.99 64.52 41.46
N ILE H 143 -4.51 63.60 42.30
CA ILE H 143 -5.06 63.38 43.63
C ILE H 143 -4.00 63.70 44.66
N ARG H 144 -4.36 64.51 45.66
CA ARG H 144 -3.46 64.92 46.71
C ARG H 144 -4.05 64.56 48.07
N ARG H 145 -3.21 64.08 48.97
CA ARG H 145 -3.62 63.82 50.35
C ARG H 145 -2.41 63.86 51.27
N SER I 3 -58.59 -26.19 33.82
CA SER I 3 -58.45 -27.64 33.96
C SER I 3 -59.53 -28.36 33.16
N PHE I 4 -59.10 -29.16 32.18
CA PHE I 4 -60.00 -29.93 31.34
C PHE I 4 -59.76 -31.42 31.55
N ARG I 5 -60.81 -32.21 31.35
CA ARG I 5 -60.77 -33.64 31.60
C ARG I 5 -60.45 -34.40 30.33
N PHE I 6 -60.16 -35.69 30.49
CA PHE I 6 -59.82 -36.59 29.41
C PHE I 6 -60.64 -37.87 29.54
N CYS I 7 -60.70 -38.62 28.45
CA CYS I 7 -61.42 -39.90 28.45
C CYS I 7 -60.80 -40.85 29.45
N LEU I 8 -61.66 -41.56 30.21
CA LEU I 8 -61.17 -42.45 31.25
C LEU I 8 -60.69 -43.79 30.70
N GLU I 9 -60.98 -44.10 29.44
CA GLU I 9 -60.53 -45.34 28.83
C GLU I 9 -59.68 -45.14 27.59
N CYS I 10 -59.71 -43.96 26.96
CA CYS I 10 -58.87 -43.67 25.81
C CYS I 10 -57.80 -42.65 26.11
N ASN I 11 -57.89 -41.93 27.23
CA ASN I 11 -56.98 -40.89 27.69
C ASN I 11 -56.92 -39.69 26.77
N ASN I 12 -57.66 -39.69 25.66
CA ASN I 12 -57.67 -38.55 24.77
C ASN I 12 -58.54 -37.44 25.34
N MET I 13 -58.42 -36.26 24.74
CA MET I 13 -59.13 -35.10 25.23
C MET I 13 -60.61 -35.18 24.90
N LEU I 14 -61.46 -34.86 25.86
CA LEU I 14 -62.90 -34.85 25.67
C LEU I 14 -63.35 -33.47 25.21
N TYR I 15 -64.10 -33.43 24.11
CA TYR I 15 -64.57 -32.18 23.55
C TYR I 15 -66.03 -31.95 23.91
N PRO I 16 -66.42 -30.70 24.17
CA PRO I 16 -67.82 -30.44 24.49
C PRO I 16 -68.74 -30.72 23.32
N LYS I 17 -69.95 -31.17 23.64
CA LYS I 17 -70.96 -31.46 22.63
C LYS I 17 -72.33 -31.21 23.21
N GLU I 18 -73.28 -30.96 22.32
CA GLU I 18 -74.66 -30.68 22.69
C GLU I 18 -75.58 -31.72 22.08
N ASP I 19 -76.48 -32.27 22.89
CA ASP I 19 -77.48 -33.23 22.42
C ASP I 19 -78.71 -32.45 21.96
N LYS I 20 -79.04 -32.55 20.67
CA LYS I 20 -80.19 -31.83 20.14
C LYS I 20 -81.49 -32.29 20.78
N GLU I 21 -81.66 -33.60 20.95
CA GLU I 21 -82.92 -34.11 21.50
C GLU I 21 -83.03 -33.87 23.00
N ASN I 22 -81.90 -33.83 23.71
CA ASN I 22 -81.92 -33.69 25.16
C ASN I 22 -81.63 -32.28 25.64
N GLN I 23 -81.07 -31.42 24.79
CA GLN I 23 -80.70 -30.06 25.15
C GLN I 23 -79.80 -30.03 26.38
N ARG I 24 -78.77 -30.88 26.35
CA ARG I 24 -77.80 -30.98 27.43
C ARG I 24 -76.38 -30.93 26.88
N LEU I 25 -75.47 -30.41 27.69
CA LEU I 25 -74.07 -30.31 27.32
C LEU I 25 -73.33 -31.57 27.75
N LEU I 26 -72.55 -32.12 26.82
CA LEU I 26 -71.82 -33.36 27.07
C LEU I 26 -70.39 -33.20 26.58
N TYR I 27 -69.49 -33.97 27.17
CA TYR I 27 -68.09 -34.05 26.75
C TYR I 27 -67.87 -35.42 26.10
N SER I 28 -67.53 -35.41 24.82
CA SER I 28 -67.40 -36.63 24.05
C SER I 28 -66.01 -36.75 23.45
N CYS I 29 -65.41 -37.92 23.59
CA CYS I 29 -64.17 -38.22 22.91
C CYS I 29 -64.42 -38.37 21.42
N ARG I 30 -63.36 -38.24 20.63
CA ARG I 30 -63.47 -38.35 19.18
C ARG I 30 -62.99 -39.68 18.63
N ASN I 31 -62.06 -40.35 19.32
CA ASN I 31 -61.59 -41.67 18.92
C ASN I 31 -62.38 -42.79 19.57
N CYS I 32 -63.40 -42.46 20.37
CA CYS I 32 -64.16 -43.46 21.09
C CYS I 32 -65.55 -42.91 21.35
N ASP I 33 -66.48 -43.81 21.67
CA ASP I 33 -67.87 -43.45 21.89
C ASP I 33 -68.14 -42.98 23.31
N TYR I 34 -67.11 -42.91 24.16
CA TYR I 34 -67.30 -42.47 25.53
C TYR I 34 -67.86 -41.05 25.58
N THR I 35 -68.84 -40.83 26.45
CA THR I 35 -69.43 -39.52 26.63
C THR I 35 -69.84 -39.38 28.10
N GLU I 36 -69.55 -38.21 28.66
CA GLU I 36 -69.84 -37.94 30.06
C GLU I 36 -70.58 -36.62 30.19
N LEU I 37 -71.46 -36.55 31.18
CA LEU I 37 -72.28 -35.36 31.36
C LEU I 37 -71.44 -34.18 31.84
N ALA I 38 -71.74 -33.00 31.33
CA ALA I 38 -71.05 -31.78 31.73
C ALA I 38 -71.70 -31.19 32.97
N GLU I 39 -70.89 -30.82 33.95
CA GLU I 39 -71.39 -30.24 35.18
C GLU I 39 -71.52 -28.72 35.09
N ASP I 40 -70.54 -28.05 34.51
CA ASP I 40 -70.53 -26.60 34.48
C ASP I 40 -70.85 -26.07 33.09
N PRO I 41 -71.55 -24.94 32.99
CA PRO I 41 -71.85 -24.37 31.67
C PRO I 41 -70.73 -23.55 31.07
N LYS I 42 -69.67 -23.25 31.82
CA LYS I 42 -68.56 -22.42 31.32
C LYS I 42 -67.72 -23.27 30.38
N VAL I 43 -68.10 -23.25 29.10
CA VAL I 43 -67.37 -24.05 28.11
C VAL I 43 -65.98 -23.48 27.88
N TYR I 44 -65.87 -22.15 27.76
CA TYR I 44 -64.61 -21.52 27.41
C TYR I 44 -64.54 -20.16 28.11
N ARG I 45 -63.33 -19.81 28.56
CA ARG I 45 -63.10 -18.53 29.21
C ARG I 45 -61.76 -17.99 28.76
N HIS I 46 -61.73 -16.70 28.40
CA HIS I 46 -60.51 -16.02 28.00
C HIS I 46 -60.40 -14.72 28.78
N GLU I 47 -59.26 -14.51 29.43
CA GLU I 47 -59.03 -13.33 30.26
C GLU I 47 -58.19 -12.32 29.47
N LEU I 48 -58.76 -11.14 29.23
CA LEU I 48 -58.01 -10.09 28.55
C LEU I 48 -56.95 -9.50 29.47
N ILE I 49 -57.29 -9.28 30.74
CA ILE I 49 -56.35 -8.81 31.75
C ILE I 49 -56.30 -9.86 32.85
N THR I 50 -55.10 -10.36 33.14
CA THR I 50 -54.93 -11.46 34.06
C THR I 50 -53.96 -11.09 35.18
N ASN I 51 -54.09 -11.77 36.31
CA ASN I 51 -53.24 -11.54 37.46
C ASN I 51 -52.50 -12.80 37.93
N ILE I 52 -52.75 -13.95 37.30
CA ILE I 52 -52.07 -15.17 37.68
C ILE I 52 -50.60 -15.07 37.32
N GLY I 53 -49.76 -15.76 38.10
CA GLY I 53 -48.32 -15.63 37.98
C GLY I 53 -47.72 -14.50 38.79
N GLU I 54 -48.53 -13.76 39.53
CA GLU I 54 -48.03 -12.67 40.35
C GLU I 54 -47.61 -13.16 41.74
N THR I 55 -48.50 -13.86 42.43
CA THR I 55 -48.20 -14.42 43.75
C THR I 55 -48.05 -15.94 43.73
N ALA I 56 -48.34 -16.58 42.61
CA ALA I 56 -48.22 -18.04 42.53
C ALA I 56 -46.77 -18.50 42.60
N GLY I 57 -45.81 -17.63 42.30
CA GLY I 57 -44.40 -18.00 42.34
C GLY I 57 -43.87 -18.10 43.76
N ILE I 58 -44.33 -19.11 44.49
CA ILE I 58 -43.92 -19.32 45.87
C ILE I 58 -43.38 -20.74 46.02
N VAL I 59 -42.29 -20.87 46.77
CA VAL I 59 -41.72 -22.16 47.12
C VAL I 59 -41.50 -22.20 48.62
N ASP I 60 -41.49 -23.41 49.18
CA ASP I 60 -41.37 -23.55 50.63
C ASP I 60 -39.99 -23.18 51.13
N ASP I 61 -38.95 -23.40 50.31
CA ASP I 61 -37.57 -23.17 50.71
C ASP I 61 -37.01 -21.85 50.18
N ILE I 62 -37.87 -20.85 49.97
CA ILE I 62 -37.40 -19.55 49.53
C ILE I 62 -36.64 -18.83 50.64
N GLY I 63 -36.76 -19.28 51.89
CA GLY I 63 -36.03 -18.68 52.98
C GLY I 63 -34.59 -19.11 53.08
N GLN I 64 -34.15 -20.02 52.21
CA GLN I 64 -32.78 -20.49 52.19
C GLN I 64 -31.91 -19.73 51.19
N ASP I 65 -32.48 -18.77 50.47
CA ASP I 65 -31.71 -17.98 49.52
C ASP I 65 -30.94 -16.89 50.27
N PRO I 66 -29.61 -16.86 50.17
CA PRO I 66 -28.86 -15.81 50.87
C PRO I 66 -28.87 -14.46 50.17
N THR I 67 -29.20 -14.43 48.88
CA THR I 67 -29.18 -13.18 48.12
C THR I 67 -30.43 -12.34 48.31
N LEU I 68 -31.43 -12.85 49.02
CA LEU I 68 -32.70 -12.16 49.23
C LEU I 68 -32.62 -11.26 50.46
N PRO I 69 -33.12 -10.03 50.36
CA PRO I 69 -33.09 -9.12 51.52
C PRO I 69 -33.98 -9.62 52.64
N ARG I 70 -33.58 -9.31 53.86
CA ARG I 70 -34.30 -9.72 55.06
C ARG I 70 -34.83 -8.49 55.77
N SER I 71 -36.12 -8.47 56.08
CA SER I 71 -36.79 -7.34 56.70
C SER I 71 -37.33 -7.75 58.07
N ASP I 72 -38.01 -6.81 58.73
CA ASP I 72 -38.58 -7.02 60.05
C ASP I 72 -40.09 -6.77 60.08
N LYS I 73 -40.76 -6.94 58.94
CA LYS I 73 -42.21 -6.79 58.92
C LYS I 73 -42.88 -7.89 59.75
N GLU I 74 -44.02 -7.55 60.35
CA GLU I 74 -44.71 -8.46 61.24
C GLU I 74 -45.58 -9.43 60.45
N CYS I 75 -45.40 -10.72 60.73
CA CYS I 75 -46.17 -11.75 60.04
C CYS I 75 -47.58 -11.83 60.64
N PRO I 76 -48.63 -11.76 59.81
CA PRO I 76 -49.98 -11.92 60.35
C PRO I 76 -50.23 -13.26 61.02
N GLU I 77 -49.58 -14.33 60.55
CA GLU I 77 -49.83 -15.66 61.09
C GLU I 77 -48.89 -15.99 62.24
N CYS I 78 -47.58 -15.96 62.02
CA CYS I 78 -46.61 -16.36 63.03
C CYS I 78 -46.16 -15.21 63.91
N HIS I 79 -46.29 -13.96 63.45
CA HIS I 79 -45.81 -12.79 64.19
C HIS I 79 -44.32 -12.89 64.49
N SER I 80 -43.56 -13.40 63.54
CA SER I 80 -42.12 -13.51 63.69
C SER I 80 -41.45 -12.17 63.43
N ARG I 81 -40.24 -12.02 63.96
CA ARG I 81 -39.46 -10.81 63.79
C ARG I 81 -38.61 -10.82 62.53
N ASP I 82 -38.48 -11.97 61.86
CA ASP I 82 -37.65 -12.11 60.67
C ASP I 82 -38.51 -12.48 59.48
N CYS I 83 -38.32 -11.79 58.37
CA CYS I 83 -39.10 -12.07 57.16
C CYS I 83 -38.23 -11.74 55.94
N VAL I 84 -38.63 -12.34 54.81
CA VAL I 84 -37.94 -12.14 53.54
C VAL I 84 -38.98 -11.64 52.54
N PHE I 85 -38.63 -10.57 51.82
CA PHE I 85 -39.55 -9.94 50.90
C PHE I 85 -38.95 -9.89 49.50
N PHE I 86 -39.84 -9.87 48.50
CA PHE I 86 -39.45 -9.77 47.10
C PHE I 86 -40.60 -9.15 46.32
N GLN I 87 -40.27 -8.61 45.15
CA GLN I 87 -41.29 -8.01 44.30
C GLN I 87 -41.92 -9.09 43.42
N SER I 88 -42.86 -8.67 42.57
CA SER I 88 -43.65 -9.62 41.79
C SER I 88 -42.78 -10.43 40.85
N GLN I 89 -43.03 -11.74 40.80
CA GLN I 89 -42.31 -12.61 39.88
C GLN I 89 -42.72 -12.36 38.44
N GLN I 90 -44.01 -12.08 38.22
CA GLN I 90 -44.46 -11.67 36.90
C GLN I 90 -43.75 -10.40 36.49
N ARG I 91 -43.18 -10.39 35.28
CA ARG I 91 -42.30 -9.32 34.83
C ARG I 91 -42.74 -8.77 33.49
N ARG I 92 -44.03 -8.46 33.38
CA ARG I 92 -44.51 -7.69 32.24
C ARG I 92 -44.03 -6.24 32.37
N LYS I 93 -44.07 -5.52 31.25
CA LYS I 93 -43.57 -4.15 31.21
C LYS I 93 -44.37 -3.21 32.09
N ASP I 94 -45.65 -3.52 32.36
CA ASP I 94 -46.52 -2.69 33.16
C ASP I 94 -46.77 -3.28 34.54
N THR I 95 -45.83 -4.09 35.04
CA THR I 95 -46.01 -4.75 36.33
C THR I 95 -45.83 -3.76 37.47
N ASN I 96 -46.69 -3.90 38.49
CA ASN I 96 -46.55 -3.10 39.70
C ASN I 96 -45.31 -3.54 40.48
N MET I 97 -44.83 -2.65 41.36
CA MET I 97 -43.63 -2.88 42.14
C MET I 97 -43.94 -3.30 43.57
N THR I 98 -45.14 -3.79 43.84
CA THR I 98 -45.52 -4.16 45.19
C THR I 98 -44.68 -5.34 45.69
N LEU I 99 -44.42 -5.34 46.99
CA LEU I 99 -43.58 -6.35 47.63
C LEU I 99 -44.44 -7.46 48.23
N PHE I 100 -43.89 -8.67 48.20
CA PHE I 100 -44.52 -9.84 48.82
C PHE I 100 -43.61 -10.35 49.92
N TYR I 101 -44.13 -10.41 51.14
CA TYR I 101 -43.35 -10.74 52.32
C TYR I 101 -43.65 -12.18 52.74
N VAL I 102 -42.58 -12.95 52.97
CA VAL I 102 -42.69 -14.35 53.33
C VAL I 102 -41.99 -14.56 54.65
N CYS I 103 -42.71 -15.14 55.62
CA CYS I 103 -42.13 -15.47 56.90
C CYS I 103 -41.42 -16.82 56.83
N LEU I 104 -40.58 -17.08 57.82
CA LEU I 104 -39.78 -18.30 57.83
C LEU I 104 -40.49 -19.49 58.46
N ASN I 105 -41.63 -19.29 59.11
CA ASN I 105 -42.39 -20.38 59.73
C ASN I 105 -43.61 -20.77 58.90
N CYS I 106 -44.51 -19.82 58.65
CA CYS I 106 -45.75 -20.10 57.94
C CYS I 106 -45.66 -19.85 56.44
N LYS I 107 -44.71 -19.03 56.00
CA LYS I 107 -44.47 -18.79 54.57
C LYS I 107 -45.66 -18.14 53.88
N LYS I 108 -46.52 -17.48 54.65
CA LYS I 108 -47.66 -16.80 54.06
C LYS I 108 -47.22 -15.56 53.30
N THR I 109 -47.76 -15.39 52.10
CA THR I 109 -47.46 -14.23 51.25
C THR I 109 -48.48 -13.13 51.52
N PHE I 110 -47.99 -11.95 51.84
CA PHE I 110 -48.84 -10.81 52.13
C PHE I 110 -48.15 -9.54 51.67
N ARG I 111 -48.86 -8.43 51.74
CA ARG I 111 -48.36 -7.13 51.28
C ARG I 111 -48.53 -6.10 52.40
N ASP I 112 -47.90 -4.94 52.19
CA ASP I 112 -48.00 -3.82 53.12
C ASP I 112 -49.14 -2.87 52.77
N GLU I 113 -49.91 -3.16 51.73
CA GLU I 113 -51.02 -2.31 51.31
C GLU I 113 -52.11 -2.24 52.38
N MET J 1 20.36 -0.52 33.18
CA MET J 1 21.32 -1.52 32.75
C MET J 1 22.55 -1.47 33.63
N ILE J 2 23.06 -0.26 33.84
CA ILE J 2 24.19 0.00 34.73
C ILE J 2 24.07 1.43 35.20
N ILE J 3 24.57 1.70 36.39
CA ILE J 3 24.27 2.98 37.06
C ILE J 3 24.72 4.14 36.18
N PRO J 4 23.87 5.13 35.91
CA PRO J 4 24.27 6.24 35.04
C PRO J 4 25.40 7.06 35.66
N VAL J 5 26.24 7.62 34.80
CA VAL J 5 27.37 8.39 35.28
C VAL J 5 26.91 9.67 35.95
N ARG J 6 26.01 10.41 35.31
CA ARG J 6 25.54 11.70 35.79
C ARG J 6 24.05 11.64 36.05
N CYS J 7 23.61 12.39 37.05
CA CYS J 7 22.19 12.60 37.27
C CYS J 7 21.58 13.31 36.07
N PHE J 8 20.43 12.83 35.61
CA PHE J 8 19.83 13.38 34.40
C PHE J 8 19.46 14.85 34.59
N SER J 9 18.88 15.20 35.72
CA SER J 9 18.30 16.53 35.89
C SER J 9 19.37 17.60 36.04
N CYS J 10 20.22 17.47 37.06
CA CYS J 10 21.21 18.50 37.35
C CYS J 10 22.58 18.20 36.77
N GLY J 11 23.05 16.96 36.89
CA GLY J 11 24.35 16.60 36.37
C GLY J 11 25.36 16.17 37.40
N LYS J 12 24.95 15.99 38.65
CA LYS J 12 25.87 15.48 39.65
C LYS J 12 26.32 14.08 39.27
N VAL J 13 27.57 13.76 39.57
CA VAL J 13 28.13 12.45 39.26
C VAL J 13 27.66 11.47 40.33
N VAL J 14 26.80 10.54 39.94
CA VAL J 14 26.31 9.50 40.85
C VAL J 14 26.82 8.12 40.48
N GLY J 15 27.64 8.01 39.42
CA GLY J 15 28.10 6.72 38.98
C GLY J 15 29.14 6.06 39.85
N ASP J 16 29.73 6.81 40.78
CA ASP J 16 30.75 6.27 41.68
C ASP J 16 30.20 5.92 43.05
N LYS J 17 28.89 5.96 43.23
CA LYS J 17 28.28 5.73 44.52
C LYS J 17 27.43 4.48 44.58
N TRP J 18 27.41 3.67 43.52
CA TRP J 18 26.59 2.46 43.54
C TRP J 18 27.15 1.43 44.51
N ASP J 19 28.45 1.20 44.45
CA ASP J 19 29.06 0.21 45.35
C ASP J 19 28.95 0.64 46.81
N ALA J 20 29.19 1.93 47.08
CA ALA J 20 29.05 2.42 48.45
C ALA J 20 27.61 2.31 48.93
N TYR J 21 26.65 2.58 48.04
CA TYR J 21 25.25 2.46 48.39
C TYR J 21 24.90 1.02 48.75
N LEU J 22 25.37 0.07 47.95
CA LEU J 22 25.11 -1.34 48.27
C LEU J 22 25.77 -1.76 49.56
N ARG J 23 27.00 -1.28 49.80
CA ARG J 23 27.66 -1.60 51.06
C ARG J 23 26.89 -1.06 52.25
N LEU J 24 26.39 0.17 52.15
CA LEU J 24 25.61 0.75 53.24
C LEU J 24 24.32 -0.02 53.47
N LEU J 25 23.62 -0.38 52.39
CA LEU J 25 22.41 -1.16 52.57
C LEU J 25 22.70 -2.53 53.17
N GLU J 26 23.88 -3.08 52.90
CA GLU J 26 24.25 -4.38 53.47
C GLU J 26 24.32 -4.31 54.99
N GLU J 27 24.83 -3.21 55.53
CA GLU J 27 24.98 -3.03 56.97
C GLU J 27 23.68 -2.75 57.68
N GLY J 28 22.52 -2.77 57.03
CA GLY J 28 21.26 -2.55 57.71
C GLY J 28 20.76 -1.13 57.70
N LYS J 29 21.48 -0.18 57.13
CA LYS J 29 21.00 1.18 57.05
C LYS J 29 19.77 1.25 56.15
N GLN J 30 18.85 2.16 56.47
CA GLN J 30 17.69 2.37 55.64
C GLN J 30 18.08 3.12 54.37
N GLU J 31 17.22 3.03 53.35
CA GLU J 31 17.55 3.63 52.07
C GLU J 31 17.70 5.14 52.16
N GLY J 32 16.81 5.80 52.91
CA GLY J 32 16.94 7.23 53.08
C GLY J 32 18.22 7.61 53.80
N ASP J 33 18.56 6.87 54.86
CA ASP J 33 19.80 7.15 55.57
C ASP J 33 21.03 6.86 54.72
N ALA J 34 20.97 5.79 53.92
CA ALA J 34 22.09 5.50 53.03
C ALA J 34 22.27 6.61 51.99
N LEU J 35 21.17 7.11 51.43
CA LEU J 35 21.29 8.19 50.45
C LEU J 35 21.77 9.48 51.11
N ASP J 36 21.36 9.72 52.36
CA ASP J 36 21.83 10.90 53.06
C ASP J 36 23.32 10.81 53.37
N GLU J 37 23.80 9.61 53.70
CA GLU J 37 25.20 9.43 54.05
C GLU J 37 26.10 9.66 52.85
N LEU J 38 25.60 9.45 51.64
CA LEU J 38 26.36 9.69 50.42
C LEU J 38 26.30 11.14 49.97
N LYS J 39 25.62 12.00 50.73
CA LYS J 39 25.50 13.42 50.42
C LYS J 39 24.74 13.63 49.10
N LEU J 40 23.58 12.98 48.99
CA LEU J 40 22.64 13.20 47.90
C LEU J 40 21.45 13.95 48.48
N LYS J 41 21.46 15.27 48.35
CA LYS J 41 20.44 16.11 48.96
C LYS J 41 19.21 16.26 48.07
N ARG J 42 19.42 16.71 46.83
CA ARG J 42 18.31 16.95 45.91
C ARG J 42 17.63 15.63 45.55
N TYR J 43 16.30 15.64 45.51
CA TYR J 43 15.59 14.41 45.21
C TYR J 43 15.76 13.98 43.76
N CYS J 44 16.15 14.90 42.88
CA CYS J 44 16.47 14.52 41.51
C CYS J 44 17.64 13.55 41.48
N CYS J 45 18.63 13.75 42.34
CA CYS J 45 19.73 12.81 42.45
C CYS J 45 19.32 11.54 43.18
N ARG J 46 18.46 11.68 44.19
CA ARG J 46 18.08 10.52 44.99
C ARG J 46 17.30 9.51 44.15
N ARG J 47 16.48 9.99 43.21
CA ARG J 47 15.74 9.04 42.39
C ARG J 47 16.65 8.25 41.47
N MET J 48 17.83 8.77 41.14
CA MET J 48 18.74 8.04 40.25
C MET J 48 19.26 6.78 40.90
N VAL J 49 19.66 6.87 42.17
CA VAL J 49 20.18 5.71 42.87
C VAL J 49 19.05 4.86 43.42
N LEU J 50 17.94 5.49 43.82
CA LEU J 50 16.86 4.78 44.46
C LEU J 50 16.12 3.87 43.49
N THR J 51 15.91 4.33 42.26
CA THR J 51 15.10 3.62 41.29
C THR J 51 15.90 2.92 40.21
N HIS J 52 17.21 2.80 40.39
CA HIS J 52 18.03 2.10 39.40
C HIS J 52 17.85 0.60 39.53
N VAL J 53 17.65 -0.07 38.40
CA VAL J 53 17.59 -1.52 38.34
C VAL J 53 18.83 -2.01 37.60
N ASP J 54 19.54 -2.95 38.22
CA ASP J 54 20.84 -3.40 37.74
C ASP J 54 20.65 -4.64 36.88
N LEU J 55 20.58 -4.42 35.57
CA LEU J 55 20.33 -5.50 34.64
C LEU J 55 21.59 -6.16 34.11
N ILE J 56 22.74 -5.51 34.25
CA ILE J 56 23.97 -6.08 33.72
C ILE J 56 24.32 -7.38 34.46
N GLU J 57 23.90 -7.51 35.71
CA GLU J 57 24.12 -8.76 36.43
C GLU J 57 23.35 -9.92 35.80
N LYS J 58 22.31 -9.63 35.02
CA LYS J 58 21.59 -10.66 34.28
C LYS J 58 22.19 -10.90 32.90
N PHE J 59 22.73 -9.87 32.26
CA PHE J 59 23.37 -10.06 30.97
C PHE J 59 24.69 -10.81 31.12
N LEU J 60 25.37 -10.64 32.24
CA LEU J 60 26.66 -11.28 32.44
C LEU J 60 26.52 -12.78 32.67
N ARG J 61 25.33 -13.27 32.99
CA ARG J 61 25.17 -14.69 33.25
C ARG J 61 25.18 -15.52 31.97
N TYR J 62 25.12 -14.89 30.81
CA TYR J 62 25.19 -15.61 29.56
C TYR J 62 26.64 -15.85 29.16
N ASN J 63 26.90 -17.04 28.63
CA ASN J 63 28.26 -17.45 28.30
C ASN J 63 28.82 -16.51 27.23
N PRO J 64 30.04 -15.98 27.41
CA PRO J 64 30.59 -15.06 26.41
C PRO J 64 30.71 -15.71 25.04
N LEU J 65 30.50 -14.90 24.01
CA LEU J 65 30.44 -15.37 22.64
C LEU J 65 31.81 -15.66 22.05
N GLU J 66 32.89 -15.25 22.70
CA GLU J 66 34.24 -15.46 22.22
C GLU J 66 35.13 -15.94 23.35
N LYS J 67 36.32 -16.42 22.97
CA LYS J 67 37.31 -16.84 23.95
C LYS J 67 38.70 -16.88 23.33
N MET K 1 18.44 13.44 11.91
CA MET K 1 18.40 13.54 10.45
C MET K 1 18.44 14.99 9.99
N ASN K 2 17.50 15.80 10.49
CA ASN K 2 17.46 17.22 10.21
C ASN K 2 18.00 18.06 11.36
N ALA K 3 18.54 17.43 12.38
CA ALA K 3 19.04 18.16 13.53
C ALA K 3 20.29 18.94 13.17
N PRO K 4 20.35 20.23 13.46
CA PRO K 4 21.55 21.00 13.12
C PRO K 4 22.70 20.68 14.06
N ASP K 5 23.90 21.04 13.63
CA ASP K 5 25.09 20.83 14.44
C ASP K 5 25.06 21.74 15.66
N ARG K 6 25.52 21.21 16.80
CA ARG K 6 25.43 21.96 18.04
C ARG K 6 26.39 23.13 18.07
N PHE K 7 27.51 23.04 17.34
CA PHE K 7 28.47 24.14 17.36
C PHE K 7 27.95 25.37 16.62
N GLU K 8 26.86 25.23 15.87
CA GLU K 8 26.28 26.39 15.19
C GLU K 8 25.64 27.37 16.16
N LEU K 9 25.50 27.00 17.44
CA LEU K 9 24.96 27.92 18.41
C LEU K 9 25.94 29.05 18.73
N PHE K 10 27.24 28.78 18.66
CA PHE K 10 28.24 29.76 19.04
C PHE K 10 29.36 29.98 18.04
N ILE K 11 29.51 29.13 17.03
CA ILE K 11 30.56 29.30 16.04
C ILE K 11 30.02 30.15 14.89
N LEU K 12 30.69 31.24 14.62
CA LEU K 12 30.24 32.24 13.67
C LEU K 12 30.78 31.93 12.27
N PRO K 13 29.93 31.84 11.26
CA PRO K 13 30.43 31.69 9.89
C PRO K 13 31.19 32.92 9.45
N ASP K 14 32.10 32.72 8.49
CA ASP K 14 32.97 33.80 8.04
C ASP K 14 32.17 34.92 7.37
N ASP K 15 31.18 34.56 6.57
CA ASP K 15 30.42 35.56 5.82
C ASP K 15 29.36 36.27 6.65
N VAL K 16 29.09 35.80 7.85
CA VAL K 16 28.06 36.37 8.71
C VAL K 16 28.74 37.34 9.69
N PRO K 17 28.39 38.62 9.67
CA PRO K 17 28.98 39.54 10.65
C PRO K 17 28.41 39.30 12.04
N LYS K 18 29.27 39.48 13.04
CA LYS K 18 28.86 39.30 14.42
C LYS K 18 27.84 40.34 14.86
N LEU K 19 27.81 41.50 14.22
CA LEU K 19 27.09 42.63 14.77
C LEU K 19 26.70 43.56 13.63
N LYS K 20 25.42 43.60 13.29
CA LYS K 20 24.92 44.41 12.19
C LYS K 20 24.00 45.48 12.75
N ILE K 21 24.26 46.75 12.39
CA ILE K 21 23.54 47.89 12.92
C ILE K 21 22.82 48.58 11.76
N THR K 22 21.52 48.80 11.92
CA THR K 22 20.71 49.51 10.94
C THR K 22 19.85 50.55 11.66
N PRO K 23 19.79 51.77 11.13
CA PRO K 23 18.99 52.81 11.80
C PRO K 23 17.50 52.52 11.71
N ASP K 24 16.78 53.03 12.70
CA ASP K 24 15.31 52.96 12.74
C ASP K 24 14.79 54.37 12.53
N SER K 25 14.28 54.65 11.34
CA SER K 25 13.93 56.00 10.96
C SER K 25 12.55 56.43 11.45
N ARG K 26 11.75 55.51 11.99
CA ARG K 26 10.42 55.88 12.47
C ARG K 26 10.49 56.86 13.63
N VAL K 27 11.52 56.77 14.46
CA VAL K 27 11.68 57.68 15.59
C VAL K 27 13.10 58.25 15.54
N PRO K 28 13.34 59.44 16.07
CA PRO K 28 14.66 60.05 15.92
C PRO K 28 15.70 59.39 16.80
N ASN K 29 16.91 59.25 16.27
CA ASN K 29 18.08 58.84 17.03
C ASN K 29 17.90 57.44 17.61
N CYS K 30 17.51 56.50 16.75
CA CYS K 30 17.24 55.13 17.13
C CYS K 30 17.95 54.18 16.17
N ILE K 31 18.47 53.08 16.70
CA ILE K 31 19.16 52.08 15.88
C ILE K 31 18.66 50.70 16.27
N ILE K 32 18.79 49.78 15.33
CA ILE K 32 18.42 48.37 15.53
C ILE K 32 19.69 47.56 15.36
N ILE K 33 20.04 46.77 16.37
CA ILE K 33 21.28 46.02 16.39
C ILE K 33 20.95 44.54 16.35
N LYS K 34 21.60 43.80 15.46
CA LYS K 34 21.36 42.38 15.29
C LYS K 34 22.61 41.63 15.73
N PHE K 35 22.52 40.91 16.85
CA PHE K 35 23.62 40.11 17.37
C PHE K 35 23.50 38.69 16.87
N GLU K 36 24.59 38.15 16.35
CA GLU K 36 24.61 36.78 15.85
C GLU K 36 25.36 35.87 16.80
N ARG K 37 24.84 34.65 16.97
CA ARG K 37 25.42 33.66 17.87
C ARG K 37 25.48 34.17 19.31
N GLU K 38 24.37 34.77 19.75
CA GLU K 38 24.22 35.24 21.12
C GLU K 38 22.81 34.93 21.60
N ASP K 39 22.61 35.05 22.90
CA ASP K 39 21.33 34.68 23.51
C ASP K 39 21.08 35.59 24.70
N HIS K 40 20.19 35.16 25.60
CA HIS K 40 19.76 35.99 26.72
C HIS K 40 20.91 36.38 27.63
N THR K 41 22.01 35.62 27.65
CA THR K 41 23.09 35.89 28.58
C THR K 41 23.67 37.28 28.36
N LEU K 42 24.00 37.62 27.12
CA LEU K 42 24.52 38.95 26.84
C LEU K 42 23.40 39.98 26.73
N ALA K 43 22.27 39.57 26.16
CA ALA K 43 21.20 40.51 25.87
C ALA K 43 20.60 41.10 27.14
N ASN K 44 20.26 40.24 28.10
CA ASN K 44 19.64 40.74 29.33
C ASN K 44 20.60 41.63 30.10
N LEU K 45 21.86 41.23 30.16
CA LEU K 45 22.89 42.03 30.81
C LEU K 45 22.95 43.43 30.21
N LEU K 46 23.08 43.51 28.88
CA LEU K 46 23.16 44.80 28.22
C LEU K 46 21.90 45.61 28.43
N ARG K 47 20.74 44.96 28.32
CA ARG K 47 19.47 45.69 28.42
C ARG K 47 19.31 46.30 29.80
N GLU K 48 19.54 45.52 30.85
CA GLU K 48 19.34 46.05 32.18
C GLU K 48 20.42 47.04 32.57
N GLU K 49 21.61 46.95 31.96
CA GLU K 49 22.60 48.00 32.20
C GLU K 49 22.19 49.30 31.52
N LEU K 50 21.72 49.23 30.28
CA LEU K 50 21.38 50.44 29.54
C LEU K 50 20.11 51.09 30.07
N ALA K 51 19.21 50.32 30.67
CA ALA K 51 17.96 50.88 31.15
C ALA K 51 18.16 51.90 32.25
N LEU K 52 19.31 51.90 32.92
CA LEU K 52 19.56 52.81 34.03
C LEU K 52 20.22 54.12 33.60
N TYR K 53 20.61 54.24 32.34
CA TYR K 53 21.27 55.45 31.89
C TYR K 53 20.25 56.55 31.65
N PRO K 54 20.44 57.75 32.20
CA PRO K 54 19.46 58.82 32.01
C PRO K 54 19.28 59.26 30.58
N ASP K 55 20.28 59.03 29.72
CA ASP K 55 20.19 59.48 28.33
C ASP K 55 19.65 58.42 27.38
N VAL K 56 19.26 57.26 27.89
CA VAL K 56 18.67 56.21 27.07
C VAL K 56 17.18 56.17 27.35
N THR K 57 16.38 56.44 26.33
CA THR K 57 14.94 56.56 26.51
C THR K 57 14.18 55.30 26.12
N PHE K 58 14.78 54.41 25.34
CA PHE K 58 14.13 53.15 24.99
C PHE K 58 15.20 52.11 24.72
N VAL K 59 15.10 50.97 25.40
CA VAL K 59 15.97 49.84 25.11
C VAL K 59 15.16 48.56 25.27
N ALA K 60 15.28 47.65 24.32
CA ALA K 60 14.56 46.39 24.37
C ALA K 60 15.28 45.38 23.50
N TYR K 61 14.93 44.11 23.67
CA TYR K 61 15.50 43.06 22.85
C TYR K 61 14.50 41.93 22.75
N LYS K 62 14.70 41.09 21.73
CA LYS K 62 13.85 39.92 21.59
C LYS K 62 14.63 38.84 20.86
N VAL K 63 14.34 37.59 21.21
CA VAL K 63 14.85 36.44 20.49
C VAL K 63 13.72 35.91 19.63
N GLU K 64 13.88 36.03 18.31
CA GLU K 64 12.79 35.74 17.40
C GLU K 64 12.33 34.29 17.52
N HIS K 65 13.28 33.36 17.61
CA HIS K 65 12.97 31.95 17.61
C HIS K 65 14.01 31.23 18.45
N PRO K 66 13.60 30.34 19.35
CA PRO K 66 14.58 29.60 20.16
C PRO K 66 15.49 28.69 19.35
N LEU K 67 15.07 28.29 18.15
CA LEU K 67 15.88 27.38 17.35
C LEU K 67 16.97 28.07 16.56
N PHE K 68 17.03 29.40 16.60
CA PHE K 68 18.08 30.17 15.94
C PHE K 68 18.80 31.00 17.00
N ALA K 69 20.13 30.97 16.98
CA ALA K 69 20.93 31.62 18.01
C ALA K 69 21.29 33.02 17.57
N ASN K 70 20.38 33.96 17.81
CA ASN K 70 20.62 35.37 17.57
C ASN K 70 19.52 36.14 18.27
N PHE K 71 19.76 37.44 18.47
CA PHE K 71 18.76 38.31 19.04
C PHE K 71 18.92 39.69 18.43
N VAL K 72 17.87 40.48 18.49
CA VAL K 72 17.84 41.82 17.91
C VAL K 72 17.46 42.81 19.00
N MET K 73 18.19 43.92 19.07
CA MET K 73 18.05 44.89 20.14
C MET K 73 17.72 46.25 19.55
N ARG K 74 16.78 46.95 20.19
CA ARG K 74 16.38 48.29 19.79
C ARG K 74 16.82 49.28 20.85
N LEU K 75 17.55 50.31 20.43
CA LEU K 75 18.10 51.30 21.34
C LEU K 75 17.78 52.69 20.80
N GLN K 76 17.49 53.62 21.71
CA GLN K 76 17.03 54.94 21.29
C GLN K 76 17.35 55.92 22.42
N THR K 77 18.25 56.86 22.15
CA THR K 77 18.78 57.75 23.16
C THR K 77 18.25 59.17 22.97
N GLU K 78 18.73 60.07 23.81
CA GLU K 78 18.36 61.47 23.73
C GLU K 78 18.98 62.11 22.50
N GLU K 79 18.73 63.41 22.32
CA GLU K 79 19.22 64.11 21.15
C GLU K 79 20.74 64.29 21.20
N GLY K 80 21.28 64.56 22.38
CA GLY K 80 22.70 64.81 22.50
C GLY K 80 23.56 63.58 22.22
N THR K 81 23.08 62.42 22.62
CA THR K 81 23.90 61.20 22.66
C THR K 81 23.62 60.32 21.44
N ARG K 82 24.68 59.90 20.77
CA ARG K 82 24.56 58.88 19.74
C ARG K 82 24.40 57.52 20.40
N PRO K 83 23.48 56.68 19.91
CA PRO K 83 23.21 55.40 20.60
C PRO K 83 24.42 54.48 20.71
N LYS K 84 25.28 54.46 19.69
CA LYS K 84 26.41 53.54 19.73
C LYS K 84 27.38 53.89 20.85
N GLN K 85 27.53 55.18 21.15
CA GLN K 85 28.34 55.59 22.29
C GLN K 85 27.73 55.07 23.59
N ALA K 86 26.40 55.11 23.71
CA ALA K 86 25.75 54.57 24.90
C ALA K 86 25.99 53.08 25.03
N LEU K 87 25.94 52.35 23.90
CA LEU K 87 26.22 50.92 23.95
C LEU K 87 27.64 50.65 24.40
N GLU K 88 28.60 51.41 23.89
CA GLU K 88 29.99 51.25 24.31
C GLU K 88 30.17 51.56 25.79
N ARG K 89 29.52 52.61 26.28
CA ARG K 89 29.59 52.94 27.70
C ARG K 89 29.02 51.82 28.56
N ALA K 90 27.90 51.23 28.12
CA ALA K 90 27.34 50.10 28.85
C ALA K 90 28.30 48.93 28.92
N CYS K 91 28.91 48.59 27.78
CA CYS K 91 29.85 47.48 27.77
C CYS K 91 31.02 47.72 28.71
N ALA K 92 31.60 48.92 28.66
CA ALA K 92 32.74 49.23 29.52
C ALA K 92 32.35 49.22 30.99
N SER K 93 31.16 49.76 31.31
CA SER K 93 30.73 49.79 32.70
C SER K 93 30.52 48.38 33.25
N ILE K 94 29.90 47.50 32.46
CA ILE K 94 29.71 46.14 32.95
C ILE K 94 31.06 45.45 33.11
N ILE K 95 32.02 45.75 32.22
CA ILE K 95 33.34 45.14 32.35
C ILE K 95 34.00 45.57 33.66
N ASN K 96 33.90 46.86 33.99
CA ASN K 96 34.48 47.32 35.26
C ASN K 96 33.79 46.68 36.46
N LYS K 97 32.46 46.55 36.40
CA LYS K 97 31.74 45.90 37.49
C LYS K 97 32.21 44.47 37.68
N LEU K 98 32.36 43.73 36.58
CA LEU K 98 32.83 42.36 36.68
C LEU K 98 34.26 42.29 37.22
N LYS K 99 35.09 43.25 36.82
CA LYS K 99 36.48 43.26 37.30
C LYS K 99 36.55 43.45 38.80
N THR K 100 35.82 44.45 39.32
CA THR K 100 35.84 44.65 40.76
C THR K 100 35.18 43.49 41.50
N LEU K 101 34.16 42.86 40.91
CA LEU K 101 33.58 41.68 41.53
C LEU K 101 34.58 40.56 41.64
N ASP K 102 35.36 40.32 40.59
CA ASP K 102 36.38 39.28 40.63
C ASP K 102 37.43 39.59 41.68
N HIS K 103 37.87 40.83 41.76
CA HIS K 103 38.88 41.19 42.76
C HIS K 103 38.37 40.94 44.16
N LYS K 104 37.14 41.36 44.45
CA LYS K 104 36.58 41.18 45.79
C LYS K 104 36.39 39.70 46.12
N PHE K 105 35.96 38.90 45.14
CA PHE K 105 35.81 37.47 45.41
C PHE K 105 37.16 36.83 45.71
N ASN K 106 38.20 37.21 44.97
CA ASN K 106 39.52 36.67 45.24
C ASN K 106 39.99 37.03 46.65
N GLU K 107 39.78 38.28 47.05
CA GLU K 107 40.15 38.69 48.40
C GLU K 107 39.42 37.86 49.45
N GLU K 108 38.10 37.71 49.29
CA GLU K 108 37.31 36.98 50.26
C GLU K 108 37.72 35.52 50.31
N TRP K 109 37.98 34.91 49.15
CA TRP K 109 38.38 33.51 49.12
C TRP K 109 39.72 33.31 49.80
N ASN K 110 40.67 34.22 49.58
CA ASN K 110 41.95 34.11 50.26
C ASN K 110 41.80 34.26 51.76
N ILE K 111 40.92 35.18 52.20
CA ILE K 111 40.69 35.36 53.63
C ILE K 111 40.11 34.10 54.24
N LYS K 112 39.12 33.49 53.58
CA LYS K 112 38.42 32.34 54.12
C LYS K 112 39.04 31.01 53.72
N ASN K 113 40.18 31.03 53.06
CA ASN K 113 40.83 29.79 52.64
C ASN K 113 41.41 29.04 53.83
N GLY L 28 39.69 -18.10 4.40
CA GLY L 28 40.06 -16.73 4.10
C GLY L 28 39.47 -15.73 5.06
N VAL L 29 38.29 -16.05 5.59
CA VAL L 29 37.59 -15.21 6.55
C VAL L 29 37.31 -16.04 7.79
N LYS L 30 37.54 -15.44 8.96
CA LYS L 30 37.39 -16.16 10.21
C LYS L 30 35.92 -16.38 10.55
N TYR L 31 35.68 -17.34 11.43
CA TYR L 31 34.34 -17.62 11.94
C TYR L 31 34.46 -18.08 13.39
N THR L 32 33.35 -18.00 14.11
CA THR L 32 33.30 -18.38 15.51
C THR L 32 32.10 -19.29 15.73
N CYS L 33 32.31 -20.40 16.44
CA CYS L 33 31.21 -21.30 16.72
C CYS L 33 30.24 -20.67 17.71
N GLY L 34 28.99 -21.11 17.63
CA GLY L 34 27.95 -20.58 18.49
C GLY L 34 27.83 -21.21 19.85
N ALA L 35 28.54 -22.32 20.10
CA ALA L 35 28.47 -23.01 21.38
C ALA L 35 29.81 -23.01 22.12
N CYS L 36 30.87 -23.47 21.48
CA CYS L 36 32.18 -23.58 22.12
C CYS L 36 33.08 -22.38 21.85
N ALA L 37 32.63 -21.43 21.03
CA ALA L 37 33.40 -20.21 20.74
C ALA L 37 34.79 -20.53 20.22
N HIS L 38 34.86 -21.43 19.25
CA HIS L 38 36.13 -21.84 18.65
C HIS L 38 36.32 -21.14 17.32
N ASN L 39 37.45 -20.46 17.16
CA ASN L 39 37.76 -19.75 15.92
C ASN L 39 38.25 -20.74 14.86
N PHE L 40 37.84 -20.50 13.63
CA PHE L 40 38.33 -21.28 12.48
C PHE L 40 38.12 -20.46 11.22
N SER L 41 38.25 -21.11 10.08
CA SER L 41 38.07 -20.44 8.79
C SER L 41 37.46 -21.42 7.81
N LEU L 42 36.83 -20.87 6.77
CA LEU L 42 36.18 -21.66 5.73
C LEU L 42 36.63 -21.16 4.37
N ASN L 43 36.50 -22.04 3.37
CA ASN L 43 36.99 -21.78 2.02
C ASN L 43 35.85 -21.74 1.00
N LYS L 44 34.65 -21.36 1.43
CA LYS L 44 33.46 -21.26 0.59
C LYS L 44 33.05 -22.60 -0.01
N SER L 45 33.63 -23.70 0.43
CA SER L 45 33.26 -25.03 -0.03
C SER L 45 33.05 -26.04 1.08
N ASP L 46 33.59 -25.79 2.28
CA ASP L 46 33.35 -26.69 3.40
C ASP L 46 31.90 -26.60 3.85
N PRO L 47 31.36 -27.67 4.45
CA PRO L 47 30.05 -27.57 5.06
C PRO L 47 30.06 -26.59 6.22
N VAL L 48 28.94 -25.90 6.41
CA VAL L 48 28.81 -24.90 7.47
C VAL L 48 28.70 -25.67 8.79
N ARG L 49 29.82 -25.77 9.51
CA ARG L 49 29.87 -26.60 10.70
C ARG L 49 31.11 -26.24 11.50
N CYS L 50 30.99 -26.29 12.82
CA CYS L 50 32.16 -26.16 13.67
C CYS L 50 33.00 -27.42 13.59
N LYS L 51 34.32 -27.23 13.46
CA LYS L 51 35.20 -28.38 13.24
C LYS L 51 35.29 -29.30 14.44
N GLU L 52 35.09 -28.79 15.66
CA GLU L 52 35.38 -29.56 16.86
C GLU L 52 34.15 -30.02 17.63
N CYS L 53 33.04 -29.28 17.57
CA CYS L 53 31.83 -29.72 18.24
C CYS L 53 30.66 -29.97 17.29
N GLY L 54 30.82 -29.68 16.00
CA GLY L 54 29.77 -29.99 15.05
C GLY L 54 28.52 -29.16 15.17
N HIS L 55 28.62 -27.94 15.70
CA HIS L 55 27.46 -27.07 15.76
C HIS L 55 27.13 -26.54 14.37
N ARG L 56 25.85 -26.32 14.13
CA ARG L 56 25.37 -25.88 12.83
C ARG L 56 25.27 -24.37 12.69
N VAL L 57 25.54 -23.62 13.76
CA VAL L 57 25.40 -22.17 13.74
C VAL L 57 26.76 -21.55 14.05
N ILE L 58 27.25 -20.71 13.14
CA ILE L 58 28.52 -20.03 13.30
C ILE L 58 28.33 -18.55 13.01
N TYR L 59 29.24 -17.75 13.54
CA TYR L 59 29.18 -16.30 13.42
C TYR L 59 30.47 -15.77 12.81
N LYS L 60 30.34 -14.70 12.03
CA LYS L 60 31.52 -14.03 11.49
C LYS L 60 32.25 -13.28 12.60
N ALA L 61 33.52 -13.04 12.37
CA ALA L 61 34.33 -12.29 13.31
C ALA L 61 34.30 -10.81 12.97
N ARG L 62 34.67 -9.99 13.96
CA ARG L 62 34.63 -8.54 13.79
C ARG L 62 35.62 -8.09 12.73
N THR L 63 35.28 -7.00 12.06
CA THR L 63 36.16 -6.44 11.05
C THR L 63 37.43 -5.88 11.67
N LYS L 64 38.48 -5.81 10.85
CA LYS L 64 39.76 -5.26 11.29
C LYS L 64 39.87 -3.76 11.07
N ARG L 65 38.85 -3.13 10.47
CA ARG L 65 38.91 -1.70 10.25
C ARG L 65 38.87 -0.95 11.58
N MET L 66 39.14 0.35 11.51
CA MET L 66 39.05 1.20 12.69
C MET L 66 37.61 1.60 12.93
N ILE L 67 37.20 1.53 14.19
CA ILE L 67 35.86 1.92 14.62
C ILE L 67 35.99 3.10 15.56
N GLN L 68 35.34 4.20 15.22
CA GLN L 68 35.44 5.43 15.99
C GLN L 68 34.06 5.95 16.31
N PHE L 69 33.90 6.47 17.53
CA PHE L 69 32.61 6.97 18.00
C PHE L 69 32.79 8.37 18.55
N ASP L 70 31.72 9.16 18.51
CA ASP L 70 31.80 10.57 18.87
C ASP L 70 31.66 10.81 20.37
N ALA L 71 31.39 9.78 21.17
CA ALA L 71 31.26 9.91 22.62
C ALA L 71 30.24 10.98 22.99
N ARG L 72 29.08 10.95 22.33
CA ARG L 72 28.02 11.89 22.61
C ARG L 72 26.69 11.17 22.74
N ILE M 18 -60.36 -26.65 -3.27
CA ILE M 18 -59.63 -26.20 -4.46
C ILE M 18 -58.63 -27.26 -4.91
N LYS M 19 -58.82 -27.77 -6.11
CA LYS M 19 -57.87 -28.73 -6.68
C LYS M 19 -56.54 -28.05 -6.95
N GLN M 20 -55.45 -28.74 -6.61
CA GLN M 20 -54.10 -28.24 -6.82
C GLN M 20 -53.33 -29.19 -7.71
N LYS M 21 -52.81 -28.68 -8.82
CA LYS M 21 -52.08 -29.47 -9.80
C LYS M 21 -50.61 -29.11 -9.72
N LEU M 22 -49.76 -30.11 -9.48
CA LEU M 22 -48.34 -29.90 -9.30
C LEU M 22 -47.56 -30.92 -10.11
N GLU M 23 -46.48 -30.47 -10.75
CA GLU M 23 -45.58 -31.36 -11.47
C GLU M 23 -44.55 -31.93 -10.50
N THR M 24 -44.44 -33.26 -10.47
CA THR M 24 -43.54 -33.95 -9.56
C THR M 24 -42.52 -34.75 -10.35
N GLN M 25 -41.38 -35.02 -9.70
CA GLN M 25 -40.27 -35.75 -10.33
C GLN M 25 -40.28 -37.23 -10.00
N PHE M 26 -41.43 -37.80 -9.72
CA PHE M 26 -41.53 -39.22 -9.40
C PHE M 26 -41.45 -40.07 -10.68
N THR M 27 -41.25 -41.37 -10.48
CA THR M 27 -41.05 -42.30 -11.58
C THR M 27 -42.25 -43.24 -11.70
N CYS M 28 -42.82 -43.32 -12.90
CA CYS M 28 -43.91 -44.26 -13.14
C CYS M 28 -43.37 -45.69 -13.17
N LEU M 29 -44.10 -46.59 -12.52
CA LEU M 29 -43.68 -47.99 -12.42
C LEU M 29 -44.21 -48.85 -13.55
N PHE M 30 -45.00 -48.29 -14.46
CA PHE M 30 -45.49 -49.01 -15.62
C PHE M 30 -44.79 -48.63 -16.92
N CYS M 31 -44.52 -47.33 -17.12
CA CYS M 31 -43.84 -46.87 -18.32
C CYS M 31 -42.34 -46.63 -18.11
N ASN M 32 -41.90 -46.49 -16.87
CA ASN M 32 -40.52 -46.24 -16.47
C ASN M 32 -39.99 -44.88 -16.90
N HIS M 33 -40.80 -44.05 -17.56
CA HIS M 33 -40.38 -42.68 -17.84
C HIS M 33 -40.36 -41.86 -16.55
N ASP M 34 -39.31 -41.07 -16.39
CA ASP M 34 -39.15 -40.23 -15.21
C ASP M 34 -39.57 -38.79 -15.54
N ASN M 35 -39.91 -38.05 -14.49
CA ASN M 35 -40.34 -36.66 -14.61
C ASN M 35 -41.58 -36.53 -15.48
N SER M 36 -42.47 -37.52 -15.41
CA SER M 36 -43.73 -37.54 -16.14
C SER M 36 -44.88 -37.84 -15.20
N VAL M 37 -44.79 -37.36 -13.96
CA VAL M 37 -45.80 -37.60 -12.94
C VAL M 37 -46.32 -36.25 -12.46
N VAL M 38 -47.64 -36.11 -12.42
CA VAL M 38 -48.31 -34.89 -11.96
C VAL M 38 -49.27 -35.27 -10.85
N CYS M 39 -49.19 -34.57 -9.73
CA CYS M 39 -50.02 -34.86 -8.56
C CYS M 39 -51.17 -33.85 -8.51
N THR M 40 -52.40 -34.36 -8.44
CA THR M 40 -53.60 -33.53 -8.33
C THR M 40 -54.31 -33.89 -7.04
N LEU M 41 -54.30 -32.97 -6.08
CA LEU M 41 -54.96 -33.16 -4.80
C LEU M 41 -56.07 -32.14 -4.64
N ASP M 42 -57.24 -32.59 -4.20
CA ASP M 42 -58.40 -31.75 -3.97
C ASP M 42 -58.70 -31.75 -2.48
N LYS M 43 -58.37 -30.66 -1.79
CA LYS M 43 -58.57 -30.58 -0.35
C LYS M 43 -60.06 -30.50 0.00
N LYS M 44 -60.88 -29.95 -0.89
CA LYS M 44 -62.30 -29.83 -0.61
C LYS M 44 -62.96 -31.20 -0.46
N ASN M 45 -62.65 -32.12 -1.36
CA ASN M 45 -63.19 -33.48 -1.31
C ASN M 45 -62.23 -34.47 -0.67
N SER M 46 -61.06 -34.02 -0.22
CA SER M 46 -60.08 -34.86 0.47
C SER M 46 -59.66 -36.04 -0.41
N ILE M 47 -59.16 -35.73 -1.59
CA ILE M 47 -58.68 -36.74 -2.54
C ILE M 47 -57.41 -36.24 -3.22
N GLY M 48 -56.61 -37.19 -3.68
CA GLY M 48 -55.39 -36.88 -4.39
C GLY M 48 -55.16 -37.81 -5.56
N LEU M 49 -54.92 -37.27 -6.75
CA LEU M 49 -54.81 -38.05 -7.97
C LEU M 49 -53.40 -37.95 -8.53
N LEU M 50 -52.77 -39.10 -8.75
CA LEU M 50 -51.50 -39.18 -9.44
C LEU M 50 -51.74 -39.68 -10.86
N GLU M 51 -51.34 -38.89 -11.84
CA GLU M 51 -51.54 -39.23 -13.25
C GLU M 51 -50.20 -39.21 -13.97
N CYS M 52 -49.98 -40.21 -14.81
CA CYS M 52 -48.76 -40.31 -15.62
C CYS M 52 -49.01 -39.59 -16.94
N LYS M 53 -48.19 -38.59 -17.23
CA LYS M 53 -48.37 -37.80 -18.44
C LYS M 53 -48.20 -38.63 -19.71
N LYS M 54 -47.56 -39.78 -19.62
CA LYS M 54 -47.36 -40.66 -20.76
C LYS M 54 -48.24 -41.90 -20.69
N CYS M 55 -48.29 -42.57 -19.53
CA CYS M 55 -49.10 -43.78 -19.38
C CYS M 55 -50.59 -43.49 -19.26
N ASN M 56 -50.96 -42.28 -18.89
CA ASN M 56 -52.35 -41.87 -18.66
C ASN M 56 -53.02 -42.66 -17.54
N LEU M 57 -52.24 -43.37 -16.71
CA LEU M 57 -52.78 -44.08 -15.57
C LEU M 57 -53.11 -43.10 -14.44
N SER M 58 -54.17 -43.42 -13.70
CA SER M 58 -54.65 -42.57 -12.62
C SER M 58 -54.68 -43.34 -11.32
N PHE M 59 -54.09 -42.78 -10.28
CA PHE M 59 -54.10 -43.36 -8.94
C PHE M 59 -54.83 -42.41 -7.99
N GLN M 60 -55.81 -42.94 -7.27
CA GLN M 60 -56.59 -42.16 -6.33
C GLN M 60 -56.38 -42.68 -4.91
N ALA M 61 -56.21 -41.75 -3.97
CA ALA M 61 -56.02 -42.09 -2.57
C ALA M 61 -56.59 -40.99 -1.69
N PRO M 62 -57.13 -41.32 -0.53
CA PRO M 62 -57.59 -40.28 0.40
C PRO M 62 -56.42 -39.47 0.95
N ILE M 63 -56.70 -38.21 1.29
CA ILE M 63 -55.72 -37.32 1.86
C ILE M 63 -56.28 -36.69 3.13
N ASN M 64 -55.38 -36.25 4.00
CA ASN M 64 -55.73 -35.57 5.23
C ASN M 64 -55.39 -34.09 5.13
N SER M 65 -55.54 -33.37 6.24
CA SER M 65 -55.24 -31.94 6.25
C SER M 65 -53.75 -31.65 6.08
N LEU M 66 -52.88 -32.55 6.54
CA LEU M 66 -51.44 -32.36 6.45
C LEU M 66 -50.83 -33.10 5.26
N SER M 67 -51.64 -33.63 4.37
CA SER M 67 -51.13 -34.43 3.26
C SER M 67 -50.28 -33.58 2.32
N GLN M 68 -49.27 -34.21 1.75
CA GLN M 68 -48.36 -33.62 0.80
C GLN M 68 -48.13 -34.61 -0.34
N PRO M 69 -47.66 -34.13 -1.50
CA PRO M 69 -47.45 -35.05 -2.63
C PRO M 69 -46.59 -36.25 -2.29
N ILE M 70 -45.68 -36.13 -1.32
CA ILE M 70 -44.90 -37.28 -0.89
C ILE M 70 -45.80 -38.32 -0.24
N ASP M 71 -46.84 -37.88 0.47
CA ASP M 71 -47.78 -38.83 1.08
C ASP M 71 -48.50 -39.65 0.02
N ILE M 72 -49.04 -38.98 -1.00
CA ILE M 72 -49.75 -39.69 -2.06
C ILE M 72 -48.78 -40.58 -2.84
N TYR M 73 -47.55 -40.11 -3.04
CA TYR M 73 -46.54 -40.92 -3.73
C TYR M 73 -46.23 -42.19 -2.93
N SER M 74 -46.08 -42.07 -1.61
CA SER M 74 -45.83 -43.25 -0.78
C SER M 74 -47.03 -44.18 -0.79
N ASP M 75 -48.24 -43.63 -0.76
CA ASP M 75 -49.44 -44.47 -0.85
C ASP M 75 -49.48 -45.23 -2.16
N TRP M 76 -49.13 -44.57 -3.27
CA TRP M 76 -49.07 -45.23 -4.56
C TRP M 76 -48.02 -46.33 -4.57
N ILE M 77 -46.86 -46.06 -3.95
CA ILE M 77 -45.81 -47.07 -3.89
C ILE M 77 -46.28 -48.29 -3.11
N ASP M 78 -46.94 -48.06 -1.97
CA ASP M 78 -47.45 -49.18 -1.18
C ASP M 78 -48.52 -49.95 -1.94
N ALA M 79 -49.41 -49.25 -2.64
CA ALA M 79 -50.44 -49.92 -3.42
C ALA M 79 -49.82 -50.76 -4.53
N CYS M 80 -48.76 -50.24 -5.15
CA CYS M 80 -48.09 -50.97 -6.23
C CYS M 80 -47.47 -52.28 -5.74
N GLU M 81 -47.12 -52.37 -4.46
CA GLU M 81 -46.51 -53.57 -3.92
C GLU M 81 -47.29 -54.07 -2.71
N ARG Q 2 -0.43 -56.54 -23.91
CA ARG Q 2 -0.46 -56.62 -25.36
C ARG Q 2 -1.73 -57.30 -25.84
N GLU Q 3 -2.55 -56.58 -26.61
CA GLU Q 3 -3.78 -57.11 -27.15
C GLU Q 3 -3.94 -56.68 -28.60
N ARG Q 4 -4.52 -57.56 -29.41
CA ARG Q 4 -4.75 -57.31 -30.82
C ARG Q 4 -6.20 -57.61 -31.17
N ALA Q 5 -6.71 -56.94 -32.20
CA ALA Q 5 -8.09 -57.07 -32.63
C ALA Q 5 -8.13 -57.86 -33.94
N CYS Q 6 -8.80 -59.01 -33.91
CA CYS Q 6 -8.95 -59.81 -35.12
C CYS Q 6 -9.78 -59.05 -36.14
N MET Q 7 -9.22 -58.83 -37.33
CA MET Q 7 -9.84 -57.94 -38.31
C MET Q 7 -11.19 -58.48 -38.77
N LEU Q 8 -11.30 -59.78 -39.00
CA LEU Q 8 -12.49 -60.33 -39.62
C LEU Q 8 -13.69 -60.28 -38.67
N CYS Q 9 -13.59 -60.97 -37.52
CA CYS Q 9 -14.73 -61.02 -36.61
C CYS Q 9 -14.79 -59.79 -35.71
N GLY Q 10 -13.69 -59.08 -35.51
CA GLY Q 10 -13.67 -57.92 -34.64
C GLY Q 10 -13.31 -58.20 -33.20
N ILE Q 11 -13.07 -59.46 -32.82
CA ILE Q 11 -12.72 -59.77 -31.43
C ILE Q 11 -11.33 -59.23 -31.12
N VAL Q 12 -11.10 -58.95 -29.84
CA VAL Q 12 -9.83 -58.44 -29.35
C VAL Q 12 -9.28 -59.42 -28.32
N LEU Q 13 -8.09 -59.94 -28.59
CA LEU Q 13 -7.42 -60.85 -27.68
C LEU Q 13 -5.92 -60.59 -27.77
N PRO Q 14 -5.16 -61.00 -26.76
CA PRO Q 14 -3.70 -60.83 -26.83
C PRO Q 14 -3.12 -61.49 -28.06
N GLY Q 15 -2.11 -60.82 -28.65
CA GLY Q 15 -1.51 -61.34 -29.87
C GLY Q 15 -0.89 -62.71 -29.69
N ARG Q 16 -0.27 -62.95 -28.54
CA ARG Q 16 0.26 -64.28 -28.26
C ARG Q 16 -0.86 -65.30 -28.14
N VAL Q 17 -2.03 -64.89 -27.63
CA VAL Q 17 -3.18 -65.79 -27.60
C VAL Q 17 -3.63 -66.12 -29.02
N PHE Q 18 -3.66 -65.13 -29.90
CA PHE Q 18 -4.01 -65.38 -31.30
C PHE Q 18 -3.02 -66.33 -31.95
N MET Q 19 -1.73 -66.15 -31.68
CA MET Q 19 -0.72 -67.01 -32.27
C MET Q 19 -0.83 -68.44 -31.74
N GLN Q 20 -1.02 -68.61 -30.43
CA GLN Q 20 -0.99 -69.93 -29.83
C GLN Q 20 -2.28 -70.71 -30.10
N ASN Q 21 -3.43 -70.06 -30.01
CA ASN Q 21 -4.72 -70.74 -30.12
C ASN Q 21 -5.56 -70.33 -31.32
N GLY Q 22 -5.34 -69.15 -31.89
CA GLY Q 22 -6.13 -68.69 -33.01
C GLY Q 22 -7.45 -68.08 -32.59
N CYS Q 23 -8.15 -67.53 -33.56
CA CYS Q 23 -9.43 -66.90 -33.31
C CYS Q 23 -10.50 -67.96 -33.10
N PRO Q 24 -11.21 -67.95 -31.96
CA PRO Q 24 -12.24 -68.98 -31.73
C PRO Q 24 -13.41 -68.92 -32.70
N ASN Q 25 -13.63 -67.78 -33.36
CA ASN Q 25 -14.74 -67.63 -34.30
C ASN Q 25 -14.29 -67.74 -35.75
N CYS Q 26 -13.19 -67.09 -36.10
CA CYS Q 26 -12.73 -67.03 -37.49
C CYS Q 26 -11.89 -68.23 -37.91
N ASP Q 27 -11.65 -69.18 -37.01
CA ASP Q 27 -10.81 -70.33 -37.37
C ASP Q 27 -11.46 -71.20 -38.44
N SER Q 28 -12.76 -71.07 -38.65
CA SER Q 28 -13.42 -71.84 -39.71
C SER Q 28 -13.11 -71.29 -41.09
N VAL Q 29 -12.67 -70.04 -41.19
CA VAL Q 29 -12.32 -69.45 -42.48
C VAL Q 29 -10.93 -68.82 -42.51
N LEU Q 30 -10.32 -68.50 -41.37
CA LEU Q 30 -9.02 -67.84 -41.35
C LEU Q 30 -7.87 -68.78 -41.00
N ASN Q 31 -8.12 -69.77 -40.15
CA ASN Q 31 -7.06 -70.66 -39.66
C ASN Q 31 -5.92 -69.85 -39.04
N LEU Q 32 -6.28 -68.93 -38.14
CA LEU Q 32 -5.31 -68.01 -37.58
C LEU Q 32 -4.24 -68.75 -36.77
N ARG Q 33 -4.65 -69.75 -36.00
CA ARG Q 33 -3.69 -70.57 -35.28
C ARG Q 33 -2.76 -71.30 -36.24
N ASP Q 34 -3.30 -71.81 -37.35
CA ASP Q 34 -2.51 -72.45 -38.39
C ASP Q 34 -1.85 -71.45 -39.33
N SER Q 35 -1.78 -70.17 -38.96
CA SER Q 35 -1.20 -69.14 -39.78
C SER Q 35 0.01 -68.53 -39.10
N ASP Q 36 0.96 -68.05 -39.91
CA ASP Q 36 2.19 -67.48 -39.40
C ASP Q 36 1.94 -66.08 -38.85
N GLN Q 37 2.99 -65.49 -38.28
CA GLN Q 37 2.85 -64.19 -37.62
C GLN Q 37 2.41 -63.12 -38.61
N ALA Q 38 2.87 -63.20 -39.86
CA ALA Q 38 2.46 -62.24 -40.87
C ALA Q 38 0.95 -62.31 -41.11
N THR Q 39 0.41 -63.52 -41.25
CA THR Q 39 -1.02 -63.67 -41.45
C THR Q 39 -1.80 -63.28 -40.20
N VAL Q 40 -1.25 -63.57 -39.01
CA VAL Q 40 -1.90 -63.15 -37.78
C VAL Q 40 -2.02 -61.63 -37.73
N ASN Q 41 -0.93 -60.92 -38.06
CA ASN Q 41 -0.98 -59.46 -38.11
C ASN Q 41 -1.96 -58.99 -39.18
N GLU Q 42 -1.97 -59.64 -40.34
CA GLU Q 42 -2.86 -59.24 -41.42
C GLU Q 42 -4.33 -59.52 -41.10
N CYS Q 43 -4.61 -60.38 -40.12
CA CYS Q 43 -5.98 -60.62 -39.69
C CYS Q 43 -6.26 -60.18 -38.26
N THR Q 44 -5.23 -59.94 -37.44
CA THR Q 44 -5.39 -59.38 -36.11
C THR Q 44 -4.48 -58.17 -35.98
N SER Q 45 -5.05 -57.03 -35.63
CA SER Q 45 -4.32 -55.79 -35.52
C SER Q 45 -4.34 -55.28 -34.09
N SER Q 46 -3.17 -54.90 -33.58
CA SER Q 46 -3.07 -54.34 -32.24
C SER Q 46 -3.48 -52.87 -32.19
N SER Q 47 -3.59 -52.21 -33.33
CA SER Q 47 -4.04 -50.82 -33.41
C SER Q 47 -5.52 -50.81 -33.71
N PHE Q 48 -6.32 -50.35 -32.76
CA PHE Q 48 -7.77 -50.36 -32.90
C PHE Q 48 -8.34 -49.27 -31.99
N GLU Q 49 -9.67 -49.23 -31.88
CA GLU Q 49 -10.34 -48.22 -31.08
C GLU Q 49 -11.73 -48.72 -30.74
N GLY Q 50 -12.24 -48.29 -29.58
CA GLY Q 50 -13.60 -48.62 -29.19
C GLY Q 50 -13.77 -50.02 -28.63
N LEU Q 51 -13.18 -50.28 -27.48
CA LEU Q 51 -13.35 -51.57 -26.82
C LEU Q 51 -14.84 -51.81 -26.54
N VAL Q 52 -15.31 -53.01 -26.91
CA VAL Q 52 -16.71 -53.38 -26.78
C VAL Q 52 -16.80 -54.71 -26.06
N ALA Q 53 -17.61 -54.77 -25.00
CA ALA Q 53 -17.89 -56.00 -24.28
C ALA Q 53 -19.34 -56.39 -24.53
N VAL Q 54 -19.55 -57.60 -25.03
CA VAL Q 54 -20.86 -58.11 -25.40
C VAL Q 54 -21.19 -59.28 -24.50
N GLY Q 55 -22.38 -59.26 -23.90
CA GLY Q 55 -22.80 -60.33 -23.03
C GLY Q 55 -23.71 -61.34 -23.70
N ASP Q 56 -24.69 -60.86 -24.46
CA ASP Q 56 -25.68 -61.72 -25.11
C ASP Q 56 -25.75 -61.32 -26.58
N ASN Q 57 -25.11 -62.11 -27.44
CA ASN Q 57 -25.07 -61.78 -28.86
C ASN Q 57 -26.46 -61.79 -29.49
N GLU Q 58 -27.31 -62.72 -29.06
CA GLU Q 58 -28.59 -62.92 -29.73
C GLU Q 58 -29.49 -61.70 -29.62
N HIS Q 59 -29.55 -61.07 -28.45
CA HIS Q 59 -30.50 -60.00 -28.20
C HIS Q 59 -29.87 -58.62 -28.17
N SER Q 60 -28.55 -58.51 -28.21
CA SER Q 60 -27.90 -57.20 -28.21
C SER Q 60 -28.03 -56.56 -29.59
N TRP Q 61 -28.72 -55.41 -29.64
CA TRP Q 61 -28.81 -54.68 -30.90
C TRP Q 61 -27.44 -54.20 -31.36
N VAL Q 62 -26.54 -53.91 -30.41
CA VAL Q 62 -25.19 -53.48 -30.77
C VAL Q 62 -24.48 -54.58 -31.56
N ALA Q 63 -24.60 -55.82 -31.10
CA ALA Q 63 -23.94 -56.93 -31.77
C ALA Q 63 -24.44 -57.07 -33.21
N LYS Q 64 -25.76 -56.95 -33.41
CA LYS Q 64 -26.29 -56.96 -34.76
C LYS Q 64 -25.77 -55.78 -35.57
N TRP Q 65 -25.68 -54.61 -34.95
CA TRP Q 65 -25.16 -53.43 -35.64
C TRP Q 65 -23.70 -53.58 -36.00
N LEU Q 66 -22.93 -54.30 -35.17
CA LEU Q 66 -21.53 -54.57 -35.43
C LEU Q 66 -21.32 -55.92 -36.11
N ARG Q 67 -22.41 -56.63 -36.41
CA ARG Q 67 -22.34 -57.93 -37.09
C ARG Q 67 -21.47 -58.92 -36.30
N VAL Q 68 -21.64 -58.95 -34.99
CA VAL Q 68 -20.88 -59.87 -34.14
C VAL Q 68 -21.85 -60.69 -33.30
N ASP Q 69 -23.13 -60.68 -33.68
CA ASP Q 69 -24.13 -61.47 -32.96
C ASP Q 69 -24.01 -62.97 -33.23
N ARG Q 70 -23.20 -63.39 -34.18
CA ARG Q 70 -22.95 -64.80 -34.44
C ARG Q 70 -21.59 -65.26 -33.95
N PHE Q 71 -20.95 -64.50 -33.06
CA PHE Q 71 -19.60 -64.78 -32.60
C PHE Q 71 -19.56 -64.97 -31.09
N GLN Q 72 -18.38 -65.32 -30.60
CA GLN Q 72 -18.20 -65.54 -29.17
C GLN Q 72 -18.23 -64.20 -28.44
N PRO Q 73 -18.97 -64.10 -27.33
CA PRO Q 73 -18.93 -62.86 -26.53
C PRO Q 73 -17.53 -62.62 -25.97
N GLY Q 74 -17.18 -61.34 -25.87
CA GLY Q 74 -15.87 -60.98 -25.38
C GLY Q 74 -15.51 -59.56 -25.77
N LEU Q 75 -14.21 -59.31 -25.85
CA LEU Q 75 -13.70 -57.99 -26.17
C LEU Q 75 -13.72 -57.77 -27.68
N TYR Q 76 -14.35 -56.68 -28.11
CA TYR Q 76 -14.44 -56.33 -29.52
C TYR Q 76 -14.13 -54.85 -29.70
N ALA Q 77 -13.72 -54.49 -30.91
CA ALA Q 77 -13.28 -53.15 -31.24
C ALA Q 77 -14.23 -52.53 -32.26
N VAL Q 78 -14.64 -51.29 -32.01
CA VAL Q 78 -15.50 -50.59 -32.97
C VAL Q 78 -14.76 -50.39 -34.29
N ARG Q 79 -13.53 -49.90 -34.23
CA ARG Q 79 -12.74 -49.63 -35.42
C ARG Q 79 -11.38 -50.31 -35.28
N VAL Q 80 -10.93 -50.92 -36.37
CA VAL Q 80 -9.67 -51.64 -36.41
C VAL Q 80 -8.82 -51.06 -37.53
N ASP Q 81 -7.58 -50.69 -37.20
CA ASP Q 81 -6.67 -50.15 -38.20
C ASP Q 81 -6.12 -51.28 -39.07
N GLY Q 82 -6.17 -51.08 -40.38
CA GLY Q 82 -5.68 -52.08 -41.30
C GLY Q 82 -6.82 -52.91 -41.87
N ARG Q 83 -6.62 -53.39 -43.10
CA ARG Q 83 -7.60 -54.21 -43.80
C ARG Q 83 -6.99 -55.55 -44.17
N LEU Q 84 -7.85 -56.47 -44.56
CA LEU Q 84 -7.40 -57.79 -44.99
C LEU Q 84 -6.66 -57.68 -46.32
N PRO Q 85 -5.63 -58.50 -46.53
CA PRO Q 85 -4.87 -58.44 -47.78
C PRO Q 85 -5.67 -58.96 -48.96
N SER Q 86 -5.23 -58.59 -50.16
CA SER Q 86 -5.95 -58.97 -51.37
C SER Q 86 -5.99 -60.48 -51.53
N ASP Q 87 -4.88 -61.17 -51.24
CA ASP Q 87 -4.87 -62.63 -51.37
C ASP Q 87 -5.81 -63.27 -50.36
N ILE Q 88 -5.84 -62.77 -49.13
CA ILE Q 88 -6.76 -63.30 -48.12
C ILE Q 88 -8.20 -62.97 -48.50
N VAL Q 89 -8.42 -61.78 -49.07
CA VAL Q 89 -9.76 -61.41 -49.54
C VAL Q 89 -10.22 -62.39 -50.61
N ALA Q 90 -9.35 -62.72 -51.56
CA ALA Q 90 -9.71 -63.68 -52.61
C ALA Q 90 -9.95 -65.06 -52.02
N ALA Q 91 -9.14 -65.47 -51.04
CA ALA Q 91 -9.33 -66.77 -50.40
C ALA Q 91 -10.68 -66.85 -49.70
N LEU Q 92 -11.07 -65.78 -49.00
CA LEU Q 92 -12.37 -65.76 -48.34
C LEU Q 92 -13.50 -65.75 -49.37
N GLU Q 93 -13.33 -64.99 -50.46
CA GLU Q 93 -14.34 -64.99 -51.52
C GLU Q 93 -14.49 -66.36 -52.16
N GLN Q 94 -13.41 -67.14 -52.17
CA GLN Q 94 -13.50 -68.52 -52.63
C GLN Q 94 -14.46 -69.33 -51.76
N TYR Q 95 -14.40 -69.12 -50.45
CA TYR Q 95 -15.27 -69.82 -49.51
C TYR Q 95 -16.71 -69.35 -49.57
N GLY Q 96 -17.00 -68.29 -50.33
CA GLY Q 96 -18.34 -67.75 -50.42
C GLY Q 96 -18.71 -66.74 -49.36
N VAL Q 97 -17.77 -66.36 -48.48
CA VAL Q 97 -18.03 -65.42 -47.41
C VAL Q 97 -17.61 -64.03 -47.85
N TYR Q 98 -18.51 -63.06 -47.70
CA TYR Q 98 -18.22 -61.68 -48.04
C TYR Q 98 -17.62 -60.97 -46.83
N TYR Q 99 -16.54 -60.22 -47.08
CA TYR Q 99 -15.82 -59.52 -46.03
C TYR Q 99 -16.21 -58.04 -46.06
N ARG Q 100 -16.74 -57.56 -44.95
CA ARG Q 100 -17.05 -56.14 -44.78
C ARG Q 100 -16.03 -55.51 -43.85
N PRO Q 101 -15.21 -54.57 -44.31
CA PRO Q 101 -14.17 -54.00 -43.45
C PRO Q 101 -14.77 -53.27 -42.25
N ARG Q 102 -14.10 -53.41 -41.11
CA ARG Q 102 -14.46 -52.68 -39.89
C ARG Q 102 -13.57 -51.46 -39.68
N ASP Q 103 -12.77 -51.08 -40.69
CA ASP Q 103 -11.87 -49.94 -40.56
C ASP Q 103 -12.60 -48.61 -40.54
N GLY Q 104 -13.90 -48.58 -40.83
CA GLY Q 104 -14.65 -47.35 -40.86
C GLY Q 104 -14.54 -46.55 -42.15
N SER Q 105 -13.43 -46.69 -42.88
CA SER Q 105 -13.29 -46.01 -44.17
C SER Q 105 -14.27 -46.54 -45.20
N VAL Q 106 -14.80 -47.74 -45.00
CA VAL Q 106 -15.80 -48.33 -45.90
C VAL Q 106 -17.11 -48.40 -45.14
N ILE Q 107 -18.15 -47.79 -45.69
CA ILE Q 107 -19.46 -47.78 -45.05
C ILE Q 107 -20.56 -47.62 -46.10
N PRO R 216 -27.18 -56.64 -44.34
CA PRO R 216 -27.33 -55.22 -44.67
C PRO R 216 -26.83 -54.31 -43.55
N GLN R 217 -26.92 -53.00 -43.76
CA GLN R 217 -26.50 -52.01 -42.79
C GLN R 217 -27.60 -51.04 -42.43
N ARG R 218 -28.44 -50.66 -43.40
CA ARG R 218 -29.52 -49.71 -43.14
C ARG R 218 -30.62 -50.31 -42.28
N LEU R 219 -30.91 -51.59 -42.48
CA LEU R 219 -32.04 -52.21 -41.79
C LEU R 219 -31.79 -52.37 -40.30
N LEU R 220 -30.52 -52.37 -39.88
CA LEU R 220 -30.16 -52.64 -38.50
C LEU R 220 -30.33 -51.43 -37.58
N ILE R 221 -30.89 -50.32 -38.07
CA ILE R 221 -31.08 -49.12 -37.25
C ILE R 221 -32.08 -49.44 -36.14
N PRO R 222 -31.95 -48.84 -34.96
CA PRO R 222 -32.71 -49.29 -33.80
C PRO R 222 -34.19 -48.96 -33.91
N THR R 223 -34.98 -49.71 -33.14
CA THR R 223 -36.42 -49.53 -33.04
C THR R 223 -36.78 -49.22 -31.59
N VAL R 224 -38.08 -49.01 -31.36
CA VAL R 224 -38.55 -48.67 -30.01
C VAL R 224 -38.38 -49.85 -29.07
N ASP R 225 -38.61 -51.07 -29.56
CA ASP R 225 -38.53 -52.26 -28.72
C ASP R 225 -37.10 -52.76 -28.53
N ASP R 226 -36.12 -52.15 -29.18
CA ASP R 226 -34.74 -52.57 -29.00
C ASP R 226 -34.25 -52.21 -27.59
N PRO R 227 -33.25 -52.93 -27.08
CA PRO R 227 -32.78 -52.65 -25.72
C PRO R 227 -32.24 -51.24 -25.59
N GLY R 228 -32.49 -50.63 -24.43
CA GLY R 228 -32.03 -49.28 -24.19
C GLY R 228 -30.54 -49.21 -23.94
N ILE R 229 -30.02 -47.99 -23.98
CA ILE R 229 -28.60 -47.72 -23.77
C ILE R 229 -28.47 -46.66 -22.69
N TRP R 230 -27.66 -46.93 -21.68
CA TRP R 230 -27.39 -45.99 -20.61
C TRP R 230 -25.91 -45.60 -20.62
N GLY R 231 -25.66 -44.34 -20.28
CA GLY R 231 -24.31 -43.83 -20.12
C GLY R 231 -24.07 -43.42 -18.67
N VAL R 232 -22.89 -43.76 -18.17
CA VAL R 232 -22.53 -43.52 -16.77
C VAL R 232 -21.18 -42.84 -16.73
N LYS R 233 -21.08 -41.75 -15.96
CA LYS R 233 -19.80 -41.09 -15.73
C LYS R 233 -18.93 -41.95 -14.82
N VAL R 234 -17.65 -42.05 -15.18
CA VAL R 234 -16.66 -42.77 -14.39
C VAL R 234 -15.41 -41.92 -14.28
N ARG R 235 -14.47 -42.38 -13.45
CA ARG R 235 -13.19 -41.69 -13.33
C ARG R 235 -12.41 -41.77 -14.63
N LEU R 236 -11.66 -40.71 -14.92
CA LEU R 236 -10.93 -40.63 -16.17
C LEU R 236 -9.83 -41.69 -16.23
N GLY R 237 -9.70 -42.32 -17.40
CA GLY R 237 -8.67 -43.32 -17.63
C GLY R 237 -9.03 -44.72 -17.19
N LYS R 238 -10.17 -44.93 -16.56
CA LYS R 238 -10.57 -46.24 -16.07
C LYS R 238 -11.70 -46.86 -16.89
N GLU R 239 -12.04 -46.25 -18.03
CA GLU R 239 -13.20 -46.71 -18.80
C GLU R 239 -13.01 -48.13 -19.30
N LYS R 240 -11.87 -48.42 -19.93
CA LYS R 240 -11.60 -49.76 -20.39
C LYS R 240 -11.52 -50.74 -19.23
N ASP R 241 -10.99 -50.30 -18.09
CA ASP R 241 -10.96 -51.15 -16.91
C ASP R 241 -12.37 -51.51 -16.45
N VAL R 242 -13.27 -50.53 -16.45
CA VAL R 242 -14.66 -50.82 -16.09
C VAL R 242 -15.29 -51.77 -17.09
N VAL R 243 -14.98 -51.60 -18.38
CA VAL R 243 -15.52 -52.49 -19.40
C VAL R 243 -15.06 -53.93 -19.15
N ARG R 244 -13.77 -54.10 -18.89
CA ARG R 244 -13.24 -55.45 -18.64
C ARG R 244 -13.84 -56.05 -17.37
N GLN R 245 -13.98 -55.23 -16.32
CA GLN R 245 -14.60 -55.70 -15.09
C GLN R 245 -16.04 -56.15 -15.33
N ILE R 246 -16.79 -55.36 -16.10
CA ILE R 246 -18.18 -55.71 -16.40
C ILE R 246 -18.24 -57.03 -17.18
N LEU R 247 -17.37 -57.19 -18.17
CA LEU R 247 -17.36 -58.44 -18.94
C LEU R 247 -17.02 -59.63 -18.05
N LYS R 248 -16.02 -59.46 -17.18
CA LYS R 248 -15.65 -60.56 -16.28
C LYS R 248 -16.79 -60.91 -15.33
N LYS R 249 -17.47 -59.89 -14.79
CA LYS R 249 -18.60 -60.17 -13.89
C LYS R 249 -19.73 -60.87 -14.63
N LYS R 250 -20.01 -60.45 -15.87
CA LYS R 250 -21.04 -61.11 -16.66
C LYS R 250 -20.69 -62.56 -16.94
N LEU R 251 -19.43 -62.83 -17.30
CA LEU R 251 -19.02 -64.21 -17.54
C LEU R 251 -19.09 -65.05 -16.27
N ALA R 252 -18.63 -64.50 -15.15
CA ALA R 252 -18.65 -65.25 -13.89
C ALA R 252 -20.07 -65.57 -13.45
N ARG R 253 -20.97 -64.60 -13.56
CA ARG R 253 -22.36 -64.81 -13.15
C ARG R 253 -23.20 -65.46 -14.23
N GLU R 254 -22.65 -65.67 -15.43
CA GLU R 254 -23.37 -66.40 -16.47
C GLU R 254 -23.53 -67.85 -16.06
N GLY R 255 -24.72 -68.39 -16.30
CA GLY R 255 -25.02 -69.75 -15.88
C GLY R 255 -25.37 -69.91 -14.43
N THR R 256 -25.61 -68.82 -13.71
CA THR R 256 -25.94 -68.86 -12.29
C THR R 256 -27.42 -68.54 -12.08
N LYS R 257 -27.83 -68.56 -10.81
CA LYS R 257 -29.22 -68.26 -10.48
C LYS R 257 -29.57 -66.80 -10.75
N ASN R 258 -28.61 -65.90 -10.62
CA ASN R 258 -28.83 -64.47 -10.81
C ASN R 258 -27.78 -63.92 -11.76
N PRO R 259 -27.88 -64.24 -13.05
CA PRO R 259 -26.91 -63.72 -14.02
C PRO R 259 -27.10 -62.23 -14.25
N LEU R 260 -26.04 -61.58 -14.68
CA LEU R 260 -26.07 -60.14 -14.98
C LEU R 260 -26.93 -59.93 -16.22
N GLU R 261 -28.14 -59.42 -16.01
CA GLU R 261 -29.10 -59.29 -17.11
C GLU R 261 -28.82 -58.05 -17.96
N ILE R 262 -27.67 -58.04 -18.64
CA ILE R 262 -27.34 -57.00 -19.59
C ILE R 262 -27.06 -57.64 -20.95
N TYR R 263 -26.76 -56.84 -21.95
CA TYR R 263 -26.51 -57.35 -23.29
C TYR R 263 -25.14 -56.97 -23.83
N SER R 264 -24.72 -55.72 -23.65
CA SER R 264 -23.41 -55.28 -24.12
C SER R 264 -23.02 -54.02 -23.36
N ALA R 265 -21.72 -53.73 -23.37
CA ALA R 265 -21.17 -52.53 -22.77
C ALA R 265 -19.89 -52.15 -23.50
N PHE R 266 -19.63 -50.86 -23.60
CA PHE R 266 -18.52 -50.38 -24.41
C PHE R 266 -18.19 -48.95 -24.00
N GLN R 267 -17.23 -48.36 -24.71
CA GLN R 267 -16.85 -46.97 -24.50
C GLN R 267 -16.13 -46.49 -25.76
N ARG R 268 -16.03 -45.18 -25.88
CA ARG R 268 -15.34 -44.55 -27.00
C ARG R 268 -14.25 -43.63 -26.47
N ASP R 269 -13.13 -43.60 -27.19
CA ASP R 269 -11.99 -42.80 -26.73
C ASP R 269 -12.33 -41.32 -26.72
N SER R 270 -13.03 -40.83 -27.75
CA SER R 270 -13.35 -39.42 -27.82
C SER R 270 -14.26 -38.99 -26.67
N PHE R 271 -15.26 -39.82 -26.34
CA PHE R 271 -16.22 -39.50 -25.29
C PHE R 271 -15.64 -39.89 -23.94
N LYS R 272 -14.72 -39.04 -23.47
CA LYS R 272 -13.97 -39.33 -22.26
C LYS R 272 -14.90 -39.38 -21.05
N GLY R 273 -14.58 -40.29 -20.12
CA GLY R 273 -15.31 -40.39 -18.87
C GLY R 273 -16.68 -41.02 -18.97
N HIS R 274 -17.03 -41.59 -20.11
CA HIS R 274 -18.35 -42.19 -20.30
C HIS R 274 -18.20 -43.65 -20.70
N VAL R 275 -19.04 -44.50 -20.09
CA VAL R 275 -19.13 -45.92 -20.44
C VAL R 275 -20.58 -46.21 -20.75
N TYR R 276 -20.84 -46.80 -21.91
CA TYR R 276 -22.18 -47.03 -22.41
C TYR R 276 -22.53 -48.51 -22.34
N ILE R 277 -23.66 -48.81 -21.70
CA ILE R 277 -24.11 -50.18 -21.48
C ILE R 277 -25.46 -50.34 -22.17
N GLU R 278 -25.61 -51.41 -22.95
CA GLU R 278 -26.89 -51.74 -23.58
C GLU R 278 -27.60 -52.77 -22.70
N ALA R 279 -28.76 -52.39 -22.17
CA ALA R 279 -29.52 -53.27 -21.29
C ALA R 279 -31.00 -52.92 -21.45
N ARG R 280 -31.82 -53.37 -20.51
CA ARG R 280 -33.25 -53.07 -20.54
C ARG R 280 -33.78 -52.52 -19.22
N LYS R 281 -33.04 -52.62 -18.13
CA LYS R 281 -33.53 -52.22 -16.81
C LYS R 281 -32.46 -51.45 -16.06
N ALA R 282 -32.90 -50.46 -15.27
CA ALA R 282 -31.98 -49.70 -14.44
C ALA R 282 -31.38 -50.57 -13.34
N GLU R 283 -32.15 -51.52 -12.82
CA GLU R 283 -31.62 -52.45 -11.83
C GLU R 283 -30.48 -53.28 -12.39
N ALA R 284 -30.56 -53.64 -13.68
CA ALA R 284 -29.45 -54.34 -14.31
C ALA R 284 -28.20 -53.48 -14.34
N ILE R 285 -28.34 -52.19 -14.63
CA ILE R 285 -27.20 -51.29 -14.61
C ILE R 285 -26.63 -51.19 -13.20
N ASN R 286 -27.48 -51.05 -12.19
CA ASN R 286 -27.00 -50.98 -10.82
C ASN R 286 -26.26 -52.24 -10.43
N ASP R 287 -26.79 -53.40 -10.82
CA ASP R 287 -26.14 -54.67 -10.51
C ASP R 287 -24.79 -54.77 -11.20
N ALA R 288 -24.71 -54.33 -12.46
CA ALA R 288 -23.43 -54.34 -13.17
C ALA R 288 -22.41 -53.42 -12.51
N LEU R 289 -22.86 -52.23 -12.09
CA LEU R 289 -21.97 -51.27 -11.45
C LEU R 289 -21.71 -51.57 -9.98
N LYS R 290 -22.50 -52.43 -9.36
CA LYS R 290 -22.28 -52.78 -7.97
C LYS R 290 -20.95 -53.51 -7.81
N GLY R 291 -20.19 -53.11 -6.79
CA GLY R 291 -18.89 -53.72 -6.54
C GLY R 291 -17.74 -53.11 -7.30
N ASN R 292 -17.94 -51.95 -7.94
CA ASN R 292 -16.88 -51.27 -8.68
C ASN R 292 -16.51 -49.98 -7.97
N VAL R 293 -15.23 -49.63 -8.03
CA VAL R 293 -14.74 -48.43 -7.35
C VAL R 293 -14.57 -47.24 -8.28
N ASN R 294 -14.49 -47.46 -9.60
CA ASN R 294 -14.34 -46.35 -10.53
C ASN R 294 -15.63 -45.57 -10.71
N VAL R 295 -16.79 -46.16 -10.39
CA VAL R 295 -18.06 -45.45 -10.48
C VAL R 295 -18.11 -44.42 -9.37
N PHE R 296 -18.52 -43.20 -9.72
CA PHE R 296 -18.60 -42.13 -8.74
C PHE R 296 -19.75 -42.41 -7.77
N SER R 297 -19.74 -41.67 -6.65
CA SER R 297 -20.70 -41.90 -5.58
C SER R 297 -22.13 -41.71 -6.06
N ASN R 298 -22.39 -40.64 -6.80
CA ASN R 298 -23.72 -40.38 -7.32
C ASN R 298 -23.99 -41.25 -8.55
N ASN R 299 -25.26 -41.66 -8.70
CA ASN R 299 -25.69 -42.47 -9.84
C ASN R 299 -25.87 -41.56 -11.06
N SER R 300 -24.74 -41.22 -11.67
CA SER R 300 -24.72 -40.35 -12.84
C SER R 300 -25.04 -41.14 -14.11
N LYS R 301 -26.27 -41.66 -14.20
CA LYS R 301 -26.70 -42.43 -15.35
C LYS R 301 -27.79 -41.66 -16.09
N PHE R 302 -27.77 -41.76 -17.42
CA PHE R 302 -28.76 -41.11 -18.25
C PHE R 302 -29.20 -42.04 -19.36
N LEU R 303 -30.42 -41.83 -19.85
CA LEU R 303 -30.98 -42.62 -20.93
C LEU R 303 -30.55 -42.03 -22.28
N VAL R 304 -29.84 -42.81 -23.07
CA VAL R 304 -29.40 -42.34 -24.38
C VAL R 304 -30.58 -42.32 -25.34
N GLY R 305 -30.73 -41.20 -26.05
CA GLY R 305 -31.78 -41.10 -27.04
C GLY R 305 -31.56 -42.09 -28.17
N ILE R 306 -32.66 -42.61 -28.71
CA ILE R 306 -32.58 -43.68 -29.70
C ILE R 306 -31.86 -43.20 -30.96
N VAL R 307 -32.03 -41.92 -31.31
CA VAL R 307 -31.33 -41.36 -32.46
C VAL R 307 -29.82 -41.39 -32.24
N GLU R 308 -29.38 -41.19 -31.00
CA GLU R 308 -27.96 -41.21 -30.69
C GLU R 308 -27.34 -42.61 -30.81
N TYR R 309 -28.17 -43.65 -30.94
CA TYR R 309 -27.65 -45.01 -30.96
C TYR R 309 -26.70 -45.23 -32.12
N LYS R 310 -27.07 -44.72 -33.31
CA LYS R 310 -26.19 -44.83 -34.46
C LYS R 310 -24.92 -43.99 -34.29
N ASP R 311 -25.05 -42.81 -33.70
CA ASP R 311 -23.90 -41.92 -33.57
C ASP R 311 -22.89 -42.43 -32.57
N LEU R 312 -23.34 -43.11 -31.52
CA LEU R 312 -22.41 -43.60 -30.50
C LEU R 312 -21.44 -44.63 -31.06
N LEU R 313 -21.84 -45.32 -32.12
CA LEU R 313 -21.01 -46.38 -32.70
C LEU R 313 -20.55 -46.05 -34.13
N ARG R 314 -20.82 -44.85 -34.63
CA ARG R 314 -20.32 -44.49 -35.94
C ARG R 314 -18.80 -44.39 -35.90
N PRO R 315 -18.13 -44.74 -37.00
CA PRO R 315 -16.67 -44.72 -37.01
C PRO R 315 -16.13 -43.29 -37.07
N VAL R 316 -14.81 -43.18 -36.88
CA VAL R 316 -14.11 -41.91 -36.87
C VAL R 316 -12.89 -42.02 -37.75
N LYS R 317 -12.25 -40.87 -37.99
CA LYS R 317 -11.02 -40.76 -38.78
C LYS R 317 -11.18 -41.34 -40.18
N SER R 318 -12.34 -41.16 -40.79
CA SER R 318 -12.60 -41.65 -42.14
C SER R 318 -12.30 -40.60 -43.20
N SER R 319 -11.55 -39.55 -42.87
CA SER R 319 -11.27 -38.49 -43.85
C SER R 319 -10.47 -39.02 -45.03
N ASP R 320 -9.46 -39.85 -44.79
CA ASP R 320 -8.61 -40.40 -45.84
C ASP R 320 -8.59 -41.91 -45.73
N VAL R 321 -8.56 -42.57 -46.90
CA VAL R 321 -8.58 -44.04 -46.92
C VAL R 321 -7.29 -44.59 -46.32
N LYS R 322 -6.15 -44.08 -46.77
CA LYS R 322 -4.86 -44.60 -46.32
C LYS R 322 -3.76 -43.64 -46.76
N LEU R 323 -2.57 -43.86 -46.21
CA LEU R 323 -1.38 -43.17 -46.71
C LEU R 323 -0.93 -43.83 -48.01
N THR R 324 -0.74 -43.02 -49.04
CA THR R 324 -0.45 -43.50 -50.38
C THR R 324 1.05 -43.51 -50.62
N ARG R 325 1.57 -44.65 -51.07
CA ARG R 325 2.99 -44.74 -51.41
C ARG R 325 3.32 -43.84 -52.58
N GLY R 326 4.46 -43.14 -52.48
CA GLY R 326 4.87 -42.18 -53.47
C GLY R 326 4.44 -40.76 -53.18
N SER R 327 3.53 -40.55 -52.23
CA SER R 327 3.10 -39.22 -51.87
C SER R 327 4.21 -38.49 -51.12
N TYR R 328 4.17 -37.16 -51.19
CA TYR R 328 5.13 -36.30 -50.50
C TYR R 328 4.51 -35.79 -49.21
N VAL R 329 5.22 -35.97 -48.09
CA VAL R 329 4.71 -35.62 -46.77
C VAL R 329 5.80 -34.87 -46.01
N ARG R 330 5.38 -34.22 -44.93
CA ARG R 330 6.26 -33.50 -44.03
C ARG R 330 6.45 -34.30 -42.75
N VAL R 331 7.61 -34.13 -42.13
CA VAL R 331 7.99 -34.92 -40.95
C VAL R 331 7.75 -34.09 -39.70
N LYS R 332 7.09 -34.70 -38.72
CA LYS R 332 6.71 -33.98 -37.50
C LYS R 332 7.91 -33.70 -36.60
N ASN R 333 8.79 -34.67 -36.41
CA ASN R 333 9.91 -34.51 -35.49
C ASN R 333 11.09 -35.33 -36.01
N GLY R 334 12.13 -35.45 -35.19
CA GLY R 334 13.34 -36.13 -35.60
C GLY R 334 14.37 -35.19 -36.19
N LYS R 335 15.47 -35.79 -36.66
CA LYS R 335 16.55 -35.01 -37.23
C LYS R 335 16.14 -34.30 -38.51
N PHE R 336 15.14 -34.82 -39.22
CA PHE R 336 14.60 -34.20 -40.43
C PHE R 336 13.26 -33.54 -40.15
N LYS R 337 13.12 -32.95 -38.97
CA LYS R 337 11.88 -32.27 -38.56
C LYS R 337 11.51 -31.18 -39.56
N GLY R 338 10.42 -31.39 -40.30
CA GLY R 338 9.93 -30.43 -41.26
C GLY R 338 10.39 -30.66 -42.69
N ASP R 339 11.34 -31.56 -42.91
CA ASP R 339 11.80 -31.83 -44.27
C ASP R 339 10.74 -32.61 -45.03
N LEU R 340 10.53 -32.22 -46.30
CA LEU R 340 9.60 -32.94 -47.15
C LEU R 340 10.16 -34.32 -47.49
N ALA R 341 9.31 -35.33 -47.39
CA ALA R 341 9.73 -36.71 -47.59
C ALA R 341 8.71 -37.45 -48.45
N GLN R 342 9.22 -38.28 -49.37
CA GLN R 342 8.36 -39.10 -50.20
C GLN R 342 8.10 -40.43 -49.50
N VAL R 343 6.85 -40.88 -49.58
CA VAL R 343 6.47 -42.15 -48.95
C VAL R 343 6.78 -43.29 -49.89
N ASP R 344 8.01 -43.80 -49.83
CA ASP R 344 8.38 -44.94 -50.66
C ASP R 344 7.60 -46.19 -50.28
N GLU R 345 7.46 -46.44 -48.98
CA GLU R 345 6.81 -47.64 -48.48
C GLU R 345 5.87 -47.29 -47.35
N VAL R 346 4.69 -47.92 -47.34
CA VAL R 346 3.74 -47.85 -46.24
C VAL R 346 3.69 -49.20 -45.56
N LEU R 347 4.06 -49.25 -44.29
CA LEU R 347 3.99 -50.50 -43.54
C LEU R 347 2.54 -50.89 -43.32
N GLU R 348 2.26 -52.19 -43.46
CA GLU R 348 0.89 -52.68 -43.30
C GLU R 348 0.35 -52.45 -41.89
N ASN R 349 1.23 -52.32 -40.89
CA ASN R 349 0.77 -52.03 -39.54
C ASN R 349 0.12 -50.66 -39.45
N GLY R 350 0.61 -49.70 -40.24
CA GLY R 350 0.05 -48.36 -40.25
C GLY R 350 0.61 -47.43 -39.19
N LEU R 351 1.41 -47.94 -38.27
CA LEU R 351 2.03 -47.09 -37.26
C LEU R 351 3.34 -46.49 -37.72
N GLU R 352 4.02 -47.12 -38.68
CA GLU R 352 5.27 -46.64 -39.24
C GLU R 352 5.23 -46.75 -40.75
N ALA R 353 6.24 -46.19 -41.41
CA ALA R 353 6.32 -46.22 -42.86
C ALA R 353 7.73 -45.83 -43.28
N ARG R 354 8.25 -46.53 -44.29
CA ARG R 354 9.57 -46.23 -44.82
C ARG R 354 9.47 -45.05 -45.78
N LEU R 355 10.37 -44.08 -45.62
CA LEU R 355 10.28 -42.82 -46.34
C LEU R 355 11.59 -42.51 -47.05
N LYS R 356 11.49 -41.73 -48.12
CA LYS R 356 12.63 -41.28 -48.90
C LYS R 356 12.95 -39.84 -48.51
N LEU R 357 14.15 -39.62 -47.98
CA LEU R 357 14.52 -38.33 -47.43
C LEU R 357 15.87 -37.89 -48.00
N VAL R 358 16.18 -36.61 -47.78
CA VAL R 358 17.48 -36.05 -48.13
C VAL R 358 18.38 -36.14 -46.90
N PRO R 359 19.53 -36.79 -46.98
CA PRO R 359 20.36 -37.00 -45.80
C PRO R 359 20.85 -35.69 -45.18
N ARG R 360 21.05 -35.72 -43.86
CA ARG R 360 21.61 -34.60 -43.10
C ARG R 360 22.81 -35.14 -42.34
N LEU R 361 24.00 -35.06 -42.95
CA LEU R 361 25.20 -35.63 -42.38
C LEU R 361 26.35 -34.63 -42.45
N ASP R 362 27.30 -34.79 -41.54
CA ASP R 362 28.56 -34.08 -41.57
C ASP R 362 29.75 -34.99 -41.88
N TYR R 363 29.55 -36.31 -41.85
CA TYR R 363 30.56 -37.32 -42.11
C TYR R 363 31.71 -37.29 -41.10
N GLY R 364 31.57 -36.53 -40.02
CA GLY R 364 32.61 -36.44 -39.02
C GLY R 364 33.71 -35.45 -39.39
N PHE R 390 20.67 -28.05 -33.69
CA PHE R 390 21.96 -28.08 -34.38
C PHE R 390 22.08 -29.33 -35.24
N ARG R 391 21.79 -29.19 -36.53
CA ARG R 391 21.87 -30.30 -37.46
C ARG R 391 22.44 -29.80 -38.78
N PRO R 392 23.18 -30.64 -39.50
CA PRO R 392 23.69 -30.23 -40.81
C PRO R 392 22.56 -30.05 -41.82
N ALA R 393 22.81 -29.18 -42.80
CA ALA R 393 21.83 -28.93 -43.84
C ALA R 393 21.63 -30.19 -44.68
N GLN R 394 20.40 -30.37 -45.17
CA GLN R 394 20.09 -31.54 -45.96
C GLN R 394 20.89 -31.55 -47.27
N ARG R 395 21.39 -32.72 -47.63
CA ARG R 395 22.23 -32.87 -48.80
C ARG R 395 22.27 -34.33 -49.19
N LEU R 396 22.29 -34.59 -50.50
CA LEU R 396 22.36 -35.95 -50.99
C LEU R 396 23.61 -36.64 -50.48
N PHE R 397 23.46 -37.88 -50.04
CA PHE R 397 24.58 -38.61 -49.45
C PHE R 397 25.67 -38.82 -50.50
N SER R 398 26.84 -38.25 -50.27
CA SER R 398 27.94 -38.30 -51.22
C SER R 398 28.91 -39.38 -50.79
N GLU R 399 29.03 -40.44 -51.60
CA GLU R 399 29.80 -41.60 -51.21
C GLU R 399 31.30 -41.29 -51.13
N ALA R 400 31.81 -40.46 -52.04
CA ALA R 400 33.24 -40.14 -52.04
C ALA R 400 33.63 -39.36 -50.80
N GLU R 401 32.87 -38.29 -50.49
CA GLU R 401 33.16 -37.52 -49.28
C GLU R 401 32.99 -38.38 -48.04
N ALA R 402 31.97 -39.24 -48.03
CA ALA R 402 31.76 -40.12 -46.88
C ALA R 402 32.93 -41.05 -46.68
N ARG R 403 33.47 -41.63 -47.76
CA ARG R 403 34.64 -42.50 -47.62
C ARG R 403 35.86 -41.72 -47.17
N VAL R 404 36.05 -40.51 -47.71
CA VAL R 404 37.22 -39.72 -47.34
C VAL R 404 37.17 -39.36 -45.85
N HIS R 405 36.01 -38.93 -45.36
CA HIS R 405 35.85 -38.62 -43.95
C HIS R 405 35.57 -39.85 -43.10
N GLU R 406 35.18 -40.97 -43.71
CA GLU R 406 34.89 -42.18 -42.95
C GLU R 406 34.97 -43.40 -43.87
N PRO R 407 36.12 -44.09 -43.90
CA PRO R 407 36.29 -45.20 -44.85
C PRO R 407 35.57 -46.49 -44.47
N THR R 408 34.66 -46.46 -43.50
CA THR R 408 33.95 -47.66 -43.05
C THR R 408 32.59 -47.83 -43.71
N ILE R 409 32.44 -47.39 -44.96
CA ILE R 409 31.16 -47.53 -45.65
C ILE R 409 30.91 -48.99 -45.99
N ARG R 410 29.63 -49.36 -45.95
CA ARG R 410 29.25 -50.72 -46.31
C ARG R 410 28.48 -50.74 -47.61
N ARG R 411 28.51 -51.87 -48.30
CA ARG R 411 27.83 -52.04 -49.58
C ARG R 411 27.02 -53.33 -49.52
N ASP R 412 25.78 -53.29 -50.01
CA ASP R 412 24.91 -54.44 -50.05
C ASP R 412 24.39 -54.78 -51.43
N ARG R 413 24.21 -53.78 -52.29
CA ARG R 413 23.71 -53.97 -53.65
C ARG R 413 24.36 -52.94 -54.56
N ASP R 414 23.79 -52.78 -55.75
CA ASP R 414 24.21 -51.73 -56.67
C ASP R 414 23.23 -50.56 -56.55
N GLY R 415 23.76 -49.39 -56.16
CA GLY R 415 22.95 -48.23 -55.93
C GLY R 415 22.38 -48.11 -54.53
N PHE R 416 22.44 -49.19 -53.75
CA PHE R 416 21.96 -49.20 -52.38
C PHE R 416 23.17 -49.28 -51.45
N VAL R 417 23.42 -48.20 -50.72
CA VAL R 417 24.62 -48.07 -49.88
C VAL R 417 24.19 -47.84 -48.44
N THR R 418 24.86 -48.52 -47.52
CA THR R 418 24.65 -48.37 -46.09
C THR R 418 25.87 -47.73 -45.48
N TYR R 419 25.72 -46.51 -44.95
CA TYR R 419 26.81 -45.78 -44.34
C TYR R 419 26.42 -45.40 -42.92
N GLY R 420 27.25 -45.79 -41.95
CA GLY R 420 26.98 -45.47 -40.56
C GLY R 420 25.69 -46.05 -40.04
N GLY R 421 25.29 -47.22 -40.54
CA GLY R 421 24.03 -47.82 -40.15
C GLY R 421 22.81 -47.25 -40.82
N GLU R 422 22.98 -46.29 -41.73
CA GLU R 422 21.88 -45.66 -42.44
C GLU R 422 21.92 -46.07 -43.91
N GLU R 423 20.77 -46.47 -44.43
CA GLU R 423 20.67 -47.01 -45.78
C GLU R 423 20.33 -45.87 -46.74
N TYR R 424 21.25 -45.58 -47.66
CA TYR R 424 21.05 -44.55 -48.68
C TYR R 424 20.97 -45.22 -50.04
N TYR R 425 19.89 -44.95 -50.76
CA TYR R 425 19.63 -45.56 -52.06
C TYR R 425 19.77 -44.49 -53.14
N GLU R 426 20.83 -44.62 -53.94
CA GLU R 426 21.10 -43.70 -55.05
C GLU R 426 21.15 -42.26 -54.59
N GLY R 427 21.76 -42.02 -53.43
CA GLY R 427 21.93 -40.68 -52.91
C GLY R 427 20.82 -40.19 -52.02
N PHE R 428 19.74 -40.95 -51.86
CA PHE R 428 18.60 -40.57 -51.03
C PHE R 428 18.49 -41.52 -49.86
N LEU R 429 18.31 -40.97 -48.66
CA LEU R 429 18.12 -41.80 -47.48
C LEU R 429 16.76 -42.47 -47.51
N TYR R 430 16.74 -43.74 -47.13
CA TYR R 430 15.50 -44.52 -46.96
C TYR R 430 15.44 -44.98 -45.52
N LYS R 431 14.54 -44.38 -44.74
CA LYS R 431 14.42 -44.67 -43.32
C LYS R 431 12.96 -44.74 -42.93
N THR R 432 12.62 -45.75 -42.13
CA THR R 432 11.26 -45.89 -41.63
C THR R 432 10.98 -44.85 -40.55
N PHE R 433 9.81 -44.26 -40.61
CA PHE R 433 9.38 -43.27 -39.62
C PHE R 433 7.97 -43.59 -39.16
N ARG R 434 7.71 -43.31 -37.89
CA ARG R 434 6.41 -43.61 -37.31
C ARG R 434 5.33 -42.67 -37.86
N LEU R 435 4.08 -43.14 -37.79
CA LEU R 435 2.96 -42.33 -38.23
C LEU R 435 2.84 -41.04 -37.42
N GLN R 436 3.20 -41.09 -36.14
CA GLN R 436 3.24 -39.93 -35.27
C GLN R 436 4.37 -38.97 -35.59
N ASN R 437 5.12 -39.23 -36.65
CA ASN R 437 6.21 -38.36 -37.08
C ASN R 437 5.93 -37.68 -38.41
N LEU R 438 4.69 -37.73 -38.90
CA LEU R 438 4.37 -37.25 -40.24
C LEU R 438 3.12 -36.38 -40.23
N ILE R 439 3.11 -35.41 -41.14
CA ILE R 439 1.93 -34.60 -41.44
C ILE R 439 1.49 -34.96 -42.85
N VAL R 440 0.29 -35.54 -42.96
CA VAL R 440 -0.21 -36.00 -44.26
C VAL R 440 -1.24 -35.04 -44.86
N ASN R 441 -1.43 -33.87 -44.26
CA ASN R 441 -2.38 -32.89 -44.77
C ASN R 441 -1.80 -31.50 -44.58
N SER R 442 -2.32 -30.55 -45.36
CA SER R 442 -1.84 -29.16 -45.36
C SER R 442 -0.33 -29.10 -45.61
N ILE R 443 0.12 -29.91 -46.57
CA ILE R 443 1.54 -30.02 -46.86
C ILE R 443 1.95 -28.89 -47.80
N ASN R 444 3.00 -28.16 -47.43
CA ASN R 444 3.43 -27.01 -48.20
C ASN R 444 4.71 -27.34 -48.94
N PRO R 445 4.68 -27.54 -50.25
CA PRO R 445 5.90 -27.89 -51.00
C PRO R 445 6.65 -26.68 -51.51
N THR R 446 7.96 -26.85 -51.67
CA THR R 446 8.84 -25.84 -52.24
C THR R 446 9.46 -26.38 -53.51
N LEU R 447 9.62 -25.51 -54.50
CA LEU R 447 10.17 -25.93 -55.79
C LEU R 447 11.62 -26.37 -55.66
N ASN R 448 12.36 -25.83 -54.68
CA ASN R 448 13.73 -26.27 -54.47
C ASN R 448 13.78 -27.74 -54.07
N GLU R 449 13.02 -28.12 -53.04
CA GLU R 449 12.96 -29.51 -52.63
C GLU R 449 12.34 -30.39 -53.70
N LEU R 450 11.34 -29.88 -54.40
CA LEU R 450 10.73 -30.64 -55.49
C LEU R 450 11.75 -30.96 -56.57
N SER R 451 12.55 -29.97 -56.97
CA SER R 451 13.60 -30.21 -57.96
C SER R 451 14.65 -31.19 -57.43
N LEU R 452 15.07 -31.00 -56.17
CA LEU R 452 16.07 -31.90 -55.60
C LEU R 452 15.58 -33.33 -55.52
N PHE R 453 14.27 -33.53 -55.35
CA PHE R 453 13.69 -34.87 -55.30
C PHE R 453 13.45 -35.45 -56.70
N GLN R 454 13.04 -34.64 -57.66
CA GLN R 454 12.65 -35.12 -58.97
C GLN R 454 13.79 -35.11 -59.99
N SER R 455 14.97 -34.59 -59.62
CA SER R 455 16.09 -34.57 -60.55
C SER R 455 16.51 -35.98 -60.94
N ASN R 456 16.49 -36.91 -60.00
CA ASN R 456 16.86 -38.29 -60.28
C ASN R 456 15.83 -39.02 -61.14
N GLU R 457 14.65 -38.43 -61.35
CA GLU R 457 13.61 -39.01 -62.18
C GLU R 457 13.73 -38.62 -63.64
N GLU R 458 14.86 -38.03 -64.04
CA GLU R 458 15.16 -37.60 -65.41
C GLU R 458 14.18 -36.55 -65.93
N SER R 459 13.42 -35.91 -65.05
CA SER R 459 12.49 -34.87 -65.45
C SER R 459 12.14 -34.02 -64.24
N THR R 460 12.06 -32.71 -64.44
CA THR R 460 11.80 -31.78 -63.35
C THR R 460 10.32 -31.78 -63.01
N THR R 461 9.98 -32.32 -61.84
CA THR R 461 8.62 -32.34 -61.31
C THR R 461 7.63 -32.95 -62.30
N ILE R 462 7.91 -34.21 -62.67
CA ILE R 462 7.00 -34.92 -63.56
C ILE R 462 5.68 -35.23 -62.86
N ASP R 463 5.73 -35.57 -61.58
CA ASP R 463 4.53 -35.89 -60.81
C ASP R 463 3.93 -34.59 -60.29
N LEU R 464 2.67 -34.32 -60.66
CA LEU R 464 2.03 -33.07 -60.25
C LEU R 464 0.57 -33.25 -59.84
N SER R 465 0.12 -34.46 -59.55
CA SER R 465 -1.27 -34.66 -59.13
C SER R 465 -1.46 -34.26 -57.67
N THR R 466 -0.66 -34.83 -56.78
CA THR R 466 -0.70 -34.42 -55.37
C THR R 466 -0.34 -32.96 -55.22
N ILE R 467 0.59 -32.46 -56.04
CA ILE R 467 0.94 -31.05 -56.01
C ILE R 467 -0.27 -30.21 -56.43
N ALA R 468 -1.00 -30.64 -57.45
CA ALA R 468 -2.20 -29.91 -57.87
C ALA R 468 -3.25 -29.90 -56.78
N ASP R 469 -3.43 -31.02 -56.08
CA ASP R 469 -4.37 -31.07 -54.97
C ASP R 469 -3.95 -30.12 -53.86
N SER R 470 -2.64 -30.07 -53.55
CA SER R 470 -2.16 -29.13 -52.55
C SER R 470 -2.39 -27.69 -52.99
N LEU R 471 -2.21 -27.42 -54.29
CA LEU R 471 -2.49 -26.08 -54.81
C LEU R 471 -3.96 -25.71 -54.61
N LYS R 472 -4.86 -26.66 -54.90
CA LYS R 472 -6.28 -26.41 -54.69
C LYS R 472 -6.57 -26.13 -53.22
N GLU R 473 -5.98 -26.91 -52.32
CA GLU R 473 -6.19 -26.68 -50.89
C GLU R 473 -5.68 -25.31 -50.47
N THR R 474 -4.49 -24.92 -50.94
CA THR R 474 -3.94 -23.63 -50.58
C THR R 474 -4.81 -22.49 -51.12
N ALA R 475 -5.30 -22.64 -52.35
CA ALA R 475 -6.17 -21.61 -52.91
C ALA R 475 -7.48 -21.50 -52.13
N LYS R 476 -8.06 -22.64 -51.74
CA LYS R 476 -9.34 -22.62 -51.06
C LYS R 476 -9.23 -22.07 -49.64
N ASN R 477 -8.22 -22.51 -48.90
CA ASN R 477 -8.12 -22.11 -47.50
C ASN R 477 -7.66 -20.66 -47.33
N LEU R 478 -6.85 -20.15 -48.25
CA LEU R 478 -6.28 -18.81 -48.10
C LEU R 478 -7.30 -17.70 -48.33
N VAL R 479 -8.47 -18.00 -48.88
CA VAL R 479 -9.45 -16.97 -49.17
C VAL R 479 -10.14 -16.52 -47.88
N SER R 480 -10.07 -15.23 -47.60
CA SER R 480 -10.78 -14.62 -46.48
C SER R 480 -11.51 -13.38 -46.98
N PHE R 481 -12.75 -13.21 -46.53
CA PHE R 481 -13.61 -12.15 -47.04
C PHE R 481 -13.87 -11.10 -45.96
N GLN R 482 -14.22 -9.91 -46.42
CA GLN R 482 -14.57 -8.78 -45.56
C GLN R 482 -15.76 -8.08 -46.18
N PRO R 483 -16.53 -7.35 -45.37
CA PRO R 483 -17.67 -6.58 -45.94
C PRO R 483 -17.19 -5.59 -46.98
N GLY R 484 -18.00 -5.44 -48.03
CA GLY R 484 -17.69 -4.52 -49.11
C GLY R 484 -16.86 -5.10 -50.24
N ASP R 485 -16.43 -6.35 -50.13
CA ASP R 485 -15.64 -6.96 -51.21
C ASP R 485 -16.52 -7.27 -52.41
N ASN R 486 -16.02 -6.93 -53.60
CA ASN R 486 -16.69 -7.26 -54.85
C ASN R 486 -16.34 -8.69 -55.23
N VAL R 487 -17.36 -9.55 -55.33
CA VAL R 487 -17.15 -10.98 -55.53
C VAL R 487 -18.01 -11.43 -56.71
N GLU R 488 -17.63 -12.58 -57.27
CA GLU R 488 -18.37 -13.20 -58.35
C GLU R 488 -18.66 -14.65 -57.98
N ILE R 489 -19.77 -15.16 -58.49
CA ILE R 489 -20.30 -16.47 -58.11
C ILE R 489 -19.93 -17.48 -59.19
N ILE R 490 -19.41 -18.63 -58.76
CA ILE R 490 -18.91 -19.63 -59.68
C ILE R 490 -19.94 -20.72 -59.98
N ASN R 491 -20.73 -21.10 -58.98
CA ASN R 491 -21.68 -22.20 -59.12
C ASN R 491 -23.09 -21.72 -58.80
N GLY R 492 -24.01 -22.67 -58.70
CA GLY R 492 -25.38 -22.37 -58.32
C GLY R 492 -26.19 -21.74 -59.43
N GLU R 493 -27.47 -21.53 -59.14
CA GLU R 493 -28.34 -20.88 -60.11
C GLU R 493 -27.93 -19.43 -60.35
N LEU R 494 -27.28 -18.81 -59.36
CA LEU R 494 -26.81 -17.43 -59.46
C LEU R 494 -25.39 -17.34 -59.97
N ASN R 495 -24.95 -18.32 -60.76
CA ASN R 495 -23.59 -18.32 -61.29
C ASN R 495 -23.37 -17.14 -62.22
N HIS R 496 -22.13 -16.63 -62.22
CA HIS R 496 -21.73 -15.48 -63.04
C HIS R 496 -22.55 -14.24 -62.68
N LEU R 497 -22.64 -13.97 -61.38
CA LEU R 497 -23.29 -12.77 -60.88
C LEU R 497 -22.33 -12.02 -59.96
N THR R 498 -22.38 -10.70 -60.02
CA THR R 498 -21.54 -9.84 -59.21
C THR R 498 -22.32 -9.32 -58.01
N GLY R 499 -21.58 -9.07 -56.93
CA GLY R 499 -22.21 -8.59 -55.71
C GLY R 499 -21.17 -8.11 -54.73
N THR R 500 -21.64 -7.38 -53.72
CA THR R 500 -20.79 -6.81 -52.69
C THR R 500 -21.13 -7.46 -51.35
N VAL R 501 -20.09 -7.86 -50.61
CA VAL R 501 -20.29 -8.52 -49.33
C VAL R 501 -20.85 -7.50 -48.34
N SER R 502 -22.02 -7.79 -47.78
CA SER R 502 -22.64 -6.90 -46.82
C SER R 502 -22.21 -7.21 -45.39
N SER R 503 -22.37 -8.46 -44.97
CA SER R 503 -21.99 -8.87 -43.62
C SER R 503 -21.40 -10.28 -43.69
N VAL R 504 -20.58 -10.60 -42.69
CA VAL R 504 -19.92 -11.89 -42.60
C VAL R 504 -20.37 -12.57 -41.31
N ASN R 505 -20.83 -13.81 -41.44
CA ASN R 505 -21.24 -14.62 -40.30
C ASN R 505 -20.45 -15.92 -40.32
N GLN R 506 -19.82 -16.26 -39.19
CA GLN R 506 -18.92 -17.40 -39.07
C GLN R 506 -17.85 -17.26 -40.16
N SER R 507 -17.53 -18.31 -40.90
CA SER R 507 -16.56 -18.24 -41.99
C SER R 507 -17.05 -18.96 -43.24
N THR R 508 -18.31 -19.39 -43.27
CA THR R 508 -18.85 -20.12 -44.41
C THR R 508 -20.13 -19.52 -44.97
N ILE R 509 -20.78 -18.60 -44.28
CA ILE R 509 -22.00 -17.96 -44.75
C ILE R 509 -21.72 -16.46 -44.87
N VAL R 510 -21.93 -15.92 -46.07
CA VAL R 510 -21.66 -14.51 -46.35
C VAL R 510 -22.91 -13.90 -46.97
N SER R 511 -23.42 -12.84 -46.34
CA SER R 511 -24.55 -12.11 -46.89
C SER R 511 -24.07 -11.15 -47.97
N VAL R 512 -24.64 -11.29 -49.17
CA VAL R 512 -24.20 -10.51 -50.32
C VAL R 512 -25.40 -9.79 -50.93
N ARG R 513 -25.21 -8.52 -51.25
CA ARG R 513 -26.19 -7.75 -52.02
C ARG R 513 -25.74 -7.72 -53.47
N LEU R 514 -26.58 -8.23 -54.36
CA LEU R 514 -26.21 -8.37 -55.76
C LEU R 514 -26.44 -7.07 -56.52
N HIS R 515 -25.67 -6.89 -57.59
CA HIS R 515 -25.77 -5.72 -58.46
C HIS R 515 -26.22 -6.17 -59.84
N SER R 516 -27.25 -5.50 -60.36
CA SER R 516 -27.79 -5.83 -61.67
C SER R 516 -28.51 -4.60 -62.21
N ASP R 517 -28.84 -4.65 -63.50
CA ASP R 517 -29.54 -3.54 -64.14
C ASP R 517 -30.94 -3.33 -63.57
N ASP R 518 -31.52 -4.33 -62.92
CA ASP R 518 -32.84 -4.20 -62.33
C ASP R 518 -32.72 -3.65 -60.92
N ASP R 519 -33.45 -2.56 -60.64
CA ASP R 519 -33.35 -1.93 -59.33
C ASP R 519 -33.93 -2.81 -58.23
N THR R 520 -35.03 -3.51 -58.51
CA THR R 520 -35.65 -4.36 -57.51
C THR R 520 -34.76 -5.52 -57.09
N ILE R 521 -33.86 -5.96 -57.96
CA ILE R 521 -32.94 -7.03 -57.60
C ILE R 521 -31.78 -6.51 -56.75
N ASN R 522 -31.34 -5.27 -57.00
CA ASN R 522 -30.22 -4.70 -56.27
C ASN R 522 -30.54 -4.39 -54.81
N SER R 523 -31.82 -4.45 -54.43
CA SER R 523 -32.24 -4.17 -53.06
C SER R 523 -32.44 -5.43 -52.24
N GLU R 524 -31.90 -6.56 -52.69
CA GLU R 524 -32.04 -7.84 -52.02
C GLU R 524 -30.68 -8.31 -51.52
N THR R 525 -30.67 -8.90 -50.32
CA THR R 525 -29.46 -9.47 -49.74
C THR R 525 -29.57 -10.99 -49.73
N VAL R 526 -28.53 -11.65 -50.21
CA VAL R 526 -28.51 -13.11 -50.35
C VAL R 526 -27.32 -13.65 -49.57
N GLU R 527 -27.56 -14.67 -48.76
CA GLU R 527 -26.50 -15.36 -48.04
C GLU R 527 -25.96 -16.49 -48.89
N ILE R 528 -24.67 -16.45 -49.19
CA ILE R 528 -24.08 -17.38 -50.15
C ILE R 528 -22.86 -18.05 -49.53
N PRO R 529 -22.70 -19.37 -49.69
CA PRO R 529 -21.50 -20.03 -49.18
C PRO R 529 -20.23 -19.47 -49.81
N THR R 530 -19.17 -19.42 -49.02
CA THR R 530 -17.89 -18.86 -49.47
C THR R 530 -17.20 -19.74 -50.49
N SER R 531 -17.53 -21.02 -50.57
CA SER R 531 -16.87 -21.92 -51.50
C SER R 531 -17.20 -21.62 -52.95
N ASP R 532 -18.20 -20.79 -53.23
CA ASP R 532 -18.60 -20.44 -54.58
C ASP R 532 -18.52 -18.92 -54.80
N LEU R 533 -17.48 -18.30 -54.26
CA LEU R 533 -17.25 -16.86 -54.42
C LEU R 533 -15.83 -16.64 -54.90
N ARG R 534 -15.67 -15.74 -55.87
CA ARG R 534 -14.35 -15.33 -56.35
C ARG R 534 -14.26 -13.82 -56.31
N LYS R 535 -13.16 -13.31 -55.77
CA LYS R 535 -12.98 -11.88 -55.62
C LYS R 535 -12.87 -11.19 -56.97
N ILE R 536 -13.44 -10.00 -57.08
CA ILE R 536 -13.39 -9.19 -58.29
C ILE R 536 -12.44 -8.03 -58.05
N PHE R 537 -11.40 -7.94 -58.86
CA PHE R 537 -10.37 -6.92 -58.71
C PHE R 537 -10.41 -5.99 -59.91
N ASN R 538 -10.76 -4.73 -59.68
CA ASN R 538 -10.84 -3.73 -60.74
C ASN R 538 -9.51 -2.98 -60.86
N VAL R 539 -9.24 -2.49 -62.06
CA VAL R 539 -7.97 -1.83 -62.34
C VAL R 539 -7.92 -0.49 -61.64
N GLY R 540 -6.83 -0.23 -60.93
CA GLY R 540 -6.63 1.04 -60.25
C GLY R 540 -7.10 1.05 -58.81
N ASP R 541 -6.88 -0.07 -58.11
CA ASP R 541 -7.27 -0.21 -56.72
C ASP R 541 -6.07 -0.59 -55.87
N HIS R 542 -5.99 -0.01 -54.68
CA HIS R 542 -4.92 -0.36 -53.75
C HIS R 542 -5.15 -1.78 -53.22
N VAL R 543 -4.17 -2.65 -53.43
CA VAL R 543 -4.26 -4.04 -53.03
C VAL R 543 -2.98 -4.44 -52.32
N ARG R 544 -3.12 -5.23 -51.25
CA ARG R 544 -2.00 -5.68 -50.44
C ARG R 544 -1.87 -7.20 -50.57
N VAL R 545 -0.65 -7.67 -50.76
CA VAL R 545 -0.40 -9.10 -50.90
C VAL R 545 -0.61 -9.79 -49.56
N ILE R 546 -1.39 -10.87 -49.57
CA ILE R 546 -1.68 -11.60 -48.34
C ILE R 546 -0.51 -12.49 -47.96
N HIS R 547 -0.09 -13.36 -48.89
CA HIS R 547 0.89 -14.40 -48.59
C HIS R 547 1.74 -14.65 -49.82
N GLY R 548 2.98 -15.06 -49.58
CA GLY R 548 3.94 -15.37 -50.62
C GLY R 548 5.26 -14.69 -50.35
N LYS R 549 6.12 -14.70 -51.38
CA LYS R 549 7.40 -14.01 -51.26
C LYS R 549 7.21 -12.50 -51.16
N HIS R 550 6.18 -11.96 -51.80
CA HIS R 550 5.88 -10.54 -51.77
C HIS R 550 4.90 -10.18 -50.66
N THR R 551 4.92 -10.91 -49.54
CA THR R 551 4.01 -10.62 -48.44
C THR R 551 4.20 -9.19 -47.94
N ASP R 552 3.07 -8.54 -47.62
CA ASP R 552 2.99 -7.16 -47.15
C ASP R 552 3.38 -6.15 -48.21
N ASP R 553 3.38 -6.53 -49.48
CA ASP R 553 3.62 -5.59 -50.56
C ASP R 553 2.27 -5.07 -51.08
N THR R 554 2.20 -3.77 -51.32
CA THR R 554 0.99 -3.11 -51.78
C THR R 554 1.22 -2.46 -53.13
N GLY R 555 0.13 -2.04 -53.76
CA GLY R 555 0.24 -1.39 -55.05
C GLY R 555 -1.12 -1.13 -55.65
N LEU R 556 -1.11 -0.70 -56.91
CA LEU R 556 -2.32 -0.40 -57.65
C LEU R 556 -2.47 -1.39 -58.80
N ILE R 557 -3.68 -1.93 -58.95
CA ILE R 557 -3.93 -2.92 -59.99
C ILE R 557 -3.77 -2.28 -61.36
N VAL R 558 -3.05 -2.96 -62.26
CA VAL R 558 -2.78 -2.47 -63.60
C VAL R 558 -3.39 -3.38 -64.66
N GLU R 559 -3.14 -4.68 -64.56
CA GLU R 559 -3.63 -5.65 -65.54
C GLU R 559 -4.26 -6.82 -64.82
N VAL R 560 -5.42 -7.26 -65.29
CA VAL R 560 -6.18 -8.34 -64.67
C VAL R 560 -6.25 -9.47 -65.70
N ASN R 561 -5.32 -10.43 -65.59
CA ASN R 561 -5.31 -11.59 -66.47
C ASN R 561 -6.02 -12.79 -65.84
N GLY R 562 -7.29 -12.60 -65.50
CA GLY R 562 -8.09 -13.66 -64.91
C GLY R 562 -7.61 -14.09 -63.54
N ASP R 563 -7.07 -15.30 -63.43
CA ASP R 563 -6.60 -15.79 -62.14
C ASP R 563 -5.41 -14.98 -61.64
N LYS R 564 -4.51 -14.61 -62.54
CA LYS R 564 -3.31 -13.86 -62.17
C LYS R 564 -3.54 -12.39 -62.42
N VAL R 565 -3.22 -11.56 -61.42
CA VAL R 565 -3.43 -10.12 -61.49
C VAL R 565 -2.09 -9.43 -61.37
N GLU R 566 -1.91 -8.38 -62.17
CA GLU R 566 -0.67 -7.60 -62.19
C GLU R 566 -0.91 -6.24 -61.57
N PHE R 567 0.06 -5.78 -60.77
CA PHE R 567 -0.04 -4.52 -60.07
C PHE R 567 1.33 -3.89 -59.92
N ILE R 568 1.38 -2.56 -60.01
CA ILE R 568 2.62 -1.83 -59.81
C ILE R 568 2.88 -1.69 -58.32
N SER R 569 4.06 -2.11 -57.87
CA SER R 569 4.37 -2.08 -56.46
C SER R 569 4.60 -0.65 -55.98
N ASN R 570 4.52 -0.46 -54.66
CA ASN R 570 4.73 0.83 -54.02
C ASN R 570 6.15 1.00 -53.52
N GLN R 571 6.71 -0.03 -52.88
CA GLN R 571 8.06 0.04 -52.35
C GLN R 571 9.09 -0.11 -53.45
N THR R 572 9.06 -1.23 -54.18
CA THR R 572 9.99 -1.46 -55.27
C THR R 572 9.63 -0.64 -56.50
N LYS R 573 8.40 -0.14 -56.59
CA LYS R 573 7.95 0.67 -57.72
C LYS R 573 8.11 -0.06 -59.05
N ARG R 574 7.87 -1.37 -59.03
CA ARG R 574 7.94 -2.20 -60.23
C ARG R 574 6.75 -3.13 -60.27
N THR R 575 6.40 -3.55 -61.48
CA THR R 575 5.26 -4.44 -61.67
C THR R 575 5.55 -5.82 -61.13
N VAL R 576 4.58 -6.38 -60.41
CA VAL R 576 4.67 -7.72 -59.84
C VAL R 576 3.40 -8.48 -60.21
N ILE R 577 3.56 -9.72 -60.68
CA ILE R 577 2.45 -10.56 -61.09
C ILE R 577 2.26 -11.64 -60.03
N VAL R 578 1.13 -11.57 -59.33
CA VAL R 578 0.78 -12.54 -58.29
C VAL R 578 -0.67 -12.95 -58.52
N PHE R 579 -0.99 -14.18 -58.10
CA PHE R 579 -2.35 -14.69 -58.26
C PHE R 579 -3.34 -13.84 -57.48
N SER R 580 -4.57 -13.75 -58.01
CA SER R 580 -5.62 -13.01 -57.34
C SER R 580 -5.97 -13.59 -55.97
N ASN R 581 -5.60 -14.84 -55.72
CA ASN R 581 -5.84 -15.46 -54.42
C ASN R 581 -5.00 -14.85 -53.31
N TYR R 582 -3.92 -14.13 -53.65
CA TYR R 582 -2.99 -13.60 -52.67
C TYR R 582 -3.12 -12.09 -52.50
N LEU R 583 -4.24 -11.51 -52.94
CA LEU R 583 -4.42 -10.06 -52.91
C LEU R 583 -5.68 -9.71 -52.15
N ILE R 584 -5.60 -8.65 -51.35
CA ILE R 584 -6.74 -8.09 -50.63
C ILE R 584 -6.81 -6.60 -50.96
N LYS R 585 -8.01 -6.12 -51.27
CA LYS R 585 -8.20 -4.71 -51.55
C LYS R 585 -8.06 -3.89 -50.27
N SER R 586 -6.87 -3.39 -50.01
CA SER R 586 -6.58 -2.59 -48.82
C SER R 586 -6.22 -1.18 -49.29
N THR R 587 -7.13 -0.23 -49.07
CA THR R 587 -6.94 1.12 -49.58
C THR R 587 -5.77 1.85 -48.93
N ASP R 588 -5.27 1.36 -47.79
CA ASP R 588 -4.16 1.99 -47.10
C ASP R 588 -3.11 0.94 -46.78
N SER R 589 -1.84 1.28 -47.00
CA SER R 589 -0.75 0.35 -46.74
C SER R 589 -0.34 0.35 -45.27
N THR R 590 0.18 1.49 -44.80
CA THR R 590 0.70 1.64 -43.43
C THR R 590 1.53 0.44 -43.01
N VAL R 591 2.55 0.15 -43.82
CA VAL R 591 3.40 -1.01 -43.59
C VAL R 591 4.41 -0.71 -42.50
N SER R 592 4.51 -1.62 -41.53
CA SER R 592 5.51 -1.53 -40.47
C SER R 592 6.69 -2.42 -40.83
N ILE R 593 7.90 -1.88 -40.73
CA ILE R 593 9.11 -2.57 -41.15
C ILE R 593 9.84 -3.18 -39.96
N ASN R 594 9.29 -3.08 -38.76
CA ASN R 594 9.94 -3.64 -37.58
C ASN R 594 10.07 -5.15 -37.71
N GLU R 595 11.06 -5.69 -37.01
CA GLU R 595 11.39 -7.12 -37.05
C GLU R 595 11.71 -7.55 -38.47
N SER R 596 12.69 -6.87 -39.07
CA SER R 596 13.12 -7.17 -40.44
C SER R 596 14.47 -6.52 -40.67
N GLY R 597 15.44 -7.32 -41.13
CA GLY R 597 16.77 -6.81 -41.40
C GLY R 597 17.53 -6.49 -40.13
N ARG R 598 18.52 -5.60 -40.28
CA ARG R 598 19.38 -5.20 -39.19
C ARG R 598 19.24 -3.73 -38.78
N PHE R 599 18.75 -2.88 -39.68
CA PHE R 599 18.73 -1.44 -39.45
C PHE R 599 17.30 -0.93 -39.35
N GLU R 600 17.13 0.09 -38.51
CA GLU R 600 15.87 0.80 -38.35
C GLU R 600 15.98 2.18 -38.99
N LEU R 601 14.94 2.97 -38.80
CA LEU R 601 14.93 4.34 -39.32
C LEU R 601 15.96 5.19 -38.60
N HIS R 602 16.50 6.18 -39.31
CA HIS R 602 17.47 7.13 -38.77
C HIS R 602 18.73 6.42 -38.25
N ASP R 603 19.21 5.45 -39.03
CA ASP R 603 20.42 4.72 -38.71
C ASP R 603 21.54 5.16 -39.63
N LEU R 604 22.65 5.60 -39.04
CA LEU R 604 23.82 6.02 -39.81
C LEU R 604 24.63 4.78 -40.19
N VAL R 605 24.53 4.37 -41.45
CA VAL R 605 25.16 3.15 -41.93
C VAL R 605 26.18 3.50 -43.01
N GLN R 606 27.08 2.55 -43.27
CA GLN R 606 28.15 2.73 -44.25
C GLN R 606 27.74 1.99 -45.53
N VAL R 607 27.53 2.75 -46.60
CA VAL R 607 27.08 2.16 -47.86
C VAL R 607 28.16 1.23 -48.43
N ASN R 608 29.38 1.73 -48.51
CA ASN R 608 30.49 0.97 -49.07
C ASN R 608 31.78 1.43 -48.40
N SER R 609 32.92 1.15 -49.03
CA SER R 609 34.21 1.58 -48.51
C SER R 609 34.39 3.09 -48.54
N ASP R 610 33.52 3.84 -49.22
CA ASP R 610 33.72 5.27 -49.40
C ASP R 610 32.50 6.07 -48.97
N LEU R 611 31.30 5.54 -49.19
CA LEU R 611 30.06 6.28 -49.00
C LEU R 611 29.41 5.88 -47.68
N VAL R 612 29.00 6.88 -46.91
CA VAL R 612 28.32 6.69 -45.62
C VAL R 612 27.02 7.48 -45.65
N GLY R 613 25.92 6.84 -45.24
CA GLY R 613 24.64 7.49 -45.28
C GLY R 613 23.73 7.20 -44.10
N ILE R 614 22.51 7.71 -44.16
CA ILE R 614 21.53 7.52 -43.10
C ILE R 614 20.22 7.03 -43.72
N VAL R 615 19.44 6.29 -42.94
CA VAL R 615 18.22 5.67 -43.43
C VAL R 615 17.08 6.68 -43.36
N ILE R 616 16.37 6.84 -44.46
CA ILE R 616 15.23 7.75 -44.53
C ILE R 616 13.90 6.97 -44.56
N ARG R 617 13.87 5.84 -45.24
CA ARG R 617 12.67 5.02 -45.32
C ARG R 617 13.07 3.57 -45.49
N ALA R 618 12.42 2.70 -44.73
CA ALA R 618 12.72 1.27 -44.74
C ALA R 618 11.64 0.52 -45.50
N GLN R 619 12.03 -0.56 -46.18
CA GLN R 619 11.13 -1.39 -46.94
C GLN R 619 11.27 -2.84 -46.49
N LYS R 620 10.28 -3.66 -46.84
CA LYS R 620 10.35 -5.08 -46.55
C LYS R 620 11.47 -5.76 -47.33
N ASP R 621 11.88 -5.17 -48.45
CA ASP R 621 12.89 -5.78 -49.31
C ASP R 621 14.19 -4.99 -49.40
N SER R 622 14.17 -3.69 -49.08
CA SER R 622 15.36 -2.86 -49.21
C SER R 622 15.25 -1.69 -48.25
N PHE R 623 16.17 -0.75 -48.37
CA PHE R 623 16.20 0.46 -47.57
C PHE R 623 16.51 1.66 -48.45
N ASP R 624 16.05 2.83 -48.01
CA ASP R 624 16.33 4.09 -48.68
C ASP R 624 17.29 4.89 -47.82
N VAL R 625 18.41 5.30 -48.41
CA VAL R 625 19.50 5.92 -47.67
C VAL R 625 19.83 7.27 -48.29
N LEU R 626 19.85 8.31 -47.45
CA LEU R 626 20.40 9.61 -47.82
C LEU R 626 21.85 9.66 -47.39
N CYS R 627 22.74 9.91 -48.34
CA CYS R 627 24.17 9.92 -48.07
C CYS R 627 24.64 11.33 -47.71
N SER R 628 25.92 11.43 -47.36
CA SER R 628 26.49 12.72 -46.99
C SER R 628 26.52 13.68 -48.18
N ASP R 629 26.52 13.15 -49.40
CA ASP R 629 26.54 13.99 -50.58
C ASP R 629 25.22 14.74 -50.78
N GLY R 630 24.11 14.17 -50.36
CA GLY R 630 22.81 14.75 -50.59
C GLY R 630 21.92 14.00 -51.56
N LYS R 631 22.32 12.81 -51.99
CA LYS R 631 21.56 12.00 -52.93
C LYS R 631 20.88 10.84 -52.21
N LEU R 632 19.98 10.18 -52.92
CA LEU R 632 19.21 9.06 -52.40
C LEU R 632 19.57 7.79 -53.15
N LEU R 633 19.67 6.69 -52.40
CA LEU R 633 20.02 5.39 -52.96
C LEU R 633 19.08 4.32 -52.42
N SER R 634 18.93 3.25 -53.19
CA SER R 634 18.16 2.08 -52.77
C SER R 634 19.05 0.85 -52.86
N LEU R 635 19.21 0.15 -51.74
CA LEU R 635 20.09 -1.01 -51.66
C LEU R 635 19.44 -2.09 -50.82
N PRO R 636 19.75 -3.35 -51.09
CA PRO R 636 19.26 -4.44 -50.24
C PRO R 636 19.93 -4.39 -48.87
N PRO R 637 19.28 -4.93 -47.84
CA PRO R 637 19.90 -4.92 -46.50
C PRO R 637 21.23 -5.65 -46.45
N VAL R 638 21.41 -6.67 -47.28
CA VAL R 638 22.67 -7.42 -47.27
C VAL R 638 23.83 -6.56 -47.75
N SER R 639 23.59 -5.73 -48.78
CA SER R 639 24.68 -4.98 -49.40
C SER R 639 25.30 -3.97 -48.44
N ILE R 640 24.53 -3.47 -47.47
CA ILE R 640 25.04 -2.48 -46.54
C ILE R 640 26.11 -3.10 -45.66
N TYR R 641 27.20 -2.36 -45.45
CA TYR R 641 28.33 -2.87 -44.67
C TYR R 641 27.92 -3.19 -43.24
N SER R 642 27.62 -2.14 -42.46
CA SER R 642 27.22 -2.29 -41.06
C SER R 642 26.87 -0.92 -40.51
N LYS R 643 26.19 -0.92 -39.38
CA LYS R 643 25.88 0.32 -38.67
C LYS R 643 27.16 0.91 -38.09
N LEU R 644 27.29 2.24 -38.17
CA LEU R 644 28.47 2.94 -37.66
C LEU R 644 28.22 3.32 -36.19
N ASN R 645 28.44 2.34 -35.32
CA ASN R 645 28.28 2.58 -33.88
C ASN R 645 29.39 3.51 -33.40
N LEU R 646 28.99 4.71 -32.97
CA LEU R 646 29.95 5.72 -32.54
C LEU R 646 29.61 6.17 -31.13
N ASN R 647 30.61 6.17 -30.26
CA ASN R 647 30.45 6.66 -28.91
C ASN R 647 30.38 8.18 -28.90
N PRO R 648 29.88 8.77 -27.81
CA PRO R 648 29.92 10.25 -27.71
C PRO R 648 31.32 10.81 -27.80
N ASN R 649 32.34 10.03 -27.44
CA ASN R 649 33.72 10.44 -27.65
C ASN R 649 34.12 10.45 -29.12
N GLN R 650 33.31 9.87 -30.00
CA GLN R 650 33.56 9.88 -31.43
C GLN R 650 32.62 10.79 -32.19
N GLN R 651 31.34 10.85 -31.81
CA GLN R 651 30.34 11.67 -32.48
C GLN R 651 30.33 13.05 -31.83
N ILE R 652 31.22 13.90 -32.33
CA ILE R 652 31.43 15.25 -31.78
C ILE R 652 31.25 16.27 -32.90
N ALA R 653 30.54 17.35 -32.60
CA ALA R 653 30.29 18.42 -33.56
C ALA R 653 30.73 19.75 -32.96
N ILE R 654 31.38 20.57 -33.80
CA ILE R 654 31.82 21.91 -33.43
C ILE R 654 31.21 22.89 -34.43
N ASP R 655 30.59 23.96 -33.91
CA ASP R 655 29.93 24.93 -34.75
C ASP R 655 30.94 25.88 -35.38
N SER R 656 30.45 26.92 -36.05
CA SER R 656 31.35 27.89 -36.68
C SER R 656 32.17 28.65 -35.64
N ASN R 657 31.53 29.05 -34.54
CA ASN R 657 32.21 29.82 -33.50
C ASN R 657 33.14 28.97 -32.64
N GLY R 658 33.12 27.65 -32.77
CA GLY R 658 33.97 26.78 -31.99
C GLY R 658 33.32 26.20 -30.75
N VAL R 659 32.08 26.57 -30.45
CA VAL R 659 31.38 26.00 -29.30
C VAL R 659 30.94 24.58 -29.64
N GLU R 660 31.20 23.64 -28.73
CA GLU R 660 30.80 22.27 -28.94
C GLU R 660 29.28 22.15 -28.97
N VAL R 661 28.77 21.37 -29.92
CA VAL R 661 27.35 21.08 -30.05
C VAL R 661 27.18 19.57 -30.06
N LYS R 662 26.29 19.07 -29.21
CA LYS R 662 26.11 17.63 -29.04
C LYS R 662 24.88 17.15 -29.79
N VAL R 663 24.57 15.86 -29.61
CA VAL R 663 23.48 15.22 -30.34
C VAL R 663 22.14 15.74 -29.81
N GLY R 664 21.22 16.02 -30.73
CA GLY R 664 19.90 16.48 -30.37
C GLY R 664 19.75 17.97 -30.20
N ASP R 665 20.84 18.72 -30.25
CA ASP R 665 20.76 20.17 -30.09
C ASP R 665 20.19 20.82 -31.35
N THR R 666 19.64 22.01 -31.18
CA THR R 666 19.06 22.77 -32.28
C THR R 666 20.05 23.84 -32.72
N VAL R 667 20.39 23.85 -34.01
CA VAL R 667 21.26 24.83 -34.61
C VAL R 667 20.58 25.39 -35.85
N ARG R 668 21.00 26.59 -36.24
CA ARG R 668 20.45 27.26 -37.41
C ARG R 668 21.55 27.53 -38.43
N GLU R 669 21.25 27.26 -39.70
CA GLU R 669 22.23 27.50 -40.76
C GLU R 669 22.63 28.97 -40.78
N PHE R 670 23.94 29.21 -40.87
CA PHE R 670 24.44 30.58 -40.83
C PHE R 670 24.08 31.33 -42.12
N THR R 671 24.12 30.65 -43.26
CA THR R 671 23.82 31.27 -44.55
C THR R 671 22.90 30.34 -45.33
N GLY R 672 22.72 30.65 -46.61
CA GLY R 672 21.85 29.83 -47.44
C GLY R 672 20.39 30.01 -47.06
N GLU R 673 19.69 28.88 -46.96
CA GLU R 673 18.29 28.91 -46.55
C GLU R 673 18.12 29.30 -45.09
N ARG R 674 19.21 29.27 -44.31
CA ARG R 674 19.19 29.63 -42.90
C ARG R 674 18.19 28.79 -42.11
N ARG R 675 18.06 27.52 -42.49
CA ARG R 675 17.13 26.62 -41.81
C ARG R 675 17.67 26.24 -40.43
N GLN R 676 16.83 25.56 -39.67
CA GLN R 676 17.20 25.07 -38.35
C GLN R 676 16.57 23.71 -38.13
N GLY R 677 17.15 22.97 -37.19
CA GLY R 677 16.62 21.66 -36.86
C GLY R 677 17.45 21.02 -35.76
N THR R 678 17.00 19.84 -35.35
CA THR R 678 17.69 19.08 -34.31
C THR R 678 18.68 18.12 -34.95
N ILE R 679 19.87 18.01 -34.35
CA ILE R 679 20.90 17.15 -34.88
C ILE R 679 20.52 15.70 -34.65
N LEU R 680 20.57 14.90 -35.71
CA LEU R 680 20.31 13.47 -35.63
C LEU R 680 21.58 12.65 -35.51
N HIS R 681 22.57 12.92 -36.37
CA HIS R 681 23.86 12.23 -36.30
C HIS R 681 24.94 13.15 -36.81
N VAL R 682 26.14 12.97 -36.28
CA VAL R 682 27.30 13.79 -36.63
C VAL R 682 28.36 12.87 -37.23
N TYR R 683 28.87 13.24 -38.40
CA TYR R 683 29.89 12.44 -39.08
C TYR R 683 30.83 13.39 -39.80
N ARG R 684 32.11 13.35 -39.40
CA ARG R 684 33.14 14.23 -39.96
C ARG R 684 32.67 15.67 -39.76
N ASN R 685 32.58 16.49 -40.80
CA ASN R 685 32.04 17.83 -40.70
C ASN R 685 30.58 17.90 -41.11
N PHE R 686 29.94 16.76 -41.32
CA PHE R 686 28.56 16.69 -41.78
C PHE R 686 27.64 16.51 -40.59
N LEU R 687 26.54 17.27 -40.58
CA LEU R 687 25.50 17.14 -39.57
C LEU R 687 24.18 16.79 -40.23
N PHE R 688 23.42 15.91 -39.59
CA PHE R 688 22.14 15.45 -40.13
C PHE R 688 21.03 16.15 -39.34
N LEU R 689 20.56 17.27 -39.87
CA LEU R 689 19.50 18.03 -39.23
C LEU R 689 18.14 17.52 -39.68
N ARG R 690 17.21 17.40 -38.74
CA ARG R 690 15.82 17.07 -39.04
C ARG R 690 14.91 18.14 -38.46
N SER R 691 13.95 18.59 -39.27
CA SER R 691 12.98 19.59 -38.84
C SER R 691 11.59 19.13 -39.25
N ARG R 692 10.62 19.40 -38.39
CA ARG R 692 9.24 19.01 -38.66
C ARG R 692 8.61 19.87 -39.75
N GLU R 693 9.09 21.10 -39.91
CA GLU R 693 8.56 21.96 -40.98
C GLU R 693 8.89 21.40 -42.35
N ILE R 694 10.11 20.90 -42.54
CA ILE R 694 10.54 20.38 -43.83
C ILE R 694 9.85 19.05 -44.08
N VAL R 695 9.30 18.88 -45.29
CA VAL R 695 8.58 17.67 -45.65
C VAL R 695 9.47 16.74 -46.46
N GLU R 696 10.41 17.32 -47.21
CA GLU R 696 11.28 16.52 -48.06
C GLU R 696 12.15 15.58 -47.24
N ASN R 697 12.12 14.30 -47.61
CA ASN R 697 12.87 13.26 -46.90
C ASN R 697 12.56 13.26 -45.41
N GLN R 698 11.28 13.49 -45.08
CA GLN R 698 10.81 13.54 -43.70
C GLN R 698 11.60 14.55 -42.87
N GLY R 699 11.96 15.67 -43.49
CA GLY R 699 12.64 16.75 -42.81
C GLY R 699 14.15 16.56 -42.65
N VAL R 700 14.70 15.46 -43.13
CA VAL R 700 16.12 15.18 -42.98
C VAL R 700 16.89 15.86 -44.10
N PHE R 701 17.92 16.63 -43.73
CA PHE R 701 18.77 17.27 -44.70
C PHE R 701 20.16 17.40 -44.11
N VAL R 702 21.17 17.21 -44.95
CA VAL R 702 22.57 17.23 -44.52
C VAL R 702 23.13 18.63 -44.70
N THR R 703 23.78 19.13 -43.65
CA THR R 703 24.38 20.46 -43.68
C THR R 703 25.69 20.42 -42.93
N SER R 704 26.71 21.06 -43.49
CA SER R 704 28.04 21.05 -42.89
C SER R 704 28.06 21.81 -41.57
N SER R 705 28.88 21.34 -40.63
CA SER R 705 28.95 21.96 -39.33
C SER R 705 29.51 23.38 -39.38
N ASN R 706 30.27 23.72 -40.42
CA ASN R 706 30.86 25.04 -40.54
C ASN R 706 29.86 26.11 -40.97
N ARG R 707 28.64 25.72 -41.36
CA ARG R 707 27.65 26.65 -41.87
C ARG R 707 26.47 26.84 -40.94
N VAL R 708 26.57 26.41 -39.68
CA VAL R 708 25.49 26.52 -38.73
C VAL R 708 25.99 27.17 -37.46
N LYS R 709 25.07 27.78 -36.73
CA LYS R 709 25.36 28.42 -35.45
C LYS R 709 24.43 27.87 -34.37
N THR R 710 24.94 27.83 -33.14
CA THR R 710 24.16 27.32 -32.02
C THR R 710 23.00 28.24 -31.69
N ILE R 711 21.84 27.65 -31.44
CA ILE R 711 20.66 28.41 -31.04
C ILE R 711 20.54 28.43 -29.52
N ARG R 751 39.73 7.45 -12.62
CA ARG R 751 38.31 7.24 -12.36
C ARG R 751 38.05 7.38 -10.86
N ASP R 752 38.45 8.52 -10.30
CA ASP R 752 38.27 8.84 -8.89
C ASP R 752 38.84 7.73 -8.01
N PRO R 753 40.16 7.60 -7.92
CA PRO R 753 40.76 6.47 -7.19
C PRO R 753 40.47 6.48 -5.69
N THR R 754 40.06 7.62 -5.14
CA THR R 754 39.80 7.73 -3.71
C THR R 754 38.37 7.36 -3.33
N LEU R 755 37.54 6.95 -4.29
CA LEU R 755 36.19 6.53 -3.98
C LEU R 755 36.20 5.23 -3.17
N ASN R 756 35.28 5.14 -2.21
CA ASN R 756 35.13 3.96 -1.36
C ASN R 756 36.41 3.65 -0.60
N LYS R 757 37.09 4.69 -0.14
CA LYS R 757 38.33 4.55 0.63
C LYS R 757 38.17 5.25 1.97
N THR R 758 38.72 4.65 3.02
CA THR R 758 38.68 5.26 4.33
C THR R 758 39.52 6.53 4.36
N VAL R 759 38.96 7.59 4.93
CA VAL R 759 39.60 8.89 4.95
C VAL R 759 39.47 9.49 6.34
N LYS R 760 40.38 10.40 6.67
CA LYS R 760 40.37 11.13 7.93
C LYS R 760 40.42 12.62 7.66
N ILE R 761 39.68 13.38 8.47
CA ILE R 761 39.56 14.83 8.31
C ILE R 761 40.58 15.50 9.21
N ARG R 762 41.32 16.46 8.65
CA ARG R 762 42.41 17.10 9.37
C ARG R 762 42.14 18.56 9.74
N GLN R 763 41.11 19.18 9.18
CA GLN R 763 40.81 20.58 9.48
C GLN R 763 39.31 20.77 9.57
N GLY R 764 38.91 21.95 10.03
CA GLY R 764 37.51 22.27 10.15
C GLY R 764 36.90 21.77 11.45
N GLY R 765 35.56 21.72 11.44
CA GLY R 765 34.81 21.31 12.60
C GLY R 765 34.71 19.82 12.83
N TYR R 766 35.32 19.01 11.97
CA TYR R 766 35.29 17.56 12.08
C TYR R 766 36.69 16.98 12.12
N LYS R 767 37.63 17.67 12.76
CA LYS R 767 39.02 17.22 12.77
C LYS R 767 39.14 15.85 13.43
N GLY R 768 39.85 14.94 12.76
CA GLY R 768 40.14 13.65 13.33
C GLY R 768 39.01 12.65 13.31
N LYS R 769 38.05 12.78 12.40
CA LYS R 769 36.94 11.85 12.30
C LYS R 769 37.11 10.96 11.07
N ILE R 770 36.93 9.66 11.27
CA ILE R 770 37.10 8.67 10.21
C ILE R 770 35.82 8.61 9.38
N GLY R 771 35.98 8.54 8.06
CA GLY R 771 34.84 8.43 7.17
C GLY R 771 35.19 7.65 5.92
N ILE R 772 34.20 7.53 5.03
CA ILE R 772 34.36 6.86 3.75
C ILE R 772 33.84 7.78 2.66
N VAL R 773 34.63 7.96 1.61
CA VAL R 773 34.26 8.85 0.52
C VAL R 773 33.17 8.18 -0.32
N LYS R 774 32.09 8.92 -0.59
CA LYS R 774 30.95 8.41 -1.33
C LYS R 774 30.79 9.05 -2.69
N GLU R 775 30.96 10.37 -2.79
CA GLU R 775 30.83 11.08 -4.05
C GLU R 775 32.13 11.84 -4.33
N ALA R 776 32.60 11.77 -5.56
CA ALA R 776 33.87 12.36 -5.95
C ALA R 776 33.73 13.12 -7.27
N ASN R 777 32.71 13.98 -7.35
CA ASN R 777 32.54 14.81 -8.54
C ASN R 777 33.79 15.66 -8.79
N GLY R 778 34.07 16.59 -7.87
CA GLY R 778 35.31 17.34 -7.93
C GLY R 778 35.39 18.47 -6.93
N ASP R 779 36.51 18.54 -6.22
CA ASP R 779 36.82 19.61 -5.26
C ASP R 779 35.82 19.68 -4.12
N ARG R 780 34.82 18.80 -4.12
CA ARG R 780 33.82 18.75 -3.06
C ARG R 780 33.45 17.27 -2.88
N PHE R 781 34.06 16.64 -1.86
CA PHE R 781 33.89 15.21 -1.63
C PHE R 781 32.81 14.98 -0.58
N ARG R 782 31.92 14.03 -0.87
CA ARG R 782 30.90 13.65 0.09
C ARG R 782 31.40 12.47 0.91
N VAL R 783 31.57 12.69 2.22
CA VAL R 783 32.13 11.68 3.12
C VAL R 783 31.10 11.36 4.18
N GLU R 784 30.73 10.09 4.29
CA GLU R 784 29.88 9.65 5.38
C GLU R 784 30.73 9.46 6.63
N LEU R 785 30.21 9.89 7.76
CA LEU R 785 30.94 9.80 9.02
C LEU R 785 30.57 8.53 9.76
N HIS R 786 31.58 7.88 10.33
CA HIS R 786 31.32 6.71 11.16
C HIS R 786 30.77 7.11 12.53
N ASN R 787 31.07 8.34 12.99
CA ASN R 787 30.74 8.70 14.37
C ASN R 787 29.25 8.97 14.53
N PRO R 788 28.65 10.01 13.86
CA PRO R 788 27.19 10.05 13.80
C PRO R 788 26.70 9.37 12.53
N ASN R 789 25.38 9.31 12.33
CA ASN R 789 24.83 8.72 11.12
C ASN R 789 24.43 9.85 10.17
N LYS R 790 25.43 10.38 9.47
CA LYS R 790 25.21 11.48 8.53
C LYS R 790 26.34 11.52 7.52
N THR R 791 26.10 12.22 6.42
CA THR R 791 27.08 12.40 5.35
C THR R 791 27.25 13.89 5.12
N ILE R 792 28.50 14.33 4.96
CA ILE R 792 28.79 15.76 4.86
C ILE R 792 29.66 16.03 3.64
N PRO R 793 29.52 17.20 3.01
CA PRO R 793 30.48 17.61 2.00
C PRO R 793 31.76 18.12 2.65
N ILE R 794 32.86 18.03 1.90
CA ILE R 794 34.14 18.48 2.40
C ILE R 794 35.09 18.72 1.22
N PRO R 795 35.89 19.79 1.25
CA PRO R 795 36.87 20.01 0.18
C PRO R 795 37.97 18.95 0.22
N CYS R 796 38.60 18.77 -0.95
CA CYS R 796 39.65 17.77 -1.07
C CYS R 796 40.85 18.09 -0.18
N SER R 797 41.13 19.37 0.02
CA SER R 797 42.29 19.77 0.81
C SER R 797 42.17 19.37 2.28
N PHE R 798 40.97 19.02 2.73
CA PHE R 798 40.72 18.73 4.14
C PHE R 798 40.78 17.25 4.47
N LEU R 799 41.26 16.42 3.55
CA LEU R 799 41.18 14.98 3.68
C LEU R 799 42.56 14.36 3.82
N LEU R 800 42.60 13.21 4.48
CA LEU R 800 43.81 12.40 4.63
C LEU R 800 43.43 10.97 4.24
N ILE R 801 43.82 10.54 3.06
CA ILE R 801 43.42 9.25 2.53
C ILE R 801 44.33 8.17 3.10
N GLU R 802 43.72 7.12 3.66
CA GLU R 802 44.49 6.03 4.22
C GLU R 802 45.20 5.25 3.12
N SER R 803 46.41 4.80 3.44
CA SER R 803 47.20 3.98 2.52
C SER R 803 47.83 2.83 3.31
N THR R 804 48.72 2.10 2.64
CA THR R 804 49.40 0.97 3.28
C THR R 804 50.41 1.42 4.32
N HIS R 805 50.80 2.69 4.32
CA HIS R 805 51.80 3.22 5.26
C HIS R 805 51.25 4.51 5.86
N GLY R 806 50.45 4.36 6.92
CA GLY R 806 49.94 5.52 7.63
C GLY R 806 48.98 6.36 6.79
N TRP R 807 48.87 7.62 7.18
CA TRP R 807 47.96 8.56 6.53
C TRP R 807 48.71 9.42 5.53
N VAL R 808 48.11 9.62 4.36
CA VAL R 808 48.71 10.38 3.29
C VAL R 808 47.78 11.53 2.92
N PRO R 809 48.30 12.74 2.72
CA PRO R 809 47.43 13.85 2.29
C PRO R 809 46.90 13.64 0.87
N TYR R 810 46.22 14.64 0.32
CA TYR R 810 45.56 14.46 -0.97
C TYR R 810 46.59 14.41 -2.09
N GLU R 811 47.41 13.36 -2.09
CA GLU R 811 48.27 13.02 -3.22
C GLU R 811 48.14 11.56 -3.60
N ASP R 812 47.13 10.85 -3.10
CA ASP R 812 46.91 9.45 -3.41
C ASP R 812 46.61 9.23 -4.89
N LEU S 232 -36.13 -56.27 -42.43
CA LEU S 232 -37.50 -55.87 -42.20
C LEU S 232 -38.48 -56.77 -42.93
N GLN S 233 -39.65 -56.25 -43.24
CA GLN S 233 -40.66 -56.99 -43.96
C GLN S 233 -40.79 -56.45 -45.38
N GLY S 234 -41.10 -57.34 -46.32
CA GLY S 234 -40.95 -57.01 -47.73
C GLY S 234 -41.86 -55.90 -48.21
N GLU S 235 -43.12 -55.92 -47.80
CA GLU S 235 -44.07 -54.95 -48.34
C GLU S 235 -43.75 -53.54 -47.87
N GLN S 236 -43.47 -53.38 -46.58
CA GLN S 236 -43.03 -52.08 -46.08
C GLN S 236 -41.62 -51.73 -46.55
N TYR S 237 -40.80 -52.73 -46.90
CA TYR S 237 -39.56 -52.41 -47.59
C TYR S 237 -39.84 -51.79 -48.96
N GLN S 238 -40.84 -52.31 -49.68
CA GLN S 238 -41.28 -51.69 -50.92
C GLN S 238 -41.84 -50.30 -50.68
N GLU S 239 -42.60 -50.12 -49.60
CA GLU S 239 -43.12 -48.79 -49.26
C GLU S 239 -41.99 -47.80 -48.97
N ILE S 240 -40.95 -48.25 -48.27
CA ILE S 240 -39.80 -47.41 -47.99
C ILE S 240 -39.09 -47.04 -49.29
N ILE S 241 -38.98 -48.00 -50.20
CA ILE S 241 -38.40 -47.71 -51.52
C ILE S 241 -39.24 -46.67 -52.25
N GLU S 242 -40.56 -46.81 -52.19
CA GLU S 242 -41.45 -45.84 -52.85
C GLU S 242 -41.29 -44.45 -52.26
N ILE S 243 -41.20 -44.35 -50.93
CA ILE S 243 -41.09 -43.05 -50.28
C ILE S 243 -39.73 -42.42 -50.56
N PHE S 244 -38.65 -43.19 -50.40
CA PHE S 244 -37.30 -42.66 -50.46
C PHE S 244 -36.60 -42.90 -51.78
N GLY S 245 -37.11 -43.79 -52.63
CA GLY S 245 -36.47 -44.05 -53.91
C GLY S 245 -35.20 -44.86 -53.79
N ASP S 246 -34.78 -45.48 -54.89
CA ASP S 246 -33.50 -46.17 -54.93
C ASP S 246 -32.34 -45.22 -55.20
N GLY S 247 -32.63 -43.94 -55.46
CA GLY S 247 -31.60 -42.96 -55.78
C GLY S 247 -31.43 -42.73 -57.27
N THR S 248 -31.94 -43.62 -58.11
CA THR S 248 -31.76 -43.48 -59.56
C THR S 248 -32.43 -42.23 -60.11
N ASP S 249 -33.43 -41.69 -59.40
CA ASP S 249 -34.01 -40.42 -59.81
C ASP S 249 -32.99 -39.30 -59.76
N TYR S 250 -31.95 -39.46 -58.94
CA TYR S 250 -30.86 -38.49 -58.85
C TYR S 250 -29.49 -39.14 -58.82
N GLN S 251 -29.40 -40.43 -59.15
CA GLN S 251 -28.09 -41.07 -59.29
C GLN S 251 -27.30 -40.44 -60.41
N TRP S 252 -27.95 -40.10 -61.52
CA TRP S 252 -27.26 -39.42 -62.61
C TRP S 252 -26.80 -38.03 -62.19
N THR S 253 -27.60 -37.33 -61.38
CA THR S 253 -27.17 -36.05 -60.84
C THR S 253 -25.93 -36.21 -59.97
N LEU S 254 -25.93 -37.23 -59.12
CA LEU S 254 -24.76 -37.49 -58.29
C LEU S 254 -23.53 -37.82 -59.14
N ASP S 255 -23.73 -38.61 -60.20
CA ASP S 255 -22.62 -38.95 -61.09
C ASP S 255 -22.06 -37.71 -61.76
N ALA S 256 -22.94 -36.81 -62.22
CA ALA S 256 -22.48 -35.57 -62.83
C ALA S 256 -21.75 -34.69 -61.81
N GLU S 257 -22.25 -34.65 -60.58
CA GLU S 257 -21.57 -33.88 -59.53
C GLU S 257 -20.17 -34.42 -59.28
N GLU S 258 -20.03 -35.74 -59.18
CA GLU S 258 -18.72 -36.33 -58.94
C GLU S 258 -17.81 -36.15 -60.15
N GLU S 259 -18.37 -36.17 -61.36
CA GLU S 259 -17.59 -35.91 -62.56
C GLU S 259 -17.04 -34.48 -62.56
N MET S 260 -17.88 -33.52 -62.19
CA MET S 260 -17.44 -32.14 -62.14
C MET S 260 -16.51 -31.86 -60.97
N GLU S 261 -16.59 -32.66 -59.91
CA GLU S 261 -15.67 -32.48 -58.78
C GLU S 261 -14.24 -32.76 -59.19
N GLN S 262 -14.02 -33.80 -59.98
CA GLN S 262 -12.68 -34.10 -60.47
C GLN S 262 -12.28 -33.11 -61.56
N PRO S 263 -10.98 -32.78 -61.68
CA PRO S 263 -10.47 -31.87 -62.72
C PRO S 263 -10.80 -32.33 -64.14
N THR S 281 -0.85 -28.90 -63.48
CA THR S 281 0.29 -29.36 -64.26
C THR S 281 1.08 -28.17 -64.79
N SER S 282 0.37 -27.12 -65.20
CA SER S 282 1.00 -25.90 -65.68
C SER S 282 1.76 -25.25 -64.53
N LEU S 283 3.08 -25.15 -64.66
CA LEU S 283 3.92 -24.62 -63.59
C LEU S 283 3.60 -23.16 -63.28
N ALA S 284 2.94 -22.45 -64.20
CA ALA S 284 2.55 -21.08 -63.93
C ALA S 284 1.56 -20.98 -62.78
N ASP S 285 0.58 -21.90 -62.73
CA ASP S 285 -0.37 -21.91 -61.63
C ASP S 285 0.23 -22.47 -60.34
N VAL S 286 1.26 -23.32 -60.44
CA VAL S 286 1.79 -23.97 -59.26
C VAL S 286 2.48 -22.96 -58.34
N PHE S 287 3.34 -22.12 -58.89
CA PHE S 287 4.10 -21.16 -58.10
C PHE S 287 4.04 -19.78 -58.74
N GLU S 288 4.38 -18.78 -57.94
CA GLU S 288 4.29 -17.40 -58.39
C GLU S 288 5.25 -17.18 -59.55
N PRO S 289 4.86 -16.38 -60.55
CA PRO S 289 5.75 -16.16 -61.70
C PRO S 289 7.10 -15.57 -61.33
N SER S 290 7.15 -14.73 -60.29
CA SER S 290 8.43 -14.20 -59.83
C SER S 290 9.34 -15.32 -59.35
N GLU S 291 8.79 -16.25 -58.56
CA GLU S 291 9.59 -17.38 -58.10
C GLU S 291 10.03 -18.27 -59.26
N LEU S 292 9.15 -18.48 -60.23
CA LEU S 292 9.50 -19.29 -61.39
C LEU S 292 10.63 -18.65 -62.18
N LYS S 293 10.56 -17.33 -62.38
CA LYS S 293 11.63 -16.63 -63.09
C LYS S 293 12.93 -16.66 -62.29
N GLU S 294 12.83 -16.58 -60.96
CA GLU S 294 14.02 -16.70 -60.12
C GLU S 294 14.66 -18.08 -60.25
N LYS S 295 13.84 -19.12 -60.29
CA LYS S 295 14.33 -20.50 -60.37
C LYS S 295 14.59 -20.94 -61.81
N MET S 296 14.35 -20.08 -62.79
CA MET S 296 14.60 -20.36 -64.21
C MET S 296 13.77 -21.55 -64.70
N LEU S 297 12.45 -21.38 -64.71
CA LEU S 297 11.52 -22.40 -65.16
C LEU S 297 10.45 -21.81 -66.06
N THR S 298 10.83 -20.96 -67.02
CA THR S 298 9.87 -20.30 -67.90
C THR S 298 10.18 -20.61 -69.36
N ASP S 299 9.35 -20.08 -70.26
CA ASP S 299 9.51 -20.36 -71.68
C ASP S 299 10.73 -19.67 -72.25
N GLU S 300 11.02 -18.44 -71.80
CA GLU S 300 12.26 -17.78 -72.18
C GLU S 300 13.46 -18.62 -71.80
N ASP S 301 13.39 -19.31 -70.67
CA ASP S 301 14.50 -20.13 -70.20
C ASP S 301 14.77 -21.30 -71.15
N ASN S 302 13.70 -22.00 -71.55
CA ASN S 302 13.84 -23.11 -72.47
C ASN S 302 14.31 -22.64 -73.85
N VAL S 303 13.81 -21.49 -74.31
CA VAL S 303 14.28 -20.95 -75.59
C VAL S 303 15.76 -20.63 -75.52
N ILE S 304 16.21 -20.00 -74.44
CA ILE S 304 17.62 -19.67 -74.30
C ILE S 304 18.48 -20.93 -74.26
N ARG S 305 18.05 -21.93 -73.48
CA ARG S 305 18.83 -23.16 -73.37
C ARG S 305 18.91 -23.90 -74.71
N VAL S 306 17.80 -23.93 -75.45
CA VAL S 306 17.78 -24.59 -76.75
C VAL S 306 18.59 -23.81 -77.77
N THR S 307 18.51 -22.48 -77.73
CA THR S 307 19.14 -21.64 -78.75
C THR S 307 20.64 -21.86 -78.78
N ASP S 308 21.19 -21.93 -80.00
CA ASP S 308 22.63 -22.11 -80.21
C ASP S 308 23.29 -20.75 -80.38
N LEU S 309 23.40 -20.05 -79.25
CA LEU S 309 24.02 -18.73 -79.21
C LEU S 309 24.48 -18.44 -77.79
N PRO S 310 25.56 -17.69 -77.62
CA PRO S 310 25.94 -17.24 -76.28
C PRO S 310 24.82 -16.41 -75.66
N GLU S 311 24.62 -16.58 -74.36
CA GLU S 311 23.54 -15.89 -73.69
C GLU S 311 23.75 -14.38 -73.67
N ARG S 312 25.01 -13.93 -73.63
CA ARG S 312 25.30 -12.50 -73.70
C ARG S 312 24.85 -11.91 -75.03
N PHE S 313 25.15 -12.60 -76.13
CA PHE S 313 24.72 -12.13 -77.44
C PHE S 313 23.20 -12.14 -77.55
N GLN S 314 22.55 -13.16 -76.99
CA GLN S 314 21.09 -13.21 -77.00
C GLN S 314 20.51 -12.04 -76.23
N ALA S 315 21.09 -11.71 -75.07
CA ALA S 315 20.62 -10.57 -74.30
C ALA S 315 20.82 -9.26 -75.07
N TYR S 316 21.96 -9.13 -75.75
CA TYR S 316 22.20 -7.93 -76.55
C TYR S 316 21.20 -7.81 -77.69
N ARG S 317 20.86 -8.93 -78.32
CA ARG S 317 20.00 -8.95 -79.50
C ARG S 317 18.52 -9.16 -79.18
N LYS S 318 18.16 -9.19 -77.89
CA LYS S 318 16.75 -9.40 -77.54
C LYS S 318 15.86 -8.30 -78.10
N SER S 319 16.30 -7.05 -78.00
CA SER S 319 15.51 -5.95 -78.53
C SER S 319 15.59 -5.86 -80.05
N ILE S 320 16.62 -6.46 -80.66
CA ILE S 320 16.82 -6.40 -82.11
C ILE S 320 15.92 -7.44 -82.75
N LYS S 321 14.84 -6.98 -83.38
CA LYS S 321 13.92 -7.90 -84.05
C LYS S 321 14.53 -8.47 -85.32
N ASN S 322 15.13 -7.62 -86.14
CA ASN S 322 15.74 -8.03 -87.40
C ASN S 322 17.26 -7.88 -87.27
N TYR S 323 17.97 -9.01 -87.31
CA TYR S 323 19.41 -9.02 -87.12
C TYR S 323 20.19 -9.38 -88.38
N LYS S 324 19.78 -10.42 -89.10
CA LYS S 324 20.52 -10.87 -90.28
C LYS S 324 20.36 -9.83 -91.39
N LEU S 325 21.38 -8.99 -91.56
CA LEU S 325 21.33 -7.97 -92.60
C LEU S 325 21.71 -8.58 -93.95
N SER S 326 21.45 -7.82 -95.01
CA SER S 326 21.86 -8.23 -96.35
C SER S 326 23.35 -7.97 -96.53
N ASP S 327 23.91 -8.48 -97.63
CA ASP S 327 25.34 -8.31 -97.89
C ASP S 327 25.68 -6.84 -98.10
N VAL S 328 24.84 -6.09 -98.81
CA VAL S 328 25.06 -4.65 -98.96
C VAL S 328 24.98 -3.97 -97.60
N ASP S 329 23.96 -4.31 -96.82
CA ASP S 329 23.84 -3.75 -95.47
C ASP S 329 25.01 -4.19 -94.60
N TYR S 330 25.50 -5.42 -94.79
CA TYR S 330 26.63 -5.91 -94.03
C TYR S 330 27.89 -5.10 -94.32
N SER S 331 28.16 -4.85 -95.61
CA SER S 331 29.32 -4.05 -95.98
C SER S 331 29.18 -2.61 -95.47
N ASN S 332 27.96 -2.07 -95.55
CA ASN S 332 27.74 -0.72 -95.02
C ASN S 332 27.99 -0.68 -93.52
N GLU S 333 27.57 -1.71 -92.80
CA GLU S 333 27.84 -1.80 -91.36
C GLU S 333 29.33 -1.85 -91.09
N ARG S 334 30.07 -2.64 -91.87
CA ARG S 334 31.51 -2.72 -91.69
C ARG S 334 32.17 -1.36 -91.93
N ASP S 335 31.76 -0.67 -93.00
CA ASP S 335 32.33 0.64 -93.29
C ASP S 335 32.01 1.64 -92.18
N TRP S 336 30.77 1.65 -91.69
CA TRP S 336 30.38 2.57 -90.63
C TRP S 336 31.14 2.27 -89.35
N ILE S 337 31.34 0.99 -89.03
CA ILE S 337 32.09 0.61 -87.83
C ILE S 337 33.54 1.07 -87.96
N VAL S 338 34.15 0.87 -89.13
CA VAL S 338 35.52 1.31 -89.36
C VAL S 338 35.63 2.82 -89.18
N GLU S 339 34.68 3.56 -89.77
CA GLU S 339 34.70 5.02 -89.66
C GLU S 339 34.52 5.47 -88.21
N GLN S 340 33.62 4.80 -87.47
CA GLN S 340 33.41 5.14 -86.08
C GLN S 340 34.67 4.92 -85.26
N LEU S 341 35.34 3.78 -85.47
CA LEU S 341 36.59 3.53 -84.76
C LEU S 341 37.66 4.53 -85.12
N LYS S 342 37.76 4.88 -86.41
CA LYS S 342 38.75 5.86 -86.84
C LYS S 342 38.49 7.21 -86.18
N LEU S 343 37.22 7.61 -86.07
CA LEU S 343 36.89 8.84 -85.36
C LEU S 343 37.25 8.75 -83.88
N GLU S 344 36.93 7.61 -83.25
CA GLU S 344 37.17 7.47 -81.81
C GLU S 344 38.65 7.25 -81.50
N LYS S 345 39.31 6.35 -82.23
CA LYS S 345 40.71 6.03 -81.99
C LYS S 345 41.65 6.86 -82.85
N ARG S 346 41.26 8.08 -83.20
CA ARG S 346 42.09 8.94 -84.03
C ARG S 346 43.44 9.20 -83.37
N ASP S 347 43.45 9.43 -82.06
CA ASP S 347 44.71 9.66 -81.36
C ASP S 347 45.61 8.43 -81.40
N PHE S 348 45.03 7.24 -81.19
CA PHE S 348 45.83 6.01 -81.23
C PHE S 348 46.37 5.76 -82.62
N LEU S 349 45.53 5.93 -83.64
CA LEU S 349 45.99 5.74 -85.02
C LEU S 349 47.08 6.75 -85.38
N GLN S 350 46.92 8.01 -84.94
CA GLN S 350 47.92 9.03 -85.22
C GLN S 350 49.25 8.70 -84.56
N HIS S 351 49.21 8.28 -83.29
CA HIS S 351 50.44 7.91 -82.60
C HIS S 351 51.11 6.70 -83.26
N LEU S 352 50.31 5.71 -83.65
CA LEU S 352 50.86 4.53 -84.32
C LEU S 352 51.51 4.90 -85.65
N THR S 353 50.85 5.76 -86.43
CA THR S 353 51.39 6.17 -87.71
C THR S 353 52.66 7.00 -87.54
N GLN S 354 52.68 7.89 -86.55
CA GLN S 354 53.86 8.74 -86.34
C GLN S 354 55.05 7.91 -85.87
N ALA S 355 54.83 7.06 -84.87
CA ALA S 355 55.93 6.24 -84.35
C ALA S 355 56.40 5.22 -85.39
N HIS S 356 55.46 4.47 -85.95
CA HIS S 356 55.77 3.48 -87.00
C HIS S 356 55.46 4.05 -88.37
N SER S 357 56.22 5.09 -88.74
CA SER S 357 56.04 5.72 -90.04
C SER S 357 56.63 4.90 -91.17
N SER S 358 57.57 3.99 -90.86
CA SER S 358 58.22 3.22 -91.91
C SER S 358 57.22 2.30 -92.62
N VAL S 359 56.32 1.68 -91.88
CA VAL S 359 55.39 0.74 -92.47
C VAL S 359 54.28 1.49 -93.19
N ALA S 360 54.03 1.11 -94.44
CA ALA S 360 52.99 1.75 -95.25
C ALA S 360 51.64 1.09 -95.02
N HIS S 361 50.61 1.91 -94.92
CA HIS S 361 49.22 1.44 -94.81
C HIS S 361 49.02 0.54 -93.58
N LEU S 362 49.55 0.98 -92.44
CA LEU S 362 49.22 0.32 -91.18
C LEU S 362 47.72 0.46 -90.88
N GLU S 363 47.15 1.63 -91.16
CA GLU S 363 45.73 1.84 -90.93
C GLU S 363 44.88 1.02 -91.89
N GLU S 364 45.38 0.73 -93.09
CA GLU S 364 44.66 -0.16 -93.99
C GLU S 364 44.57 -1.58 -93.41
N LYS S 365 45.68 -2.07 -92.86
CA LYS S 365 45.64 -3.36 -92.17
C LYS S 365 44.74 -3.29 -90.94
N PHE S 366 44.70 -2.13 -90.27
CA PHE S 366 43.77 -1.95 -89.16
C PHE S 366 42.33 -2.09 -89.62
N GLU S 367 41.99 -1.47 -90.74
CA GLU S 367 40.64 -1.57 -91.28
C GLU S 367 40.32 -3.01 -91.67
N ALA S 368 41.29 -3.71 -92.28
CA ALA S 368 41.08 -5.11 -92.62
C ALA S 368 40.85 -5.95 -91.37
N SER S 369 41.62 -5.71 -90.31
CA SER S 369 41.44 -6.46 -89.07
C SER S 369 40.09 -6.17 -88.43
N VAL S 370 39.66 -4.90 -88.47
CA VAL S 370 38.35 -4.53 -87.93
C VAL S 370 37.24 -5.22 -88.71
N LYS S 371 37.36 -5.24 -90.05
CA LYS S 371 36.39 -5.94 -90.87
C LYS S 371 36.35 -7.42 -90.54
N LYS S 372 37.53 -8.03 -90.36
CA LYS S 372 37.59 -9.45 -90.02
C LYS S 372 36.95 -9.73 -88.67
N ILE S 373 37.20 -8.87 -87.68
CA ILE S 373 36.63 -9.04 -86.35
C ILE S 373 35.12 -8.91 -86.40
N VAL S 374 34.61 -7.93 -87.16
CA VAL S 374 33.16 -7.79 -87.32
C VAL S 374 32.58 -9.01 -87.99
N ASP S 375 33.28 -9.53 -89.01
CA ASP S 375 32.83 -10.76 -89.66
C ASP S 375 32.73 -11.90 -88.66
N PHE S 376 33.77 -12.09 -87.85
CA PHE S 376 33.75 -13.14 -86.84
C PHE S 376 32.55 -12.99 -85.91
N ILE S 377 32.41 -11.80 -85.33
CA ILE S 377 31.40 -11.58 -84.30
C ILE S 377 30.00 -11.76 -84.88
N ALA S 378 29.75 -11.23 -86.07
CA ALA S 378 28.41 -11.28 -86.63
C ALA S 378 28.10 -12.66 -87.22
N ILE S 379 28.87 -13.08 -88.22
CA ILE S 379 28.56 -14.32 -88.92
C ILE S 379 28.81 -15.54 -88.02
N GLU S 380 30.00 -15.63 -87.43
CA GLU S 380 30.39 -16.84 -86.72
C GLU S 380 30.05 -16.80 -85.24
N SER S 381 29.54 -15.67 -84.73
CA SER S 381 29.05 -15.54 -83.37
C SER S 381 30.11 -16.00 -82.35
N PHE S 382 31.25 -15.31 -82.39
CA PHE S 382 32.37 -15.61 -81.52
C PHE S 382 32.44 -14.58 -80.40
N GLU S 383 32.50 -15.06 -79.16
CA GLU S 383 32.61 -14.18 -78.02
C GLU S 383 34.02 -13.58 -77.96
N VAL S 384 34.13 -12.43 -77.28
CA VAL S 384 35.38 -11.68 -77.29
C VAL S 384 36.56 -12.47 -76.74
N PRO S 385 36.48 -13.11 -75.56
CA PRO S 385 37.66 -13.85 -75.07
C PRO S 385 38.12 -14.96 -75.99
N PHE S 386 37.21 -15.66 -76.66
CA PHE S 386 37.62 -16.68 -77.62
C PHE S 386 38.43 -16.08 -78.76
N ILE S 387 37.98 -14.93 -79.28
CA ILE S 387 38.72 -14.26 -80.34
C ILE S 387 40.08 -13.82 -79.85
N TRP S 388 40.14 -13.29 -78.62
CA TRP S 388 41.41 -12.78 -78.12
C TRP S 388 42.39 -13.89 -77.81
N ASN S 389 41.90 -15.07 -77.43
CA ASN S 389 42.78 -16.19 -77.10
C ASN S 389 43.11 -17.08 -78.29
N HIS S 390 42.33 -17.02 -79.37
CA HIS S 390 42.57 -17.91 -80.51
C HIS S 390 42.56 -17.21 -81.85
N ARG S 391 42.27 -15.91 -81.91
CA ARG S 391 42.29 -15.19 -83.18
C ARG S 391 43.03 -13.85 -83.07
N ARG S 392 43.88 -13.70 -82.06
CA ARG S 392 44.63 -12.46 -81.88
C ARG S 392 45.70 -12.26 -82.94
N ASP S 393 45.98 -13.28 -83.76
CA ASP S 393 46.89 -13.09 -84.89
C ASP S 393 46.35 -12.03 -85.85
N TYR S 394 45.03 -12.01 -86.06
CA TYR S 394 44.42 -10.98 -86.89
C TYR S 394 44.54 -9.61 -86.25
N ALA S 395 44.47 -9.54 -84.92
CA ALA S 395 44.45 -8.28 -84.19
C ALA S 395 45.82 -7.64 -84.06
N LEU S 396 46.90 -8.33 -84.47
CA LEU S 396 48.24 -7.77 -84.40
C LEU S 396 48.97 -8.04 -85.70
N HIS S 397 49.71 -7.04 -86.17
CA HIS S 397 50.41 -7.11 -87.45
C HIS S 397 51.91 -7.19 -87.18
N THR S 398 52.51 -8.31 -87.56
CA THR S 398 53.93 -8.55 -87.31
C THR S 398 54.71 -8.07 -88.52
N TYR S 399 55.35 -6.91 -88.39
CA TYR S 399 56.21 -6.37 -89.44
C TYR S 399 57.67 -6.48 -89.02
N ASN S 400 58.54 -6.51 -90.01
CA ASN S 400 59.98 -6.55 -89.80
C ASN S 400 60.60 -5.21 -90.15
N ASP S 401 61.52 -4.75 -89.30
CA ASP S 401 62.16 -3.46 -89.49
C ASP S 401 63.30 -3.60 -90.51
N ASP S 402 64.12 -2.56 -90.61
CA ASP S 402 65.26 -2.60 -91.52
C ASP S 402 66.25 -3.68 -91.15
N SER S 403 66.28 -4.09 -89.87
CA SER S 403 67.11 -5.18 -89.42
C SER S 403 66.42 -6.54 -89.53
N ASN S 404 65.21 -6.59 -90.07
CA ASN S 404 64.41 -7.80 -90.20
C ASN S 404 64.03 -8.41 -88.86
N ASN S 405 64.07 -7.62 -87.79
CA ASN S 405 63.60 -8.09 -86.49
C ASN S 405 62.07 -8.11 -86.47
N THR S 406 61.50 -9.21 -86.03
CA THR S 406 60.05 -9.36 -85.98
C THR S 406 59.49 -8.46 -84.89
N ILE S 407 58.71 -7.45 -85.29
CA ILE S 407 58.12 -6.48 -84.39
C ILE S 407 56.60 -6.70 -84.39
N ILE S 408 56.04 -6.92 -83.21
CA ILE S 408 54.60 -7.07 -83.07
C ILE S 408 53.98 -5.69 -82.90
N VAL S 409 52.81 -5.50 -83.50
CA VAL S 409 52.07 -4.23 -83.43
C VAL S 409 50.67 -4.56 -82.95
N LYS S 410 50.39 -4.26 -81.68
CA LYS S 410 49.07 -4.52 -81.12
C LYS S 410 48.07 -3.53 -81.68
N LEU S 411 47.39 -3.90 -82.76
CA LEU S 411 46.43 -3.01 -83.39
C LEU S 411 45.18 -2.80 -82.55
N LEU S 412 44.76 -3.79 -81.78
CA LEU S 412 43.53 -3.71 -81.01
C LEU S 412 43.73 -4.35 -79.65
N ASN S 413 42.82 -4.07 -78.74
CA ASN S 413 42.76 -4.70 -77.43
C ASN S 413 41.34 -5.19 -77.18
N GLU S 414 41.15 -5.87 -76.05
CA GLU S 414 39.84 -6.42 -75.73
C GLU S 414 38.78 -5.34 -75.60
N ASP S 415 39.16 -4.18 -75.05
CA ASP S 415 38.23 -3.06 -74.96
C ASP S 415 37.77 -2.63 -76.35
N ASP S 416 38.65 -2.73 -77.35
CA ASP S 416 38.25 -2.43 -78.72
C ASP S 416 37.26 -3.45 -79.24
N LEU S 417 37.37 -4.72 -78.80
CA LEU S 417 36.39 -5.72 -79.22
C LEU S 417 35.03 -5.43 -78.58
N TRP S 418 35.01 -5.01 -77.31
CA TRP S 418 33.75 -4.58 -76.71
C TRP S 418 33.18 -3.38 -77.47
N ARG S 419 34.05 -2.46 -77.89
CA ARG S 419 33.60 -1.34 -78.71
C ARG S 419 33.02 -1.81 -80.03
N ILE S 420 33.62 -2.86 -80.61
CA ILE S 420 33.09 -3.46 -81.83
C ILE S 420 31.68 -3.97 -81.60
N VAL S 421 31.47 -4.67 -80.49
CA VAL S 421 30.13 -5.21 -80.19
C VAL S 421 29.13 -4.07 -80.04
N GLN S 422 29.51 -3.03 -79.28
CA GLN S 422 28.61 -1.90 -79.08
C GLN S 422 28.29 -1.21 -80.39
N LEU S 423 29.31 -1.03 -81.25
CA LEU S 423 29.10 -0.34 -82.51
C LEU S 423 28.24 -1.15 -83.47
N ASP S 424 28.41 -2.47 -83.47
CA ASP S 424 27.56 -3.29 -84.34
C ASP S 424 26.13 -3.26 -83.86
N LEU S 425 25.90 -3.26 -82.54
CA LEU S 425 24.54 -3.10 -82.03
C LEU S 425 23.97 -1.74 -82.45
N ASP S 426 24.77 -0.68 -82.36
CA ASP S 426 24.31 0.65 -82.73
C ASP S 426 23.91 0.71 -84.20
N TYR S 427 24.74 0.12 -85.08
CA TYR S 427 24.42 0.16 -86.49
C TYR S 427 23.22 -0.73 -86.82
N HIS S 428 23.09 -1.88 -86.13
CA HIS S 428 21.89 -2.68 -86.31
C HIS S 428 20.64 -1.90 -85.90
N SER S 429 20.75 -1.05 -84.88
CA SER S 429 19.63 -0.20 -84.50
C SER S 429 19.32 0.82 -85.58
N ILE S 430 20.35 1.54 -86.06
CA ILE S 430 20.12 2.61 -87.02
C ILE S 430 19.77 2.09 -88.41
N HIS S 431 20.03 0.80 -88.69
CA HIS S 431 19.69 0.23 -89.97
C HIS S 431 18.18 0.23 -90.19
N ASP S 432 17.41 -0.07 -89.15
CA ASP S 432 15.96 -0.03 -89.27
C ASP S 432 15.48 1.38 -89.57
N LYS S 433 16.08 2.38 -88.92
CA LYS S 433 15.69 3.77 -89.18
C LYS S 433 16.02 4.18 -90.61
N LYS S 434 17.20 3.81 -91.10
CA LYS S 434 17.55 4.17 -92.46
C LYS S 434 16.65 3.45 -93.47
N ALA S 435 16.27 2.19 -93.20
CA ALA S 435 15.32 1.50 -94.05
C ALA S 435 13.96 2.18 -94.03
N ALA S 436 13.53 2.66 -92.86
CA ALA S 436 12.25 3.37 -92.77
C ALA S 436 12.29 4.65 -93.59
N LEU S 437 13.38 5.41 -93.52
CA LEU S 437 13.50 6.61 -94.34
C LEU S 437 13.52 6.27 -95.83
N SER S 438 14.20 5.19 -96.22
CA SER S 438 14.20 4.78 -97.61
C SER S 438 12.79 4.42 -98.08
N SER S 439 12.04 3.68 -97.25
CA SER S 439 10.68 3.32 -97.61
C SER S 439 9.79 4.54 -97.72
N ILE S 440 9.95 5.50 -96.80
CA ILE S 440 9.17 6.74 -96.86
C ILE S 440 9.46 7.48 -98.16
N TYR S 441 10.75 7.61 -98.51
CA TYR S 441 11.11 8.30 -99.75
C TYR S 441 10.52 7.57 -100.96
N LYS S 442 10.58 6.24 -100.96
CA LYS S 442 10.01 5.47 -102.06
C LYS S 442 8.51 5.69 -102.17
N GLN S 443 7.82 5.79 -101.04
CA GLN S 443 6.39 6.09 -101.05
C GLN S 443 6.12 7.50 -101.58
N LEU S 444 7.00 8.45 -101.29
CA LEU S 444 6.86 9.77 -101.90
C LEU S 444 6.87 9.70 -103.41
N ASP S 445 7.79 8.90 -103.98
CA ASP S 445 7.85 8.64 -105.42
C ASP S 445 7.94 9.95 -106.20
N LEU S 446 9.01 10.69 -105.95
CA LEU S 446 9.20 11.97 -106.60
C LEU S 446 9.43 11.80 -108.09
N ASP S 447 8.84 12.69 -108.89
CA ASP S 447 9.05 12.65 -110.33
C ASP S 447 10.51 12.88 -110.68
N VAL S 448 11.14 13.85 -110.01
CA VAL S 448 12.57 14.11 -110.16
C VAL S 448 13.23 13.82 -108.82
N VAL S 449 14.27 13.00 -108.84
CA VAL S 449 14.97 12.64 -107.61
C VAL S 449 15.61 13.90 -107.04
N ASP S 450 15.34 14.17 -105.77
CA ASP S 450 15.86 15.38 -105.13
C ASP S 450 17.36 15.25 -104.93
N PRO S 451 18.17 16.15 -105.51
CA PRO S 451 19.63 16.02 -105.33
C PRO S 451 20.07 16.15 -103.89
N THR S 452 19.41 17.01 -103.11
CA THR S 452 19.76 17.15 -101.70
C THR S 452 19.50 15.85 -100.95
N TYR S 453 18.38 15.19 -101.25
CA TYR S 453 18.07 13.93 -100.59
C TYR S 453 19.17 12.90 -100.84
N GLU S 454 19.56 12.71 -102.11
CA GLU S 454 20.60 11.75 -102.43
C GLU S 454 21.93 12.13 -101.79
N GLU S 455 22.30 13.42 -101.88
CA GLU S 455 23.59 13.85 -101.38
C GLU S 455 23.71 13.64 -99.87
N PHE S 456 22.65 13.94 -99.12
CA PHE S 456 22.70 13.79 -97.68
C PHE S 456 22.41 12.38 -97.21
N PHE S 457 21.69 11.58 -98.01
CA PHE S 457 21.46 10.19 -97.65
C PHE S 457 22.70 9.34 -97.89
N GLY S 458 23.46 9.63 -98.95
CA GLY S 458 24.70 8.90 -99.18
C GLY S 458 25.71 9.11 -98.07
N SER S 459 25.76 10.30 -97.50
CA SER S 459 26.70 10.65 -96.44
C SER S 459 26.06 10.56 -95.05
N ALA S 460 24.87 9.98 -94.96
CA ALA S 460 24.20 9.87 -93.67
C ALA S 460 24.84 8.79 -92.82
N ARG S 461 25.35 9.18 -91.65
CA ARG S 461 25.97 8.26 -90.72
C ARG S 461 25.29 8.20 -89.36
N THR S 462 24.86 9.35 -88.84
CA THR S 462 24.23 9.42 -87.52
C THR S 462 22.72 9.48 -87.67
N LEU S 463 22.02 9.04 -86.63
CA LEU S 463 20.57 9.14 -86.62
C LEU S 463 20.09 10.58 -86.59
N SER S 464 20.92 11.52 -86.12
CA SER S 464 20.57 12.93 -86.19
C SER S 464 20.44 13.38 -87.65
N GLU S 465 21.35 12.94 -88.51
CA GLU S 465 21.25 13.28 -89.92
C GLU S 465 20.04 12.62 -90.57
N LEU S 466 19.69 11.40 -90.15
CA LEU S 466 18.47 10.77 -90.64
C LEU S 466 17.24 11.56 -90.21
N GLN S 467 17.24 12.06 -88.98
CA GLN S 467 16.13 12.89 -88.51
C GLN S 467 16.06 14.20 -89.30
N ASP S 468 17.22 14.77 -89.64
CA ASP S 468 17.25 15.96 -90.47
C ASP S 468 16.67 15.67 -91.85
N ILE S 469 17.02 14.52 -92.43
CA ILE S 469 16.45 14.12 -93.71
C ILE S 469 14.94 14.00 -93.60
N ASP S 470 14.46 13.37 -92.54
CA ASP S 470 13.02 13.21 -92.34
C ASP S 470 12.33 14.57 -92.23
N ASP S 471 12.92 15.49 -91.46
CA ASP S 471 12.33 16.81 -91.31
C ASP S 471 12.29 17.56 -92.64
N TYR S 472 13.38 17.50 -93.41
CA TYR S 472 13.42 18.16 -94.70
C TYR S 472 12.36 17.59 -95.65
N LEU S 473 12.26 16.26 -95.70
CA LEU S 473 11.30 15.62 -96.60
C LEU S 473 9.87 15.95 -96.19
N THR S 474 9.58 15.91 -94.89
CA THR S 474 8.22 16.21 -94.44
C THR S 474 7.87 17.68 -94.67
N PHE S 475 8.83 18.58 -94.47
CA PHE S 475 8.54 20.00 -94.65
C PHE S 475 8.30 20.33 -96.12
N ASN S 476 9.19 19.88 -97.01
CA ASN S 476 9.07 20.25 -98.41
C ASN S 476 8.04 19.40 -99.16
N TYR S 477 7.50 18.37 -98.54
CA TYR S 477 6.41 17.58 -99.13
C TYR S 477 5.32 17.34 -98.09
N SER S 478 4.92 18.41 -97.39
CA SER S 478 3.93 18.27 -96.33
C SER S 478 2.60 17.79 -96.88
N SER S 479 2.16 18.36 -98.01
CA SER S 479 0.93 17.90 -98.63
C SER S 479 1.06 16.46 -99.09
N GLN S 480 2.19 16.12 -99.72
CA GLN S 480 2.39 14.76 -100.21
C GLN S 480 2.48 13.76 -99.06
N VAL S 481 3.18 14.12 -97.98
CA VAL S 481 3.30 13.24 -96.83
C VAL S 481 1.93 13.05 -96.17
N LYS S 482 1.15 14.13 -96.05
CA LYS S 482 -0.19 14.02 -95.47
C LYS S 482 -1.08 13.13 -96.32
N ASN S 483 -1.00 13.28 -97.65
CA ASN S 483 -1.78 12.42 -98.54
C ASN S 483 -1.36 10.96 -98.40
N LEU S 484 -0.06 10.70 -98.34
CA LEU S 484 0.43 9.33 -98.19
C LEU S 484 -0.03 8.73 -96.87
N THR S 485 -0.07 9.54 -95.81
CA THR S 485 -0.68 9.09 -94.56
C THR S 485 -2.16 8.77 -94.78
N ALA S 486 -2.86 9.61 -95.54
CA ALA S 486 -4.26 9.33 -95.85
C ALA S 486 -4.40 8.15 -96.81
N VAL S 487 -3.46 7.98 -97.75
CA VAL S 487 -3.50 6.84 -98.67
C VAL S 487 -3.28 5.54 -97.92
N MET S 514 -11.01 9.49 -88.11
CA MET S 514 -9.61 9.90 -88.18
C MET S 514 -9.29 10.89 -87.06
N LYS S 515 -8.31 10.54 -86.23
CA LYS S 515 -7.91 11.37 -85.10
C LYS S 515 -7.48 12.76 -85.58
N ARG S 516 -8.23 13.79 -85.19
CA ARG S 516 -8.02 15.15 -85.69
C ARG S 516 -6.79 15.79 -85.04
N LYS S 517 -5.64 15.16 -85.27
CA LYS S 517 -4.38 15.78 -84.89
C LYS S 517 -4.10 16.96 -85.82
N TYR S 518 -3.74 18.10 -85.25
CA TYR S 518 -3.49 19.29 -86.04
C TYR S 518 -2.10 19.22 -86.66
N SER S 519 -2.04 19.24 -87.98
CA SER S 519 -0.76 19.26 -88.69
C SER S 519 -0.07 20.60 -88.42
N LYS S 520 1.15 20.54 -87.88
CA LYS S 520 1.90 21.76 -87.62
C LYS S 520 2.28 22.48 -88.90
N TYR S 521 2.20 21.81 -90.04
CA TYR S 521 2.51 22.39 -91.34
C TYR S 521 1.27 22.84 -92.09
N ALA S 522 0.10 22.87 -91.43
CA ALA S 522 -1.13 23.27 -92.11
C ALA S 522 -1.06 24.72 -92.59
N ILE S 523 -0.49 25.59 -91.76
CA ILE S 523 -0.35 27.00 -92.14
C ILE S 523 0.54 27.13 -93.38
N TYR S 524 1.64 26.36 -93.41
CA TYR S 524 2.54 26.41 -94.55
C TYR S 524 1.89 25.82 -95.79
N ASP S 525 1.06 24.78 -95.62
CA ASP S 525 0.29 24.26 -96.74
C ASP S 525 -0.68 25.31 -97.28
N ARG S 526 -1.34 26.04 -96.39
CA ARG S 526 -2.21 27.13 -96.83
C ARG S 526 -1.43 28.19 -97.58
N ILE S 527 -0.23 28.52 -97.10
CA ILE S 527 0.63 29.47 -97.82
C ILE S 527 0.95 28.94 -99.21
N ARG S 528 1.26 27.65 -99.31
CA ARG S 528 1.52 27.04 -100.62
C ARG S 528 0.31 27.16 -101.53
N GLN S 529 -0.89 26.95 -100.98
CA GLN S 529 -2.12 27.06 -101.75
C GLN S 529 -2.50 28.51 -102.05
N ASP S 530 -2.07 29.45 -101.21
CA ASP S 530 -2.45 30.84 -101.36
C ASP S 530 -1.67 31.50 -102.50
N ALA S 531 -2.16 32.66 -102.94
CA ALA S 531 -1.55 33.40 -104.04
C ALA S 531 -0.24 34.06 -103.66
N ILE S 532 0.14 34.07 -102.39
CA ILE S 532 1.38 34.71 -101.97
C ILE S 532 2.58 33.79 -102.13
N TYR S 533 2.35 32.50 -102.34
CA TYR S 533 3.43 31.55 -102.57
C TYR S 533 4.32 31.92 -103.76
N PRO S 534 3.80 32.42 -104.88
CA PRO S 534 4.69 32.94 -105.93
C PRO S 534 5.66 34.02 -105.45
N VAL S 535 5.24 34.89 -104.53
CA VAL S 535 6.18 35.87 -103.98
C VAL S 535 7.30 35.17 -103.22
N VAL S 536 6.95 34.14 -102.44
CA VAL S 536 7.96 33.38 -101.72
C VAL S 536 8.95 32.75 -102.70
N GLN S 537 8.45 32.26 -103.84
CA GLN S 537 9.36 31.79 -104.87
C GLN S 537 10.26 32.92 -105.37
N SER S 538 9.67 34.08 -105.62
CA SER S 538 10.39 35.20 -106.22
C SER S 538 11.43 35.79 -105.27
N ILE S 539 11.35 35.49 -103.98
CA ILE S 539 12.39 35.94 -103.06
C ILE S 539 13.74 35.34 -103.46
N ALA S 540 13.77 34.03 -103.67
CA ALA S 540 14.98 33.32 -104.09
C ALA S 540 14.58 31.92 -104.54
N ASN S 541 15.29 31.43 -105.55
CA ASN S 541 15.03 30.11 -106.10
C ASN S 541 15.56 29.04 -105.17
N ILE S 542 14.72 28.05 -104.83
CA ILE S 542 15.11 27.02 -103.87
C ILE S 542 16.28 26.20 -104.41
N SER S 543 16.19 25.78 -105.67
CA SER S 543 17.28 25.00 -106.27
C SER S 543 18.55 25.82 -106.36
N GLN S 544 18.44 27.08 -106.75
CA GLN S 544 19.61 27.95 -106.81
C GLN S 544 20.20 28.17 -105.43
N MET S 545 19.34 28.36 -104.42
CA MET S 545 19.83 28.52 -103.05
C MET S 545 20.58 27.27 -102.60
N ARG S 546 20.03 26.09 -102.88
CA ARG S 546 20.70 24.85 -102.49
C ARG S 546 22.03 24.68 -103.20
N GLU S 547 22.08 25.00 -104.49
CA GLU S 547 23.33 24.89 -105.23
C GLU S 547 24.38 25.85 -104.68
N ASN S 548 23.98 27.10 -104.40
CA ASN S 548 24.91 28.08 -103.86
C ASN S 548 25.43 27.66 -102.49
N LEU S 549 24.53 27.15 -101.64
CA LEU S 549 24.94 26.74 -100.29
C LEU S 549 25.87 25.53 -100.34
N ALA S 550 25.54 24.54 -101.18
CA ALA S 550 26.39 23.36 -101.29
C ALA S 550 27.76 23.71 -101.86
N GLN S 551 27.80 24.58 -102.87
CA GLN S 551 29.08 25.00 -103.43
C GLN S 551 29.88 25.88 -102.47
N SER S 552 29.22 26.50 -101.51
CA SER S 552 29.80 27.45 -100.55
C SER S 552 30.29 28.73 -101.22
N LYS S 553 30.05 28.89 -102.52
CA LYS S 553 30.39 30.10 -103.24
C LYS S 553 29.28 30.42 -104.22
N ARG S 554 29.28 31.66 -104.71
CA ARG S 554 28.19 32.12 -105.57
C ARG S 554 28.28 31.45 -106.94
N LEU S 555 27.28 30.63 -107.25
CA LEU S 555 27.07 30.10 -108.60
C LEU S 555 26.02 30.87 -109.37
N HIS S 556 25.02 31.40 -108.68
CA HIS S 556 24.00 32.26 -109.27
C HIS S 556 23.80 33.47 -108.36
N GLN S 557 23.35 34.57 -108.95
CA GLN S 557 23.06 35.78 -108.20
C GLN S 557 21.57 35.82 -107.87
N VAL S 558 21.25 36.08 -106.60
CA VAL S 558 19.86 36.18 -106.18
C VAL S 558 19.26 37.42 -106.83
N GLU S 559 18.38 37.20 -107.80
CA GLU S 559 17.77 38.31 -108.53
C GLU S 559 16.68 38.96 -107.69
N ASP S 560 16.79 40.26 -107.51
CA ASP S 560 15.81 41.02 -106.73
C ASP S 560 14.60 41.31 -107.59
N PRO S 561 13.39 40.97 -107.16
CA PRO S 561 12.20 41.29 -107.95
C PRO S 561 12.05 42.78 -108.19
N ILE S 562 11.42 43.11 -109.31
CA ILE S 562 11.31 44.49 -109.77
C ILE S 562 10.51 45.36 -108.81
N GLU S 563 9.69 44.77 -107.95
CA GLU S 563 8.88 45.52 -107.00
C GLU S 563 9.18 45.07 -105.58
N SER S 564 8.97 45.98 -104.64
CA SER S 564 9.29 45.73 -103.24
C SER S 564 8.38 44.63 -102.67
N PRO S 565 8.81 43.95 -101.62
CA PRO S 565 7.96 42.92 -101.01
C PRO S 565 6.60 43.45 -100.60
N MET S 566 6.55 44.64 -99.98
CA MET S 566 5.27 45.24 -99.63
C MET S 566 4.45 45.56 -100.86
N ASP S 567 5.10 46.09 -101.91
CA ASP S 567 4.39 46.42 -103.14
C ASP S 567 3.72 45.19 -103.74
N MET S 568 4.50 44.11 -103.92
CA MET S 568 3.96 42.90 -104.52
C MET S 568 2.88 42.28 -103.63
N ILE S 569 3.11 42.25 -102.32
CA ILE S 569 2.14 41.65 -101.41
C ILE S 569 0.81 42.41 -101.48
N ALA S 570 0.87 43.74 -101.40
CA ALA S 570 -0.35 44.54 -101.44
C ALA S 570 -1.04 44.42 -102.80
N ASP S 571 -0.26 44.42 -103.89
CA ASP S 571 -0.86 44.32 -105.21
C ASP S 571 -1.58 42.99 -105.40
N ILE S 572 -0.96 41.89 -104.97
CA ILE S 572 -1.60 40.58 -105.11
C ILE S 572 -2.80 40.48 -104.18
N MET S 573 -2.71 41.06 -102.99
CA MET S 573 -3.85 41.04 -102.08
C MET S 573 -5.03 41.80 -102.66
N SER S 574 -4.77 42.96 -103.28
CA SER S 574 -5.84 43.74 -103.88
C SER S 574 -6.43 43.04 -105.10
N THR S 575 -5.57 42.44 -105.94
CA THR S 575 -6.05 41.77 -107.15
C THR S 575 -6.58 40.37 -106.88
N GLU S 576 -6.35 39.81 -105.70
CA GLU S 576 -6.84 38.47 -105.35
C GLU S 576 -7.46 38.48 -103.96
N LYS S 577 -8.32 39.47 -103.71
CA LYS S 577 -9.03 39.53 -102.43
C LYS S 577 -9.87 38.28 -102.19
N ASP S 578 -10.29 37.62 -103.26
CA ASP S 578 -11.10 36.41 -103.13
C ASP S 578 -10.30 35.26 -102.54
N LYS S 579 -9.03 35.13 -102.92
CA LYS S 579 -8.22 34.00 -102.52
C LYS S 579 -7.22 34.32 -101.42
N THR S 580 -6.78 35.57 -101.30
CA THR S 580 -5.81 35.94 -100.28
C THR S 580 -6.46 35.82 -98.90
N THR S 581 -6.10 34.77 -98.17
CA THR S 581 -6.67 34.52 -96.85
C THR S 581 -6.18 35.50 -95.79
N PHE S 582 -5.14 36.28 -96.10
CA PHE S 582 -4.63 37.25 -95.14
C PHE S 582 -5.59 38.43 -95.03
N ILE S 583 -5.53 39.11 -93.87
CA ILE S 583 -6.39 40.26 -93.60
C ILE S 583 -5.68 41.53 -94.02
N SER S 584 -4.47 41.75 -93.51
CA SER S 584 -3.68 42.93 -93.80
C SER S 584 -2.40 42.55 -94.53
N SER S 585 -1.84 43.51 -95.26
CA SER S 585 -0.59 43.26 -95.97
C SER S 585 0.55 42.95 -95.01
N GLU S 586 0.53 43.54 -93.82
CA GLU S 586 1.57 43.26 -92.83
C GLU S 586 1.48 41.81 -92.37
N LYS S 587 0.27 41.28 -92.22
CA LYS S 587 0.11 39.88 -91.84
C LYS S 587 0.67 38.95 -92.90
N ALA S 588 0.40 39.25 -94.18
CA ALA S 588 0.98 38.46 -95.26
C ALA S 588 2.50 38.57 -95.28
N TYR S 589 3.02 39.77 -95.01
CA TYR S 589 4.47 39.96 -94.93
C TYR S 589 5.08 39.08 -93.85
N GLN S 590 4.45 39.07 -92.67
CA GLN S 590 4.95 38.25 -91.58
C GLN S 590 4.86 36.77 -91.90
N ALA S 591 3.77 36.34 -92.56
CA ALA S 591 3.63 34.95 -92.94
C ALA S 591 4.71 34.56 -93.95
N VAL S 592 5.00 35.43 -94.92
CA VAL S 592 6.05 35.14 -95.89
C VAL S 592 7.40 35.05 -95.19
N LYS S 593 7.66 35.97 -94.25
CA LYS S 593 8.94 35.92 -93.54
C LYS S 593 9.08 34.64 -92.73
N GLN S 594 8.01 34.23 -92.04
CA GLN S 594 8.09 33.01 -91.24
C GLN S 594 8.20 31.77 -92.12
N PHE S 595 7.55 31.78 -93.29
CA PHE S 595 7.70 30.67 -94.22
C PHE S 595 9.12 30.57 -94.76
N PHE S 596 9.72 31.71 -95.08
CA PHE S 596 11.12 31.70 -95.51
C PHE S 596 12.05 31.24 -94.40
N SER S 597 11.76 31.65 -93.16
CA SER S 597 12.54 31.19 -92.02
C SER S 597 12.43 29.69 -91.85
N GLU S 598 11.21 29.14 -92.00
CA GLU S 598 11.04 27.69 -91.91
C GLU S 598 11.77 26.97 -93.03
N GLN S 599 11.73 27.53 -94.25
CA GLN S 599 12.45 26.93 -95.36
C GLN S 599 13.95 26.90 -95.08
N LEU S 600 14.50 27.99 -94.57
CA LEU S 600 15.93 28.04 -94.26
C LEU S 600 16.26 27.08 -93.13
N SER S 601 15.39 26.99 -92.11
CA SER S 601 15.66 26.14 -90.96
C SER S 601 15.70 24.67 -91.34
N TYR S 602 14.79 24.25 -92.21
CA TYR S 602 14.70 22.84 -92.60
C TYR S 602 15.72 22.43 -93.63
N GLU S 603 16.63 23.31 -94.03
CA GLU S 603 17.68 22.96 -94.97
C GLU S 603 18.71 22.08 -94.28
N PRO S 604 18.93 20.84 -94.75
CA PRO S 604 19.89 19.96 -94.06
C PRO S 604 21.31 20.51 -94.02
N PHE S 605 21.73 21.27 -95.03
CA PHE S 605 23.12 21.71 -95.08
C PHE S 605 23.42 22.71 -93.98
N ILE S 606 22.51 23.64 -93.71
CA ILE S 606 22.73 24.60 -92.63
C ILE S 606 22.86 23.89 -91.29
N ARG S 607 21.96 22.93 -91.04
CA ARG S 607 22.01 22.17 -89.79
C ARG S 607 23.32 21.39 -89.69
N LYS S 608 23.74 20.76 -90.77
CA LYS S 608 24.97 19.97 -90.75
C LYS S 608 26.18 20.86 -90.49
N THR S 609 26.23 22.03 -91.14
CA THR S 609 27.36 22.94 -90.94
C THR S 609 27.39 23.45 -89.51
N ILE S 610 26.23 23.84 -88.97
CA ILE S 610 26.18 24.33 -87.60
C ILE S 610 26.59 23.24 -86.63
N ARG S 611 26.13 22.00 -86.86
CA ARG S 611 26.49 20.89 -85.98
C ARG S 611 27.99 20.61 -86.02
N THR S 612 28.57 20.62 -87.22
CA THR S 612 30.01 20.41 -87.33
C THR S 612 30.79 21.51 -86.64
N ALA S 613 30.36 22.77 -86.83
CA ALA S 613 31.06 23.89 -86.19
C ALA S 613 30.97 23.79 -84.68
N PHE S 614 29.80 23.46 -84.14
CA PHE S 614 29.66 23.34 -82.69
C PHE S 614 30.48 22.17 -82.15
N GLN S 615 30.47 21.04 -82.86
CA GLN S 615 31.22 19.88 -82.41
C GLN S 615 32.72 20.12 -82.48
N SER S 616 33.17 21.01 -83.37
CA SER S 616 34.60 21.25 -83.53
C SER S 616 35.12 22.35 -82.61
N PHE S 617 34.47 23.52 -82.62
CA PHE S 617 35.00 24.70 -81.97
C PHE S 617 34.12 25.26 -80.87
N GLY S 618 33.05 24.56 -80.48
CA GLY S 618 32.18 25.07 -79.45
C GLY S 618 32.82 25.02 -78.08
N VAL S 619 32.25 25.80 -77.15
CA VAL S 619 32.71 25.84 -75.77
C VAL S 619 31.52 25.55 -74.86
N ILE S 620 31.82 25.35 -73.58
CA ILE S 620 30.82 25.01 -72.58
C ILE S 620 30.75 26.13 -71.55
N ASN S 621 29.54 26.66 -71.34
CA ASN S 621 29.29 27.66 -70.33
C ASN S 621 28.15 27.18 -69.42
N ILE S 622 28.24 27.55 -68.15
CA ILE S 622 27.30 27.10 -67.13
C ILE S 622 26.65 28.32 -66.49
N GLU S 623 25.32 28.32 -66.45
CA GLU S 623 24.56 29.34 -65.75
C GLU S 623 23.98 28.75 -64.46
N LEU S 624 23.70 29.63 -63.50
CA LEU S 624 23.20 29.24 -62.20
C LEU S 624 21.80 29.78 -61.98
N THR S 625 20.89 28.89 -61.59
CA THR S 625 19.57 29.32 -61.13
C THR S 625 19.65 29.78 -59.68
N GLU S 626 18.54 30.30 -59.16
CA GLU S 626 18.49 30.69 -57.75
C GLU S 626 18.77 29.49 -56.86
N ARG S 627 18.22 28.33 -57.20
CA ARG S 627 18.59 27.10 -56.52
C ARG S 627 20.07 26.84 -56.64
N GLY S 628 20.64 27.05 -57.83
CA GLY S 628 22.08 26.96 -57.98
C GLY S 628 22.81 28.07 -57.24
N LYS S 629 22.23 29.27 -57.21
CA LYS S 629 22.85 30.38 -56.50
C LYS S 629 22.95 30.13 -55.00
N LEU S 630 22.05 29.32 -54.43
CA LEU S 630 22.02 29.10 -52.99
C LEU S 630 22.57 27.75 -52.56
N GLN S 631 22.47 26.72 -53.40
CA GLN S 631 22.78 25.36 -52.97
C GLN S 631 24.19 24.92 -53.27
N ILE S 632 24.90 25.59 -54.19
CA ILE S 632 26.27 25.21 -54.54
C ILE S 632 27.19 25.80 -53.49
N GLU S 633 27.55 25.00 -52.50
CA GLU S 633 28.37 25.39 -51.37
C GLU S 633 29.83 25.04 -51.61
N PRO S 634 30.77 25.69 -50.91
CA PRO S 634 32.19 25.39 -51.13
C PRO S 634 32.57 23.95 -50.86
N GLU S 635 31.78 23.21 -50.09
CA GLU S 635 32.07 21.81 -49.82
C GLU S 635 31.34 20.86 -50.77
N SER S 636 30.28 21.32 -51.43
CA SER S 636 29.54 20.46 -52.33
C SER S 636 30.39 20.09 -53.54
N PRO S 637 30.23 18.88 -54.09
CA PRO S 637 31.02 18.50 -55.28
C PRO S 637 30.70 19.36 -56.50
N TYR S 638 29.55 20.02 -56.53
CA TYR S 638 29.19 20.88 -57.65
C TYR S 638 29.92 22.21 -57.64
N PHE S 639 30.68 22.51 -56.58
CA PHE S 639 31.40 23.77 -56.49
C PHE S 639 32.54 23.88 -57.50
N ASP S 640 32.96 22.76 -58.08
CA ASP S 640 34.07 22.77 -59.02
C ASP S 640 33.75 23.53 -60.29
N PHE S 641 32.47 23.65 -60.66
CA PHE S 641 32.08 24.33 -61.88
C PHE S 641 30.97 25.35 -61.61
N LYS S 642 31.02 26.00 -60.46
CA LYS S 642 30.00 26.99 -60.13
C LYS S 642 30.05 28.18 -61.07
N TYR S 643 31.23 28.50 -61.61
CA TYR S 643 31.39 29.66 -62.48
C TYR S 643 32.30 29.35 -63.67
N ALA S 644 32.28 28.12 -64.15
CA ALA S 644 33.08 27.74 -65.31
C ALA S 644 32.60 28.48 -66.56
N LYS S 645 33.51 28.70 -67.50
CA LYS S 645 33.21 29.50 -68.67
C LYS S 645 34.17 29.14 -69.80
N ASN S 646 33.62 29.01 -71.00
CA ASN S 646 34.40 28.77 -72.22
C ASN S 646 35.27 27.53 -72.10
N ARG S 647 34.70 26.49 -71.50
CA ARG S 647 35.42 25.22 -71.38
C ARG S 647 35.44 24.50 -72.72
N PRO S 648 36.61 24.13 -73.23
CA PRO S 648 36.67 23.44 -74.52
C PRO S 648 35.95 22.10 -74.49
N ILE S 649 35.25 21.80 -75.58
CA ILE S 649 34.54 20.53 -75.68
C ILE S 649 35.52 19.38 -75.85
N SER S 650 36.56 19.58 -76.67
CA SER S 650 37.47 18.48 -76.99
C SER S 650 38.18 17.95 -75.75
N ALA S 651 38.42 18.82 -74.76
CA ALA S 651 39.05 18.39 -73.53
C ALA S 651 38.10 17.69 -72.57
N LEU S 652 36.79 17.76 -72.82
CA LEU S 652 35.84 17.16 -71.90
C LEU S 652 35.96 15.64 -71.88
N THR S 653 36.19 15.02 -73.05
CA THR S 653 36.26 13.57 -73.12
C THR S 653 37.38 12.99 -72.26
N ALA S 654 38.44 13.77 -72.00
CA ALA S 654 39.51 13.29 -71.14
C ALA S 654 39.11 13.34 -69.67
N THR S 655 38.08 14.12 -69.33
CA THR S 655 37.61 14.26 -67.96
C THR S 655 36.09 14.06 -67.97
N PRO S 656 35.63 12.83 -68.17
CA PRO S 656 34.17 12.60 -68.28
C PRO S 656 33.40 12.94 -67.03
N ASP S 657 34.01 12.74 -65.85
CA ASP S 657 33.27 12.92 -64.60
C ASP S 657 32.83 14.37 -64.41
N LEU S 658 33.63 15.33 -64.89
CA LEU S 658 33.24 16.73 -64.78
C LEU S 658 31.95 17.01 -65.54
N TYR S 659 31.87 16.53 -66.78
CA TYR S 659 30.66 16.74 -67.57
C TYR S 659 29.48 15.97 -66.99
N LEU S 660 29.72 14.74 -66.52
CA LEU S 660 28.65 13.98 -65.89
C LEU S 660 28.10 14.71 -64.66
N ARG S 661 28.99 15.28 -63.85
CA ARG S 661 28.55 16.01 -62.66
C ARG S 661 27.83 17.29 -63.03
N MET S 662 28.27 17.98 -64.09
CA MET S 662 27.53 19.13 -64.58
C MET S 662 26.12 18.74 -65.01
N ILE S 663 25.99 17.63 -65.73
CA ILE S 663 24.68 17.17 -66.15
C ILE S 663 23.81 16.82 -64.94
N GLN S 664 24.41 16.15 -63.95
CA GLN S 664 23.68 15.79 -62.75
C GLN S 664 23.18 17.03 -62.02
N ALA S 665 24.03 18.05 -61.91
CA ALA S 665 23.61 19.31 -61.28
C ALA S 665 22.51 19.98 -62.09
N GLU S 666 22.60 19.92 -63.41
CA GLU S 666 21.55 20.48 -64.26
C GLU S 666 20.22 19.77 -64.02
N ASN S 667 20.24 18.44 -63.90
CA ASN S 667 19.03 17.68 -63.68
C ASN S 667 18.40 17.97 -62.32
N ASP S 668 19.18 18.52 -61.38
CA ASP S 668 18.69 18.88 -60.06
C ASP S 668 18.02 20.24 -60.04
N GLY S 669 17.96 20.94 -61.18
CA GLY S 669 17.37 22.26 -61.21
C GLY S 669 18.25 23.34 -60.63
N LEU S 670 19.56 23.11 -60.54
CA LEU S 670 20.48 24.09 -59.98
C LEU S 670 21.20 24.92 -61.04
N VAL S 671 21.72 24.28 -62.09
CA VAL S 671 22.57 24.95 -63.06
C VAL S 671 21.99 24.74 -64.45
N ASN S 672 22.48 25.55 -65.39
CA ASN S 672 22.08 25.44 -66.80
C ASN S 672 23.34 25.43 -67.64
N ILE S 673 23.48 24.40 -68.48
CA ILE S 673 24.64 24.25 -69.34
C ILE S 673 24.35 24.88 -70.70
N LYS S 674 25.24 25.76 -71.15
CA LYS S 674 25.08 26.46 -72.41
C LYS S 674 26.28 26.20 -73.30
N VAL S 675 26.02 25.90 -74.58
CA VAL S 675 27.07 25.69 -75.57
C VAL S 675 27.01 26.84 -76.57
N GLU S 676 28.12 27.53 -76.75
CA GLU S 676 28.18 28.68 -77.63
C GLU S 676 29.46 28.66 -78.44
N LEU S 677 29.42 29.28 -79.62
CA LEU S 677 30.55 29.37 -80.53
C LEU S 677 31.08 30.78 -80.57
N PRO S 678 32.39 30.97 -80.39
CA PRO S 678 32.96 32.34 -80.51
C PRO S 678 32.74 32.96 -81.88
N MET S 679 32.75 32.15 -82.94
CA MET S 679 32.61 32.65 -84.32
C MET S 679 31.22 32.36 -84.89
N LEU S 680 30.17 32.41 -84.06
CA LEU S 680 28.82 32.24 -84.57
C LEU S 680 28.45 33.35 -85.54
N SER S 681 28.83 34.59 -85.21
CA SER S 681 28.58 35.71 -86.11
C SER S 681 29.26 35.52 -87.45
N THR S 682 30.43 34.88 -87.47
CA THR S 682 31.13 34.62 -88.72
C THR S 682 30.30 33.70 -89.62
N VAL S 683 29.77 32.62 -89.05
CA VAL S 683 28.95 31.70 -89.84
C VAL S 683 27.67 32.37 -90.30
N VAL S 684 27.04 33.17 -89.42
CA VAL S 684 25.82 33.86 -89.79
C VAL S 684 26.08 34.81 -90.97
N ASP S 685 27.17 35.59 -90.88
CA ASP S 685 27.50 36.53 -91.94
C ASP S 685 27.84 35.81 -93.23
N HIS S 686 28.58 34.69 -93.15
CA HIS S 686 28.94 33.96 -94.36
C HIS S 686 27.70 33.39 -95.06
N PHE S 687 26.80 32.80 -94.29
CA PHE S 687 25.58 32.27 -94.88
C PHE S 687 24.69 33.38 -95.42
N TYR S 688 24.66 34.53 -94.75
CA TYR S 688 23.93 35.68 -95.28
C TYR S 688 24.53 36.15 -96.61
N ASN S 689 25.87 36.25 -96.67
CA ASN S 689 26.52 36.67 -97.91
C ASN S 689 26.22 35.70 -99.04
N ILE S 690 26.19 34.41 -98.74
CA ILE S 690 25.76 33.43 -99.75
C ILE S 690 24.31 33.68 -100.15
N LEU S 691 23.45 33.95 -99.18
CA LEU S 691 22.01 34.08 -99.44
C LEU S 691 21.63 35.47 -99.94
N LYS S 692 22.30 36.52 -99.46
CA LYS S 692 21.88 37.87 -99.77
C LYS S 692 22.01 38.17 -101.27
N SER S 693 21.18 39.08 -101.73
CA SER S 693 21.25 39.56 -103.11
C SER S 693 22.24 40.71 -103.21
N ASP S 694 22.70 40.96 -104.44
CA ASP S 694 23.69 41.99 -104.71
C ASP S 694 23.07 43.31 -105.16
N GLY S 695 21.74 43.39 -105.18
CA GLY S 695 21.10 44.63 -105.59
C GLY S 695 21.30 45.75 -104.59
N THR S 696 21.27 46.98 -105.10
CA THR S 696 21.48 48.17 -104.29
C THR S 696 20.26 49.08 -104.21
N SER S 697 19.24 48.83 -105.01
CA SER S 697 18.04 49.66 -104.98
C SER S 697 17.28 49.45 -103.67
N GLU S 698 16.45 50.43 -103.32
CA GLU S 698 15.67 50.34 -102.09
C GLU S 698 14.77 49.11 -102.09
N ILE S 699 14.27 48.71 -103.26
CA ILE S 699 13.54 47.44 -103.36
C ILE S 699 14.45 46.28 -103.02
N SER S 700 15.68 46.28 -103.57
CA SER S 700 16.65 45.25 -103.22
C SER S 700 17.02 45.33 -101.75
N GLU S 701 17.08 46.53 -101.19
CA GLU S 701 17.35 46.67 -99.76
C GLU S 701 16.24 46.02 -98.93
N LYS S 702 14.98 46.23 -99.31
CA LYS S 702 13.87 45.60 -98.60
C LYS S 702 13.91 44.09 -98.75
N TRP S 703 14.23 43.59 -99.95
CA TRP S 703 14.35 42.15 -100.14
C TRP S 703 15.46 41.56 -99.28
N ASN S 704 16.61 42.23 -99.23
CA ASN S 704 17.71 41.76 -98.40
C ASN S 704 17.36 41.80 -96.93
N ALA S 705 16.63 42.83 -96.50
CA ALA S 705 16.20 42.91 -95.10
C ALA S 705 15.26 41.77 -94.76
N LEU S 706 14.30 41.48 -95.63
CA LEU S 706 13.39 40.36 -95.41
C LEU S 706 14.15 39.04 -95.32
N ARG S 707 15.09 38.84 -96.25
CA ARG S 707 15.88 37.61 -96.25
C ARG S 707 16.69 37.48 -94.98
N ASN S 708 17.32 38.58 -94.53
CA ASN S 708 18.14 38.54 -93.33
C ASN S 708 17.30 38.28 -92.09
N ASP S 709 16.11 38.90 -92.01
CA ASP S 709 15.25 38.67 -90.85
C ASP S 709 14.75 37.23 -90.80
N ALA S 710 14.36 36.69 -91.95
CA ALA S 710 13.95 35.29 -91.99
C ALA S 710 15.11 34.37 -91.63
N TRP S 711 16.32 34.72 -92.07
CA TRP S 711 17.50 33.93 -91.74
C TRP S 711 17.80 33.96 -90.24
N LYS S 712 17.63 35.13 -89.61
CA LYS S 712 17.80 35.22 -88.17
C LYS S 712 16.76 34.39 -87.42
N GLN S 713 15.51 34.43 -87.88
CA GLN S 713 14.48 33.59 -87.26
C GLN S 713 14.82 32.11 -87.42
N SER S 714 15.31 31.72 -88.59
CA SER S 714 15.71 30.33 -88.81
C SER S 714 16.85 29.93 -87.88
N LEU S 715 17.82 30.82 -87.69
CA LEU S 715 18.90 30.55 -86.74
C LEU S 715 18.35 30.39 -85.33
N ASP S 716 17.42 31.26 -84.94
CA ASP S 716 16.82 31.17 -83.61
C ASP S 716 16.15 29.82 -83.40
N LYS S 717 15.42 29.35 -84.42
CA LYS S 717 14.79 28.04 -84.31
C LYS S 717 15.82 26.92 -84.30
N LEU S 718 16.89 27.05 -85.07
CA LEU S 718 17.82 25.93 -85.29
C LEU S 718 18.76 25.73 -84.11
N ILE S 719 19.14 26.81 -83.42
CA ILE S 719 20.19 26.71 -82.39
C ILE S 719 19.87 25.68 -81.31
N PRO S 720 18.69 25.66 -80.69
CA PRO S 720 18.46 24.71 -79.59
C PRO S 720 18.61 23.25 -80.00
N LEU S 721 18.17 22.88 -81.21
CA LEU S 721 18.27 21.49 -81.65
C LEU S 721 19.72 21.07 -81.79
N VAL S 722 20.54 21.94 -82.37
CA VAL S 722 21.97 21.62 -82.54
C VAL S 722 22.64 21.55 -81.18
N GLN S 723 22.29 22.46 -80.28
CA GLN S 723 22.84 22.40 -78.92
C GLN S 723 22.50 21.08 -78.25
N LEU S 724 21.25 20.64 -78.37
CA LEU S 724 20.83 19.38 -77.76
C LEU S 724 21.57 18.19 -78.39
N ASN S 725 21.73 18.20 -79.71
CA ASN S 725 22.45 17.12 -80.37
C ASN S 725 23.90 17.04 -79.90
N VAL S 726 24.57 18.20 -79.83
CA VAL S 726 25.95 18.22 -79.36
C VAL S 726 26.04 17.76 -77.91
N LYS S 727 25.10 18.20 -77.08
CA LYS S 727 25.07 17.79 -75.69
C LYS S 727 24.93 16.27 -75.57
N GLU S 728 24.01 15.69 -76.34
CA GLU S 728 23.83 14.24 -76.31
C GLU S 728 25.08 13.51 -76.78
N SER S 729 25.73 14.03 -77.82
CA SER S 729 26.95 13.40 -78.32
C SER S 729 28.04 13.40 -77.25
N ILE S 730 28.26 14.54 -76.60
CA ILE S 730 29.28 14.62 -75.57
C ILE S 730 28.90 13.73 -74.38
N ARG S 731 27.61 13.68 -74.05
CA ARG S 731 27.16 12.82 -72.96
C ARG S 731 27.49 11.36 -73.25
N ARG S 732 27.19 10.91 -74.47
CA ARG S 732 27.48 9.53 -74.83
C ARG S 732 28.99 9.26 -74.80
N ASP S 733 29.79 10.20 -75.30
CA ASP S 733 31.23 10.00 -75.30
C ASP S 733 31.77 9.89 -73.88
N CYS S 734 31.36 10.81 -73.00
CA CYS S 734 31.84 10.78 -71.63
C CYS S 734 31.36 9.53 -70.90
N GLU S 735 30.11 9.12 -71.15
CA GLU S 735 29.60 7.91 -70.53
C GLU S 735 30.39 6.68 -70.97
N ARG S 736 30.72 6.59 -72.25
CA ARG S 736 31.51 5.46 -72.73
C ARG S 736 32.92 5.47 -72.13
N VAL S 737 33.52 6.65 -72.03
CA VAL S 737 34.85 6.77 -71.44
C VAL S 737 34.83 6.29 -69.98
N LEU S 738 33.83 6.75 -69.22
CA LEU S 738 33.74 6.37 -67.81
C LEU S 738 33.41 4.90 -67.67
N TYR S 739 32.61 4.35 -68.60
CA TYR S 739 32.32 2.91 -68.59
C TYR S 739 33.60 2.11 -68.77
N PHE S 740 34.43 2.50 -69.73
CA PHE S 740 35.70 1.79 -69.93
C PHE S 740 36.61 1.95 -68.72
N GLN S 741 36.62 3.14 -68.12
CA GLN S 741 37.44 3.38 -66.94
C GLN S 741 37.02 2.48 -65.78
N VAL S 742 35.70 2.37 -65.55
CA VAL S 742 35.19 1.51 -64.49
C VAL S 742 35.50 0.05 -64.79
N LYS S 743 35.40 -0.34 -66.06
CA LYS S 743 35.75 -1.70 -66.45
C LYS S 743 37.22 -2.01 -66.11
N ASN S 744 38.11 -1.09 -66.45
CA ASN S 744 39.53 -1.29 -66.15
C ASN S 744 39.78 -1.33 -64.64
N SER S 745 39.11 -0.45 -63.89
CA SER S 745 39.28 -0.44 -62.45
C SER S 745 38.82 -1.75 -61.82
N PHE S 746 37.66 -2.26 -62.25
CA PHE S 746 37.16 -3.53 -61.73
C PHE S 746 38.10 -4.68 -62.09
N THR S 747 38.60 -4.69 -63.34
CA THR S 747 39.53 -5.73 -63.75
C THR S 747 40.79 -5.70 -62.90
N LYS S 748 41.32 -4.50 -62.64
CA LYS S 748 42.48 -4.38 -61.77
C LYS S 748 42.16 -4.87 -60.37
N LYS S 749 40.95 -4.59 -59.89
CA LYS S 749 40.55 -5.02 -58.55
C LYS S 749 40.53 -6.53 -58.43
N ILE S 750 40.00 -7.23 -59.44
CA ILE S 750 39.76 -8.66 -59.34
C ILE S 750 40.87 -9.49 -59.97
N ASP S 751 41.97 -8.86 -60.39
CA ASP S 751 43.07 -9.57 -61.04
C ASP S 751 44.18 -9.77 -60.00
N GLN S 752 44.14 -10.91 -59.33
CA GLN S 752 45.18 -11.28 -58.38
C GLN S 752 45.12 -12.78 -58.14
N ALA S 753 46.24 -13.46 -58.41
CA ALA S 753 46.34 -14.88 -58.15
C ALA S 753 46.44 -15.12 -56.64
N PRO S 754 46.09 -16.33 -56.18
CA PRO S 754 46.24 -16.64 -54.77
C PRO S 754 47.68 -16.50 -54.30
N TYR S 755 47.84 -16.23 -53.02
CA TYR S 755 49.18 -16.06 -52.45
C TYR S 755 50.01 -17.32 -52.65
N GLN S 756 51.24 -17.13 -53.12
CA GLN S 756 52.12 -18.23 -53.44
C GLN S 756 53.08 -18.47 -52.28
N PRO S 757 52.98 -19.58 -51.55
CA PRO S 757 53.95 -19.85 -50.51
C PRO S 757 55.31 -20.14 -51.12
N PRO S 758 56.40 -19.87 -50.40
CA PRO S 758 57.73 -20.12 -50.96
C PRO S 758 57.99 -21.60 -51.16
N THR S 759 58.91 -21.89 -52.08
CA THR S 759 59.24 -23.26 -52.50
C THR S 759 58.02 -23.98 -53.08
N TYR S 760 57.15 -23.24 -53.76
CA TYR S 760 56.00 -23.83 -54.44
C TYR S 760 55.74 -23.06 -55.72
N ALA S 761 55.15 -23.76 -56.70
CA ALA S 761 54.82 -23.14 -57.97
C ALA S 761 53.62 -22.22 -57.82
N LYS S 762 53.51 -21.25 -58.74
CA LYS S 762 52.39 -20.33 -58.73
C LYS S 762 51.08 -21.07 -58.98
N GLY S 763 50.02 -20.64 -58.31
CA GLY S 763 48.71 -21.24 -58.42
C GLY S 763 48.41 -22.29 -57.35
N THR S 764 49.39 -22.63 -56.51
CA THR S 764 49.14 -23.59 -55.45
C THR S 764 48.35 -22.95 -54.32
N ILE S 765 47.30 -23.63 -53.87
CA ILE S 765 46.46 -23.13 -52.79
C ILE S 765 47.17 -23.34 -51.46
N PRO S 766 47.41 -22.29 -50.69
CA PRO S 766 48.09 -22.44 -49.41
C PRO S 766 47.14 -22.62 -48.24
N ARG S 767 47.63 -23.33 -47.23
CA ARG S 767 46.91 -23.45 -45.96
C ARG S 767 47.03 -22.16 -45.19
N VAL S 768 45.90 -21.64 -44.71
CA VAL S 768 45.84 -20.29 -44.17
C VAL S 768 45.23 -20.32 -42.78
N LEU S 769 45.65 -19.36 -41.95
CA LEU S 769 45.11 -19.18 -40.61
C LEU S 769 44.77 -17.71 -40.42
N THR S 770 43.55 -17.45 -39.98
CA THR S 770 43.06 -16.08 -39.78
C THR S 770 42.82 -15.84 -38.30
N LEU S 771 43.33 -14.71 -37.80
CA LEU S 771 43.16 -14.29 -36.42
C LEU S 771 42.57 -12.89 -36.41
N SER S 772 41.50 -12.70 -35.63
CA SER S 772 40.81 -11.42 -35.59
C SER S 772 40.07 -11.29 -34.28
N PHE S 773 39.86 -10.04 -33.87
CA PHE S 773 39.09 -9.72 -32.67
C PHE S 773 38.06 -8.63 -32.93
N GLY S 774 38.09 -8.00 -34.09
CA GLY S 774 37.10 -7.00 -34.46
C GLY S 774 37.41 -5.58 -34.04
N GLU S 775 37.27 -5.28 -32.76
CA GLU S 775 37.28 -3.88 -32.31
C GLU S 775 38.36 -3.56 -31.30
N GLY S 776 38.60 -4.42 -30.31
CA GLY S 776 39.63 -4.17 -29.33
C GLY S 776 39.20 -3.44 -28.07
N ASN S 777 37.90 -3.26 -27.87
CA ASN S 777 37.43 -2.70 -26.61
C ASN S 777 37.67 -3.69 -25.47
N ARG S 778 37.61 -3.18 -24.24
CA ARG S 778 37.77 -4.06 -23.09
C ARG S 778 36.66 -5.11 -23.09
N GLY S 779 37.02 -6.35 -23.38
CA GLY S 779 36.05 -7.41 -23.55
C GLY S 779 36.01 -7.93 -24.98
N ASP S 780 37.13 -7.84 -25.69
CA ASP S 780 37.22 -8.26 -27.08
C ASP S 780 38.23 -9.40 -27.19
N ALA S 781 37.72 -10.63 -27.16
CA ALA S 781 38.57 -11.80 -27.33
C ALA S 781 39.00 -11.95 -28.79
N VAL S 782 40.12 -12.64 -28.98
CA VAL S 782 40.68 -12.85 -30.31
C VAL S 782 40.23 -14.21 -30.81
N LEU S 783 39.65 -14.26 -31.99
CA LEU S 783 39.16 -15.49 -32.59
C LEU S 783 40.14 -15.98 -33.66
N GLY S 784 40.34 -17.29 -33.70
CA GLY S 784 41.22 -17.88 -34.69
C GLY S 784 40.51 -18.97 -35.47
N VAL S 785 40.66 -18.89 -36.78
CA VAL S 785 40.05 -19.87 -37.70
C VAL S 785 41.12 -20.32 -38.68
N PHE S 786 41.29 -21.64 -38.80
CA PHE S 786 42.28 -22.23 -39.69
C PHE S 786 41.58 -23.01 -40.78
N MET S 787 42.03 -22.83 -42.02
CA MET S 787 41.51 -23.58 -43.16
C MET S 787 42.69 -24.17 -43.94
N ASP S 788 42.52 -25.40 -44.40
CA ASP S 788 43.57 -26.09 -45.14
C ASP S 788 43.50 -25.69 -46.61
N ASP S 789 44.34 -26.33 -47.44
CA ASP S 789 44.30 -26.08 -48.87
C ASP S 789 43.02 -26.60 -49.51
N SER S 790 42.35 -27.55 -48.85
CA SER S 790 41.11 -28.10 -49.39
C SER S 790 39.96 -27.10 -49.34
N GLY S 791 40.11 -26.01 -48.59
CA GLY S 791 39.05 -25.04 -48.47
C GLY S 791 37.97 -25.38 -47.46
N ASP S 792 38.22 -26.38 -46.61
CA ASP S 792 37.27 -26.78 -45.57
C ASP S 792 37.83 -26.41 -44.20
N VAL S 793 36.94 -25.90 -43.34
CA VAL S 793 37.36 -25.49 -42.01
C VAL S 793 37.85 -26.70 -41.22
N LYS S 794 39.02 -26.55 -40.59
CA LYS S 794 39.61 -27.64 -39.84
C LYS S 794 39.44 -27.49 -38.33
N SER S 795 39.64 -26.29 -37.78
CA SER S 795 39.52 -26.07 -36.35
C SER S 795 39.40 -24.58 -36.08
N GLN S 796 38.56 -24.22 -35.11
CA GLN S 796 38.41 -22.85 -34.65
C GLN S 796 38.71 -22.79 -33.16
N ILE S 797 39.44 -21.76 -32.73
CA ILE S 797 39.89 -21.65 -31.36
C ILE S 797 39.56 -20.26 -30.83
N LYS S 798 39.35 -20.17 -29.52
CA LYS S 798 39.12 -18.90 -28.83
C LYS S 798 40.28 -18.61 -27.90
N PHE S 799 40.74 -17.37 -27.93
CA PHE S 799 41.73 -16.85 -26.98
C PHE S 799 41.03 -15.87 -26.05
N ASP S 800 40.75 -16.31 -24.82
CA ASP S 800 39.98 -15.51 -23.89
C ASP S 800 40.82 -14.68 -22.94
N GLU S 801 42.14 -14.77 -23.02
CA GLU S 801 43.01 -13.91 -22.23
C GLU S 801 43.36 -12.64 -23.00
N ASP S 802 43.98 -11.69 -22.29
CA ASP S 802 44.42 -10.45 -22.93
C ASP S 802 45.52 -10.74 -23.93
N PHE S 803 45.45 -10.08 -25.09
CA PHE S 803 46.39 -10.31 -26.17
C PHE S 803 47.80 -9.81 -25.84
N GLN S 804 47.95 -8.97 -24.82
CA GLN S 804 49.26 -8.49 -24.40
C GLN S 804 49.90 -9.35 -23.31
N SER S 805 49.18 -10.34 -22.80
CA SER S 805 49.70 -11.20 -21.75
C SER S 805 50.61 -12.28 -22.33
N ARG S 806 51.48 -12.81 -21.47
CA ARG S 806 52.30 -13.94 -21.86
C ARG S 806 51.46 -15.18 -22.15
N ASP S 807 50.31 -15.29 -21.48
CA ASP S 807 49.44 -16.44 -21.68
C ASP S 807 48.92 -16.50 -23.11
N PHE S 808 48.56 -15.34 -23.67
CA PHE S 808 48.09 -15.29 -25.05
C PHE S 808 49.15 -15.80 -26.01
N SER S 809 50.39 -15.31 -25.86
CA SER S 809 51.46 -15.74 -26.75
C SER S 809 51.75 -17.22 -26.60
N ASP S 810 51.77 -17.72 -25.35
CA ASP S 810 52.04 -19.13 -25.13
C ASP S 810 50.95 -20.01 -25.72
N SER S 811 49.68 -19.62 -25.55
CA SER S 811 48.58 -20.39 -26.12
C SER S 811 48.62 -20.37 -27.64
N LEU S 812 48.93 -19.22 -28.22
CA LEU S 812 49.02 -19.15 -29.69
C LEU S 812 50.17 -20.00 -30.20
N THR S 813 51.31 -19.99 -29.52
CA THR S 813 52.43 -20.84 -29.93
C THR S 813 52.07 -22.32 -29.82
N ARG S 814 51.38 -22.70 -28.75
CA ARG S 814 50.96 -24.10 -28.59
C ARG S 814 50.00 -24.49 -29.70
N TYR S 815 49.04 -23.63 -30.02
CA TYR S 815 48.09 -23.91 -31.10
C TYR S 815 48.82 -24.05 -32.43
N ILE S 816 49.80 -23.17 -32.68
CA ILE S 816 50.51 -23.19 -33.95
C ILE S 816 51.34 -24.46 -34.10
N LYS S 817 52.07 -24.83 -33.04
CA LYS S 817 53.06 -25.91 -33.16
C LYS S 817 52.49 -27.28 -32.84
N SER S 818 51.90 -27.44 -31.65
CA SER S 818 51.58 -28.77 -31.14
C SER S 818 50.56 -29.48 -32.02
N ASN S 819 49.54 -28.77 -32.49
CA ASN S 819 48.45 -29.39 -33.22
C ASN S 819 48.78 -29.67 -34.68
N ASN S 820 50.04 -29.52 -35.08
CA ASN S 820 50.49 -29.80 -36.44
C ASN S 820 49.72 -29.00 -37.49
N ILE S 821 49.19 -27.83 -37.11
CA ILE S 821 48.40 -27.03 -38.04
C ILE S 821 49.27 -26.55 -39.19
N ASN S 822 50.41 -25.94 -38.87
CA ASN S 822 51.38 -25.47 -39.85
C ASN S 822 50.75 -24.63 -40.97
N PRO S 823 50.15 -23.48 -40.65
CA PRO S 823 49.57 -22.64 -41.71
C PRO S 823 50.65 -21.97 -42.53
N ASP S 824 50.40 -21.85 -43.84
CA ASP S 824 51.39 -21.26 -44.73
C ASP S 824 51.46 -19.75 -44.62
N ILE S 825 50.33 -19.09 -44.35
CA ILE S 825 50.30 -17.64 -44.18
C ILE S 825 49.23 -17.30 -43.16
N ILE S 826 49.48 -16.27 -42.37
CA ILE S 826 48.59 -15.82 -41.32
C ILE S 826 48.05 -14.45 -41.70
N GLY S 827 46.72 -14.32 -41.68
CA GLY S 827 46.06 -13.06 -42.03
C GLY S 827 45.46 -12.40 -40.81
N ILE S 828 45.62 -11.08 -40.73
CA ILE S 828 45.12 -10.29 -39.61
C ILE S 828 44.34 -9.11 -40.18
N SER S 829 43.14 -8.89 -39.65
CA SER S 829 42.29 -7.79 -40.08
C SER S 829 41.36 -7.39 -38.95
N GLY S 830 40.79 -6.21 -39.07
CA GLY S 830 39.91 -5.68 -38.05
C GLY S 830 39.10 -4.52 -38.58
N PHE S 831 38.47 -3.80 -37.65
CA PHE S 831 37.64 -2.66 -37.99
C PHE S 831 38.24 -1.31 -37.62
N ASN S 832 39.31 -1.30 -36.82
CA ASN S 832 39.89 -0.05 -36.35
C ASN S 832 41.40 -0.22 -36.19
N ILE S 833 42.03 0.81 -35.62
CA ILE S 833 43.49 0.81 -35.48
C ILE S 833 43.96 -0.12 -34.37
N HIS S 834 43.06 -0.60 -33.51
CA HIS S 834 43.47 -1.53 -32.46
C HIS S 834 44.06 -2.81 -33.05
N THR S 835 43.65 -3.15 -34.28
CA THR S 835 44.17 -4.35 -34.92
C THR S 835 45.65 -4.23 -35.23
N LYS S 836 46.15 -2.99 -35.36
CA LYS S 836 47.56 -2.79 -35.66
C LYS S 836 48.43 -3.32 -34.54
N LYS S 837 48.04 -3.10 -33.30
CA LYS S 837 48.80 -3.60 -32.17
C LYS S 837 48.83 -5.13 -32.16
N LEU S 838 47.69 -5.76 -32.49
CA LEU S 838 47.66 -7.21 -32.61
C LEU S 838 48.61 -7.68 -33.70
N PHE S 839 48.62 -6.98 -34.84
CA PHE S 839 49.50 -7.34 -35.94
C PHE S 839 50.96 -7.25 -35.52
N ASP S 840 51.32 -6.17 -34.82
CA ASP S 840 52.69 -6.01 -34.35
C ASP S 840 53.07 -7.09 -33.35
N LYS S 841 52.15 -7.41 -32.43
CA LYS S 841 52.41 -8.44 -31.43
C LYS S 841 52.61 -9.80 -32.09
N VAL S 842 51.77 -10.10 -33.09
CA VAL S 842 51.88 -11.38 -33.80
C VAL S 842 53.20 -11.45 -34.56
N ASN S 843 53.58 -10.33 -35.21
CA ASN S 843 54.85 -10.30 -35.94
C ASN S 843 56.02 -10.50 -35.00
N GLU S 844 55.98 -9.86 -33.83
CA GLU S 844 57.03 -10.06 -32.84
C GLU S 844 57.08 -11.50 -32.36
N LEU S 845 55.91 -12.11 -32.15
CA LEU S 845 55.87 -13.51 -31.73
C LEU S 845 56.48 -14.42 -32.78
N VAL S 846 56.15 -14.17 -34.05
CA VAL S 846 56.71 -14.97 -35.14
C VAL S 846 58.21 -14.81 -35.22
N ASN S 847 58.69 -13.56 -35.11
CA ASN S 847 60.13 -13.31 -35.12
C ASN S 847 60.84 -13.91 -33.92
N GLU S 848 60.14 -14.08 -32.80
CA GLU S 848 60.76 -14.59 -31.59
C GLU S 848 60.81 -16.12 -31.54
N GLU S 849 59.72 -16.79 -31.90
CA GLU S 849 59.64 -18.24 -31.79
C GLU S 849 60.10 -18.96 -33.05
N ARG S 850 60.50 -18.23 -34.10
CA ARG S 850 61.03 -18.83 -35.32
C ARG S 850 60.08 -19.87 -35.90
N LEU S 851 58.80 -19.52 -35.97
CA LEU S 851 57.76 -20.45 -36.42
C LEU S 851 57.87 -20.60 -37.93
N THR S 852 58.83 -21.42 -38.35
CA THR S 852 59.03 -21.68 -39.77
C THR S 852 57.97 -22.64 -40.30
N ILE S 853 57.66 -22.48 -41.59
CA ILE S 853 56.66 -23.33 -42.22
C ILE S 853 57.20 -24.74 -42.38
N GLU S 854 56.33 -25.73 -42.12
CA GLU S 854 56.68 -27.12 -42.35
C GLU S 854 56.68 -27.42 -43.84
N TYR S 855 57.78 -27.98 -44.34
CA TYR S 855 57.94 -28.31 -45.75
C TYR S 855 58.04 -29.82 -45.90
N ASP S 856 57.16 -30.39 -46.71
CA ASP S 856 57.12 -31.84 -46.88
C ASP S 856 58.40 -32.33 -47.57
N ASN S 857 58.92 -33.45 -47.11
CA ASN S 857 60.15 -34.02 -47.65
C ASN S 857 59.85 -34.92 -48.85
N SER S 869 69.33 -26.11 -45.58
CA SER S 869 67.88 -26.02 -45.49
C SER S 869 67.46 -24.81 -44.67
N ASP S 870 67.37 -23.65 -45.33
CA ASP S 870 66.95 -22.41 -44.67
C ASP S 870 65.42 -22.36 -44.67
N LYS S 871 64.83 -22.87 -43.59
CA LYS S 871 63.38 -22.84 -43.46
C LYS S 871 62.88 -21.41 -43.37
N HIS S 872 61.81 -21.10 -44.10
CA HIS S 872 61.29 -19.75 -44.17
C HIS S 872 60.18 -19.54 -43.15
N LEU S 873 60.08 -18.31 -42.65
CA LEU S 873 59.09 -17.98 -41.64
C LEU S 873 57.70 -17.85 -42.26
N ILE S 874 56.68 -18.05 -41.43
CA ILE S 874 55.30 -17.94 -41.89
C ILE S 874 54.92 -16.47 -41.97
N ARG S 875 54.45 -16.04 -43.13
CA ARG S 875 54.18 -14.62 -43.37
C ARG S 875 52.93 -14.17 -42.65
N VAL S 876 52.96 -12.92 -42.18
CA VAL S 876 51.82 -12.29 -41.51
C VAL S 876 51.56 -10.96 -42.19
N ILE S 877 50.37 -10.82 -42.78
CA ILE S 877 50.00 -9.63 -43.54
C ILE S 877 48.58 -9.21 -43.20
N TYR S 878 48.24 -7.98 -43.56
CA TYR S 878 46.87 -7.51 -43.51
C TYR S 878 46.09 -8.07 -44.71
N VAL S 879 44.78 -8.12 -44.56
CA VAL S 879 43.89 -8.70 -45.56
C VAL S 879 42.76 -7.72 -45.85
N ASN S 880 42.51 -7.45 -47.13
CA ASN S 880 41.34 -6.67 -47.52
C ASN S 880 40.08 -7.47 -47.22
N ASP S 881 39.04 -6.78 -46.73
CA ASP S 881 37.93 -7.51 -46.12
C ASP S 881 36.56 -6.97 -46.53
N GLU S 882 36.42 -6.41 -47.73
CA GLU S 882 35.07 -6.08 -48.20
C GLU S 882 34.23 -7.34 -48.35
N THR S 883 34.79 -8.34 -49.03
CA THR S 883 34.08 -9.60 -49.19
C THR S 883 33.84 -10.28 -47.85
N ALA S 884 34.79 -10.19 -46.92
CA ALA S 884 34.59 -10.77 -45.59
C ALA S 884 33.48 -10.06 -44.84
N ARG S 885 33.46 -8.73 -44.91
CA ARG S 885 32.40 -7.97 -44.24
C ARG S 885 31.04 -8.32 -44.80
N LEU S 886 30.95 -8.46 -46.13
CA LEU S 886 29.68 -8.83 -46.74
C LEU S 886 29.31 -10.28 -46.45
N TYR S 887 30.31 -11.14 -46.27
CA TYR S 887 30.05 -12.56 -46.03
C TYR S 887 29.57 -12.80 -44.60
N GLN S 888 30.06 -11.99 -43.66
CA GLN S 888 29.64 -12.14 -42.26
C GLN S 888 28.17 -11.80 -42.07
N HIS S 889 27.57 -11.08 -43.02
CA HIS S 889 26.16 -10.74 -42.97
C HIS S 889 25.29 -11.57 -43.92
N SER S 890 25.91 -12.28 -44.86
CA SER S 890 25.14 -13.05 -45.83
C SER S 890 24.54 -14.29 -45.18
N SER S 891 23.30 -14.62 -45.56
CA SER S 891 22.65 -15.82 -45.05
C SER S 891 23.27 -17.10 -45.62
N LYS S 892 24.07 -16.98 -46.67
CA LYS S 892 24.79 -18.15 -47.19
C LYS S 892 25.74 -18.72 -46.14
N SER S 893 26.45 -17.85 -45.42
CA SER S 893 27.30 -18.31 -44.33
C SER S 893 26.47 -18.94 -43.22
N SER S 894 25.31 -18.34 -42.90
CA SER S 894 24.48 -18.88 -41.84
C SER S 894 23.98 -20.29 -42.18
N ALA S 895 23.56 -20.49 -43.42
CA ALA S 895 23.18 -21.84 -43.85
C ALA S 895 24.39 -22.77 -43.83
N GLU S 896 25.55 -22.29 -44.29
CA GLU S 896 26.76 -23.10 -44.27
C GLU S 896 27.22 -23.40 -42.86
N TYR S 897 27.17 -22.40 -41.98
CA TYR S 897 27.64 -22.52 -40.59
C TYR S 897 26.54 -22.04 -39.66
N PRO S 898 25.61 -22.93 -39.29
CA PRO S 898 24.49 -22.51 -38.43
C PRO S 898 24.87 -22.34 -36.96
N ASN S 899 25.98 -22.91 -36.51
CA ASN S 899 26.37 -22.87 -35.10
C ASN S 899 27.72 -22.18 -34.92
N ARG S 900 27.92 -21.06 -35.62
CA ARG S 900 29.18 -20.35 -35.54
C ARG S 900 28.95 -18.86 -35.33
N PRO S 901 29.86 -18.20 -34.63
CA PRO S 901 29.72 -16.75 -34.41
C PRO S 901 29.97 -15.96 -35.68
N GLN S 902 29.57 -14.68 -35.63
CA GLN S 902 29.77 -13.80 -36.77
C GLN S 902 31.24 -13.56 -37.03
N LEU S 903 32.05 -13.43 -35.98
CA LEU S 903 33.49 -13.24 -36.17
C LEU S 903 34.12 -14.48 -36.80
N ALA S 904 33.62 -15.67 -36.49
CA ALA S 904 34.09 -16.87 -37.15
C ALA S 904 33.78 -16.81 -38.65
N LYS S 905 32.58 -16.34 -39.00
CA LYS S 905 32.25 -16.18 -40.41
C LYS S 905 33.14 -15.16 -41.09
N TYR S 906 33.47 -14.07 -40.39
CA TYR S 906 34.36 -13.06 -40.94
C TYR S 906 35.75 -13.64 -41.19
N CYS S 907 36.27 -14.40 -40.23
CA CYS S 907 37.58 -15.02 -40.40
C CYS S 907 37.56 -16.05 -41.54
N ILE S 908 36.47 -16.81 -41.66
CA ILE S 908 36.34 -17.75 -42.76
C ILE S 908 36.32 -17.03 -44.10
N GLY S 909 35.62 -15.90 -44.16
CA GLY S 909 35.62 -15.10 -45.39
C GLY S 909 37.01 -14.58 -45.73
N LEU S 910 37.75 -14.12 -44.73
CA LEU S 910 39.12 -13.68 -44.97
C LEU S 910 39.98 -14.81 -45.50
N ALA S 911 39.87 -15.99 -44.89
CA ALA S 911 40.67 -17.13 -45.32
C ALA S 911 40.32 -17.55 -46.74
N LYS S 912 39.02 -17.55 -47.06
CA LYS S 912 38.61 -17.92 -48.42
C LYS S 912 39.06 -16.87 -49.43
N TYR S 913 39.06 -15.60 -49.05
CA TYR S 913 39.57 -14.56 -49.93
C TYR S 913 41.05 -14.75 -50.20
N ILE S 914 41.82 -15.10 -49.16
CA ILE S 914 43.25 -15.37 -49.38
C ILE S 914 43.42 -16.58 -50.28
N GLN S 915 42.64 -17.63 -50.05
CA GLN S 915 42.75 -18.84 -50.87
C GLN S 915 42.38 -18.56 -52.33
N SER S 916 41.30 -17.81 -52.55
CA SER S 916 40.83 -17.55 -53.90
C SER S 916 40.02 -16.26 -53.96
N PRO S 917 40.64 -15.12 -54.27
CA PRO S 917 39.88 -13.87 -54.35
C PRO S 917 38.77 -13.89 -55.38
N LEU S 918 38.98 -14.57 -56.50
CA LEU S 918 37.99 -14.55 -57.58
C LEU S 918 36.68 -15.19 -57.14
N LEU S 919 36.76 -16.35 -56.49
CA LEU S 919 35.53 -17.03 -56.06
C LEU S 919 34.80 -16.22 -55.00
N GLU S 920 35.54 -15.57 -54.09
CA GLU S 920 34.90 -14.72 -53.10
C GLU S 920 34.20 -13.53 -53.76
N TYR S 921 34.84 -12.91 -54.74
CA TYR S 921 34.21 -11.82 -55.47
C TYR S 921 32.97 -12.31 -56.21
N LEU S 922 32.99 -13.56 -56.69
CA LEU S 922 31.81 -14.14 -57.32
C LEU S 922 30.70 -14.36 -56.31
N ALA S 923 31.05 -14.75 -55.08
CA ALA S 923 30.06 -15.05 -54.06
C ALA S 923 29.21 -13.84 -53.69
N LEU S 924 29.68 -12.63 -54.01
CA LEU S 924 28.91 -11.42 -53.70
C LEU S 924 27.60 -11.37 -54.46
N ASP S 925 27.52 -12.03 -55.62
CA ASP S 925 26.30 -12.05 -56.44
C ASP S 925 25.88 -10.63 -56.81
N GLU S 926 24.87 -10.11 -56.09
CA GLU S 926 24.38 -8.77 -56.36
C GLU S 926 25.10 -7.69 -55.57
N SER S 927 25.58 -8.03 -54.37
CA SER S 927 26.25 -7.04 -53.53
C SER S 927 27.61 -6.62 -54.07
N MET S 928 28.14 -7.33 -55.08
CA MET S 928 29.39 -6.91 -55.70
C MET S 928 29.25 -5.56 -56.37
N TYR S 929 28.05 -5.22 -56.84
CA TYR S 929 27.81 -3.94 -57.50
C TYR S 929 27.89 -2.77 -56.53
N SER S 930 27.78 -3.02 -55.23
CA SER S 930 27.86 -1.97 -54.22
C SER S 930 29.28 -1.74 -53.72
N LEU S 931 30.25 -2.52 -54.20
CA LEU S 931 31.63 -2.30 -53.83
C LEU S 931 32.13 -0.98 -54.40
N HIS S 932 33.06 -0.35 -53.68
CA HIS S 932 33.69 0.88 -54.17
C HIS S 932 34.68 0.51 -55.25
N ILE S 933 34.26 0.60 -56.50
CA ILE S 933 35.09 0.22 -57.65
C ILE S 933 35.80 1.43 -58.23
N HIS S 934 35.07 2.50 -58.50
CA HIS S 934 35.63 3.72 -59.07
C HIS S 934 35.11 4.92 -58.30
N LYS S 935 35.85 6.01 -58.36
CA LYS S 935 35.48 7.22 -57.63
C LYS S 935 34.12 7.74 -58.08
N HIS S 936 33.88 7.73 -59.38
CA HIS S 936 32.62 8.18 -59.97
C HIS S 936 31.80 7.01 -60.49
N GLN S 937 31.84 5.89 -59.77
CA GLN S 937 31.10 4.70 -60.19
C GLN S 937 29.60 4.95 -60.20
N ASN S 938 29.11 5.85 -59.35
CA ASN S 938 27.69 6.12 -59.28
C ASN S 938 27.19 7.04 -60.37
N LEU S 939 28.10 7.71 -61.10
CA LEU S 939 27.69 8.58 -62.19
C LEU S 939 27.12 7.80 -63.36
N LEU S 940 27.66 6.61 -63.62
CA LEU S 940 27.16 5.77 -64.69
C LEU S 940 25.78 5.22 -64.33
N PRO S 941 24.94 4.96 -65.33
CA PRO S 941 23.67 4.28 -65.06
C PRO S 941 23.91 2.87 -64.56
N ARG S 942 22.92 2.35 -63.81
CA ARG S 942 23.08 1.04 -63.21
C ARG S 942 23.29 -0.05 -64.25
N GLU S 943 22.57 0.03 -65.38
CA GLU S 943 22.74 -0.96 -66.43
C GLU S 943 24.14 -0.95 -67.00
N LYS S 944 24.71 0.25 -67.23
CA LYS S 944 26.05 0.34 -67.78
C LYS S 944 27.09 -0.19 -66.80
N LEU S 945 26.97 0.15 -65.52
CA LEU S 945 27.91 -0.37 -64.53
C LEU S 945 27.80 -1.88 -64.41
N ILE S 946 26.58 -2.42 -64.42
CA ILE S 946 26.38 -3.86 -64.36
C ILE S 946 27.01 -4.53 -65.58
N ASP S 947 26.83 -3.95 -66.77
CA ASP S 947 27.42 -4.51 -67.97
C ASP S 947 28.94 -4.48 -67.90
N ALA S 948 29.51 -3.39 -67.39
CA ALA S 948 30.96 -3.31 -67.26
C ALA S 948 31.48 -4.37 -66.31
N VAL S 949 30.80 -4.57 -65.18
CA VAL S 949 31.21 -5.60 -64.22
C VAL S 949 31.13 -6.97 -64.86
N GLN S 950 30.04 -7.22 -65.60
CA GLN S 950 29.87 -8.51 -66.25
C GLN S 950 30.99 -8.76 -67.26
N THR S 951 31.33 -7.75 -68.06
CA THR S 951 32.40 -7.91 -69.05
C THR S 951 33.73 -8.17 -68.37
N SER S 952 34.04 -7.41 -67.32
CA SER S 952 35.31 -7.60 -66.61
C SER S 952 35.41 -9.01 -66.03
N ILE S 953 34.34 -9.47 -65.37
CA ILE S 953 34.40 -10.76 -64.71
C ILE S 953 34.45 -11.89 -65.74
N VAL S 954 33.73 -11.74 -66.86
CA VAL S 954 33.79 -12.74 -67.91
C VAL S 954 35.20 -12.82 -68.48
N ASP S 955 35.81 -11.67 -68.74
CA ASP S 955 37.18 -11.64 -69.25
C ASP S 955 38.13 -12.35 -68.29
N ILE S 956 38.03 -12.03 -66.99
CA ILE S 956 38.95 -12.59 -66.02
C ILE S 956 38.76 -14.10 -65.89
N VAL S 957 37.50 -14.54 -65.77
CA VAL S 957 37.24 -15.95 -65.58
C VAL S 957 37.63 -16.76 -66.82
N ASN S 958 37.48 -16.17 -68.02
CA ASN S 958 37.91 -16.87 -69.21
C ASN S 958 39.43 -16.90 -69.33
N LEU S 959 40.10 -15.86 -68.83
CA LEU S 959 41.56 -15.91 -68.75
C LEU S 959 42.01 -16.97 -67.74
N VAL S 960 41.19 -17.25 -66.74
CA VAL S 960 41.57 -18.22 -65.72
C VAL S 960 41.26 -19.64 -66.18
N GLY S 961 40.00 -19.93 -66.46
CA GLY S 961 39.58 -21.27 -66.81
C GLY S 961 38.89 -21.98 -65.65
N VAL S 962 37.90 -22.80 -65.98
CA VAL S 962 37.05 -23.45 -64.98
C VAL S 962 37.07 -24.95 -65.18
N ASP S 963 37.25 -25.69 -64.09
CA ASP S 963 37.22 -27.15 -64.13
C ASP S 963 35.77 -27.61 -64.02
N ILE S 964 35.31 -28.35 -65.03
CA ILE S 964 33.92 -28.82 -65.04
C ILE S 964 33.68 -29.84 -63.94
N ASN S 965 34.62 -30.76 -63.74
CA ASN S 965 34.43 -31.82 -62.74
C ASN S 965 34.35 -31.24 -61.34
N GLU S 966 35.23 -30.31 -61.01
CA GLU S 966 35.19 -29.69 -59.69
C GLU S 966 33.94 -28.82 -59.53
N ALA S 967 33.52 -28.16 -60.61
CA ALA S 967 32.30 -27.37 -60.56
C ALA S 967 31.09 -28.25 -60.26
N VAL S 968 31.02 -29.43 -60.88
CA VAL S 968 29.96 -30.38 -60.55
C VAL S 968 30.09 -30.85 -59.11
N ARG S 969 31.33 -31.13 -58.67
CA ARG S 969 31.54 -31.63 -57.33
C ARG S 969 31.13 -30.63 -56.27
N ALA S 970 31.44 -29.35 -56.48
CA ALA S 970 31.15 -28.31 -55.51
C ALA S 970 30.54 -27.10 -56.19
N PRO S 971 29.35 -26.65 -55.74
CA PRO S 971 28.75 -25.45 -56.31
C PRO S 971 29.60 -24.20 -56.13
N TYR S 972 30.39 -24.13 -55.05
CA TYR S 972 31.24 -22.97 -54.81
C TYR S 972 32.19 -22.75 -55.98
N HIS S 973 32.81 -23.82 -56.48
CA HIS S 973 33.61 -23.72 -57.68
C HIS S 973 32.76 -23.59 -58.93
N ALA S 974 31.47 -23.92 -58.84
CA ALA S 974 30.56 -23.80 -59.97
C ALA S 974 30.00 -22.39 -60.15
N LEU S 975 30.24 -21.49 -59.18
CA LEU S 975 29.84 -20.10 -59.37
C LEU S 975 30.46 -19.50 -60.63
N ALA S 976 31.63 -19.96 -61.03
CA ALA S 976 32.31 -19.39 -62.19
C ALA S 976 31.79 -19.93 -63.52
N LEU S 977 30.97 -20.98 -63.49
CA LEU S 977 30.49 -21.58 -64.74
C LEU S 977 29.67 -20.63 -65.60
N PRO S 978 28.70 -19.87 -65.09
CA PRO S 978 27.90 -19.00 -65.97
C PRO S 978 28.69 -17.91 -66.67
N TYR S 979 29.84 -17.50 -66.15
CA TYR S 979 30.58 -16.38 -66.72
C TYR S 979 31.52 -16.79 -67.85
N VAL S 980 31.59 -18.08 -68.18
CA VAL S 980 32.40 -18.52 -69.31
C VAL S 980 31.75 -18.04 -70.60
N CYS S 981 32.58 -17.76 -71.61
CA CYS S 981 32.08 -17.31 -72.90
C CYS S 981 31.21 -18.37 -73.54
N GLY S 982 30.17 -17.93 -74.23
CA GLY S 982 29.23 -18.86 -74.84
C GLY S 982 28.19 -19.36 -73.86
N LEU S 983 28.61 -19.58 -72.62
CA LEU S 983 27.73 -20.07 -71.57
C LEU S 983 26.90 -18.92 -70.99
N GLY S 984 26.20 -19.20 -69.90
CA GLY S 984 25.39 -18.23 -69.21
C GLY S 984 24.70 -18.90 -68.04
N PRO S 985 24.04 -18.12 -67.18
CA PRO S 985 23.39 -18.71 -65.99
C PRO S 985 22.47 -19.86 -66.32
N ARG S 986 21.51 -19.61 -67.20
CA ARG S 986 20.60 -20.67 -67.61
C ARG S 986 21.37 -21.80 -68.31
N LYS S 987 22.27 -21.43 -69.22
CA LYS S 987 23.02 -22.44 -69.96
C LYS S 987 23.94 -23.24 -69.04
N ALA S 988 24.61 -22.56 -68.11
CA ALA S 988 25.48 -23.27 -67.17
C ALA S 988 24.67 -24.21 -66.28
N ALA S 989 23.51 -23.76 -65.81
CA ALA S 989 22.65 -24.61 -64.98
C ALA S 989 22.23 -25.85 -65.75
N GLY S 990 21.77 -25.68 -66.99
CA GLY S 990 21.38 -26.84 -67.79
C GLY S 990 22.54 -27.76 -68.07
N LEU S 991 23.72 -27.20 -68.35
CA LEU S 991 24.89 -28.02 -68.62
C LEU S 991 25.29 -28.83 -67.39
N ILE S 992 25.31 -28.21 -66.21
CA ILE S 992 25.69 -28.93 -65.01
C ILE S 992 24.65 -29.98 -64.65
N GLN S 993 23.37 -29.68 -64.89
CA GLN S 993 22.33 -30.68 -64.63
C GLN S 993 22.48 -31.87 -65.56
N SER S 994 22.75 -31.61 -66.84
CA SER S 994 22.96 -32.71 -67.79
C SER S 994 24.18 -33.54 -67.42
N ILE S 995 25.27 -32.88 -67.02
CA ILE S 995 26.48 -33.61 -66.62
C ILE S 995 26.19 -34.48 -65.41
N GLN S 996 25.48 -33.93 -64.42
CA GLN S 996 25.15 -34.70 -63.23
C GLN S 996 24.27 -35.89 -63.57
N ARG S 997 23.29 -35.70 -64.45
CA ARG S 997 22.43 -36.81 -64.84
C ARG S 997 23.20 -37.90 -65.57
N ILE S 998 24.13 -37.49 -66.45
CA ILE S 998 24.90 -38.48 -67.21
C ILE S 998 25.82 -39.28 -66.29
N GLY S 999 26.51 -38.60 -65.38
CA GLY S 999 27.43 -39.32 -64.50
C GLY S 999 28.10 -38.37 -63.54
N SER S 1000 29.13 -38.89 -62.87
CA SER S 1000 29.87 -38.11 -61.88
C SER S 1000 30.82 -37.10 -62.51
N ASN S 1001 31.32 -37.37 -63.72
CA ASN S 1001 32.30 -36.49 -64.34
C ASN S 1001 32.24 -36.66 -65.85
N LEU S 1002 32.83 -35.69 -66.55
CA LEU S 1002 32.96 -35.73 -67.99
C LEU S 1002 34.27 -36.42 -68.39
N VAL S 1003 34.19 -37.25 -69.42
CA VAL S 1003 35.36 -38.03 -69.84
C VAL S 1003 36.32 -37.17 -70.65
N ASN S 1004 35.83 -36.53 -71.70
CA ASN S 1004 36.67 -35.70 -72.56
C ASN S 1004 35.82 -34.63 -73.22
N ARG S 1005 36.52 -33.65 -73.83
CA ARG S 1005 35.83 -32.50 -74.41
C ARG S 1005 34.91 -32.90 -75.55
N ALA S 1006 35.31 -33.92 -76.32
CA ALA S 1006 34.47 -34.38 -77.44
C ALA S 1006 33.11 -34.85 -76.96
N HIS S 1007 33.02 -35.36 -75.73
CA HIS S 1007 31.75 -35.83 -75.20
C HIS S 1007 30.76 -34.69 -75.00
N LEU S 1008 31.24 -33.45 -74.91
CA LEU S 1008 30.34 -32.31 -74.86
C LEU S 1008 29.50 -32.21 -76.14
N ILE S 1009 30.03 -32.74 -77.24
CA ILE S 1009 29.28 -32.80 -78.49
C ILE S 1009 28.60 -34.15 -78.67
N THR S 1010 29.32 -35.24 -78.41
CA THR S 1010 28.76 -36.58 -78.63
C THR S 1010 27.57 -36.86 -77.72
N GLU S 1011 27.66 -36.48 -76.45
CA GLU S 1011 26.59 -36.74 -75.49
C GLU S 1011 25.44 -35.74 -75.60
N GLN S 1012 25.39 -34.94 -76.68
CA GLN S 1012 24.32 -33.97 -76.89
C GLN S 1012 24.25 -32.95 -75.75
N LEU S 1013 25.41 -32.64 -75.17
CA LEU S 1013 25.44 -31.73 -74.02
C LEU S 1013 25.32 -30.27 -74.43
N THR S 1014 25.60 -29.95 -75.70
CA THR S 1014 25.55 -28.57 -76.16
C THR S 1014 25.41 -28.56 -77.67
N SER S 1015 25.36 -27.35 -78.22
CA SER S 1015 25.33 -27.14 -79.66
C SER S 1015 26.76 -26.94 -80.18
N LYS S 1016 26.90 -26.51 -81.44
CA LYS S 1016 28.21 -26.45 -82.07
C LYS S 1016 28.93 -25.15 -81.76
N THR S 1017 28.29 -24.00 -81.99
CA THR S 1017 28.95 -22.72 -81.78
C THR S 1017 29.28 -22.50 -80.31
N VAL S 1018 28.36 -22.88 -79.42
CA VAL S 1018 28.62 -22.74 -77.98
C VAL S 1018 29.82 -23.59 -77.58
N PHE S 1019 29.88 -24.83 -78.08
CA PHE S 1019 31.02 -25.68 -77.79
C PHE S 1019 32.31 -25.09 -78.31
N LEU S 1020 32.29 -24.56 -79.54
CA LEU S 1020 33.50 -23.98 -80.12
C LEU S 1020 33.98 -22.79 -79.31
N ASN S 1021 33.04 -21.97 -78.82
CA ASN S 1021 33.42 -20.82 -78.01
C ASN S 1021 33.99 -21.25 -76.66
N MET S 1022 33.32 -22.20 -75.99
CA MET S 1022 33.69 -22.60 -74.64
C MET S 1022 34.69 -23.74 -74.58
N ALA S 1023 35.18 -24.22 -75.73
CA ALA S 1023 35.96 -25.45 -75.75
C ALA S 1023 37.25 -25.32 -74.96
N SER S 1024 38.05 -24.28 -75.24
CA SER S 1024 39.37 -24.18 -74.63
C SER S 1024 39.31 -23.68 -73.18
N PHE S 1025 38.22 -23.05 -72.78
CA PHE S 1025 38.11 -22.47 -71.45
C PHE S 1025 37.61 -23.45 -70.39
N VAL S 1026 37.23 -24.66 -70.79
CA VAL S 1026 36.82 -25.71 -69.86
C VAL S 1026 37.73 -26.91 -70.06
N TYR S 1027 38.11 -27.55 -68.97
CA TYR S 1027 39.15 -28.58 -69.01
C TYR S 1027 38.81 -29.72 -68.05
N ILE S 1028 39.50 -30.84 -68.25
CA ILE S 1028 39.46 -31.97 -67.35
C ILE S 1028 40.89 -32.28 -66.92
N VAL S 1029 41.09 -32.47 -65.62
CA VAL S 1029 42.43 -32.68 -65.06
C VAL S 1029 42.92 -34.06 -65.49
N PHE S 1030 43.99 -34.10 -66.27
CA PHE S 1030 44.60 -35.35 -66.68
C PHE S 1030 45.40 -35.95 -65.53
N ASP S 1031 45.46 -37.28 -65.51
CA ASP S 1031 46.18 -38.00 -64.46
C ASP S 1031 47.03 -39.10 -65.08
N PRO S 1032 48.35 -39.07 -64.87
CA PRO S 1032 49.20 -40.14 -65.42
C PRO S 1032 48.90 -41.52 -64.85
N ASP S 1033 48.24 -41.60 -63.69
CA ASP S 1033 47.86 -42.91 -63.15
C ASP S 1033 46.86 -43.61 -64.05
N VAL S 1034 45.91 -42.85 -64.60
CA VAL S 1034 44.91 -43.41 -65.52
C VAL S 1034 45.44 -43.48 -66.95
N GLU S 1035 46.61 -42.87 -67.21
CA GLU S 1035 47.20 -42.84 -68.54
C GLU S 1035 47.69 -44.21 -69.01
N ARG S 1036 47.73 -45.20 -68.12
CA ARG S 1036 48.39 -46.47 -68.42
C ARG S 1036 47.86 -47.11 -69.71
N ASN S 1037 46.55 -47.05 -69.93
CA ASN S 1037 45.98 -47.60 -71.15
C ASN S 1037 46.08 -46.59 -72.27
N PRO S 1038 46.68 -46.94 -73.42
CA PRO S 1038 46.69 -46.01 -74.56
C PRO S 1038 45.29 -45.64 -75.05
N GLN S 1039 44.32 -46.56 -74.92
CA GLN S 1039 42.96 -46.30 -75.37
C GLN S 1039 42.23 -45.27 -74.51
N GLY S 1040 42.91 -44.61 -73.58
CA GLY S 1040 42.28 -43.63 -72.72
C GLY S 1040 41.57 -42.52 -73.46
N GLU S 1041 40.25 -42.45 -73.31
CA GLU S 1041 39.47 -41.40 -73.96
C GLU S 1041 39.80 -40.02 -73.42
N MET S 1042 40.29 -39.93 -72.18
CA MET S 1042 40.63 -38.65 -71.59
C MET S 1042 41.89 -38.08 -72.22
N ASP S 1043 41.72 -37.23 -73.23
CA ASP S 1043 42.86 -36.69 -73.95
C ASP S 1043 43.69 -35.78 -73.03
N LEU S 1044 45.01 -35.86 -73.18
CA LEU S 1044 45.89 -35.00 -72.40
C LEU S 1044 45.74 -33.54 -72.81
N LEU S 1045 45.49 -33.29 -74.10
CA LEU S 1045 45.32 -31.92 -74.58
C LEU S 1045 44.07 -31.27 -74.00
N ASP S 1046 43.16 -32.05 -73.42
CA ASP S 1046 41.99 -31.48 -72.77
C ASP S 1046 42.32 -30.73 -71.49
N SER S 1047 43.55 -30.84 -70.98
CA SER S 1047 43.99 -30.12 -69.80
C SER S 1047 44.90 -28.96 -70.17
N THR S 1048 44.69 -28.39 -71.35
CA THR S 1048 45.50 -27.28 -71.86
C THR S 1048 44.60 -26.24 -72.48
N ARG S 1049 45.17 -25.04 -72.70
CA ARG S 1049 44.45 -23.98 -73.40
C ARG S 1049 44.33 -24.23 -74.89
N ILE S 1050 44.95 -25.29 -75.41
CA ILE S 1050 44.90 -25.58 -76.83
C ILE S 1050 43.47 -25.94 -77.22
N HIS S 1051 42.97 -25.28 -78.26
CA HIS S 1051 41.61 -25.54 -78.70
C HIS S 1051 41.51 -26.95 -79.28
N PRO S 1052 40.36 -27.61 -79.10
CA PRO S 1052 40.19 -28.94 -79.72
C PRO S 1052 40.37 -28.94 -81.23
N GLU S 1053 40.05 -27.82 -81.89
CA GLU S 1053 40.28 -27.71 -83.33
C GLU S 1053 41.76 -27.70 -83.68
N ASP S 1054 42.65 -27.51 -82.71
CA ASP S 1054 44.08 -27.49 -82.96
C ASP S 1054 44.80 -28.67 -82.33
N TYR S 1055 44.07 -29.73 -81.95
CA TYR S 1055 44.70 -30.90 -81.37
C TYR S 1055 45.61 -31.59 -82.38
N SER S 1056 45.19 -31.64 -83.64
CA SER S 1056 46.03 -32.22 -84.68
C SER S 1056 47.31 -31.40 -84.87
N LEU S 1057 47.20 -30.08 -84.82
CA LEU S 1057 48.38 -29.22 -84.95
C LEU S 1057 49.33 -29.42 -83.77
N ALA S 1058 48.77 -29.55 -82.56
CA ALA S 1058 49.60 -29.82 -81.39
C ALA S 1058 50.31 -31.16 -81.52
N ARG S 1059 49.60 -32.18 -82.02
CA ARG S 1059 50.22 -33.48 -82.24
C ARG S 1059 51.34 -33.37 -83.27
N LYS S 1060 51.13 -32.60 -84.33
CA LYS S 1060 52.16 -32.42 -85.34
C LYS S 1060 53.38 -31.73 -84.76
N MET S 1061 53.18 -30.71 -83.93
CA MET S 1061 54.30 -30.05 -83.29
C MET S 1061 55.05 -31.00 -82.36
N ALA S 1062 54.32 -31.83 -81.61
CA ALA S 1062 54.96 -32.79 -80.73
C ALA S 1062 55.80 -33.79 -81.54
N ALA S 1063 55.27 -34.25 -82.67
CA ALA S 1063 56.04 -35.12 -83.54
C ALA S 1063 57.26 -34.41 -84.11
N ASP S 1064 57.14 -33.12 -84.41
CA ASP S 1064 58.29 -32.35 -84.90
C ASP S 1064 59.38 -32.27 -83.85
N ALA S 1065 59.01 -32.07 -82.58
CA ALA S 1065 60.01 -31.97 -81.52
C ALA S 1065 60.71 -33.30 -81.28
N LEU S 1066 59.98 -34.42 -81.39
CA LEU S 1066 60.59 -35.73 -81.19
C LEU S 1066 61.54 -36.11 -82.32
N ASP S 1067 61.48 -35.42 -83.47
CA ASP S 1067 62.34 -35.68 -84.62
C ASP S 1067 62.20 -37.10 -85.16
N ILE S 1068 61.02 -37.70 -85.00
CA ILE S 1068 60.77 -39.05 -85.47
C ILE S 1068 60.02 -38.94 -86.81
N GLU S 1069 60.72 -39.24 -87.90
CA GLU S 1069 60.15 -39.12 -89.24
C GLU S 1069 59.40 -40.37 -89.69
N ASP S 1070 59.41 -41.44 -88.91
CA ASP S 1070 58.67 -42.64 -89.29
C ASP S 1070 57.17 -42.37 -89.32
N ILE S 1071 56.67 -41.59 -88.37
CA ILE S 1071 55.25 -41.28 -88.29
C ILE S 1071 54.91 -40.24 -89.35
N ASP S 1072 53.87 -40.51 -90.14
CA ASP S 1072 53.38 -39.56 -91.12
C ASP S 1072 52.40 -38.59 -90.46
N ASP S 1073 51.75 -37.77 -91.27
CA ASP S 1073 50.88 -36.73 -90.73
C ASP S 1073 49.45 -37.21 -90.49
N ASP S 1074 49.15 -38.49 -90.75
CA ASP S 1074 47.79 -39.00 -90.60
C ASP S 1074 47.67 -40.12 -89.58
N ASP S 1075 48.77 -40.56 -88.96
CA ASP S 1075 48.72 -41.66 -87.98
C ASP S 1075 48.45 -41.05 -86.60
N GLU S 1076 47.16 -40.81 -86.35
CA GLU S 1076 46.78 -40.11 -85.12
C GLU S 1076 47.06 -40.94 -83.87
N SER S 1077 46.99 -42.27 -83.96
CA SER S 1077 47.36 -43.10 -82.82
C SER S 1077 48.84 -42.94 -82.48
N ALA S 1078 49.69 -42.88 -83.50
CA ALA S 1078 51.10 -42.63 -83.28
C ALA S 1078 51.33 -41.24 -82.70
N MET S 1079 50.55 -40.25 -83.11
CA MET S 1079 50.65 -38.92 -82.53
C MET S 1079 50.25 -38.93 -81.05
N ARG S 1080 49.20 -39.68 -80.71
CA ARG S 1080 48.79 -39.80 -79.31
C ARG S 1080 49.88 -40.46 -78.48
N ASN S 1081 50.50 -41.53 -79.02
CA ASN S 1081 51.60 -42.17 -78.32
C ASN S 1081 52.81 -41.24 -78.20
N ALA S 1082 53.04 -40.41 -79.23
CA ALA S 1082 54.13 -39.45 -79.18
C ALA S 1082 53.91 -38.42 -78.07
N ILE S 1083 52.68 -37.93 -77.93
CA ILE S 1083 52.38 -37.03 -76.82
C ILE S 1083 52.53 -37.73 -75.48
N TYR S 1084 52.05 -38.98 -75.40
CA TYR S 1084 52.23 -39.78 -74.19
C TYR S 1084 53.69 -39.82 -73.79
N GLU S 1085 54.57 -40.11 -74.74
CA GLU S 1085 56.00 -40.17 -74.44
C GLU S 1085 56.56 -38.80 -74.10
N MET S 1086 56.13 -37.76 -74.82
CA MET S 1086 56.72 -36.44 -74.63
C MET S 1086 56.40 -35.87 -73.25
N VAL S 1087 55.15 -35.94 -72.84
CA VAL S 1087 54.75 -35.28 -71.59
C VAL S 1087 54.92 -36.21 -70.39
N PHE S 1088 54.61 -37.49 -70.55
CA PHE S 1088 54.75 -38.47 -69.47
C PHE S 1088 55.52 -39.68 -69.99
N PRO S 1089 56.83 -39.54 -70.18
CA PRO S 1089 57.64 -40.67 -70.65
C PRO S 1089 57.64 -41.80 -69.62
N ARG S 1090 57.63 -43.03 -70.13
CA ARG S 1090 57.73 -44.18 -69.24
C ARG S 1090 59.08 -44.22 -68.54
N SER S 1091 60.15 -43.95 -69.27
CA SER S 1091 61.48 -43.82 -68.70
C SER S 1091 61.80 -42.35 -68.47
N PRO S 1092 62.09 -41.93 -67.25
CA PRO S 1092 62.43 -40.54 -67.02
C PRO S 1092 63.69 -40.16 -67.78
N PRO S 1093 63.77 -38.93 -68.29
CA PRO S 1093 64.94 -38.53 -69.06
C PRO S 1093 66.21 -38.58 -68.20
N LYS S 1094 67.31 -38.99 -68.84
CA LYS S 1094 68.58 -39.08 -68.12
C LYS S 1094 69.04 -37.70 -67.64
N ASP S 1095 68.92 -36.69 -68.50
CA ASP S 1095 69.22 -35.32 -68.11
C ASP S 1095 67.97 -34.68 -67.51
N GLU S 1096 68.07 -33.42 -67.10
CA GLU S 1096 66.98 -32.70 -66.48
C GLU S 1096 66.11 -31.97 -67.50
N ASP S 1097 66.42 -32.10 -68.78
CA ASP S 1097 65.64 -31.44 -69.84
C ASP S 1097 64.58 -32.42 -70.31
N ASP S 1098 63.33 -32.12 -69.98
CA ASP S 1098 62.22 -32.98 -70.39
C ASP S 1098 62.01 -32.90 -71.90
N LEU S 1099 61.26 -33.87 -72.42
CA LEU S 1099 60.97 -33.90 -73.86
C LEU S 1099 60.16 -32.68 -74.28
N THR S 1100 59.40 -32.09 -73.36
CA THR S 1100 58.68 -30.85 -73.68
C THR S 1100 59.64 -29.68 -73.89
N PHE S 1101 60.83 -29.74 -73.28
CA PHE S 1101 61.80 -28.67 -73.47
C PHE S 1101 62.31 -28.62 -74.90
N LYS S 1102 62.37 -29.78 -75.57
CA LYS S 1102 62.89 -29.84 -76.94
C LYS S 1102 62.01 -29.08 -77.92
N LEU S 1103 60.77 -28.73 -77.53
CA LEU S 1103 59.92 -27.92 -78.39
C LEU S 1103 60.51 -26.54 -78.64
N ASP S 1104 61.42 -26.07 -77.79
CA ASP S 1104 62.04 -24.77 -78.01
C ASP S 1104 62.94 -24.77 -79.23
N GLU S 1105 63.49 -25.93 -79.60
CA GLU S 1105 64.33 -26.00 -80.78
C GLU S 1105 63.55 -25.88 -82.08
N LEU S 1106 62.24 -26.12 -82.05
CA LEU S 1106 61.42 -25.97 -83.25
C LEU S 1106 61.24 -24.49 -83.59
N ILE S 1107 61.30 -24.19 -84.89
CA ILE S 1107 61.13 -22.83 -85.38
C ILE S 1107 59.65 -22.61 -85.66
N LEU S 1108 59.01 -21.74 -84.88
CA LEU S 1108 57.58 -21.50 -85.05
C LEU S 1108 57.29 -20.73 -86.33
N ASP S 1109 58.20 -19.85 -86.76
CA ASP S 1109 57.94 -19.05 -87.95
C ASP S 1109 57.82 -19.94 -89.19
N ASP S 1110 58.68 -20.95 -89.31
CA ASP S 1110 58.61 -21.85 -90.46
C ASP S 1110 57.27 -22.60 -90.49
N TYR S 1111 56.84 -23.11 -89.34
CA TYR S 1111 55.57 -23.83 -89.27
C TYR S 1111 54.40 -22.91 -89.58
N ALA S 1112 54.45 -21.68 -89.08
CA ALA S 1112 53.40 -20.71 -89.38
C ALA S 1112 53.33 -20.40 -90.86
N THR S 1113 54.49 -20.20 -91.50
CA THR S 1113 54.51 -19.94 -92.93
C THR S 1113 53.98 -21.13 -93.71
N GLU S 1114 54.36 -22.35 -93.31
CA GLU S 1114 53.85 -23.55 -93.99
C GLU S 1114 52.34 -23.67 -93.84
N LEU S 1115 51.82 -23.40 -92.64
CA LEU S 1115 50.38 -23.46 -92.44
C LEU S 1115 49.65 -22.40 -93.26
N GLU S 1116 50.21 -21.19 -93.31
CA GLU S 1116 49.60 -20.12 -94.09
C GLU S 1116 49.63 -20.42 -95.58
N ARG S 1117 50.66 -21.12 -96.05
CA ARG S 1117 50.70 -21.52 -97.45
C ARG S 1117 49.72 -22.65 -97.74
N LYS S 1118 49.64 -23.64 -96.84
CA LYS S 1118 48.82 -24.81 -97.11
C LYS S 1118 47.33 -24.50 -97.00
N HIS S 1119 46.93 -23.78 -95.95
CA HIS S 1119 45.51 -23.57 -95.69
C HIS S 1119 45.14 -22.13 -95.38
N GLN S 1120 46.05 -21.17 -95.57
CA GLN S 1120 45.76 -19.75 -95.37
C GLN S 1120 45.29 -19.45 -93.95
N LEU S 1121 46.15 -19.79 -92.99
CA LEU S 1121 45.84 -19.62 -91.57
C LEU S 1121 46.96 -18.86 -90.90
N LYS S 1122 46.62 -17.77 -90.21
CA LYS S 1122 47.56 -17.04 -89.38
C LYS S 1122 47.47 -17.62 -87.97
N LYS S 1123 48.41 -18.52 -87.64
CA LYS S 1123 48.33 -19.27 -86.39
C LYS S 1123 49.65 -19.27 -85.63
N ARG S 1124 50.55 -18.31 -85.92
CA ARG S 1124 51.84 -18.26 -85.23
C ARG S 1124 51.65 -18.02 -83.73
N SER S 1125 50.74 -17.12 -83.35
CA SER S 1125 50.44 -16.92 -81.95
C SER S 1125 49.82 -18.17 -81.34
N THR S 1126 48.99 -18.87 -82.12
CA THR S 1126 48.43 -20.13 -81.65
C THR S 1126 49.52 -21.17 -81.43
N LEU S 1127 50.50 -21.25 -82.32
CA LEU S 1127 51.61 -22.17 -82.14
C LEU S 1127 52.43 -21.80 -80.90
N GLN S 1128 52.64 -20.51 -80.66
CA GLN S 1128 53.33 -20.08 -79.46
C GLN S 1128 52.57 -20.50 -78.21
N ILE S 1129 51.25 -20.31 -78.22
CA ILE S 1129 50.42 -20.70 -77.08
C ILE S 1129 50.48 -22.21 -76.87
N ILE S 1130 50.46 -22.97 -77.95
CA ILE S 1130 50.53 -24.43 -77.84
C ILE S 1130 51.86 -24.85 -77.22
N LYS S 1131 52.97 -24.24 -77.68
CA LYS S 1131 54.27 -24.56 -77.11
C LYS S 1131 54.30 -24.22 -75.62
N GLU S 1132 53.74 -23.07 -75.25
CA GLU S 1132 53.69 -22.68 -73.85
C GLU S 1132 52.88 -23.67 -73.02
N GLU S 1133 51.74 -24.12 -73.55
CA GLU S 1133 50.91 -25.06 -72.82
C GLU S 1133 51.62 -26.39 -72.63
N LEU S 1134 52.33 -26.87 -73.66
CA LEU S 1134 53.11 -28.08 -73.50
C LEU S 1134 54.23 -27.90 -72.47
N GLN S 1135 54.84 -26.72 -72.45
CA GLN S 1135 55.91 -26.50 -71.47
C GLN S 1135 55.37 -26.44 -70.04
N SER S 1136 54.11 -26.06 -69.86
CA SER S 1136 53.49 -26.03 -68.53
C SER S 1136 51.99 -26.00 -68.71
N ARG S 1137 51.30 -26.99 -68.12
CA ARG S 1137 49.86 -27.11 -68.29
C ARG S 1137 49.15 -26.14 -67.34
N TYR S 1138 48.49 -25.13 -67.91
CA TYR S 1138 47.77 -24.11 -67.15
C TYR S 1138 48.68 -23.39 -66.16
N ARG S 1139 49.66 -22.68 -66.71
CA ARG S 1139 50.43 -21.72 -65.93
C ARG S 1139 49.54 -20.56 -65.54
N GLU S 1140 49.67 -20.11 -64.29
CA GLU S 1140 48.79 -19.06 -63.78
C GLU S 1140 49.06 -17.73 -64.46
N ILE S 1141 48.00 -17.07 -64.91
CA ILE S 1141 48.13 -15.84 -65.69
C ILE S 1141 47.95 -14.63 -64.78
N ARG S 1142 47.14 -14.75 -63.75
CA ARG S 1142 46.86 -13.63 -62.87
C ARG S 1142 48.12 -13.17 -62.15
N ARG S 1143 48.16 -11.89 -61.81
CA ARG S 1143 49.26 -11.36 -61.03
C ARG S 1143 49.24 -11.93 -59.62
N ASP S 1144 50.41 -11.94 -58.97
CA ASP S 1144 50.52 -12.50 -57.63
C ASP S 1144 49.66 -11.70 -56.65
N PHE S 1145 49.53 -12.26 -55.44
CA PHE S 1145 48.71 -11.63 -54.41
C PHE S 1145 49.21 -10.21 -54.13
N HIS S 1146 48.26 -9.29 -53.99
CA HIS S 1146 48.58 -7.88 -53.81
C HIS S 1146 48.71 -7.58 -52.32
N ILE S 1147 49.87 -7.08 -51.92
CA ILE S 1147 50.14 -6.76 -50.52
C ILE S 1147 49.83 -5.28 -50.29
N LEU S 1148 49.07 -4.99 -49.25
CA LEU S 1148 48.71 -3.62 -48.94
C LEU S 1148 49.92 -2.83 -48.48
N ASN S 1149 49.99 -1.57 -48.89
CA ASN S 1149 51.08 -0.67 -48.51
C ASN S 1149 50.60 0.26 -47.40
N GLU S 1150 51.43 1.22 -47.04
CA GLU S 1150 51.14 2.09 -45.90
C GLU S 1150 49.85 2.88 -46.13
N ALA S 1151 49.70 3.44 -47.33
CA ALA S 1151 48.47 4.20 -47.63
C ALA S 1151 47.26 3.30 -47.62
N GLU S 1152 47.36 2.11 -48.21
CA GLU S 1152 46.23 1.20 -48.24
C GLU S 1152 45.87 0.71 -46.85
N ILE S 1153 46.87 0.40 -46.03
CA ILE S 1153 46.60 -0.03 -44.65
C ILE S 1153 45.94 1.10 -43.86
N PHE S 1154 46.44 2.33 -44.02
CA PHE S 1154 45.83 3.47 -43.33
C PHE S 1154 44.39 3.65 -43.74
N GLN S 1155 44.11 3.59 -45.04
CA GLN S 1155 42.74 3.75 -45.52
C GLN S 1155 41.84 2.62 -45.03
N LEU S 1156 42.37 1.39 -45.00
CA LEU S 1156 41.58 0.26 -44.53
C LEU S 1156 41.24 0.39 -43.05
N LEU S 1157 42.21 0.82 -42.24
CA LEU S 1157 41.99 0.85 -40.79
C LEU S 1157 41.17 2.07 -40.37
N THR S 1158 41.61 3.27 -40.75
CA THR S 1158 40.94 4.47 -40.29
C THR S 1158 39.71 4.83 -41.11
N ARG S 1159 39.49 4.16 -42.24
CA ARG S 1159 38.41 4.47 -43.18
C ARG S 1159 38.47 5.92 -43.65
N GLU S 1160 39.65 6.53 -43.57
CA GLU S 1160 39.88 7.91 -44.00
C GLU S 1160 40.91 7.91 -45.11
N THR S 1161 40.57 8.56 -46.22
CA THR S 1161 41.49 8.61 -47.34
C THR S 1161 42.67 9.52 -47.03
N VAL S 1162 43.78 9.29 -47.75
CA VAL S 1162 44.95 10.14 -47.59
C VAL S 1162 44.67 11.56 -48.04
N ASP S 1163 43.80 11.73 -49.04
CA ASP S 1163 43.46 13.07 -49.50
C ASP S 1163 42.66 13.84 -48.46
N SER S 1164 41.72 13.17 -47.79
CA SER S 1164 40.87 13.84 -46.82
C SER S 1164 41.55 14.03 -45.47
N PHE S 1165 42.75 13.47 -45.27
CA PHE S 1165 43.48 13.62 -44.02
C PHE S 1165 44.94 13.86 -44.39
N ARG S 1166 45.34 15.12 -44.44
CA ARG S 1166 46.70 15.50 -44.82
C ARG S 1166 47.00 16.88 -44.26
N LYS S 1167 48.13 17.45 -44.68
CA LYS S 1167 48.54 18.77 -44.22
C LYS S 1167 47.54 19.83 -44.66
N GLY S 1168 47.34 20.83 -43.80
CA GLY S 1168 46.43 21.92 -44.10
C GLY S 1168 44.96 21.54 -44.06
N MET S 1169 44.56 20.77 -43.05
CA MET S 1169 43.16 20.41 -42.85
C MET S 1169 42.77 20.67 -41.40
N VAL S 1170 41.52 21.05 -41.19
CA VAL S 1170 41.01 21.39 -39.87
C VAL S 1170 40.01 20.33 -39.44
N ILE S 1171 40.23 19.74 -38.27
CA ILE S 1171 39.36 18.68 -37.77
C ILE S 1171 39.04 18.95 -36.31
N PRO S 1172 37.83 18.59 -35.88
CA PRO S 1172 37.43 18.74 -34.47
C PRO S 1172 37.91 17.59 -33.59
N VAL S 1173 39.17 17.66 -33.17
CA VAL S 1173 39.75 16.61 -32.35
C VAL S 1173 39.24 16.75 -30.91
N TYR S 1174 39.39 15.66 -30.16
CA TYR S 1174 38.88 15.56 -28.80
C TYR S 1174 40.05 15.51 -27.83
N VAL S 1175 40.06 16.41 -26.85
CA VAL S 1175 41.13 16.45 -25.87
C VAL S 1175 41.03 15.26 -24.93
N ARG S 1176 42.12 14.54 -24.76
CA ARG S 1176 42.14 13.34 -23.92
C ARG S 1176 43.06 13.47 -22.72
N LYS S 1177 44.09 14.29 -22.80
CA LYS S 1177 45.01 14.49 -21.67
C LYS S 1177 45.68 15.84 -21.83
N VAL S 1178 45.72 16.62 -20.76
CA VAL S 1178 46.29 17.96 -20.75
C VAL S 1178 47.53 17.96 -19.89
N GLU S 1179 48.65 18.43 -20.44
CA GLU S 1179 49.89 18.56 -19.71
C GLU S 1179 50.48 19.94 -19.95
N SER S 1180 51.42 20.32 -19.08
CA SER S 1180 52.01 21.65 -19.16
C SER S 1180 52.79 21.84 -20.45
N SER S 1181 53.53 20.81 -20.88
CA SER S 1181 54.39 20.92 -22.05
C SER S 1181 53.77 20.39 -23.33
N TYR S 1182 52.64 19.69 -23.24
CA TYR S 1182 51.96 19.17 -24.43
C TYR S 1182 50.53 18.83 -24.06
N MET S 1183 49.70 18.64 -25.09
CA MET S 1183 48.35 18.15 -24.92
C MET S 1183 48.13 16.96 -25.83
N SER S 1184 47.58 15.88 -25.27
CA SER S 1184 47.28 14.67 -26.03
C SER S 1184 45.80 14.67 -26.37
N VAL S 1185 45.50 14.57 -27.67
CA VAL S 1185 44.14 14.65 -28.16
C VAL S 1185 43.87 13.45 -29.07
N SER S 1186 42.59 13.15 -29.24
CA SER S 1186 42.15 12.05 -30.10
C SER S 1186 41.22 12.59 -31.17
N THR S 1187 41.41 12.13 -32.40
CA THR S 1187 40.56 12.52 -33.51
C THR S 1187 39.28 11.70 -33.50
N GLN S 1188 38.44 11.93 -34.52
CA GLN S 1188 37.22 11.14 -34.65
C GLN S 1188 37.53 9.69 -34.99
N SER S 1189 38.59 9.46 -35.77
CA SER S 1189 38.95 8.13 -36.26
C SER S 1189 39.98 7.44 -35.38
N LEU S 1190 39.97 7.71 -34.08
CA LEU S 1190 40.83 7.06 -33.09
C LEU S 1190 42.32 7.38 -33.28
N ILE S 1191 42.65 8.30 -34.17
CA ILE S 1191 44.05 8.66 -34.41
C ILE S 1191 44.54 9.53 -33.26
N ALA S 1192 45.47 9.01 -32.48
CA ALA S 1192 46.03 9.76 -31.35
C ALA S 1192 46.92 10.88 -31.86
N GLY S 1193 46.77 12.07 -31.27
CA GLY S 1193 47.56 13.21 -31.68
C GLY S 1193 48.14 13.92 -30.48
N ASN S 1194 49.15 14.74 -30.75
CA ASN S 1194 49.82 15.53 -29.72
C ASN S 1194 50.22 16.88 -30.30
N ILE S 1195 50.25 17.88 -29.42
CA ILE S 1195 50.67 19.23 -29.78
C ILE S 1195 51.71 19.68 -28.76
N GLN S 1196 52.85 20.15 -29.25
CA GLN S 1196 53.85 20.73 -28.37
C GLN S 1196 53.36 22.07 -27.82
N ARG S 1197 53.91 22.46 -26.67
CA ARG S 1197 53.37 23.59 -25.91
C ARG S 1197 53.35 24.89 -26.70
N GLN S 1198 54.16 24.99 -27.75
CA GLN S 1198 54.23 26.21 -28.53
C GLN S 1198 52.94 26.54 -29.26
N ASP S 1199 52.00 25.60 -29.37
CA ASP S 1199 50.82 25.80 -30.20
C ASP S 1199 49.48 25.65 -29.50
N ILE S 1200 49.40 25.07 -28.31
CA ILE S 1200 48.13 24.99 -27.60
C ILE S 1200 47.62 26.38 -27.29
N LEU S 1201 48.50 27.25 -26.80
CA LEU S 1201 48.14 28.62 -26.45
C LEU S 1201 48.78 29.58 -27.44
N GLU S 1202 48.18 30.77 -27.54
CA GLU S 1202 48.67 31.77 -28.46
C GLU S 1202 50.06 32.24 -28.03
N PRO S 1203 50.94 32.59 -28.98
CA PRO S 1203 52.29 33.03 -28.60
C PRO S 1203 52.29 34.28 -27.72
N ASN S 1204 51.29 35.15 -27.82
CA ASN S 1204 51.24 36.34 -26.98
C ASN S 1204 50.79 36.00 -25.57
N ASP S 1205 49.85 35.08 -25.42
CA ASP S 1205 49.32 34.74 -24.11
C ASP S 1205 50.38 34.01 -23.28
N ARG S 1206 50.34 34.25 -21.97
CA ARG S 1206 51.27 33.62 -21.02
C ARG S 1206 50.55 32.73 -20.01
N ARG S 1207 49.31 32.33 -20.28
CA ARG S 1207 48.57 31.48 -19.37
C ARG S 1207 49.12 30.05 -19.42
N ASP S 1208 48.50 29.17 -18.63
CA ASP S 1208 48.84 27.76 -18.52
C ASP S 1208 47.91 26.93 -19.40
N PRO S 1209 48.42 25.86 -20.03
CA PRO S 1209 47.54 25.02 -20.86
C PRO S 1209 46.38 24.41 -20.09
N ARG S 1210 46.59 24.02 -18.84
CA ARG S 1210 45.53 23.38 -18.07
C ARG S 1210 44.40 24.36 -17.75
N GLU S 1211 44.72 25.62 -17.45
CA GLU S 1211 43.68 26.58 -17.11
C GLU S 1211 42.74 26.84 -18.28
N VAL S 1212 43.28 26.95 -19.49
CA VAL S 1212 42.47 27.31 -20.64
C VAL S 1212 41.71 26.11 -21.17
N TYR S 1213 42.40 24.97 -21.32
CA TYR S 1213 41.79 23.76 -21.87
C TYR S 1213 41.83 22.64 -20.84
N SER S 1214 40.76 21.85 -20.79
CA SER S 1214 40.62 20.77 -19.83
C SER S 1214 40.21 19.51 -20.57
N VAL S 1215 40.22 18.38 -19.85
CA VAL S 1215 39.83 17.10 -20.42
C VAL S 1215 38.34 17.14 -20.80
N GLY S 1216 38.03 16.58 -21.96
CA GLY S 1216 36.67 16.56 -22.46
C GLY S 1216 36.26 17.80 -23.22
N GLN S 1217 37.12 18.80 -23.33
CA GLN S 1217 36.83 20.03 -24.06
C GLN S 1217 37.47 19.90 -25.43
N THR S 1218 36.67 19.44 -26.40
CA THR S 1218 37.16 19.30 -27.76
C THR S 1218 37.33 20.67 -28.40
N VAL S 1219 38.38 20.81 -29.23
CA VAL S 1219 38.67 22.04 -29.94
C VAL S 1219 39.07 21.71 -31.37
N ARG S 1220 38.95 22.72 -32.23
CA ARG S 1220 39.43 22.59 -33.60
C ARG S 1220 40.95 22.57 -33.65
N ALA S 1221 41.50 21.76 -34.55
CA ALA S 1221 42.94 21.67 -34.72
C ALA S 1221 43.26 21.53 -36.20
N CYS S 1222 44.48 21.94 -36.56
CA CYS S 1222 44.95 21.85 -37.94
C CYS S 1222 46.08 20.84 -38.03
N ILE S 1223 46.02 19.96 -39.02
CA ILE S 1223 47.02 18.91 -39.17
C ILE S 1223 48.32 19.52 -39.67
N LEU S 1224 49.42 19.21 -38.97
CA LEU S 1224 50.75 19.63 -39.37
C LEU S 1224 51.56 18.50 -39.99
N ASP S 1225 51.59 17.34 -39.35
CA ASP S 1225 52.32 16.18 -39.85
C ASP S 1225 51.49 14.94 -39.60
N VAL S 1226 51.67 13.94 -40.46
CA VAL S 1226 50.95 12.67 -40.36
C VAL S 1226 51.95 11.52 -40.44
N ASP S 1227 51.93 10.65 -39.43
CA ASP S 1227 52.72 9.42 -39.44
C ASP S 1227 51.77 8.30 -39.87
N TYR S 1228 51.69 8.08 -41.18
CA TYR S 1228 50.73 7.12 -41.72
C TYR S 1228 51.02 5.71 -41.23
N TYR S 1229 52.29 5.34 -41.15
CA TYR S 1229 52.64 4.00 -40.69
C TYR S 1229 52.23 3.78 -39.24
N ASN S 1230 52.44 4.79 -38.39
CA ASN S 1230 52.18 4.67 -36.96
C ASN S 1230 50.89 5.33 -36.52
N PHE S 1231 50.11 5.87 -37.46
CA PHE S 1231 48.82 6.50 -37.14
C PHE S 1231 48.97 7.59 -36.09
N LYS S 1232 50.02 8.38 -36.21
CA LYS S 1232 50.31 9.49 -35.31
C LYS S 1232 50.30 10.79 -36.10
N CYS S 1233 49.74 11.85 -35.50
CA CYS S 1233 49.68 13.14 -36.17
C CYS S 1233 49.97 14.24 -35.16
N GLN S 1234 50.50 15.35 -35.67
CA GLN S 1234 50.74 16.54 -34.87
C GLN S 1234 49.84 17.66 -35.35
N LEU S 1235 49.34 18.45 -34.41
CA LEU S 1235 48.30 19.43 -34.68
C LEU S 1235 48.75 20.80 -34.20
N SER S 1236 48.04 21.83 -34.68
CA SER S 1236 48.30 23.20 -34.26
C SER S 1236 46.97 23.88 -33.93
N LEU S 1237 46.94 24.62 -32.83
CA LEU S 1237 45.77 25.37 -32.42
C LEU S 1237 45.89 26.85 -32.77
N LEU S 1238 46.92 27.24 -33.51
CA LEU S 1238 47.11 28.65 -33.88
C LEU S 1238 46.02 29.07 -34.85
N ARG S 1239 45.44 30.26 -34.60
CA ARG S 1239 44.34 30.73 -35.42
C ARG S 1239 44.74 31.04 -36.86
N GLN S 1240 46.05 31.14 -37.15
CA GLN S 1240 46.48 31.36 -38.52
C GLN S 1240 46.15 30.15 -39.40
N PHE S 1241 45.97 28.98 -38.80
CA PHE S 1241 45.55 27.79 -39.53
C PHE S 1241 44.07 27.47 -39.32
N THR S 1242 43.60 27.48 -38.07
CA THR S 1242 42.23 27.08 -37.79
C THR S 1242 41.20 28.05 -38.34
N GLU S 1243 41.59 29.29 -38.65
CA GLU S 1243 40.65 30.29 -39.11
C GLU S 1243 40.92 30.79 -40.53
N ASN S 1244 42.19 31.06 -40.86
CA ASN S 1244 42.49 31.64 -42.17
C ASN S 1244 42.27 30.62 -43.30
N GLN S 1245 42.45 29.34 -43.02
CA GLN S 1245 42.25 28.31 -44.03
C GLN S 1245 40.76 28.18 -44.31
N VAL S 1246 40.29 28.85 -45.37
CA VAL S 1246 38.89 28.85 -45.77
C VAL S 1246 38.70 28.29 -47.17
N ALA S 1247 39.41 28.85 -48.15
CA ALA S 1247 39.37 28.34 -49.53
C ALA S 1247 40.42 27.23 -49.67
N GLY S 1248 40.16 26.12 -48.99
CA GLY S 1248 41.08 25.00 -49.02
C GLY S 1248 41.06 24.21 -50.30
N LEU S 1249 40.07 24.43 -51.15
CA LEU S 1249 40.02 23.75 -52.44
C LEU S 1249 41.07 24.31 -53.39
N ASN S 1250 41.58 23.45 -54.26
CA ASN S 1250 42.58 23.83 -55.25
C ASN S 1250 41.96 24.06 -56.63
N VAL S 1251 40.73 24.55 -56.68
CA VAL S 1251 40.05 24.77 -57.95
C VAL S 1251 40.74 25.90 -58.69
N ASN S 1252 41.06 25.66 -59.97
CA ASN S 1252 41.75 26.66 -60.78
C ASN S 1252 40.79 27.82 -61.06
N ARG S 1253 41.15 29.00 -60.59
CA ARG S 1253 40.33 30.20 -60.72
C ARG S 1253 40.82 31.11 -61.83
N ASN S 1254 41.30 30.52 -62.93
CA ASN S 1254 41.77 31.31 -64.05
C ASN S 1254 40.63 32.12 -64.65
N PRO S 1255 40.78 33.43 -64.81
CA PRO S 1255 39.66 34.24 -65.35
C PRO S 1255 39.20 33.79 -66.72
N LYS S 1256 40.06 33.17 -67.52
CA LYS S 1256 39.65 32.69 -68.85
C LYS S 1256 38.57 31.63 -68.74
N PHE S 1257 38.68 30.74 -67.75
CA PHE S 1257 37.72 29.66 -67.58
C PHE S 1257 36.92 29.76 -66.28
N TRP S 1258 37.23 30.71 -65.40
CA TRP S 1258 36.49 30.92 -64.16
C TRP S 1258 35.96 32.34 -64.12
N ASP S 1259 34.68 32.48 -63.79
CA ASP S 1259 34.05 33.79 -63.67
C ASP S 1259 34.27 34.30 -62.25
N ILE S 1260 35.43 34.94 -62.06
CA ILE S 1260 35.76 35.47 -60.73
C ILE S 1260 34.81 36.60 -60.37
N GLU S 1261 34.42 37.42 -61.35
CA GLU S 1261 33.56 38.57 -61.07
C GLU S 1261 32.21 38.15 -60.53
N SER S 1262 31.63 37.08 -61.10
CA SER S 1262 30.32 36.62 -60.63
C SER S 1262 30.40 36.11 -59.21
N GLU S 1263 31.44 35.33 -58.89
CA GLU S 1263 31.60 34.81 -57.53
C GLU S 1263 31.84 35.94 -56.53
N ASN S 1264 32.62 36.95 -56.92
CA ASN S 1264 32.83 38.11 -56.06
C ASN S 1264 31.52 38.85 -55.82
N ARG S 1265 30.76 39.09 -56.89
CA ARG S 1265 29.50 39.82 -56.76
C ARG S 1265 28.53 39.08 -55.85
N ASP S 1266 28.41 37.76 -56.05
CA ASP S 1266 27.60 36.95 -55.14
C ASP S 1266 28.13 37.04 -53.71
N ARG S 1267 29.45 37.16 -53.56
CA ARG S 1267 30.02 37.27 -52.23
C ARG S 1267 29.62 38.55 -51.51
N GLN S 1268 29.72 39.70 -52.19
CA GLN S 1268 29.17 40.90 -51.53
C GLN S 1268 27.66 40.83 -51.37
N GLU S 1269 26.94 40.17 -52.27
CA GLU S 1269 25.51 40.00 -52.08
C GLU S 1269 25.21 39.27 -50.77
N GLU S 1270 25.88 38.14 -50.53
CA GLU S 1270 25.64 37.38 -49.31
C GLU S 1270 26.17 38.11 -48.08
N ILE S 1271 27.25 38.87 -48.22
CA ILE S 1271 27.77 39.61 -47.08
C ILE S 1271 26.81 40.74 -46.70
N ASP S 1272 26.24 41.43 -47.69
CA ASP S 1272 25.23 42.44 -47.40
C ASP S 1272 23.98 41.80 -46.78
N LYS S 1273 23.62 40.60 -47.24
CA LYS S 1273 22.54 39.86 -46.61
C LYS S 1273 22.84 39.60 -45.13
N GLN S 1274 24.09 39.23 -44.84
CA GLN S 1274 24.51 39.04 -43.45
C GLN S 1274 24.41 40.33 -42.66
N ARG S 1275 24.79 41.45 -43.26
CA ARG S 1275 24.70 42.74 -42.58
C ARG S 1275 23.25 43.10 -42.26
N GLU S 1276 22.30 42.60 -43.05
CA GLU S 1276 20.90 42.93 -42.85
C GLU S 1276 20.40 42.37 -41.52
N GLU S 1277 19.66 43.19 -40.78
CA GLU S 1277 19.12 42.81 -39.48
C GLU S 1277 17.69 43.32 -39.38
N SER S 1278 17.14 43.24 -38.17
CA SER S 1278 15.77 43.68 -37.91
C SER S 1278 15.73 44.61 -36.72
N ARG S 1279 14.76 45.53 -36.73
CA ARG S 1279 14.57 46.48 -35.65
C ARG S 1279 13.08 46.62 -35.37
N GLU S 1280 12.76 46.99 -34.13
CA GLU S 1280 11.38 47.13 -33.69
C GLU S 1280 11.24 48.40 -32.86
N SER S 1281 9.99 48.75 -32.56
CA SER S 1281 9.67 49.98 -31.83
C SER S 1281 9.92 49.81 -30.34
N ARG S 1282 9.97 50.93 -29.64
CA ARG S 1282 10.19 50.97 -28.20
C ARG S 1282 8.91 51.43 -27.50
N VAL S 1283 8.58 50.78 -26.39
CA VAL S 1283 7.39 51.11 -25.61
C VAL S 1283 7.84 51.55 -24.23
N ILE S 1284 7.41 52.74 -23.81
CA ILE S 1284 7.76 53.32 -22.52
C ILE S 1284 6.48 53.74 -21.82
N LYS S 1285 6.41 53.51 -20.51
CA LYS S 1285 5.25 53.89 -19.71
C LYS S 1285 5.59 55.15 -18.92
N HIS S 1286 5.03 56.28 -19.34
CA HIS S 1286 5.25 57.55 -18.66
C HIS S 1286 4.09 58.48 -19.01
N PRO S 1287 3.60 59.29 -18.07
CA PRO S 1287 2.44 60.15 -18.38
C PRO S 1287 2.68 61.12 -19.53
N PHE S 1288 3.90 61.63 -19.68
CA PHE S 1288 4.23 62.59 -20.72
C PHE S 1288 4.98 61.96 -21.90
N PHE S 1289 4.98 60.64 -22.00
CA PHE S 1289 5.60 59.94 -23.11
C PHE S 1289 4.56 59.61 -24.17
N HIS S 1290 4.87 59.93 -25.42
CA HIS S 1290 3.95 59.67 -26.53
C HIS S 1290 4.76 59.21 -27.73
N ASN S 1291 4.32 58.13 -28.36
CA ASN S 1291 5.03 57.55 -29.50
C ASN S 1291 4.63 58.34 -30.75
N MET S 1292 5.31 59.45 -30.97
CA MET S 1292 5.02 60.35 -32.08
C MET S 1292 6.32 60.70 -32.81
N LYS S 1293 6.16 61.12 -34.07
CA LYS S 1293 7.29 61.63 -34.84
C LYS S 1293 7.66 63.03 -34.35
N SER S 1294 8.72 63.59 -34.93
CA SER S 1294 9.08 64.97 -34.63
C SER S 1294 7.97 65.92 -35.04
N LYS S 1295 7.51 65.83 -36.29
CA LYS S 1295 6.40 66.66 -36.74
C LYS S 1295 5.12 66.31 -35.99
N GLU S 1296 4.90 65.03 -35.70
CA GLU S 1296 3.72 64.63 -34.94
C GLU S 1296 3.75 65.23 -33.53
N ALA S 1297 4.92 65.20 -32.88
CA ALA S 1297 5.03 65.80 -31.56
C ALA S 1297 4.81 67.31 -31.62
N GLU S 1298 5.36 67.96 -32.65
CA GLU S 1298 5.18 69.41 -32.77
C GLU S 1298 3.71 69.75 -32.98
N ASP S 1299 3.01 68.98 -33.81
CA ASP S 1299 1.58 69.22 -34.03
C ASP S 1299 0.77 68.94 -32.77
N TYR S 1300 1.13 67.90 -32.02
CA TYR S 1300 0.44 67.61 -30.77
C TYR S 1300 0.63 68.74 -29.77
N LEU S 1301 1.84 69.30 -29.70
CA LEU S 1301 2.09 70.43 -28.83
C LEU S 1301 1.52 71.74 -29.36
N ALA S 1302 1.15 71.77 -30.65
CA ALA S 1302 0.58 72.99 -31.22
C ALA S 1302 -0.75 73.34 -30.56
N ALA S 1303 -1.60 72.35 -30.33
CA ALA S 1303 -2.89 72.58 -29.70
C ALA S 1303 -2.74 72.92 -28.22
N ARG S 1304 -1.56 72.74 -27.63
CA ARG S 1304 -1.30 72.99 -26.23
C ARG S 1304 -0.60 74.33 -26.03
N PRO S 1305 -0.77 74.96 -24.86
CA PRO S 1305 -0.10 76.24 -24.60
C PRO S 1305 1.41 76.10 -24.47
N VAL S 1306 2.09 77.23 -24.30
CA VAL S 1306 3.55 77.23 -24.24
C VAL S 1306 4.02 76.55 -22.96
N GLY S 1307 5.02 75.69 -23.08
CA GLY S 1307 5.64 75.03 -21.95
C GLY S 1307 5.29 73.58 -21.77
N ASP S 1308 4.24 73.09 -22.43
CA ASP S 1308 3.89 71.68 -22.30
C ASP S 1308 4.95 70.80 -22.96
N VAL S 1309 5.13 69.60 -22.40
CA VAL S 1309 6.26 68.75 -22.71
C VAL S 1309 5.76 67.38 -23.16
N VAL S 1310 6.36 66.86 -24.23
CA VAL S 1310 6.07 65.52 -24.72
C VAL S 1310 7.39 64.78 -24.86
N ILE S 1311 7.32 63.44 -24.74
CA ILE S 1311 8.50 62.58 -24.80
C ILE S 1311 8.27 61.52 -25.86
N ARG S 1312 9.23 61.36 -26.75
CA ARG S 1312 9.15 60.43 -27.86
C ARG S 1312 10.49 59.73 -28.04
N PRO S 1313 10.51 58.56 -28.67
CA PRO S 1313 11.79 57.88 -28.93
C PRO S 1313 12.69 58.68 -29.85
N SER S 1314 13.99 58.58 -29.62
CA SER S 1314 14.97 59.31 -30.40
C SER S 1314 15.46 58.48 -31.59
N SER S 1315 15.91 59.19 -32.62
CA SER S 1315 16.44 58.54 -33.81
C SER S 1315 17.87 58.07 -33.66
N LYS S 1316 18.56 58.47 -32.59
CA LYS S 1316 19.95 58.08 -32.37
C LYS S 1316 20.09 56.70 -31.74
N GLY S 1317 18.98 56.07 -31.37
CA GLY S 1317 19.05 54.74 -30.77
C GLY S 1317 18.14 54.58 -29.57
N SER S 1318 17.94 53.34 -29.12
CA SER S 1318 17.10 53.10 -27.96
C SER S 1318 17.72 53.66 -26.67
N ASN S 1319 19.02 53.90 -26.66
CA ASN S 1319 19.69 54.52 -25.53
C ASN S 1319 19.56 56.04 -25.53
N HIS S 1320 18.80 56.59 -26.45
CA HIS S 1320 18.58 58.03 -26.54
C HIS S 1320 17.09 58.33 -26.51
N ILE S 1321 16.74 59.48 -25.96
CA ILE S 1321 15.36 59.92 -25.83
C ILE S 1321 15.26 61.36 -26.30
N THR S 1322 14.27 61.65 -27.13
CA THR S 1322 14.01 63.00 -27.61
C THR S 1322 12.86 63.60 -26.82
N ILE S 1323 13.09 64.77 -26.23
CA ILE S 1323 12.07 65.50 -25.48
C ILE S 1323 11.73 66.76 -26.25
N SER S 1324 10.44 66.94 -26.56
CA SER S 1324 9.97 68.09 -27.30
C SER S 1324 9.10 68.96 -26.40
N TRP S 1325 9.44 70.24 -26.31
CA TRP S 1325 8.68 71.20 -25.51
C TRP S 1325 8.46 72.47 -26.33
N LYS S 1326 7.32 73.11 -26.10
CA LYS S 1326 6.89 74.26 -26.89
C LYS S 1326 7.62 75.50 -26.42
N VAL S 1327 8.59 75.97 -27.22
CA VAL S 1327 9.29 77.21 -26.89
C VAL S 1327 8.37 78.40 -27.09
N ALA S 1328 7.61 78.41 -28.19
CA ALA S 1328 6.77 79.54 -28.55
C ALA S 1328 5.71 79.04 -29.51
N PRO S 1329 4.66 79.84 -29.77
CA PRO S 1329 3.67 79.43 -30.78
C PRO S 1329 4.32 79.08 -32.11
N GLN S 1330 4.08 77.84 -32.57
CA GLN S 1330 4.75 77.29 -33.75
C GLN S 1330 6.27 77.34 -33.61
N LEU S 1331 6.77 77.04 -32.42
CA LEU S 1331 8.22 76.95 -32.17
C LEU S 1331 8.44 75.89 -31.10
N TYR S 1332 9.18 74.84 -31.45
CA TYR S 1332 9.38 73.70 -30.57
C TYR S 1332 10.86 73.31 -30.57
N GLN S 1333 11.32 72.80 -29.43
CA GLN S 1333 12.70 72.36 -29.27
C GLN S 1333 12.74 70.87 -28.95
N HIS S 1334 13.50 70.11 -29.74
CA HIS S 1334 13.74 68.70 -29.49
C HIS S 1334 15.12 68.55 -28.85
N ILE S 1335 15.15 67.92 -27.67
CA ILE S 1335 16.38 67.76 -26.91
C ILE S 1335 16.64 66.27 -26.75
N ASP S 1336 17.85 65.84 -27.13
CA ASP S 1336 18.24 64.44 -27.02
C ASP S 1336 18.82 64.17 -25.65
N VAL S 1337 18.39 63.06 -25.04
CA VAL S 1337 18.83 62.64 -23.72
C VAL S 1337 19.50 61.28 -23.85
N LEU S 1338 20.75 61.18 -23.40
CA LEU S 1338 21.49 59.93 -23.44
C LEU S 1338 21.24 59.13 -22.17
N GLU S 1339 20.87 57.86 -22.35
CA GLU S 1339 20.55 56.98 -21.24
C GLU S 1339 21.78 56.15 -20.87
N GLU S 1340 22.00 55.98 -19.58
CA GLU S 1340 23.10 55.18 -19.05
C GLU S 1340 22.56 54.16 -18.07
N ASN S 1341 23.27 53.02 -17.98
CA ASN S 1341 22.90 51.93 -17.07
C ASN S 1341 21.48 51.44 -17.33
N LYS S 1342 21.18 51.18 -18.61
CA LYS S 1342 19.84 50.75 -18.99
C LYS S 1342 19.62 49.30 -18.61
N ASP S 1343 18.48 49.04 -17.95
CA ASP S 1343 18.11 47.67 -17.61
C ASP S 1343 17.58 46.90 -18.81
N ASP S 1344 16.91 47.58 -19.73
CA ASP S 1344 16.36 46.94 -20.91
C ASP S 1344 16.16 48.01 -21.98
N ALA S 1345 15.97 47.56 -23.22
CA ALA S 1345 15.75 48.50 -24.32
C ALA S 1345 14.48 49.31 -24.10
N ASN S 1346 13.40 48.67 -23.67
CA ASN S 1346 12.16 49.38 -23.38
C ASN S 1346 12.18 50.06 -22.02
N ALA S 1347 13.11 49.66 -21.15
CA ALA S 1347 13.19 50.25 -19.82
C ALA S 1347 13.86 51.62 -19.87
N ILE S 1348 13.70 52.36 -18.78
CA ILE S 1348 14.27 53.70 -18.65
C ILE S 1348 15.64 53.59 -17.99
N GLY S 1349 16.63 54.26 -18.58
CA GLY S 1349 17.97 54.18 -18.02
C GLY S 1349 18.06 54.83 -16.65
N ARG S 1350 18.93 54.28 -15.81
CA ARG S 1350 19.07 54.78 -14.44
C ARG S 1350 19.74 56.15 -14.39
N VAL S 1351 20.53 56.50 -15.40
CA VAL S 1351 21.23 57.79 -15.44
C VAL S 1351 20.90 58.47 -16.76
N LEU S 1352 20.50 59.73 -16.68
CA LEU S 1352 20.15 60.53 -17.85
C LEU S 1352 21.10 61.71 -17.96
N LEU S 1353 21.60 61.96 -19.17
CA LEU S 1353 22.55 63.03 -19.43
C LEU S 1353 21.97 63.98 -20.46
N VAL S 1354 21.99 65.27 -20.16
CA VAL S 1354 21.62 66.33 -21.10
C VAL S 1354 22.82 67.26 -21.17
N GLY S 1355 23.70 67.03 -22.13
CA GLY S 1355 24.97 67.75 -22.13
C GLY S 1355 25.77 67.39 -20.89
N LYS S 1356 26.29 68.42 -20.21
CA LYS S 1356 27.02 68.19 -18.97
C LYS S 1356 26.08 67.85 -17.81
N TYR S 1357 24.81 68.19 -17.92
CA TYR S 1357 23.86 67.94 -16.85
C TYR S 1357 23.61 66.44 -16.71
N ARG S 1358 23.51 65.98 -15.46
CA ARG S 1358 23.28 64.57 -15.16
C ARG S 1358 22.06 64.46 -14.24
N TYR S 1359 21.16 63.53 -14.58
CA TYR S 1359 19.95 63.31 -13.81
C TYR S 1359 19.75 61.81 -13.60
N HIS S 1360 18.84 61.47 -12.70
CA HIS S 1360 18.61 60.09 -12.32
C HIS S 1360 17.24 59.54 -12.70
N ASP S 1361 16.28 60.40 -13.06
CA ASP S 1361 14.96 59.94 -13.43
C ASP S 1361 14.30 60.98 -14.33
N LEU S 1362 13.22 60.57 -14.99
CA LEU S 1362 12.53 61.46 -15.91
C LEU S 1362 11.95 62.68 -15.21
N ASP S 1363 11.36 62.47 -14.02
CA ASP S 1363 10.76 63.60 -13.31
C ASP S 1363 11.83 64.57 -12.83
N GLU S 1364 12.96 64.07 -12.32
CA GLU S 1364 14.04 64.94 -11.89
C GLU S 1364 14.57 65.75 -13.06
N LEU S 1365 14.83 65.09 -14.19
CA LEU S 1365 15.29 65.79 -15.39
C LEU S 1365 14.29 66.87 -15.79
N LEU S 1366 13.01 66.51 -15.86
CA LEU S 1366 11.98 67.46 -16.27
C LEU S 1366 11.98 68.68 -15.36
N VAL S 1367 11.80 68.46 -14.06
CA VAL S 1367 11.65 69.57 -13.13
C VAL S 1367 12.89 70.45 -13.11
N GLU S 1368 14.08 69.84 -13.07
CA GLU S 1368 15.29 70.63 -12.92
C GLU S 1368 15.71 71.33 -14.20
N TYR S 1369 15.45 70.75 -15.37
CA TYR S 1369 15.93 71.32 -16.63
C TYR S 1369 14.84 72.09 -17.37
N VAL S 1370 13.73 71.40 -17.70
CA VAL S 1370 12.74 71.98 -18.61
C VAL S 1370 12.01 73.14 -17.94
N ASN S 1371 11.62 72.96 -16.67
CA ASN S 1371 10.90 74.03 -15.97
C ASN S 1371 11.78 75.27 -15.82
N ASN S 1372 13.05 75.08 -15.46
CA ASN S 1372 13.96 76.21 -15.34
C ASN S 1372 14.19 76.90 -16.69
N VAL S 1373 14.34 76.12 -17.76
CA VAL S 1373 14.51 76.70 -19.08
C VAL S 1373 13.28 77.50 -19.48
N ALA S 1374 12.09 76.97 -19.21
CA ALA S 1374 10.86 77.69 -19.53
C ALA S 1374 10.72 78.97 -18.72
N ASN S 1375 11.11 78.92 -17.44
CA ASN S 1375 11.06 80.12 -16.61
C ASN S 1375 12.02 81.18 -17.14
N LYS S 1376 13.23 80.79 -17.54
CA LYS S 1376 14.17 81.74 -18.09
C LYS S 1376 13.67 82.30 -19.42
N VAL S 1377 13.03 81.47 -20.23
CA VAL S 1377 12.46 81.93 -21.49
C VAL S 1377 11.35 82.95 -21.23
N GLU S 1378 10.49 82.68 -20.25
CA GLU S 1378 9.46 83.65 -19.90
C GLU S 1378 10.06 84.95 -19.39
N LEU S 1379 11.12 84.86 -18.58
CA LEU S 1379 11.78 86.06 -18.09
C LEU S 1379 12.37 86.87 -19.24
N MET S 1380 12.95 86.19 -20.23
CA MET S 1380 13.45 86.88 -21.42
C MET S 1380 12.31 87.53 -22.19
N VAL S 1381 11.19 86.84 -22.33
CA VAL S 1381 10.03 87.40 -23.04
C VAL S 1381 9.47 88.58 -22.26
N SER S 1382 9.31 88.43 -20.95
CA SER S 1382 8.78 89.51 -20.13
C SER S 1382 9.76 90.67 -19.97
N HIS S 1383 11.01 90.49 -20.39
CA HIS S 1383 11.99 91.56 -20.29
C HIS S 1383 11.62 92.71 -21.24
N ASP S 1384 12.02 93.92 -20.85
CA ASP S 1384 11.64 95.11 -21.60
C ASP S 1384 12.32 95.17 -22.96
N LYS S 1385 13.46 94.49 -23.12
CA LYS S 1385 14.24 94.54 -24.36
C LYS S 1385 14.02 93.30 -25.23
N PHE S 1386 12.80 92.79 -25.29
CA PHE S 1386 12.49 91.58 -26.03
C PHE S 1386 11.53 91.87 -27.17
N MET S 1387 11.68 91.13 -28.27
CA MET S 1387 10.79 91.23 -29.43
C MET S 1387 10.72 89.86 -30.08
N SER S 1388 9.53 89.27 -30.11
CA SER S 1388 9.35 87.92 -30.64
C SER S 1388 9.09 87.89 -32.14
N ASP S 1389 9.06 89.04 -32.81
CA ASP S 1389 8.74 89.08 -34.23
C ASP S 1389 9.91 88.52 -35.06
N SER S 1390 9.74 88.57 -36.37
CA SER S 1390 10.72 88.00 -37.29
C SER S 1390 12.04 88.78 -37.21
N LEU S 1391 13.12 88.08 -37.61
CA LEU S 1391 14.46 88.67 -37.50
C LEU S 1391 14.60 89.90 -38.39
N ASP S 1392 14.04 89.86 -39.60
CA ASP S 1392 14.12 91.02 -40.48
C ASP S 1392 13.38 92.22 -39.90
N TYR S 1393 12.21 91.99 -39.32
CA TYR S 1393 11.47 93.07 -38.69
C TYR S 1393 12.22 93.61 -37.48
N VAL S 1394 12.88 92.72 -36.72
CA VAL S 1394 13.69 93.17 -35.59
C VAL S 1394 14.84 94.05 -36.08
N LYS S 1395 15.49 93.64 -37.17
CA LYS S 1395 16.57 94.45 -37.72
C LYS S 1395 16.07 95.81 -38.18
N GLU S 1396 14.92 95.84 -38.85
CA GLU S 1396 14.37 97.11 -39.31
C GLU S 1396 14.01 98.02 -38.15
N TRP S 1397 13.39 97.46 -37.10
CA TRP S 1397 13.05 98.26 -35.93
C TRP S 1397 14.29 98.79 -35.24
N LEU S 1398 15.33 97.96 -35.13
CA LEU S 1398 16.58 98.41 -34.51
C LEU S 1398 17.23 99.52 -35.33
N GLU S 1399 17.22 99.38 -36.65
CA GLU S 1399 17.77 100.43 -37.52
C GLU S 1399 17.01 101.74 -37.32
N ARG S 1400 15.68 101.67 -37.31
CA ARG S 1400 14.88 102.88 -37.15
C ARG S 1400 15.13 103.53 -35.78
N TYR S 1401 15.15 102.72 -34.73
CA TYR S 1401 15.34 103.26 -33.38
C TYR S 1401 16.74 103.85 -33.22
N SER S 1402 17.76 103.21 -33.80
CA SER S 1402 19.10 103.76 -33.74
C SER S 1402 19.20 105.07 -34.52
N LYS S 1403 18.57 105.14 -35.69
CA LYS S 1403 18.57 106.38 -36.46
C LYS S 1403 17.88 107.50 -35.71
N ALA S 1404 16.75 107.19 -35.05
CA ALA S 1404 16.04 108.21 -34.28
C ALA S 1404 16.79 108.60 -33.02
N ASN S 1405 17.51 107.65 -32.40
CA ASN S 1405 18.18 107.91 -31.13
C ASN S 1405 19.68 107.68 -31.22
N GLY S 1406 20.31 108.25 -32.25
CA GLY S 1406 21.72 108.03 -32.52
C GLY S 1406 22.69 108.42 -31.41
N ASN S 1407 22.17 108.95 -30.31
CA ASN S 1407 23.01 109.33 -29.18
C ASN S 1407 23.31 108.17 -28.23
N ARG S 1408 22.67 107.02 -28.43
CA ARG S 1408 22.86 105.87 -27.54
C ARG S 1408 22.93 104.59 -28.36
N SER S 1409 23.48 103.55 -27.75
CA SER S 1409 23.54 102.23 -28.35
C SER S 1409 22.34 101.41 -27.87
N HIS S 1410 21.67 100.75 -28.81
CA HIS S 1410 20.44 100.02 -28.53
C HIS S 1410 20.63 98.54 -28.80
N TYR S 1411 20.17 97.70 -27.87
CA TYR S 1411 20.25 96.25 -28.00
C TYR S 1411 18.88 95.65 -27.70
N ILE S 1412 18.52 94.63 -28.48
CA ILE S 1412 17.24 93.96 -28.31
C ILE S 1412 17.46 92.45 -28.47
N PHE S 1413 16.52 91.68 -27.93
CA PHE S 1413 16.56 90.22 -27.97
C PHE S 1413 15.41 89.71 -28.83
N THR S 1414 15.65 88.58 -29.50
CA THR S 1414 14.63 87.98 -30.35
C THR S 1414 14.79 86.47 -30.34
N PHE S 1415 13.77 85.78 -30.83
CA PHE S 1415 13.79 84.33 -30.91
C PHE S 1415 14.78 83.85 -31.96
N ASN S 1416 15.45 82.74 -31.67
CA ASN S 1416 16.32 82.06 -32.63
C ASN S 1416 15.48 80.96 -33.27
N ARG S 1417 14.81 81.32 -34.38
CA ARG S 1417 13.90 80.39 -35.02
C ARG S 1417 14.63 79.21 -35.66
N LYS S 1418 15.86 79.42 -36.12
CA LYS S 1418 16.64 78.33 -36.70
C LYS S 1418 17.15 77.37 -35.64
N ALA S 1419 17.57 77.88 -34.48
CA ALA S 1419 18.11 77.06 -33.39
C ALA S 1419 17.18 77.20 -32.19
N PRO S 1420 16.29 76.23 -31.97
CA PRO S 1420 15.37 76.32 -30.83
C PRO S 1420 16.13 76.29 -29.51
N GLY S 1421 15.58 76.99 -28.52
CA GLY S 1421 16.22 77.11 -27.23
C GLY S 1421 17.30 78.17 -27.13
N TRP S 1422 17.46 78.97 -28.17
CA TRP S 1422 18.47 80.03 -28.21
C TRP S 1422 17.80 81.38 -28.43
N PHE S 1423 18.59 82.43 -28.35
CA PHE S 1423 18.11 83.79 -28.58
C PHE S 1423 19.18 84.57 -29.33
N PHE S 1424 18.73 85.49 -30.19
CA PHE S 1424 19.62 86.38 -30.92
C PHE S 1424 19.64 87.75 -30.25
N LEU S 1425 20.82 88.19 -29.84
CA LEU S 1425 21.01 89.50 -29.25
C LEU S 1425 21.56 90.44 -30.32
N LEU S 1426 20.71 91.32 -30.83
CA LEU S 1426 21.08 92.29 -31.85
C LEU S 1426 21.32 93.64 -31.20
N PHE S 1427 22.52 94.18 -31.36
CA PHE S 1427 22.86 95.49 -30.82
C PHE S 1427 23.49 96.35 -31.91
N LYS S 1428 23.17 97.64 -31.89
CA LYS S 1428 23.69 98.60 -32.86
C LYS S 1428 24.25 99.78 -32.09
N LEU S 1429 25.56 99.97 -32.16
CA LEU S 1429 26.21 101.02 -31.39
C LEU S 1429 25.74 102.41 -31.82
N ASN S 1430 25.62 102.63 -33.12
CA ASN S 1430 25.19 103.91 -33.66
C ASN S 1430 24.62 103.67 -35.05
N PRO S 1431 23.94 104.65 -35.64
CA PRO S 1431 23.40 104.46 -37.00
C PRO S 1431 24.46 104.06 -38.01
N THR S 1432 25.71 104.50 -37.84
CA THR S 1432 26.76 104.14 -38.77
C THR S 1432 27.38 102.77 -38.47
N SER S 1433 27.09 102.19 -37.32
CA SER S 1433 27.64 100.88 -36.95
C SER S 1433 26.72 99.77 -37.43
N GLU S 1434 27.31 98.70 -37.94
CA GLU S 1434 26.55 97.56 -38.41
C GLU S 1434 25.89 96.82 -37.24
N ILE S 1435 24.72 96.24 -37.52
CA ILE S 1435 24.02 95.46 -36.51
C ILE S 1435 24.76 94.15 -36.29
N LYS S 1436 25.18 93.92 -35.05
CA LYS S 1436 25.90 92.70 -34.68
C LYS S 1436 24.98 91.81 -33.86
N ILE S 1437 24.94 90.53 -34.21
CA ILE S 1437 24.04 89.56 -33.60
C ILE S 1437 24.86 88.57 -32.79
N TRP S 1438 24.47 88.37 -31.53
CA TRP S 1438 25.15 87.43 -30.65
C TRP S 1438 24.19 86.33 -30.23
N ASN S 1439 24.74 85.15 -29.94
CA ASN S 1439 23.96 83.97 -29.64
C ASN S 1439 23.85 83.78 -28.13
N VAL S 1440 22.63 83.59 -27.64
CA VAL S 1440 22.35 83.39 -26.23
C VAL S 1440 21.58 82.08 -26.08
N LYS S 1441 22.04 81.21 -25.19
CA LYS S 1441 21.42 79.92 -24.96
C LYS S 1441 20.62 79.95 -23.66
N ALA S 1442 19.41 79.41 -23.70
CA ALA S 1442 18.53 79.35 -22.54
C ALA S 1442 18.89 78.12 -21.71
N LEU S 1443 19.64 78.32 -20.65
CA LEU S 1443 20.07 77.27 -19.75
C LEU S 1443 19.23 77.28 -18.47
N PRO S 1444 19.18 76.16 -17.74
CA PRO S 1444 18.43 76.15 -16.48
C PRO S 1444 18.93 77.16 -15.47
N ASP S 1445 20.23 77.40 -15.41
CA ASP S 1445 20.79 78.36 -14.46
C ASP S 1445 20.82 79.79 -14.98
N GLY S 1446 20.40 80.00 -16.23
CA GLY S 1446 20.36 81.35 -16.76
C GLY S 1446 20.54 81.42 -18.27
N TYR S 1447 21.32 82.40 -18.71
CA TYR S 1447 21.54 82.65 -20.13
C TYR S 1447 23.03 82.64 -20.42
N LEU S 1448 23.44 81.89 -21.43
CA LEU S 1448 24.85 81.76 -21.79
C LEU S 1448 25.16 82.69 -22.96
N LEU S 1449 25.93 83.74 -22.69
CA LEU S 1449 26.37 84.67 -23.73
C LEU S 1449 27.87 84.88 -23.58
N ALA S 1450 28.60 84.70 -24.68
CA ALA S 1450 30.05 84.83 -24.69
C ALA S 1450 30.71 83.91 -23.65
N ASN S 1451 30.21 82.68 -23.56
CA ASN S 1451 30.67 81.67 -22.61
C ASN S 1451 30.53 82.13 -21.17
N ASN S 1452 29.57 83.00 -20.88
CA ASN S 1452 29.33 83.50 -19.53
C ASN S 1452 27.86 83.25 -19.17
N VAL S 1453 27.64 82.77 -17.96
CA VAL S 1453 26.29 82.43 -17.48
C VAL S 1453 25.77 83.58 -16.64
N TYR S 1454 24.63 84.13 -17.05
CA TYR S 1454 24.01 85.25 -16.34
C TYR S 1454 22.70 84.79 -15.72
N PRO S 1455 22.54 84.91 -14.39
CA PRO S 1455 21.35 84.34 -13.74
C PRO S 1455 20.04 84.94 -14.21
N ASP S 1456 20.01 86.23 -14.56
CA ASP S 1456 18.77 86.90 -14.91
C ASP S 1456 19.00 87.78 -16.13
N THR S 1457 17.88 88.28 -16.68
CA THR S 1457 17.95 89.12 -17.87
C THR S 1457 18.67 90.43 -17.60
N ASN S 1458 18.41 91.04 -16.44
CA ASN S 1458 19.11 92.28 -16.08
C ASN S 1458 20.60 92.05 -15.91
N SER S 1459 20.97 90.93 -15.27
CA SER S 1459 22.39 90.58 -15.17
C SER S 1459 22.99 90.35 -16.54
N LEU S 1460 22.25 89.71 -17.44
CA LEU S 1460 22.72 89.52 -18.80
C LEU S 1460 22.95 90.86 -19.51
N CYS S 1461 22.03 91.81 -19.32
CA CYS S 1461 22.20 93.13 -19.93
C CYS S 1461 23.42 93.85 -19.37
N ASN S 1462 23.60 93.79 -18.05
CA ASN S 1462 24.76 94.42 -17.45
C ASN S 1462 26.06 93.79 -17.94
N GLY S 1463 26.07 92.46 -18.05
CA GLY S 1463 27.26 91.79 -18.58
C GLY S 1463 27.54 92.14 -20.02
N PHE S 1464 26.48 92.26 -20.84
CA PHE S 1464 26.65 92.67 -22.23
C PHE S 1464 27.23 94.08 -22.33
N LYS S 1465 26.72 94.99 -21.50
CA LYS S 1465 27.24 96.36 -21.50
C LYS S 1465 28.70 96.38 -21.04
N THR S 1466 29.03 95.60 -20.01
CA THR S 1466 30.41 95.54 -19.53
C THR S 1466 31.34 94.95 -20.59
N LEU S 1467 30.87 93.91 -21.29
CA LEU S 1467 31.67 93.32 -22.37
C LEU S 1467 31.90 94.33 -23.50
N MET S 1468 30.86 95.09 -23.85
CA MET S 1468 31.03 96.11 -24.88
C MET S 1468 32.01 97.19 -24.44
N SER S 1469 31.93 97.60 -23.18
CA SER S 1469 32.87 98.61 -22.68
C SER S 1469 34.29 98.10 -22.67
N SER S 1470 34.49 96.85 -22.25
CA SER S 1470 35.85 96.29 -22.20
C SER S 1470 36.42 96.09 -23.59
N ARG S 1471 35.60 95.63 -24.54
CA ARG S 1471 36.08 95.42 -25.90
C ARG S 1471 36.29 96.74 -26.63
N ARG S 1472 35.62 97.80 -26.19
CA ARG S 1472 35.79 99.12 -26.79
C ARG S 1472 37.12 99.74 -26.38
N LEU T 155 -63.46 -20.42 -44.65
CA LEU T 155 -62.33 -20.29 -43.73
C LEU T 155 -61.18 -21.21 -44.15
N GLU T 156 -61.33 -22.51 -43.85
CA GLU T 156 -60.32 -23.48 -44.27
C GLU T 156 -60.29 -23.61 -45.79
N GLN T 157 -61.46 -23.50 -46.43
CA GLN T 157 -61.49 -23.58 -47.89
C GLN T 157 -60.82 -22.35 -48.52
N MET T 158 -60.97 -21.18 -47.90
CA MET T 158 -60.26 -20.01 -48.38
C MET T 158 -58.75 -20.20 -48.28
N GLN T 159 -58.28 -20.78 -47.18
CA GLN T 159 -56.87 -21.08 -47.03
C GLN T 159 -56.40 -22.08 -48.07
N ASP T 160 -57.23 -23.10 -48.36
CA ASP T 160 -56.89 -24.06 -49.40
C ASP T 160 -56.78 -23.39 -50.76
N GLU T 161 -57.70 -22.47 -51.07
CA GLU T 161 -57.64 -21.75 -52.35
C GLU T 161 -56.37 -20.90 -52.43
N LEU T 162 -56.04 -20.20 -51.35
CA LEU T 162 -54.84 -19.37 -51.34
C LEU T 162 -53.59 -20.24 -51.50
N ILE T 163 -53.57 -21.40 -50.85
CA ILE T 163 -52.41 -22.29 -50.94
C ILE T 163 -52.29 -22.86 -52.34
N GLN T 164 -53.43 -23.17 -52.98
CA GLN T 164 -53.39 -23.62 -54.37
C GLN T 164 -52.86 -22.53 -55.30
N GLN T 165 -53.27 -21.27 -55.06
CA GLN T 165 -52.73 -20.17 -55.84
C GLN T 165 -51.23 -20.04 -55.63
N LEU T 166 -50.77 -20.21 -54.37
CA LEU T 166 -49.34 -20.21 -54.10
C LEU T 166 -48.63 -21.34 -54.82
N LYS T 167 -49.27 -22.51 -54.88
CA LYS T 167 -48.70 -23.65 -55.59
C LYS T 167 -48.52 -23.33 -57.08
N LEU T 168 -49.55 -22.74 -57.69
CA LEU T 168 -49.46 -22.36 -59.09
C LEU T 168 -48.36 -21.33 -59.32
N GLN T 169 -48.28 -20.34 -58.42
CA GLN T 169 -47.23 -19.33 -58.54
C GLN T 169 -45.85 -19.95 -58.41
N MET T 170 -45.67 -20.88 -57.47
CA MET T 170 -44.38 -21.52 -57.29
C MET T 170 -43.99 -22.35 -58.51
N GLU T 171 -44.94 -23.10 -59.06
CA GLU T 171 -44.63 -23.88 -60.26
C GLU T 171 -44.28 -22.97 -61.43
N GLU T 172 -45.03 -21.88 -61.61
CA GLU T 172 -44.74 -20.95 -62.69
C GLU T 172 -43.37 -20.30 -62.50
N SER T 173 -43.04 -19.92 -61.27
CA SER T 173 -41.73 -19.32 -61.01
C SER T 173 -40.61 -20.30 -61.27
N ALA T 174 -40.80 -21.56 -60.88
CA ALA T 174 -39.78 -22.58 -61.16
C ALA T 174 -39.58 -22.76 -62.65
N ILE T 175 -40.69 -22.81 -63.41
CA ILE T 175 -40.59 -22.95 -64.86
C ILE T 175 -39.87 -21.75 -65.46
N ARG T 176 -40.22 -20.55 -65.01
CA ARG T 176 -39.60 -19.34 -65.53
C ARG T 176 -38.11 -19.30 -65.23
N ASP T 177 -37.72 -19.69 -64.02
CA ASP T 177 -36.30 -19.70 -63.65
C ASP T 177 -35.54 -20.75 -64.45
N ALA T 178 -36.14 -21.93 -64.65
CA ALA T 178 -35.50 -22.94 -65.47
C ALA T 178 -35.29 -22.44 -66.90
N ASN T 179 -36.30 -21.79 -67.47
CA ASN T 179 -36.15 -21.24 -68.82
C ASN T 179 -35.06 -20.16 -68.85
N ASN T 180 -35.04 -19.28 -67.84
CA ASN T 180 -34.05 -18.21 -67.79
C ASN T 180 -32.64 -18.78 -67.72
N ILE T 181 -32.45 -19.82 -66.91
CA ILE T 181 -31.15 -20.49 -66.87
C ILE T 181 -30.83 -21.11 -68.23
N GLU T 182 -31.83 -21.73 -68.86
CA GLU T 182 -31.63 -22.23 -70.22
C GLU T 182 -31.43 -21.11 -71.22
N GLN T 183 -31.88 -19.89 -70.92
CA GLN T 183 -31.67 -18.74 -71.77
C GLN T 183 -30.44 -17.92 -71.38
N GLY T 184 -29.61 -18.44 -70.48
CA GLY T 184 -28.42 -17.72 -70.07
C GLY T 184 -28.65 -16.62 -69.06
N LYS T 185 -29.69 -16.74 -68.24
CA LYS T 185 -29.99 -15.73 -67.24
C LYS T 185 -30.12 -16.38 -65.86
N PRO T 186 -29.75 -15.67 -64.81
CA PRO T 186 -29.81 -16.26 -63.46
C PRO T 186 -31.25 -16.48 -63.00
N ALA T 187 -31.40 -17.43 -62.08
CA ALA T 187 -32.71 -17.72 -61.51
C ALA T 187 -33.04 -16.68 -60.45
N ILE T 188 -34.04 -15.86 -60.71
CA ILE T 188 -34.36 -14.73 -59.84
C ILE T 188 -35.78 -14.85 -59.33
N PHE T 189 -36.64 -15.51 -60.10
CA PHE T 189 -38.06 -15.61 -59.74
C PHE T 189 -38.25 -16.38 -58.45
N LYS T 190 -37.48 -17.45 -58.25
CA LYS T 190 -37.57 -18.19 -56.99
C LYS T 190 -37.19 -17.30 -55.82
N LEU T 191 -36.13 -16.50 -55.97
CA LEU T 191 -35.75 -15.58 -54.91
C LEU T 191 -36.83 -14.54 -54.66
N LYS T 192 -37.47 -14.06 -55.73
CA LYS T 192 -38.55 -13.09 -55.57
C LYS T 192 -39.72 -13.68 -54.80
N LEU T 193 -40.08 -14.93 -55.09
CA LEU T 193 -41.21 -15.56 -54.42
C LEU T 193 -40.85 -16.09 -53.04
N LEU T 194 -39.57 -16.23 -52.73
CA LEU T 194 -39.16 -16.77 -51.44
C LEU T 194 -39.77 -16.08 -50.23
N PRO T 195 -39.82 -14.75 -50.13
CA PRO T 195 -40.39 -14.14 -48.91
C PRO T 195 -41.83 -14.55 -48.64
N LYS T 196 -42.69 -14.54 -49.67
CA LYS T 196 -44.09 -14.91 -49.43
C LYS T 196 -44.22 -16.39 -49.05
N VAL T 197 -43.45 -17.25 -49.69
CA VAL T 197 -43.48 -18.67 -49.35
C VAL T 197 -43.02 -18.89 -47.92
N LYS T 198 -41.96 -18.17 -47.51
CA LYS T 198 -41.47 -18.25 -46.14
C LYS T 198 -42.54 -17.79 -45.16
N ASP T 199 -43.19 -16.67 -45.44
CA ASP T 199 -44.23 -16.16 -44.55
C ASP T 199 -45.40 -17.13 -44.43
N ILE T 200 -45.79 -17.74 -45.55
CA ILE T 200 -46.89 -18.71 -45.52
C ILE T 200 -46.49 -19.95 -44.72
N LEU T 201 -45.27 -20.45 -44.96
CA LEU T 201 -44.85 -21.69 -44.32
C LEU T 201 -44.65 -21.50 -42.82
N LEU T 202 -44.15 -20.34 -42.41
CA LEU T 202 -43.94 -20.08 -40.99
C LEU T 202 -45.23 -20.06 -40.20
N ARG T 203 -46.37 -19.83 -40.85
CA ARG T 203 -47.66 -19.81 -40.16
C ARG T 203 -48.08 -21.25 -39.86
N ALA T 204 -48.16 -21.59 -38.58
CA ALA T 204 -48.37 -22.98 -38.17
C ALA T 204 -49.77 -23.47 -38.50
N ASN T 205 -50.79 -22.63 -38.26
CA ASN T 205 -52.17 -23.07 -38.43
C ASN T 205 -52.52 -23.41 -39.87
N LEU T 206 -51.70 -22.99 -40.84
CA LEU T 206 -51.93 -23.30 -42.24
C LEU T 206 -51.31 -24.63 -42.65
N ALA T 207 -50.63 -25.33 -41.73
CA ALA T 207 -49.98 -26.59 -42.08
C ALA T 207 -50.99 -27.63 -42.53
N ASP T 208 -52.15 -27.69 -41.86
CA ASP T 208 -53.18 -28.65 -42.23
C ASP T 208 -53.67 -28.41 -43.66
N SER T 209 -53.89 -27.14 -44.02
CA SER T 209 -54.31 -26.83 -45.37
C SER T 209 -53.20 -27.11 -46.38
N ILE T 210 -51.95 -26.86 -46.00
CA ILE T 210 -50.82 -27.19 -46.87
C ILE T 210 -50.81 -28.68 -47.17
N LEU T 211 -50.98 -29.50 -46.13
CA LEU T 211 -51.02 -30.94 -46.32
C LEU T 211 -52.26 -31.39 -47.09
N ASP T 212 -53.36 -30.64 -46.97
CA ASP T 212 -54.54 -30.94 -47.78
C ASP T 212 -54.27 -30.68 -49.25
N ASN T 213 -53.54 -29.61 -49.57
CA ASN T 213 -53.26 -29.25 -50.95
C ASN T 213 -51.97 -29.86 -51.49
N ASN T 214 -51.24 -30.60 -50.66
CA ASN T 214 -50.01 -31.28 -51.08
C ASN T 214 -49.01 -30.31 -51.70
N LEU T 215 -48.76 -29.21 -51.00
CA LEU T 215 -47.77 -28.23 -51.46
C LEU T 215 -46.36 -28.80 -51.44
N LEU T 216 -46.17 -29.91 -50.72
CA LEU T 216 -44.85 -30.54 -50.67
C LEU T 216 -44.41 -31.01 -52.06
N ALA T 217 -45.36 -31.25 -52.97
CA ALA T 217 -44.99 -31.56 -54.35
C ALA T 217 -44.23 -30.42 -54.99
N SER T 218 -44.74 -29.19 -54.84
CA SER T 218 -44.03 -28.02 -55.36
C SER T 218 -42.75 -27.77 -54.58
N VAL T 219 -42.75 -28.06 -53.28
CA VAL T 219 -41.52 -27.94 -52.50
C VAL T 219 -40.43 -28.83 -53.06
N ARG T 220 -40.78 -30.08 -53.36
CA ARG T 220 -39.83 -31.00 -53.97
C ARG T 220 -39.43 -30.55 -55.37
N LEU T 221 -40.38 -30.00 -56.13
CA LEU T 221 -40.05 -29.47 -57.46
C LEU T 221 -39.00 -28.38 -57.36
N TRP T 222 -39.15 -27.45 -56.42
CA TRP T 222 -38.12 -26.44 -56.19
C TRP T 222 -36.82 -27.07 -55.74
N LEU T 223 -36.88 -28.07 -54.85
CA LEU T 223 -35.67 -28.72 -54.37
C LEU T 223 -35.01 -29.59 -55.42
N GLU T 224 -35.74 -30.00 -56.44
CA GLU T 224 -35.17 -30.85 -57.48
C GLU T 224 -34.12 -30.07 -58.25
N PRO T 225 -32.88 -30.55 -58.34
CA PRO T 225 -31.85 -29.84 -59.10
C PRO T 225 -32.23 -29.72 -60.57
N LEU T 226 -31.89 -28.59 -61.16
CA LEU T 226 -32.21 -28.34 -62.56
C LEU T 226 -31.33 -29.20 -63.46
N PRO T 227 -31.73 -29.41 -64.72
CA PRO T 227 -30.96 -30.32 -65.59
C PRO T 227 -29.54 -29.88 -65.84
N ASP T 228 -29.20 -28.63 -65.60
CA ASP T 228 -27.82 -28.16 -65.77
C ASP T 228 -26.89 -28.62 -64.65
N ALA T 229 -27.35 -29.52 -63.78
CA ALA T 229 -26.59 -29.96 -62.61
C ALA T 229 -26.19 -28.80 -61.71
N SER T 230 -27.09 -27.84 -61.53
CA SER T 230 -26.87 -26.69 -60.65
C SER T 230 -27.85 -26.78 -59.50
N LEU T 231 -27.33 -26.69 -58.27
CA LEU T 231 -28.18 -26.78 -57.10
C LEU T 231 -28.94 -25.47 -56.89
N PRO T 232 -30.08 -25.53 -56.21
CA PRO T 232 -30.84 -24.30 -55.93
C PRO T 232 -30.10 -23.40 -54.97
N ALA T 233 -30.59 -22.16 -54.88
CA ALA T 233 -29.94 -21.16 -54.03
C ALA T 233 -29.99 -21.60 -52.57
N TYR T 234 -28.93 -21.28 -51.84
CA TYR T 234 -28.80 -21.74 -50.46
C TYR T 234 -29.93 -21.22 -49.59
N GLN T 235 -30.43 -20.02 -49.86
CA GLN T 235 -31.56 -19.48 -49.11
C GLN T 235 -32.79 -20.35 -49.29
N ILE T 236 -33.06 -20.79 -50.52
CA ILE T 236 -34.22 -21.63 -50.77
C ILE T 236 -34.10 -22.96 -50.04
N GLN T 237 -32.91 -23.58 -50.10
CA GLN T 237 -32.70 -24.85 -49.41
C GLN T 237 -32.88 -24.70 -47.91
N LYS T 238 -32.29 -23.65 -47.33
CA LYS T 238 -32.39 -23.43 -45.89
C LYS T 238 -33.84 -23.19 -45.47
N VAL T 239 -34.56 -22.35 -46.21
CA VAL T 239 -35.94 -22.04 -45.86
C VAL T 239 -36.81 -23.29 -45.97
N LEU T 240 -36.62 -24.06 -47.04
CA LEU T 240 -37.42 -25.27 -47.21
C LEU T 240 -37.11 -26.32 -46.14
N PHE T 241 -35.83 -26.45 -45.77
CA PHE T 241 -35.48 -27.37 -44.69
C PHE T 241 -36.12 -26.94 -43.38
N ASP T 242 -36.08 -25.64 -43.08
CA ASP T 242 -36.69 -25.15 -41.85
C ASP T 242 -38.20 -25.38 -41.86
N ALA T 243 -38.85 -25.16 -43.01
CA ALA T 243 -40.28 -25.41 -43.10
C ALA T 243 -40.60 -26.88 -42.93
N ILE T 244 -39.79 -27.76 -43.52
CA ILE T 244 -39.99 -29.20 -43.38
C ILE T 244 -39.88 -29.61 -41.92
N LYS T 245 -38.87 -29.07 -41.22
CA LYS T 245 -38.75 -29.33 -39.79
C LYS T 245 -39.97 -28.81 -39.02
N SER T 246 -40.48 -27.64 -39.41
CA SER T 246 -41.55 -26.98 -38.68
C SER T 246 -42.91 -27.63 -38.90
N LEU T 247 -43.05 -28.56 -39.84
CA LEU T 247 -44.36 -29.14 -40.07
C LEU T 247 -44.36 -30.63 -39.72
N PRO T 248 -45.49 -31.14 -39.22
CA PRO T 248 -45.61 -32.59 -38.89
C PRO T 248 -45.84 -33.45 -40.13
N ILE T 249 -44.75 -33.80 -40.80
CA ILE T 249 -44.81 -34.61 -42.01
C ILE T 249 -45.04 -36.07 -41.63
N LYS T 250 -46.04 -36.70 -42.25
CA LYS T 250 -46.36 -38.10 -42.01
C LYS T 250 -46.00 -38.93 -43.24
N THR T 251 -46.19 -40.24 -43.09
CA THR T 251 -45.89 -41.16 -44.19
C THR T 251 -46.82 -40.91 -45.38
N SER T 252 -48.10 -40.60 -45.11
CA SER T 252 -49.03 -40.33 -46.20
C SER T 252 -48.61 -39.11 -47.01
N HIS T 253 -48.16 -38.06 -46.32
CA HIS T 253 -47.70 -36.85 -47.02
C HIS T 253 -46.47 -37.13 -47.86
N LEU T 254 -45.53 -37.92 -47.33
CA LEU T 254 -44.36 -38.31 -48.10
C LEU T 254 -44.75 -39.13 -49.33
N ARG T 255 -45.71 -40.04 -49.16
CA ARG T 255 -46.20 -40.81 -50.30
C ARG T 255 -46.82 -39.92 -51.36
N GLU T 256 -47.61 -38.93 -50.93
CA GLU T 256 -48.20 -37.99 -51.88
C GLU T 256 -47.13 -37.18 -52.61
N SER T 257 -46.11 -36.73 -51.88
CA SER T 257 -45.12 -35.84 -52.46
C SER T 257 -43.91 -36.56 -53.02
N GLY T 258 -43.50 -37.67 -52.41
CA GLY T 258 -42.27 -38.34 -52.83
C GLY T 258 -41.02 -37.53 -52.56
N LEU T 259 -40.98 -36.81 -51.43
CA LEU T 259 -39.82 -35.99 -51.10
C LEU T 259 -38.65 -36.82 -50.60
N GLY T 260 -38.87 -38.09 -50.26
CA GLY T 260 -37.79 -38.91 -49.74
C GLY T 260 -36.66 -39.08 -50.74
N LYS T 261 -36.99 -39.14 -52.03
CA LYS T 261 -35.96 -39.28 -53.06
C LYS T 261 -35.03 -38.08 -53.07
N VAL T 262 -35.60 -36.87 -53.03
CA VAL T 262 -34.79 -35.67 -53.01
C VAL T 262 -34.01 -35.56 -51.70
N MET T 263 -34.62 -35.98 -50.59
CA MET T 263 -33.91 -35.97 -49.32
C MET T 263 -32.71 -36.89 -49.35
N VAL T 264 -32.86 -38.09 -49.92
CA VAL T 264 -31.74 -39.02 -50.05
C VAL T 264 -30.67 -38.44 -50.96
N PHE T 265 -31.08 -37.80 -52.07
CA PHE T 265 -30.11 -37.16 -52.95
C PHE T 265 -29.32 -36.08 -52.22
N TYR T 266 -30.01 -35.25 -51.42
CA TYR T 266 -29.32 -34.24 -50.64
C TYR T 266 -28.36 -34.86 -49.64
N GLN T 267 -28.79 -35.95 -49.00
CA GLN T 267 -27.93 -36.64 -48.03
C GLN T 267 -26.68 -37.18 -48.70
N LYS T 268 -26.82 -37.78 -49.88
CA LYS T 268 -25.68 -38.39 -50.56
C LYS T 268 -24.77 -37.36 -51.20
N SER T 269 -25.31 -36.22 -51.62
CA SER T 269 -24.53 -35.23 -52.33
C SER T 269 -23.50 -34.57 -51.41
N LYS T 270 -22.44 -34.04 -52.03
CA LYS T 270 -21.35 -33.42 -51.28
C LYS T 270 -21.27 -31.91 -51.45
N ARG T 271 -21.79 -31.36 -52.55
CA ARG T 271 -21.90 -29.91 -52.67
C ARG T 271 -22.88 -29.33 -51.66
N VAL T 272 -23.79 -30.16 -51.13
CA VAL T 272 -24.73 -29.71 -50.12
C VAL T 272 -23.97 -29.34 -48.85
N GLU T 273 -24.48 -28.35 -48.13
CA GLU T 273 -23.83 -27.92 -46.90
C GLU T 273 -23.85 -29.05 -45.88
N PRO T 274 -22.76 -29.25 -45.13
CA PRO T 274 -22.74 -30.35 -44.14
C PRO T 274 -23.83 -30.25 -43.10
N ASN T 275 -24.21 -29.03 -42.69
CA ASN T 275 -25.33 -28.88 -41.77
C ASN T 275 -26.62 -29.39 -42.40
N LEU T 276 -26.84 -29.04 -43.67
CA LEU T 276 -28.00 -29.57 -44.39
C LEU T 276 -27.91 -31.08 -44.52
N LYS T 277 -26.69 -31.61 -44.68
CA LYS T 277 -26.52 -33.06 -44.74
C LYS T 277 -26.96 -33.73 -43.44
N ARG T 278 -26.53 -33.17 -42.30
CA ARG T 278 -26.94 -33.72 -41.02
C ARG T 278 -28.44 -33.60 -40.81
N THR T 279 -29.03 -32.46 -41.19
CA THR T 279 -30.47 -32.30 -41.04
C THR T 279 -31.23 -33.28 -41.92
N ALA T 280 -30.72 -33.53 -43.13
CA ALA T 280 -31.36 -34.51 -44.01
C ALA T 280 -31.28 -35.91 -43.43
N GLU T 281 -30.12 -36.28 -42.86
CA GLU T 281 -30.03 -37.58 -42.20
C GLU T 281 -31.02 -37.69 -41.05
N LYS T 282 -31.11 -36.63 -40.23
CA LYS T 282 -32.04 -36.65 -39.10
C LYS T 282 -33.47 -36.79 -39.57
N LEU T 283 -33.86 -36.03 -40.60
CA LEU T 283 -35.23 -36.09 -41.09
C LEU T 283 -35.56 -37.43 -41.71
N ILE T 284 -34.61 -38.02 -42.46
CA ILE T 284 -34.83 -39.33 -43.04
C ILE T 284 -35.00 -40.38 -41.95
N SER T 285 -34.18 -40.32 -40.91
CA SER T 285 -34.33 -41.25 -39.80
C SER T 285 -35.68 -41.07 -39.10
N ASP T 286 -36.10 -39.82 -38.89
CA ASP T 286 -37.38 -39.58 -38.25
C ASP T 286 -38.53 -40.11 -39.10
N TRP T 287 -38.42 -39.99 -40.42
CA TRP T 287 -39.49 -40.46 -41.29
C TRP T 287 -39.48 -41.98 -41.42
N THR T 288 -38.32 -42.62 -41.29
CA THR T 288 -38.28 -44.08 -41.25
C THR T 288 -38.76 -44.63 -39.91
N ARG T 289 -38.72 -43.81 -38.85
CA ARG T 289 -39.15 -44.28 -37.54
C ARG T 289 -40.56 -44.87 -37.52
N PRO T 290 -41.60 -44.21 -38.06
CA PRO T 290 -42.95 -44.78 -37.93
C PRO T 290 -43.14 -46.06 -38.73
N ILE T 291 -42.42 -46.23 -39.84
CA ILE T 291 -42.62 -47.42 -40.68
C ILE T 291 -42.22 -48.67 -39.93
N MET T 292 -41.09 -48.63 -39.21
CA MET T 292 -40.58 -49.80 -38.50
C MET T 292 -41.11 -49.90 -37.07
N GLY T 293 -41.99 -49.00 -36.66
CA GLY T 293 -42.55 -49.04 -35.32
C GLY T 293 -42.91 -47.68 -34.76
N MET U 41 3.68 0.42 85.08
CA MET U 41 4.66 0.28 84.00
C MET U 41 6.00 -0.24 84.53
N SER U 42 6.95 -0.42 83.62
CA SER U 42 8.28 -0.86 84.01
C SER U 42 9.01 0.27 84.72
N LEU U 43 9.63 -0.05 85.86
CA LEU U 43 10.32 0.97 86.64
C LEU U 43 11.54 1.49 85.89
N LEU U 44 11.70 2.81 85.88
CA LEU U 44 12.83 3.47 85.24
C LEU U 44 13.93 3.67 86.27
N ASP U 45 14.92 2.77 86.25
CA ASP U 45 16.04 2.82 87.18
C ASP U 45 17.25 2.18 86.51
N GLN U 46 18.34 2.09 87.27
CA GLN U 46 19.50 1.34 86.79
C GLN U 46 19.18 -0.13 86.60
N ASP U 47 18.35 -0.70 87.49
CA ASP U 47 18.00 -2.11 87.38
C ASP U 47 17.23 -2.41 86.09
N TYR U 48 16.54 -1.42 85.54
CA TYR U 48 15.84 -1.63 84.28
C TYR U 48 16.81 -2.01 83.16
N TYR U 49 17.84 -1.21 82.97
CA TYR U 49 18.83 -1.52 81.93
C TYR U 49 19.80 -2.60 82.38
N LEU U 50 19.88 -2.89 83.68
CA LEU U 50 20.58 -4.10 84.11
C LEU U 50 19.86 -5.34 83.61
N SER U 51 18.56 -5.44 83.87
CA SER U 51 17.77 -6.58 83.40
C SER U 51 17.67 -6.61 81.88
N ALA U 52 17.71 -5.44 81.24
CA ALA U 52 17.73 -5.40 79.78
C ALA U 52 18.97 -6.09 79.24
N LEU U 53 20.13 -5.85 79.86
CA LEU U 53 21.36 -6.50 79.48
C LEU U 53 21.39 -7.94 80.00
N PRO U 54 22.14 -8.82 79.35
CA PRO U 54 22.29 -10.19 79.86
C PRO U 54 23.04 -10.21 81.18
N GLU U 55 22.83 -11.28 81.94
CA GLU U 55 23.44 -11.39 83.26
C GLU U 55 24.96 -11.39 83.20
N ASP U 56 25.55 -11.69 82.04
CA ASP U 56 27.00 -11.58 81.90
C ASP U 56 27.47 -10.15 82.12
N LYS U 57 26.72 -9.17 81.59
CA LYS U 57 27.06 -7.77 81.74
C LYS U 57 26.51 -7.16 83.02
N ARG U 58 25.70 -7.89 83.79
CA ARG U 58 25.13 -7.34 85.01
C ARG U 58 26.09 -7.46 86.18
N ALA U 59 26.49 -8.68 86.53
CA ALA U 59 27.27 -8.93 87.72
C ALA U 59 28.77 -8.84 87.49
N GLU U 60 29.26 -9.41 86.38
CA GLU U 60 30.70 -9.45 86.15
C GLU U 60 31.28 -8.05 86.00
N LEU U 61 30.59 -7.17 85.28
CA LEU U 61 31.13 -5.83 85.02
C LEU U 61 31.24 -4.98 86.28
N VAL U 62 30.54 -5.35 87.35
CA VAL U 62 30.53 -4.56 88.57
C VAL U 62 31.14 -5.33 89.74
N THR U 63 31.91 -6.39 89.45
CA THR U 63 32.55 -7.15 90.52
C THR U 63 33.53 -6.30 91.31
N LEU U 64 33.44 -6.36 92.63
CA LEU U 64 34.38 -5.70 93.51
C LEU U 64 35.46 -6.65 94.01
N GLN U 65 35.47 -7.89 93.55
CA GLN U 65 36.48 -8.87 93.90
C GLN U 65 37.25 -9.27 92.66
N LEU U 66 38.58 -9.25 92.78
CA LEU U 66 39.47 -9.57 91.66
C LEU U 66 40.16 -10.89 91.94
N THR U 67 40.11 -11.80 90.97
CA THR U 67 40.74 -13.11 91.07
C THR U 67 42.09 -13.08 90.36
N ILE U 68 43.15 -13.43 91.09
CA ILE U 68 44.51 -13.33 90.60
C ILE U 68 45.16 -14.70 90.71
N PRO U 69 45.49 -15.36 89.60
CA PRO U 69 46.22 -16.64 89.69
C PRO U 69 47.61 -16.42 90.25
N LEU U 70 48.10 -17.44 90.95
CA LEU U 70 49.42 -17.40 91.55
C LEU U 70 50.45 -18.05 90.63
N LYS U 71 51.72 -17.68 90.82
CA LYS U 71 52.80 -18.26 90.03
C LYS U 71 53.03 -19.73 90.38
N SER U 72 52.56 -20.19 91.54
CA SER U 72 52.75 -21.58 91.93
C SER U 72 51.97 -22.55 91.06
N GLY U 73 51.00 -22.07 90.29
CA GLY U 73 50.24 -22.94 89.41
C GLY U 73 48.76 -22.66 89.44
N ASP U 74 47.97 -23.67 89.81
CA ASP U 74 46.52 -23.53 89.84
C ASP U 74 46.03 -22.66 90.99
N GLU U 75 46.89 -22.32 91.94
CA GLU U 75 46.48 -21.49 93.07
C GLU U 75 46.10 -20.09 92.61
N VAL U 76 45.01 -19.57 93.16
CA VAL U 76 44.54 -18.23 92.87
C VAL U 76 44.22 -17.52 94.18
N VAL U 77 44.20 -16.19 94.13
CA VAL U 77 43.85 -15.36 95.27
C VAL U 77 42.76 -14.38 94.85
N THR U 78 41.74 -14.25 95.69
CA THR U 78 40.64 -13.32 95.46
C THR U 78 40.71 -12.21 96.51
N ILE U 79 40.81 -10.97 96.05
CA ILE U 79 40.89 -9.81 96.92
C ILE U 79 39.69 -8.92 96.62
N ASP U 80 38.89 -8.64 97.64
CA ASP U 80 37.71 -7.78 97.50
C ASP U 80 38.13 -6.32 97.61
N PHE U 81 37.67 -5.51 96.66
CA PHE U 81 37.97 -4.08 96.69
C PHE U 81 37.12 -3.33 97.70
N ASN U 82 36.12 -3.96 98.31
CA ASN U 82 35.40 -3.33 99.40
C ASN U 82 36.32 -3.06 100.58
N GLU U 83 37.20 -4.02 100.89
CA GLU U 83 38.19 -3.83 101.94
C GLU U 83 39.25 -2.84 101.49
N ASP U 84 40.02 -2.35 102.47
CA ASP U 84 41.10 -1.41 102.18
C ASP U 84 42.25 -2.12 101.50
N VAL U 85 42.27 -2.10 100.17
CA VAL U 85 43.32 -2.76 99.40
C VAL U 85 44.54 -1.85 99.34
N ASP U 86 45.69 -2.35 99.78
CA ASP U 86 46.93 -1.61 99.69
C ASP U 86 47.49 -1.69 98.28
N VAL U 87 47.92 -0.55 97.74
CA VAL U 87 48.46 -0.52 96.38
C VAL U 87 49.79 -1.26 96.32
N SER U 88 50.69 -0.98 97.28
CA SER U 88 52.04 -1.53 97.22
C SER U 88 52.03 -3.05 97.39
N GLN U 89 51.30 -3.55 98.39
CA GLN U 89 51.25 -4.99 98.62
C GLN U 89 50.61 -5.73 97.45
N LEU U 90 49.51 -5.18 96.92
CA LEU U 90 48.84 -5.81 95.79
C LEU U 90 49.75 -5.83 94.56
N CYS U 91 50.46 -4.72 94.31
CA CYS U 91 51.37 -4.68 93.17
C CYS U 91 52.52 -5.66 93.34
N VAL U 92 53.05 -5.79 94.56
CA VAL U 92 54.14 -6.73 94.81
C VAL U 92 53.66 -8.16 94.59
N LEU U 93 52.46 -8.48 95.09
CA LEU U 93 51.91 -9.82 94.89
C LEU U 93 51.68 -10.11 93.42
N LEU U 94 51.13 -9.13 92.69
CA LEU U 94 50.89 -9.32 91.26
C LEU U 94 52.19 -9.54 90.50
N GLU U 95 53.23 -8.76 90.85
CA GLU U 95 54.53 -8.94 90.20
C GLU U 95 55.13 -10.30 90.52
N SER U 96 54.99 -10.76 91.78
CA SER U 96 55.51 -12.08 92.14
C SER U 96 54.79 -13.18 91.38
N GLU U 97 53.47 -13.10 91.27
CA GLU U 97 52.70 -14.12 90.56
C GLU U 97 52.69 -13.90 89.06
N ASN U 98 53.08 -12.72 88.59
CA ASN U 98 53.11 -12.38 87.17
C ASN U 98 51.76 -12.66 86.51
N ALA U 99 50.72 -12.02 87.06
CA ALA U 99 49.38 -12.19 86.57
C ALA U 99 49.19 -11.48 85.23
N ARG U 100 48.07 -11.76 84.58
CA ARG U 100 47.78 -11.16 83.29
C ARG U 100 47.60 -9.65 83.44
N PRO U 101 47.99 -8.87 82.43
CA PRO U 101 47.85 -7.40 82.53
C PRO U 101 46.42 -6.94 82.72
N ASP U 102 45.44 -7.75 82.32
CA ASP U 102 44.04 -7.38 82.52
C ASP U 102 43.75 -7.16 84.01
N LEU U 103 44.30 -8.02 84.88
CA LEU U 103 44.08 -7.85 86.31
C LEU U 103 44.72 -6.57 86.82
N TRP U 104 45.94 -6.27 86.36
CA TRP U 104 46.60 -5.02 86.76
C TRP U 104 45.77 -3.81 86.38
N LEU U 105 45.31 -3.77 85.12
CA LEU U 105 44.56 -2.61 84.66
C LEU U 105 43.16 -2.54 85.29
N SER U 106 42.55 -3.69 85.59
CA SER U 106 41.27 -3.67 86.30
C SER U 106 41.44 -3.14 87.71
N ALA U 107 42.51 -3.55 88.41
CA ALA U 107 42.79 -2.99 89.72
C ALA U 107 43.05 -1.49 89.64
N ALA U 108 43.77 -1.06 88.59
CA ALA U 108 43.98 0.36 88.40
C ALA U 108 42.66 1.11 88.21
N LYS U 109 41.75 0.54 87.41
CA LYS U 109 40.45 1.16 87.20
C LYS U 109 39.66 1.25 88.50
N VAL U 110 39.68 0.18 89.30
CA VAL U 110 38.95 0.20 90.57
C VAL U 110 39.53 1.25 91.50
N PHE U 111 40.85 1.33 91.57
CA PHE U 111 41.47 2.35 92.42
C PHE U 111 41.20 3.75 91.89
N VAL U 112 40.98 3.88 90.59
CA VAL U 112 40.48 5.15 90.04
C VAL U 112 39.09 5.44 90.58
N SER U 113 38.22 4.42 90.60
CA SER U 113 36.90 4.60 91.20
C SER U 113 37.00 4.97 92.67
N LYS U 114 38.01 4.43 93.36
CA LYS U 114 38.28 4.81 94.74
C LYS U 114 38.87 6.21 94.87
N GLY U 115 39.24 6.84 93.76
CA GLY U 115 39.89 8.12 93.79
C GLY U 115 41.39 8.10 93.97
N ASN U 116 41.98 6.90 94.08
CA ASN U 116 43.42 6.76 94.30
C ASN U 116 44.15 6.90 92.96
N ILE U 117 44.18 8.13 92.46
CA ILE U 117 44.87 8.41 91.21
C ILE U 117 46.36 8.12 91.34
N ALA U 118 46.96 8.53 92.46
CA ALA U 118 48.34 8.19 92.72
C ALA U 118 48.54 6.68 92.81
N GLY U 119 47.61 5.99 93.47
CA GLY U 119 47.69 4.54 93.56
C GLY U 119 47.59 3.87 92.20
N SER U 120 46.69 4.37 91.35
CA SER U 120 46.56 3.82 90.00
C SER U 120 47.81 4.08 89.17
N GLN U 121 48.40 5.27 89.32
CA GLN U 121 49.66 5.55 88.63
C GLN U 121 50.77 4.62 89.11
N GLU U 122 50.80 4.34 90.42
CA GLU U 122 51.77 3.38 90.94
C GLU U 122 51.53 1.99 90.37
N ILE U 123 50.27 1.59 90.26
CA ILE U 123 49.95 0.29 89.67
C ILE U 123 50.46 0.22 88.24
N ILE U 124 50.21 1.28 87.46
CA ILE U 124 50.65 1.30 86.06
C ILE U 124 52.17 1.23 85.96
N ARG U 125 52.86 2.01 86.80
CA ARG U 125 54.32 2.03 86.75
C ARG U 125 54.92 0.68 87.13
N LYS U 126 54.41 0.08 88.20
CA LYS U 126 54.94 -1.22 88.63
C LYS U 126 54.55 -2.33 87.66
N ALA U 127 53.43 -2.18 86.96
CA ALA U 127 53.11 -3.10 85.88
C ALA U 127 54.11 -2.97 84.74
N LEU U 128 54.47 -1.74 84.40
CA LEU U 128 55.55 -1.54 83.43
C LEU U 128 56.85 -2.14 83.92
N GLN U 129 57.04 -2.19 85.25
CA GLN U 129 58.20 -2.87 85.82
C GLN U 129 58.00 -4.37 85.94
N SER U 130 56.78 -4.86 85.73
CA SER U 130 56.52 -6.29 85.86
C SER U 130 57.11 -7.08 84.71
N ASN U 131 57.32 -8.37 84.95
CA ASN U 131 57.89 -9.25 83.92
C ASN U 131 56.89 -9.50 82.78
N VAL U 132 55.59 -9.51 83.08
CA VAL U 132 54.60 -9.83 82.05
C VAL U 132 54.63 -8.80 80.93
N ILE U 133 54.58 -7.52 81.29
CA ILE U 133 54.54 -6.47 80.27
C ILE U 133 55.87 -6.40 79.52
N LEU U 134 56.99 -6.61 80.23
CA LEU U 134 58.28 -6.63 79.56
C LEU U 134 58.39 -7.78 78.57
N ASP U 135 57.78 -8.93 78.87
CA ASP U 135 57.80 -10.07 77.98
C ASP U 135 56.62 -10.07 77.00
N SER U 136 55.63 -9.21 77.20
CA SER U 136 54.51 -9.13 76.27
C SER U 136 54.90 -8.26 75.07
N SER U 137 53.96 -8.12 74.14
CA SER U 137 54.17 -7.28 72.98
C SER U 137 54.10 -5.81 73.37
N ALA U 138 54.45 -4.94 72.43
CA ALA U 138 54.38 -3.51 72.67
C ALA U 138 52.93 -3.02 72.80
N SER U 139 51.96 -3.83 72.39
CA SER U 139 50.56 -3.43 72.50
C SER U 139 50.14 -3.27 73.95
N VAL U 140 50.57 -4.19 74.83
CA VAL U 140 50.22 -4.09 76.24
C VAL U 140 50.85 -2.84 76.86
N THR U 141 52.12 -2.57 76.53
CA THR U 141 52.77 -1.38 77.05
C THR U 141 52.09 -0.12 76.54
N SER U 142 51.65 -0.12 75.29
CA SER U 142 50.91 1.03 74.76
C SER U 142 49.57 1.20 75.48
N LEU U 143 48.88 0.10 75.77
CA LEU U 143 47.63 0.19 76.51
C LEU U 143 47.85 0.77 77.91
N PHE U 144 48.93 0.35 78.57
CA PHE U 144 49.22 0.90 79.90
C PHE U 144 49.66 2.35 79.82
N HIS U 145 50.35 2.75 78.74
CA HIS U 145 50.67 4.16 78.54
C HIS U 145 49.41 4.98 78.36
N ASN U 146 48.43 4.45 77.62
CA ASN U 146 47.15 5.14 77.47
C ASN U 146 46.39 5.19 78.79
N PHE U 147 46.51 4.15 79.62
CA PHE U 147 45.92 4.19 80.95
C PHE U 147 46.55 5.29 81.78
N SER U 148 47.87 5.44 81.72
CA SER U 148 48.53 6.54 82.41
C SER U 148 48.09 7.89 81.86
N PHE U 149 47.84 7.96 80.55
CA PHE U 149 47.28 9.16 79.94
C PHE U 149 45.93 9.50 80.55
N TRP U 150 45.06 8.50 80.69
CA TRP U 150 43.77 8.72 81.33
C TRP U 150 43.94 9.13 82.79
N LEU U 151 44.96 8.58 83.45
CA LEU U 151 45.24 8.95 84.83
C LEU U 151 45.62 10.42 84.94
N SER U 152 46.48 10.89 84.02
CA SER U 152 46.82 12.31 84.00
C SER U 152 45.60 13.18 83.72
N LEU U 153 44.73 12.72 82.80
CA LEU U 153 43.50 13.45 82.51
C LEU U 153 42.63 13.56 83.76
N MET U 154 42.47 12.46 84.48
CA MET U 154 41.65 12.46 85.69
C MET U 154 42.27 13.33 86.78
N GLU U 155 43.61 13.30 86.90
CA GLU U 155 44.28 14.14 87.88
C GLU U 155 44.05 15.61 87.59
N TYR U 156 44.13 15.99 86.31
CA TYR U 156 43.81 17.38 85.95
C TYR U 156 42.34 17.71 86.22
N VAL U 157 41.45 16.78 85.87
CA VAL U 157 40.02 17.04 86.00
C VAL U 157 39.62 17.19 87.47
N SER U 158 40.14 16.31 88.33
CA SER U 158 39.75 16.33 89.74
C SER U 158 40.25 17.57 90.46
N THR U 159 41.20 18.30 89.89
CA THR U 159 41.76 19.48 90.51
C THR U 159 41.52 20.76 89.73
N ASN U 160 41.38 20.68 88.40
CA ASN U 160 41.24 21.85 87.54
C ASN U 160 42.40 22.82 87.74
N SER U 161 43.59 22.27 87.86
CA SER U 161 44.80 23.07 88.08
C SER U 161 45.99 22.28 87.55
N ARG U 162 47.12 22.99 87.43
CA ARG U 162 48.35 22.40 86.87
C ARG U 162 48.10 21.80 85.51
N GLU U 163 47.32 22.52 84.69
CA GLU U 163 46.86 21.97 83.42
C GLU U 163 48.01 21.66 82.48
N ASP U 164 49.00 22.54 82.39
CA ASP U 164 50.10 22.34 81.46
C ASP U 164 50.93 21.10 81.83
N GLN U 165 51.22 20.92 83.11
CA GLN U 165 52.06 19.80 83.54
C GLN U 165 51.38 18.47 83.26
N PHE U 166 50.13 18.33 83.69
CA PHE U 166 49.40 17.08 83.45
C PHE U 166 49.15 16.86 81.97
N LEU U 167 48.91 17.93 81.21
CA LEU U 167 48.75 17.79 79.77
C LEU U 167 50.03 17.28 79.12
N GLU U 168 51.19 17.77 79.57
CA GLU U 168 52.45 17.28 79.03
C GLU U 168 52.69 15.82 79.41
N TYR U 169 52.38 15.45 80.65
CA TYR U 169 52.53 14.05 81.05
C TYR U 169 51.65 13.15 80.20
N ALA U 170 50.38 13.54 80.02
CA ALA U 170 49.46 12.76 79.21
C ALA U 170 49.92 12.70 77.76
N SER U 171 50.44 13.80 77.23
CA SER U 171 50.92 13.81 75.85
C SER U 171 52.11 12.88 75.67
N ASN U 172 53.04 12.88 76.62
CA ASN U 172 54.19 11.98 76.54
C ASN U 172 53.74 10.53 76.60
N SER U 173 52.83 10.21 77.53
CA SER U 173 52.34 8.84 77.62
C SER U 173 51.62 8.41 76.35
N LEU U 174 50.79 9.30 75.80
CA LEU U 174 50.05 8.97 74.58
C LEU U 174 50.98 8.82 73.38
N GLN U 175 52.01 9.66 73.29
CA GLN U 175 52.98 9.54 72.21
C GLN U 175 53.76 8.22 72.32
N ALA U 176 54.13 7.84 73.53
CA ALA U 176 54.78 6.54 73.72
C ALA U 176 53.86 5.40 73.33
N SER U 177 52.58 5.50 73.70
CA SER U 177 51.62 4.46 73.32
C SER U 177 51.46 4.37 71.81
N ASN U 178 51.36 5.52 71.14
CA ASN U 178 51.19 5.52 69.69
C ASN U 178 52.43 4.95 69.00
N SER U 179 53.62 5.30 69.49
CA SER U 179 54.83 4.71 68.92
C SER U 179 54.88 3.21 69.14
N LEU U 180 54.47 2.75 70.32
CA LEU U 180 54.49 1.31 70.61
C LEU U 180 53.40 0.57 69.85
N ASP U 181 52.21 1.16 69.75
CA ASP U 181 51.11 0.53 69.03
C ASP U 181 50.21 1.64 68.47
N SER U 182 50.40 1.96 67.19
CA SER U 182 49.64 3.02 66.54
C SER U 182 48.30 2.58 65.99
N GLY U 183 48.03 1.27 65.95
CA GLY U 183 46.78 0.78 65.42
C GLY U 183 45.61 0.83 66.37
N LEU U 184 45.84 1.23 67.62
CA LEU U 184 44.79 1.27 68.62
C LEU U 184 43.96 2.54 68.47
N ILE U 185 42.65 2.38 68.31
CA ILE U 185 41.77 3.54 68.16
C ILE U 185 41.69 4.35 69.45
N LEU U 186 42.02 3.74 70.59
CA LEU U 186 42.06 4.49 71.84
C LEU U 186 43.14 5.56 71.81
N ASN U 187 44.25 5.30 71.11
CA ASN U 187 45.25 6.35 70.92
C ASN U 187 44.69 7.52 70.13
N GLY U 188 43.89 7.23 69.11
CA GLY U 188 43.25 8.30 68.36
C GLY U 188 42.26 9.09 69.21
N ILE U 189 41.50 8.38 70.05
CA ILE U 189 40.57 9.07 70.95
C ILE U 189 41.33 9.96 71.93
N GLY U 190 42.45 9.45 72.47
CA GLY U 190 43.27 10.27 73.35
C GLY U 190 43.85 11.48 72.65
N ASN U 191 44.27 11.30 71.39
CA ASN U 191 44.75 12.45 70.61
C ASN U 191 43.65 13.49 70.43
N GLY U 192 42.45 13.04 70.10
CA GLY U 192 41.33 13.98 69.95
C GLY U 192 41.00 14.70 71.24
N VAL U 193 41.04 13.99 72.36
CA VAL U 193 40.77 14.62 73.66
C VAL U 193 41.86 15.63 73.98
N LEU U 194 43.12 15.29 73.68
CA LEU U 194 44.21 16.23 73.87
C LEU U 194 44.02 17.49 73.03
N TYR U 195 43.58 17.32 71.78
CA TYR U 195 43.29 18.48 70.94
C TYR U 195 42.16 19.32 71.53
N ALA U 196 41.11 18.66 72.03
CA ALA U 196 39.99 19.38 72.62
C ALA U 196 40.42 20.17 73.85
N LYS U 197 41.26 19.57 74.70
CA LYS U 197 41.72 20.27 75.90
C LYS U 197 42.58 21.48 75.54
N SER U 198 43.38 21.36 74.49
CA SER U 198 44.15 22.49 73.97
C SER U 198 43.36 23.32 72.97
N ARG U 199 42.07 23.05 72.84
CA ARG U 199 41.18 23.79 71.92
C ARG U 199 41.62 23.68 70.47
N ARG U 200 42.22 22.54 70.12
CA ARG U 200 42.52 22.22 68.72
C ARG U 200 41.36 21.43 68.13
N TYR U 201 40.22 22.10 68.02
CA TYR U 201 38.97 21.42 67.70
C TYR U 201 38.99 20.81 66.30
N ASP U 202 39.69 21.43 65.35
CA ASP U 202 39.71 20.91 63.98
C ASP U 202 40.39 19.54 63.94
N GLU U 203 41.52 19.39 64.62
CA GLU U 203 42.23 18.11 64.61
C GLU U 203 41.43 17.03 65.31
N ALA U 204 40.78 17.37 66.43
CA ALA U 204 39.94 16.40 67.12
C ALA U 204 38.76 15.99 66.26
N LEU U 205 38.17 16.94 65.53
CA LEU U 205 37.06 16.61 64.63
C LEU U 205 37.54 15.71 63.50
N LYS U 206 38.75 15.95 62.98
CA LYS U 206 39.30 15.06 61.97
C LYS U 206 39.53 13.65 62.52
N GLU U 207 40.02 13.57 63.76
CA GLU U 207 40.22 12.26 64.39
C GLU U 207 38.90 11.53 64.56
N PHE U 208 37.84 12.25 64.96
CA PHE U 208 36.54 11.61 65.09
C PHE U 208 35.95 11.24 63.74
N ASP U 209 36.25 12.01 62.68
CA ASP U 209 35.86 11.60 61.34
C ASP U 209 36.55 10.30 60.95
N ASN U 210 37.84 10.17 61.26
CA ASN U 210 38.56 8.92 61.01
C ASN U 210 37.95 7.77 61.79
N LEU U 211 37.59 8.01 63.05
CA LEU U 211 36.96 6.96 63.86
C LEU U 211 35.62 6.56 63.28
N LEU U 212 34.83 7.53 62.80
CA LEU U 212 33.56 7.21 62.14
C LEU U 212 33.80 6.40 60.87
N LYS U 213 34.88 6.71 60.14
CA LYS U 213 35.24 5.89 58.99
C LYS U 213 35.55 4.46 59.42
N LYS U 214 36.25 4.30 60.54
CA LYS U 214 36.56 2.97 61.04
C LYS U 214 35.28 2.21 61.43
N LYS U 215 34.44 2.83 62.23
CA LYS U 215 33.18 2.22 62.66
C LYS U 215 32.26 3.31 63.19
N SER U 216 30.96 3.16 62.93
CA SER U 216 29.96 4.11 63.39
C SER U 216 29.37 3.75 64.75
N THR U 217 29.78 2.63 65.35
CA THR U 217 29.26 2.20 66.63
C THR U 217 30.10 2.68 67.80
N ASN U 218 31.12 3.50 67.56
CA ASN U 218 31.99 3.97 68.64
C ASN U 218 31.25 5.02 69.46
N ILE U 219 30.88 4.65 70.69
CA ILE U 219 30.14 5.58 71.56
C ILE U 219 31.04 6.72 72.01
N LEU U 220 32.30 6.41 72.34
CA LEU U 220 33.21 7.46 72.81
C LEU U 220 33.46 8.50 71.73
N ALA U 221 33.57 8.06 70.47
CA ALA U 221 33.72 9.02 69.38
C ALA U 221 32.51 9.93 69.27
N ILE U 222 31.31 9.36 69.42
CA ILE U 222 30.09 10.18 69.39
C ILE U 222 30.10 11.18 70.53
N LEU U 223 30.47 10.75 71.73
CA LEU U 223 30.49 11.66 72.88
C LEU U 223 31.50 12.78 72.68
N GLY U 224 32.70 12.46 72.17
CA GLY U 224 33.68 13.49 71.93
C GLY U 224 33.25 14.48 70.85
N LYS U 225 32.66 13.96 69.77
CA LYS U 225 32.17 14.83 68.71
C LYS U 225 31.08 15.76 69.24
N ALA U 226 30.15 15.22 70.03
CA ALA U 226 29.09 16.03 70.59
C ALA U 226 29.64 17.08 71.55
N GLN U 227 30.63 16.71 72.36
CA GLN U 227 31.27 17.67 73.25
C GLN U 227 31.91 18.81 72.46
N ILE U 228 32.60 18.48 71.37
CA ILE U 228 33.22 19.52 70.56
C ILE U 228 32.16 20.42 69.93
N LEU U 229 31.09 19.82 69.41
CA LEU U 229 30.03 20.60 68.79
C LEU U 229 29.36 21.53 69.80
N TYR U 230 29.13 21.05 71.03
CA TYR U 230 28.62 21.92 72.08
C TYR U 230 29.61 23.04 72.41
N LYS U 231 30.90 22.71 72.44
CA LYS U 231 31.92 23.74 72.64
C LYS U 231 31.90 24.75 71.49
N ARG U 232 31.60 24.28 70.28
CA ARG U 232 31.41 25.16 69.13
C ARG U 232 29.99 25.68 69.02
N GLN U 233 29.18 25.53 70.07
CA GLN U 233 27.82 26.05 70.15
C GLN U 233 26.88 25.40 69.14
N LYS U 234 27.25 24.24 68.58
CA LYS U 234 26.36 23.49 67.70
C LYS U 234 25.46 22.59 68.55
N TYR U 235 24.48 23.24 69.18
CA TYR U 235 23.64 22.56 70.16
C TYR U 235 22.81 21.46 69.53
N SER U 236 22.20 21.73 68.38
CA SER U 236 21.37 20.72 67.72
C SER U 236 22.22 19.59 67.15
N GLN U 237 23.35 19.93 66.52
CA GLN U 237 24.22 18.91 65.97
C GLN U 237 24.77 18.00 67.06
N ALA U 238 25.15 18.58 68.20
CA ALA U 238 25.51 17.77 69.36
C ALA U 238 24.30 17.02 69.91
N LEU U 239 23.08 17.54 69.70
CA LEU U 239 21.90 16.88 70.24
C LEU U 239 21.59 15.59 69.51
N GLU U 240 21.77 15.56 68.19
CA GLU U 240 21.57 14.29 67.49
C GLU U 240 22.57 13.25 67.95
N LEU U 241 23.83 13.65 68.17
CA LEU U 241 24.83 12.73 68.69
C LEU U 241 24.48 12.27 70.11
N TYR U 242 23.96 13.18 70.93
CA TYR U 242 23.53 12.82 72.28
C TYR U 242 22.43 11.77 72.23
N GLN U 243 21.43 11.98 71.37
CA GLN U 243 20.35 11.02 71.23
C GLN U 243 20.85 9.68 70.72
N LYS U 244 21.75 9.69 69.73
CA LYS U 244 22.29 8.43 69.22
C LYS U 244 23.08 7.69 70.29
N ALA U 245 23.90 8.39 71.06
CA ALA U 245 24.65 7.75 72.12
C ALA U 245 23.73 7.20 73.20
N LEU U 246 22.68 7.95 73.55
CA LEU U 246 21.74 7.46 74.56
C LEU U 246 21.02 6.22 74.08
N THR U 247 20.61 6.19 72.81
CA THR U 247 19.96 5.00 72.27
C THR U 247 20.92 3.82 72.22
N ILE U 248 22.18 4.06 71.83
CA ILE U 248 23.16 2.98 71.79
C ILE U 248 23.46 2.47 73.19
N ASN U 249 23.69 3.37 74.14
CA ASN U 249 24.07 3.00 75.51
C ASN U 249 23.35 3.91 76.49
N PRO U 250 22.28 3.43 77.13
CA PRO U 250 21.65 4.21 78.21
C PRO U 250 22.43 4.19 79.52
N LEU U 251 23.46 3.35 79.64
CA LEU U 251 24.26 3.24 80.85
C LEU U 251 25.70 3.67 80.59
N ILE U 252 25.89 4.69 79.76
CA ILE U 252 27.23 5.16 79.38
C ILE U 252 27.57 6.37 80.23
N VAL U 253 28.82 6.41 80.70
CA VAL U 253 29.36 7.53 81.46
C VAL U 253 30.44 8.18 80.62
N PRO U 254 30.38 9.50 80.37
CA PRO U 254 29.46 10.49 80.94
C PRO U 254 28.02 10.37 80.42
N ASP U 255 27.09 10.98 81.14
CA ASP U 255 25.67 10.86 80.82
C ASP U 255 25.32 11.69 79.61
N PRO U 256 24.79 11.09 78.53
CA PRO U 256 24.28 11.91 77.43
C PRO U 256 23.10 12.77 77.81
N ARG U 257 22.29 12.33 78.79
CA ARG U 257 21.09 13.08 79.15
C ARG U 257 21.43 14.47 79.70
N LEU U 258 22.62 14.65 80.27
CA LEU U 258 23.04 16.00 80.66
C LEU U 258 23.12 16.91 79.45
N GLY U 259 23.77 16.44 78.37
CA GLY U 259 23.81 17.22 77.15
C GLY U 259 22.44 17.39 76.52
N ILE U 260 21.59 16.36 76.62
CA ILE U 260 20.23 16.48 76.07
C ILE U 260 19.45 17.55 76.82
N GLY U 261 19.61 17.60 78.15
CA GLY U 261 18.96 18.64 78.92
C GLY U 261 19.51 20.03 78.60
N LEU U 262 20.83 20.12 78.38
CA LEU U 262 21.40 21.40 77.97
C LEU U 262 20.83 21.84 76.62
N CYS U 263 20.68 20.91 75.67
CA CYS U 263 20.09 21.24 74.38
C CYS U 263 18.64 21.66 74.53
N PHE U 264 17.88 20.95 75.37
CA PHE U 264 16.49 21.34 75.61
C PHE U 264 16.40 22.73 76.21
N TRP U 265 17.34 23.07 77.11
CA TRP U 265 17.44 24.43 77.60
C TRP U 265 17.72 25.41 76.46
N HIS U 266 18.62 25.02 75.54
CA HIS U 266 18.88 25.86 74.38
C HIS U 266 17.68 25.91 73.44
N LEU U 267 16.85 24.87 73.44
CA LEU U 267 15.66 24.82 72.60
C LEU U 267 14.38 25.15 73.37
N ASN U 268 14.50 25.71 74.57
CA ASN U 268 13.42 26.19 75.42
C ASN U 268 12.54 25.07 75.98
N ASN U 269 12.79 23.81 75.63
CA ASN U 269 12.01 22.70 76.16
C ASN U 269 12.58 22.22 77.50
N LYS U 270 12.65 23.14 78.46
CA LYS U 270 13.29 22.85 79.74
C LYS U 270 12.53 21.83 80.57
N GLN U 271 11.24 21.63 80.30
CA GLN U 271 10.48 20.60 81.01
C GLN U 271 11.03 19.21 80.68
N LEU U 272 11.26 18.94 79.40
CA LEU U 272 11.89 17.69 79.00
C LEU U 272 13.31 17.59 79.54
N ALA U 273 14.02 18.72 79.62
CA ALA U 273 15.35 18.71 80.22
C ALA U 273 15.30 18.25 81.67
N GLU U 274 14.36 18.80 82.45
CA GLU U 274 14.22 18.39 83.83
C GLU U 274 13.83 16.93 83.95
N GLN U 275 12.92 16.47 83.09
CA GLN U 275 12.51 15.06 83.13
C GLN U 275 13.69 14.13 82.83
N ALA U 276 14.48 14.47 81.81
CA ALA U 276 15.65 13.66 81.48
C ALA U 276 16.68 13.69 82.60
N TRP U 277 16.82 14.85 83.26
CA TRP U 277 17.75 14.94 84.39
C TRP U 277 17.27 14.10 85.57
N HIS U 278 15.95 14.05 85.80
CA HIS U 278 15.42 13.16 86.83
C HIS U 278 15.69 11.71 86.49
N ASN U 279 15.51 11.33 85.23
CA ASN U 279 15.81 9.96 84.80
C ASN U 279 17.28 9.64 85.00
N SER U 280 18.16 10.59 84.67
CA SER U 280 19.59 10.40 84.87
C SER U 280 19.92 10.22 86.35
N LEU U 281 19.30 11.04 87.22
CA LEU U 281 19.53 10.90 88.65
C LEU U 281 19.05 9.54 89.15
N LYS U 282 17.93 9.05 88.62
CA LYS U 282 17.50 7.69 88.94
C LYS U 282 18.55 6.68 88.50
N VAL U 283 19.10 6.85 87.30
CA VAL U 283 20.15 5.96 86.82
C VAL U 283 21.45 6.20 87.56
N HIS U 284 21.77 7.46 87.86
CA HIS U 284 23.04 7.85 88.49
C HIS U 284 22.72 8.65 89.75
N PRO U 285 22.39 7.98 90.86
CA PRO U 285 22.10 8.71 92.10
C PRO U 285 23.33 9.16 92.87
N GLN U 286 24.53 8.82 92.41
CA GLN U 286 25.76 9.10 93.13
C GLN U 286 26.73 9.86 92.24
N ASN U 287 27.51 10.75 92.87
CA ASN U 287 28.56 11.52 92.21
C ASN U 287 28.04 12.36 91.05
N ASN U 288 26.78 12.79 91.11
CA ASN U 288 26.17 13.55 90.02
C ASN U 288 25.36 14.71 90.60
N LEU U 289 25.96 15.44 91.54
CA LEU U 289 25.29 16.59 92.14
C LEU U 289 25.04 17.71 91.14
N ASN U 290 25.79 17.74 90.04
CA ASN U 290 25.58 18.76 89.02
C ASN U 290 24.18 18.68 88.43
N THR U 291 23.65 17.47 88.28
CA THR U 291 22.28 17.31 87.80
C THR U 291 21.29 17.93 88.78
N LYS U 292 21.51 17.73 90.09
CA LYS U 292 20.64 18.36 91.07
C LYS U 292 20.75 19.88 91.04
N ILE U 293 21.96 20.39 90.80
CA ILE U 293 22.14 21.83 90.67
C ILE U 293 21.35 22.36 89.48
N LEU U 294 21.43 21.67 88.35
CA LEU U 294 20.67 22.08 87.17
C LEU U 294 19.17 22.02 87.44
N ILE U 295 18.72 21.00 88.16
CA ILE U 295 17.31 20.87 88.50
C ILE U 295 16.86 22.05 89.36
N CYS U 296 17.69 22.42 90.34
CA CYS U 296 17.37 23.57 91.19
C CYS U 296 17.32 24.86 90.39
N LEU U 297 18.26 25.04 89.46
CA LEU U 297 18.25 26.23 88.61
C LEU U 297 16.98 26.28 87.75
N ALA U 298 16.59 25.13 87.19
CA ALA U 298 15.36 25.07 86.40
C ALA U 298 14.13 25.40 87.24
N LYS U 299 14.08 24.87 88.47
CA LYS U 299 12.97 25.19 89.36
C LYS U 299 12.93 26.67 89.68
N PHE U 300 14.09 27.27 89.94
CA PHE U 300 14.13 28.71 90.21
C PHE U 300 13.66 29.52 89.01
N ASP U 301 14.08 29.13 87.81
CA ASP U 301 13.63 29.82 86.60
C ASP U 301 12.12 29.70 86.43
N TYR U 302 11.59 28.50 86.65
CA TYR U 302 10.14 28.30 86.54
C TYR U 302 9.39 29.14 87.57
N CYS U 303 9.91 29.21 88.80
CA CYS U 303 9.29 30.05 89.82
C CYS U 303 9.31 31.52 89.40
N PHE U 304 10.43 31.98 88.85
CA PHE U 304 10.53 33.37 88.43
C PHE U 304 9.57 33.70 87.30
N ASN U 305 9.45 32.81 86.31
CA ASN U 305 8.78 33.16 85.05
C ASN U 305 7.38 32.57 84.91
N GLU U 306 6.89 31.80 85.88
CA GLU U 306 5.60 31.13 85.73
C GLU U 306 4.65 31.29 86.90
N SER U 307 5.11 31.81 88.04
CA SER U 307 4.27 31.90 89.23
C SER U 307 3.11 32.84 88.98
N LYS U 308 1.88 32.30 89.02
CA LYS U 308 0.68 33.06 88.72
C LYS U 308 0.24 33.97 89.86
N ASP U 309 0.80 33.82 91.06
CA ASP U 309 0.39 34.63 92.19
C ASP U 309 1.55 34.70 93.18
N ASP U 310 1.44 35.65 94.12
CA ASP U 310 2.49 35.86 95.10
C ASP U 310 2.66 34.65 96.02
N ASP U 311 1.55 34.04 96.44
CA ASP U 311 1.63 32.88 97.31
C ASP U 311 2.28 31.69 96.61
N GLU U 312 1.92 31.46 95.35
CA GLU U 312 2.56 30.41 94.57
C GLU U 312 4.04 30.69 94.38
N PHE U 313 4.38 31.97 94.13
CA PHE U 313 5.79 32.34 94.02
C PHE U 313 6.55 32.03 95.30
N THR U 314 5.95 32.37 96.45
CA THR U 314 6.60 32.09 97.73
C THR U 314 6.77 30.60 97.95
N ALA U 315 5.73 29.80 97.66
CA ALA U 315 5.82 28.37 97.85
C ALA U 315 6.91 27.77 96.96
N LEU U 316 6.93 28.12 95.67
CA LEU U 316 7.93 27.57 94.77
C LEU U 316 9.34 28.02 95.15
N TYR U 317 9.49 29.30 95.53
CA TYR U 317 10.80 29.82 95.91
C TYR U 317 11.33 29.11 97.16
N ARG U 318 10.47 28.90 98.16
CA ARG U 318 10.90 28.23 99.37
C ARG U 318 11.20 26.75 99.11
N GLU U 319 10.42 26.11 98.24
CA GLU U 319 10.73 24.73 97.88
C GLU U 319 12.08 24.63 97.17
N SER U 320 12.37 25.57 96.27
CA SER U 320 13.67 25.58 95.61
C SER U 320 14.79 25.83 96.60
N LEU U 321 14.57 26.74 97.56
CA LEU U 321 15.58 26.98 98.59
C LEU U 321 15.82 25.73 99.44
N GLU U 322 14.76 25.02 99.80
CA GLU U 322 14.91 23.80 100.59
C GLU U 322 15.65 22.73 99.81
N PHE U 323 15.34 22.57 98.53
CA PHE U 323 16.05 21.58 97.72
C PHE U 323 17.52 21.96 97.57
N LEU U 324 17.81 23.25 97.37
CA LEU U 324 19.18 23.71 97.27
C LEU U 324 19.94 23.48 98.57
N HIS U 325 19.29 23.71 99.71
CA HIS U 325 19.93 23.46 101.00
C HIS U 325 20.17 21.97 101.21
N SER U 326 19.22 21.12 100.81
CA SER U 326 19.40 19.68 100.92
C SER U 326 20.58 19.22 100.09
N CYS U 327 20.72 19.76 98.88
CA CYS U 327 21.92 19.48 98.10
C CYS U 327 23.16 20.06 98.77
N LEU U 328 23.03 21.18 99.48
CA LEU U 328 24.16 21.80 100.14
C LEU U 328 24.63 21.00 101.35
N LYS U 329 23.75 20.19 101.94
CA LYS U 329 24.15 19.35 103.07
C LYS U 329 25.16 18.29 102.66
N GLU U 330 25.31 18.04 101.36
CA GLU U 330 26.34 17.15 100.85
C GLU U 330 27.63 17.92 100.57
N ASP U 331 27.53 19.03 99.85
CA ASP U 331 28.66 19.90 99.56
C ASP U 331 28.30 21.33 99.98
N ALA U 332 29.07 21.88 100.91
CA ALA U 332 28.81 23.21 101.45
C ALA U 332 29.80 24.25 100.92
N LYS U 333 30.72 23.88 100.04
CA LYS U 333 31.72 24.80 99.52
C LYS U 333 31.67 24.92 98.01
N HIS U 334 30.59 24.49 97.37
CA HIS U 334 30.50 24.57 95.91
C HIS U 334 30.32 26.02 95.50
N PRO U 335 31.22 26.57 94.69
CA PRO U 335 31.16 28.02 94.40
C PRO U 335 29.87 28.46 93.71
N LEU U 336 29.31 27.65 92.83
CA LEU U 336 28.07 28.02 92.16
C LEU U 336 26.91 28.10 93.14
N LEU U 337 26.85 27.18 94.09
CA LEU U 337 25.79 27.23 95.10
C LEU U 337 25.90 28.49 95.96
N LEU U 338 27.13 28.87 96.33
CA LEU U 338 27.33 30.11 97.07
C LEU U 338 26.92 31.31 96.25
N MET U 339 27.25 31.32 94.95
CA MET U 339 26.85 32.43 94.09
C MET U 339 25.34 32.52 93.98
N VAL U 340 24.66 31.38 93.86
CA VAL U 340 23.19 31.38 93.79
C VAL U 340 22.60 31.89 95.09
N LEU U 341 23.12 31.41 96.23
CA LEU U 341 22.61 31.86 97.53
C LEU U 341 22.90 33.33 97.76
N ALA U 342 23.92 33.87 97.09
CA ALA U 342 24.22 35.29 97.21
C ALA U 342 23.07 36.15 96.72
N SER U 343 22.37 35.72 95.66
CA SER U 343 21.22 36.47 95.19
C SER U 343 20.14 36.54 96.26
N TYR U 344 19.82 35.39 96.88
CA TYR U 344 18.79 35.36 97.91
C TYR U 344 19.19 36.23 99.10
N TYR U 345 20.44 36.16 99.52
CA TYR U 345 20.85 36.91 100.70
C TYR U 345 21.00 38.41 100.40
N PHE U 346 21.30 38.76 99.15
CA PHE U 346 21.22 40.16 98.74
C PHE U 346 19.78 40.66 98.78
N SER U 347 18.84 39.82 98.31
CA SER U 347 17.44 40.15 98.44
C SER U 347 16.97 40.18 99.89
N LYS U 348 17.72 39.54 100.79
CA LYS U 348 17.41 39.54 102.21
C LYS U 348 18.18 40.62 102.97
N GLU U 349 18.78 41.56 102.25
CA GLU U 349 19.57 42.65 102.83
C GLU U 349 20.75 42.15 103.65
N ASP U 350 21.21 40.93 103.39
CA ASP U 350 22.38 40.37 104.06
C ASP U 350 23.64 40.60 103.20
N TYR U 351 23.93 41.88 102.99
CA TYR U 351 25.03 42.26 102.09
C TYR U 351 26.39 41.80 102.62
N GLU U 352 26.56 41.77 103.93
CA GLU U 352 27.86 41.36 104.50
C GLU U 352 28.17 39.91 104.16
N LYS U 353 27.19 39.02 104.35
CA LYS U 353 27.41 37.62 103.99
C LYS U 353 27.56 37.44 102.48
N VAL U 354 26.87 38.27 101.70
CA VAL U 354 27.06 38.24 100.25
C VAL U 354 28.51 38.57 99.91
N GLU U 355 29.07 39.59 100.56
CA GLU U 355 30.47 39.94 100.35
C GLU U 355 31.39 38.79 100.78
N LYS U 356 31.10 38.16 101.92
CA LYS U 356 31.92 37.05 102.37
C LYS U 356 31.93 35.92 101.34
N LEU U 357 30.75 35.52 100.87
CA LEU U 357 30.66 34.44 99.90
C LEU U 357 31.34 34.81 98.59
N CYS U 358 31.16 36.06 98.14
CA CYS U 358 31.79 36.50 96.90
C CYS U 358 33.31 36.47 97.01
N ASN U 359 33.86 36.96 98.12
CA ASN U 359 35.30 36.94 98.31
C ASN U 359 35.83 35.50 98.39
N LEU U 360 35.10 34.63 99.08
CA LEU U 360 35.53 33.24 99.16
C LEU U 360 35.55 32.59 97.78
N VAL U 361 34.50 32.81 96.99
CA VAL U 361 34.44 32.24 95.64
C VAL U 361 35.57 32.80 94.77
N LEU U 362 35.84 34.11 94.90
CA LEU U 362 36.94 34.71 94.15
C LEU U 362 38.27 34.08 94.53
N LYS U 363 38.47 33.79 95.81
CA LYS U 363 39.71 33.16 96.25
C LYS U 363 39.82 31.73 95.72
N GLU U 364 38.72 30.97 95.75
CA GLU U 364 38.78 29.58 95.29
C GLU U 364 38.84 29.48 93.78
N ASN U 365 37.87 30.08 93.09
CA ASN U 365 37.64 29.85 91.67
C ASN U 365 38.02 31.05 90.81
N SER U 366 39.16 31.69 91.14
CA SER U 366 39.65 32.78 90.31
C SER U 366 39.98 32.32 88.89
N ARG U 367 40.20 31.02 88.69
CA ARG U 367 40.42 30.51 87.34
C ARG U 367 39.19 30.71 86.45
N ASN U 368 38.01 30.47 87.00
CA ASN U 368 36.76 30.66 86.25
C ASN U 368 36.43 32.15 86.24
N ALA U 369 36.38 32.74 85.05
CA ALA U 369 36.12 34.17 84.94
C ALA U 369 34.65 34.50 85.18
N ALA U 370 33.74 33.55 84.91
CA ALA U 370 32.32 33.81 85.13
C ALA U 370 32.01 34.04 86.60
N PHE U 371 32.63 33.25 87.49
CA PHE U 371 32.44 33.46 88.91
C PHE U 371 33.00 34.81 89.36
N VAL U 372 34.14 35.21 88.79
CA VAL U 372 34.69 36.53 89.08
C VAL U 372 33.71 37.62 88.65
N SER U 373 33.12 37.48 87.46
CA SER U 373 32.15 38.45 86.99
C SER U 373 30.93 38.51 87.90
N ALA U 374 30.42 37.34 88.31
CA ALA U 374 29.25 37.31 89.19
C ALA U 374 29.56 37.95 90.54
N SER U 375 30.72 37.65 91.11
CA SER U 375 31.09 38.24 92.40
C SER U 375 31.26 39.74 92.27
N HIS U 376 31.89 40.21 91.19
CA HIS U 376 32.03 41.65 90.98
C HIS U 376 30.66 42.32 90.82
N PHE U 377 29.76 41.68 90.09
CA PHE U 377 28.40 42.21 89.94
C PHE U 377 27.70 42.31 91.27
N TRP U 378 27.83 41.29 92.12
CA TRP U 378 27.14 41.32 93.41
C TRP U 378 27.77 42.34 94.34
N LEU U 379 29.09 42.50 94.29
CA LEU U 379 29.75 43.55 95.07
C LEU U 379 29.28 44.94 94.62
N ALA U 380 29.15 45.14 93.31
CA ALA U 380 28.64 46.41 92.81
C ALA U 380 27.19 46.64 93.24
N ARG U 381 26.38 45.58 93.21
CA ARG U 381 25.00 45.69 93.67
C ARG U 381 24.93 46.06 95.14
N VAL U 382 25.80 45.47 95.96
CA VAL U 382 25.85 45.80 97.38
C VAL U 382 26.28 47.24 97.57
N ALA U 383 27.33 47.67 96.87
CA ALA U 383 27.82 49.03 96.98
C ALA U 383 26.83 50.06 96.45
N TYR U 384 25.87 49.62 95.60
CA TYR U 384 24.86 50.54 95.11
C TYR U 384 24.01 51.09 96.23
N HIS U 385 23.68 50.26 97.22
CA HIS U 385 23.00 50.75 98.41
C HIS U 385 23.88 51.76 99.14
N LYS U 386 25.18 51.47 99.23
CA LYS U 386 26.14 52.45 99.74
C LYS U 386 26.38 53.59 98.77
N GLU U 387 25.90 53.47 97.54
CA GLU U 387 26.03 54.50 96.51
C GLU U 387 27.49 54.84 96.20
N ASP U 388 28.37 53.85 96.31
CA ASP U 388 29.76 54.01 95.87
C ASP U 388 29.79 53.96 94.35
N TYR U 389 29.35 55.07 93.74
CA TYR U 389 29.14 55.10 92.30
C TYR U 389 30.43 54.83 91.54
N VAL U 390 31.53 55.43 91.97
CA VAL U 390 32.82 55.14 91.33
C VAL U 390 33.21 53.69 91.55
N GLN U 391 33.09 53.23 92.79
CA GLN U 391 33.47 51.85 93.12
C GLN U 391 32.54 50.86 92.45
N ALA U 392 31.23 51.14 92.45
CA ALA U 392 30.29 50.24 91.80
C ALA U 392 30.52 50.19 90.28
N GLN U 393 30.82 51.35 89.68
CA GLN U 393 31.11 51.37 88.25
C GLN U 393 32.38 50.59 87.93
N LYS U 394 33.40 50.74 88.77
CA LYS U 394 34.63 49.96 88.58
C LYS U 394 34.35 48.47 88.72
N GLN U 395 33.54 48.07 89.69
CA GLN U 395 33.20 46.66 89.87
C GLN U 395 32.41 46.13 88.68
N PHE U 396 31.49 46.93 88.14
CA PHE U 396 30.74 46.53 86.97
C PHE U 396 31.66 46.36 85.76
N LYS U 397 32.61 47.28 85.59
CA LYS U 397 33.57 47.15 84.49
C LYS U 397 34.42 45.90 84.65
N GLN U 398 34.87 45.61 85.87
CA GLN U 398 35.64 44.39 86.12
C GLN U 398 34.80 43.14 85.83
N ALA U 399 33.52 43.16 86.20
CA ALA U 399 32.64 42.04 85.90
C ALA U 399 32.50 41.86 84.40
N GLU U 400 32.34 42.95 83.65
CA GLU U 400 32.25 42.86 82.20
C GLU U 400 33.54 42.29 81.61
N ASP U 401 34.69 42.75 82.10
CA ASP U 401 35.96 42.27 81.58
C ASP U 401 36.20 40.80 81.89
N SER U 402 35.75 40.34 83.07
CA SER U 402 35.89 38.93 83.40
C SER U 402 35.07 38.06 82.47
N GLN U 403 33.78 38.37 82.31
CA GLN U 403 32.89 37.60 81.44
C GLN U 403 32.02 38.59 80.67
N ASN U 404 32.27 38.70 79.37
CA ASN U 404 31.55 39.66 78.53
C ASN U 404 30.09 39.27 78.32
N SER U 405 29.70 38.02 78.62
CA SER U 405 28.33 37.60 78.43
C SER U 405 27.40 38.13 79.51
N ASN U 406 27.94 38.74 80.56
CA ASN U 406 27.12 39.27 81.65
C ASN U 406 26.51 40.60 81.24
N THR U 407 25.32 40.55 80.63
CA THR U 407 24.64 41.78 80.24
C THR U 407 24.23 42.60 81.45
N LEU U 408 23.88 41.92 82.55
CA LEU U 408 23.46 42.63 83.76
C LEU U 408 24.56 43.53 84.29
N ALA U 409 25.82 43.07 84.21
CA ALA U 409 26.93 43.90 84.65
C ALA U 409 27.05 45.17 83.81
N LYS U 410 26.89 45.05 82.49
CA LYS U 410 26.96 46.23 81.63
C LYS U 410 25.79 47.18 81.91
N LEU U 411 24.61 46.63 82.16
CA LEU U 411 23.46 47.47 82.49
C LEU U 411 23.68 48.20 83.81
N GLY U 412 24.26 47.52 84.80
CA GLY U 412 24.61 48.20 86.04
C GLY U 412 25.68 49.25 85.84
N TYR U 413 26.61 48.99 84.92
CA TYR U 413 27.61 50.00 84.58
C TYR U 413 26.97 51.25 84.00
N ALA U 414 26.01 51.07 83.09
CA ALA U 414 25.29 52.20 82.53
C ALA U 414 24.48 52.93 83.61
N GLN U 415 23.86 52.17 84.51
CA GLN U 415 23.11 52.78 85.60
C GLN U 415 24.01 53.59 86.51
N CYS U 416 25.22 53.10 86.77
CA CYS U 416 26.19 53.85 87.56
C CYS U 416 26.66 55.10 86.83
N LEU U 417 26.82 55.01 85.52
CA LEU U 417 27.12 56.21 84.73
C LEU U 417 26.02 57.24 84.87
N ILE U 418 24.76 56.79 84.85
CA ILE U 418 23.64 57.69 85.08
C ILE U 418 23.72 58.27 86.48
N ALA U 419 24.13 57.47 87.46
CA ALA U 419 24.23 57.94 88.84
C ALA U 419 25.25 59.06 88.96
N ARG U 420 26.37 58.95 88.25
CA ARG U 420 27.41 59.97 88.26
C ARG U 420 27.09 61.12 87.32
N ASN U 421 25.84 61.25 86.90
CA ASN U 421 25.36 62.33 86.02
C ASN U 421 26.08 62.32 84.67
N GLU U 422 26.64 61.18 84.27
CA GLU U 422 27.34 61.05 83.00
C GLU U 422 26.32 60.70 81.90
N VAL U 423 25.52 61.70 81.54
CA VAL U 423 24.47 61.48 80.54
C VAL U 423 25.08 61.13 79.20
N GLY U 424 26.04 61.93 78.74
CA GLY U 424 26.67 61.65 77.46
C GLY U 424 27.48 60.36 77.46
N ASP U 425 28.21 60.12 78.54
CA ASP U 425 29.01 58.89 78.63
C ASP U 425 28.12 57.66 78.64
N ALA U 426 27.04 57.70 79.42
CA ALA U 426 26.09 56.59 79.43
C ALA U 426 25.45 56.41 78.06
N THR U 427 25.12 57.51 77.38
CA THR U 427 24.53 57.41 76.05
C THR U 427 25.50 56.75 75.06
N ILE U 428 26.78 57.14 75.11
CA ILE U 428 27.76 56.55 74.21
C ILE U 428 27.94 55.06 74.51
N TYR U 429 28.05 54.71 75.79
CA TYR U 429 28.18 53.29 76.15
C TYR U 429 26.97 52.49 75.69
N LEU U 430 25.78 53.03 75.88
CA LEU U 430 24.55 52.33 75.50
C LEU U 430 24.47 52.18 73.98
N GLU U 431 24.86 53.21 73.23
CA GLU U 431 24.86 53.10 71.78
C GLU U 431 25.86 52.05 71.32
N LYS U 432 27.05 52.02 71.93
CA LYS U 432 28.03 51.00 71.58
C LYS U 432 27.48 49.60 71.83
N PHE U 433 26.88 49.39 73.01
CA PHE U 433 26.34 48.08 73.35
C PHE U 433 25.20 47.69 72.42
N PHE U 434 24.30 48.62 72.11
CA PHE U 434 23.18 48.31 71.23
C PHE U 434 23.65 48.01 69.82
N LYS U 435 24.58 48.79 69.29
CA LYS U 435 25.06 48.55 67.94
C LYS U 435 25.85 47.25 67.85
N GLU U 436 26.55 46.87 68.92
CA GLU U 436 27.20 45.57 68.92
C GLU U 436 26.23 44.43 69.16
N ASN U 437 25.11 44.69 69.82
CA ASN U 437 24.14 43.66 70.23
C ASN U 437 22.73 44.05 69.82
N GLN U 438 22.57 44.42 68.54
CA GLN U 438 21.25 44.81 68.04
C GLN U 438 20.21 43.71 68.17
N ASP U 439 20.64 42.45 68.23
CA ASP U 439 19.72 41.33 68.36
C ASP U 439 19.41 40.97 69.81
N SER U 440 20.10 41.58 70.76
CA SER U 440 19.86 41.27 72.17
C SER U 440 18.52 41.81 72.62
N LYS U 441 17.78 41.00 73.38
CA LYS U 441 16.46 41.40 73.89
C LYS U 441 16.59 41.94 75.31
N SER U 442 17.27 43.08 75.41
CA SER U 442 17.39 43.81 76.67
C SER U 442 16.33 44.90 76.65
N SER U 443 15.13 44.57 77.14
CA SER U 443 14.01 45.49 77.07
C SER U 443 14.28 46.76 77.89
N GLU U 444 14.86 46.59 79.08
CA GLU U 444 15.15 47.75 79.93
C GLU U 444 16.21 48.65 79.30
N MET U 445 17.18 48.06 78.61
CA MET U 445 18.17 48.86 77.89
C MET U 445 17.50 49.73 76.84
N MET U 446 16.55 49.15 76.09
CA MET U 446 15.85 49.90 75.06
C MET U 446 14.96 50.98 75.67
N LEU U 447 14.32 50.68 76.80
CA LEU U 447 13.53 51.68 77.49
C LEU U 447 14.40 52.86 77.94
N LEU U 448 15.57 52.56 78.49
CA LEU U 448 16.50 53.62 78.91
C LEU U 448 17.00 54.42 77.72
N LEU U 449 17.27 53.75 76.60
CA LEU U 449 17.65 54.46 75.38
C LEU U 449 16.55 55.40 74.92
N GLY U 450 15.30 54.94 74.95
CA GLY U 450 14.19 55.80 74.56
C GLY U 450 14.04 57.00 75.48
N ILE U 451 14.19 56.78 76.79
CA ILE U 451 14.09 57.89 77.73
C ILE U 451 15.22 58.90 77.50
N ILE U 452 16.44 58.41 77.30
CA ILE U 452 17.58 59.30 77.07
C ILE U 452 17.37 60.11 75.80
N TYR U 453 16.90 59.46 74.72
CA TYR U 453 16.68 60.16 73.46
C TYR U 453 15.54 61.16 73.57
N SER U 454 14.49 60.83 74.33
CA SER U 454 13.41 61.79 74.57
C SER U 454 13.92 63.01 75.33
N GLN U 455 14.79 62.78 76.32
CA GLN U 455 15.42 63.92 77.00
C GLN U 455 16.28 64.73 76.03
N SER U 456 16.99 64.04 75.13
CA SER U 456 17.74 64.74 74.08
C SER U 456 16.81 65.49 73.13
N GLY U 457 15.69 64.87 72.76
CA GLY U 457 14.71 65.49 71.88
C GLY U 457 14.94 65.32 70.39
N LYS U 458 16.15 65.61 69.93
CA LYS U 458 16.46 65.49 68.50
C LYS U 458 16.42 64.06 68.00
N SER U 459 16.63 63.09 68.89
CA SER U 459 16.67 61.66 68.53
C SER U 459 15.35 60.97 68.80
N TYR U 460 14.25 61.68 68.54
CA TYR U 460 12.93 61.14 68.87
C TYR U 460 12.64 59.85 68.11
N TYR U 461 13.18 59.70 66.91
CA TYR U 461 12.89 58.53 66.11
C TYR U 461 13.48 57.26 66.72
N LYS U 462 14.73 57.33 67.20
CA LYS U 462 15.28 56.20 67.94
C LYS U 462 14.50 55.94 69.23
N ALA U 463 14.04 57.01 69.88
CA ALA U 463 13.23 56.84 71.08
C ALA U 463 11.95 56.08 70.77
N ILE U 464 11.28 56.42 69.68
CA ILE U 464 10.07 55.72 69.27
C ILE U 464 10.38 54.26 68.98
N ILE U 465 11.46 54.00 68.24
CA ILE U 465 11.80 52.63 67.89
C ILE U 465 12.07 51.80 69.14
N PHE U 466 12.86 52.35 70.07
CA PHE U 466 13.23 51.62 71.28
C PHE U 466 12.01 51.39 72.18
N LEU U 467 11.15 52.39 72.31
CA LEU U 467 9.96 52.22 73.15
C LEU U 467 9.00 51.20 72.54
N GLU U 468 8.83 51.21 71.21
CA GLU U 468 8.00 50.19 70.58
C GLU U 468 8.60 48.80 70.76
N LYS U 469 9.92 48.68 70.65
CA LYS U 469 10.56 47.39 70.88
C LYS U 469 10.37 46.92 72.31
N TYR U 470 10.49 47.84 73.28
CA TYR U 470 10.24 47.49 74.67
C TYR U 470 8.81 47.03 74.89
N VAL U 471 7.86 47.73 74.27
CA VAL U 471 6.44 47.36 74.39
C VAL U 471 6.22 45.96 73.81
N ALA U 472 6.79 45.70 72.64
CA ALA U 472 6.61 44.39 72.01
C ALA U 472 7.23 43.29 72.86
N VAL U 473 8.44 43.52 73.39
CA VAL U 473 9.11 42.51 74.20
C VAL U 473 8.30 42.22 75.46
N CYS U 474 7.78 43.28 76.11
CA CYS U 474 6.98 43.07 77.30
C CYS U 474 5.69 42.31 76.99
N GLN U 475 5.05 42.64 75.86
CA GLN U 475 3.84 41.92 75.48
C GLN U 475 4.14 40.45 75.21
N GLU U 476 5.26 40.16 74.55
CA GLU U 476 5.64 38.78 74.32
C GLU U 476 5.99 38.05 75.62
N GLU U 477 6.54 38.77 76.60
CA GLU U 477 6.91 38.17 77.87
C GLU U 477 5.79 38.19 78.90
N ASN U 478 4.64 38.81 78.58
CA ASN U 478 3.52 38.94 79.51
C ASN U 478 3.97 39.65 80.79
N TYR U 479 4.72 40.74 80.62
CA TYR U 479 5.18 41.56 81.73
C TYR U 479 4.48 42.92 81.69
N PRO U 480 4.26 43.54 82.86
CA PRO U 480 3.51 44.81 82.89
C PRO U 480 4.26 45.92 82.17
N ILE U 481 3.64 46.43 81.11
CA ILE U 481 4.25 47.52 80.35
C ILE U 481 4.23 48.78 81.20
N LEU U 482 5.38 49.43 81.31
CA LEU U 482 5.48 50.65 82.09
C LEU U 482 4.70 51.78 81.42
N PRO U 483 3.74 52.41 82.10
CA PRO U 483 3.02 53.54 81.48
C PRO U 483 3.92 54.74 81.19
N GLU U 484 5.09 54.83 81.83
CA GLU U 484 6.02 55.92 81.54
C GLU U 484 6.49 55.88 80.11
N ALA U 485 6.72 54.69 79.55
CA ALA U 485 7.04 54.58 78.14
C ALA U 485 5.91 55.13 77.27
N TYR U 486 4.66 54.84 77.67
CA TYR U 486 3.52 55.38 76.93
C TYR U 486 3.47 56.90 77.00
N LEU U 487 3.75 57.47 78.19
CA LEU U 487 3.78 58.92 78.31
C LEU U 487 4.88 59.54 77.45
N VAL U 488 6.05 58.92 77.43
CA VAL U 488 7.14 59.41 76.60
C VAL U 488 6.76 59.34 75.12
N LEU U 489 6.15 58.23 74.70
CA LEU U 489 5.72 58.10 73.32
C LEU U 489 4.69 59.15 72.95
N SER U 490 3.74 59.42 73.85
CA SER U 490 2.75 60.46 73.59
C SER U 490 3.39 61.83 73.50
N ARG U 491 4.36 62.10 74.38
CA ARG U 491 5.07 63.37 74.33
C ARG U 491 5.80 63.54 73.00
N VAL U 492 6.43 62.45 72.51
CA VAL U 492 7.12 62.53 71.23
C VAL U 492 6.13 62.73 70.09
N TYR U 493 5.03 61.98 70.11
CA TYR U 493 4.04 62.05 69.03
C TYR U 493 3.22 63.34 69.07
N GLU U 494 3.31 64.12 70.15
CA GLU U 494 2.64 65.42 70.18
C GLU U 494 2.99 66.26 68.96
N ASN U 495 4.26 66.22 68.55
CA ASN U 495 4.70 66.99 67.39
C ASN U 495 4.60 66.21 66.08
N LYS U 496 4.23 64.93 66.12
CA LYS U 496 4.08 64.12 64.92
C LYS U 496 2.65 63.69 64.67
N ASP U 497 2.03 63.01 65.63
CA ASP U 497 0.68 62.47 65.42
C ASP U 497 -0.09 62.60 66.73
N LEU U 498 -1.08 63.48 66.75
CA LEU U 498 -1.93 63.61 67.93
C LEU U 498 -2.75 62.35 68.17
N ASN U 499 -3.12 61.64 67.10
CA ASN U 499 -3.93 60.44 67.25
C ASN U 499 -3.17 59.35 67.98
N VAL U 500 -1.93 59.09 67.57
CA VAL U 500 -1.14 58.05 68.21
C VAL U 500 -0.80 58.43 69.64
N ALA U 501 -0.50 59.72 69.88
CA ALA U 501 -0.22 60.17 71.23
C ALA U 501 -1.44 59.99 72.13
N LEU U 502 -2.63 60.34 71.63
CA LEU U 502 -3.85 60.16 72.41
C LEU U 502 -4.12 58.69 72.69
N ASP U 503 -3.89 57.84 71.69
CA ASP U 503 -4.08 56.39 71.88
C ASP U 503 -3.13 55.85 72.94
N TYR U 504 -1.87 56.26 72.91
CA TYR U 504 -0.91 55.82 73.91
C TYR U 504 -1.27 56.35 75.30
N LEU U 505 -1.76 57.59 75.37
CA LEU U 505 -2.19 58.13 76.66
C LEU U 505 -3.38 57.34 77.20
N MET U 506 -4.32 56.97 76.33
CA MET U 506 -5.44 56.14 76.75
C MET U 506 -4.98 54.78 77.25
N LYS U 507 -4.00 54.17 76.56
CA LYS U 507 -3.46 52.89 77.03
C LYS U 507 -2.79 53.04 78.38
N ALA U 508 -2.02 54.12 78.59
CA ALA U 508 -1.39 54.35 79.88
C ALA U 508 -2.42 54.54 80.97
N ASN U 509 -3.49 55.28 80.68
CA ASN U 509 -4.56 55.47 81.66
C ASN U 509 -5.24 54.16 82.00
N ASP U 510 -5.47 53.31 81.00
CA ASP U 510 -6.07 52.00 81.25
C ASP U 510 -5.16 51.14 82.12
N ILE U 511 -3.86 51.19 81.88
CA ILE U 511 -2.92 50.45 82.74
C ILE U 511 -2.97 50.99 84.16
N LEU U 512 -2.98 52.32 84.31
CA LEU U 512 -3.00 52.91 85.65
C LEU U 512 -4.28 52.58 86.40
N GLY U 513 -5.43 52.61 85.73
CA GLY U 513 -6.69 52.41 86.39
C GLY U 513 -7.00 53.52 87.38
N ASP U 514 -6.97 53.20 88.67
CA ASP U 514 -7.17 54.21 89.70
C ASP U 514 -5.93 55.08 89.90
N LYS U 515 -4.80 54.69 89.33
CA LYS U 515 -3.56 55.44 89.45
C LYS U 515 -3.47 56.60 88.47
N ALA U 516 -4.58 56.99 87.84
CA ALA U 516 -4.58 58.12 86.93
C ALA U 516 -4.26 59.41 87.68
N ASN U 517 -3.42 60.25 87.08
CA ASN U 517 -2.99 61.49 87.68
C ASN U 517 -3.65 62.68 87.02
N VAL U 518 -3.43 63.87 87.60
CA VAL U 518 -4.05 65.08 87.09
C VAL U 518 -3.48 65.45 85.72
N TYR U 519 -2.19 65.24 85.50
CA TYR U 519 -1.58 65.60 84.22
C TYR U 519 -2.12 64.73 83.09
N VAL U 520 -2.31 63.42 83.35
CA VAL U 520 -2.82 62.53 82.32
C VAL U 520 -4.24 62.94 81.91
N LEU U 521 -5.09 63.23 82.90
CA LEU U 521 -6.45 63.65 82.59
C LEU U 521 -6.47 64.99 81.86
N ASN U 522 -5.62 65.93 82.27
CA ASN U 522 -5.56 67.22 81.60
C ASN U 522 -5.12 67.07 80.14
N ASN U 523 -4.12 66.22 79.91
CA ASN U 523 -3.64 66.03 78.53
C ASN U 523 -4.68 65.30 77.69
N LEU U 524 -5.41 64.34 78.28
CA LEU U 524 -6.49 63.70 77.55
C LEU U 524 -7.59 64.70 77.19
N GLY U 525 -7.94 65.58 78.13
CA GLY U 525 -8.93 66.61 77.83
C GLY U 525 -8.47 67.56 76.75
N ILE U 526 -7.19 67.95 76.78
CA ILE U 526 -6.66 68.83 75.75
C ILE U 526 -6.64 68.12 74.39
N TYR U 527 -6.31 66.82 74.39
CA TYR U 527 -6.35 66.06 73.14
C TYR U 527 -7.75 66.03 72.55
N HIS U 528 -8.76 65.77 73.39
CA HIS U 528 -10.12 65.74 72.90
C HIS U 528 -10.61 67.13 72.50
N PHE U 529 -10.13 68.18 73.17
CA PHE U 529 -10.45 69.55 72.76
C PHE U 529 -9.88 69.85 71.39
N PHE U 530 -8.63 69.44 71.14
CA PHE U 530 -8.06 69.60 69.81
C PHE U 530 -8.75 68.71 68.79
N ARG U 531 -9.27 67.56 69.23
CA ARG U 531 -10.09 66.70 68.39
C ARG U 531 -11.54 67.17 68.30
N ASN U 532 -11.88 68.29 68.93
CA ASN U 532 -13.24 68.83 68.98
C ASN U 532 -14.22 67.88 69.66
N ASN U 533 -13.71 66.96 70.48
CA ASN U 533 -14.56 66.08 71.28
C ASN U 533 -14.94 66.83 72.54
N VAL U 534 -15.94 67.71 72.39
CA VAL U 534 -16.33 68.60 73.48
C VAL U 534 -16.79 67.81 74.69
N SER U 535 -17.62 66.79 74.48
CA SER U 535 -18.12 65.99 75.59
C SER U 535 -16.99 65.27 76.31
N GLN U 536 -16.14 64.57 75.55
CA GLN U 536 -15.05 63.81 76.17
C GLN U 536 -14.04 64.73 76.82
N SER U 537 -13.73 65.86 76.18
CA SER U 537 -12.82 66.82 76.79
C SER U 537 -13.38 67.36 78.10
N SER U 538 -14.68 67.68 78.12
CA SER U 538 -15.31 68.16 79.35
C SER U 538 -15.29 67.11 80.44
N ASP U 539 -15.56 65.85 80.08
CA ASP U 539 -15.51 64.78 81.07
C ASP U 539 -14.11 64.60 81.64
N PHE U 540 -13.08 64.64 80.77
CA PHE U 540 -11.71 64.51 81.26
C PHE U 540 -11.32 65.69 82.14
N PHE U 541 -11.75 66.90 81.79
CA PHE U 541 -11.47 68.06 82.63
C PHE U 541 -12.17 67.95 83.98
N ALA U 542 -13.40 67.44 83.98
CA ALA U 542 -14.11 67.22 85.25
C ALA U 542 -13.40 66.18 86.11
N GLN U 543 -12.92 65.10 85.49
CA GLN U 543 -12.16 64.10 86.24
C GLN U 543 -10.87 64.69 86.78
N SER U 544 -10.21 65.56 86.00
CA SER U 544 -9.00 66.22 86.48
C SER U 544 -9.30 67.12 87.68
N LEU U 545 -10.40 67.88 87.62
CA LEU U 545 -10.77 68.72 88.75
C LEU U 545 -11.13 67.89 89.97
N GLU U 546 -11.78 66.74 89.76
CA GLU U 546 -12.09 65.84 90.87
C GLU U 546 -10.81 65.30 91.50
N ALA U 547 -9.84 64.92 90.67
CA ALA U 547 -8.56 64.41 91.18
C ALA U 547 -7.70 65.50 91.78
N LEU U 548 -8.00 66.77 91.50
CA LEU U 548 -7.24 67.87 92.07
C LEU U 548 -7.26 67.85 93.60
N ASN U 549 -8.30 67.26 94.19
CA ASN U 549 -8.37 67.17 95.65
C ASN U 549 -7.23 66.31 96.21
N ASN U 550 -6.66 65.43 95.40
CA ASN U 550 -5.59 64.56 95.83
C ASN U 550 -4.20 65.12 95.55
N VAL U 551 -4.12 66.34 95.02
CA VAL U 551 -2.82 66.92 94.66
C VAL U 551 -2.08 67.35 95.91
N SER U 552 -0.75 67.25 95.85
CA SER U 552 0.09 67.72 96.95
C SER U 552 -0.11 69.22 97.15
N PRO U 553 -0.09 69.71 98.40
CA PRO U 553 -0.39 71.13 98.64
C PRO U 553 0.58 72.08 97.97
N GLN U 554 1.83 71.69 97.77
CA GLN U 554 2.83 72.59 97.18
C GLN U 554 2.44 72.98 95.76
N ASN U 555 2.12 71.99 94.93
CA ASN U 555 1.72 72.24 93.55
C ASN U 555 0.21 72.43 93.40
N LYS U 556 -0.55 72.34 94.50
CA LYS U 556 -2.00 72.38 94.39
C LYS U 556 -2.49 73.72 93.84
N GLU U 557 -1.91 74.83 94.30
CA GLU U 557 -2.33 76.14 93.82
C GLU U 557 -2.07 76.29 92.33
N ALA U 558 -0.86 75.93 91.88
CA ALA U 558 -0.52 76.07 90.47
C ALA U 558 -1.40 75.19 89.60
N LEU U 559 -1.61 73.93 90.02
CA LEU U 559 -2.44 73.04 89.21
C LEU U 559 -3.91 73.47 89.22
N SER U 560 -4.39 74.01 90.34
CA SER U 560 -5.75 74.54 90.37
C SER U 560 -5.90 75.73 89.44
N ILE U 561 -4.90 76.62 89.41
CA ILE U 561 -4.95 77.75 88.49
C ILE U 561 -4.96 77.26 87.05
N THR U 562 -4.11 76.27 86.72
CA THR U 562 -4.07 75.74 85.37
C THR U 562 -5.40 75.10 84.98
N LEU U 563 -5.96 74.29 85.87
CA LEU U 563 -7.22 73.61 85.56
C LEU U 563 -8.37 74.60 85.43
N HIS U 564 -8.39 75.64 86.28
CA HIS U 564 -9.42 76.65 86.16
C HIS U 564 -9.28 77.44 84.86
N TYR U 565 -8.04 77.70 84.44
CA TYR U 565 -7.83 78.35 83.15
C TYR U 565 -8.32 77.48 82.01
N ASN U 566 -8.05 76.17 82.06
CA ASN U 566 -8.53 75.27 81.02
C ASN U 566 -10.06 75.21 81.01
N LYS U 567 -10.69 75.14 82.18
CA LYS U 567 -12.14 75.13 82.25
C LYS U 567 -12.72 76.43 81.72
N ALA U 568 -12.07 77.55 82.01
CA ALA U 568 -12.50 78.84 81.46
C ALA U 568 -12.37 78.88 79.94
N ARG U 569 -11.32 78.26 79.39
CA ARG U 569 -11.21 78.16 77.94
C ARG U 569 -12.35 77.33 77.36
N VAL U 570 -12.67 76.20 77.99
CA VAL U 570 -13.77 75.36 77.53
C VAL U 570 -15.09 76.13 77.59
N GLU U 571 -15.28 76.91 78.66
CA GLU U 571 -16.48 77.75 78.76
C GLU U 571 -16.51 78.80 77.65
N GLU U 572 -15.36 79.46 77.41
CA GLU U 572 -15.29 80.46 76.35
C GLU U 572 -15.67 79.85 75.01
N VAL U 573 -15.33 78.57 74.81
CA VAL U 573 -15.85 77.85 73.65
C VAL U 573 -17.36 77.69 73.76
N SER U 574 -17.85 77.32 74.95
CA SER U 574 -19.28 77.08 75.13
C SER U 574 -20.05 78.36 75.42
N ASN U 575 -19.74 79.01 76.54
CA ASN U 575 -20.47 80.20 76.98
C ASN U 575 -19.48 81.19 77.57
N GLN U 576 -19.44 82.41 76.99
CA GLN U 576 -18.43 83.39 77.39
C GLN U 576 -18.64 83.94 78.79
N SER U 577 -19.86 83.88 79.32
CA SER U 577 -20.12 84.47 80.63
C SER U 577 -19.38 83.74 81.74
N GLU U 578 -19.49 82.41 81.78
CA GLU U 578 -18.76 81.65 82.78
C GLU U 578 -17.26 81.75 82.57
N ALA U 579 -16.83 81.86 81.31
CA ALA U 579 -15.41 82.08 81.03
C ALA U 579 -14.92 83.38 81.65
N GLU U 580 -15.69 84.46 81.50
CA GLU U 580 -15.31 85.74 82.08
C GLU U 580 -15.35 85.68 83.61
N LYS U 581 -16.33 84.97 84.17
CA LYS U 581 -16.39 84.81 85.62
C LYS U 581 -15.15 84.11 86.15
N LEU U 582 -14.79 82.98 85.55
CA LEU U 582 -13.58 82.26 85.98
C LEU U 582 -12.32 83.08 85.70
N TYR U 583 -12.34 83.90 84.63
CA TYR U 583 -11.22 84.79 84.36
C TYR U 583 -11.03 85.79 85.50
N SER U 584 -12.13 86.38 85.96
CA SER U 584 -12.05 87.28 87.11
C SER U 584 -11.57 86.54 88.36
N LYS U 585 -12.09 85.32 88.56
CA LYS U 585 -11.69 84.53 89.72
C LYS U 585 -10.19 84.28 89.73
N LEU U 586 -9.63 83.88 88.58
CA LEU U 586 -8.20 83.59 88.51
C LEU U 586 -7.37 84.88 88.58
N MET U 587 -7.87 85.96 87.99
CA MET U 587 -7.15 87.23 88.04
C MET U 587 -7.05 87.73 89.48
N GLU U 588 -8.13 87.59 90.26
CA GLU U 588 -8.03 87.87 91.69
C GLU U 588 -7.09 86.87 92.37
N LYS U 589 -7.15 85.61 91.96
CA LYS U 589 -6.25 84.60 92.53
C LYS U 589 -4.80 84.86 92.16
N CYS U 590 -4.54 85.22 90.90
CA CYS U 590 -3.17 85.43 90.43
C CYS U 590 -3.18 86.54 89.39
N PRO U 591 -3.02 87.80 89.82
CA PRO U 591 -3.00 88.91 88.86
C PRO U 591 -1.82 88.86 87.90
N GLY U 592 -0.74 88.16 88.24
CA GLY U 592 0.46 88.17 87.40
C GLY U 592 0.32 87.40 86.11
N TYR U 593 -0.65 86.50 86.02
CA TYR U 593 -0.82 85.70 84.81
C TYR U 593 -1.27 86.58 83.65
N THR U 594 -0.72 86.31 82.47
CA THR U 594 -0.94 87.15 81.29
C THR U 594 -2.04 86.61 80.38
N SER U 595 -2.06 85.30 80.14
CA SER U 595 -3.04 84.72 79.22
C SER U 595 -4.46 84.95 79.71
N ASN U 596 -4.68 84.82 81.03
CA ASN U 596 -5.99 85.10 81.59
C ASN U 596 -6.41 86.54 81.31
N LYS U 597 -5.53 87.50 81.60
CA LYS U 597 -5.84 88.90 81.35
C LYS U 597 -6.03 89.17 79.87
N ILE U 598 -5.21 88.56 79.02
CA ILE U 598 -5.33 88.76 77.57
C ILE U 598 -6.69 88.29 77.10
N ARG U 599 -7.10 87.08 77.50
CA ARG U 599 -8.39 86.56 77.07
C ARG U 599 -9.54 87.37 77.63
N TYR U 600 -9.44 87.80 78.89
CA TYR U 600 -10.52 88.58 79.49
C TYR U 600 -10.68 89.93 78.78
N ILE U 601 -9.57 90.61 78.53
CA ILE U 601 -9.64 91.90 77.84
C ILE U 601 -10.10 91.71 76.40
N TYR U 602 -9.72 90.59 75.76
CA TYR U 602 -10.17 90.32 74.41
C TYR U 602 -11.68 90.10 74.37
N LEU U 603 -12.22 89.34 75.33
CA LEU U 603 -13.66 89.16 75.40
C LEU U 603 -14.37 90.48 75.68
N LEU U 604 -13.80 91.31 76.55
CA LEU U 604 -14.39 92.61 76.81
C LEU U 604 -14.40 93.48 75.56
N ALA U 605 -13.30 93.46 74.79
CA ALA U 605 -13.23 94.23 73.56
C ALA U 605 -14.25 93.72 72.54
N LEU U 606 -14.44 92.39 72.48
CA LEU U 606 -15.50 91.86 71.62
C LEU U 606 -16.87 92.37 72.07
N LYS U 607 -17.11 92.39 73.37
CA LYS U 607 -18.40 92.85 73.89
C LYS U 607 -18.54 94.36 73.77
N SER U 608 -17.44 95.09 73.98
CA SER U 608 -17.46 96.55 73.96
C SER U 608 -17.08 97.15 72.62
N ASN U 609 -16.87 96.33 71.60
CA ASN U 609 -16.49 96.80 70.26
C ASN U 609 -15.23 97.66 70.30
N GLY U 610 -14.24 97.22 71.08
CA GLY U 610 -12.99 97.94 71.18
C GLY U 610 -13.10 99.30 71.82
N ASN U 611 -13.89 99.40 72.89
CA ASN U 611 -14.02 100.63 73.66
C ASN U 611 -13.19 100.62 74.92
N ASN U 612 -12.30 99.64 75.10
CA ASN U 612 -11.43 99.53 76.26
C ASN U 612 -9.97 99.64 75.85
N TYR U 613 -9.66 100.61 74.99
CA TYR U 613 -8.29 100.82 74.55
C TYR U 613 -7.37 101.14 75.73
N ALA U 614 -7.90 101.80 76.77
CA ALA U 614 -7.11 102.07 77.96
C ALA U 614 -6.65 100.77 78.63
N ASP U 615 -7.55 99.78 78.70
CA ASP U 615 -7.18 98.50 79.28
C ASP U 615 -6.09 97.82 78.48
N VAL U 616 -6.17 97.87 77.15
CA VAL U 616 -5.16 97.26 76.30
C VAL U 616 -3.82 97.96 76.48
N GLN U 617 -3.83 99.30 76.54
CA GLN U 617 -2.58 100.03 76.75
C GLN U 617 -1.99 99.70 78.12
N GLN U 618 -2.82 99.61 79.15
CA GLN U 618 -2.33 99.26 80.47
C GLN U 618 -1.73 97.86 80.49
N LEU U 619 -2.39 96.90 79.82
CA LEU U 619 -1.84 95.55 79.74
C LEU U 619 -0.52 95.53 79.00
N LEU U 620 -0.41 96.32 77.92
CA LEU U 620 0.87 96.42 77.22
C LEU U 620 1.96 96.98 78.12
N ASP U 621 1.61 97.98 78.93
CA ASP U 621 2.57 98.53 79.88
C ASP U 621 2.98 97.50 80.92
N ASP U 622 2.05 96.65 81.34
CA ASP U 622 2.36 95.65 82.37
C ASP U 622 3.42 94.67 81.89
N PHE U 623 3.32 94.20 80.66
CA PHE U 623 4.23 93.20 80.11
C PHE U 623 4.73 93.66 78.75
N PRO U 624 5.61 94.66 78.71
CA PRO U 624 6.17 95.10 77.42
C PRO U 624 7.03 94.05 76.75
N SER U 625 7.57 93.09 77.50
CA SER U 625 8.40 92.03 76.92
C SER U 625 7.62 90.79 76.53
N ASP U 626 6.34 90.71 76.88
CA ASP U 626 5.53 89.54 76.53
C ASP U 626 5.16 89.62 75.05
N LEU U 627 5.52 88.57 74.30
CA LEU U 627 5.17 88.53 72.89
C LEU U 627 3.66 88.41 72.69
N GLU U 628 2.98 87.65 73.54
CA GLU U 628 1.54 87.50 73.42
C GLU U 628 0.83 88.82 73.70
N VAL U 629 1.25 89.55 74.73
CA VAL U 629 0.62 90.83 75.04
C VAL U 629 0.83 91.82 73.90
N ARG U 630 2.05 91.88 73.37
CA ARG U 630 2.34 92.80 72.27
C ARG U 630 1.55 92.43 71.03
N SER U 631 1.44 91.13 70.73
CA SER U 631 0.69 90.70 69.56
C SER U 631 -0.80 91.03 69.70
N PHE U 632 -1.36 90.81 70.88
CA PHE U 632 -2.75 91.17 71.12
C PHE U 632 -2.98 92.67 71.01
N TYR U 633 -2.05 93.46 71.55
CA TYR U 633 -2.16 94.91 71.45
C TYR U 633 -2.08 95.37 70.00
N GLY U 634 -1.18 94.76 69.22
CA GLY U 634 -1.09 95.10 67.81
C GLY U 634 -2.32 94.69 67.03
N TRP U 635 -2.92 93.54 67.37
CA TRP U 635 -4.16 93.13 66.74
C TRP U 635 -5.28 94.11 67.05
N PHE U 636 -5.37 94.55 68.30
CA PHE U 636 -6.37 95.54 68.68
C PHE U 636 -6.14 96.87 67.95
N LEU U 637 -4.88 97.26 67.79
CA LEU U 637 -4.56 98.46 67.02
C LEU U 637 -5.00 98.31 65.57
N LYS U 638 -4.64 97.20 64.93
CA LYS U 638 -5.05 96.97 63.56
C LYS U 638 -6.56 96.97 63.42
N ARG U 639 -7.27 96.52 64.45
CA ARG U 639 -8.73 96.48 64.40
C ARG U 639 -9.35 97.87 64.55
N TYR U 640 -8.85 98.69 65.50
CA TYR U 640 -9.57 99.93 65.82
C TYR U 640 -8.68 101.16 65.86
N GLY U 641 -7.65 101.22 65.01
CA GLY U 641 -6.82 102.41 64.97
C GLY U 641 -7.57 103.63 64.44
N ARG U 642 -8.35 103.44 63.38
CA ARG U 642 -9.13 104.55 62.84
C ARG U 642 -10.26 104.93 63.78
N LYS U 643 -10.84 103.95 64.48
CA LYS U 643 -11.84 104.27 65.49
C LYS U 643 -11.25 105.09 66.63
N ASN U 644 -10.05 104.73 67.09
CA ASN U 644 -9.39 105.44 68.16
C ASN U 644 -8.59 106.64 67.68
N GLY U 645 -8.46 106.83 66.37
CA GLY U 645 -7.75 107.98 65.85
C GLY U 645 -6.26 107.99 66.12
N LEU U 646 -5.67 106.82 66.37
CA LEU U 646 -4.25 106.76 66.68
C LEU U 646 -3.42 106.93 65.40
N LYS U 647 -2.11 107.09 65.59
CA LYS U 647 -1.20 107.27 64.47
C LYS U 647 -1.16 106.01 63.62
N GLN U 648 -1.13 106.21 62.30
CA GLN U 648 -1.04 105.08 61.38
C GLN U 648 0.26 104.30 61.57
N ASP U 649 1.36 105.01 61.78
CA ASP U 649 2.67 104.36 61.93
C ASP U 649 2.97 103.96 63.38
N LEU U 650 2.06 104.25 64.33
CA LEU U 650 2.32 103.94 65.73
C LEU U 650 2.49 102.43 65.93
N GLU U 651 1.59 101.64 65.33
CA GLU U 651 1.73 100.19 65.39
C GLU U 651 2.99 99.74 64.65
N SER U 652 3.35 100.45 63.58
CA SER U 652 4.59 100.12 62.87
C SER U 652 5.81 100.32 63.76
N GLN U 653 5.84 101.43 64.50
CA GLN U 653 6.95 101.66 65.43
C GLN U 653 6.95 100.63 66.56
N HIS U 654 5.76 100.27 67.06
CA HIS U 654 5.68 99.26 68.11
C HIS U 654 6.23 97.92 67.64
N HIS U 655 5.85 97.51 66.44
CA HIS U 655 6.35 96.23 65.91
C HIS U 655 7.84 96.31 65.58
N LYS U 656 8.31 97.47 65.11
CA LYS U 656 9.75 97.64 64.87
C LYS U 656 10.54 97.52 66.16
N ASP U 657 10.05 98.13 67.24
CA ASP U 657 10.72 97.99 68.53
C ASP U 657 10.68 96.55 69.01
N THR U 658 9.54 95.87 68.81
CA THR U 658 9.45 94.47 69.20
C THR U 658 10.47 93.62 68.45
N LEU U 659 10.64 93.88 67.15
CA LEU U 659 11.57 93.07 66.36
C LEU U 659 13.02 93.39 66.72
N ILE U 660 13.35 94.67 66.85
CA ILE U 660 14.74 95.05 67.07
C ILE U 660 15.20 94.67 68.49
N ASN U 661 14.36 94.96 69.49
CA ASN U 661 14.80 94.86 70.87
C ASN U 661 14.36 93.58 71.57
N TYR U 662 13.37 92.86 71.05
CA TYR U 662 12.87 91.66 71.72
C TYR U 662 13.07 90.40 70.91
N ASP U 663 12.61 90.36 69.66
CA ASP U 663 12.76 89.16 68.83
C ASP U 663 12.59 89.56 67.37
N LYS U 664 13.65 89.43 66.58
CA LYS U 664 13.59 89.73 65.16
C LYS U 664 13.09 88.56 64.32
N HIS U 665 12.78 87.42 64.96
CA HIS U 665 12.29 86.25 64.26
C HIS U 665 10.82 85.97 64.55
N ASP U 666 10.10 86.96 65.08
CA ASP U 666 8.68 86.81 65.36
C ASP U 666 7.89 87.08 64.08
N CYS U 667 7.20 86.05 63.59
CA CYS U 667 6.46 86.18 62.34
C CYS U 667 5.24 87.07 62.47
N TYR U 668 4.68 87.20 63.67
CA TYR U 668 3.47 88.02 63.85
C TYR U 668 3.75 89.49 63.54
N ALA U 669 4.79 90.05 64.17
CA ALA U 669 5.14 91.44 63.93
C ALA U 669 5.62 91.66 62.50
N LEU U 670 6.35 90.69 61.94
CA LEU U 670 6.80 90.82 60.56
C LEU U 670 5.61 90.86 59.60
N LEU U 671 4.61 90.00 59.82
CA LEU U 671 3.42 90.03 58.98
C LEU U 671 2.63 91.32 59.15
N SER U 672 2.54 91.82 60.39
CA SER U 672 1.85 93.08 60.61
C SER U 672 2.55 94.22 59.88
N LEU U 673 3.89 94.26 59.97
CA LEU U 673 4.65 95.30 59.27
C LEU U 673 4.50 95.17 57.75
N GLY U 674 4.51 93.94 57.24
CA GLY U 674 4.31 93.74 55.82
C GLY U 674 2.94 94.22 55.36
N ASN U 675 1.90 93.92 56.13
CA ASN U 675 0.57 94.39 55.80
C ASN U 675 0.49 95.91 55.82
N ILE U 676 1.12 96.54 56.83
CA ILE U 676 1.13 98.00 56.91
C ILE U 676 1.83 98.60 55.70
N TYR U 677 2.99 98.04 55.33
CA TYR U 677 3.74 98.57 54.20
C TYR U 677 2.97 98.37 52.89
N ALA U 678 2.32 97.21 52.74
CA ALA U 678 1.50 96.98 51.55
C ALA U 678 0.34 97.95 51.48
N THR U 679 -0.30 98.23 52.61
CA THR U 679 -1.38 99.22 52.62
C THR U 679 -0.87 100.61 52.25
N ILE U 680 0.29 100.98 52.78
CA ILE U 680 0.88 102.28 52.46
C ILE U 680 1.18 102.38 50.96
N ALA U 681 1.76 101.32 50.40
CA ALA U 681 2.07 101.32 48.98
C ALA U 681 0.81 101.37 48.12
N ARG U 682 -0.23 100.63 48.52
CA ARG U 682 -1.47 100.62 47.76
C ARG U 682 -2.15 101.98 47.79
N GLU U 683 -2.18 102.63 48.96
CA GLU U 683 -2.80 103.95 49.06
C GLU U 683 -1.96 105.04 48.42
N MET U 684 -0.68 104.77 48.12
CA MET U 684 0.18 105.78 47.52
C MET U 684 -0.25 106.07 46.09
N LYS U 685 -0.36 107.36 45.77
CA LYS U 685 -0.75 107.77 44.43
C LYS U 685 0.40 107.55 43.45
N VAL U 686 0.05 107.11 42.24
CA VAL U 686 1.03 106.86 41.19
C VAL U 686 0.94 107.99 40.17
N THR U 687 2.06 108.67 39.95
CA THR U 687 2.09 109.81 39.03
C THR U 687 3.16 109.64 37.95
N ASP U 688 4.27 108.98 38.31
CA ASP U 688 5.39 108.82 37.38
C ASP U 688 6.14 107.55 37.75
N GLN U 689 7.31 107.38 37.14
CA GLN U 689 8.12 106.19 37.42
C GLN U 689 8.67 106.19 38.84
N LYS U 690 8.99 107.37 39.37
CA LYS U 690 9.57 107.45 40.71
C LYS U 690 8.59 106.97 41.77
N GLN U 691 7.33 107.41 41.67
CA GLN U 691 6.33 107.00 42.66
C GLN U 691 6.02 105.52 42.56
N ASN U 692 5.95 104.99 41.33
CA ASN U 692 5.75 103.55 41.17
C ASN U 692 6.94 102.77 41.71
N GLU U 693 8.16 103.29 41.56
CA GLU U 693 9.33 102.64 42.14
C GLU U 693 9.31 102.67 43.66
N ILE U 694 8.83 103.77 44.25
CA ILE U 694 8.71 103.83 45.71
C ILE U 694 7.66 102.83 46.19
N LYS U 695 6.53 102.74 45.47
CA LYS U 695 5.52 101.74 45.79
C LYS U 695 6.09 100.33 45.70
N ARG U 696 6.87 100.07 44.64
CA ARG U 696 7.51 98.77 44.49
C ARG U 696 8.52 98.50 45.60
N GLN U 697 9.20 99.55 46.07
CA GLN U 697 10.13 99.38 47.19
C GLN U 697 9.41 99.04 48.48
N GLN U 698 8.27 99.68 48.74
CA GLN U 698 7.47 99.33 49.91
C GLN U 698 6.96 97.90 49.80
N TYR U 699 6.49 97.50 48.60
CA TYR U 699 6.09 96.12 48.40
C TYR U 699 7.26 95.17 48.58
N LEU U 700 8.46 95.61 48.19
CA LEU U 700 9.65 94.79 48.39
C LEU U 700 9.99 94.63 49.86
N ARG U 701 9.78 95.69 50.65
CA ARG U 701 9.97 95.58 52.10
C ARG U 701 8.99 94.58 52.70
N ALA U 702 7.72 94.67 52.28
CA ALA U 702 6.73 93.70 52.76
C ALA U 702 7.08 92.29 52.33
N ALA U 703 7.56 92.12 51.09
CA ALA U 703 7.97 90.82 50.60
C ALA U 703 9.18 90.28 51.35
N GLN U 704 10.10 91.17 51.76
CA GLN U 704 11.23 90.73 52.57
C GLN U 704 10.76 90.30 53.96
N PHE U 705 9.78 91.00 54.53
CA PHE U 705 9.18 90.54 55.78
C PHE U 705 8.62 89.14 55.61
N TYR U 706 7.85 88.92 54.54
CA TYR U 706 7.24 87.61 54.31
C TYR U 706 8.30 86.55 54.04
N HIS U 707 9.38 86.92 53.34
CA HIS U 707 10.44 85.96 53.05
C HIS U 707 11.20 85.57 54.31
N LYS U 708 11.41 86.53 55.21
CA LYS U 708 12.00 86.19 56.50
C LYS U 708 11.07 85.29 57.31
N VAL U 709 9.75 85.54 57.24
CA VAL U 709 8.80 84.66 57.91
C VAL U 709 8.89 83.24 57.35
N LEU U 710 8.97 83.12 56.02
CA LEU U 710 9.07 81.81 55.39
C LEU U 710 10.38 81.13 55.74
N SER U 711 11.47 81.90 55.85
CA SER U 711 12.73 81.34 56.30
C SER U 711 12.60 80.81 57.73
N ILE U 712 11.89 81.54 58.58
CA ILE U 712 11.58 81.04 59.91
C ILE U 712 10.69 79.80 59.82
N ASP U 713 9.66 79.86 58.97
CA ASP U 713 8.74 78.74 58.81
C ASP U 713 8.15 78.75 57.41
N PRO U 714 8.53 77.78 56.56
CA PRO U 714 7.98 77.73 55.19
C PRO U 714 6.53 77.30 55.13
N LYS U 715 5.91 76.94 56.25
CA LYS U 715 4.52 76.50 56.29
C LYS U 715 3.57 77.62 56.70
N ASN U 716 3.90 78.87 56.36
CA ASN U 716 3.10 80.03 56.74
C ASN U 716 2.13 80.36 55.61
N ILE U 717 0.84 80.18 55.86
CA ILE U 717 -0.17 80.48 54.86
C ILE U 717 -0.29 81.98 54.65
N TYR U 718 -0.19 82.76 55.72
CA TYR U 718 -0.41 84.20 55.61
C TYR U 718 0.71 84.89 54.83
N ALA U 719 1.94 84.40 54.94
CA ALA U 719 3.02 84.96 54.13
C ALA U 719 2.76 84.73 52.65
N ALA U 720 2.33 83.53 52.29
CA ALA U 720 1.98 83.25 50.90
C ALA U 720 0.80 84.08 50.44
N GLN U 721 -0.18 84.30 51.34
CA GLN U 721 -1.33 85.12 50.99
C GLN U 721 -0.93 86.56 50.71
N GLY U 722 -0.03 87.11 51.54
CA GLY U 722 0.51 88.43 51.27
C GLY U 722 1.30 88.49 49.98
N ILE U 723 2.06 87.43 49.70
CA ILE U 723 2.80 87.36 48.43
C ILE U 723 1.83 87.38 47.26
N ALA U 724 0.73 86.63 47.37
CA ALA U 724 -0.27 86.59 46.30
C ALA U 724 -0.95 87.94 46.14
N ILE U 725 -1.22 88.64 47.25
CA ILE U 725 -1.80 89.97 47.16
C ILE U 725 -0.86 90.94 46.46
N ILE U 726 0.43 90.87 46.79
CA ILE U 726 1.42 91.71 46.12
C ILE U 726 1.46 91.40 44.63
N PHE U 727 1.43 90.11 44.28
CA PHE U 727 1.40 89.73 42.87
C PHE U 727 0.16 90.25 42.17
N SER U 728 -0.98 90.24 42.88
CA SER U 728 -2.20 90.82 42.33
C SER U 728 -2.02 92.31 42.07
N ASP U 729 -1.37 93.01 42.98
CA ASP U 729 -1.03 94.41 42.74
C ASP U 729 -0.04 94.54 41.58
N LYS U 730 0.83 93.54 41.42
CA LYS U 730 1.81 93.51 40.33
C LYS U 730 1.30 92.76 39.10
N GLU U 731 0.03 92.34 39.10
CA GLU U 731 -0.62 91.65 37.99
C GLU U 731 0.03 90.31 37.65
N ARG U 732 0.67 89.65 38.62
CA ARG U 732 1.14 88.28 38.44
C ARG U 732 0.01 87.34 38.85
N THR U 733 -0.95 87.17 37.94
CA THR U 733 -2.19 86.48 38.29
C THR U 733 -2.00 84.99 38.48
N GLY U 734 -1.12 84.36 37.68
CA GLY U 734 -0.95 82.93 37.79
C GLY U 734 -0.37 82.49 39.12
N LEU U 735 0.67 83.19 39.59
CA LEU U 735 1.27 82.84 40.87
C LEU U 735 0.27 83.05 42.01
N ALA U 736 -0.48 84.14 41.96
CA ALA U 736 -1.50 84.38 42.98
C ALA U 736 -2.57 83.30 42.97
N LEU U 737 -2.98 82.87 41.77
CA LEU U 737 -3.98 81.81 41.66
C LEU U 737 -3.46 80.51 42.24
N GLU U 738 -2.22 80.15 41.92
CA GLU U 738 -1.64 78.93 42.49
C GLU U 738 -1.54 79.00 44.00
N ILE U 739 -1.10 80.15 44.52
CA ILE U 739 -0.97 80.32 45.97
C ILE U 739 -2.33 80.23 46.64
N PHE U 740 -3.35 80.86 46.06
CA PHE U 740 -4.68 80.84 46.65
C PHE U 740 -5.28 79.43 46.62
N LYS U 741 -5.04 78.69 45.53
CA LYS U 741 -5.51 77.31 45.48
C LYS U 741 -4.84 76.46 46.56
N LYS U 742 -3.53 76.62 46.73
CA LYS U 742 -2.83 75.89 47.79
C LYS U 742 -3.35 76.28 49.16
N VAL U 743 -3.62 77.56 49.37
CA VAL U 743 -4.14 78.04 50.66
C VAL U 743 -5.51 77.43 50.93
N ARG U 744 -6.38 77.43 49.92
CA ARG U 744 -7.70 76.82 50.08
C ARG U 744 -7.58 75.34 50.40
N ASP U 745 -6.67 74.65 49.73
CA ASP U 745 -6.41 73.25 50.07
C ASP U 745 -5.94 73.12 51.51
N THR U 746 -5.20 74.11 52.00
CA THR U 746 -4.70 74.08 53.37
C THR U 746 -5.79 74.46 54.38
N VAL U 747 -6.32 75.68 54.26
CA VAL U 747 -7.30 76.20 55.21
C VAL U 747 -8.48 76.75 54.43
N GLN U 748 -9.66 76.74 55.06
CA GLN U 748 -10.90 77.21 54.44
C GLN U 748 -11.53 78.26 55.34
N ASP U 749 -11.37 79.53 54.97
CA ASP U 749 -12.07 80.63 55.61
C ASP U 749 -12.74 81.48 54.54
N LEU U 750 -13.50 82.48 55.00
CA LEU U 750 -14.20 83.38 54.07
C LEU U 750 -13.22 84.14 53.20
N GLY U 751 -12.12 84.61 53.79
CA GLY U 751 -11.16 85.41 53.04
C GLY U 751 -10.53 84.63 51.89
N THR U 752 -10.23 83.35 52.10
CA THR U 752 -9.64 82.54 51.03
C THR U 752 -10.59 82.43 49.85
N PHE U 753 -11.87 82.15 50.13
CA PHE U 753 -12.85 82.05 49.04
C PHE U 753 -13.03 83.37 48.33
N ILE U 754 -13.07 84.48 49.07
CA ILE U 754 -13.22 85.78 48.45
C ILE U 754 -12.02 86.09 47.55
N ASN U 755 -10.81 85.79 48.03
CA ASN U 755 -9.62 86.02 47.22
C ASN U 755 -9.59 85.13 45.99
N LEU U 756 -10.06 83.88 46.13
CA LEU U 756 -10.15 83.01 44.98
C LEU U 756 -11.12 83.56 43.95
N GLY U 757 -12.27 84.05 44.39
CA GLY U 757 -13.21 84.67 43.46
C GLY U 757 -12.62 85.89 42.78
N HIS U 758 -11.91 86.73 43.55
CA HIS U 758 -11.25 87.89 42.96
C HIS U 758 -10.24 87.48 41.90
N CYS U 759 -9.43 86.46 42.20
CA CYS U 759 -8.43 86.00 41.25
C CYS U 759 -9.08 85.44 39.99
N PHE U 760 -10.17 84.67 40.16
CA PHE U 760 -10.88 84.14 39.00
C PHE U 760 -11.45 85.27 38.15
N MET U 761 -11.95 86.32 38.80
CA MET U 761 -12.40 87.50 38.05
C MET U 761 -11.24 88.13 37.29
N GLU U 762 -10.07 88.22 37.94
CA GLU U 762 -8.87 88.69 37.25
C GLU U 762 -8.38 87.69 36.21
N ALA U 763 -8.66 86.40 36.41
CA ALA U 763 -8.27 85.36 35.46
C ALA U 763 -9.34 85.11 34.41
N LYS U 764 -10.42 85.89 34.41
CA LYS U 764 -11.52 85.80 33.44
C LYS U 764 -12.28 84.48 33.52
N GLN U 765 -12.05 83.69 34.56
CA GLN U 765 -12.85 82.49 34.82
C GLN U 765 -14.04 82.86 35.70
N PHE U 766 -15.05 83.42 35.03
CA PHE U 766 -16.17 84.01 35.77
C PHE U 766 -17.06 82.95 36.41
N GLY U 767 -17.19 81.79 35.77
CA GLY U 767 -17.99 80.73 36.37
C GLY U 767 -17.38 80.21 37.67
N LYS U 768 -16.07 79.99 37.68
CA LYS U 768 -15.40 79.57 38.91
C LYS U 768 -15.45 80.67 39.97
N ALA U 769 -15.40 81.93 39.54
CA ALA U 769 -15.57 83.03 40.49
C ALA U 769 -16.96 82.99 41.10
N ILE U 770 -17.98 82.72 40.29
CA ILE U 770 -19.35 82.63 40.81
C ILE U 770 -19.44 81.49 41.82
N GLU U 771 -18.85 80.34 41.50
CA GLU U 771 -18.87 79.21 42.43
C GLU U 771 -18.16 79.56 43.74
N SER U 772 -16.99 80.19 43.66
CA SER U 772 -16.24 80.53 44.85
C SER U 772 -17.01 81.53 45.72
N TYR U 773 -17.62 82.54 45.09
CA TYR U 773 -18.40 83.52 45.84
C TYR U 773 -19.62 82.87 46.47
N THR U 774 -20.28 81.96 45.76
CA THR U 774 -21.43 81.26 46.32
C THR U 774 -21.04 80.42 47.53
N ILE U 775 -19.91 79.71 47.43
CA ILE U 775 -19.45 78.91 48.56
C ILE U 775 -19.09 79.81 49.74
N ALA U 776 -18.44 80.94 49.47
CA ALA U 776 -18.11 81.88 50.54
C ALA U 776 -19.38 82.40 51.20
N LEU U 777 -20.39 82.73 50.41
CA LEU U 777 -21.64 83.23 50.97
C LEU U 777 -22.32 82.18 51.83
N GLU U 778 -22.37 80.92 51.36
CA GLU U 778 -23.11 79.89 52.08
C GLU U 778 -22.37 79.44 53.34
N LYS U 779 -21.06 79.25 53.25
CA LYS U 779 -20.33 78.61 54.35
C LYS U 779 -20.20 79.54 55.56
N PHE U 780 -19.84 80.81 55.32
CA PHE U 780 -19.48 81.71 56.41
C PHE U 780 -20.47 82.86 56.56
N SER U 781 -20.67 83.66 55.51
CA SER U 781 -21.55 84.82 55.62
C SER U 781 -23.02 84.42 55.75
N ASN U 782 -23.37 83.20 55.33
CA ASN U 782 -24.73 82.67 55.45
C ASN U 782 -25.75 83.56 54.75
N GLY U 783 -25.35 84.18 53.63
CA GLY U 783 -26.26 84.97 52.84
C GLY U 783 -26.65 86.30 53.42
N MET U 784 -25.84 86.86 54.31
CA MET U 784 -26.17 88.13 54.97
C MET U 784 -25.35 89.31 54.49
N ASP U 785 -24.09 89.09 54.11
CA ASP U 785 -23.24 90.21 53.71
C ASP U 785 -23.65 90.73 52.34
N SER U 786 -23.71 92.05 52.21
CA SER U 786 -24.07 92.66 50.93
C SER U 786 -22.90 92.62 49.94
N LYS U 787 -21.66 92.64 50.44
CA LYS U 787 -20.50 92.71 49.56
C LYS U 787 -20.37 91.44 48.72
N LEU U 788 -20.63 90.27 49.32
CA LEU U 788 -20.58 89.04 48.55
C LEU U 788 -21.65 89.00 47.49
N LEU U 789 -22.85 89.50 47.80
CA LEU U 789 -23.91 89.60 46.80
C LEU U 789 -23.50 90.54 45.68
N VAL U 790 -22.84 91.64 46.01
CA VAL U 790 -22.34 92.57 44.99
C VAL U 790 -21.35 91.86 44.09
N LEU U 791 -20.43 91.10 44.68
CA LEU U 791 -19.45 90.36 43.90
C LEU U 791 -20.12 89.33 42.99
N ILE U 792 -21.12 88.63 43.50
CA ILE U 792 -21.85 87.66 42.69
C ILE U 792 -22.54 88.34 41.51
N GLY U 793 -23.17 89.49 41.77
CA GLY U 793 -23.81 90.22 40.70
C GLY U 793 -22.81 90.70 39.65
N ARG U 794 -21.66 91.18 40.09
CA ARG U 794 -20.63 91.61 39.15
C ARG U 794 -20.13 90.45 38.30
N ALA U 795 -19.91 89.29 38.93
CA ALA U 795 -19.46 88.13 38.18
C ALA U 795 -20.52 87.68 37.18
N TRP U 796 -21.79 87.68 37.57
CA TRP U 796 -22.84 87.31 36.66
C TRP U 796 -22.93 88.29 35.48
N TYR U 797 -22.77 89.58 35.77
CA TYR U 797 -22.78 90.58 34.70
C TYR U 797 -21.60 90.38 33.75
N HIS U 798 -20.43 90.06 34.29
CA HIS U 798 -19.28 89.77 33.44
C HIS U 798 -19.53 88.56 32.55
N ARG U 799 -20.10 87.50 33.13
CA ARG U 799 -20.43 86.32 32.34
C ARG U 799 -21.42 86.64 31.23
N GLY U 800 -22.47 87.40 31.56
CA GLY U 800 -23.46 87.74 30.55
C GLY U 800 -22.90 88.63 29.46
N PHE U 801 -22.02 89.56 29.82
CA PHE U 801 -21.44 90.47 28.82
C PHE U 801 -20.48 89.72 27.90
N TYR U 802 -19.56 88.94 28.48
CA TYR U 802 -18.55 88.30 27.65
C TYR U 802 -19.09 87.08 26.91
N GLU U 803 -20.18 86.47 27.39
CA GLU U 803 -20.73 85.29 26.76
C GLU U 803 -22.08 85.53 26.10
N LYS U 804 -22.61 86.75 26.16
CA LYS U 804 -23.88 87.10 25.52
C LYS U 804 -25.01 86.20 26.00
N SER U 805 -25.11 86.06 27.33
CA SER U 805 -26.11 85.21 27.96
C SER U 805 -27.12 86.06 28.71
N MET U 806 -28.39 85.88 28.39
CA MET U 806 -29.45 86.66 29.04
C MET U 806 -29.75 86.14 30.45
N ASP U 807 -29.67 84.83 30.65
CA ASP U 807 -29.97 84.27 31.97
C ASP U 807 -28.97 84.77 33.01
N ALA U 808 -27.72 84.98 32.62
CA ALA U 808 -26.76 85.59 33.52
C ALA U 808 -27.20 86.99 33.93
N TYR U 809 -27.71 87.78 32.98
CA TYR U 809 -28.23 89.09 33.31
C TYR U 809 -29.42 89.00 34.26
N LYS U 810 -30.31 88.04 34.04
CA LYS U 810 -31.47 87.89 34.91
C LYS U 810 -31.04 87.54 36.33
N LYS U 811 -30.09 86.61 36.47
CA LYS U 811 -29.61 86.24 37.79
C LYS U 811 -28.89 87.39 38.48
N ALA U 812 -28.09 88.15 37.72
CA ALA U 812 -27.43 89.32 38.29
C ALA U 812 -28.45 90.36 38.75
N LEU U 813 -29.50 90.58 37.96
CA LEU U 813 -30.54 91.52 38.35
C LEU U 813 -31.24 91.07 39.61
N GLU U 814 -31.56 89.78 39.71
CA GLU U 814 -32.24 89.28 40.92
C GLU U 814 -31.34 89.40 42.14
N VAL U 815 -30.05 89.10 41.99
CA VAL U 815 -29.11 89.21 43.11
C VAL U 815 -28.99 90.66 43.56
N SER U 816 -28.88 91.58 42.60
CA SER U 816 -28.80 92.99 42.94
C SER U 816 -30.07 93.48 43.63
N GLU U 817 -31.23 92.99 43.17
CA GLU U 817 -32.48 93.37 43.81
C GLU U 817 -32.55 92.88 45.24
N GLN U 818 -32.12 91.63 45.47
CA GLN U 818 -32.10 91.12 46.84
C GLN U 818 -31.15 91.92 47.72
N ALA U 819 -29.96 92.24 47.20
CA ALA U 819 -29.00 93.01 47.98
C ALA U 819 -29.55 94.39 48.31
N TYR U 820 -30.19 95.04 47.33
CA TYR U 820 -30.77 96.37 47.58
C TYR U 820 -31.89 96.28 48.61
N GLN U 821 -32.77 95.29 48.49
CA GLN U 821 -33.83 95.14 49.49
C GLN U 821 -33.26 94.86 50.86
N LEU U 822 -32.07 94.26 50.93
CA LEU U 822 -31.39 94.12 52.21
C LEU U 822 -30.79 95.43 52.69
N SER U 823 -30.39 96.31 51.77
CA SER U 823 -29.68 97.53 52.16
C SER U 823 -30.40 98.81 51.76
N LYS U 824 -30.88 98.90 50.51
CA LYS U 824 -31.47 100.13 49.97
C LYS U 824 -30.47 101.29 50.00
N LEU U 825 -29.35 101.11 49.30
CA LEU U 825 -28.31 102.12 49.21
C LEU U 825 -28.23 102.67 47.79
N PRO U 826 -27.77 103.92 47.63
CA PRO U 826 -27.65 104.48 46.28
C PRO U 826 -26.73 103.69 45.36
N ALA U 827 -25.68 103.06 45.91
CA ALA U 827 -24.77 102.26 45.08
C ALA U 827 -25.50 101.10 44.43
N LEU U 828 -26.32 100.39 45.20
CA LEU U 828 -27.05 99.26 44.64
C LEU U 828 -28.19 99.72 43.73
N ARG U 829 -28.75 100.90 44.00
CA ARG U 829 -29.72 101.49 43.08
C ARG U 829 -29.07 101.74 41.72
N PHE U 830 -27.88 102.32 41.71
CA PHE U 830 -27.17 102.54 40.46
C PHE U 830 -26.80 101.22 39.80
N ASN U 831 -26.44 100.21 40.60
CA ASN U 831 -26.13 98.90 40.04
C ASN U 831 -27.35 98.30 39.34
N ILE U 832 -28.53 98.41 39.97
CA ILE U 832 -29.75 97.91 39.34
C ILE U 832 -30.04 98.68 38.06
N VAL U 833 -29.86 99.99 38.07
CA VAL U 833 -30.10 100.80 36.88
C VAL U 833 -29.16 100.39 35.75
N PHE U 834 -27.88 100.20 36.08
CA PHE U 834 -26.91 99.79 35.07
C PHE U 834 -27.25 98.42 34.50
N ILE U 835 -27.65 97.49 35.37
CA ILE U 835 -28.01 96.15 34.90
C ILE U 835 -29.22 96.23 33.97
N GLN U 836 -30.22 97.04 34.33
CA GLN U 836 -31.41 97.15 33.48
C GLN U 836 -31.09 97.81 32.15
N PHE U 837 -30.23 98.83 32.15
CA PHE U 837 -29.82 99.45 30.90
C PHE U 837 -29.08 98.48 30.01
N GLN U 838 -28.14 97.71 30.59
CA GLN U 838 -27.42 96.70 29.81
C GLN U 838 -28.37 95.65 29.28
N ILE U 839 -29.36 95.25 30.09
CA ILE U 839 -30.34 94.26 29.67
C ILE U 839 -31.13 94.77 28.47
N ALA U 840 -31.59 96.02 28.55
CA ALA U 840 -32.34 96.60 27.43
C ALA U 840 -31.50 96.67 26.18
N ASP U 841 -30.24 97.11 26.32
CA ASP U 841 -29.36 97.21 25.16
C ASP U 841 -29.11 95.85 24.53
N PHE U 842 -28.86 94.83 25.36
CA PHE U 842 -28.59 93.49 24.85
C PHE U 842 -29.83 92.91 24.18
N VAL U 843 -31.01 93.11 24.78
CA VAL U 843 -32.24 92.59 24.20
C VAL U 843 -32.54 93.26 22.86
N LYS U 844 -32.31 94.58 22.78
CA LYS U 844 -32.48 95.26 21.50
C LYS U 844 -31.49 94.73 20.47
N SER U 845 -30.25 94.47 20.89
CA SER U 845 -29.26 93.92 19.98
C SER U 845 -29.60 92.49 19.53
N LEU U 846 -30.38 91.76 20.32
CA LEU U 846 -30.71 90.39 19.97
C LEU U 846 -31.62 90.35 18.74
N PRO U 847 -31.50 89.30 17.92
CA PRO U 847 -32.44 89.13 16.81
C PRO U 847 -33.81 88.68 17.31
N ASN U 848 -34.79 88.75 16.40
CA ASN U 848 -36.14 88.36 16.75
C ASN U 848 -36.22 86.87 17.11
N THR U 849 -35.50 86.03 16.36
CA THR U 849 -35.55 84.59 16.61
C THR U 849 -34.93 84.20 17.95
N GLN U 850 -34.11 85.07 18.53
CA GLN U 850 -33.41 84.77 19.78
C GLN U 850 -34.08 85.40 20.99
N ARG U 851 -35.27 85.97 20.83
CA ARG U 851 -35.96 86.63 21.93
C ARG U 851 -37.45 86.42 21.77
N ASP U 852 -38.22 86.91 22.74
CA ASP U 852 -39.67 86.83 22.73
C ASP U 852 -40.26 88.14 23.24
N LEU U 853 -41.59 88.23 23.16
CA LEU U 853 -42.27 89.46 23.58
C LEU U 853 -42.14 89.70 25.07
N THR U 854 -42.16 88.63 25.87
CA THR U 854 -42.09 88.78 27.32
C THR U 854 -40.78 89.44 27.75
N THR U 855 -39.66 89.01 27.16
CA THR U 855 -38.38 89.62 27.48
C THR U 855 -38.35 91.07 27.06
N LEU U 856 -38.94 91.39 25.90
CA LEU U 856 -39.00 92.78 25.45
C LEU U 856 -39.79 93.64 26.43
N GLU U 857 -40.94 93.15 26.88
CA GLU U 857 -41.74 93.92 27.83
C GLU U 857 -41.02 94.10 29.15
N ASN U 858 -40.37 93.04 29.64
CA ASN U 858 -39.61 93.15 30.88
C ASN U 858 -38.47 94.15 30.75
N ALA U 859 -37.78 94.12 29.60
CA ALA U 859 -36.69 95.07 29.37
C ALA U 859 -37.21 96.50 29.32
N LEU U 860 -38.37 96.72 28.68
CA LEU U 860 -38.92 98.06 28.61
C LEU U 860 -39.32 98.57 30.00
N SER U 861 -39.97 97.72 30.79
CA SER U 861 -40.34 98.11 32.14
C SER U 861 -39.12 98.41 32.99
N GLY U 862 -38.09 97.57 32.87
CA GLY U 862 -36.85 97.83 33.58
C GLY U 862 -36.17 99.11 33.13
N LEU U 863 -36.27 99.43 31.83
CA LEU U 863 -35.72 100.69 31.35
C LEU U 863 -36.45 101.88 31.95
N ASN U 864 -37.78 101.83 32.01
CA ASN U 864 -38.53 102.91 32.61
C ASN U 864 -38.16 103.09 34.08
N ASP U 865 -38.12 101.98 34.82
CA ASP U 865 -37.77 102.06 36.25
C ASP U 865 -36.34 102.53 36.43
N ALA U 866 -35.44 102.14 35.52
CA ALA U 866 -34.04 102.57 35.60
C ALA U 866 -33.90 104.06 35.34
N ILE U 867 -34.68 104.59 34.40
CA ILE U 867 -34.67 106.03 34.16
C ILE U 867 -35.19 106.79 35.39
N LYS U 868 -36.28 106.29 35.98
CA LYS U 868 -36.80 106.94 37.18
C LYS U 868 -35.79 106.90 38.31
N SER U 869 -35.12 105.77 38.50
CA SER U 869 -34.13 105.67 39.56
C SER U 869 -32.89 106.50 39.25
N LEU U 870 -32.55 106.67 37.97
CA LEU U 870 -31.45 107.56 37.60
C LEU U 870 -31.78 109.00 37.98
N LEU U 871 -33.02 109.43 37.72
CA LEU U 871 -33.43 110.75 38.17
C LEU U 871 -33.38 110.86 39.69
N LYS U 872 -33.83 109.81 40.38
CA LYS U 872 -33.78 109.81 41.85
C LYS U 872 -32.35 109.96 42.35
N LEU U 873 -31.41 109.22 41.74
CA LEU U 873 -30.01 109.32 42.13
C LEU U 873 -29.45 110.71 41.83
N ALA U 874 -29.81 111.28 40.67
CA ALA U 874 -29.37 112.63 40.35
C ALA U 874 -29.93 113.66 41.32
N GLU U 875 -31.06 113.36 41.97
CA GLU U 875 -31.61 114.26 42.99
C GLU U 875 -30.99 114.05 44.37
N LEU U 876 -30.06 113.10 44.51
CA LEU U 876 -29.45 112.85 45.81
C LEU U 876 -28.35 113.87 46.11
N GLU U 877 -27.87 113.85 47.36
CA GLU U 877 -26.82 114.78 47.76
C GLU U 877 -25.47 114.38 47.18
N GLN U 878 -25.01 113.17 47.48
CA GLN U 878 -23.73 112.65 46.99
C GLN U 878 -23.97 111.31 46.32
N PRO U 879 -24.47 111.32 45.08
CA PRO U 879 -24.69 110.06 44.36
C PRO U 879 -23.36 109.38 44.04
N PRO U 880 -23.36 108.08 43.78
CA PRO U 880 -22.10 107.39 43.46
C PRO U 880 -21.41 107.96 42.24
N TYR U 881 -22.17 108.50 41.28
CA TYR U 881 -21.65 109.15 40.10
C TYR U 881 -22.26 110.54 40.00
N PRO U 882 -21.58 111.48 39.34
CA PRO U 882 -22.10 112.86 39.29
C PRO U 882 -23.50 112.91 38.71
N SER U 883 -24.35 113.77 39.29
CA SER U 883 -25.74 113.85 38.89
C SER U 883 -25.90 114.23 37.43
N GLU U 884 -24.98 115.03 36.90
CA GLU U 884 -25.03 115.37 35.48
C GLU U 884 -24.88 114.12 34.62
N ASP U 885 -23.96 113.22 35.00
CA ASP U 885 -23.80 111.98 34.25
C ASP U 885 -25.05 111.11 34.34
N LEU U 886 -25.67 111.05 35.53
CA LEU U 886 -26.87 110.27 35.69
C LEU U 886 -28.00 110.79 34.80
N LYS U 887 -28.20 112.11 34.82
CA LYS U 887 -29.25 112.70 34.00
C LYS U 887 -28.98 112.52 32.52
N ALA U 888 -27.71 112.68 32.11
CA ALA U 888 -27.35 112.48 30.71
C ALA U 888 -27.61 111.04 30.27
N ARG U 889 -27.26 110.07 31.12
CA ARG U 889 -27.50 108.67 30.77
C ARG U 889 -28.98 108.36 30.70
N ALA U 890 -29.77 108.90 31.63
CA ALA U 890 -31.21 108.69 31.59
C ALA U 890 -31.82 109.28 30.32
N THR U 891 -31.39 110.49 29.95
CA THR U 891 -31.87 111.12 28.73
C THR U 891 -31.48 110.31 27.50
N MET U 892 -30.23 109.84 27.45
CA MET U 892 -29.78 109.05 26.31
C MET U 892 -30.56 107.75 26.19
N GLY U 893 -30.83 107.10 27.32
CA GLY U 893 -31.63 105.88 27.29
C GLY U 893 -33.06 106.12 26.85
N SER U 894 -33.66 107.23 27.30
CA SER U 894 -35.05 107.48 26.97
C SER U 894 -35.21 107.94 25.52
N ASN U 895 -34.24 108.69 24.99
CA ASN U 895 -34.39 109.28 23.67
C ASN U 895 -34.38 108.23 22.56
N THR U 896 -33.42 107.32 22.58
CA THR U 896 -33.21 106.39 21.48
C THR U 896 -33.51 104.95 21.85
N LEU U 897 -33.00 104.46 22.98
CA LEU U 897 -33.17 103.06 23.34
C LEU U 897 -34.63 102.71 23.55
N ARG U 898 -35.39 103.64 24.13
CA ARG U 898 -36.81 103.40 24.40
C ARG U 898 -37.59 103.18 23.11
N ASN U 899 -37.32 103.99 22.07
CA ASN U 899 -38.02 103.83 20.81
C ASN U 899 -37.56 102.57 20.07
N GLN U 900 -36.26 102.26 20.14
CA GLN U 900 -35.76 101.04 19.52
C GLN U 900 -36.38 99.80 20.16
N LEU U 901 -36.64 99.85 21.47
CA LEU U 901 -37.32 98.74 22.12
C LEU U 901 -38.72 98.54 21.56
N GLU U 902 -39.45 99.64 21.35
CA GLU U 902 -40.79 99.52 20.79
C GLU U 902 -40.76 99.01 19.35
N ARG U 903 -39.76 99.44 18.57
CA ARG U 903 -39.61 98.92 17.22
C ARG U 903 -39.33 97.42 17.24
N ALA U 904 -38.47 96.98 18.15
CA ALA U 904 -38.21 95.55 18.30
C ALA U 904 -39.47 94.80 18.71
N ILE U 905 -40.27 95.40 19.60
CA ILE U 905 -41.53 94.77 20.01
C ILE U 905 -42.46 94.61 18.81
N GLN U 906 -42.57 95.64 17.99
CA GLN U 906 -43.42 95.56 16.80
C GLN U 906 -42.93 94.49 15.83
N ASP U 907 -41.61 94.43 15.62
CA ASP U 907 -41.06 93.41 14.74
C ASP U 907 -41.33 92.01 15.27
N GLN U 908 -41.17 91.82 16.58
CA GLN U 908 -41.45 90.53 17.20
C GLN U 908 -42.92 90.14 17.05
N GLN U 909 -43.81 91.11 17.23
CA GLN U 909 -45.24 90.84 17.05
C GLN U 909 -45.53 90.44 15.62
N ASP U 910 -44.92 91.13 14.65
CA ASP U 910 -45.10 90.76 13.24
C ASP U 910 -44.61 89.35 12.97
N TYR U 911 -43.46 88.99 13.55
CA TYR U 911 -42.91 87.65 13.35
C TYR U 911 -43.83 86.58 13.94
N GLU U 912 -44.36 86.83 15.15
CA GLU U 912 -45.30 85.88 15.75
C GLU U 912 -46.56 85.76 14.91
N MET U 913 -47.07 86.89 14.40
CA MET U 913 -48.26 86.86 13.56
C MET U 913 -48.02 86.05 12.29
N SER U 914 -46.86 86.22 11.66
CA SER U 914 -46.54 85.43 10.47
C SER U 914 -46.47 83.95 10.79
N ILE U 915 -45.87 83.60 11.93
CA ILE U 915 -45.82 82.20 12.34
C ILE U 915 -47.22 81.64 12.48
N GLN U 916 -48.10 82.38 13.17
CA GLN U 916 -49.45 81.88 13.41
C GLN U 916 -50.23 81.79 12.10
N GLU U 917 -50.00 82.73 11.18
CA GLU U 917 -50.66 82.67 9.88
C GLU U 917 -50.25 81.41 9.12
N LYS U 918 -48.96 81.09 9.10
CA LYS U 918 -48.52 79.86 8.44
C LYS U 918 -49.14 78.64 9.10
N LEU U 919 -49.15 78.61 10.43
CA LEU U 919 -49.67 77.44 11.14
C LEU U 919 -51.16 77.25 10.87
N ARG U 920 -51.92 78.35 10.80
CA ARG U 920 -53.35 78.22 10.55
C ARG U 920 -53.63 77.90 9.08
N THR U 921 -52.77 78.35 8.16
CA THR U 921 -53.01 78.07 6.75
C THR U 921 -52.66 76.63 6.39
N ALA U 922 -51.67 76.03 7.05
CA ALA U 922 -51.27 74.66 6.70
C ALA U 922 -52.40 73.65 6.97
N ARG U 923 -53.07 73.79 8.11
CA ARG U 923 -54.04 72.78 8.53
C ARG U 923 -55.25 72.75 7.60
N ARG U 924 -55.67 73.92 7.11
CA ARG U 924 -56.81 73.95 6.19
C ARG U 924 -56.52 73.21 4.91
N LYS U 925 -55.32 73.41 4.35
CA LYS U 925 -54.95 72.69 3.14
C LYS U 925 -54.82 71.20 3.40
N GLN U 926 -54.30 70.82 4.56
CA GLN U 926 -54.24 69.40 4.89
C GLN U 926 -55.63 68.78 4.95
N GLN U 927 -56.59 69.48 5.57
CA GLN U 927 -57.95 68.96 5.64
C GLN U 927 -58.58 68.88 4.25
N LEU U 928 -58.31 69.86 3.40
CA LEU U 928 -58.82 69.80 2.02
C LEU U 928 -58.27 68.59 1.29
N ASP U 929 -56.97 68.30 1.44
CA ASP U 929 -56.40 67.12 0.81
C ASP U 929 -57.03 65.84 1.34
N GLU U 930 -57.24 65.75 2.65
CA GLU U 930 -57.87 64.56 3.21
C GLU U 930 -59.29 64.38 2.66
N GLU U 931 -60.03 65.48 2.53
CA GLU U 931 -61.36 65.39 1.94
C GLU U 931 -61.30 64.92 0.50
N LYS U 932 -60.29 65.37 -0.25
CA LYS U 932 -60.13 64.89 -1.62
C LYS U 932 -59.90 63.38 -1.67
N ARG U 933 -59.04 62.87 -0.77
CA ARG U 933 -58.83 61.43 -0.70
C ARG U 933 -60.12 60.70 -0.35
N LEU U 934 -60.91 61.25 0.59
CA LEU U 934 -62.18 60.63 0.94
C LEU U 934 -63.13 60.57 -0.25
N GLU U 935 -63.18 61.65 -1.03
CA GLU U 935 -64.06 61.67 -2.20
C GLU U 935 -63.64 60.61 -3.22
N GLN U 936 -62.33 60.50 -3.48
CA GLN U 936 -61.86 59.48 -4.41
C GLN U 936 -62.19 58.08 -3.90
N GLU U 937 -62.02 57.84 -2.60
CA GLU U 937 -62.37 56.55 -2.01
C GLU U 937 -63.85 56.24 -2.21
N GLN U 938 -64.71 57.23 -1.99
CA GLN U 938 -66.14 57.02 -2.18
C GLN U 938 -66.47 56.70 -3.63
N ARG U 939 -65.81 57.38 -4.57
CA ARG U 939 -66.04 57.08 -5.98
C ARG U 939 -65.67 55.64 -6.30
N ARG U 940 -64.51 55.19 -5.83
CA ARG U 940 -64.11 53.81 -6.10
C ARG U 940 -65.05 52.81 -5.46
N LEU U 941 -65.51 53.10 -4.23
CA LEU U 941 -66.47 52.22 -3.58
C LEU U 941 -67.76 52.11 -4.36
N GLU U 942 -68.26 53.24 -4.88
CA GLU U 942 -69.48 53.20 -5.68
C GLU U 942 -69.29 52.41 -6.96
N GLU U 943 -68.13 52.56 -7.61
CA GLU U 943 -67.84 51.77 -8.80
C GLU U 943 -67.84 50.28 -8.50
N ALA U 944 -67.20 49.89 -7.39
CA ALA U 944 -67.18 48.48 -7.02
C ALA U 944 -68.58 47.96 -6.71
N ARG U 945 -69.40 48.78 -6.05
CA ARG U 945 -70.77 48.39 -5.77
C ARG U 945 -71.56 48.16 -7.05
N LYS U 946 -71.40 49.05 -8.03
CA LYS U 946 -72.09 48.87 -9.30
C LYS U 946 -71.65 47.59 -10.00
N ARG U 947 -70.34 47.32 -10.00
CA ARG U 947 -69.85 46.08 -10.62
C ARG U 947 -70.43 44.85 -9.92
N GLN U 948 -70.47 44.86 -8.59
CA GLN U 948 -71.03 43.73 -7.85
C GLN U 948 -72.51 43.53 -8.18
N GLU U 949 -73.25 44.64 -8.28
CA GLU U 949 -74.67 44.53 -8.63
C GLU U 949 -74.85 43.91 -10.01
N ALA U 950 -74.05 44.37 -10.99
CA ALA U 950 -74.17 43.81 -12.33
C ALA U 950 -73.84 42.32 -12.35
N GLU U 951 -72.79 41.93 -11.64
CA GLU U 951 -72.41 40.51 -11.61
C GLU U 951 -73.47 39.67 -10.91
N LEU U 952 -74.10 40.20 -9.85
CA LEU U 952 -75.19 39.48 -9.22
C LEU U 952 -76.38 39.32 -10.17
N ILE U 953 -76.68 40.36 -10.94
CA ILE U 953 -77.75 40.28 -11.92
C ILE U 953 -77.46 39.16 -12.92
N LYS U 954 -76.22 39.07 -13.39
CA LYS U 954 -75.85 37.99 -14.28
C LYS U 954 -75.94 36.63 -13.59
N ARG U 955 -75.58 36.58 -12.31
CA ARG U 955 -75.53 35.31 -11.58
C ARG U 955 -76.92 34.73 -11.36
N GLN U 956 -77.92 35.60 -11.17
CA GLN U 956 -79.27 35.10 -10.88
C GLN U 956 -79.83 34.28 -12.03
N GLU U 957 -79.50 34.64 -13.27
CA GLU U 957 -79.96 33.86 -14.42
C GLU U 957 -79.40 32.44 -14.37
N LEU U 958 -78.11 32.31 -14.07
CA LEU U 958 -77.51 30.99 -13.95
C LEU U 958 -78.15 30.20 -12.80
N ILE U 959 -78.44 30.89 -11.69
CA ILE U 959 -79.08 30.22 -10.56
C ILE U 959 -80.45 29.67 -10.99
N LYS U 960 -81.22 30.48 -11.72
CA LYS U 960 -82.53 30.03 -12.18
C LYS U 960 -82.41 28.84 -13.14
N GLN U 961 -81.46 28.90 -14.07
CA GLN U 961 -81.27 27.78 -14.98
C GLN U 961 -80.88 26.51 -14.24
N ALA U 962 -79.98 26.63 -13.26
CA ALA U 962 -79.56 25.48 -12.49
C ALA U 962 -80.72 24.89 -11.70
N GLU U 963 -81.55 25.74 -11.09
CA GLU U 963 -82.70 25.23 -10.34
C GLU U 963 -83.68 24.52 -11.27
N GLU U 964 -83.93 25.08 -12.46
CA GLU U 964 -84.83 24.43 -13.40
C GLU U 964 -84.28 23.08 -13.85
N TRP U 965 -82.97 23.01 -14.13
CA TRP U 965 -82.41 21.73 -14.56
C TRP U 965 -82.41 20.70 -13.44
N ASN U 966 -82.18 21.15 -12.20
CA ASN U 966 -82.24 20.22 -11.08
C ASN U 966 -83.66 19.71 -10.86
N LYS U 967 -84.66 20.58 -11.08
CA LYS U 967 -86.05 20.11 -11.05
C LYS U 967 -86.32 19.11 -12.17
N MET U 968 -85.75 19.35 -13.35
CA MET U 968 -85.91 18.42 -14.46
C MET U 968 -85.33 17.06 -14.11
N ASP U 969 -84.16 17.04 -13.47
CA ASP U 969 -83.54 15.77 -13.09
C ASP U 969 -84.39 15.01 -12.09
N ILE U 970 -85.03 15.72 -11.17
CA ILE U 970 -85.94 15.10 -10.22
C ILE U 970 -87.22 14.68 -10.93
N SER V 223 66.05 -37.65 -7.60
CA SER V 223 67.02 -38.54 -6.97
C SER V 223 68.11 -37.75 -6.27
N LYS V 224 68.12 -36.44 -6.49
CA LYS V 224 69.13 -35.58 -5.90
C LYS V 224 68.88 -35.44 -4.39
N PRO V 225 69.94 -35.25 -3.60
CA PRO V 225 69.76 -35.04 -2.17
C PRO V 225 69.01 -33.74 -1.88
N ALA V 226 68.23 -33.75 -0.81
CA ALA V 226 67.44 -32.59 -0.43
C ALA V 226 68.29 -31.58 0.33
N THR V 227 68.15 -30.31 -0.03
CA THR V 227 68.84 -29.23 0.66
C THR V 227 68.01 -28.75 1.85
N LEU V 228 68.49 -27.70 2.51
CA LEU V 228 67.79 -27.16 3.67
C LEU V 228 66.45 -26.54 3.26
N SER V 229 66.44 -25.83 2.13
CA SER V 229 65.21 -25.17 1.69
C SER V 229 64.13 -26.16 1.31
N ASP V 230 64.50 -27.29 0.70
CA ASP V 230 63.51 -28.30 0.33
C ASP V 230 62.82 -28.86 1.57
N ILE V 231 63.58 -29.14 2.62
CA ILE V 231 62.99 -29.60 3.87
C ILE V 231 62.17 -28.50 4.54
N ASN V 232 62.64 -27.25 4.45
CA ASN V 232 61.91 -26.13 5.03
C ASN V 232 60.56 -25.92 4.33
N LYS V 233 60.47 -26.28 3.05
CA LYS V 233 59.22 -26.16 2.33
C LYS V 233 58.12 -27.03 2.93
N ILE V 234 58.49 -28.15 3.55
CA ILE V 234 57.51 -29.08 4.10
C ILE V 234 57.44 -28.97 5.63
N ILE V 235 57.80 -27.81 6.18
CA ILE V 235 57.67 -27.58 7.61
C ILE V 235 56.19 -27.68 8.00
N PHE V 236 55.91 -28.49 9.01
CA PHE V 236 54.56 -28.70 9.51
C PHE V 236 54.57 -28.37 11.00
N GLY V 237 54.12 -27.17 11.34
CA GLY V 237 54.21 -26.69 12.70
C GLY V 237 53.27 -27.42 13.64
N ARG V 238 53.51 -27.22 14.94
CA ARG V 238 52.65 -27.82 15.96
C ARG V 238 51.23 -27.27 15.85
N THR V 239 51.09 -25.98 15.53
CA THR V 239 49.78 -25.42 15.26
C THR V 239 49.14 -26.10 14.06
N ALA V 240 49.92 -26.33 13.00
CA ALA V 240 49.42 -27.06 11.85
C ALA V 240 49.08 -28.50 12.22
N MET V 241 49.87 -29.10 13.12
CA MET V 241 49.56 -30.45 13.59
C MET V 241 48.20 -30.49 14.27
N SER V 242 47.96 -29.55 15.18
CA SER V 242 46.64 -29.46 15.82
C SER V 242 45.55 -29.18 14.79
N LYS V 243 45.87 -28.41 13.74
CA LYS V 243 44.90 -28.11 12.71
C LYS V 243 44.57 -29.31 11.82
N TYR V 244 45.48 -30.29 11.73
CA TYR V 244 45.29 -31.36 10.76
C TYR V 244 45.48 -32.78 11.31
N TRP V 245 45.68 -32.95 12.63
CA TRP V 245 46.02 -34.27 13.13
C TRP V 245 44.85 -35.26 13.07
N TYR V 246 43.61 -34.77 13.05
CA TYR V 246 42.45 -35.64 13.03
C TYR V 246 42.06 -36.09 11.63
N TYR V 247 42.76 -35.63 10.60
CA TYR V 247 42.47 -36.09 9.25
C TYR V 247 42.81 -37.56 9.10
N PRO V 248 41.98 -38.33 8.41
CA PRO V 248 42.32 -39.74 8.17
C PRO V 248 43.61 -39.92 7.36
N GLU V 249 43.90 -39.00 6.44
CA GLU V 249 45.12 -39.10 5.64
C GLU V 249 46.34 -38.56 6.38
N PHE V 250 46.13 -37.89 7.51
CA PHE V 250 47.25 -37.29 8.24
C PHE V 250 48.25 -38.35 8.69
N ASP V 251 47.78 -39.57 8.92
CA ASP V 251 48.69 -40.65 9.32
C ASP V 251 49.75 -40.90 8.27
N ASP V 252 49.36 -40.99 7.00
CA ASP V 252 50.33 -41.16 5.92
C ASP V 252 51.03 -39.85 5.58
N VAL V 253 50.38 -38.71 5.82
CA VAL V 253 51.01 -37.43 5.55
C VAL V 253 52.23 -37.23 6.45
N VAL V 254 52.07 -37.51 7.75
CA VAL V 254 53.16 -37.29 8.70
C VAL V 254 54.25 -38.33 8.55
N LYS V 255 53.97 -39.45 7.88
CA LYS V 255 54.97 -40.50 7.69
C LYS V 255 56.16 -39.97 6.89
N GLY V 256 57.36 -40.23 7.40
CA GLY V 256 58.58 -39.87 6.71
C GLY V 256 58.98 -38.42 6.83
N MET V 257 58.23 -37.61 7.55
CA MET V 257 58.52 -36.18 7.64
C MET V 257 59.64 -35.91 8.64
N TYR V 258 60.33 -34.79 8.43
CA TYR V 258 61.40 -34.35 9.30
C TYR V 258 60.98 -33.07 10.00
N LEU V 259 61.05 -33.06 11.33
CA LEU V 259 60.61 -31.91 12.09
C LEU V 259 61.51 -31.72 13.31
N ARG V 260 61.53 -30.49 13.81
CA ARG V 260 62.30 -30.16 15.00
C ARG V 260 61.63 -30.74 16.24
N LEU V 261 62.42 -31.40 17.08
CA LEU V 261 61.91 -32.07 18.26
C LEU V 261 62.68 -31.63 19.50
N ASN V 262 61.95 -31.44 20.59
CA ASN V 262 62.55 -31.09 21.88
C ASN V 262 62.98 -32.39 22.57
N THR V 263 64.29 -32.60 22.67
CA THR V 263 64.80 -33.81 23.31
C THR V 263 64.39 -33.88 24.77
N GLY V 264 64.50 -32.77 25.49
CA GLY V 264 64.10 -32.72 26.88
C GLY V 264 65.17 -33.20 27.85
N SER V 265 65.89 -34.25 27.47
CA SER V 265 66.93 -34.81 28.32
C SER V 265 68.27 -34.13 28.06
N SER V 271 67.87 -27.65 26.41
CA SER V 271 67.63 -28.88 25.67
C SER V 271 67.92 -28.71 24.18
N PRO V 272 68.85 -29.52 23.66
CA PRO V 272 69.19 -29.40 22.24
C PRO V 272 68.11 -29.95 21.32
N TYR V 273 67.50 -29.08 20.53
CA TYR V 273 66.51 -29.52 19.55
C TYR V 273 67.19 -30.35 18.47
N LYS V 274 66.54 -31.43 18.05
CA LYS V 274 67.08 -32.32 17.04
C LYS V 274 65.95 -32.77 16.11
N VAL V 275 66.34 -33.47 15.03
CA VAL V 275 65.42 -33.92 14.02
C VAL V 275 65.19 -35.42 14.19
N VAL V 276 63.94 -35.84 14.03
CA VAL V 276 63.58 -37.25 14.12
C VAL V 276 62.80 -37.65 12.88
N GLU V 277 62.85 -38.93 12.56
CA GLU V 277 62.18 -39.50 11.40
C GLU V 277 60.96 -40.27 11.86
N VAL V 278 59.81 -39.98 11.26
CA VAL V 278 58.54 -40.56 11.68
C VAL V 278 58.44 -41.97 11.11
N LEU V 279 58.51 -42.97 11.97
CA LEU V 279 58.31 -44.35 11.55
C LEU V 279 56.83 -44.72 11.50
N GLY V 280 55.96 -43.87 12.01
CA GLY V 280 54.53 -44.13 11.99
C GLY V 280 53.84 -43.41 13.13
N SER V 281 52.54 -43.65 13.22
CA SER V 281 51.71 -43.08 14.26
C SER V 281 50.85 -44.16 14.88
N GLN V 282 50.47 -43.96 16.14
CA GLN V 282 49.66 -44.94 16.87
C GLN V 282 48.74 -44.19 17.81
N ARG V 283 47.43 -44.32 17.59
CA ARG V 283 46.46 -43.74 18.52
C ARG V 283 46.51 -44.47 19.86
N ILE V 284 46.52 -43.70 20.94
CA ILE V 284 46.60 -44.24 22.29
C ILE V 284 45.40 -43.74 23.08
N LYS V 285 44.44 -44.62 23.32
CA LYS V 285 43.29 -44.26 24.13
C LYS V 285 43.69 -44.11 25.60
N GLY V 286 43.05 -43.15 26.27
CA GLY V 286 43.33 -42.89 27.67
C GLY V 286 44.56 -42.04 27.91
N SER V 287 45.27 -41.64 26.86
CA SER V 287 46.46 -40.79 26.97
C SER V 287 46.19 -39.40 26.40
N ALA V 288 44.97 -38.89 26.62
CA ALA V 288 44.64 -37.55 26.16
C ALA V 288 45.52 -36.53 26.87
N TYR V 289 46.08 -35.60 26.10
CA TYR V 289 47.02 -34.63 26.62
C TYR V 289 46.71 -33.25 26.03
N GLY V 290 47.03 -32.21 26.79
CA GLY V 290 46.94 -30.86 26.27
C GLY V 290 47.94 -30.66 25.15
N LEU V 291 47.44 -30.29 23.97
CA LEU V 291 48.30 -30.10 22.79
C LEU V 291 48.88 -28.69 22.76
N ASN V 292 48.00 -27.69 22.72
CA ASN V 292 48.42 -26.29 22.75
C ASN V 292 47.85 -25.56 23.95
N SER V 293 46.57 -25.71 24.24
CA SER V 293 45.91 -25.15 25.41
C SER V 293 45.29 -26.27 26.23
N LYS V 294 44.53 -25.88 27.26
CA LYS V 294 43.86 -26.85 28.10
C LYS V 294 42.81 -27.63 27.30
N GLU V 295 42.08 -26.95 26.42
CA GLU V 295 41.03 -27.60 25.65
C GLU V 295 41.58 -28.48 24.53
N ASN V 296 42.85 -28.30 24.14
CA ASN V 296 43.43 -29.06 23.04
C ASN V 296 43.84 -30.46 23.49
N ASN V 297 42.82 -31.29 23.71
CA ASN V 297 43.04 -32.69 24.03
C ASN V 297 43.35 -33.48 22.77
N CYS V 298 44.33 -34.36 22.85
CA CYS V 298 44.77 -35.11 21.68
C CYS V 298 45.09 -36.54 22.09
N ASP V 299 44.71 -37.49 21.22
CA ASP V 299 45.02 -38.90 21.42
C ASP V 299 46.01 -39.43 20.40
N MET V 300 46.29 -38.68 19.35
CA MET V 300 47.26 -39.11 18.36
C MET V 300 48.66 -39.09 18.94
N TYR V 301 49.45 -40.11 18.61
CA TYR V 301 50.85 -40.18 19.01
C TYR V 301 51.71 -40.50 17.79
N LEU V 302 52.92 -39.97 17.80
CA LEU V 302 53.85 -40.11 16.67
C LEU V 302 55.00 -41.01 17.09
N LYS V 303 55.21 -42.09 16.35
CA LYS V 303 56.35 -42.98 16.59
C LYS V 303 57.51 -42.51 15.72
N VAL V 304 58.48 -41.86 16.35
CA VAL V 304 59.65 -41.31 15.67
C VAL V 304 60.89 -41.99 16.21
N ALA V 305 62.05 -41.63 15.63
CA ALA V 305 63.30 -42.24 16.05
C ALA V 305 64.46 -41.37 15.60
N PHE V 306 65.39 -41.11 16.51
CA PHE V 306 66.66 -40.54 16.13
C PHE V 306 67.46 -41.58 15.36
N PRO V 307 68.32 -41.15 14.43
CA PRO V 307 69.17 -42.12 13.74
C PRO V 307 70.11 -42.81 14.71
N ASN V 308 70.88 -42.03 15.47
CA ASN V 308 71.79 -42.61 16.45
C ASN V 308 71.04 -43.34 17.56
N GLN V 309 69.95 -42.75 18.05
CA GLN V 309 69.19 -43.35 19.13
C GLN V 309 68.17 -44.34 18.55
N LYS V 310 67.23 -44.79 19.38
CA LYS V 310 66.31 -45.85 19.01
C LYS V 310 64.90 -45.29 18.81
N GLU V 311 63.95 -46.19 18.56
CA GLU V 311 62.58 -45.80 18.28
C GLU V 311 61.92 -45.20 19.52
N MET V 312 61.08 -44.18 19.29
CA MET V 312 60.42 -43.47 20.37
C MET V 312 59.00 -43.14 19.98
N VAL V 313 58.07 -43.30 20.92
CA VAL V 313 56.69 -42.86 20.75
C VAL V 313 56.52 -41.55 21.50
N ARG V 314 56.19 -40.48 20.77
CA ARG V 314 56.13 -39.15 21.36
C ARG V 314 54.78 -38.49 21.07
N PRO V 315 54.31 -37.64 21.97
CA PRO V 315 53.11 -36.84 21.67
C PRO V 315 53.44 -35.70 20.70
N LEU V 316 52.37 -35.06 20.22
CA LEU V 316 52.52 -34.07 19.16
C LEU V 316 53.14 -32.77 19.67
N PHE V 317 52.82 -32.37 20.90
CA PHE V 317 53.26 -31.07 21.40
C PHE V 317 54.76 -30.99 21.63
N VAL V 318 55.47 -32.12 21.60
CA VAL V 318 56.91 -32.10 21.86
C VAL V 318 57.64 -31.33 20.76
N PHE V 319 57.16 -31.45 19.52
CA PHE V 319 57.77 -30.70 18.42
C PHE V 319 57.59 -29.20 18.62
N SER V 320 58.56 -28.44 18.14
CA SER V 320 58.57 -26.98 18.28
C SER V 320 58.32 -26.32 16.94
N ASP V 321 57.56 -25.23 16.97
CA ASP V 321 57.25 -24.50 15.74
C ASP V 321 58.48 -23.83 15.13
N SER V 322 59.56 -23.68 15.90
CA SER V 322 60.76 -23.03 15.39
C SER V 322 61.41 -23.86 14.29
N SER V 323 62.04 -23.17 13.34
CA SER V 323 62.63 -23.83 12.19
C SER V 323 63.89 -24.59 12.58
N ILE V 324 64.19 -25.64 11.80
CA ILE V 324 65.38 -26.44 12.05
C ILE V 324 66.61 -25.65 11.64
N THR V 325 67.59 -25.57 12.55
CA THR V 325 68.79 -24.79 12.30
C THR V 325 69.82 -25.60 11.52
N HIS V 326 70.82 -24.90 11.00
CA HIS V 326 71.90 -25.56 10.26
C HIS V 326 72.64 -26.60 11.09
N PRO V 327 73.08 -26.32 12.33
CA PRO V 327 73.72 -27.38 13.12
C PRO V 327 72.82 -28.57 13.38
N GLU V 328 71.52 -28.34 13.54
CA GLU V 328 70.58 -29.44 13.76
C GLU V 328 70.54 -30.38 12.56
N PHE V 329 70.37 -29.82 11.36
CA PHE V 329 70.35 -30.64 10.16
C PHE V 329 71.71 -31.31 9.92
N ASP V 330 72.80 -30.60 10.24
CA ASP V 330 74.12 -31.20 10.11
C ASP V 330 74.28 -32.40 11.04
N LEU V 331 73.83 -32.27 12.28
CA LEU V 331 73.89 -33.39 13.22
C LEU V 331 73.01 -34.54 12.77
N PHE V 332 71.83 -34.24 12.23
CA PHE V 332 70.97 -35.30 11.70
C PHE V 332 71.66 -36.04 10.56
N LEU V 333 72.32 -35.29 9.66
CA LEU V 333 73.05 -35.92 8.56
C LEU V 333 74.21 -36.78 9.09
N ARG V 334 74.92 -36.28 10.09
CA ARG V 334 76.03 -37.06 10.66
C ARG V 334 75.54 -38.34 11.31
N GLU V 335 74.40 -38.28 12.01
CA GLU V 335 73.84 -39.48 12.61
C GLU V 335 73.39 -40.47 11.54
N LEU V 336 72.80 -39.96 10.46
CA LEU V 336 72.41 -40.85 9.35
C LEU V 336 73.62 -41.51 8.72
N ASP V 337 74.70 -40.75 8.53
CA ASP V 337 75.93 -41.33 7.98
C ASP V 337 76.52 -42.37 8.93
N ALA V 338 76.48 -42.10 10.23
CA ALA V 338 76.97 -43.06 11.21
C ALA V 338 76.16 -44.36 11.13
N GLU V 339 74.83 -44.25 11.02
CA GLU V 339 74.00 -45.44 10.90
C GLU V 339 74.10 -46.06 9.51
N GLY V 340 74.42 -45.26 8.50
CA GLY V 340 74.48 -45.76 7.13
C GLY V 340 73.15 -45.61 6.41
N LEU V 341 72.52 -44.45 6.57
CA LEU V 341 71.25 -44.14 5.94
C LEU V 341 71.43 -42.95 5.00
N SER V 342 70.40 -42.68 4.20
CA SER V 342 70.47 -41.60 3.23
C SER V 342 69.40 -40.56 3.50
N VAL V 343 69.36 -39.52 2.68
CA VAL V 343 68.38 -38.44 2.82
C VAL V 343 67.26 -38.67 1.82
N MET V 344 66.10 -38.11 2.13
CA MET V 344 64.95 -38.23 1.24
C MET V 344 65.25 -37.62 -0.12
N ASP V 345 64.84 -38.31 -1.18
CA ASP V 345 65.07 -37.84 -2.53
C ASP V 345 64.28 -36.56 -2.80
N LEU V 346 64.80 -35.74 -3.72
CA LEU V 346 64.11 -34.52 -4.08
C LEU V 346 62.75 -34.80 -4.72
N ARG V 347 62.65 -35.88 -5.49
CA ARG V 347 61.35 -36.31 -6.00
C ARG V 347 60.42 -36.67 -4.85
N ASP V 348 60.94 -37.39 -3.85
CA ASP V 348 60.14 -37.71 -2.68
C ASP V 348 59.82 -36.47 -1.86
N VAL V 349 60.75 -35.51 -1.82
CA VAL V 349 60.47 -34.24 -1.13
C VAL V 349 59.32 -33.51 -1.80
N ASP V 350 59.32 -33.49 -3.14
CA ASP V 350 58.22 -32.86 -3.86
C ASP V 350 56.92 -33.61 -3.64
N TYR V 351 56.98 -34.94 -3.59
CA TYR V 351 55.78 -35.73 -3.33
C TYR V 351 55.20 -35.43 -1.95
N LYS V 352 56.07 -35.33 -0.93
CA LYS V 352 55.62 -34.91 0.40
C LYS V 352 55.01 -33.51 0.37
N TYR V 353 55.66 -32.57 -0.34
CA TYR V 353 55.14 -31.21 -0.39
C TYR V 353 53.76 -31.17 -1.03
N HIS V 354 53.59 -31.91 -2.12
CA HIS V 354 52.29 -31.98 -2.78
C HIS V 354 51.25 -32.63 -1.88
N GLN V 355 51.64 -33.67 -1.14
CA GLN V 355 50.71 -34.32 -0.22
C GLN V 355 50.23 -33.35 0.85
N LEU V 356 51.16 -32.61 1.45
CA LEU V 356 50.78 -31.62 2.47
C LEU V 356 49.91 -30.51 1.88
N LYS V 357 50.24 -30.04 0.67
CA LYS V 357 49.43 -28.99 0.07
C LYS V 357 48.02 -29.46 -0.25
N GLU V 358 47.89 -30.70 -0.73
CA GLU V 358 46.57 -31.26 -1.00
C GLU V 358 45.79 -31.43 0.31
N MET V 359 46.45 -31.92 1.36
CA MET V 359 45.76 -32.16 2.62
C MET V 359 45.32 -30.86 3.29
N SER V 360 46.15 -29.82 3.22
CA SER V 360 45.82 -28.57 3.91
C SER V 360 44.69 -27.82 3.20
N SER V 361 44.65 -27.89 1.88
CA SER V 361 43.65 -27.18 1.09
C SER V 361 42.44 -28.04 0.76
N ARG V 362 42.38 -29.27 1.28
CA ARG V 362 41.24 -30.14 1.01
C ARG V 362 39.99 -29.61 1.69
N SER V 363 38.84 -29.94 1.10
CA SER V 363 37.54 -29.59 1.65
C SER V 363 36.91 -30.84 2.24
N LEU V 364 36.61 -30.80 3.53
CA LEU V 364 36.09 -31.98 4.22
C LEU V 364 34.64 -32.24 3.80
N SER V 365 34.25 -33.50 3.87
CA SER V 365 32.88 -33.91 3.58
C SER V 365 32.06 -33.93 4.86
N ASN V 366 30.74 -34.08 4.68
CA ASN V 366 29.84 -34.16 5.84
C ASN V 366 30.14 -35.38 6.69
N ASP V 367 30.36 -36.54 6.05
CA ASP V 367 30.67 -37.75 6.79
C ASP V 367 31.98 -37.63 7.55
N GLU V 368 32.99 -37.01 6.92
CA GLU V 368 34.26 -36.80 7.61
C GLU V 368 34.08 -35.87 8.81
N VAL V 369 33.25 -34.85 8.67
CA VAL V 369 32.99 -33.95 9.79
C VAL V 369 32.30 -34.71 10.93
N ASN V 370 31.33 -35.55 10.60
CA ASN V 370 30.66 -36.35 11.64
C ASN V 370 31.66 -37.28 12.32
N SER V 371 32.55 -37.91 11.56
CA SER V 371 33.54 -38.80 12.15
C SER V 371 34.47 -38.04 13.08
N ILE V 372 34.94 -36.87 12.67
CA ILE V 372 35.83 -36.07 13.51
C ILE V 372 35.10 -35.62 14.78
N VAL V 373 33.83 -35.24 14.65
CA VAL V 373 33.06 -34.80 15.80
C VAL V 373 32.87 -35.96 16.79
N LYS V 374 32.58 -37.15 16.28
CA LYS V 374 32.46 -38.31 17.16
C LYS V 374 33.78 -38.65 17.83
N MET V 375 34.89 -38.54 17.08
CA MET V 375 36.20 -38.80 17.66
C MET V 375 36.51 -37.83 18.80
N LYS V 376 36.22 -36.54 18.57
CA LYS V 376 36.48 -35.55 19.61
C LYS V 376 35.53 -35.70 20.78
N GLN V 377 34.30 -36.15 20.52
CA GLN V 377 33.36 -36.46 21.60
C GLN V 377 33.88 -37.60 22.46
N SER V 378 34.47 -38.62 21.83
CA SER V 378 35.15 -39.66 22.59
C SER V 378 36.31 -39.07 23.39
N LEU V 379 37.04 -38.14 22.79
CA LEU V 379 38.08 -37.42 23.51
C LEU V 379 37.52 -36.37 24.48
N SER V 380 36.25 -35.99 24.31
CA SER V 380 35.67 -34.91 25.10
C SER V 380 35.52 -35.31 26.56
N SER V 381 36.33 -34.69 27.44
CA SER V 381 36.20 -34.95 28.86
C SER V 381 34.91 -34.34 29.42
N ASN V 382 34.65 -33.07 29.10
CA ASN V 382 33.48 -32.37 29.61
C ASN V 382 33.30 -31.06 28.86
N THR V 383 32.05 -30.67 28.67
CA THR V 383 31.72 -29.38 28.07
C THR V 383 30.30 -29.02 28.51
N GLY V 384 30.13 -27.78 28.99
CA GLY V 384 28.86 -27.41 29.60
C GLY V 384 27.67 -27.63 28.68
N PHE V 385 27.79 -27.22 27.42
CA PHE V 385 26.74 -27.46 26.45
C PHE V 385 26.47 -28.95 26.29
N ASN V 386 27.54 -29.74 26.16
CA ASN V 386 27.38 -31.18 26.00
C ASN V 386 26.86 -31.83 27.27
N THR V 387 27.25 -31.34 28.44
CA THR V 387 26.71 -31.87 29.68
C THR V 387 25.21 -31.60 29.78
N VAL V 388 24.78 -30.40 29.40
CA VAL V 388 23.35 -30.09 29.41
C VAL V 388 22.60 -30.98 28.44
N LEU V 389 23.16 -31.17 27.25
CA LEU V 389 22.52 -32.05 26.26
C LEU V 389 22.42 -33.48 26.77
N LYS V 390 23.49 -33.98 27.40
CA LYS V 390 23.46 -35.33 27.94
C LYS V 390 22.42 -35.46 29.05
N LYS V 391 22.32 -34.44 29.92
CA LYS V 391 21.34 -34.49 30.99
C LYS V 391 19.92 -34.46 30.44
N ALA V 392 19.68 -33.67 29.39
CA ALA V 392 18.36 -33.65 28.76
C ALA V 392 18.02 -35.00 28.14
N GLN V 393 18.99 -35.61 27.45
CA GLN V 393 18.77 -36.92 26.86
C GLN V 393 18.49 -37.97 27.94
N LEU V 394 19.21 -37.88 29.06
CA LEU V 394 18.97 -38.79 30.17
C LEU V 394 17.57 -38.60 30.76
N GLN V 395 17.12 -37.35 30.89
CA GLN V 395 15.77 -37.11 31.39
C GLN V 395 14.72 -37.68 30.43
N GLU V 396 14.94 -37.52 29.13
CA GLU V 396 14.00 -38.10 28.16
C GLU V 396 13.97 -39.62 28.25
N GLU V 397 15.15 -40.24 28.37
CA GLU V 397 15.20 -41.69 28.53
C GLU V 397 14.52 -42.12 29.83
N LEU V 398 14.67 -41.32 30.88
CA LEU V 398 14.04 -41.65 32.15
C LEU V 398 12.52 -41.59 32.06
N GLU V 399 11.98 -40.58 31.37
CA GLU V 399 10.53 -40.54 31.23
C GLU V 399 10.04 -41.69 30.37
N GLU V 400 10.81 -42.06 29.35
CA GLU V 400 10.44 -43.22 28.53
C GLU V 400 10.41 -44.49 29.38
N ALA V 401 11.39 -44.67 30.25
CA ALA V 401 11.40 -45.83 31.14
C ALA V 401 10.24 -45.77 32.12
N ARG V 402 9.93 -44.57 32.62
CA ARG V 402 8.80 -44.42 33.55
C ARG V 402 7.49 -44.83 32.89
N ASP V 403 7.28 -44.40 31.64
CA ASP V 403 6.05 -44.75 30.94
C ASP V 403 5.97 -46.24 30.64
N ALA V 404 7.09 -46.95 30.64
CA ALA V 404 7.11 -48.39 30.42
C ALA V 404 7.07 -49.19 31.71
N HIS V 405 6.97 -48.51 32.86
CA HIS V 405 6.88 -49.17 34.16
C HIS V 405 8.08 -50.09 34.41
N ASP V 406 9.26 -49.64 34.00
CA ASP V 406 10.50 -50.37 34.23
C ASP V 406 11.16 -49.81 35.49
N HIS V 407 10.94 -50.48 36.62
CA HIS V 407 11.44 -49.99 37.89
C HIS V 407 12.94 -50.23 38.08
N GLU V 408 13.57 -50.99 37.19
CA GLU V 408 14.99 -51.32 37.31
C GLU V 408 15.86 -50.34 36.53
N ARG V 409 15.49 -50.03 35.30
CA ARG V 409 16.24 -49.05 34.51
C ARG V 409 16.16 -47.66 35.13
N VAL V 410 14.99 -47.30 35.65
CA VAL V 410 14.78 -45.95 36.16
C VAL V 410 15.70 -45.66 37.34
N ALA V 411 15.97 -46.67 38.17
CA ALA V 411 16.91 -46.48 39.28
C ALA V 411 18.30 -46.15 38.78
N ARG V 412 18.78 -46.88 37.77
CA ARG V 412 20.09 -46.60 37.20
C ARG V 412 20.15 -45.22 36.58
N ILE V 413 19.09 -44.82 35.86
CA ILE V 413 19.07 -43.50 35.24
C ILE V 413 19.06 -42.41 36.31
N GLU V 414 18.31 -42.62 37.39
CA GLU V 414 18.29 -41.64 38.48
C GLU V 414 19.67 -41.52 39.12
N ALA V 415 20.35 -42.66 39.34
CA ALA V 415 21.69 -42.61 39.90
C ALA V 415 22.64 -41.86 38.99
N GLU V 416 22.57 -42.13 37.68
CA GLU V 416 23.44 -41.43 36.73
C GLU V 416 23.15 -39.93 36.71
N LEU V 417 21.87 -39.55 36.75
CA LEU V 417 21.51 -38.14 36.77
C LEU V 417 22.01 -37.46 38.04
N LYS V 418 21.90 -38.14 39.19
CA LYS V 418 22.42 -37.58 40.43
C LYS V 418 23.92 -37.41 40.36
N SER V 419 24.64 -38.38 39.79
CA SER V 419 26.09 -38.26 39.68
C SER V 419 26.48 -37.11 38.77
N ILE V 420 25.80 -36.96 37.62
CA ILE V 420 26.17 -35.93 36.66
C ILE V 420 25.84 -34.54 37.18
N GLY V 421 24.75 -34.39 37.93
CA GLY V 421 24.25 -33.09 38.32
C GLY V 421 25.05 -32.38 39.39
N ALA V 422 24.37 -31.61 40.24
CA ALA V 422 24.98 -30.83 41.30
C ALA V 422 25.92 -29.76 40.74
N GLU V 423 25.34 -28.85 39.97
CA GLU V 423 26.07 -27.74 39.36
C GLU V 423 26.21 -26.59 40.35
N SER V 424 26.93 -25.55 39.95
CA SER V 424 27.20 -24.40 40.79
C SER V 424 26.93 -23.11 40.03
N VAL V 425 26.55 -22.07 40.76
CA VAL V 425 26.28 -20.76 40.18
C VAL V 425 27.43 -19.79 40.40
N VAL V 426 27.99 -19.76 41.61
CA VAL V 426 29.02 -18.81 42.00
C VAL V 426 28.53 -17.39 41.69
N ALA V 427 27.56 -16.92 42.48
CA ALA V 427 27.00 -15.61 42.26
C ALA V 427 28.00 -14.53 42.66
N SER V 428 27.88 -13.38 41.99
CA SER V 428 28.79 -12.27 42.27
C SER V 428 28.46 -11.66 43.63
N LYS V 429 29.40 -10.86 44.13
CA LYS V 429 29.24 -10.24 45.44
C LYS V 429 28.05 -9.28 45.47
N ALA V 430 27.88 -8.50 44.40
CA ALA V 430 26.77 -7.54 44.35
C ALA V 430 25.43 -8.26 44.39
N SER V 431 25.31 -9.38 43.66
CA SER V 431 24.06 -10.12 43.66
C SER V 431 23.76 -10.71 45.03
N SER V 432 24.77 -11.24 45.71
CA SER V 432 24.55 -11.78 47.05
C SER V 432 24.14 -10.68 48.02
N SER V 433 24.78 -9.53 47.95
CA SER V 433 24.39 -8.41 48.80
C SER V 433 22.95 -7.98 48.52
N MET V 434 22.58 -7.93 47.23
CA MET V 434 21.21 -7.56 46.87
C MET V 434 20.21 -8.58 47.42
N LEU V 435 20.55 -9.86 47.36
CA LEU V 435 19.66 -10.89 47.91
C LEU V 435 19.47 -10.71 49.42
N LYS V 436 20.57 -10.44 50.14
CA LYS V 436 20.45 -10.22 51.59
C LYS V 436 19.59 -9.00 51.88
N ILE V 437 19.80 -7.92 51.14
CA ILE V 437 19.00 -6.71 51.32
C ILE V 437 17.53 -7.00 51.05
N ASP V 438 17.25 -7.77 50.00
CA ASP V 438 15.88 -8.10 49.66
C ASP V 438 15.21 -8.91 50.77
N GLN V 439 15.91 -9.89 51.33
CA GLN V 439 15.34 -10.67 52.42
C GLN V 439 15.04 -9.79 53.62
N ARG V 440 16.00 -8.95 54.01
CA ARG V 440 15.77 -8.06 55.15
C ARG V 440 14.59 -7.13 54.91
N ASN V 441 14.53 -6.53 53.71
CA ASN V 441 13.46 -5.59 53.40
C ASN V 441 12.11 -6.28 53.36
N LYS V 442 12.04 -7.51 52.84
CA LYS V 442 10.80 -8.25 52.83
C LYS V 442 10.31 -8.50 54.26
N LYS V 443 11.21 -8.92 55.14
CA LYS V 443 10.80 -9.17 56.53
C LYS V 443 10.33 -7.88 57.18
N LEU V 444 11.07 -6.79 56.99
CA LEU V 444 10.72 -5.53 57.63
C LEU V 444 9.39 -5.00 57.11
N ASN V 445 9.15 -5.12 55.81
CA ASN V 445 7.88 -4.70 55.24
C ASN V 445 6.73 -5.53 55.80
N ASN V 446 6.88 -6.86 55.78
CA ASN V 446 5.83 -7.74 56.28
C ASN V 446 5.50 -7.43 57.74
N ARG V 447 6.48 -6.99 58.52
CA ARG V 447 6.18 -6.62 59.89
C ARG V 447 5.51 -5.25 59.98
N PHE V 448 6.14 -4.23 59.42
CA PHE V 448 5.71 -2.85 59.66
C PHE V 448 4.38 -2.54 58.98
N ILE V 449 4.18 -2.99 57.74
CA ILE V 449 2.93 -2.71 57.04
C ILE V 449 1.77 -3.36 57.77
N ARG V 450 1.96 -4.60 58.22
CA ARG V 450 0.91 -5.29 58.97
C ARG V 450 0.61 -4.57 60.27
N LYS V 451 1.65 -4.12 60.98
CA LYS V 451 1.44 -3.40 62.23
C LYS V 451 0.67 -2.10 61.99
N ALA V 452 1.03 -1.36 60.95
CA ALA V 452 0.35 -0.10 60.65
C ALA V 452 -1.10 -0.35 60.26
N GLU V 453 -1.36 -1.39 59.47
CA GLU V 453 -2.75 -1.71 59.11
C GLU V 453 -3.56 -2.09 60.33
N MET V 454 -2.99 -2.87 61.24
CA MET V 454 -3.69 -3.23 62.47
C MET V 454 -3.96 -2.00 63.32
N ALA V 455 -3.01 -1.06 63.36
CA ALA V 455 -3.24 0.18 64.10
C ALA V 455 -4.35 1.00 63.49
N ALA V 456 -4.44 1.03 62.16
CA ALA V 456 -5.44 1.86 61.49
C ALA V 456 -6.84 1.27 61.58
N VAL V 457 -6.95 -0.07 61.49
CA VAL V 457 -8.27 -0.68 61.41
C VAL V 457 -9.02 -0.52 62.74
N GLU V 458 -8.31 -0.63 63.86
CA GLU V 458 -8.99 -0.48 65.16
C GLU V 458 -9.48 0.95 65.34
N LYS V 459 -8.69 1.94 64.91
CA LYS V 459 -9.14 3.33 64.97
C LYS V 459 -10.35 3.55 64.08
N ARG V 460 -10.35 2.98 62.87
CA ARG V 460 -11.51 3.11 62.01
C ARG V 460 -12.73 2.40 62.59
N LYS V 461 -12.50 1.32 63.36
CA LYS V 461 -13.61 0.62 64.00
C LYS V 461 -14.22 1.45 65.12
N LEU V 462 -13.38 2.03 65.98
CA LEU V 462 -13.93 2.74 67.14
C LEU V 462 -14.56 4.07 66.75
N ARG V 463 -14.26 4.60 65.57
CA ARG V 463 -14.96 5.78 65.06
C ARG V 463 -16.35 5.40 64.55
N LYS V 515 -7.90 34.73 81.98
CA LYS V 515 -7.58 35.72 83.02
C LYS V 515 -6.23 35.44 83.64
N LEU V 516 -5.62 34.30 83.27
CA LEU V 516 -4.32 33.94 83.80
C LEU V 516 -3.24 34.90 83.32
N GLU V 517 -3.42 35.52 82.16
CA GLU V 517 -2.46 36.50 81.67
C GLU V 517 -2.42 37.72 82.59
N SER V 518 -3.58 38.15 83.08
CA SER V 518 -3.64 39.27 84.02
C SER V 518 -3.39 38.84 85.45
N MET V 519 -3.74 37.60 85.81
CA MET V 519 -3.51 37.13 87.17
C MET V 519 -2.02 37.02 87.49
N VAL V 520 -1.22 36.58 86.52
CA VAL V 520 0.22 36.42 86.75
C VAL V 520 0.89 37.75 87.04
N LYS V 521 0.32 38.86 86.57
CA LYS V 521 0.87 40.19 86.85
C LYS V 521 0.68 40.50 88.32
N SER V 522 1.78 40.58 89.06
CA SER V 522 1.72 40.83 90.50
C SER V 522 2.99 41.57 90.92
N ASN V 523 3.28 41.55 92.21
CA ASN V 523 4.32 42.42 92.76
C ASN V 523 5.69 42.13 92.17
N TYR V 524 6.06 40.85 92.05
CA TYR V 524 7.39 40.53 91.56
C TYR V 524 7.57 40.98 90.12
N ARG V 525 6.54 40.83 89.29
CA ARG V 525 6.59 41.38 87.94
C ARG V 525 6.60 42.91 87.97
N ASN V 526 5.84 43.50 88.90
CA ASN V 526 5.84 44.95 89.07
C ASN V 526 7.14 45.47 89.66
N GLY V 527 7.95 44.61 90.26
CA GLY V 527 9.22 45.00 90.86
C GLY V 527 9.32 44.75 92.35
N GLY V 528 8.29 44.26 93.00
CA GLY V 528 8.35 44.00 94.43
C GLY V 528 8.84 42.61 94.77
N LEU V 529 9.66 42.04 93.89
CA LEU V 529 10.19 40.70 94.13
C LEU V 529 11.08 40.65 95.35
N ASP V 530 11.93 41.68 95.53
CA ASP V 530 12.85 41.69 96.66
C ASP V 530 12.10 41.69 97.98
N ARG V 531 11.01 42.47 98.06
CA ARG V 531 10.19 42.47 99.27
C ARG V 531 9.57 41.10 99.52
N ILE V 532 9.15 40.42 98.44
CA ILE V 532 8.58 39.08 98.58
C ILE V 532 9.62 38.12 99.14
N ILE V 533 10.84 38.16 98.62
CA ILE V 533 11.91 37.32 99.15
C ILE V 533 12.19 37.67 100.61
N SER V 534 12.13 38.96 100.95
CA SER V 534 12.30 39.37 102.34
C SER V 534 11.21 38.79 103.23
N LYS V 535 10.00 38.63 102.70
CA LYS V 535 8.91 38.01 103.45
C LYS V 535 9.05 36.50 103.56
N ILE V 536 10.00 35.89 102.84
CA ILE V 536 10.27 34.47 102.91
C ILE V 536 11.53 34.29 103.74
N ASP V 537 11.39 33.70 104.93
CA ASP V 537 12.49 33.52 105.85
C ASP V 537 12.90 32.05 105.90
N PHE V 538 14.21 31.82 105.87
CA PHE V 538 14.76 30.47 105.93
C PHE V 538 16.13 30.54 106.57
N ASP V 539 16.48 29.50 107.32
CA ASP V 539 17.74 29.42 108.02
C ASP V 539 18.64 28.41 107.33
N PHE V 540 19.85 28.85 106.98
CA PHE V 540 20.83 28.01 106.32
C PHE V 540 21.94 27.63 107.30
N ASP V 541 22.69 26.60 106.94
CA ASP V 541 23.88 26.19 107.71
C ASP V 541 25.13 26.82 107.11
N LEU V 542 25.14 28.14 107.09
CA LEU V 542 26.18 28.89 106.41
C LEU V 542 27.52 28.75 107.11
N GLU V 543 28.59 28.58 106.32
CA GLU V 543 29.94 28.58 106.86
C GLU V 543 30.41 29.99 107.14
N LEU V 544 29.92 30.97 106.39
CA LEU V 544 30.35 32.35 106.54
C LEU V 544 29.28 33.22 107.18
N HIS W 105 -70.46 -47.51 25.70
CA HIS W 105 -70.35 -48.95 25.95
C HIS W 105 -69.39 -49.62 24.97
N THR W 106 -68.14 -49.77 25.39
CA THR W 106 -67.16 -50.50 24.60
C THR W 106 -67.41 -51.99 24.79
N LYS W 107 -68.03 -52.62 23.80
CA LYS W 107 -68.41 -54.02 23.91
C LYS W 107 -67.17 -54.90 24.02
N SER W 108 -67.28 -55.97 24.80
CA SER W 108 -66.16 -56.88 24.99
C SER W 108 -65.81 -57.56 23.66
N VAL W 109 -64.52 -57.52 23.31
CA VAL W 109 -64.08 -58.07 22.04
C VAL W 109 -64.14 -59.59 22.07
N TYR W 110 -63.76 -60.20 23.18
CA TYR W 110 -63.63 -61.65 23.28
C TYR W 110 -64.93 -62.25 23.80
N ASP W 111 -65.57 -63.09 22.98
CA ASP W 111 -66.78 -63.79 23.39
C ASP W 111 -66.79 -65.24 22.93
N ASN W 112 -65.66 -65.78 22.48
CA ASN W 112 -65.62 -67.18 22.06
C ASN W 112 -65.80 -68.12 23.24
N GLY W 113 -65.28 -67.74 24.42
CA GLY W 113 -65.40 -68.58 25.59
C GLY W 113 -64.41 -69.71 25.70
N GLU W 114 -63.45 -69.79 24.78
CA GLU W 114 -62.47 -70.86 24.82
C GLU W 114 -61.67 -70.80 26.12
N THR W 115 -61.42 -71.96 26.72
CA THR W 115 -60.83 -72.05 28.03
C THR W 115 -59.73 -73.09 28.05
N LEU W 116 -58.64 -72.79 28.76
CA LEU W 116 -57.50 -73.69 28.88
C LEU W 116 -57.54 -74.40 30.23
N ASP W 117 -57.39 -75.72 30.21
CA ASP W 117 -57.34 -76.52 31.44
C ASP W 117 -55.88 -76.75 31.83
N ILE W 118 -55.23 -75.67 32.25
CA ILE W 118 -53.83 -75.70 32.65
C ILE W 118 -53.77 -75.71 34.18
N SER W 119 -52.99 -76.63 34.73
CA SER W 119 -52.81 -76.76 36.17
C SER W 119 -51.36 -76.45 36.51
N LEU W 120 -51.15 -75.54 37.45
CA LEU W 120 -49.83 -75.06 37.81
C LEU W 120 -49.35 -75.69 39.09
N PRO W 121 -48.10 -76.18 39.14
CA PRO W 121 -47.54 -76.73 40.38
C PRO W 121 -47.04 -75.61 41.29
N ILE W 122 -47.51 -75.60 42.53
CA ILE W 122 -47.14 -74.59 43.51
C ILE W 122 -46.52 -75.28 44.72
N HIS W 123 -45.43 -74.67 45.26
CA HIS W 123 -44.70 -75.20 46.40
C HIS W 123 -45.06 -74.43 47.66
N PRO W 124 -45.06 -75.11 48.82
CA PRO W 124 -45.30 -74.41 50.08
C PRO W 124 -44.23 -73.38 50.38
N LYS W 125 -44.63 -72.31 51.07
CA LYS W 125 -43.75 -71.20 51.39
C LYS W 125 -43.18 -71.36 52.79
N SER W 126 -41.88 -71.07 52.93
CA SER W 126 -41.24 -71.12 54.24
C SER W 126 -41.80 -70.08 55.20
N HIS W 127 -42.37 -69.00 54.69
CA HIS W 127 -42.94 -67.95 55.52
C HIS W 127 -44.16 -67.39 54.82
N ILE W 128 -45.03 -66.76 55.60
CA ILE W 128 -46.26 -66.17 55.07
C ILE W 128 -46.43 -64.77 55.64
N PRO W 129 -46.61 -63.75 54.79
CA PRO W 129 -46.86 -62.40 55.31
C PRO W 129 -48.16 -62.33 56.10
N GLN W 130 -48.18 -61.47 57.10
CA GLN W 130 -49.32 -61.29 57.99
C GLN W 130 -49.92 -59.91 57.79
N GLY W 131 -51.24 -59.85 57.64
CA GLY W 131 -51.96 -58.60 57.61
C GLY W 131 -51.89 -57.83 56.30
N LYS W 132 -50.83 -58.01 55.52
CA LYS W 132 -50.66 -57.25 54.28
C LYS W 132 -49.63 -57.94 53.41
N GLN W 133 -49.97 -58.13 52.13
CA GLN W 133 -49.03 -58.68 51.15
C GLN W 133 -48.22 -57.56 50.51
N ASP W 134 -47.50 -56.83 51.36
CA ASP W 134 -46.72 -55.67 50.94
C ASP W 134 -45.23 -55.97 51.01
N ARG W 135 -44.50 -55.51 50.01
CA ARG W 135 -43.06 -55.64 49.96
C ARG W 135 -42.46 -54.31 49.51
N TRP W 136 -41.20 -54.09 49.90
CA TRP W 136 -40.49 -52.87 49.57
C TRP W 136 -39.37 -53.20 48.59
N VAL W 137 -39.39 -52.57 47.43
CA VAL W 137 -38.31 -52.73 46.46
C VAL W 137 -37.18 -51.76 46.82
N VAL W 138 -35.96 -52.29 46.92
CA VAL W 138 -34.80 -51.51 47.34
C VAL W 138 -33.73 -51.63 46.27
N LYS W 139 -33.26 -50.48 45.79
CA LYS W 139 -32.15 -50.46 44.85
C LYS W 139 -30.85 -50.76 45.59
N LEU W 140 -29.99 -51.55 44.96
CA LEU W 140 -28.73 -51.95 45.59
C LEU W 140 -27.64 -50.96 45.25
N PRO W 141 -27.05 -50.28 46.22
CA PRO W 141 -25.96 -49.35 45.92
C PRO W 141 -24.69 -50.09 45.51
N ASP W 142 -23.75 -49.34 44.95
CA ASP W 142 -22.49 -49.94 44.54
C ASP W 142 -21.64 -50.37 45.73
N PHE W 143 -21.72 -49.64 46.83
CA PHE W 143 -20.93 -49.95 48.02
C PHE W 143 -21.53 -51.04 48.88
N LEU W 144 -22.71 -51.54 48.52
CA LEU W 144 -23.38 -52.60 49.25
C LEU W 144 -23.63 -53.76 48.31
N ASP W 145 -23.38 -54.97 48.78
CA ASP W 145 -23.56 -56.18 47.99
C ASP W 145 -24.27 -57.24 48.80
N ILE W 146 -24.89 -58.17 48.08
CA ILE W 146 -25.63 -59.29 48.68
C ILE W 146 -24.91 -60.58 48.33
N ASN W 147 -24.61 -61.38 49.34
CA ASN W 147 -23.98 -62.70 49.17
C ASN W 147 -24.96 -63.74 49.70
N ALA W 148 -25.83 -64.22 48.82
CA ALA W 148 -26.82 -65.21 49.24
C ALA W 148 -26.17 -66.52 49.64
N GLU W 149 -25.00 -66.82 49.10
CA GLU W 149 -24.33 -68.07 49.43
C GLU W 149 -23.94 -68.08 50.91
N PRO W 150 -23.99 -69.24 51.57
CA PRO W 150 -23.52 -69.31 52.96
C PRO W 150 -22.05 -68.96 53.04
N PHE W 151 -21.67 -68.29 54.13
CA PHE W 151 -20.30 -67.81 54.27
C PHE W 151 -19.36 -68.98 54.51
N ASP W 152 -18.35 -69.09 53.65
CA ASP W 152 -17.33 -70.14 53.76
C ASP W 152 -15.99 -69.47 54.01
N PRO W 153 -15.52 -69.42 55.26
CA PRO W 153 -14.32 -68.62 55.55
C PRO W 153 -13.08 -69.05 54.79
N ARG W 154 -12.87 -70.36 54.60
CA ARG W 154 -11.64 -70.82 53.97
C ARG W 154 -11.57 -70.44 52.49
N PRO W 155 -12.59 -70.70 51.66
CA PRO W 155 -12.52 -70.20 50.28
C PRO W 155 -12.42 -68.69 50.20
N PHE W 156 -13.08 -67.98 51.12
CA PHE W 156 -12.99 -66.52 51.11
C PHE W 156 -11.56 -66.05 51.37
N GLU W 157 -10.89 -66.64 52.36
CA GLU W 157 -9.52 -66.26 52.64
C GLU W 157 -8.59 -66.66 51.50
N MET W 158 -8.82 -67.83 50.90
CA MET W 158 -7.96 -68.30 49.83
C MET W 158 -8.22 -67.61 48.49
N ASN W 159 -9.32 -66.87 48.36
CA ASN W 159 -9.67 -66.24 47.10
C ASN W 159 -9.59 -64.71 47.16
N VAL W 160 -8.95 -64.16 48.19
CA VAL W 160 -8.77 -62.71 48.24
C VAL W 160 -7.75 -62.29 47.20
N LYS W 161 -8.11 -61.29 46.39
CA LYS W 161 -7.31 -60.87 45.25
C LYS W 161 -6.61 -59.55 45.56
N THR W 162 -5.33 -59.46 45.19
CA THR W 162 -4.53 -58.27 45.38
C THR W 162 -4.17 -57.67 44.03
N HIS W 163 -4.48 -56.39 43.84
CA HIS W 163 -4.25 -55.71 42.57
C HIS W 163 -3.33 -54.50 42.77
N GLU W 164 -2.61 -54.16 41.71
CA GLU W 164 -1.75 -52.98 41.75
C GLU W 164 -2.57 -51.70 41.88
N ASP W 165 -3.71 -51.63 41.20
CA ASP W 165 -4.55 -50.45 41.24
C ASP W 165 -5.13 -50.25 42.63
N LYS W 166 -4.68 -49.21 43.33
CA LYS W 166 -5.10 -49.00 44.71
C LYS W 166 -6.60 -48.72 44.80
N ASN W 167 -7.13 -47.96 43.84
CA ASN W 167 -8.55 -47.61 43.87
C ASN W 167 -9.42 -48.86 43.75
N GLN W 168 -9.09 -49.73 42.80
CA GLN W 168 -9.87 -50.96 42.62
C GLN W 168 -9.78 -51.86 43.84
N GLU W 169 -8.58 -51.99 44.41
CA GLU W 169 -8.41 -52.82 45.59
C GLU W 169 -9.20 -52.28 46.78
N LEU W 170 -9.17 -50.96 46.97
CA LEU W 170 -9.93 -50.36 48.06
C LEU W 170 -11.43 -50.53 47.86
N LEU W 171 -11.90 -50.35 46.61
CA LEU W 171 -13.32 -50.55 46.33
C LEU W 171 -13.74 -52.00 46.60
N ASP W 172 -12.90 -52.96 46.18
CA ASP W 172 -13.20 -54.36 46.42
C ASP W 172 -13.21 -54.67 47.91
N LYS W 173 -12.26 -54.12 48.66
CA LYS W 173 -12.24 -54.32 50.11
C LYS W 173 -13.51 -53.76 50.76
N LEU W 174 -13.91 -52.55 50.35
CA LEU W 174 -15.10 -51.94 50.93
C LEU W 174 -16.35 -52.76 50.62
N ILE W 175 -16.51 -53.18 49.35
CA ILE W 175 -17.70 -53.94 49.00
C ILE W 175 -17.69 -55.31 49.68
N ALA W 176 -16.51 -55.91 49.87
CA ALA W 176 -16.45 -57.20 50.54
C ALA W 176 -16.79 -57.08 52.02
N VAL W 177 -16.25 -56.06 52.70
CA VAL W 177 -16.53 -55.91 54.12
C VAL W 177 -17.98 -55.47 54.33
N ASN W 178 -18.57 -54.78 53.36
CA ASN W 178 -19.95 -54.32 53.47
C ASN W 178 -20.96 -55.31 52.90
N THR W 179 -20.50 -56.41 52.29
CA THR W 179 -21.42 -57.35 51.67
C THR W 179 -22.27 -58.06 52.73
N VAL W 180 -23.57 -58.16 52.45
CA VAL W 180 -24.47 -58.89 53.34
C VAL W 180 -24.24 -60.38 53.15
N ARG W 181 -23.99 -61.08 54.26
CA ARG W 181 -23.68 -62.51 54.22
C ARG W 181 -24.46 -63.24 55.30
N TRP W 182 -24.34 -64.56 55.29
CA TRP W 182 -24.97 -65.41 56.28
C TRP W 182 -24.18 -66.70 56.38
N ARG W 183 -24.35 -67.40 57.50
CA ARG W 183 -23.65 -68.66 57.71
C ARG W 183 -24.43 -69.48 58.73
N TYR W 184 -24.12 -70.78 58.74
CA TYR W 184 -24.74 -71.70 59.68
C TYR W 184 -24.03 -71.62 61.03
N ALA W 185 -24.81 -71.39 62.08
CA ALA W 185 -24.27 -71.28 63.44
C ALA W 185 -24.69 -72.50 64.24
N LYS W 186 -23.70 -73.21 64.76
CA LYS W 186 -23.96 -74.38 65.59
C LYS W 186 -24.44 -73.93 66.96
N SER W 187 -25.67 -74.28 67.31
CA SER W 187 -26.23 -73.89 68.60
C SER W 187 -25.53 -74.64 69.73
N GLU W 188 -25.58 -74.05 70.92
CA GLU W 188 -24.97 -74.68 72.10
C GLU W 188 -25.67 -75.98 72.47
N THR W 189 -26.89 -76.19 71.99
CA THR W 189 -27.63 -77.42 72.25
C THR W 189 -27.39 -78.50 71.20
N GLY W 190 -26.49 -78.25 70.25
CA GLY W 190 -26.18 -79.20 69.20
C GLY W 190 -26.92 -79.00 67.90
N GLY W 191 -27.94 -78.14 67.88
CA GLY W 191 -28.67 -77.88 66.66
C GLY W 191 -27.95 -76.90 65.75
N ILE W 192 -28.50 -76.74 64.54
CA ILE W 192 -27.98 -75.84 63.53
C ILE W 192 -28.99 -74.72 63.30
N PHE W 193 -28.51 -73.49 63.24
CA PHE W 193 -29.36 -72.33 63.03
C PHE W 193 -28.77 -71.44 61.96
N LYS W 194 -29.63 -70.72 61.25
CA LYS W 194 -29.21 -69.72 60.27
C LYS W 194 -28.85 -68.44 61.00
N GLU W 195 -27.61 -67.98 60.80
CA GLU W 195 -27.12 -66.76 61.43
C GLU W 195 -26.70 -65.78 60.35
N THR W 196 -27.09 -64.52 60.54
CA THR W 196 -26.83 -63.46 59.57
C THR W 196 -26.08 -62.32 60.24
N ASN W 197 -25.38 -61.53 59.43
CA ASN W 197 -24.65 -60.38 59.91
C ASN W 197 -25.35 -59.06 59.62
N SER W 198 -26.61 -59.11 59.18
CA SER W 198 -27.33 -57.91 58.77
C SER W 198 -28.65 -57.83 59.52
N GLN W 199 -29.02 -56.59 59.88
CA GLN W 199 -30.24 -56.33 60.65
C GLN W 199 -30.89 -55.07 60.12
N ILE W 200 -32.17 -54.91 60.47
CA ILE W 200 -32.95 -53.72 60.12
C ILE W 200 -33.35 -53.03 61.41
N ILE W 201 -33.07 -51.73 61.49
CA ILE W 201 -33.31 -50.95 62.70
C ILE W 201 -34.33 -49.88 62.39
N GLN W 202 -35.36 -49.79 63.23
CA GLN W 202 -36.37 -48.73 63.13
C GLN W 202 -36.20 -47.78 64.30
N TRP W 203 -36.06 -46.50 64.00
CA TRP W 203 -35.83 -45.48 65.01
C TRP W 203 -37.16 -44.98 65.57
N GLU W 204 -37.08 -44.03 66.51
CA GLU W 204 -38.29 -43.50 67.13
C GLU W 204 -39.10 -42.65 66.16
N ASP W 205 -38.44 -42.03 65.18
CA ASP W 205 -39.17 -41.24 64.19
C ASP W 205 -39.93 -42.10 63.19
N GLY W 206 -39.72 -43.42 63.19
CA GLY W 206 -40.37 -44.32 62.25
C GLY W 206 -39.53 -44.67 61.04
N THR W 207 -38.40 -44.00 60.83
CA THR W 207 -37.55 -44.30 59.70
C THR W 207 -36.86 -45.66 59.90
N TYR W 208 -36.47 -46.26 58.77
CA TYR W 208 -35.82 -47.56 58.78
C TYR W 208 -34.39 -47.42 58.27
N SER W 209 -33.51 -48.29 58.77
CA SER W 209 -32.11 -48.26 58.39
C SER W 209 -31.61 -49.69 58.23
N LEU W 210 -30.79 -49.91 57.21
CA LEU W 210 -30.16 -51.19 56.96
C LEU W 210 -28.80 -51.20 57.64
N ARG W 211 -28.55 -52.21 58.46
CA ARG W 211 -27.33 -52.29 59.26
C ARG W 211 -26.53 -53.52 58.86
N VAL W 212 -25.26 -53.32 58.52
CA VAL W 212 -24.30 -54.40 58.31
C VAL W 212 -23.13 -54.13 59.25
N GLY W 213 -22.93 -55.01 60.22
CA GLY W 213 -21.90 -54.77 61.21
C GLY W 213 -22.18 -53.47 61.96
N SER W 214 -21.17 -52.61 62.03
CA SER W 214 -21.32 -51.30 62.65
C SER W 214 -21.78 -50.24 61.67
N GLU W 215 -21.87 -50.56 60.37
CA GLU W 215 -22.30 -49.59 59.38
C GLU W 215 -23.81 -49.48 59.36
N ILE W 216 -24.31 -48.25 59.22
CA ILE W 216 -25.75 -47.98 59.19
C ILE W 216 -26.03 -47.14 57.94
N PHE W 217 -26.99 -47.60 57.13
CA PHE W 217 -27.40 -46.90 55.93
C PHE W 217 -28.89 -46.57 56.05
N ASP W 218 -29.23 -45.30 55.89
CA ASP W 218 -30.61 -44.86 56.02
C ASP W 218 -31.43 -45.30 54.81
N MET W 219 -32.74 -45.40 55.01
CA MET W 219 -33.67 -45.79 53.96
C MET W 219 -34.60 -44.61 53.65
N PHE W 220 -34.70 -44.26 52.38
CA PHE W 220 -35.60 -43.22 51.91
C PHE W 220 -36.71 -43.89 51.11
N THR W 221 -37.95 -43.75 51.57
CA THR W 221 -39.08 -44.45 51.00
C THR W 221 -39.95 -43.50 50.21
N THR W 222 -40.27 -43.87 48.97
CA THR W 222 -41.20 -43.14 48.13
C THR W 222 -42.34 -44.07 47.73
N ASN W 223 -43.57 -43.63 47.99
CA ASN W 223 -44.73 -44.46 47.71
C ASN W 223 -44.94 -44.60 46.22
N THR W 224 -45.18 -45.83 45.77
CA THR W 224 -45.40 -46.13 44.36
C THR W 224 -46.70 -46.90 44.20
N ASP W 225 -47.55 -46.46 43.29
CA ASP W 225 -48.83 -47.08 43.04
C ASP W 225 -48.81 -47.88 41.75
N ASP W 226 -49.66 -48.90 41.70
CA ASP W 226 -49.75 -49.81 40.56
C ASP W 226 -48.41 -50.46 40.24
N ASN W 227 -47.69 -50.88 41.29
CA ASN W 227 -46.43 -51.61 41.15
C ASN W 227 -46.56 -52.90 41.94
N TYR W 228 -46.39 -54.03 41.25
CA TYR W 228 -46.59 -55.34 41.85
C TYR W 228 -45.41 -56.26 41.53
N LEU W 229 -45.31 -57.33 42.30
CA LEU W 229 -44.30 -58.37 42.09
C LEU W 229 -44.98 -59.63 41.57
N VAL W 230 -44.37 -60.24 40.55
CA VAL W 230 -44.93 -61.44 39.92
C VAL W 230 -43.86 -62.52 39.90
N SER W 231 -44.31 -63.76 39.75
CA SER W 231 -43.44 -64.93 39.61
C SER W 231 -43.53 -65.44 38.17
N GLU W 232 -42.37 -65.61 37.54
CA GLU W 232 -42.32 -66.03 36.14
C GLU W 232 -42.35 -67.55 36.03
N HIS W 233 -43.21 -68.04 35.15
CA HIS W 233 -43.32 -69.47 34.82
C HIS W 233 -42.99 -69.61 33.35
N ASN W 234 -41.69 -69.75 33.05
CA ASN W 234 -41.23 -69.74 31.67
C ASN W 234 -41.72 -70.97 30.91
N GLU W 235 -41.75 -72.13 31.56
CA GLU W 235 -42.13 -73.36 30.87
C GLU W 235 -43.57 -73.31 30.36
N GLU W 236 -44.44 -72.54 31.03
CA GLU W 236 -45.81 -72.36 30.60
C GLU W 236 -46.04 -71.00 29.94
N GLY W 237 -45.08 -70.10 29.99
CA GLY W 237 -45.22 -68.81 29.36
C GLY W 237 -46.30 -67.92 29.94
N ILE W 238 -46.51 -67.98 31.25
CA ILE W 238 -47.46 -67.12 31.93
C ILE W 238 -46.79 -66.55 33.17
N LEU W 239 -47.32 -65.42 33.64
CA LEU W 239 -46.78 -64.73 34.80
C LEU W 239 -47.80 -64.78 35.94
N MET W 240 -47.36 -65.29 37.09
CA MET W 240 -48.19 -65.39 38.28
C MET W 240 -47.78 -64.30 39.27
N THR W 241 -48.76 -63.51 39.69
CA THR W 241 -48.48 -62.43 40.64
C THR W 241 -48.09 -63.01 42.00
N GLU W 242 -47.28 -62.23 42.73
CA GLU W 242 -46.84 -62.61 44.07
C GLU W 242 -47.36 -61.67 45.15
N SER W 243 -47.09 -60.38 45.03
CA SER W 243 -47.53 -59.39 46.01
C SER W 243 -47.40 -58.01 45.38
N THR W 244 -47.57 -56.97 46.20
CA THR W 244 -47.56 -55.59 45.74
C THR W 244 -46.31 -54.88 46.25
N LEU W 245 -45.65 -54.15 45.37
CA LEU W 245 -44.49 -53.34 45.74
C LEU W 245 -44.99 -51.91 46.00
N SER W 246 -45.35 -51.64 47.25
CA SER W 246 -45.96 -50.35 47.59
C SER W 246 -44.93 -49.22 47.59
N LYS W 247 -43.74 -49.44 48.15
CA LYS W 247 -42.76 -48.39 48.34
C LYS W 247 -41.44 -48.74 47.69
N SER W 248 -40.81 -47.75 47.07
CA SER W 248 -39.45 -47.86 46.57
C SER W 248 -38.51 -47.24 47.60
N VAL W 249 -37.45 -47.97 47.96
CA VAL W 249 -36.57 -47.58 49.05
C VAL W 249 -35.16 -47.38 48.50
N LYS W 250 -34.57 -46.24 48.83
CA LYS W 250 -33.19 -45.93 48.48
C LYS W 250 -32.32 -46.02 49.73
N LEU W 251 -31.11 -46.54 49.57
CA LEU W 251 -30.16 -46.68 50.67
C LEU W 251 -29.12 -45.56 50.60
N VAL W 252 -28.98 -44.83 51.70
CA VAL W 252 -28.10 -43.67 51.75
C VAL W 252 -27.18 -43.78 52.96
N PRO W 253 -25.89 -43.46 52.83
CA PRO W 253 -25.01 -43.46 54.00
C PRO W 253 -25.50 -42.48 55.06
N ALA W 254 -25.30 -42.86 56.32
CA ALA W 254 -25.87 -42.09 57.44
C ALA W 254 -25.22 -40.72 57.56
N SER W 255 -23.90 -40.64 57.43
CA SER W 255 -23.20 -39.38 57.67
C SER W 255 -21.89 -39.38 56.91
N PHE W 256 -21.26 -38.20 56.86
CA PHE W 256 -19.94 -38.07 56.24
C PHE W 256 -18.90 -38.91 56.97
N GLN W 257 -18.95 -38.90 58.30
CA GLN W 257 -17.94 -39.57 59.10
C GLN W 257 -17.99 -41.09 59.01
N SER W 258 -19.05 -41.64 58.40
CA SER W 258 -19.11 -43.08 58.19
C SER W 258 -17.94 -43.55 57.35
N THR W 259 -17.34 -44.68 57.75
CA THR W 259 -16.15 -45.18 57.06
C THR W 259 -16.45 -45.55 55.62
N THR W 260 -17.66 -46.06 55.35
CA THR W 260 -18.03 -46.40 53.98
C THR W 260 -18.02 -45.17 53.08
N HIS W 261 -18.60 -44.06 53.56
CA HIS W 261 -18.62 -42.84 52.77
C HIS W 261 -17.20 -42.31 52.53
N GLN W 262 -16.36 -42.35 53.56
CA GLN W 262 -14.99 -41.86 53.41
C GLN W 262 -14.21 -42.72 52.42
N LYS W 263 -14.38 -44.05 52.49
CA LYS W 263 -13.70 -44.91 51.54
C LYS W 263 -14.18 -44.68 50.11
N LEU W 264 -15.50 -44.50 49.95
CA LEU W 264 -16.03 -44.18 48.62
C LEU W 264 -15.47 -42.87 48.10
N ALA W 265 -15.40 -41.84 48.96
CA ALA W 265 -14.87 -40.55 48.54
C ALA W 265 -13.41 -40.67 48.15
N LYS W 266 -12.62 -41.40 48.94
CA LYS W 266 -11.21 -41.59 48.62
C LYS W 266 -11.05 -42.31 47.28
N ALA W 267 -11.82 -43.38 47.07
CA ALA W 267 -11.72 -44.15 45.84
C ALA W 267 -12.09 -43.30 44.62
N LEU W 268 -13.18 -42.54 44.73
CA LEU W 268 -13.63 -41.75 43.58
C LEU W 268 -12.72 -40.55 43.35
N SER W 269 -12.15 -39.97 44.40
CA SER W 269 -11.25 -38.84 44.24
C SER W 269 -9.93 -39.26 43.60
N ALA W 270 -9.37 -40.39 44.04
CA ALA W 270 -8.12 -40.86 43.45
C ALA W 270 -8.33 -41.59 42.14
N LYS W 271 -9.57 -41.99 41.81
CA LYS W 271 -9.83 -42.64 40.53
C LYS W 271 -9.64 -41.67 39.37
N GLN W 272 -10.14 -40.44 39.51
CA GLN W 272 -10.05 -39.45 38.46
C GLN W 272 -8.72 -38.70 38.44
N LYS W 273 -7.83 -38.97 39.40
CA LYS W 273 -6.52 -38.34 39.38
C LYS W 273 -5.58 -38.99 38.36
N LYS W 274 -5.70 -40.29 38.14
CA LYS W 274 -4.81 -41.02 37.25
C LYS W 274 -5.34 -40.90 35.82
N GLU W 275 -4.61 -40.17 34.97
CA GLU W 275 -5.01 -39.98 33.57
C GLU W 275 -3.76 -39.65 32.76
N SER W 276 -3.21 -40.67 32.10
CA SER W 276 -2.05 -40.48 31.23
C SER W 276 -2.06 -41.61 30.21
N TYR W 277 -2.50 -41.33 28.99
CA TYR W 277 -2.67 -42.34 27.96
C TYR W 277 -1.47 -42.45 27.03
N ALA W 278 -0.96 -41.33 26.53
CA ALA W 278 0.17 -41.35 25.62
C ALA W 278 1.42 -41.81 26.36
N ARG W 279 2.19 -42.69 25.72
CA ARG W 279 3.40 -43.25 26.29
C ARG W 279 4.60 -42.69 25.55
N SER W 280 5.56 -42.16 26.30
CA SER W 280 6.72 -41.52 25.69
C SER W 280 7.68 -42.55 25.12
N VAL W 281 8.49 -42.11 24.16
CA VAL W 281 9.46 -42.97 23.49
C VAL W 281 10.57 -42.07 22.96
N VAL W 282 11.73 -42.66 22.66
CA VAL W 282 12.89 -41.93 22.19
C VAL W 282 13.14 -42.29 20.73
N THR W 283 13.24 -41.26 19.89
CA THR W 283 13.53 -41.45 18.47
C THR W 283 15.03 -41.43 18.25
N LYS W 284 15.56 -42.49 17.65
CA LYS W 284 16.99 -42.59 17.37
C LYS W 284 17.35 -42.26 15.94
N GLU W 285 16.40 -42.33 15.02
CA GLU W 285 16.66 -42.10 13.60
C GLU W 285 15.55 -41.25 13.01
N ASP W 286 15.65 -40.98 11.72
CA ASP W 286 14.64 -40.18 11.04
C ASP W 286 13.34 -40.97 10.95
N PRO W 287 12.22 -40.41 11.43
CA PRO W 287 10.95 -41.12 11.31
C PRO W 287 10.49 -41.35 9.88
N GLU W 288 11.03 -40.60 8.91
CA GLU W 288 10.65 -40.75 7.51
C GLU W 288 11.52 -41.76 6.77
N GLU W 289 12.51 -42.37 7.43
CA GLU W 289 13.43 -43.26 6.73
C GLU W 289 12.73 -44.50 6.20
N ARG W 290 11.83 -45.08 6.99
CA ARG W 290 11.13 -46.28 6.56
C ARG W 290 10.34 -46.02 5.29
N GLN W 291 9.62 -44.90 5.23
CA GLN W 291 8.80 -44.60 4.06
C GLN W 291 9.66 -44.49 2.81
N ARG W 292 10.77 -43.75 2.90
CA ARG W 292 11.58 -43.53 1.71
C ARG W 292 12.28 -44.81 1.26
N ARG W 293 12.79 -45.61 2.21
CA ARG W 293 13.45 -46.85 1.80
C ARG W 293 12.45 -47.84 1.20
N LEU W 294 11.24 -47.91 1.76
CA LEU W 294 10.24 -48.80 1.21
C LEU W 294 9.73 -48.31 -0.14
N GLU W 295 9.64 -46.99 -0.32
CA GLU W 295 9.29 -46.45 -1.64
C GLU W 295 10.35 -46.78 -2.67
N SER W 296 11.62 -46.70 -2.28
CA SER W 296 12.69 -47.08 -3.20
C SER W 296 12.59 -48.54 -3.59
N GLN W 297 12.36 -49.42 -2.61
CA GLN W 297 12.21 -50.84 -2.92
C GLN W 297 10.99 -51.10 -3.80
N GLU W 298 9.88 -50.41 -3.52
CA GLU W 298 8.68 -50.58 -4.33
C GLU W 298 8.90 -50.12 -5.77
N ASN W 299 9.61 -49.00 -5.95
CA ASN W 299 9.91 -48.55 -7.31
C ASN W 299 10.83 -49.53 -8.03
N GLU W 300 11.81 -50.09 -7.30
CA GLU W 300 12.68 -51.09 -7.89
C GLU W 300 11.89 -52.31 -8.37
N ARG W 301 10.99 -52.81 -7.53
CA ARG W 301 10.23 -53.98 -7.94
C ARG W 301 9.19 -53.63 -8.98
N TYR W 302 8.72 -52.37 -9.01
CA TYR W 302 7.90 -51.91 -10.12
C TYR W 302 8.64 -51.98 -11.44
N ARG W 303 9.90 -51.51 -11.47
CA ARG W 303 10.69 -51.58 -12.68
C ARG W 303 10.93 -53.02 -13.10
N LEU W 304 11.27 -53.88 -12.14
CA LEU W 304 11.50 -55.29 -12.45
C LEU W 304 10.23 -55.95 -12.98
N GLU W 305 9.08 -55.66 -12.36
CA GLU W 305 7.82 -56.24 -12.79
C GLU W 305 7.42 -55.75 -14.17
N ARG W 306 7.65 -54.47 -14.45
CA ARG W 306 7.36 -53.94 -15.78
C ARG W 306 8.22 -54.62 -16.84
N ARG W 307 9.51 -54.79 -16.55
CA ARG W 307 10.38 -55.50 -17.47
C ARG W 307 9.93 -56.93 -17.69
N ARG W 308 9.56 -57.63 -16.61
CA ARG W 308 9.11 -59.00 -16.72
C ARG W 308 7.84 -59.10 -17.55
N LYS W 309 6.88 -58.20 -17.31
CA LYS W 309 5.63 -58.22 -18.06
C LYS W 309 5.85 -57.91 -19.53
N GLN W 310 6.74 -56.96 -19.83
CA GLN W 310 7.07 -56.70 -21.24
C GLN W 310 7.80 -57.88 -21.87
N ALA W 311 8.54 -58.64 -21.08
CA ALA W 311 9.20 -59.84 -21.59
C ALA W 311 8.32 -61.08 -21.53
N GLU W 312 7.16 -60.99 -20.88
CA GLU W 312 6.24 -62.11 -20.78
C GLU W 312 5.21 -62.09 -21.91
N ARG X 10 -16.31 106.64 33.73
CA ARG X 10 -16.74 105.29 33.43
C ARG X 10 -17.89 104.88 34.34
N GLN X 11 -19.12 105.14 33.88
CA GLN X 11 -20.33 104.85 34.67
C GLN X 11 -20.72 103.40 34.43
N ASP X 12 -20.28 102.53 35.34
CA ASP X 12 -20.58 101.11 35.25
C ASP X 12 -20.85 100.57 36.65
N TYR X 13 -20.84 99.24 36.76
CA TYR X 13 -21.18 98.57 38.00
C TYR X 13 -20.25 98.99 39.13
N ILE X 14 -20.82 99.26 40.30
CA ILE X 14 -20.05 99.69 41.45
C ILE X 14 -19.68 98.47 42.29
N ALA X 15 -18.38 98.27 42.51
CA ALA X 15 -17.89 97.17 43.33
C ALA X 15 -16.51 97.54 43.86
N LYS X 16 -16.27 97.17 45.12
CA LYS X 16 -14.99 97.44 45.78
C LYS X 16 -14.27 96.14 46.06
N VAL X 17 -12.97 96.11 45.79
CA VAL X 17 -12.14 94.92 45.96
C VAL X 17 -11.15 95.20 47.08
N ARG X 18 -11.20 94.36 48.12
CA ARG X 18 -10.28 94.47 49.24
C ARG X 18 -9.91 93.05 49.68
N TYR X 19 -8.67 92.66 49.44
CA TYR X 19 -8.20 91.34 49.85
C TYR X 19 -8.18 91.24 51.37
N GLN X 20 -8.59 90.08 51.88
CA GLN X 20 -8.65 89.83 53.32
C GLN X 20 -7.51 88.90 53.71
N ASN X 21 -6.52 89.45 54.40
CA ASN X 21 -5.39 88.69 54.93
C ASN X 21 -5.15 89.06 56.38
N ASP X 22 -6.23 89.34 57.11
CA ASP X 22 -6.11 89.81 58.48
C ASP X 22 -5.74 88.67 59.42
N LEU X 23 -4.74 88.92 60.25
CA LEU X 23 -4.28 87.90 61.19
C LEU X 23 -5.31 87.71 62.30
N PRO X 24 -5.60 86.46 62.69
CA PRO X 24 -6.55 86.24 63.79
C PRO X 24 -5.94 86.61 65.13
N ALA X 25 -6.81 86.79 66.12
CA ALA X 25 -6.36 87.07 67.47
C ALA X 25 -5.66 85.85 68.05
N PRO X 26 -4.72 86.06 68.99
CA PRO X 26 -4.04 84.92 69.61
C PRO X 26 -5.02 83.97 70.26
N PRO X 27 -4.79 82.65 70.13
CA PRO X 27 -5.78 81.69 70.62
C PRO X 27 -5.70 81.45 72.12
N CYS X 28 -4.49 81.50 72.69
CA CYS X 28 -4.24 81.19 74.08
C CYS X 28 -4.87 79.85 74.47
N PRO X 29 -4.44 78.75 73.84
CA PRO X 29 -5.08 77.45 74.10
C PRO X 29 -4.70 76.92 75.47
N PRO X 30 -5.44 75.93 75.98
CA PRO X 30 -5.06 75.34 77.28
C PRO X 30 -3.67 74.74 77.21
N LYS X 31 -2.94 74.88 78.31
CA LYS X 31 -1.54 74.45 78.38
C LYS X 31 -1.45 73.02 78.88
N LEU X 32 -0.62 72.22 78.21
CA LEU X 32 -0.33 70.87 78.67
C LEU X 32 0.45 70.93 79.97
N LEU X 33 0.29 69.89 80.78
CA LEU X 33 1.02 69.76 82.04
C LEU X 33 2.10 68.71 81.89
N LYS X 34 3.34 69.09 82.21
CA LYS X 34 4.46 68.17 82.09
C LYS X 34 4.30 66.99 83.05
N TYR X 35 4.68 65.81 82.57
CA TYR X 35 4.63 64.62 83.42
C TYR X 35 5.67 64.72 84.52
N GLU X 36 5.49 63.88 85.55
CA GLU X 36 6.51 63.80 86.59
C GLU X 36 7.84 63.31 86.03
N ILE X 37 7.79 62.43 85.02
CA ILE X 37 9.01 61.95 84.37
C ILE X 37 9.58 62.95 83.37
N GLU X 38 8.97 64.12 83.24
CA GLU X 38 9.53 65.18 82.41
C GLU X 38 10.50 66.06 83.19
N LYS X 39 10.68 65.82 84.48
CA LYS X 39 11.59 66.60 85.31
C LYS X 39 12.86 65.79 85.57
N GLU X 40 13.99 66.49 85.65
CA GLU X 40 15.28 65.80 85.69
C GLU X 40 15.43 64.95 86.95
N ALA X 41 15.03 65.48 88.10
CA ALA X 41 15.20 64.74 89.35
C ALA X 41 14.35 63.45 89.39
N PRO X 42 13.06 63.47 89.05
CA PRO X 42 12.34 62.18 88.97
C PRO X 42 12.92 61.23 87.94
N GLN X 43 13.43 61.75 86.82
CA GLN X 43 14.10 60.88 85.86
C GLN X 43 15.30 60.18 86.48
N LYS X 44 16.11 60.95 87.23
CA LYS X 44 17.28 60.37 87.89
C LYS X 44 16.85 59.33 88.90
N GLU X 45 15.81 59.62 89.68
CA GLU X 45 15.34 58.66 90.68
C GLU X 45 14.82 57.38 90.03
N PHE X 46 14.08 57.51 88.92
CA PHE X 46 13.51 56.33 88.27
C PHE X 46 14.58 55.49 87.60
N LEU X 47 15.53 56.13 86.90
CA LEU X 47 16.56 55.37 86.19
C LEU X 47 17.51 54.67 87.16
N LYS X 48 17.84 55.32 88.27
CA LYS X 48 18.76 54.77 89.25
C LYS X 48 18.12 53.74 90.16
N ASP X 49 16.95 53.22 89.80
CA ASP X 49 16.28 52.22 90.62
C ASP X 49 17.06 50.91 90.62
N SER X 50 17.07 50.25 91.78
CA SER X 50 17.70 48.95 91.91
C SER X 50 16.76 47.80 91.57
N ARG X 51 15.45 48.00 91.72
CA ARG X 51 14.50 46.97 91.35
C ARG X 51 14.52 46.69 89.85
N LEU X 52 14.96 47.67 89.05
CA LEU X 52 15.11 47.43 87.61
C LEU X 52 16.17 46.37 87.36
N LEU X 53 17.30 46.45 88.05
CA LEU X 53 18.32 45.42 87.92
C LEU X 53 17.86 44.08 88.51
N SER X 54 17.01 44.11 89.53
CA SER X 54 16.44 42.87 90.04
C SER X 54 15.55 42.20 89.00
N ALA X 55 14.71 42.99 88.32
CA ALA X 55 13.89 42.44 87.25
C ALA X 55 14.75 41.92 86.10
N LEU X 56 15.83 42.64 85.78
CA LEU X 56 16.75 42.17 84.75
C LEU X 56 17.40 40.86 85.14
N PHE X 57 17.78 40.72 86.41
CA PHE X 57 18.32 39.45 86.89
C PHE X 57 17.28 38.34 86.78
N SER X 58 16.03 38.63 87.16
CA SER X 58 14.98 37.62 87.07
C SER X 58 14.76 37.18 85.63
N LYS X 59 14.82 38.13 84.69
CA LYS X 59 14.73 37.78 83.28
C LYS X 59 15.91 36.90 82.86
N ASP X 60 17.13 37.29 83.26
CA ASP X 60 18.32 36.53 82.91
C ASP X 60 18.46 35.28 83.75
N ASN X 61 18.08 35.35 85.04
CA ASN X 61 18.23 34.27 85.99
C ASN X 61 19.68 33.79 86.05
N PHE X 62 19.93 32.59 85.54
CA PHE X 62 21.25 31.96 85.55
C PHE X 62 21.58 31.42 84.16
N ARG X 63 21.36 32.24 83.14
CA ARG X 63 21.61 31.83 81.76
C ARG X 63 23.09 31.53 81.53
N TYR X 64 23.94 32.53 81.73
CA TYR X 64 25.37 32.41 81.44
C TYR X 64 26.15 31.71 82.54
N LEU X 65 25.48 31.22 83.59
CA LEU X 65 26.15 30.45 84.62
C LEU X 65 26.15 28.95 84.36
N MET X 66 25.52 28.50 83.27
CA MET X 66 25.53 27.09 82.91
C MET X 66 26.79 26.68 82.16
N ASN X 67 27.66 27.63 81.81
CA ASN X 67 28.87 27.29 81.07
C ASN X 67 29.79 26.40 81.90
N GLU X 68 29.92 26.67 83.20
CA GLU X 68 30.75 25.83 84.04
C GLU X 68 30.12 24.45 84.25
N THR X 69 28.80 24.37 84.21
CA THR X 69 28.08 23.11 84.46
C THR X 69 28.31 22.07 83.37
N SER X 70 29.17 22.36 82.39
CA SER X 70 29.52 21.41 81.34
C SER X 70 30.47 20.32 81.81
N ASP X 71 30.62 20.13 83.13
CA ASP X 71 31.50 19.08 83.64
C ASP X 71 31.08 17.71 83.15
N GLY X 72 29.80 17.53 82.80
CA GLY X 72 29.33 16.26 82.28
C GLY X 72 29.76 15.99 80.85
N LEU X 73 30.28 17.00 80.15
CA LEU X 73 30.73 16.78 78.77
C LEU X 73 32.04 16.02 78.72
N ASP X 74 32.87 16.13 79.76
CA ASP X 74 34.16 15.44 79.76
C ASP X 74 33.97 13.94 79.70
N VAL X 75 34.78 13.28 78.86
CA VAL X 75 34.68 11.85 78.61
C VAL X 75 35.99 11.19 79.02
N ASN X 76 35.89 10.16 79.86
CA ASN X 76 37.06 9.40 80.29
C ASN X 76 36.76 7.92 80.16
N TYR X 77 37.76 7.16 79.72
CA TYR X 77 37.56 5.74 79.45
C TYR X 77 37.32 4.94 80.72
N LEU X 78 38.03 5.29 81.81
CA LEU X 78 37.96 4.51 83.04
C LEU X 78 36.62 4.63 83.76
N ARG X 79 35.76 5.58 83.36
CA ARG X 79 34.50 5.78 84.07
C ARG X 79 33.59 4.55 83.97
N ILE X 80 33.51 3.93 82.80
CA ILE X 80 32.63 2.78 82.62
C ILE X 80 33.19 1.59 83.40
N PRO X 81 32.39 0.92 84.22
CA PRO X 81 32.93 -0.19 85.02
C PRO X 81 33.40 -1.38 84.18
N GLY X 82 32.59 -1.82 83.23
CA GLY X 82 32.86 -3.04 82.49
C GLY X 82 33.52 -2.89 81.14
N ILE X 83 33.91 -1.68 80.74
CA ILE X 83 34.52 -1.49 79.43
C ILE X 83 35.99 -1.90 79.43
N ILE X 84 36.59 -2.08 80.59
CA ILE X 84 38.03 -2.28 80.67
C ILE X 84 38.41 -3.65 81.23
N GLU X 85 37.49 -4.37 81.87
CA GLU X 85 37.87 -5.60 82.58
C GLU X 85 38.58 -6.60 81.68
N ASN X 86 38.27 -6.59 80.39
CA ASN X 86 39.05 -7.31 79.39
C ASN X 86 39.51 -6.30 78.33
N GLU X 87 40.62 -6.62 77.67
CA GLU X 87 41.12 -5.74 76.62
C GLU X 87 40.07 -5.50 75.56
N LYS X 88 39.30 -6.53 75.20
CA LYS X 88 38.24 -6.42 74.22
C LYS X 88 36.87 -6.20 74.84
N SER X 89 36.81 -5.81 76.12
CA SER X 89 35.52 -5.48 76.73
C SER X 89 34.87 -4.30 76.04
N LEU X 90 35.66 -3.40 75.46
CA LEU X 90 35.09 -2.31 74.67
C LEU X 90 34.27 -2.85 73.51
N GLY X 91 34.86 -3.78 72.75
CA GLY X 91 34.12 -4.38 71.65
C GLY X 91 32.95 -5.23 72.13
N LYS X 92 33.11 -5.91 73.26
CA LYS X 92 32.02 -6.72 73.80
C LYS X 92 30.83 -5.85 74.20
N LEU X 93 31.09 -4.73 74.87
CA LEU X 93 30.02 -3.83 75.27
C LEU X 93 29.41 -3.10 74.07
N PHE X 94 30.24 -2.75 73.09
CA PHE X 94 29.70 -2.18 71.86
C PHE X 94 28.84 -3.20 71.13
N SER X 95 29.18 -4.48 71.24
CA SER X 95 28.38 -5.56 70.69
C SER X 95 27.41 -6.16 71.71
N SER X 96 27.45 -5.70 72.96
CA SER X 96 26.46 -6.14 73.93
C SER X 96 25.12 -5.43 73.73
N TYR X 97 25.13 -4.22 73.18
CA TYR X 97 23.92 -3.46 72.95
C TYR X 97 23.31 -3.72 71.57
N LYS X 98 23.97 -4.53 70.74
CA LYS X 98 23.35 -4.92 69.47
C LYS X 98 22.15 -5.83 69.71
N ASN X 99 22.14 -6.56 70.83
CA ASN X 99 20.95 -7.30 71.22
C ASN X 99 19.81 -6.36 71.59
N LEU X 100 20.14 -5.18 72.09
CA LEU X 100 19.15 -4.17 72.44
C LEU X 100 18.85 -3.28 71.23
N ALA X 101 17.78 -2.51 71.36
CA ALA X 101 17.34 -1.60 70.29
C ALA X 101 16.51 -0.50 70.93
N ILE X 102 15.78 0.24 70.10
CA ILE X 102 14.89 1.29 70.60
C ILE X 102 13.76 0.68 71.43
N GLU X 103 13.31 -0.51 71.05
CA GLU X 103 12.21 -1.15 71.79
C GLU X 103 12.61 -1.44 73.23
N ASN X 104 13.85 -1.92 73.44
CA ASN X 104 14.32 -2.23 74.79
C ASN X 104 14.52 -0.99 75.65
N LEU X 105 14.53 0.20 75.06
CA LEU X 105 14.63 1.43 75.84
C LEU X 105 13.38 1.62 76.68
N HIS X 106 13.56 2.27 77.83
CA HIS X 106 12.42 2.54 78.71
C HIS X 106 11.44 3.48 78.02
N PRO X 107 10.13 3.28 78.21
CA PRO X 107 9.16 4.17 77.55
C PRO X 107 9.37 5.64 77.87
N ASP X 108 9.72 5.97 79.11
CA ASP X 108 10.00 7.36 79.44
C ASP X 108 11.25 7.85 78.73
N ASP X 109 12.28 7.01 78.64
CA ASP X 109 13.47 7.36 77.88
C ASP X 109 13.18 7.45 76.38
N ARG X 110 12.25 6.62 75.88
CA ARG X 110 11.78 6.79 74.51
C ARG X 110 11.10 8.13 74.33
N LEU X 111 10.37 8.58 75.35
CA LEU X 111 9.75 9.91 75.28
C LEU X 111 10.80 11.01 75.20
N LEU X 112 12.01 10.76 75.73
CA LEU X 112 13.09 11.72 75.62
C LEU X 112 13.63 11.83 74.20
N LEU X 113 13.32 10.88 73.32
CA LEU X 113 13.75 10.92 71.93
C LEU X 113 12.71 11.71 71.15
N VAL X 114 12.89 13.02 71.12
CA VAL X 114 11.96 13.94 70.45
C VAL X 114 12.66 14.50 69.22
N ASP X 115 11.98 14.44 68.08
CA ASP X 115 12.54 14.93 66.83
C ASP X 115 12.71 16.44 66.90
N PRO X 116 13.93 16.98 66.70
CA PRO X 116 14.18 18.42 66.71
C PRO X 116 13.43 19.15 65.59
N SER X 126 6.29 7.42 63.18
CA SER X 126 5.45 6.25 63.00
C SER X 126 5.38 5.85 61.53
N PRO X 127 5.44 4.54 61.26
CA PRO X 127 5.35 4.08 59.87
C PRO X 127 3.96 4.30 59.30
N VAL X 128 3.92 4.44 57.98
CA VAL X 128 2.67 4.55 57.24
C VAL X 128 2.57 3.36 56.29
N PHE X 129 1.35 2.87 56.11
CA PHE X 129 1.14 1.62 55.40
C PHE X 129 1.47 1.70 53.91
N PHE X 130 1.60 2.89 53.34
CA PHE X 130 1.75 3.04 51.90
C PHE X 130 3.18 3.41 51.49
N LEU X 131 4.15 3.28 52.37
CA LEU X 131 5.55 3.51 52.05
C LEU X 131 6.30 2.20 52.26
N ARG X 132 6.44 1.42 51.19
CA ARG X 132 7.16 0.16 51.26
C ARG X 132 8.66 0.39 51.22
N ARG X 133 9.40 -0.60 51.69
CA ARG X 133 10.85 -0.56 51.54
C ARG X 133 11.25 -1.24 50.24
N PRO X 134 12.10 -0.62 49.43
CA PRO X 134 12.33 -1.14 48.08
C PRO X 134 12.98 -2.51 48.08
N GLN X 135 12.65 -3.29 47.06
CA GLN X 135 13.18 -4.64 46.86
C GLN X 135 13.81 -4.73 45.49
N TYR X 136 14.46 -5.87 45.23
CA TYR X 136 15.10 -6.11 43.95
C TYR X 136 14.70 -7.41 43.28
N VAL X 137 14.25 -8.43 44.02
CA VAL X 137 13.88 -9.70 43.43
C VAL X 137 12.37 -9.86 43.28
N SER X 138 11.57 -9.09 44.01
CA SER X 138 10.10 -9.17 43.95
C SER X 138 9.71 -10.61 44.32
N ASP X 139 8.65 -11.15 43.73
CA ASP X 139 8.22 -12.51 44.04
C ASP X 139 7.32 -13.01 42.93
N GLY X 140 7.07 -14.32 42.95
CA GLY X 140 6.25 -14.97 41.95
C GLY X 140 6.83 -16.28 41.48
N ASP X 159 -5.27 -52.73 55.59
CA ASP X 159 -5.96 -53.97 55.93
C ASP X 159 -6.27 -54.77 54.66
N THR X 160 -5.36 -54.70 53.68
CA THR X 160 -5.50 -55.47 52.46
C THR X 160 -5.14 -56.94 52.65
N ASN X 161 -4.60 -57.30 53.82
CA ASN X 161 -4.25 -58.68 54.11
C ASN X 161 -5.52 -59.53 54.12
N PRO X 162 -5.52 -60.67 53.43
CA PRO X 162 -6.71 -61.56 53.48
C PRO X 162 -7.07 -61.98 54.89
N ARG X 163 -6.08 -62.17 55.76
CA ARG X 163 -6.37 -62.47 57.15
C ARG X 163 -7.14 -61.33 57.81
N SER X 164 -6.74 -60.08 57.53
CA SER X 164 -7.46 -58.94 58.07
C SER X 164 -8.89 -58.88 57.57
N GLN X 165 -9.09 -59.15 56.27
CA GLN X 165 -10.45 -59.13 55.74
C GLN X 165 -11.31 -60.22 56.38
N LEU X 166 -10.76 -61.42 56.53
CA LEU X 166 -11.51 -62.48 57.18
C LEU X 166 -11.85 -62.10 58.62
N HIS X 167 -10.87 -61.54 59.35
CA HIS X 167 -11.11 -61.14 60.73
C HIS X 167 -12.19 -60.07 60.81
N SER X 168 -12.20 -59.13 59.86
CA SER X 168 -13.28 -58.15 59.81
C SER X 168 -14.63 -58.83 59.57
N VAL X 169 -14.64 -59.87 58.73
CA VAL X 169 -15.88 -60.59 58.44
C VAL X 169 -16.43 -61.24 59.71
N GLU X 170 -15.57 -61.98 60.44
CA GLU X 170 -16.07 -62.59 61.67
C GLU X 170 -16.40 -61.56 62.74
N ARG X 171 -15.69 -60.43 62.78
CA ARG X 171 -16.05 -59.38 63.73
C ARG X 171 -17.43 -58.82 63.42
N THR X 172 -17.73 -58.59 62.14
CA THR X 172 -19.06 -58.14 61.76
C THR X 172 -20.12 -59.18 62.09
N PHE X 173 -19.79 -60.46 61.87
CA PHE X 173 -20.74 -61.52 62.20
C PHE X 173 -21.03 -61.56 63.70
N ASP X 174 -20.01 -61.37 64.53
CA ASP X 174 -20.15 -61.53 65.97
C ASP X 174 -20.89 -60.37 66.63
N GLU X 175 -20.88 -59.19 66.01
CA GLU X 175 -21.45 -57.99 66.63
C GLU X 175 -22.92 -57.78 66.28
N VAL X 176 -23.63 -58.84 65.91
CA VAL X 176 -25.05 -58.74 65.59
C VAL X 176 -25.84 -58.59 66.89
N ILE X 177 -26.74 -57.61 66.92
CA ILE X 177 -27.52 -57.30 68.12
C ILE X 177 -28.73 -58.22 68.18
N ASP X 178 -28.94 -58.83 69.34
CA ASP X 178 -30.10 -59.70 69.54
C ASP X 178 -31.37 -58.85 69.54
N PRO X 179 -32.34 -59.13 68.66
CA PRO X 179 -33.57 -58.33 68.65
C PRO X 179 -34.34 -58.38 69.95
N ARG X 180 -34.27 -59.49 70.69
CA ARG X 180 -34.96 -59.57 71.97
C ARG X 180 -34.27 -58.74 73.05
N ASN X 181 -32.99 -58.42 72.89
CA ASN X 181 -32.27 -57.66 73.90
C ASN X 181 -32.69 -56.19 73.84
N LYS X 182 -33.66 -55.81 74.67
CA LYS X 182 -34.15 -54.44 74.67
C LYS X 182 -33.06 -53.46 75.13
N ASN X 183 -32.27 -53.85 76.13
CA ASN X 183 -31.25 -52.95 76.66
C ASN X 183 -30.18 -52.66 75.61
N ARG X 184 -29.67 -53.70 74.95
CA ARG X 184 -28.67 -53.50 73.92
C ARG X 184 -29.23 -52.76 72.72
N LEU X 185 -30.51 -52.99 72.40
CA LEU X 185 -31.14 -52.25 71.32
C LEU X 185 -31.22 -50.76 71.66
N GLN X 186 -31.59 -50.43 72.90
CA GLN X 186 -31.62 -49.03 73.31
C GLN X 186 -30.21 -48.44 73.40
N SER X 187 -29.20 -49.28 73.61
CA SER X 187 -27.82 -48.79 73.61
C SER X 187 -27.44 -48.22 72.26
N LEU X 188 -27.85 -48.88 71.17
CA LEU X 188 -27.56 -48.38 69.83
C LEU X 188 -28.27 -47.05 69.59
N ILE X 189 -27.54 -46.10 69.02
CA ILE X 189 -28.02 -44.76 68.77
C ILE X 189 -27.65 -44.36 67.35
N HIS X 190 -28.56 -43.67 66.67
CA HIS X 190 -28.30 -43.20 65.31
C HIS X 190 -27.11 -42.26 65.30
N PRO X 191 -26.13 -42.45 64.41
CA PRO X 191 -24.95 -41.58 64.41
C PRO X 191 -25.27 -40.10 64.21
N ARG X 192 -26.26 -39.78 63.38
CA ARG X 192 -26.62 -38.40 63.08
C ARG X 192 -27.88 -37.96 63.82
N LYS X 193 -28.94 -38.75 63.77
CA LYS X 193 -30.19 -38.39 64.43
C LYS X 193 -30.07 -38.39 65.94
N LYS X 194 -29.11 -39.16 66.50
CA LYS X 194 -28.96 -39.30 67.94
C LYS X 194 -30.24 -39.80 68.60
N ILE X 195 -30.87 -40.78 67.95
CA ILE X 195 -32.17 -41.30 68.36
C ILE X 195 -32.04 -42.78 68.65
N LYS X 196 -32.67 -43.22 69.75
CA LYS X 196 -32.60 -44.60 70.18
C LYS X 196 -33.34 -45.52 69.21
N ALA X 197 -32.95 -46.79 69.23
CA ALA X 197 -33.60 -47.80 68.40
C ALA X 197 -34.85 -48.33 69.09
N VAL X 198 -35.87 -48.64 68.29
CA VAL X 198 -37.13 -49.13 68.82
C VAL X 198 -37.27 -50.62 68.57
N LYS X 199 -37.25 -51.02 67.29
CA LYS X 199 -37.46 -52.41 66.91
C LYS X 199 -36.38 -52.83 65.92
N ALA X 200 -36.13 -54.14 65.87
CA ALA X 200 -35.10 -54.71 65.01
C ALA X 200 -35.64 -55.95 64.31
N TRP X 201 -35.03 -56.27 63.17
CA TRP X 201 -35.40 -57.44 62.39
C TRP X 201 -34.14 -58.06 61.79
N HIS X 202 -34.05 -59.38 61.84
CA HIS X 202 -32.98 -60.07 61.15
C HIS X 202 -33.18 -60.01 59.64
N PHE X 203 -32.07 -59.94 58.91
CA PHE X 203 -32.07 -59.86 57.46
C PHE X 203 -31.60 -61.19 56.90
N PHE X 204 -32.52 -61.95 56.30
CA PHE X 204 -32.22 -63.27 55.79
C PHE X 204 -32.72 -63.42 54.36
N PRO X 205 -32.05 -64.25 53.57
CA PRO X 205 -32.59 -64.60 52.25
C PRO X 205 -33.70 -65.65 52.37
N ASP X 206 -34.41 -65.83 51.27
CA ASP X 206 -35.54 -66.76 51.22
C ASP X 206 -35.14 -68.02 50.46
N THR X 207 -35.40 -69.17 51.07
CA THR X 207 -34.93 -70.43 50.50
C THR X 207 -35.94 -71.01 49.51
N SER X 208 -37.22 -70.94 49.83
CA SER X 208 -38.24 -71.58 49.01
C SER X 208 -38.55 -70.82 47.73
N THR X 209 -38.02 -69.61 47.56
CA THR X 209 -38.40 -68.76 46.43
C THR X 209 -37.27 -68.49 45.44
N PHE X 210 -36.04 -68.96 45.72
CA PHE X 210 -34.94 -68.71 44.79
C PHE X 210 -35.11 -69.47 43.48
N ASP X 211 -35.81 -70.61 43.50
CA ASP X 211 -36.03 -71.36 42.26
C ASP X 211 -36.88 -70.56 41.29
N GLN X 212 -37.89 -69.85 41.79
CA GLN X 212 -38.77 -69.07 40.94
C GLN X 212 -38.05 -67.82 40.43
N VAL X 213 -38.66 -67.18 39.43
CA VAL X 213 -38.12 -65.97 38.84
C VAL X 213 -39.09 -64.84 39.11
N PHE X 214 -38.57 -63.73 39.66
CA PHE X 214 -39.39 -62.60 40.06
C PHE X 214 -39.11 -61.41 39.15
N HIS X 215 -40.18 -60.74 38.73
CA HIS X 215 -40.09 -59.55 37.89
C HIS X 215 -40.96 -58.45 38.49
N SER X 216 -40.41 -57.24 38.52
CA SER X 216 -41.15 -56.07 38.98
C SER X 216 -41.99 -55.54 37.84
N LEU X 217 -43.32 -55.60 38.00
CA LEU X 217 -44.25 -55.22 36.95
C LEU X 217 -44.90 -53.89 37.32
N LYS X 218 -44.87 -52.94 36.40
CA LYS X 218 -45.37 -51.59 36.66
C LYS X 218 -46.19 -51.12 35.47
N PHE X 219 -47.18 -50.28 35.76
CA PHE X 219 -48.03 -49.66 34.74
C PHE X 219 -47.58 -48.22 34.53
N VAL X 220 -47.42 -47.83 33.27
CA VAL X 220 -46.84 -46.55 32.90
C VAL X 220 -47.93 -45.63 32.37
N GLY X 221 -48.04 -44.45 32.97
CA GLY X 221 -48.94 -43.44 32.43
C GLY X 221 -50.40 -43.78 32.67
N SER X 222 -51.21 -43.63 31.62
CA SER X 222 -52.65 -43.83 31.74
C SER X 222 -53.02 -45.28 32.02
N ALA X 223 -52.08 -46.22 31.85
CA ALA X 223 -52.35 -47.62 32.15
C ALA X 223 -52.55 -47.89 33.63
N SER X 224 -52.49 -46.86 34.48
CA SER X 224 -52.69 -47.04 35.90
C SER X 224 -54.08 -47.60 36.18
N LEU X 225 -54.14 -48.65 37.02
CA LEU X 225 -55.42 -49.24 37.37
C LEU X 225 -56.27 -48.29 38.19
N SER X 226 -55.65 -47.47 39.04
CA SER X 226 -56.40 -46.47 39.79
C SER X 226 -57.00 -45.43 38.86
N LYS X 227 -56.28 -45.04 37.81
CA LYS X 227 -56.81 -44.06 36.87
C LYS X 227 -58.00 -44.62 36.11
N ASP X 228 -57.95 -45.90 35.75
CA ASP X 228 -59.06 -46.55 35.06
C ASP X 228 -60.21 -46.81 36.02
N ARG X 229 -61.10 -45.83 36.17
CA ARG X 229 -62.19 -45.94 37.14
C ARG X 229 -63.15 -47.09 36.84
N PRO X 230 -63.66 -47.28 35.62
CA PRO X 230 -64.54 -48.43 35.38
C PRO X 230 -63.86 -49.77 35.64
N LEU X 231 -62.58 -49.89 35.30
CA LEU X 231 -61.84 -51.12 35.58
C LEU X 231 -61.75 -51.38 37.08
N ASN X 232 -61.44 -50.35 37.86
CA ASN X 232 -61.36 -50.51 39.30
C ASN X 232 -62.71 -50.86 39.89
N GLU X 233 -63.79 -50.22 39.40
CA GLU X 233 -65.12 -50.52 39.90
C GLU X 233 -65.50 -51.96 39.58
N GLN X 234 -65.21 -52.43 38.37
CA GLN X 234 -65.53 -53.81 38.01
C GLN X 234 -64.72 -54.80 38.84
N LEU X 235 -63.44 -54.51 39.07
CA LEU X 235 -62.56 -55.43 39.79
C LEU X 235 -62.55 -55.20 41.29
N GLY X 236 -63.32 -54.22 41.78
CA GLY X 236 -63.35 -53.95 43.21
C GLY X 236 -62.52 -52.74 43.59
N GLN X 237 -63.06 -51.87 44.43
CA GLN X 237 -62.37 -50.65 44.83
C GLN X 237 -61.18 -50.96 45.72
N VAL X 246 -56.87 -54.09 50.29
CA VAL X 246 -56.39 -54.49 48.97
C VAL X 246 -57.32 -55.54 48.38
N ASN X 247 -57.66 -55.36 47.10
CA ASN X 247 -58.55 -56.30 46.43
C ASN X 247 -57.84 -57.62 46.18
N ALA X 248 -58.51 -58.72 46.52
CA ALA X 248 -57.93 -60.04 46.27
C ALA X 248 -57.89 -60.35 44.78
N SER X 249 -58.79 -59.76 44.00
CA SER X 249 -58.79 -60.00 42.55
C SER X 249 -57.49 -59.51 41.92
N ILE X 250 -57.02 -58.34 42.34
CA ILE X 250 -55.73 -57.84 41.86
C ILE X 250 -54.61 -58.74 42.35
N LEU X 251 -54.69 -59.19 43.60
CA LEU X 251 -53.65 -60.01 44.20
C LEU X 251 -53.60 -61.43 43.63
N THR X 252 -54.56 -61.80 42.78
CA THR X 252 -54.59 -63.14 42.19
C THR X 252 -54.67 -63.08 40.66
N SER X 253 -54.31 -61.95 40.06
CA SER X 253 -54.42 -61.80 38.62
C SER X 253 -53.35 -62.64 37.91
N LEU X 254 -53.64 -62.98 36.64
CA LEU X 254 -52.73 -63.74 35.81
C LEU X 254 -52.36 -62.93 34.57
N PHE X 255 -51.13 -63.12 34.12
CA PHE X 255 -50.61 -62.44 32.94
C PHE X 255 -50.12 -63.47 31.93
N LYS X 256 -50.45 -63.25 30.66
CA LYS X 256 -50.14 -64.20 29.59
C LYS X 256 -49.44 -63.48 28.45
N PRO X 257 -48.10 -63.51 28.40
CA PRO X 257 -47.39 -62.88 27.28
C PRO X 257 -47.51 -63.71 26.01
N ILE X 258 -48.04 -63.09 24.95
CA ILE X 258 -48.20 -63.73 23.65
C ILE X 258 -47.56 -62.83 22.59
N GLU X 259 -46.78 -63.42 21.71
CA GLU X 259 -46.06 -62.70 20.66
C GLU X 259 -46.33 -63.35 19.32
N ILE X 260 -47.10 -62.68 18.46
CA ILE X 260 -47.33 -63.20 17.12
C ILE X 260 -46.03 -63.18 16.31
N ASN X 261 -45.31 -62.08 16.38
CA ASN X 261 -44.06 -61.92 15.62
C ASN X 261 -43.15 -61.03 16.44
N PRO X 262 -41.88 -60.89 16.03
CA PRO X 262 -40.99 -59.95 16.75
C PRO X 262 -41.53 -58.53 16.80
N HIS X 263 -42.23 -58.07 15.76
CA HIS X 263 -42.73 -56.70 15.74
C HIS X 263 -43.96 -56.52 16.62
N ASN X 264 -44.85 -57.52 16.67
CA ASN X 264 -46.14 -57.41 17.36
C ASN X 264 -46.08 -58.19 18.65
N LYS X 265 -46.36 -57.51 19.76
CA LYS X 265 -46.29 -58.14 21.08
C LYS X 265 -47.24 -57.41 22.03
N TRP X 266 -47.78 -58.14 23.00
CA TRP X 266 -48.70 -57.58 23.97
C TRP X 266 -48.77 -58.53 25.18
N ILE X 267 -49.50 -58.10 26.20
CA ILE X 267 -49.71 -58.89 27.41
C ILE X 267 -51.19 -59.02 27.66
N SER X 268 -51.62 -60.20 28.10
CA SER X 268 -53.01 -60.48 28.41
C SER X 268 -53.21 -60.58 29.92
N LEU X 269 -54.22 -59.88 30.43
CA LEU X 269 -54.50 -59.82 31.85
C LEU X 269 -55.79 -60.58 32.15
N TYR X 270 -55.75 -61.40 33.19
CA TYR X 270 -56.91 -62.17 33.64
C TYR X 270 -57.09 -62.00 35.13
N ALA X 271 -58.33 -62.12 35.59
CA ALA X 271 -58.64 -61.92 36.99
C ALA X 271 -59.92 -62.68 37.32
N VAL X 272 -60.19 -62.82 38.62
CA VAL X 272 -61.39 -63.47 39.11
C VAL X 272 -62.42 -62.39 39.44
N THR X 273 -63.52 -62.36 38.68
CA THR X 273 -64.54 -61.34 38.90
C THR X 273 -65.24 -61.52 40.24
N ASP X 274 -65.54 -62.77 40.62
CA ASP X 274 -66.22 -63.02 41.88
C ASP X 274 -65.28 -62.75 43.05
N LYS X 275 -65.81 -62.08 44.07
CA LYS X 275 -64.98 -61.80 45.25
C LYS X 275 -64.80 -63.04 46.12
N LEU X 276 -65.84 -63.87 46.22
CA LEU X 276 -65.76 -65.05 47.07
C LEU X 276 -64.75 -66.06 46.54
N SER X 277 -64.79 -66.32 45.23
CA SER X 277 -63.84 -67.25 44.63
C SER X 277 -62.41 -66.73 44.74
N ALA X 278 -62.21 -65.44 44.48
CA ALA X 278 -60.88 -64.85 44.60
C ALA X 278 -60.38 -64.91 46.03
N GLU X 279 -61.25 -64.63 47.00
CA GLU X 279 -60.87 -64.68 48.41
C GLU X 279 -60.47 -66.10 48.81
N SER X 280 -61.27 -67.09 48.40
CA SER X 280 -60.95 -68.48 48.72
C SER X 280 -59.63 -68.90 48.10
N PHE X 281 -59.41 -68.52 46.83
CA PHE X 281 -58.16 -68.87 46.16
C PHE X 281 -56.97 -68.20 46.85
N ARG X 282 -57.12 -66.93 47.23
CA ARG X 282 -56.03 -66.23 47.91
C ARG X 282 -55.72 -66.86 49.26
N LYS X 283 -56.76 -67.21 50.03
CA LYS X 283 -56.54 -67.87 51.31
C LYS X 283 -55.86 -69.21 51.13
N SER X 284 -56.28 -70.00 50.14
CA SER X 284 -55.64 -71.28 49.90
C SER X 284 -54.19 -71.11 49.48
N PHE X 285 -53.91 -70.11 48.63
CA PHE X 285 -52.55 -69.91 48.15
C PHE X 285 -51.62 -69.42 49.25
N ASN X 286 -52.10 -68.50 50.09
CA ASN X 286 -51.28 -67.94 51.16
C ASN X 286 -51.16 -68.87 52.37
N SER X 287 -51.89 -69.98 52.40
CA SER X 287 -51.84 -70.91 53.51
C SER X 287 -51.23 -72.25 53.10
N ILE X 288 -50.41 -72.27 52.05
CA ILE X 288 -49.80 -73.50 51.60
C ILE X 288 -48.59 -73.80 52.49
N LYS X 289 -48.82 -74.55 53.56
CA LYS X 289 -47.75 -75.06 54.40
C LYS X 289 -47.84 -76.55 54.63
N ASP X 290 -48.87 -77.21 54.09
CA ASP X 290 -49.06 -78.65 54.19
C ASP X 290 -49.02 -79.25 52.78
N ASP X 291 -49.32 -80.55 52.71
CA ASP X 291 -49.25 -81.30 51.45
C ASP X 291 -50.63 -81.72 50.95
N ASN X 292 -51.65 -80.92 51.25
CA ASN X 292 -53.02 -81.20 50.80
C ASN X 292 -53.59 -79.93 50.18
N ILE X 293 -53.85 -79.97 48.89
CA ILE X 293 -54.37 -78.84 48.14
C ILE X 293 -55.66 -79.26 47.46
N VAL X 294 -56.72 -78.48 47.68
CA VAL X 294 -58.03 -78.77 47.10
C VAL X 294 -58.02 -78.37 45.63
N ASN X 295 -58.74 -79.13 44.81
CA ASN X 295 -58.84 -78.84 43.38
C ASN X 295 -59.73 -77.64 43.14
N ARG X 296 -59.16 -76.44 43.18
CA ARG X 296 -59.92 -75.20 43.00
C ARG X 296 -59.91 -74.84 41.52
N HIS X 297 -60.91 -75.33 40.79
CA HIS X 297 -61.06 -75.03 39.37
C HIS X 297 -61.61 -73.61 39.23
N VAL X 298 -60.70 -72.64 39.28
CA VAL X 298 -61.04 -71.23 39.24
C VAL X 298 -60.94 -70.76 37.79
N ILE X 299 -61.96 -70.05 37.33
CA ILE X 299 -62.03 -69.56 35.96
C ILE X 299 -61.65 -68.10 35.95
N TYR X 300 -60.70 -67.74 35.10
CA TYR X 300 -60.20 -66.37 34.99
C TYR X 300 -60.75 -65.71 33.74
N ASP X 301 -61.22 -64.47 33.90
CA ASP X 301 -61.83 -63.72 32.81
C ASP X 301 -60.87 -62.64 32.32
N HIS X 302 -60.77 -62.51 31.00
CA HIS X 302 -59.92 -61.49 30.40
C HIS X 302 -60.45 -60.10 30.74
N ILE X 303 -59.53 -59.16 30.97
CA ILE X 303 -59.90 -57.81 31.35
C ILE X 303 -59.39 -56.80 30.34
N LYS X 304 -58.07 -56.75 30.15
CA LYS X 304 -57.47 -55.77 29.26
C LYS X 304 -56.13 -56.28 28.76
N ASP X 305 -55.66 -55.67 27.68
CA ASP X 305 -54.35 -55.95 27.10
C ASP X 305 -53.52 -54.67 27.07
N PHE X 306 -52.21 -54.83 27.27
CA PHE X 306 -51.30 -53.70 27.30
C PHE X 306 -50.06 -54.01 26.46
N ASP X 307 -49.44 -52.95 25.94
CA ASP X 307 -48.14 -53.08 25.30
C ASP X 307 -47.05 -53.19 26.34
N GLN X 308 -46.01 -53.97 26.04
CA GLN X 308 -44.99 -54.29 27.03
C GLN X 308 -43.60 -53.97 26.51
N MET X 309 -42.74 -53.55 27.44
CA MET X 309 -41.31 -53.43 27.21
C MET X 309 -40.59 -53.96 28.44
N PHE X 310 -39.38 -54.48 28.24
CA PHE X 310 -38.64 -55.13 29.30
C PHE X 310 -37.22 -54.58 29.36
N ARG X 311 -36.74 -54.37 30.59
CA ARG X 311 -35.35 -54.01 30.84
C ARG X 311 -34.76 -55.02 31.81
N GLY X 312 -33.61 -55.58 31.45
CA GLY X 312 -32.98 -56.62 32.24
C GLY X 312 -31.87 -56.07 33.12
N HIS X 313 -31.65 -56.74 34.25
CA HIS X 313 -30.60 -56.35 35.19
C HIS X 313 -29.32 -57.09 34.84
N LYS X 314 -28.23 -56.33 34.67
CA LYS X 314 -26.94 -56.94 34.36
C LYS X 314 -26.47 -57.82 35.51
N LYS X 315 -26.60 -57.35 36.74
CA LYS X 315 -26.25 -58.11 37.93
C LYS X 315 -27.46 -58.89 38.43
N LEU X 316 -27.18 -59.99 39.13
CA LEU X 316 -28.25 -60.84 39.64
C LEU X 316 -29.12 -60.09 40.65
N PHE X 317 -28.53 -59.67 41.75
CA PHE X 317 -29.27 -58.99 42.82
C PHE X 317 -29.19 -57.46 42.67
N GLU X 318 -29.51 -56.95 41.49
CA GLU X 318 -29.58 -55.50 41.33
C GLU X 318 -30.73 -54.92 42.15
N ASP X 319 -31.87 -55.60 42.17
CA ASP X 319 -33.03 -55.19 42.95
C ASP X 319 -33.45 -56.35 43.85
N PHE X 320 -33.98 -56.01 45.01
CA PHE X 320 -34.48 -57.03 45.93
C PHE X 320 -35.65 -56.48 46.71
N ALA X 321 -36.70 -57.27 46.83
CA ALA X 321 -37.88 -56.91 47.58
C ALA X 321 -37.80 -57.50 48.97
N ILE X 322 -38.21 -56.72 49.98
CA ILE X 322 -38.08 -57.09 51.37
C ILE X 322 -39.45 -57.41 51.92
N SER X 323 -39.60 -58.59 52.52
CA SER X 323 -40.82 -58.99 53.21
C SER X 323 -40.48 -59.21 54.68
N PHE X 324 -41.44 -58.92 55.55
CA PHE X 324 -41.22 -58.95 56.99
C PHE X 324 -41.97 -60.10 57.64
N ASP X 325 -41.53 -60.44 58.85
CA ASP X 325 -42.17 -61.49 59.64
C ASP X 325 -41.95 -61.12 61.10
N ASP X 326 -42.98 -60.53 61.72
CA ASP X 326 -42.81 -59.98 63.07
C ASP X 326 -42.66 -61.08 64.12
N ILE X 327 -43.34 -62.21 63.94
CA ILE X 327 -43.30 -63.26 64.95
C ILE X 327 -41.90 -63.84 65.08
N SER X 328 -41.20 -63.97 63.96
CA SER X 328 -39.83 -64.48 63.96
C SER X 328 -38.78 -63.38 64.02
N ASP X 329 -39.19 -62.11 63.96
CA ASP X 329 -38.28 -60.97 63.95
C ASP X 329 -37.25 -61.09 62.83
N ARG X 330 -37.71 -61.46 61.65
CA ARG X 330 -36.86 -61.64 60.48
C ARG X 330 -37.35 -60.76 59.33
N ALA X 331 -36.52 -60.66 58.29
CA ALA X 331 -36.88 -59.96 57.08
C ALA X 331 -36.31 -60.73 55.89
N PHE X 332 -37.19 -61.27 55.06
CA PHE X 332 -36.79 -62.10 53.93
C PHE X 332 -36.78 -61.27 52.65
N PHE X 333 -35.67 -61.34 51.91
CA PHE X 333 -35.52 -60.62 50.67
C PHE X 333 -35.39 -61.59 49.51
N VAL X 334 -35.94 -61.20 48.35
CA VAL X 334 -35.92 -62.05 47.16
C VAL X 334 -35.32 -61.27 46.00
N PRO X 335 -34.59 -61.91 45.10
CA PRO X 335 -34.01 -61.19 43.97
C PRO X 335 -35.06 -60.77 42.95
N ILE X 336 -34.73 -59.72 42.21
CA ILE X 336 -35.57 -59.23 41.12
C ILE X 336 -34.76 -59.32 39.83
N VAL X 337 -35.30 -60.04 38.85
CA VAL X 337 -34.55 -60.30 37.63
C VAL X 337 -34.65 -59.11 36.66
N GLY X 338 -35.87 -58.63 36.43
CA GLY X 338 -36.06 -57.55 35.49
C GLY X 338 -37.31 -56.74 35.81
N ARG X 339 -37.51 -55.69 35.05
CA ARG X 339 -38.65 -54.78 35.21
C ARG X 339 -39.48 -54.79 33.93
N LEU X 340 -40.78 -55.01 34.08
CA LEU X 340 -41.72 -55.04 32.95
C LEU X 340 -42.67 -53.86 33.06
N GLU X 341 -42.76 -53.07 31.99
CA GLU X 341 -43.61 -51.88 31.95
C GLU X 341 -44.75 -52.12 30.98
N LEU X 342 -45.95 -51.71 31.37
CA LEU X 342 -47.15 -51.87 30.56
C LEU X 342 -47.80 -50.53 30.29
N LYS X 343 -48.21 -50.32 29.03
CA LYS X 343 -48.89 -49.10 28.62
C LYS X 343 -50.18 -49.46 27.88
N LYS X 344 -51.16 -48.57 27.95
CA LYS X 344 -52.43 -48.80 27.30
C LYS X 344 -52.25 -48.88 25.78
N LYS X 345 -52.83 -49.91 25.18
CA LYS X 345 -52.70 -50.16 23.74
C LYS X 345 -54.08 -50.13 23.10
N ARG X 346 -54.23 -49.30 22.07
CA ARG X 346 -55.46 -49.21 21.32
C ARG X 346 -55.38 -50.16 20.13
N ILE X 347 -56.25 -51.18 20.12
CA ILE X 347 -56.21 -52.19 19.08
C ILE X 347 -56.66 -51.58 17.76
N VAL X 348 -55.88 -51.83 16.70
CA VAL X 348 -56.22 -51.32 15.37
C VAL X 348 -57.49 -52.01 14.88
N PRO X 349 -58.46 -51.28 14.33
CA PRO X 349 -59.71 -51.93 13.88
C PRO X 349 -59.50 -52.97 12.79
N GLY X 350 -58.42 -52.88 12.03
CA GLY X 350 -58.15 -53.83 10.96
C GLY X 350 -57.54 -55.14 11.39
N LEU X 351 -57.24 -55.31 12.68
CA LEU X 351 -56.61 -56.53 13.18
C LEU X 351 -57.45 -57.25 14.22
N VAL X 352 -58.67 -56.79 14.49
CA VAL X 352 -59.53 -57.44 15.48
C VAL X 352 -59.86 -58.87 15.07
N ASP X 353 -59.88 -59.15 13.76
CA ASP X 353 -60.15 -60.50 13.29
C ASP X 353 -59.10 -61.48 13.78
N MET X 354 -57.82 -61.09 13.72
CA MET X 354 -56.78 -61.93 14.28
C MET X 354 -56.72 -61.82 15.80
N VAL X 355 -57.12 -60.67 16.35
CA VAL X 355 -57.13 -60.51 17.80
C VAL X 355 -58.06 -61.52 18.45
N ASN X 356 -59.25 -61.70 17.88
CA ASN X 356 -60.20 -62.67 18.42
C ASN X 356 -59.65 -64.09 18.39
N ARG X 357 -58.66 -64.36 17.55
CA ARG X 357 -58.05 -65.69 17.46
C ARG X 357 -56.80 -65.82 18.32
N THR X 358 -56.40 -64.78 19.04
CA THR X 358 -55.18 -64.83 19.85
C THR X 358 -55.46 -65.22 21.29
N ASN X 359 -56.25 -64.40 21.99
CA ASN X 359 -56.51 -64.62 23.41
C ASN X 359 -57.81 -65.40 23.58
N TYR X 360 -58.27 -65.53 24.82
CA TYR X 360 -59.44 -66.32 25.13
C TYR X 360 -60.33 -65.55 26.12
N ALA X 361 -61.62 -65.87 26.12
CA ALA X 361 -62.54 -65.22 27.03
C ALA X 361 -62.37 -65.72 28.46
N HIS X 362 -61.98 -66.99 28.64
CA HIS X 362 -61.84 -67.58 29.96
C HIS X 362 -60.59 -68.45 30.01
N ILE X 363 -60.04 -68.59 31.21
CA ILE X 363 -58.94 -69.51 31.49
C ILE X 363 -59.24 -70.21 32.80
N ARG X 364 -59.13 -71.54 32.82
CA ARG X 364 -59.42 -72.34 34.00
C ARG X 364 -58.12 -72.77 34.65
N MET X 365 -57.98 -72.46 35.94
CA MET X 365 -56.82 -72.87 36.73
C MET X 365 -57.22 -74.01 37.66
N ASP X 366 -56.48 -75.10 37.60
CA ASP X 366 -56.69 -76.26 38.46
C ASP X 366 -55.49 -76.38 39.40
N LEU X 367 -55.76 -76.53 40.70
CA LEU X 367 -54.71 -76.64 41.69
C LEU X 367 -54.39 -78.11 41.93
N ARG X 368 -53.14 -78.49 41.68
CA ARG X 368 -52.67 -79.85 41.90
C ARG X 368 -51.33 -79.79 42.61
N ASN X 369 -51.04 -80.86 43.37
CA ASN X 369 -49.76 -80.94 44.04
C ASN X 369 -48.64 -81.08 43.02
N PRO X 370 -47.51 -80.41 43.21
CA PRO X 370 -46.41 -80.50 42.23
C PRO X 370 -45.90 -81.93 42.12
N SER X 371 -45.51 -82.29 40.89
CA SER X 371 -44.99 -83.62 40.64
C SER X 371 -43.65 -83.82 41.35
N THR X 372 -43.33 -85.09 41.62
CA THR X 372 -42.10 -85.41 42.32
C THR X 372 -40.88 -84.99 41.51
N GLN X 373 -40.90 -85.22 40.19
CA GLN X 373 -39.76 -84.86 39.36
C GLN X 373 -39.56 -83.35 39.30
N GLU X 374 -40.63 -82.59 39.15
CA GLU X 374 -40.51 -81.13 39.13
C GLU X 374 -40.04 -80.60 40.47
N THR X 375 -40.54 -81.18 41.57
CA THR X 375 -40.06 -80.77 42.90
C THR X 375 -38.58 -81.08 43.06
N ALA X 376 -38.13 -82.23 42.56
CA ALA X 376 -36.71 -82.56 42.63
C ALA X 376 -35.88 -81.60 41.79
N ILE X 377 -36.39 -81.21 40.62
CA ILE X 377 -35.70 -80.23 39.78
C ILE X 377 -35.58 -78.89 40.51
N ARG X 378 -36.66 -78.45 41.14
CA ARG X 378 -36.62 -77.20 41.90
C ARG X 378 -35.66 -77.30 43.08
N ASP X 379 -35.63 -78.45 43.75
CA ASP X 379 -34.68 -78.64 44.84
C ASP X 379 -33.24 -78.60 44.34
N SER X 380 -32.98 -79.20 43.17
CA SER X 380 -31.65 -79.14 42.59
C SER X 380 -31.27 -77.70 42.25
N ARG X 381 -32.22 -76.92 41.74
CA ARG X 381 -31.97 -75.51 41.49
C ARG X 381 -31.65 -74.76 42.79
N ARG X 382 -32.41 -75.05 43.85
CA ARG X 382 -32.19 -74.38 45.14
C ARG X 382 -30.92 -74.85 45.82
N GLU X 383 -30.37 -76.00 45.42
CA GLU X 383 -29.17 -76.53 46.08
C GLU X 383 -27.99 -75.58 45.99
N GLN X 384 -27.98 -74.67 45.03
CA GLN X 384 -26.91 -73.68 44.95
C GLN X 384 -26.87 -72.80 46.19
N TYR X 385 -28.05 -72.39 46.68
CA TYR X 385 -28.10 -71.51 47.85
C TYR X 385 -27.95 -72.29 49.15
N ASP X 386 -28.87 -73.22 49.42
CA ASP X 386 -28.88 -73.95 50.68
C ASP X 386 -28.64 -75.43 50.43
N PRO X 387 -27.42 -75.94 50.65
CA PRO X 387 -27.17 -77.38 50.48
C PRO X 387 -27.35 -78.22 51.72
N VAL X 388 -27.44 -77.62 52.90
CA VAL X 388 -27.58 -78.40 54.13
C VAL X 388 -28.94 -79.10 54.18
N ASN X 389 -29.99 -78.42 53.75
CA ASN X 389 -31.35 -78.94 53.87
C ASN X 389 -31.93 -79.41 52.54
N TYR X 390 -31.18 -79.32 51.44
CA TYR X 390 -31.74 -79.67 50.14
C TYR X 390 -30.82 -80.48 49.25
N SER X 391 -29.59 -80.81 49.69
CA SER X 391 -28.68 -81.56 48.86
C SER X 391 -29.20 -82.97 48.60
N SER X 392 -29.05 -83.43 47.36
CA SER X 392 -29.46 -84.78 47.00
C SER X 392 -28.55 -85.81 47.67
N ILE X 393 -29.12 -86.94 48.04
CA ILE X 393 -28.37 -88.01 48.67
C ILE X 393 -28.41 -89.26 47.80
N ASP Y 165 8.83 87.49 89.94
CA ASP Y 165 9.52 87.23 91.21
C ASP Y 165 8.78 86.18 92.03
N ASP Y 166 7.55 85.86 91.60
CA ASP Y 166 6.73 84.89 92.32
C ASP Y 166 7.20 83.48 91.99
N PRO Y 167 7.59 82.67 92.99
CA PRO Y 167 7.89 81.26 92.71
C PRO Y 167 6.71 80.49 92.15
N LEU Y 168 5.48 80.90 92.47
CA LEU Y 168 4.31 80.26 91.89
C LEU Y 168 4.28 80.44 90.38
N LEU Y 169 4.57 81.65 89.91
CA LEU Y 169 4.59 81.89 88.46
C LEU Y 169 5.69 81.10 87.79
N LYS Y 170 6.87 81.02 88.42
CA LYS Y 170 7.96 80.23 87.86
C LYS Y 170 7.58 78.76 87.77
N GLU Y 171 6.93 78.23 88.82
CA GLU Y 171 6.50 76.84 88.81
C GLU Y 171 5.44 76.60 87.73
N ILE Y 172 4.51 77.56 87.56
CA ILE Y 172 3.51 77.44 86.51
C ILE Y 172 4.17 77.40 85.14
N ALA Y 173 5.13 78.30 84.91
CA ALA Y 173 5.83 78.33 83.62
C ALA Y 173 6.60 77.05 83.38
N SER Y 174 7.24 76.51 84.42
CA SER Y 174 7.97 75.26 84.27
C SER Y 174 7.04 74.10 83.95
N ASN Y 175 5.89 74.03 84.63
CA ASN Y 175 4.95 72.94 84.38
C ASN Y 175 4.14 73.15 83.11
N GLU Y 176 3.95 74.40 82.69
CA GLU Y 176 3.17 74.67 81.47
C GLU Y 176 3.88 74.13 80.24
N ARG Y 177 3.11 73.49 79.38
CA ARG Y 177 3.57 73.08 78.06
C ARG Y 177 2.48 73.42 77.04
N VAL Y 178 2.90 73.91 75.88
CA VAL Y 178 1.97 74.30 74.82
C VAL Y 178 2.11 73.28 73.69
N LEU Y 179 0.97 72.77 73.22
CA LEU Y 179 0.98 71.69 72.24
C LEU Y 179 1.64 72.11 70.93
N ILE Y 180 1.35 73.32 70.47
CA ILE Y 180 1.85 73.79 69.18
C ILE Y 180 2.63 75.08 69.40
N ASP Y 181 3.67 75.27 68.58
CA ASP Y 181 4.55 76.42 68.73
C ASP Y 181 3.95 77.66 68.07
N HIS Y 182 4.56 78.81 68.34
CA HIS Y 182 4.09 80.07 67.78
C HIS Y 182 4.20 80.07 66.26
N ASN Y 183 5.33 79.59 65.72
CA ASN Y 183 5.47 79.49 64.27
C ASN Y 183 4.69 78.31 63.71
N LYS Y 184 4.57 77.22 64.47
CA LYS Y 184 3.92 76.01 64.00
C LYS Y 184 2.40 76.04 64.14
N VAL Y 185 1.83 77.12 64.68
CA VAL Y 185 0.39 77.16 64.91
C VAL Y 185 -0.39 77.07 63.60
N LEU Y 186 0.21 77.54 62.50
CA LEU Y 186 -0.44 77.42 61.20
C LEU Y 186 -0.38 75.99 60.66
N ARG Y 187 0.47 75.14 61.21
CA ARG Y 187 0.54 73.75 60.79
C ARG Y 187 -0.60 72.94 61.42
N GLY Y 188 -0.69 72.97 62.75
CA GLY Y 188 -1.73 72.22 63.44
C GLY Y 188 -1.61 70.73 63.18
N LEU Y 189 -2.74 70.11 62.87
CA LEU Y 189 -2.78 68.68 62.60
C LEU Y 189 -2.37 68.33 61.17
N LYS Y 190 -2.32 69.31 60.27
CA LYS Y 190 -2.01 69.05 58.87
C LYS Y 190 -1.10 70.15 58.35
N PRO Y 191 0.21 69.93 58.32
CA PRO Y 191 1.13 70.92 57.78
C PRO Y 191 1.36 70.74 56.29
N LYS Y 192 1.64 71.86 55.63
CA LYS Y 192 1.92 71.86 54.20
C LYS Y 192 3.14 72.75 53.95
N ASP Y 193 3.85 72.45 52.86
CA ASP Y 193 5.11 73.08 52.56
C ASP Y 193 4.96 74.06 51.39
N PHE Y 194 5.51 75.26 51.56
CA PHE Y 194 5.57 76.26 50.50
C PHE Y 194 7.02 76.62 50.17
N SER Y 195 7.92 75.64 50.27
CA SER Y 195 9.33 75.89 49.94
C SER Y 195 9.49 76.27 48.47
N SER Y 196 8.74 75.60 47.59
CA SER Y 196 8.75 76.01 46.19
C SER Y 196 8.20 77.41 46.02
N VAL Y 197 7.17 77.76 46.79
CA VAL Y 197 6.63 79.11 46.76
C VAL Y 197 7.67 80.12 47.21
N ALA Y 198 8.42 79.79 48.28
CA ALA Y 198 9.47 80.68 48.75
C ALA Y 198 10.56 80.84 47.71
N LYS Y 199 10.96 79.75 47.06
CA LYS Y 199 11.98 79.84 46.02
C LYS Y 199 11.51 80.69 44.84
N ASP Y 200 10.26 80.51 44.42
CA ASP Y 200 9.72 81.33 43.34
C ASP Y 200 9.64 82.80 43.74
N CYS Y 201 9.27 83.07 44.99
CA CYS Y 201 9.24 84.46 45.46
C CYS Y 201 10.63 85.07 45.46
N GLU Y 202 11.64 84.31 45.90
CA GLU Y 202 13.01 84.82 45.88
C GLU Y 202 13.48 85.09 44.46
N LEU Y 203 13.17 84.18 43.53
CA LEU Y 203 13.61 84.34 42.15
C LEU Y 203 12.81 85.39 41.38
N ARG Y 204 11.63 85.76 41.85
CA ARG Y 204 10.74 86.63 41.09
C ARG Y 204 10.33 87.90 41.81
N ILE Y 205 10.77 88.11 43.06
CA ILE Y 205 10.48 89.35 43.76
C ILE Y 205 11.78 90.00 44.22
N LEU Y 206 12.56 89.27 45.02
CA LEU Y 206 13.86 89.77 45.44
C LEU Y 206 14.83 89.86 44.28
N LYS Y 207 14.76 88.90 43.36
CA LYS Y 207 15.57 88.89 42.16
C LYS Y 207 14.83 89.45 40.94
N GLU Y 208 13.68 90.08 41.17
CA GLU Y 208 12.89 90.63 40.07
C GLU Y 208 13.64 91.76 39.38
N LYS Y 209 13.59 91.75 38.04
CA LYS Y 209 14.23 92.79 37.25
C LYS Y 209 13.20 93.64 36.52
N LYS Y 236 0.34 85.38 9.92
CA LYS Y 236 1.14 84.57 9.02
C LYS Y 236 0.49 83.23 8.75
N GLU Y 237 0.11 83.00 7.50
CA GLU Y 237 -0.58 81.78 7.14
C GLU Y 237 0.39 80.61 7.08
N PRO Y 238 -0.03 79.42 7.48
CA PRO Y 238 0.85 78.24 7.38
C PRO Y 238 1.05 77.82 5.94
N ILE Y 239 2.07 76.98 5.73
CA ILE Y 239 2.49 76.56 4.40
C ILE Y 239 2.32 75.06 4.28
N ILE Y 240 1.79 74.61 3.15
CA ILE Y 240 1.71 73.20 2.79
C ILE Y 240 2.55 72.99 1.55
N VAL Y 241 3.48 72.04 1.60
CA VAL Y 241 4.46 71.83 0.53
C VAL Y 241 4.05 70.61 -0.28
N LEU Y 242 4.00 70.77 -1.60
CA LEU Y 242 3.67 69.70 -2.51
C LEU Y 242 4.89 69.32 -3.34
N SER Y 243 4.91 68.07 -3.78
CA SER Y 243 6.00 67.59 -4.62
C SER Y 243 5.80 68.06 -6.05
N PRO Y 244 6.79 68.71 -6.68
CA PRO Y 244 6.66 69.11 -8.09
C PRO Y 244 6.75 67.94 -9.05
N ALA Y 245 6.87 66.71 -8.58
CA ALA Y 245 6.97 65.56 -9.46
C ALA Y 245 5.69 65.37 -10.26
N ALA Y 246 5.84 64.93 -11.51
CA ALA Y 246 4.68 64.73 -12.37
C ALA Y 246 3.86 63.50 -12.00
N SER Y 247 4.45 62.56 -11.28
CA SER Y 247 3.73 61.36 -10.87
C SER Y 247 2.91 61.57 -9.60
N SER Y 248 2.98 62.75 -8.99
CA SER Y 248 2.23 63.01 -7.77
C SER Y 248 0.73 62.98 -8.04
N LEU Y 249 -0.02 62.35 -7.13
CA LEU Y 249 -1.46 62.33 -7.26
C LEU Y 249 -2.09 63.65 -6.86
N VAL Y 250 -1.39 64.48 -6.10
CA VAL Y 250 -1.86 65.80 -5.70
C VAL Y 250 -0.89 66.82 -6.25
N ARG Y 251 -1.36 67.67 -7.15
CA ARG Y 251 -0.57 68.74 -7.74
C ARG Y 251 -1.32 70.06 -7.59
N MET Y 252 -0.65 71.15 -7.97
CA MET Y 252 -1.26 72.47 -7.83
C MET Y 252 -2.54 72.59 -8.65
N SER Y 253 -2.65 71.84 -9.75
CA SER Y 253 -3.83 71.93 -10.59
C SER Y 253 -5.09 71.46 -9.86
N ASN Y 254 -4.99 70.36 -9.10
CA ASN Y 254 -6.17 69.76 -8.48
C ASN Y 254 -6.11 69.77 -6.96
N VAL Y 255 -5.17 70.51 -6.36
CA VAL Y 255 -5.06 70.52 -4.90
C VAL Y 255 -6.25 71.24 -4.28
N LYS Y 256 -6.74 72.30 -4.91
CA LYS Y 256 -7.83 73.07 -4.34
C LYS Y 256 -9.12 72.27 -4.28
N GLU Y 257 -9.45 71.56 -5.36
CA GLU Y 257 -10.68 70.78 -5.37
C GLU Y 257 -10.58 69.58 -4.45
N PHE Y 258 -9.37 69.08 -4.21
CA PHE Y 258 -9.21 67.89 -3.38
C PHE Y 258 -9.21 68.25 -1.90
N LEU Y 259 -8.26 69.08 -1.46
CA LEU Y 259 -8.12 69.36 -0.05
C LEU Y 259 -9.29 70.18 0.48
N GLN Y 260 -9.79 71.13 -0.32
CA GLN Y 260 -10.84 72.03 0.14
C GLN Y 260 -12.24 71.49 -0.18
N GLU Y 261 -12.53 71.26 -1.46
CA GLU Y 261 -13.86 70.81 -1.86
C GLU Y 261 -14.11 69.35 -1.56
N GLY Y 262 -13.06 68.56 -1.38
CA GLY Y 262 -13.23 67.15 -1.07
C GLY Y 262 -13.45 66.24 -2.26
N LYS Y 263 -13.31 66.74 -3.47
CA LYS Y 263 -13.50 65.96 -4.69
C LYS Y 263 -12.16 65.73 -5.36
N PHE Y 264 -11.85 64.47 -5.66
CA PHE Y 264 -10.58 64.09 -6.25
C PHE Y 264 -10.71 63.96 -7.76
N LEU Y 265 -9.83 64.65 -8.49
CA LEU Y 265 -9.77 64.57 -9.94
C LEU Y 265 -8.38 64.08 -10.34
N ASP Y 266 -8.32 63.36 -11.45
CA ASP Y 266 -7.04 62.82 -11.89
C ASP Y 266 -6.16 63.96 -12.38
N PRO Y 267 -4.99 64.19 -11.77
CA PRO Y 267 -4.17 65.34 -12.17
C PRO Y 267 -3.54 65.19 -13.54
N SER Y 268 -3.41 63.97 -14.07
CA SER Y 268 -2.83 63.79 -15.39
C SER Y 268 -3.71 64.43 -16.47
N LYS Y 269 -5.03 64.34 -16.32
CA LYS Y 269 -5.94 64.94 -17.29
C LYS Y 269 -6.11 66.44 -17.09
N GLU Y 270 -5.92 66.92 -15.87
CA GLU Y 270 -6.05 68.34 -15.60
C GLU Y 270 -4.90 69.12 -16.26
N PRO Y 271 -5.17 70.31 -16.79
CA PRO Y 271 -4.09 71.12 -17.35
C PRO Y 271 -3.13 71.60 -16.27
N ALA Y 272 -1.87 71.77 -16.66
CA ALA Y 272 -0.85 72.22 -15.72
C ALA Y 272 -1.12 73.65 -15.27
N SER Y 273 -0.83 73.92 -14.01
CA SER Y 273 -1.07 75.24 -13.42
C SER Y 273 0.22 76.06 -13.46
N SER Y 274 0.12 77.29 -13.97
CA SER Y 274 1.28 78.15 -14.09
C SER Y 274 1.71 78.74 -12.75
N SER Y 275 0.80 78.93 -11.82
CA SER Y 275 1.10 79.56 -10.53
C SER Y 275 1.53 78.51 -9.53
N ASN Y 276 2.66 78.75 -8.86
CA ASN Y 276 3.19 77.85 -7.86
C ASN Y 276 2.70 78.17 -6.45
N LEU Y 277 1.84 79.17 -6.29
CA LEU Y 277 1.28 79.54 -5.00
C LEU Y 277 -0.24 79.54 -5.08
N LEU Y 278 -0.88 78.93 -4.08
CA LEU Y 278 -2.33 78.84 -4.03
C LEU Y 278 -2.77 78.98 -2.58
N ALA Y 279 -4.00 79.45 -2.39
CA ALA Y 279 -4.58 79.64 -1.06
C ALA Y 279 -5.88 78.84 -0.97
N ILE Y 280 -6.06 78.14 0.15
CA ILE Y 280 -7.24 77.32 0.37
C ILE Y 280 -7.84 77.66 1.73
N GLN Y 281 -9.10 77.31 1.90
CA GLN Y 281 -9.85 77.56 3.12
C GLN Y 281 -10.29 76.23 3.72
N ARG Y 282 -10.07 76.07 5.03
CA ARG Y 282 -10.42 74.86 5.74
C ARG Y 282 -11.46 75.17 6.81
N LYS Y 283 -12.56 74.43 6.78
CA LYS Y 283 -13.62 74.56 7.78
C LYS Y 283 -13.54 73.36 8.72
N SER Y 284 -13.41 73.63 10.01
CA SER Y 284 -13.25 72.58 11.00
C SER Y 284 -14.14 72.85 12.20
N SER Y 285 -14.53 71.77 12.89
CA SER Y 285 -15.27 71.92 14.14
C SER Y 285 -14.36 72.36 15.27
N ARG Y 286 -13.05 72.15 15.14
CA ARG Y 286 -12.12 72.57 16.17
C ARG Y 286 -11.95 74.08 16.23
N PHE Y 287 -12.28 74.79 15.15
CA PHE Y 287 -12.06 76.22 15.04
C PHE Y 287 -13.37 76.92 14.71
N LYS Y 288 -13.60 78.08 15.33
CA LYS Y 288 -14.80 78.85 15.05
C LYS Y 288 -14.80 79.35 13.62
N THR Y 289 -13.66 79.81 13.13
CA THR Y 289 -13.57 80.44 11.82
C THR Y 289 -12.75 79.58 10.85
N PRO Y 290 -13.04 79.65 9.56
CA PRO Y 290 -12.21 78.94 8.58
C PRO Y 290 -10.78 79.45 8.57
N ILE Y 291 -9.85 78.54 8.33
CA ILE Y 291 -8.42 78.83 8.33
C ILE Y 291 -7.94 78.98 6.90
N LYS Y 292 -7.18 80.03 6.64
CA LYS Y 292 -6.58 80.27 5.34
C LYS Y 292 -5.16 79.73 5.34
N LEU Y 293 -4.84 78.89 4.35
CA LEU Y 293 -3.54 78.26 4.24
C LEU Y 293 -2.96 78.51 2.85
N LEU Y 294 -1.64 78.55 2.78
CA LEU Y 294 -0.93 78.75 1.52
C LEU Y 294 -0.30 77.45 1.07
N VAL Y 295 -0.52 77.08 -0.18
CA VAL Y 295 0.03 75.86 -0.76
C VAL Y 295 1.13 76.26 -1.72
N VAL Y 296 2.32 75.70 -1.52
CA VAL Y 296 3.51 76.04 -2.29
C VAL Y 296 4.08 74.77 -2.89
N ASP Y 297 4.34 74.78 -4.20
CA ASP Y 297 4.92 73.63 -4.87
C ASP Y 297 6.44 73.62 -4.82
N ASN Y 298 7.08 74.76 -5.08
CA ASN Y 298 8.53 74.87 -5.09
C ASN Y 298 8.97 75.87 -4.03
N VAL Y 299 9.87 75.45 -3.16
CA VAL Y 299 10.34 76.30 -2.06
C VAL Y 299 11.59 77.07 -2.42
N GLU Y 300 12.16 76.87 -3.61
CA GLU Y 300 13.38 77.57 -3.98
C GLU Y 300 13.16 79.07 -4.04
N LYS Y 301 12.06 79.50 -4.63
CA LYS Y 301 11.78 80.92 -4.82
C LYS Y 301 10.90 81.51 -3.74
N LEU Y 302 10.40 80.71 -2.80
CA LEU Y 302 9.52 81.20 -1.74
C LEU Y 302 10.04 80.97 -0.34
N PHE Y 303 11.18 80.31 -0.16
CA PHE Y 303 11.73 80.04 1.16
C PHE Y 303 13.12 80.66 1.31
N THR Y 304 13.25 81.93 0.92
CA THR Y 304 14.50 82.65 1.13
C THR Y 304 14.80 82.85 2.60
N LYS Y 305 13.77 83.01 3.42
CA LYS Y 305 13.92 83.21 4.85
C LYS Y 305 13.72 81.90 5.60
N SER Y 306 14.45 81.75 6.71
CA SER Y 306 14.32 80.54 7.51
C SER Y 306 13.03 80.54 8.33
N GLU Y 307 12.49 81.72 8.63
CA GLU Y 307 11.27 81.79 9.43
C GLU Y 307 10.06 81.22 8.70
N TYR Y 308 10.13 81.10 7.37
CA TYR Y 308 9.03 80.47 6.64
C TYR Y 308 8.89 79.00 7.02
N TRP Y 309 10.01 78.33 7.29
CA TRP Y 309 9.96 76.92 7.69
C TRP Y 309 9.20 76.71 8.99
N ASP Y 310 9.08 77.74 9.83
CA ASP Y 310 8.26 77.63 11.03
C ASP Y 310 6.79 77.51 10.71
N ARG Y 311 6.36 77.92 9.52
CA ARG Y 311 4.96 77.88 9.12
C ARG Y 311 4.58 76.58 8.42
N VAL Y 312 5.53 75.71 8.12
CA VAL Y 312 5.22 74.49 7.39
C VAL Y 312 4.46 73.53 8.30
N VAL Y 313 3.31 73.06 7.83
CA VAL Y 313 2.49 72.15 8.61
C VAL Y 313 2.29 70.80 7.93
N ALA Y 314 2.65 70.64 6.66
CA ALA Y 314 2.51 69.36 5.98
C ALA Y 314 3.44 69.34 4.79
N ILE Y 315 3.96 68.14 4.49
CA ILE Y 315 4.84 67.93 3.35
C ILE Y 315 4.33 66.72 2.58
N VAL Y 316 4.14 66.87 1.28
CA VAL Y 316 3.69 65.80 0.40
C VAL Y 316 4.86 65.38 -0.49
N THR Y 317 5.20 64.10 -0.45
CA THR Y 317 6.34 63.59 -1.19
C THR Y 317 5.91 62.40 -2.04
N THR Y 318 6.67 62.15 -3.10
CA THR Y 318 6.45 61.02 -4.00
C THR Y 318 7.41 59.88 -3.75
N GLY Y 319 8.13 59.89 -2.63
CA GLY Y 319 9.12 58.86 -2.37
C GLY Y 319 10.43 59.06 -3.11
N LYS Y 320 10.70 60.29 -3.58
CA LYS Y 320 11.90 60.58 -4.34
C LYS Y 320 12.87 61.38 -3.48
N ASP Y 321 14.14 60.99 -3.52
CA ASP Y 321 15.16 61.65 -2.71
C ASP Y 321 15.44 63.06 -3.20
N TRP Y 322 15.38 63.27 -4.52
CA TRP Y 322 15.82 64.54 -5.10
C TRP Y 322 14.91 65.71 -4.76
N GLN Y 323 13.76 65.46 -4.14
CA GLN Y 323 12.91 66.57 -3.70
C GLN Y 323 13.60 67.42 -2.65
N PHE Y 324 14.57 66.86 -1.93
CA PHE Y 324 15.09 67.46 -0.70
C PHE Y 324 16.48 68.05 -0.87
N LYS Y 325 16.87 68.36 -2.11
CA LYS Y 325 18.20 68.92 -2.33
C LYS Y 325 18.34 70.30 -1.70
N ASN Y 326 17.31 71.14 -1.81
CA ASN Y 326 17.35 72.51 -1.32
C ASN Y 326 16.54 72.71 -0.04
N TYR Y 327 16.08 71.63 0.59
CA TYR Y 327 15.22 71.76 1.76
C TYR Y 327 16.04 72.11 2.99
N LYS Y 328 15.34 72.42 4.08
CA LYS Y 328 16.01 72.77 5.33
C LYS Y 328 16.86 71.62 5.85
N TYR Y 329 16.32 70.41 5.83
CA TYR Y 329 17.04 69.21 6.22
C TYR Y 329 17.16 68.33 4.97
N LYS Y 330 18.34 68.34 4.35
CA LYS Y 330 18.53 67.63 3.09
C LYS Y 330 18.39 66.12 3.26
N ASP Y 331 18.48 65.61 4.48
CA ASP Y 331 18.20 64.20 4.73
C ASP Y 331 16.71 64.01 4.97
N PRO Y 332 16.08 63.06 4.29
CA PRO Y 332 14.62 62.89 4.45
C PRO Y 332 14.19 62.54 5.86
N GLN Y 333 14.99 61.76 6.59
CA GLN Y 333 14.58 61.26 7.90
C GLN Y 333 14.29 62.42 8.85
N ILE Y 334 15.30 63.27 9.08
CA ILE Y 334 15.17 64.37 10.04
C ILE Y 334 14.02 65.31 9.63
N LEU Y 335 13.87 65.53 8.33
CA LEU Y 335 12.75 66.33 7.85
C LEU Y 335 11.44 65.69 8.26
N PHE Y 336 11.34 64.37 8.15
CA PHE Y 336 10.08 63.71 8.46
C PHE Y 336 9.83 63.51 9.96
N GLN Y 337 10.86 63.54 10.82
CA GLN Y 337 10.52 63.67 12.24
C GLN Y 337 10.17 65.11 12.62
N LYS Y 338 10.72 66.10 11.93
CA LYS Y 338 10.44 67.48 12.27
C LYS Y 338 9.26 68.07 11.51
N PHE Y 339 8.70 67.34 10.55
CA PHE Y 339 7.53 67.83 9.79
C PHE Y 339 6.62 66.66 9.48
N ASN Y 340 5.35 66.98 9.21
CA ASN Y 340 4.37 65.96 8.86
C ASN Y 340 4.51 65.61 7.38
N GLY Y 341 4.76 64.34 7.09
CA GLY Y 341 4.90 63.86 5.73
C GLY Y 341 3.72 63.00 5.34
N PHE Y 342 3.17 63.27 4.16
CA PHE Y 342 2.03 62.53 3.64
C PHE Y 342 2.37 61.98 2.27
N TYR Y 343 1.97 60.74 2.01
CA TYR Y 343 2.15 60.10 0.71
C TYR Y 343 0.79 59.59 0.24
N PHE Y 344 0.39 60.02 -0.95
CA PHE Y 344 -0.91 59.65 -1.52
C PHE Y 344 -0.70 58.57 -2.58
N LYS Y 345 -1.41 57.46 -2.41
CA LYS Y 345 -1.34 56.35 -3.36
C LYS Y 345 -2.75 55.84 -3.63
N TYR Y 346 -2.93 55.26 -4.81
CA TYR Y 346 -4.21 54.62 -5.13
C TYR Y 346 -4.36 53.34 -4.30
N LYS Y 347 -5.61 53.03 -3.96
CA LYS Y 347 -5.87 51.85 -3.14
C LYS Y 347 -5.49 50.59 -3.91
N GLY Y 348 -4.71 49.73 -3.26
CA GLY Y 348 -4.24 48.50 -3.85
C GLY Y 348 -2.83 48.56 -4.41
N ASP Y 349 -2.30 49.76 -4.65
CA ASP Y 349 -0.94 49.89 -5.15
C ASP Y 349 0.07 49.65 -4.04
N ALA Y 350 1.25 49.16 -4.44
CA ALA Y 350 2.32 48.87 -3.49
C ALA Y 350 3.08 50.14 -3.13
N VAL Y 351 3.43 50.26 -1.86
CA VAL Y 351 4.14 51.44 -1.36
C VAL Y 351 5.60 51.38 -1.82
N PRO Y 352 6.20 52.49 -2.24
CA PRO Y 352 7.64 52.47 -2.56
C PRO Y 352 8.47 52.17 -1.33
N ALA Y 353 9.66 51.60 -1.58
CA ALA Y 353 10.52 51.17 -0.48
C ALA Y 353 10.96 52.34 0.38
N SER Y 354 11.35 53.46 -0.24
CA SER Y 354 11.82 54.60 0.54
C SER Y 354 10.71 55.16 1.43
N VAL Y 355 9.47 55.12 0.96
CA VAL Y 355 8.35 55.60 1.75
C VAL Y 355 8.18 54.76 3.02
N LYS Y 356 8.30 53.44 2.88
CA LYS Y 356 8.17 52.56 4.05
C LYS Y 356 9.29 52.78 5.04
N SER Y 357 10.44 53.27 4.57
CA SER Y 357 11.58 53.54 5.44
C SER Y 357 11.54 54.94 6.05
N TRP Y 358 10.48 55.70 5.81
CA TRP Y 358 10.34 57.04 6.33
C TRP Y 358 9.14 57.11 7.26
N ASN Y 359 9.12 58.15 8.10
CA ASN Y 359 8.00 58.38 9.03
C ASN Y 359 6.99 59.31 8.37
N VAL Y 360 6.17 58.72 7.49
CA VAL Y 360 5.13 59.46 6.78
C VAL Y 360 3.84 58.66 6.86
N LYS Y 361 2.72 59.38 6.77
CA LYS Y 361 1.41 58.75 6.73
C LYS Y 361 1.09 58.30 5.31
N VAL Y 362 0.28 57.24 5.21
CA VAL Y 362 -0.13 56.69 3.93
C VAL Y 362 -1.64 56.90 3.78
N LEU Y 363 -2.03 57.58 2.71
CA LEU Y 363 -3.44 57.89 2.44
C LEU Y 363 -3.82 57.28 1.11
N ASP Y 364 -4.90 56.50 1.11
CA ASP Y 364 -5.32 55.74 -0.06
C ASP Y 364 -6.54 56.37 -0.69
N ILE Y 365 -6.49 56.56 -2.01
CA ILE Y 365 -7.61 57.09 -2.78
C ILE Y 365 -8.09 55.99 -3.72
N ASP Y 366 -9.39 55.68 -3.67
CA ASP Y 366 -9.93 54.65 -4.54
C ASP Y 366 -10.00 55.15 -5.98
N ARG Y 367 -9.78 54.23 -6.92
CA ARG Y 367 -9.79 54.58 -8.33
C ARG Y 367 -11.20 54.80 -8.87
N VAL Y 368 -12.20 54.12 -8.30
CA VAL Y 368 -13.55 54.14 -8.84
C VAL Y 368 -14.50 54.91 -7.94
N GLU Y 369 -14.68 54.46 -6.69
CA GLU Y 369 -15.62 55.10 -5.78
C GLU Y 369 -15.08 56.44 -5.33
N ARG Y 370 -15.93 57.47 -5.38
CA ARG Y 370 -15.51 58.84 -5.11
C ARG Y 370 -16.06 59.38 -3.79
N PHE Y 371 -16.83 58.60 -3.05
CA PHE Y 371 -17.35 59.06 -1.77
C PHE Y 371 -16.30 59.05 -0.67
N SER Y 372 -15.24 58.25 -0.81
CA SER Y 372 -14.21 58.15 0.22
C SER Y 372 -13.19 59.27 0.16
N ASP Y 373 -13.27 60.14 -0.86
CA ASP Y 373 -12.34 61.26 -0.96
C ASP Y 373 -12.50 62.19 0.23
N ARG Y 374 -13.75 62.45 0.64
CA ARG Y 374 -14.00 63.29 1.80
C ARG Y 374 -13.40 62.66 3.05
N GLN Y 375 -13.52 61.34 3.19
CA GLN Y 375 -12.95 60.67 4.35
C GLN Y 375 -11.43 60.81 4.40
N VAL Y 376 -10.78 60.61 3.25
CA VAL Y 376 -9.32 60.74 3.21
C VAL Y 376 -8.90 62.17 3.53
N VAL Y 377 -9.61 63.14 2.95
CA VAL Y 377 -9.32 64.55 3.22
C VAL Y 377 -9.53 64.86 4.70
N GLU Y 378 -10.53 64.23 5.31
CA GLU Y 378 -10.78 64.44 6.73
C GLU Y 378 -9.64 63.89 7.57
N GLN Y 379 -9.10 62.73 7.20
CA GLN Y 379 -7.94 62.20 7.93
C GLN Y 379 -6.74 63.14 7.82
N PHE Y 380 -6.46 63.61 6.60
CA PHE Y 380 -5.36 64.54 6.39
C PHE Y 380 -5.54 65.79 7.23
N TRP Y 381 -6.75 66.35 7.23
CA TRP Y 381 -7.00 67.56 7.98
C TRP Y 381 -7.01 67.31 9.48
N ASP Y 382 -7.35 66.09 9.91
CA ASP Y 382 -7.24 65.76 11.32
C ASP Y 382 -5.79 65.85 11.77
N THR Y 383 -4.89 65.27 11.00
CA THR Y 383 -3.46 65.37 11.35
C THR Y 383 -2.99 66.83 11.32
N VAL Y 384 -3.38 67.56 10.28
CA VAL Y 384 -2.93 68.94 10.13
C VAL Y 384 -3.47 69.81 11.28
N GLU Y 385 -4.72 69.60 11.65
CA GLU Y 385 -5.33 70.38 12.73
C GLU Y 385 -4.71 70.03 14.07
N ASN Y 386 -4.36 68.76 14.27
CA ASN Y 386 -3.64 68.39 15.49
C ASN Y 386 -2.33 69.15 15.57
N THR Y 387 -1.60 69.20 14.45
CA THR Y 387 -0.34 69.97 14.44
C THR Y 387 -0.59 71.45 14.70
N LEU Y 388 -1.63 72.01 14.08
CA LEU Y 388 -1.93 73.43 14.27
C LEU Y 388 -2.29 73.77 15.70
N VAL Y 389 -3.09 72.91 16.36
CA VAL Y 389 -3.45 73.15 17.75
C VAL Y 389 -2.22 72.98 18.65
N ALA Y 390 -1.38 72.00 18.35
CA ALA Y 390 -0.16 71.83 19.14
C ALA Y 390 0.76 73.03 19.02
N LYS Y 391 0.73 73.73 17.88
CA LYS Y 391 1.56 74.91 17.68
C LYS Y 391 0.95 76.17 18.29
N ARG Y 392 -0.27 76.08 18.83
CA ARG Y 392 -0.96 77.23 19.42
C ARG Y 392 -1.09 78.38 18.42
N TYR Y 393 -1.42 78.05 17.18
CA TYR Y 393 -1.59 79.06 16.14
C TYR Y 393 -2.82 79.91 16.43
N LYS Y 394 -2.73 81.19 16.10
CA LYS Y 394 -3.79 82.15 16.33
C LYS Y 394 -4.50 82.46 15.01
N SER Y 395 -5.84 82.40 15.03
CA SER Y 395 -6.62 82.67 13.84
C SER Y 395 -7.80 83.59 14.16
N PRO Z 47 -10.11 -96.83 -47.18
CA PRO Z 47 -8.85 -97.24 -46.54
C PRO Z 47 -7.61 -96.81 -47.32
N GLY Z 48 -6.80 -95.93 -46.75
CA GLY Z 48 -5.60 -95.43 -47.41
C GLY Z 48 -5.52 -93.94 -47.60
N THR Z 49 -6.54 -93.17 -47.19
CA THR Z 49 -6.56 -91.73 -47.34
C THR Z 49 -6.15 -91.01 -46.06
N VAL Z 50 -6.69 -91.43 -44.92
CA VAL Z 50 -6.28 -90.85 -43.64
C VAL Z 50 -4.82 -91.14 -43.35
N ALA Z 51 -4.28 -92.23 -43.87
CA ALA Z 51 -2.86 -92.48 -43.66
C ALA Z 51 -2.01 -91.45 -44.40
N LEU Z 52 -2.41 -91.10 -45.62
CA LEU Z 52 -1.68 -90.07 -46.35
C LEU Z 52 -1.87 -88.71 -45.70
N ARG Z 53 -3.07 -88.44 -45.19
CA ARG Z 53 -3.29 -87.19 -44.47
C ARG Z 53 -2.41 -87.10 -43.24
N GLU Z 54 -2.26 -88.20 -42.51
CA GLU Z 54 -1.40 -88.18 -41.32
C GLU Z 54 0.05 -88.02 -41.70
N ILE Z 55 0.47 -88.66 -42.80
CA ILE Z 55 1.83 -88.47 -43.29
C ILE Z 55 2.08 -87.01 -43.59
N ARG Z 56 1.17 -86.39 -44.35
CA ARG Z 56 1.31 -84.99 -44.71
C ARG Z 56 1.37 -84.11 -43.46
N ARG Z 57 0.43 -84.31 -42.55
CA ARG Z 57 0.39 -83.51 -41.33
C ARG Z 57 1.72 -83.60 -40.58
N TYR Z 58 2.20 -84.82 -40.38
CA TYR Z 58 3.36 -85.00 -39.53
C TYR Z 58 4.65 -84.58 -40.22
N GLN Z 59 4.68 -84.61 -41.55
CA GLN Z 59 5.83 -84.05 -42.24
C GLN Z 59 5.79 -82.53 -42.26
N LYS Z 60 4.62 -81.92 -42.13
CA LYS Z 60 4.57 -80.47 -42.04
C LYS Z 60 5.03 -79.96 -40.68
N SER Z 61 5.13 -80.81 -39.67
CA SER Z 61 5.33 -80.38 -38.30
C SER Z 61 6.70 -80.78 -37.77
N THR Z 62 7.00 -80.26 -36.57
CA THR Z 62 8.24 -80.54 -35.87
C THR Z 62 8.04 -81.10 -34.47
N GLU Z 63 6.83 -81.06 -33.94
CA GLU Z 63 6.61 -81.40 -32.54
C GLU Z 63 6.90 -82.86 -32.23
N LEU Z 64 7.44 -83.09 -31.04
CA LEU Z 64 7.83 -84.44 -30.63
C LEU Z 64 6.61 -85.33 -30.51
N LEU Z 65 6.78 -86.59 -30.89
CA LEU Z 65 5.69 -87.53 -31.07
C LEU Z 65 5.52 -88.46 -29.89
N ILE Z 66 6.62 -88.78 -29.22
CA ILE Z 66 6.56 -89.56 -27.99
C ILE Z 66 6.17 -88.64 -26.84
N ARG Z 67 5.29 -89.14 -25.97
CA ARG Z 67 4.83 -88.36 -24.84
C ARG Z 67 6.00 -88.08 -23.90
N LYS Z 68 5.98 -86.89 -23.29
CA LYS Z 68 7.21 -86.42 -22.67
C LYS Z 68 7.48 -87.12 -21.34
N LEU Z 69 6.45 -87.35 -20.55
CA LEU Z 69 6.63 -87.90 -19.22
C LEU Z 69 6.87 -89.41 -19.25
N PRO Z 70 6.14 -90.17 -20.06
CA PRO Z 70 6.50 -91.58 -20.21
C PRO Z 70 7.91 -91.73 -20.70
N PHE Z 71 8.33 -90.85 -21.61
CA PHE Z 71 9.70 -90.89 -22.09
C PHE Z 71 10.69 -90.53 -21.00
N GLN Z 72 10.36 -89.53 -20.19
CA GLN Z 72 11.22 -89.19 -19.06
C GLN Z 72 11.38 -90.35 -18.09
N ARG Z 73 10.27 -91.01 -17.76
CA ARG Z 73 10.35 -92.14 -16.85
C ARG Z 73 11.14 -93.28 -17.46
N LEU Z 74 10.94 -93.54 -18.74
CA LEU Z 74 11.71 -94.58 -19.41
C LEU Z 74 13.20 -94.26 -19.35
N VAL Z 75 13.55 -93.01 -19.61
CA VAL Z 75 14.95 -92.61 -19.59
C VAL Z 75 15.52 -92.80 -18.20
N ARG Z 76 14.77 -92.41 -17.17
CA ARG Z 76 15.24 -92.62 -15.81
C ARG Z 76 15.40 -94.09 -15.51
N GLU Z 77 14.47 -94.91 -15.98
CA GLU Z 77 14.55 -96.35 -15.75
C GLU Z 77 15.79 -96.94 -16.38
N ILE Z 78 16.12 -96.49 -17.59
CA ILE Z 78 17.32 -96.99 -18.26
C ILE Z 78 18.56 -96.47 -17.56
N ALA Z 79 18.55 -95.21 -17.12
CA ALA Z 79 19.69 -94.65 -16.43
C ALA Z 79 19.86 -95.25 -15.05
N GLN Z 80 18.85 -95.96 -14.56
CA GLN Z 80 18.93 -96.48 -13.20
C GLN Z 80 19.88 -97.66 -13.14
N ASP Z 81 20.31 -98.14 -14.30
CA ASP Z 81 21.24 -99.25 -14.39
C ASP Z 81 22.67 -98.76 -14.34
N PHE Z 82 22.91 -97.54 -14.86
CA PHE Z 82 24.25 -97.03 -15.05
C PHE Z 82 24.75 -96.31 -13.80
N LYS Z 83 23.83 -95.76 -13.02
CA LYS Z 83 24.17 -95.17 -11.73
C LYS Z 83 22.89 -94.99 -10.92
N THR Z 84 22.90 -95.48 -9.69
CA THR Z 84 21.69 -95.50 -8.88
C THR Z 84 21.35 -94.10 -8.41
N ASP Z 85 20.08 -93.74 -8.49
CA ASP Z 85 19.58 -92.48 -7.93
C ASP Z 85 20.28 -91.29 -8.60
N LEU Z 86 20.04 -91.16 -9.89
CA LEU Z 86 20.57 -90.07 -10.69
C LEU Z 86 19.59 -88.91 -10.79
N ARG Z 87 20.15 -87.71 -10.93
CA ARG Z 87 19.36 -86.54 -11.27
C ARG Z 87 19.58 -86.21 -12.74
N PHE Z 88 18.58 -85.59 -13.35
CA PHE Z 88 18.64 -85.25 -14.76
C PHE Z 88 18.26 -83.80 -14.98
N GLN Z 89 19.01 -83.11 -15.83
CA GLN Z 89 18.52 -81.84 -16.32
C GLN Z 89 17.35 -82.04 -17.26
N SER Z 90 16.46 -81.06 -17.28
CA SER Z 90 15.33 -81.13 -18.21
C SER Z 90 15.80 -81.07 -19.65
N ALA Z 91 16.78 -80.20 -19.94
CA ALA Z 91 17.34 -80.11 -21.28
C ALA Z 91 18.03 -81.39 -21.70
N ALA Z 92 18.53 -82.16 -20.75
CA ALA Z 92 19.09 -83.46 -21.11
C ALA Z 92 18.01 -84.37 -21.67
N ILE Z 93 16.86 -84.43 -20.99
CA ILE Z 93 15.76 -85.25 -21.48
C ILE Z 93 15.20 -84.71 -22.78
N GLY Z 94 15.15 -83.39 -22.94
CA GLY Z 94 14.66 -82.84 -24.20
C GLY Z 94 15.55 -83.18 -25.37
N ALA Z 95 16.87 -83.05 -25.18
CA ALA Z 95 17.81 -83.41 -26.24
C ALA Z 95 17.73 -84.89 -26.54
N LEU Z 96 17.62 -85.72 -25.51
CA LEU Z 96 17.50 -87.15 -25.72
C LEU Z 96 16.26 -87.48 -26.53
N GLN Z 97 15.13 -86.83 -26.23
CA GLN Z 97 13.91 -87.14 -26.96
C GLN Z 97 14.01 -86.67 -28.40
N GLU Z 98 14.58 -85.49 -28.62
CA GLU Z 98 14.76 -85.01 -30.00
C GLU Z 98 15.64 -85.96 -30.80
N ALA Z 99 16.77 -86.38 -30.21
CA ALA Z 99 17.66 -87.29 -30.91
C ALA Z 99 16.99 -88.63 -31.17
N SER Z 100 16.26 -89.16 -30.19
CA SER Z 100 15.64 -90.45 -30.36
C SER Z 100 14.59 -90.41 -31.47
N GLU Z 101 13.78 -89.35 -31.51
CA GLU Z 101 12.77 -89.28 -32.54
C GLU Z 101 13.39 -89.07 -33.91
N ALA Z 102 14.43 -88.24 -34.01
CA ALA Z 102 15.10 -88.08 -35.30
C ALA Z 102 15.65 -89.42 -35.78
N TYR Z 103 16.27 -90.17 -34.87
CA TYR Z 103 16.83 -91.47 -35.21
C TYR Z 103 15.75 -92.41 -35.69
N LEU Z 104 14.64 -92.47 -34.97
CA LEU Z 104 13.57 -93.38 -35.33
C LEU Z 104 12.93 -92.99 -36.65
N VAL Z 105 12.80 -91.70 -36.92
CA VAL Z 105 12.23 -91.27 -38.19
C VAL Z 105 13.14 -91.65 -39.35
N GLY Z 106 14.45 -91.47 -39.19
CA GLY Z 106 15.36 -91.91 -40.23
C GLY Z 106 15.28 -93.41 -40.46
N LEU Z 107 15.17 -94.16 -39.37
CA LEU Z 107 15.07 -95.60 -39.49
C LEU Z 107 13.78 -95.99 -40.20
N PHE Z 108 12.69 -95.25 -39.95
CA PHE Z 108 11.44 -95.56 -40.62
C PHE Z 108 11.48 -95.18 -42.09
N GLU Z 109 12.26 -94.15 -42.42
CA GLU Z 109 12.48 -93.81 -43.82
C GLU Z 109 13.17 -94.97 -44.53
N ASP Z 110 14.25 -95.46 -43.94
CA ASP Z 110 14.97 -96.58 -44.54
C ASP Z 110 14.09 -97.83 -44.61
N THR Z 111 13.28 -98.08 -43.59
CA THR Z 111 12.40 -99.24 -43.62
C THR Z 111 11.38 -99.15 -44.73
N ASN Z 112 10.80 -97.96 -44.93
CA ASN Z 112 9.87 -97.79 -46.04
C ASN Z 112 10.58 -98.01 -47.36
N LEU Z 113 11.82 -97.52 -47.47
CA LEU Z 113 12.58 -97.74 -48.70
C LEU Z 113 12.76 -99.21 -48.99
N CYS Z 114 13.15 -99.99 -47.97
CA CYS Z 114 13.32 -101.43 -48.18
C CYS Z 114 12.00 -102.09 -48.54
N ALA Z 115 10.91 -101.73 -47.85
CA ALA Z 115 9.64 -102.37 -48.12
C ALA Z 115 9.17 -102.07 -49.54
N ILE Z 116 9.37 -100.84 -49.99
CA ILE Z 116 9.06 -100.51 -51.38
C ILE Z 116 9.95 -101.30 -52.32
N HIS Z 117 11.23 -101.47 -51.97
CA HIS Z 117 12.09 -102.28 -52.80
C HIS Z 117 11.53 -103.68 -52.95
N ALA Z 118 11.01 -104.25 -51.88
CA ALA Z 118 10.46 -105.58 -51.99
C ALA Z 118 9.15 -105.60 -52.70
N LYS Z 119 8.79 -104.49 -53.32
CA LYS Z 119 7.55 -104.34 -54.07
C LYS Z 119 6.34 -104.43 -53.16
N ARG Z 120 6.49 -104.04 -51.91
CA ARG Z 120 5.42 -104.08 -50.93
C ARG Z 120 5.04 -102.65 -50.54
N VAL Z 121 4.10 -102.54 -49.61
CA VAL Z 121 3.72 -101.26 -49.05
C VAL Z 121 3.70 -101.35 -47.54
N THR Z 122 3.73 -102.56 -47.00
CA THR Z 122 3.68 -102.76 -45.56
C THR Z 122 5.10 -103.03 -45.08
N ILE Z 123 5.51 -102.31 -44.05
CA ILE Z 123 6.81 -102.52 -43.43
C ILE Z 123 6.72 -103.60 -42.38
N MET Z 124 7.68 -104.53 -42.38
CA MET Z 124 7.69 -105.66 -41.49
C MET Z 124 9.01 -105.66 -40.74
N PRO Z 125 9.10 -106.36 -39.61
CA PRO Z 125 10.31 -106.28 -38.78
C PRO Z 125 11.56 -106.71 -39.52
N LYS Z 126 11.45 -107.55 -40.54
CA LYS Z 126 12.65 -107.97 -41.25
C LYS Z 126 13.21 -106.83 -42.08
N ASP Z 127 12.37 -105.87 -42.45
CA ASP Z 127 12.87 -104.70 -43.15
C ASP Z 127 13.68 -103.83 -42.21
N ILE Z 128 13.21 -103.66 -40.98
CA ILE Z 128 13.97 -102.94 -39.97
C ILE Z 128 15.30 -103.64 -39.74
N GLN Z 129 15.26 -104.97 -39.65
CA GLN Z 129 16.47 -105.72 -39.37
C GLN Z 129 17.46 -105.58 -40.52
N LEU Z 130 16.97 -105.63 -41.74
CA LEU Z 130 17.84 -105.46 -42.90
C LEU Z 130 18.43 -104.05 -42.91
N ALA Z 131 17.62 -103.06 -42.58
CA ALA Z 131 18.11 -101.69 -42.55
C ALA Z 131 19.21 -101.53 -41.51
N ARG Z 132 19.00 -102.09 -40.31
CA ARG Z 132 20.03 -101.95 -39.28
C ARG Z 132 21.27 -102.75 -39.62
N ARG Z 133 21.11 -103.85 -40.36
CA ARG Z 133 22.26 -104.63 -40.79
C ARG Z 133 23.09 -103.85 -41.80
N ILE Z 134 22.42 -103.24 -42.78
CA ILE Z 134 23.12 -102.53 -43.83
C ILE Z 134 23.76 -101.25 -43.29
N ARG Z 135 23.04 -100.56 -42.39
CA ARG Z 135 23.61 -99.38 -41.76
C ARG Z 135 24.90 -99.72 -41.01
N GLY Z 136 25.05 -100.96 -40.56
CA GLY Z 136 26.23 -101.30 -39.79
C GLY Z 136 25.98 -101.20 -38.30
N GLU Z 137 24.79 -101.60 -37.87
CA GLU Z 137 24.35 -101.47 -36.49
C GLU Z 137 24.37 -102.82 -35.78
N ARG Z 138 24.70 -102.78 -34.50
CA ARG Z 138 24.98 -103.99 -33.72
C ARG Z 138 23.97 -104.15 -32.60
N LYS AA 24 12.28 -94.92 -5.34
CA LYS AA 24 11.32 -95.66 -6.20
C LYS AA 24 12.04 -96.17 -7.44
N VAL AA 25 11.82 -97.42 -7.80
CA VAL AA 25 12.44 -98.03 -8.97
C VAL AA 25 11.42 -98.08 -10.10
N LEU AA 26 11.88 -97.80 -11.31
CA LEU AA 26 11.04 -97.83 -12.50
C LEU AA 26 11.12 -99.22 -13.13
N ARG AA 27 9.95 -99.77 -13.48
CA ARG AA 27 9.87 -101.13 -13.98
C ARG AA 27 9.06 -101.18 -15.27
N ASP AA 28 9.73 -101.52 -16.36
CA ASP AA 28 9.09 -101.78 -17.66
C ASP AA 28 8.27 -100.60 -18.15
N ASN AA 29 8.94 -99.48 -18.41
CA ASN AA 29 8.24 -98.29 -18.85
C ASN AA 29 8.34 -98.10 -20.34
N ILE AA 30 8.87 -99.12 -21.05
CA ILE AA 30 8.98 -99.05 -22.49
C ILE AA 30 7.60 -98.99 -23.12
N GLN AA 31 6.62 -99.63 -22.47
CA GLN AA 31 5.26 -99.58 -22.96
C GLN AA 31 4.61 -98.23 -22.75
N GLY AA 32 5.34 -97.26 -22.21
CA GLY AA 32 4.82 -95.91 -22.22
C GLY AA 32 4.96 -95.27 -23.58
N ILE AA 33 5.66 -95.96 -24.48
CA ILE AA 33 5.73 -95.59 -25.89
C ILE AA 33 4.54 -96.27 -26.54
N THR AA 34 3.39 -95.61 -26.48
CA THR AA 34 2.16 -96.26 -26.91
C THR AA 34 2.22 -96.58 -28.40
N LYS AA 35 1.33 -97.47 -28.82
CA LYS AA 35 1.27 -97.83 -30.22
C LYS AA 35 0.94 -96.65 -31.12
N PRO AA 36 -0.02 -95.79 -30.80
CA PRO AA 36 -0.24 -94.60 -31.65
C PRO AA 36 0.97 -93.70 -31.71
N ALA AA 37 1.79 -93.64 -30.67
CA ALA AA 37 3.00 -92.83 -30.74
C ALA AA 37 3.96 -93.40 -31.77
N ILE AA 38 4.14 -94.72 -31.76
CA ILE AA 38 5.01 -95.36 -32.72
C ILE AA 38 4.45 -95.19 -34.13
N ARG AA 39 3.13 -95.22 -34.24
CA ARG AA 39 2.50 -94.99 -35.54
C ARG AA 39 2.77 -93.58 -36.02
N ARG AA 40 2.73 -92.60 -35.12
CA ARG AA 40 3.01 -91.23 -35.51
C ARG AA 40 4.46 -91.10 -35.98
N LEU AA 41 5.38 -91.74 -35.26
CA LEU AA 41 6.78 -91.74 -35.69
C LEU AA 41 6.96 -92.40 -37.05
N ALA AA 42 6.21 -93.46 -37.32
CA ALA AA 42 6.31 -94.10 -38.63
C ALA AA 42 5.70 -93.24 -39.74
N ARG AA 43 4.56 -92.61 -39.46
CA ARG AA 43 3.92 -91.77 -40.46
C ARG AA 43 4.77 -90.56 -40.80
N ARG AA 44 5.35 -89.92 -39.80
CA ARG AA 44 6.32 -88.87 -40.10
C ARG AA 44 7.48 -89.41 -40.91
N GLY AA 45 7.79 -90.70 -40.75
CA GLY AA 45 8.81 -91.35 -41.55
C GLY AA 45 8.38 -91.81 -42.93
N GLY AA 46 7.10 -91.69 -43.27
CA GLY AA 46 6.66 -92.07 -44.60
C GLY AA 46 6.13 -93.47 -44.76
N VAL AA 47 5.79 -94.15 -43.68
CA VAL AA 47 5.34 -95.53 -43.74
C VAL AA 47 3.84 -95.54 -43.94
N LYS AA 48 3.38 -96.29 -44.95
CA LYS AA 48 1.95 -96.29 -45.25
C LYS AA 48 1.19 -97.38 -44.52
N ARG AA 49 1.73 -98.59 -44.44
CA ARG AA 49 1.07 -99.69 -43.75
C ARG AA 49 2.08 -100.31 -42.81
N ILE AA 50 1.73 -100.46 -41.54
CA ILE AA 50 2.69 -100.82 -40.51
C ILE AA 50 2.28 -102.16 -39.90
N SER AA 51 3.18 -103.13 -39.96
CA SER AA 51 2.93 -104.45 -39.39
C SER AA 51 2.83 -104.38 -37.87
N GLY AA 52 1.93 -105.19 -37.32
CA GLY AA 52 1.69 -105.20 -35.89
C GLY AA 52 2.91 -105.55 -35.07
N LEU AA 53 3.91 -106.17 -35.68
CA LEU AA 53 5.13 -106.53 -34.98
C LEU AA 53 6.16 -105.41 -35.02
N ILE AA 54 5.89 -104.38 -35.82
CA ILE AA 54 6.82 -103.28 -35.91
C ILE AA 54 6.98 -102.66 -34.54
N TYR AA 55 5.87 -102.46 -33.85
CA TYR AA 55 5.89 -101.61 -32.66
C TYR AA 55 6.90 -102.16 -31.66
N GLU AA 56 6.86 -103.47 -31.44
CA GLU AA 56 7.85 -104.08 -30.56
C GLU AA 56 9.25 -104.01 -31.16
N GLU AA 57 9.39 -104.31 -32.45
CA GLU AA 57 10.70 -104.15 -33.08
C GLU AA 57 11.28 -102.78 -32.75
N THR AA 58 10.56 -101.74 -33.14
CA THR AA 58 10.95 -100.37 -32.88
C THR AA 58 11.28 -100.14 -31.42
N ARG AA 59 10.44 -100.68 -30.52
CA ARG AA 59 10.67 -100.44 -29.10
C ARG AA 59 12.04 -100.95 -28.69
N GLY AA 60 12.35 -102.20 -29.08
CA GLY AA 60 13.67 -102.73 -28.79
C GLY AA 60 14.78 -101.88 -29.36
N VAL AA 61 14.64 -101.47 -30.63
CA VAL AA 61 15.66 -100.64 -31.26
C VAL AA 61 15.90 -99.39 -30.42
N LEU AA 62 14.82 -98.73 -30.06
CA LEU AA 62 14.94 -97.49 -29.31
C LEU AA 62 15.62 -97.74 -27.98
N LYS AA 63 15.23 -98.82 -27.32
CA LYS AA 63 15.89 -99.19 -26.07
C LYS AA 63 17.39 -99.27 -26.27
N VAL AA 64 17.83 -100.02 -27.29
CA VAL AA 64 19.26 -100.23 -27.47
C VAL AA 64 19.97 -98.92 -27.75
N PHE AA 65 19.29 -98.02 -28.48
CA PHE AA 65 19.85 -96.71 -28.71
C PHE AA 65 20.00 -95.95 -27.40
N LEU AA 66 18.91 -95.82 -26.67
CA LEU AA 66 18.93 -94.97 -25.49
C LEU AA 66 19.91 -95.53 -24.48
N GLU AA 67 19.92 -96.84 -24.32
CA GLU AA 67 20.87 -97.46 -23.40
C GLU AA 67 22.29 -97.15 -23.80
N ASN AA 68 22.54 -96.97 -25.09
CA ASN AA 68 23.89 -96.67 -25.55
C ASN AA 68 24.23 -95.21 -25.32
N VAL AA 69 23.24 -94.34 -25.37
CA VAL AA 69 23.51 -92.93 -25.22
C VAL AA 69 23.63 -92.60 -23.74
N ILE AA 70 22.67 -93.10 -22.96
CA ILE AA 70 22.64 -92.87 -21.52
C ILE AA 70 23.89 -93.43 -20.86
N ARG AA 71 24.33 -94.64 -21.26
CA ARG AA 71 25.55 -95.17 -20.67
C ARG AA 71 26.73 -94.22 -20.80
N ASP AA 72 26.77 -93.47 -21.91
CA ASP AA 72 27.85 -92.51 -22.09
C ASP AA 72 27.59 -91.24 -21.30
N ALA AA 73 26.35 -90.77 -21.30
CA ALA AA 73 26.05 -89.55 -20.58
C ALA AA 73 26.37 -89.76 -19.11
N VAL AA 74 25.91 -90.87 -18.54
CA VAL AA 74 26.22 -91.20 -17.15
C VAL AA 74 27.73 -91.31 -16.96
N THR AA 75 28.43 -91.87 -17.95
CA THR AA 75 29.88 -91.98 -17.80
C THR AA 75 30.51 -90.60 -17.68
N TYR AA 76 30.02 -89.64 -18.46
CA TYR AA 76 30.50 -88.27 -18.32
C TYR AA 76 30.12 -87.69 -16.98
N THR AA 77 28.88 -87.90 -16.54
CA THR AA 77 28.45 -87.32 -15.28
C THR AA 77 29.29 -87.83 -14.13
N GLU AA 78 29.56 -89.13 -14.13
CA GLU AA 78 30.37 -89.71 -13.06
C GLU AA 78 31.82 -89.26 -13.17
N HIS AA 79 32.30 -88.96 -14.37
CA HIS AA 79 33.69 -88.57 -14.46
C HIS AA 79 33.88 -87.15 -13.96
N ALA AA 80 32.91 -86.30 -14.19
CA ALA AA 80 32.95 -84.97 -13.60
C ALA AA 80 32.68 -84.99 -12.12
N LYS AA 81 32.56 -86.17 -11.52
CA LYS AA 81 32.28 -86.28 -10.09
C LYS AA 81 31.01 -85.52 -9.72
N ARG AA 82 30.04 -85.51 -10.64
CA ARG AA 82 28.76 -84.87 -10.43
C ARG AA 82 27.68 -85.90 -10.10
N LYS AA 83 26.50 -85.38 -9.77
CA LYS AA 83 25.35 -86.21 -9.47
C LYS AA 83 24.15 -85.85 -10.32
N THR AA 84 24.27 -84.85 -11.19
CA THR AA 84 23.20 -84.40 -12.07
C THR AA 84 23.66 -84.59 -13.51
N VAL AA 85 22.80 -85.15 -14.34
CA VAL AA 85 23.08 -85.31 -15.76
C VAL AA 85 22.77 -83.99 -16.47
N THR AA 86 23.80 -83.36 -17.02
CA THR AA 86 23.62 -82.07 -17.66
C THR AA 86 23.36 -82.22 -19.15
N ALA AA 87 22.97 -81.11 -19.77
CA ALA AA 87 22.69 -81.11 -21.20
C ALA AA 87 23.97 -81.33 -22.00
N MET AA 88 25.09 -80.79 -21.52
CA MET AA 88 26.36 -80.96 -22.22
C MET AA 88 26.82 -82.41 -22.20
N ASP AA 89 26.50 -83.16 -21.15
CA ASP AA 89 26.82 -84.57 -21.13
C ASP AA 89 26.10 -85.28 -22.27
N VAL AA 90 24.82 -84.96 -22.46
CA VAL AA 90 24.06 -85.54 -23.56
C VAL AA 90 24.65 -85.11 -24.89
N VAL AA 91 25.06 -83.84 -24.98
CA VAL AA 91 25.61 -83.34 -26.23
C VAL AA 91 26.90 -84.08 -26.58
N TYR AA 92 27.76 -84.31 -25.59
CA TYR AA 92 28.99 -85.05 -25.85
C TYR AA 92 28.71 -86.51 -26.17
N ALA AA 93 27.75 -87.13 -25.49
CA ALA AA 93 27.43 -88.51 -25.79
C ALA AA 93 26.93 -88.65 -27.23
N LEU AA 94 26.10 -87.71 -27.68
CA LEU AA 94 25.62 -87.75 -29.05
C LEU AA 94 26.74 -87.45 -30.02
N LYS AA 95 27.52 -86.41 -29.76
CA LYS AA 95 28.66 -86.08 -30.61
C LYS AA 95 29.61 -87.26 -30.73
N ARG AA 96 29.70 -88.08 -29.69
CA ARG AA 96 30.60 -89.22 -29.73
C ARG AA 96 30.08 -90.28 -30.69
N GLN AA 97 28.75 -90.40 -30.80
CA GLN AA 97 28.12 -91.34 -31.71
C GLN AA 97 27.89 -90.75 -33.09
N GLY AA 98 28.47 -89.61 -33.42
CA GLY AA 98 28.13 -88.98 -34.67
C GLY AA 98 26.69 -88.52 -34.73
N ARG AA 99 26.16 -88.04 -33.61
CA ARG AA 99 24.79 -87.54 -33.53
C ARG AA 99 24.74 -86.06 -33.20
N THR AA 100 25.58 -85.25 -33.85
CA THR AA 100 25.69 -83.85 -33.47
C THR AA 100 24.32 -83.21 -33.49
N LEU AA 101 24.00 -82.49 -32.42
CA LEU AA 101 22.67 -81.89 -32.23
C LEU AA 101 22.81 -80.38 -32.09
N TYR AA 102 22.21 -79.64 -33.01
CA TYR AA 102 22.14 -78.19 -32.89
C TYR AA 102 20.85 -77.76 -32.21
N GLY AA 103 20.98 -76.78 -31.33
CA GLY AA 103 19.83 -76.14 -30.70
C GLY AA 103 19.97 -76.17 -29.19
N PHE AA 104 20.72 -77.15 -28.70
CA PHE AA 104 20.86 -77.42 -27.28
C PHE AA 104 22.27 -77.12 -26.79
N GLY AA 105 23.06 -76.38 -27.56
CA GLY AA 105 24.46 -76.18 -27.29
C GLY AA 105 25.33 -76.85 -28.36
N GLY AA 106 26.61 -76.48 -28.33
CA GLY AA 106 27.56 -77.03 -29.28
C GLY AA 106 28.59 -76.02 -29.76
N THR BA 20 64.07 -99.93 -15.97
CA THR BA 20 63.06 -99.35 -16.89
C THR BA 20 61.71 -99.26 -16.20
N ARG BA 21 60.87 -98.33 -16.65
CA ARG BA 21 59.58 -98.16 -16.00
C ARG BA 21 58.61 -99.26 -16.35
N SER BA 22 58.87 -100.04 -17.40
CA SER BA 22 57.99 -101.17 -17.69
C SER BA 22 58.17 -102.27 -16.65
N SER BA 23 59.41 -102.47 -16.20
CA SER BA 23 59.67 -103.51 -15.22
C SER BA 23 59.05 -103.13 -13.89
N ARG BA 24 59.20 -101.86 -13.53
CA ARG BA 24 58.66 -101.36 -12.27
C ARG BA 24 57.16 -101.57 -12.20
N ALA BA 25 56.48 -101.51 -13.35
CA ALA BA 25 55.05 -101.72 -13.42
C ALA BA 25 54.69 -103.13 -13.88
N GLY BA 26 55.69 -103.98 -14.08
CA GLY BA 26 55.44 -105.33 -14.54
C GLY BA 26 54.84 -105.32 -15.94
N LEU BA 27 55.31 -104.42 -16.80
CA LEU BA 27 54.78 -104.29 -18.15
C LEU BA 27 55.84 -104.64 -19.17
N GLN BA 28 55.37 -104.88 -20.40
CA GLN BA 28 56.22 -105.07 -21.56
C GLN BA 28 56.17 -103.90 -22.52
N PHE BA 29 55.10 -103.12 -22.52
CA PHE BA 29 55.05 -101.93 -23.35
C PHE BA 29 55.86 -100.80 -22.72
N PRO BA 30 56.32 -99.86 -23.53
CA PRO BA 30 57.19 -98.81 -22.99
C PRO BA 30 56.37 -97.73 -22.31
N VAL BA 31 56.82 -97.29 -21.15
CA VAL BA 31 56.17 -96.15 -20.51
C VAL BA 31 56.80 -94.85 -20.94
N GLY BA 32 58.13 -94.85 -21.10
CA GLY BA 32 58.81 -93.65 -21.55
C GLY BA 32 58.40 -93.23 -22.94
N ARG BA 33 58.34 -94.20 -23.87
CA ARG BA 33 57.91 -93.89 -25.22
C ARG BA 33 56.50 -93.36 -25.24
N VAL BA 34 55.59 -94.01 -24.50
CA VAL BA 34 54.20 -93.58 -24.52
C VAL BA 34 54.05 -92.21 -23.87
N HIS BA 35 54.79 -91.96 -22.80
CA HIS BA 35 54.75 -90.64 -22.18
C HIS BA 35 55.28 -89.57 -23.13
N ARG BA 36 56.36 -89.87 -23.85
CA ARG BA 36 56.90 -88.91 -24.80
C ARG BA 36 55.95 -88.65 -25.95
N LEU BA 37 55.26 -89.70 -26.44
CA LEU BA 37 54.31 -89.50 -27.52
C LEU BA 37 53.10 -88.71 -27.06
N LEU BA 38 52.67 -88.92 -25.81
CA LEU BA 38 51.59 -88.11 -25.27
C LEU BA 38 52.04 -86.68 -25.05
N ARG BA 39 53.31 -86.50 -24.73
CA ARG BA 39 53.85 -85.18 -24.46
C ARG BA 39 54.01 -84.37 -25.74
N LYS BA 40 54.43 -85.02 -26.82
CA LYS BA 40 54.75 -84.34 -28.05
C LYS BA 40 53.59 -84.37 -29.03
N GLY BA 41 52.44 -84.86 -28.61
CA GLY BA 41 51.30 -84.97 -29.49
C GLY BA 41 50.32 -83.84 -29.35
N ASN BA 42 50.63 -82.81 -28.55
CA ASN BA 42 49.70 -81.71 -28.33
C ASN BA 42 48.34 -82.26 -27.92
N TYR BA 43 48.35 -83.02 -26.84
CA TYR BA 43 47.12 -83.58 -26.30
C TYR BA 43 46.61 -82.82 -25.09
N SER BA 44 47.50 -82.43 -24.18
CA SER BA 44 47.12 -81.61 -23.05
C SER BA 44 48.33 -80.79 -22.64
N GLU BA 45 48.07 -79.74 -21.87
CA GLU BA 45 49.17 -78.89 -21.42
C GLU BA 45 50.17 -79.69 -20.60
N ARG BA 46 49.68 -80.55 -19.72
CA ARG BA 46 50.50 -81.42 -18.89
C ARG BA 46 49.86 -82.79 -18.84
N VAL BA 47 50.68 -83.79 -18.53
CA VAL BA 47 50.26 -85.19 -18.53
C VAL BA 47 50.62 -85.76 -17.17
N GLY BA 48 49.64 -86.31 -16.47
CA GLY BA 48 49.91 -86.93 -15.19
C GLY BA 48 50.74 -88.19 -15.35
N ALA BA 49 51.30 -88.65 -14.23
CA ALA BA 49 52.19 -89.81 -14.26
C ALA BA 49 51.47 -91.15 -14.21
N GLY BA 50 50.18 -91.17 -13.87
CA GLY BA 50 49.46 -92.43 -13.86
C GLY BA 50 48.79 -92.77 -15.16
N ALA BA 51 48.77 -91.83 -16.09
CA ALA BA 51 48.17 -92.10 -17.40
C ALA BA 51 49.03 -93.01 -18.25
N PRO BA 52 50.34 -92.76 -18.45
CA PRO BA 52 51.11 -93.63 -19.33
C PRO BA 52 51.24 -95.06 -18.85
N VAL BA 53 51.30 -95.30 -17.54
CA VAL BA 53 51.38 -96.67 -17.06
C VAL BA 53 50.08 -97.40 -17.39
N TYR BA 54 48.96 -96.75 -17.13
CA TYR BA 54 47.67 -97.35 -17.38
C TYR BA 54 47.49 -97.62 -18.87
N LEU BA 55 47.86 -96.65 -19.71
CA LEU BA 55 47.68 -96.80 -21.14
C LEU BA 55 48.59 -97.87 -21.71
N ALA BA 56 49.82 -97.96 -21.23
CA ALA BA 56 50.69 -99.03 -21.69
C ALA BA 56 50.12 -100.39 -21.31
N ALA BA 57 49.57 -100.50 -20.09
CA ALA BA 57 48.96 -101.77 -19.70
C ALA BA 57 47.77 -102.12 -20.57
N VAL BA 58 46.91 -101.14 -20.88
CA VAL BA 58 45.76 -101.40 -21.73
C VAL BA 58 46.20 -101.83 -23.13
N LEU BA 59 47.15 -101.11 -23.71
CA LEU BA 59 47.61 -101.44 -25.06
C LEU BA 59 48.25 -102.81 -25.10
N GLU BA 60 49.02 -103.13 -24.05
CA GLU BA 60 49.64 -104.45 -23.99
C GLU BA 60 48.59 -105.54 -23.88
N TYR BA 61 47.56 -105.31 -23.08
CA TYR BA 61 46.48 -106.29 -22.97
C TYR BA 61 45.79 -106.50 -24.31
N LEU BA 62 45.50 -105.42 -25.01
CA LEU BA 62 44.78 -105.55 -26.27
C LEU BA 62 45.60 -106.23 -27.33
N THR BA 63 46.90 -105.89 -27.42
CA THR BA 63 47.75 -106.58 -28.39
C THR BA 63 47.94 -108.03 -28.00
N ALA BA 64 47.97 -108.33 -26.70
CA ALA BA 64 48.08 -109.71 -26.28
C ALA BA 64 46.84 -110.50 -26.69
N GLU BA 65 45.66 -109.90 -26.55
CA GLU BA 65 44.45 -110.58 -26.98
C GLU BA 65 44.49 -110.85 -28.47
N ILE BA 66 44.86 -109.83 -29.26
CA ILE BA 66 44.91 -109.99 -30.70
C ILE BA 66 45.89 -111.10 -31.07
N LEU BA 67 47.07 -111.08 -30.47
CA LEU BA 67 48.09 -112.04 -30.86
C LEU BA 67 47.75 -113.44 -30.39
N GLU BA 68 47.06 -113.56 -29.26
CA GLU BA 68 46.61 -114.88 -28.81
C GLU BA 68 45.64 -115.47 -29.82
N LEU BA 69 44.61 -114.71 -30.19
CA LEU BA 69 43.66 -115.26 -31.15
C LEU BA 69 44.29 -115.48 -32.51
N ALA BA 70 45.25 -114.66 -32.90
CA ALA BA 70 45.89 -114.86 -34.20
C ALA BA 70 46.77 -116.11 -34.19
N GLY BA 71 47.42 -116.40 -33.06
CA GLY BA 71 48.17 -117.63 -32.96
C GLY BA 71 47.27 -118.85 -32.98
N ASN BA 72 46.12 -118.75 -32.30
CA ASN BA 72 45.13 -119.82 -32.39
C ASN BA 72 44.69 -120.03 -33.82
N ALA BA 73 44.39 -118.94 -34.54
CA ALA BA 73 43.95 -119.05 -35.92
C ALA BA 73 45.02 -119.64 -36.81
N ALA BA 74 46.30 -119.34 -36.54
CA ALA BA 74 47.36 -119.87 -37.37
C ALA BA 74 47.61 -121.34 -37.08
N ARG BA 75 47.43 -121.76 -35.82
CA ARG BA 75 47.53 -123.17 -35.51
C ARG BA 75 46.37 -123.93 -36.11
N ASP BA 76 45.19 -123.30 -36.14
CA ASP BA 76 44.02 -123.96 -36.72
C ASP BA 76 44.26 -124.33 -38.17
N ASN BA 77 45.07 -123.54 -38.87
CA ASN BA 77 45.47 -123.82 -40.23
C ASN BA 77 46.75 -124.63 -40.26
N LYS BA 78 47.25 -125.01 -39.08
CA LYS BA 78 48.51 -125.70 -38.93
C LYS BA 78 49.63 -124.90 -39.58
N LYS BA 79 49.76 -123.66 -39.12
CA LYS BA 79 50.89 -122.81 -39.46
C LYS BA 79 51.48 -122.25 -38.19
N THR BA 80 52.79 -122.04 -38.21
CA THR BA 80 53.53 -121.54 -37.06
C THR BA 80 53.89 -120.07 -37.19
N ARG BA 81 53.37 -119.38 -38.21
CA ARG BA 81 53.65 -117.97 -38.38
C ARG BA 81 52.37 -117.24 -38.75
N ILE BA 82 52.13 -116.12 -38.10
CA ILE BA 82 50.90 -115.37 -38.28
C ILE BA 82 51.00 -114.52 -39.54
N ILE BA 83 50.02 -114.65 -40.43
CA ILE BA 83 49.96 -113.81 -41.62
C ILE BA 83 48.77 -112.86 -41.50
N PRO BA 84 48.60 -111.91 -42.42
CA PRO BA 84 47.43 -111.03 -42.33
C PRO BA 84 46.12 -111.77 -42.40
N ARG BA 85 46.08 -112.93 -43.06
CA ARG BA 85 44.83 -113.68 -43.12
C ARG BA 85 44.37 -114.07 -41.73
N HIS BA 86 45.31 -114.52 -40.89
CA HIS BA 86 44.91 -114.91 -39.55
C HIS BA 86 44.48 -113.71 -38.73
N LEU BA 87 45.10 -112.55 -38.95
CA LEU BA 87 44.63 -111.35 -38.28
C LEU BA 87 43.20 -111.03 -38.69
N GLN BA 88 42.90 -111.12 -39.99
CA GLN BA 88 41.55 -110.85 -40.43
C GLN BA 88 40.57 -111.84 -39.85
N LEU BA 89 40.94 -113.11 -39.82
CA LEU BA 89 40.05 -114.12 -39.28
C LEU BA 89 39.81 -113.91 -37.79
N ALA BA 90 40.88 -113.62 -37.04
CA ALA BA 90 40.75 -113.38 -35.60
C ALA BA 90 39.91 -112.17 -35.31
N ILE BA 91 40.09 -111.10 -36.08
CA ILE BA 91 39.33 -109.87 -35.84
C ILE BA 91 37.86 -110.09 -36.17
N ARG BA 92 37.58 -110.56 -37.38
CA ARG BA 92 36.20 -110.67 -37.79
C ARG BA 92 35.47 -111.80 -37.08
N ASN BA 93 36.19 -112.69 -36.40
CA ASN BA 93 35.55 -113.79 -35.71
C ASN BA 93 35.23 -113.50 -34.25
N ASP BA 94 35.89 -112.51 -33.64
CA ASP BA 94 35.61 -112.13 -32.26
C ASP BA 94 34.64 -110.96 -32.23
N GLU BA 95 33.52 -111.15 -31.52
CA GLU BA 95 32.46 -110.15 -31.55
C GLU BA 95 32.92 -108.82 -31.01
N GLU BA 96 33.63 -108.80 -29.88
CA GLU BA 96 33.98 -107.53 -29.25
C GLU BA 96 35.05 -106.82 -30.04
N LEU BA 97 36.08 -107.55 -30.48
CA LEU BA 97 37.09 -106.94 -31.32
C LEU BA 97 36.48 -106.48 -32.64
N ASN BA 98 35.66 -107.33 -33.24
CA ASN BA 98 35.04 -106.95 -34.50
C ASN BA 98 34.17 -105.73 -34.34
N LYS BA 99 33.58 -105.53 -33.15
CA LYS BA 99 32.88 -104.29 -32.90
C LYS BA 99 33.85 -103.14 -32.74
N LEU BA 100 35.01 -103.40 -32.14
CA LEU BA 100 36.01 -102.35 -31.99
C LEU BA 100 36.62 -101.98 -33.32
N LEU BA 101 37.06 -102.97 -34.08
CA LEU BA 101 37.63 -102.75 -35.42
C LEU BA 101 36.57 -103.02 -36.48
N GLY BA 102 35.55 -102.18 -36.50
CA GLY BA 102 34.40 -102.42 -37.33
C GLY BA 102 34.52 -101.76 -38.69
N ARG BA 103 35.36 -100.73 -38.78
CA ARG BA 103 35.49 -99.94 -40.00
C ARG BA 103 36.85 -100.12 -40.68
N VAL BA 104 37.74 -100.92 -40.12
CA VAL BA 104 39.10 -101.01 -40.65
C VAL BA 104 39.13 -102.12 -41.68
N THR BA 105 39.89 -101.90 -42.75
CA THR BA 105 40.16 -102.94 -43.73
C THR BA 105 41.61 -103.36 -43.65
N ILE BA 106 41.84 -104.66 -43.73
CA ILE BA 106 43.17 -105.25 -43.59
C ILE BA 106 43.62 -105.66 -44.97
N ALA BA 107 44.75 -105.12 -45.42
CA ALA BA 107 45.25 -105.48 -46.74
C ALA BA 107 45.66 -106.95 -46.73
N GLN BA 108 45.22 -107.69 -47.74
CA GLN BA 108 45.50 -109.12 -47.83
C GLN BA 108 44.86 -109.90 -46.67
N GLY BA 109 43.72 -109.43 -46.18
CA GLY BA 109 43.07 -110.09 -45.07
C GLY BA 109 41.95 -110.97 -45.55
N GLY BA 110 41.37 -110.62 -46.70
CA GLY BA 110 40.28 -111.41 -47.23
C GLY BA 110 38.99 -111.21 -46.47
N VAL BA 111 38.12 -112.21 -46.59
CA VAL BA 111 36.85 -112.24 -45.90
C VAL BA 111 36.71 -113.60 -45.23
N LEU BA 112 35.84 -113.66 -44.24
CA LEU BA 112 35.50 -114.94 -43.66
C LEU BA 112 34.71 -115.77 -44.67
N PRO BA 113 34.91 -117.09 -44.71
CA PRO BA 113 34.05 -117.90 -45.59
C PRO BA 113 32.62 -117.88 -45.06
N ASN BA 114 31.72 -117.39 -45.91
CA ASN BA 114 30.33 -117.21 -45.51
C ASN BA 114 29.47 -117.29 -46.76
N ILE BA 115 28.70 -118.37 -46.88
CA ILE BA 115 27.77 -118.56 -47.99
C ILE BA 115 26.36 -118.54 -47.41
N GLN BA 116 25.51 -117.74 -48.01
CA GLN BA 116 24.15 -117.55 -47.51
C GLN BA 116 23.35 -118.84 -47.64
N ALA BA 117 22.34 -118.96 -46.79
CA ALA BA 117 21.57 -120.20 -46.72
C ALA BA 117 20.83 -120.46 -48.02
N VAL BA 118 20.29 -119.40 -48.64
CA VAL BA 118 19.45 -119.60 -49.81
C VAL BA 118 20.26 -119.85 -51.07
N LEU BA 119 21.56 -119.59 -51.06
CA LEU BA 119 22.39 -119.82 -52.24
C LEU BA 119 22.91 -121.24 -52.27
N LEU BA 120 22.87 -121.93 -51.15
CA LEU BA 120 23.36 -123.28 -51.08
C LEU BA 120 22.47 -124.18 -51.94
N PRO BA 121 23.04 -125.20 -52.57
CA PRO BA 121 22.26 -125.96 -53.56
C PRO BA 121 21.21 -126.80 -52.85
N LYS BA 122 20.30 -127.36 -53.65
CA LYS BA 122 19.18 -128.12 -53.12
C LYS BA 122 19.06 -129.47 -53.81
N ARG CA 35 71.85 -93.59 -38.96
CA ARG CA 35 70.94 -93.28 -40.11
C ARG CA 35 69.54 -92.94 -39.58
N SER CA 36 68.50 -93.31 -40.31
CA SER CA 36 67.13 -93.02 -39.89
C SER CA 36 66.74 -93.98 -38.77
N ARG CA 37 66.74 -93.46 -37.54
CA ARG CA 37 66.46 -94.25 -36.34
C ARG CA 37 65.00 -94.02 -35.97
N LYS CA 38 64.11 -94.72 -36.67
CA LYS CA 38 62.67 -94.57 -36.48
C LYS CA 38 62.10 -95.66 -35.58
N GLU CA 39 61.15 -95.28 -34.74
CA GLU CA 39 60.67 -96.15 -33.69
C GLU CA 39 59.41 -96.86 -34.17
N SER CA 40 59.12 -97.98 -33.53
CA SER CA 40 57.98 -98.83 -33.87
C SER CA 40 57.67 -99.67 -32.64
N TYR CA 41 56.72 -100.58 -32.79
CA TYR CA 41 56.33 -101.44 -31.68
C TYR CA 41 56.70 -102.89 -31.95
N SER CA 42 57.58 -103.13 -32.92
CA SER CA 42 57.79 -104.48 -33.43
C SER CA 42 58.36 -105.37 -32.34
N ILE CA 43 59.32 -104.85 -31.58
CA ILE CA 43 59.97 -105.67 -30.56
C ILE CA 43 58.97 -105.97 -29.45
N TYR CA 44 58.13 -105.00 -29.12
CA TYR CA 44 57.13 -105.21 -28.09
C TYR CA 44 56.06 -106.19 -28.56
N VAL CA 45 55.63 -106.06 -29.81
CA VAL CA 45 54.69 -107.04 -30.36
C VAL CA 45 55.30 -108.42 -30.33
N TYR CA 46 56.60 -108.52 -30.63
CA TYR CA 46 57.26 -109.82 -30.60
C TYR CA 46 57.34 -110.37 -29.19
N LYS CA 47 57.62 -109.52 -28.22
CA LYS CA 47 57.65 -109.95 -26.84
C LYS CA 47 56.29 -110.45 -26.39
N VAL CA 48 55.23 -109.72 -26.77
CA VAL CA 48 53.89 -110.16 -26.43
C VAL CA 48 53.56 -111.48 -27.11
N LEU CA 49 53.96 -111.64 -28.37
CA LEU CA 49 53.69 -112.88 -29.07
C LEU CA 49 54.37 -114.06 -28.38
N LYS CA 50 55.64 -113.89 -28.01
CA LYS CA 50 56.32 -114.97 -27.32
C LYS CA 50 55.77 -115.17 -25.93
N GLN CA 51 55.11 -114.16 -25.37
CA GLN CA 51 54.45 -114.34 -24.10
C GLN CA 51 53.15 -115.13 -24.22
N VAL CA 52 52.39 -114.93 -25.28
CA VAL CA 52 51.12 -115.66 -25.42
C VAL CA 52 51.30 -116.94 -26.21
N HIS CA 53 52.01 -116.88 -27.33
CA HIS CA 53 52.20 -118.05 -28.18
C HIS CA 53 53.69 -118.27 -28.39
N PRO CA 54 54.30 -119.24 -27.72
CA PRO CA 54 55.74 -119.42 -27.87
C PRO CA 54 56.11 -119.97 -29.23
N ASP CA 55 55.37 -120.99 -29.67
CA ASP CA 55 55.61 -121.66 -30.94
C ASP CA 55 54.78 -121.07 -32.08
N THR CA 56 54.87 -119.76 -32.26
CA THR CA 56 54.16 -119.10 -33.35
C THR CA 56 54.96 -117.88 -33.76
N GLY CA 57 55.17 -117.70 -35.06
CA GLY CA 57 55.83 -116.53 -35.58
C GLY CA 57 54.83 -115.55 -36.17
N ILE CA 58 55.37 -114.50 -36.76
CA ILE CA 58 54.57 -113.44 -37.35
C ILE CA 58 55.24 -112.93 -38.61
N SER CA 59 54.43 -112.69 -39.64
CA SER CA 59 54.97 -112.16 -40.89
C SER CA 59 55.30 -110.68 -40.70
N SER CA 60 56.03 -110.13 -41.66
CA SER CA 60 56.37 -108.71 -41.57
C SER CA 60 55.13 -107.86 -41.85
N LYS CA 61 54.28 -108.33 -42.76
CA LYS CA 61 53.06 -107.59 -43.08
C LYS CA 61 52.10 -107.61 -41.90
N ALA CA 62 52.08 -108.71 -41.15
CA ALA CA 62 51.26 -108.73 -39.96
C ALA CA 62 51.87 -107.86 -38.88
N MET CA 63 53.19 -107.78 -38.82
CA MET CA 63 53.81 -106.87 -37.86
C MET CA 63 53.47 -105.43 -38.21
N GLY CA 64 53.45 -105.12 -39.51
CA GLY CA 64 53.00 -103.81 -39.95
C GLY CA 64 51.57 -103.53 -39.53
N ILE CA 65 50.71 -104.54 -39.64
CA ILE CA 65 49.32 -104.34 -39.28
C ILE CA 65 49.21 -104.10 -37.78
N MET CA 66 50.02 -104.80 -37.00
CA MET CA 66 49.98 -104.61 -35.56
C MET CA 66 50.53 -103.24 -35.17
N ASN CA 67 51.56 -102.76 -35.88
CA ASN CA 67 52.07 -101.42 -35.61
C ASN CA 67 51.01 -100.37 -35.94
N SER CA 68 50.32 -100.53 -37.07
CA SER CA 68 49.26 -99.60 -37.41
C SER CA 68 48.15 -99.64 -36.39
N PHE CA 69 47.83 -100.83 -35.89
CA PHE CA 69 46.80 -100.98 -34.88
C PHE CA 69 47.19 -100.25 -33.59
N VAL CA 70 48.43 -100.44 -33.16
CA VAL CA 70 48.89 -99.77 -31.95
C VAL CA 70 48.82 -98.27 -32.11
N ASN CA 71 49.28 -97.76 -33.25
CA ASN CA 71 49.25 -96.32 -33.47
C ASN CA 71 47.81 -95.81 -33.47
N ASP CA 72 46.91 -96.56 -34.11
CA ASP CA 72 45.50 -96.18 -34.14
C ASP CA 72 44.92 -96.10 -32.73
N ILE CA 73 45.13 -97.14 -31.93
CA ILE CA 73 44.52 -97.15 -30.61
C ILE CA 73 45.10 -96.04 -29.75
N PHE CA 74 46.40 -95.79 -29.89
CA PHE CA 74 46.98 -94.65 -29.19
C PHE CA 74 46.28 -93.37 -29.56
N GLU CA 75 46.07 -93.17 -30.87
CA GLU CA 75 45.47 -91.92 -31.31
C GLU CA 75 44.05 -91.78 -30.80
N ARG CA 76 43.27 -92.85 -30.84
CA ARG CA 76 41.91 -92.79 -30.34
C ARG CA 76 41.88 -92.45 -28.85
N ILE CA 77 42.67 -93.15 -28.07
CA ILE CA 77 42.66 -92.96 -26.63
C ILE CA 77 43.15 -91.57 -26.26
N ALA CA 78 44.20 -91.10 -26.93
CA ALA CA 78 44.74 -89.79 -26.58
C ALA CA 78 43.77 -88.69 -26.97
N GLY CA 79 43.07 -88.84 -28.10
CA GLY CA 79 42.09 -87.84 -28.47
C GLY CA 79 40.91 -87.80 -27.51
N GLU CA 80 40.41 -88.97 -27.10
CA GLU CA 80 39.35 -88.98 -26.10
C GLU CA 80 39.80 -88.38 -24.78
N ALA CA 81 41.00 -88.73 -24.32
CA ALA CA 81 41.50 -88.17 -23.08
C ALA CA 81 41.67 -86.65 -23.15
N SER CA 82 42.16 -86.15 -24.28
CA SER CA 82 42.30 -84.71 -24.44
C SER CA 82 40.95 -84.03 -24.41
N ARG CA 83 39.98 -84.57 -25.15
CA ARG CA 83 38.65 -83.97 -25.17
C ARG CA 83 38.04 -84.00 -23.77
N LEU CA 84 38.23 -85.09 -23.04
CA LEU CA 84 37.67 -85.18 -21.69
C LEU CA 84 38.33 -84.17 -20.75
N ALA CA 85 39.66 -84.06 -20.78
CA ALA CA 85 40.34 -83.09 -19.93
C ALA CA 85 39.87 -81.69 -20.23
N HIS CA 86 39.70 -81.36 -21.51
CA HIS CA 86 39.27 -80.02 -21.87
C HIS CA 86 37.81 -79.81 -21.52
N TYR CA 87 37.00 -80.87 -21.58
CA TYR CA 87 35.62 -80.77 -21.13
C TYR CA 87 35.57 -80.44 -19.66
N ASN CA 88 36.42 -81.08 -18.86
CA ASN CA 88 36.40 -80.91 -17.42
C ASN CA 88 37.28 -79.75 -17.00
N LYS CA 89 37.84 -79.00 -17.95
CA LYS CA 89 38.67 -77.85 -17.69
C LYS CA 89 39.86 -78.23 -16.80
N ARG CA 90 40.64 -79.18 -17.30
CA ARG CA 90 41.86 -79.61 -16.64
C ARG CA 90 43.00 -79.63 -17.63
N SER CA 91 44.19 -79.33 -17.12
CA SER CA 91 45.38 -79.25 -17.96
C SER CA 91 46.16 -80.55 -17.99
N THR CA 92 45.69 -81.59 -17.29
CA THR CA 92 46.48 -82.79 -17.04
C THR CA 92 45.69 -83.99 -17.53
N ILE CA 93 46.40 -84.93 -18.16
CA ILE CA 93 45.85 -86.23 -18.48
C ILE CA 93 46.36 -87.20 -17.42
N THR CA 94 45.49 -87.59 -16.50
CA THR CA 94 45.81 -88.53 -15.45
C THR CA 94 45.26 -89.91 -15.79
N SER CA 95 45.33 -90.83 -14.82
CA SER CA 95 44.80 -92.16 -15.04
C SER CA 95 43.29 -92.19 -14.99
N ARG CA 96 42.67 -91.19 -14.39
CA ARG CA 96 41.21 -91.13 -14.40
C ARG CA 96 40.69 -90.86 -15.79
N GLU CA 97 41.32 -89.93 -16.49
CA GLU CA 97 40.93 -89.65 -17.87
C GLU CA 97 41.16 -90.86 -18.76
N ILE CA 98 42.29 -91.53 -18.59
CA ILE CA 98 42.58 -92.71 -19.41
C ILE CA 98 41.56 -93.80 -19.11
N GLN CA 99 41.24 -93.98 -17.84
CA GLN CA 99 40.28 -95.02 -17.46
C GLN CA 99 38.91 -94.72 -18.02
N THR CA 100 38.46 -93.48 -17.93
CA THR CA 100 37.11 -93.21 -18.40
C THR CA 100 37.05 -93.21 -19.92
N ALA CA 101 38.14 -92.87 -20.60
CA ALA CA 101 38.16 -93.02 -22.04
C ALA CA 101 38.12 -94.49 -22.44
N VAL CA 102 38.83 -95.33 -21.70
CA VAL CA 102 38.76 -96.77 -21.92
C VAL CA 102 37.35 -97.29 -21.70
N ARG CA 103 36.71 -96.83 -20.64
CA ARG CA 103 35.34 -97.22 -20.33
C ARG CA 103 34.39 -96.78 -21.44
N LEU CA 104 34.56 -95.57 -21.95
CA LEU CA 104 33.71 -95.09 -23.03
C LEU CA 104 33.96 -95.89 -24.30
N LEU CA 105 35.20 -96.30 -24.54
CA LEU CA 105 35.59 -96.81 -25.84
C LEU CA 105 35.43 -98.33 -25.96
N LEU CA 106 35.83 -99.10 -24.96
CA LEU CA 106 35.84 -100.54 -25.16
C LEU CA 106 34.53 -101.19 -24.74
N PRO CA 107 34.22 -102.37 -25.30
CA PRO CA 107 33.00 -103.08 -24.92
C PRO CA 107 33.14 -103.73 -23.55
N GLY CA 108 32.01 -104.16 -23.02
CA GLY CA 108 31.89 -104.55 -21.63
C GLY CA 108 33.01 -105.40 -21.08
N GLU CA 109 33.13 -106.65 -21.54
CA GLU CA 109 34.19 -107.51 -21.02
C GLU CA 109 35.57 -106.98 -21.35
N LEU CA 110 35.77 -106.49 -22.57
CA LEU CA 110 37.07 -105.95 -22.93
C LEU CA 110 37.40 -104.74 -22.07
N ALA CA 111 36.43 -103.84 -21.87
CA ALA CA 111 36.68 -102.69 -21.02
C ALA CA 111 36.95 -103.11 -19.60
N LYS CA 112 36.24 -104.12 -19.10
CA LYS CA 112 36.43 -104.60 -17.75
C LYS CA 112 37.84 -105.15 -17.56
N HIS CA 113 38.28 -106.02 -18.48
CA HIS CA 113 39.62 -106.56 -18.37
C HIS CA 113 40.67 -105.48 -18.51
N ALA CA 114 40.44 -104.53 -19.41
CA ALA CA 114 41.42 -103.46 -19.59
C ALA CA 114 41.52 -102.59 -18.35
N VAL CA 115 40.39 -102.26 -17.73
CA VAL CA 115 40.42 -101.47 -16.50
C VAL CA 115 41.11 -102.24 -15.40
N SER CA 116 40.83 -103.55 -15.29
CA SER CA 116 41.53 -104.37 -14.32
C SER CA 116 43.04 -104.29 -14.54
N GLU CA 117 43.47 -104.49 -15.78
CA GLU CA 117 44.89 -104.45 -16.11
C GLU CA 117 45.49 -103.11 -15.78
N GLY CA 118 44.84 -102.03 -16.18
CA GLY CA 118 45.37 -100.71 -15.93
C GLY CA 118 45.48 -100.39 -14.45
N THR CA 119 44.44 -100.73 -13.67
CA THR CA 119 44.51 -100.49 -12.24
C THR CA 119 45.60 -101.32 -11.60
N LYS CA 120 45.70 -102.59 -11.97
CA LYS CA 120 46.76 -103.45 -11.44
C LYS CA 120 48.13 -102.85 -11.71
N ALA CA 121 48.37 -102.45 -12.96
CA ALA CA 121 49.68 -101.91 -13.33
C ALA CA 121 49.94 -100.60 -12.61
N VAL CA 122 48.94 -99.74 -12.49
CA VAL CA 122 49.15 -98.47 -11.82
C VAL CA 122 49.48 -98.68 -10.36
N THR CA 123 48.76 -99.58 -9.69
CA THR CA 123 49.04 -99.82 -8.28
C THR CA 123 50.40 -100.47 -8.11
N LYS CA 124 50.77 -101.38 -9.00
CA LYS CA 124 52.09 -102.01 -8.90
C LYS CA 124 53.20 -101.02 -9.16
N TYR CA 125 52.97 -100.06 -10.05
CA TYR CA 125 53.98 -99.05 -10.34
C TYR CA 125 54.09 -98.05 -9.20
N THR CA 126 52.96 -97.72 -8.57
CA THR CA 126 52.98 -96.73 -7.52
C THR CA 126 53.51 -97.30 -6.20
N SER CA 127 53.24 -98.58 -5.92
CA SER CA 127 53.72 -99.16 -4.68
C SER CA 127 55.24 -99.20 -4.66
N ALA CA 128 55.87 -99.53 -5.77
CA ALA CA 128 57.31 -99.50 -5.92
C ALA CA 128 57.72 -98.11 -6.43
N LYS CA 129 58.99 -97.98 -6.80
CA LYS CA 129 59.46 -96.75 -7.45
C LYS CA 129 60.81 -97.02 -8.10
N HIS DA 43 31.34 -134.02 -68.52
CA HIS DA 43 29.87 -133.75 -68.40
C HIS DA 43 29.61 -132.25 -68.23
N ARG DA 44 28.51 -131.89 -67.58
CA ARG DA 44 28.14 -130.50 -67.33
C ARG DA 44 27.57 -130.36 -65.93
N TYR DA 45 27.92 -129.26 -65.29
CA TYR DA 45 27.40 -128.95 -63.96
C TYR DA 45 26.16 -128.09 -64.10
N ARG DA 46 25.30 -128.15 -63.10
CA ARG DA 46 24.26 -127.16 -62.99
C ARG DA 46 24.87 -125.75 -62.98
N PRO DA 47 24.26 -124.78 -63.65
CA PRO DA 47 24.66 -123.38 -63.44
C PRO DA 47 24.49 -122.95 -61.99
N GLY DA 48 25.60 -122.51 -61.39
CA GLY DA 48 25.63 -122.13 -59.99
C GLY DA 48 26.44 -123.04 -59.11
N THR DA 49 26.82 -124.23 -59.59
CA THR DA 49 27.68 -125.10 -58.79
C THR DA 49 29.13 -124.66 -58.89
N VAL DA 50 29.60 -124.39 -60.11
CA VAL DA 50 30.92 -123.81 -60.25
C VAL DA 50 30.93 -122.42 -59.63
N ALA DA 51 29.78 -121.75 -59.62
CA ALA DA 51 29.69 -120.46 -58.96
C ALA DA 51 29.98 -120.60 -57.47
N LEU DA 52 29.40 -121.62 -56.82
CA LEU DA 52 29.62 -121.81 -55.41
C LEU DA 52 31.04 -122.29 -55.14
N ARG DA 53 31.58 -123.13 -56.02
CA ARG DA 53 32.97 -123.54 -55.87
C ARG DA 53 33.90 -122.33 -55.94
N GLU DA 54 33.57 -121.38 -56.82
CA GLU DA 54 34.34 -120.14 -56.92
C GLU DA 54 34.16 -119.28 -55.69
N ILE DA 55 32.94 -119.23 -55.14
CA ILE DA 55 32.71 -118.44 -53.93
C ILE DA 55 33.59 -118.98 -52.81
N ARG DA 56 33.61 -120.30 -52.66
CA ARG DA 56 34.46 -120.91 -51.64
C ARG DA 56 35.93 -120.60 -51.91
N ARG DA 57 36.32 -120.61 -53.19
CA ARG DA 57 37.71 -120.35 -53.52
C ARG DA 57 38.12 -118.92 -53.23
N TYR DA 58 37.21 -117.96 -53.43
CA TYR DA 58 37.56 -116.56 -53.28
C TYR DA 58 37.32 -115.99 -51.90
N GLN DA 59 36.49 -116.65 -51.07
CA GLN DA 59 36.43 -116.19 -49.69
C GLN DA 59 37.58 -116.75 -48.87
N LYS DA 60 38.34 -117.68 -49.45
CA LYS DA 60 39.53 -118.22 -48.82
C LYS DA 60 40.76 -117.40 -49.17
N SER DA 61 40.92 -117.04 -50.45
CA SER DA 61 42.11 -116.34 -50.89
C SER DA 61 42.03 -114.84 -50.55
N THR DA 62 43.18 -114.18 -50.66
CA THR DA 62 43.29 -112.75 -50.42
C THR DA 62 43.89 -111.99 -51.59
N GLU DA 63 44.24 -112.68 -52.67
CA GLU DA 63 44.92 -112.01 -53.78
C GLU DA 63 43.98 -111.07 -54.53
N LEU DA 64 44.56 -110.01 -55.08
CA LEU DA 64 43.80 -108.97 -55.75
C LEU DA 64 43.14 -109.51 -57.01
N LEU DA 65 41.87 -109.21 -57.21
CA LEU DA 65 41.09 -109.80 -58.30
C LEU DA 65 41.04 -108.93 -59.54
N ILE DA 66 41.58 -107.71 -59.48
CA ILE DA 66 41.69 -106.84 -60.65
C ILE DA 66 43.12 -106.86 -61.16
N ARG DA 67 43.26 -106.85 -62.48
CA ARG DA 67 44.57 -106.69 -63.10
C ARG DA 67 45.19 -105.36 -62.69
N LYS DA 68 46.47 -105.40 -62.35
CA LYS DA 68 47.11 -104.25 -61.70
C LYS DA 68 47.28 -103.08 -62.67
N LEU DA 69 47.77 -103.37 -63.88
CA LEU DA 69 48.06 -102.31 -64.84
C LEU DA 69 46.81 -101.53 -65.26
N PRO DA 70 45.69 -102.17 -65.57
CA PRO DA 70 44.48 -101.39 -65.86
C PRO DA 70 44.10 -100.47 -64.73
N PHE DA 71 44.22 -100.94 -63.49
CA PHE DA 71 43.85 -100.11 -62.35
C PHE DA 71 44.82 -98.95 -62.18
N GLN DA 72 46.10 -99.19 -62.42
CA GLN DA 72 47.07 -98.11 -62.33
C GLN DA 72 46.81 -97.05 -63.39
N ARG DA 73 46.52 -97.49 -64.61
CA ARG DA 73 46.19 -96.57 -65.68
C ARG DA 73 44.92 -95.79 -65.35
N LEU DA 74 43.93 -96.46 -64.77
CA LEU DA 74 42.72 -95.76 -64.36
C LEU DA 74 43.00 -94.73 -63.29
N VAL DA 75 43.85 -95.08 -62.32
CA VAL DA 75 44.16 -94.15 -61.25
C VAL DA 75 44.86 -92.92 -61.80
N ARG DA 76 45.81 -93.13 -62.72
CA ARG DA 76 46.49 -91.98 -63.29
C ARG DA 76 45.54 -91.13 -64.14
N GLU DA 77 44.64 -91.77 -64.89
CA GLU DA 77 43.66 -91.00 -65.67
C GLU DA 77 42.79 -90.14 -64.76
N ILE DA 78 42.30 -90.71 -63.67
CA ILE DA 78 41.46 -89.93 -62.75
C ILE DA 78 42.27 -88.81 -62.12
N ALA DA 79 43.48 -89.12 -61.66
CA ALA DA 79 44.30 -88.12 -60.97
C ALA DA 79 44.65 -86.99 -61.92
N GLN DA 80 44.77 -87.29 -63.21
CA GLN DA 80 45.16 -86.32 -64.20
C GLN DA 80 44.12 -85.21 -64.35
N ASP DA 81 42.92 -85.39 -63.80
CA ASP DA 81 41.92 -84.35 -63.84
C ASP DA 81 42.05 -83.37 -62.69
N PHE DA 82 43.01 -83.59 -61.79
CA PHE DA 82 43.30 -82.65 -60.72
C PHE DA 82 44.64 -81.98 -60.87
N LYS DA 83 45.62 -82.67 -61.44
CA LYS DA 83 46.93 -82.10 -61.65
C LYS DA 83 47.70 -82.98 -62.63
N THR DA 84 48.18 -82.37 -63.71
CA THR DA 84 48.93 -83.10 -64.71
C THR DA 84 50.35 -83.35 -64.25
N ASP DA 85 50.97 -84.36 -64.83
CA ASP DA 85 52.33 -84.79 -64.45
C ASP DA 85 52.41 -85.06 -62.96
N LEU DA 86 51.66 -86.07 -62.53
CA LEU DA 86 51.72 -86.58 -61.18
C LEU DA 86 52.41 -87.93 -61.17
N ARG DA 87 53.19 -88.19 -60.12
CA ARG DA 87 53.84 -89.48 -59.95
C ARG DA 87 53.26 -90.16 -58.73
N PHE DA 88 53.20 -91.49 -58.81
CA PHE DA 88 52.63 -92.32 -57.77
C PHE DA 88 53.65 -93.36 -57.31
N GLN DA 89 53.91 -93.41 -56.02
CA GLN DA 89 54.61 -94.56 -55.47
C GLN DA 89 53.74 -95.80 -55.65
N SER DA 90 54.40 -96.93 -55.93
CA SER DA 90 53.67 -98.18 -56.13
C SER DA 90 52.81 -98.53 -54.92
N ALA DA 91 53.25 -98.15 -53.73
CA ALA DA 91 52.45 -98.45 -52.54
C ALA DA 91 51.17 -97.64 -52.52
N ALA DA 92 51.18 -96.45 -53.11
CA ALA DA 92 49.95 -95.69 -53.18
C ALA DA 92 48.92 -96.40 -54.04
N ILE DA 93 49.34 -96.90 -55.21
CA ILE DA 93 48.44 -97.66 -56.05
C ILE DA 93 47.99 -98.94 -55.36
N GLY DA 94 48.89 -99.60 -54.65
CA GLY DA 94 48.48 -100.81 -53.95
C GLY DA 94 47.43 -100.53 -52.89
N ALA DA 95 47.62 -99.46 -52.12
CA ALA DA 95 46.66 -99.10 -51.11
C ALA DA 95 45.33 -98.73 -51.75
N LEU DA 96 45.37 -97.98 -52.85
CA LEU DA 96 44.15 -97.61 -53.53
C LEU DA 96 43.41 -98.83 -54.04
N GLN DA 97 44.14 -99.80 -54.58
CA GLN DA 97 43.49 -100.99 -55.11
C GLN DA 97 42.88 -101.83 -54.00
N GLU DA 98 43.61 -101.96 -52.89
CA GLU DA 98 43.08 -102.69 -51.74
C GLU DA 98 41.81 -102.05 -51.23
N ALA DA 99 41.84 -100.73 -51.05
CA ALA DA 99 40.66 -100.04 -50.54
C ALA DA 99 39.49 -100.15 -51.50
N SER DA 100 39.75 -100.01 -52.80
CA SER DA 100 38.65 -100.05 -53.75
C SER DA 100 38.03 -101.44 -53.81
N GLU DA 101 38.85 -102.47 -53.78
CA GLU DA 101 38.30 -103.81 -53.81
C GLU DA 101 37.57 -104.14 -52.51
N ALA DA 102 38.11 -103.70 -51.37
CA ALA DA 102 37.43 -103.93 -50.11
C ALA DA 102 36.07 -103.25 -50.09
N TYR DA 103 36.03 -102.03 -50.60
CA TYR DA 103 34.77 -101.30 -50.69
C TYR DA 103 33.80 -102.05 -51.56
N LEU DA 104 34.27 -102.50 -52.73
CA LEU DA 104 33.38 -103.17 -53.66
C LEU DA 104 32.86 -104.49 -53.10
N VAL DA 105 33.68 -105.20 -52.33
CA VAL DA 105 33.23 -106.46 -51.75
C VAL DA 105 32.19 -106.21 -50.67
N GLY DA 106 32.41 -105.20 -49.83
CA GLY DA 106 31.39 -104.87 -48.84
C GLY DA 106 30.09 -104.46 -49.52
N LEU DA 107 30.21 -103.70 -50.61
CA LEU DA 107 29.03 -103.28 -51.33
C LEU DA 107 28.31 -104.49 -51.92
N PHE DA 108 29.08 -105.46 -52.41
CA PHE DA 108 28.46 -106.65 -52.97
C PHE DA 108 27.78 -107.49 -51.90
N GLU DA 109 28.31 -107.45 -50.68
CA GLU DA 109 27.65 -108.13 -49.57
C GLU DA 109 26.31 -107.48 -49.26
N ASP DA 110 26.29 -106.14 -49.17
CA ASP DA 110 25.03 -105.44 -48.98
C ASP DA 110 24.08 -105.70 -50.14
N THR DA 111 24.60 -105.72 -51.36
CA THR DA 111 23.75 -105.98 -52.52
C THR DA 111 23.12 -107.35 -52.43
N ASN DA 112 23.90 -108.35 -52.01
CA ASN DA 112 23.35 -109.69 -51.85
C ASN DA 112 22.27 -109.69 -50.77
N LEU DA 113 22.50 -108.95 -49.69
CA LEU DA 113 21.47 -108.87 -48.67
C LEU DA 113 20.19 -108.29 -49.24
N CYS DA 114 20.30 -107.22 -50.01
CA CYS DA 114 19.10 -106.63 -50.61
C CYS DA 114 18.41 -107.58 -51.57
N ALA DA 115 19.20 -108.25 -52.42
CA ALA DA 115 18.61 -109.14 -53.41
C ALA DA 115 17.89 -110.30 -52.75
N ILE DA 116 18.48 -110.87 -51.71
CA ILE DA 116 17.82 -111.96 -51.00
C ILE DA 116 16.60 -111.44 -50.26
N HIS DA 117 16.67 -110.23 -49.73
CA HIS DA 117 15.50 -109.65 -49.09
C HIS DA 117 14.35 -109.54 -50.08
N ALA DA 118 14.64 -109.11 -51.31
CA ALA DA 118 13.55 -108.99 -52.25
C ALA DA 118 13.06 -110.33 -52.75
N LYS DA 119 13.57 -111.40 -52.17
CA LYS DA 119 13.23 -112.77 -52.57
C LYS DA 119 13.72 -113.04 -54.00
N ARG DA 120 14.96 -112.67 -54.28
CA ARG DA 120 15.53 -112.95 -55.58
C ARG DA 120 16.93 -113.53 -55.40
N VAL DA 121 17.60 -113.80 -56.52
CA VAL DA 121 18.95 -114.30 -56.49
C VAL DA 121 19.89 -113.51 -57.38
N THR DA 122 19.38 -112.75 -58.35
CA THR DA 122 20.21 -112.01 -59.30
C THR DA 122 20.30 -110.58 -58.81
N ILE DA 123 21.51 -110.09 -58.64
CA ILE DA 123 21.74 -108.70 -58.28
C ILE DA 123 21.56 -107.81 -59.50
N MET DA 124 20.99 -106.63 -59.27
CA MET DA 124 20.60 -105.72 -60.33
C MET DA 124 21.09 -104.32 -59.97
N PRO DA 125 21.21 -103.44 -60.96
CA PRO DA 125 21.67 -102.07 -60.64
C PRO DA 125 20.80 -101.38 -59.62
N LYS DA 126 19.50 -101.66 -59.62
CA LYS DA 126 18.61 -101.08 -58.62
C LYS DA 126 18.95 -101.57 -57.23
N ASP DA 127 19.44 -102.80 -57.12
CA ASP DA 127 19.90 -103.29 -55.84
C ASP DA 127 21.09 -102.50 -55.34
N ILE DA 128 22.04 -102.21 -56.23
CA ILE DA 128 23.20 -101.41 -55.87
C ILE DA 128 22.77 -100.02 -55.43
N GLN DA 129 21.86 -99.41 -56.18
CA GLN DA 129 21.45 -98.06 -55.84
C GLN DA 129 20.75 -98.03 -54.49
N LEU DA 130 19.95 -99.05 -54.19
CA LEU DA 130 19.29 -99.10 -52.90
C LEU DA 130 20.29 -99.30 -51.78
N ALA DA 131 21.25 -100.19 -51.97
CA ALA DA 131 22.27 -100.43 -50.95
C ALA DA 131 23.11 -99.18 -50.71
N ARG DA 132 23.48 -98.46 -51.77
CA ARG DA 132 24.32 -97.28 -51.61
C ARG DA 132 23.53 -96.18 -50.94
N ARG DA 133 22.22 -96.15 -51.16
CA ARG DA 133 21.38 -95.18 -50.48
C ARG DA 133 21.23 -95.50 -49.01
N ILE DA 134 21.00 -96.77 -48.70
CA ILE DA 134 20.78 -97.18 -47.31
C ILE DA 134 22.03 -97.03 -46.47
N ARG DA 135 23.21 -97.32 -47.04
CA ARG DA 135 24.41 -97.08 -46.26
C ARG DA 135 24.54 -95.63 -45.86
N GLY DA 136 24.06 -94.74 -46.71
CA GLY DA 136 24.26 -93.33 -46.57
C GLY DA 136 25.37 -92.84 -47.45
N GLU DA 137 25.56 -93.48 -48.60
CA GLU DA 137 26.60 -93.18 -49.56
C GLU DA 137 26.00 -92.42 -50.72
N ARG DA 138 24.89 -92.92 -51.23
CA ARG DA 138 24.01 -92.20 -52.11
C ARG DA 138 22.97 -91.49 -51.25
N ALA DA 139 22.64 -90.27 -51.62
CA ALA DA 139 21.61 -89.53 -50.88
C ALA DA 139 20.25 -90.19 -51.08
N ASN EA 29 40.10 -96.04 -69.74
CA ASN EA 29 40.84 -96.93 -68.79
C ASN EA 29 39.92 -97.56 -67.77
N ILE EA 30 38.64 -97.17 -67.76
CA ILE EA 30 37.70 -97.84 -66.87
C ILE EA 30 37.20 -99.14 -67.48
N GLN EA 31 37.43 -99.34 -68.77
CA GLN EA 31 37.09 -100.62 -69.36
C GLN EA 31 38.19 -101.64 -69.15
N GLY EA 32 39.31 -101.23 -68.54
CA GLY EA 32 40.33 -102.17 -68.12
C GLY EA 32 39.88 -103.05 -66.98
N ILE EA 33 38.86 -102.61 -66.25
CA ILE EA 33 38.23 -103.42 -65.21
C ILE EA 33 37.25 -104.32 -65.92
N THR EA 34 37.71 -105.49 -66.34
CA THR EA 34 36.93 -106.33 -67.21
C THR EA 34 35.77 -106.98 -66.45
N LYS EA 35 34.87 -107.57 -67.22
CA LYS EA 35 33.73 -108.26 -66.63
C LYS EA 35 34.16 -109.41 -65.74
N PRO EA 36 35.11 -110.26 -66.11
CA PRO EA 36 35.57 -111.29 -65.16
C PRO EA 36 36.10 -110.73 -63.85
N ALA EA 37 36.73 -109.58 -63.85
CA ALA EA 37 37.26 -109.05 -62.58
C ALA EA 37 36.12 -108.64 -61.67
N ILE EA 38 35.09 -107.98 -62.22
CA ILE EA 38 33.92 -107.61 -61.45
C ILE EA 38 33.19 -108.86 -60.99
N ARG EA 39 33.15 -109.88 -61.84
CA ARG EA 39 32.57 -111.16 -61.44
C ARG EA 39 33.32 -111.77 -60.28
N ARG EA 40 34.65 -111.73 -60.33
CA ARG EA 40 35.46 -112.24 -59.25
C ARG EA 40 35.15 -111.51 -57.95
N LEU EA 41 35.06 -110.18 -58.02
CA LEU EA 41 34.74 -109.41 -56.83
C LEU EA 41 33.35 -109.72 -56.31
N ALA EA 42 32.38 -109.96 -57.21
CA ALA EA 42 31.05 -110.31 -56.74
C ALA EA 42 31.00 -111.71 -56.16
N ARG EA 43 31.79 -112.63 -56.71
CA ARG EA 43 31.83 -113.98 -56.17
C ARG EA 43 32.51 -114.00 -54.81
N ARG EA 44 33.54 -113.19 -54.62
CA ARG EA 44 34.11 -113.10 -53.29
C ARG EA 44 33.15 -112.41 -52.36
N GLY EA 45 32.26 -111.58 -52.90
CA GLY EA 45 31.16 -111.00 -52.17
C GLY EA 45 29.96 -111.90 -52.05
N GLY EA 46 30.03 -113.12 -52.55
CA GLY EA 46 28.95 -114.07 -52.38
C GLY EA 46 27.82 -113.98 -53.39
N VAL EA 47 28.02 -113.32 -54.54
CA VAL EA 47 26.95 -113.14 -55.50
C VAL EA 47 26.86 -114.37 -56.38
N LYS EA 48 25.65 -114.89 -56.55
CA LYS EA 48 25.48 -116.11 -57.32
C LYS EA 48 25.11 -115.81 -58.77
N ARG EA 49 24.26 -114.82 -59.00
CA ARG EA 49 23.82 -114.45 -60.34
C ARG EA 49 23.96 -112.95 -60.52
N ILE EA 50 24.33 -112.53 -61.72
CA ILE EA 50 24.67 -111.13 -61.99
C ILE EA 50 23.93 -110.67 -63.23
N SER EA 51 23.27 -109.52 -63.13
CA SER EA 51 22.61 -108.89 -64.27
C SER EA 51 23.65 -108.38 -65.26
N GLY EA 52 23.19 -107.77 -66.35
CA GLY EA 52 24.11 -107.32 -67.37
C GLY EA 52 24.56 -105.89 -67.25
N LEU EA 53 23.80 -105.07 -66.51
CA LEU EA 53 24.16 -103.67 -66.31
C LEU EA 53 25.00 -103.46 -65.08
N ILE EA 54 25.20 -104.52 -64.29
CA ILE EA 54 25.97 -104.42 -63.07
C ILE EA 54 27.38 -103.97 -63.36
N TYR EA 55 27.92 -104.33 -64.53
CA TYR EA 55 29.31 -104.02 -64.82
C TYR EA 55 29.50 -102.52 -64.98
N GLU EA 56 28.63 -101.88 -65.76
CA GLU EA 56 28.70 -100.44 -65.89
C GLU EA 56 28.38 -99.75 -64.57
N GLU EA 57 27.41 -100.28 -63.83
CA GLU EA 57 27.09 -99.69 -62.54
C GLU EA 57 28.30 -99.72 -61.62
N THR EA 58 29.00 -100.85 -61.60
CA THR EA 58 30.16 -100.99 -60.74
C THR EA 58 31.28 -100.08 -61.20
N ARG EA 59 31.46 -99.93 -62.51
CA ARG EA 59 32.47 -99.00 -62.99
C ARG EA 59 32.17 -97.58 -62.54
N GLY EA 60 30.91 -97.17 -62.61
CA GLY EA 60 30.56 -95.85 -62.13
C GLY EA 60 30.80 -95.67 -60.65
N VAL EA 61 30.40 -96.65 -59.84
CA VAL EA 61 30.57 -96.54 -58.39
C VAL EA 61 32.05 -96.49 -58.05
N LEU EA 62 32.85 -97.34 -58.68
CA LEU EA 62 34.28 -97.36 -58.41
C LEU EA 62 34.90 -96.06 -58.84
N LYS EA 63 34.48 -95.51 -59.98
CA LYS EA 63 35.03 -94.24 -60.41
C LYS EA 63 34.73 -93.15 -59.40
N VAL EA 64 33.51 -93.13 -58.86
CA VAL EA 64 33.17 -92.12 -57.86
C VAL EA 64 34.03 -92.28 -56.63
N PHE EA 65 34.14 -93.51 -56.13
CA PHE EA 65 34.95 -93.77 -54.95
C PHE EA 65 36.39 -93.33 -55.17
N LEU EA 66 36.96 -93.74 -56.29
CA LEU EA 66 38.35 -93.43 -56.60
C LEU EA 66 38.52 -91.94 -56.78
N GLU EA 67 37.53 -91.30 -57.36
CA GLU EA 67 37.57 -89.86 -57.56
C GLU EA 67 37.68 -89.16 -56.22
N ASN EA 68 36.85 -89.56 -55.27
CA ASN EA 68 36.89 -88.94 -53.94
C ASN EA 68 38.24 -89.16 -53.29
N VAL EA 69 38.73 -90.40 -53.32
CA VAL EA 69 39.96 -90.71 -52.62
C VAL EA 69 41.12 -89.98 -53.25
N ILE EA 70 41.17 -89.96 -54.58
CA ILE EA 70 42.25 -89.30 -55.29
C ILE EA 70 42.17 -87.80 -55.12
N ARG EA 71 40.96 -87.26 -55.01
CA ARG EA 71 40.83 -85.84 -54.77
C ARG EA 71 41.45 -85.48 -53.44
N ASP EA 72 41.16 -86.28 -52.41
CA ASP EA 72 41.76 -86.03 -51.11
C ASP EA 72 43.27 -86.20 -51.17
N ALA EA 73 43.74 -87.24 -51.85
CA ALA EA 73 45.18 -87.49 -51.92
C ALA EA 73 45.89 -86.35 -52.65
N VAL EA 74 45.31 -85.88 -53.74
CA VAL EA 74 45.96 -84.81 -54.49
C VAL EA 74 45.91 -83.52 -53.70
N THR EA 75 44.85 -83.31 -52.91
CA THR EA 75 44.83 -82.15 -52.04
C THR EA 75 45.99 -82.22 -51.05
N TYR EA 76 46.16 -83.38 -50.43
CA TYR EA 76 47.26 -83.58 -49.50
C TYR EA 76 48.60 -83.35 -50.19
N THR EA 77 48.77 -83.88 -51.39
CA THR EA 77 50.04 -83.74 -52.10
C THR EA 77 50.35 -82.29 -52.42
N GLU EA 78 49.38 -81.59 -53.02
CA GLU EA 78 49.59 -80.18 -53.30
C GLU EA 78 49.94 -79.42 -52.04
N HIS EA 79 49.25 -79.70 -50.94
CA HIS EA 79 49.57 -79.01 -49.70
C HIS EA 79 50.99 -79.30 -49.23
N ALA EA 80 51.41 -80.56 -49.28
CA ALA EA 80 52.77 -80.89 -48.89
C ALA EA 80 53.82 -80.41 -49.88
N LYS EA 81 53.41 -79.75 -50.96
CA LYS EA 81 54.34 -79.19 -51.93
C LYS EA 81 55.21 -80.27 -52.56
N ARG EA 82 54.63 -81.42 -52.88
CA ARG EA 82 55.34 -82.51 -53.52
C ARG EA 82 54.78 -82.77 -54.91
N LYS EA 83 55.54 -83.50 -55.71
CA LYS EA 83 55.11 -83.95 -57.02
C LYS EA 83 54.86 -85.44 -57.09
N THR EA 84 55.14 -86.17 -56.01
CA THR EA 84 54.90 -87.61 -55.95
C THR EA 84 53.79 -87.86 -54.95
N VAL EA 85 52.89 -88.78 -55.30
CA VAL EA 85 51.81 -89.15 -54.39
C VAL EA 85 52.27 -90.35 -53.57
N THR EA 86 52.38 -90.17 -52.26
CA THR EA 86 52.89 -91.23 -51.41
C THR EA 86 51.74 -92.11 -50.95
N ALA EA 87 52.09 -93.20 -50.27
CA ALA EA 87 51.07 -94.04 -49.67
C ALA EA 87 50.48 -93.38 -48.43
N MET EA 88 51.25 -92.51 -47.78
CA MET EA 88 50.75 -91.80 -46.60
C MET EA 88 49.62 -90.86 -46.98
N ASP EA 89 49.70 -90.23 -48.15
CA ASP EA 89 48.62 -89.36 -48.57
C ASP EA 89 47.34 -90.15 -48.74
N VAL EA 90 47.45 -91.33 -49.35
CA VAL EA 90 46.28 -92.18 -49.52
C VAL EA 90 45.75 -92.61 -48.17
N VAL EA 91 46.65 -92.92 -47.24
CA VAL EA 91 46.22 -93.41 -45.93
C VAL EA 91 45.51 -92.31 -45.16
N TYR EA 92 46.01 -91.08 -45.22
CA TYR EA 92 45.32 -89.99 -44.54
C TYR EA 92 44.00 -89.67 -45.23
N ALA EA 93 43.94 -89.83 -46.54
CA ALA EA 93 42.68 -89.57 -47.23
C ALA EA 93 41.64 -90.63 -46.88
N LEU EA 94 42.09 -91.87 -46.66
CA LEU EA 94 41.17 -92.92 -46.24
C LEU EA 94 40.76 -92.74 -44.79
N LYS EA 95 41.70 -92.28 -43.96
CA LYS EA 95 41.36 -91.94 -42.58
C LYS EA 95 40.35 -90.80 -42.56
N ARG EA 96 40.42 -89.90 -43.54
CA ARG EA 96 39.46 -88.83 -43.65
C ARG EA 96 38.07 -89.39 -43.97
N GLN EA 97 37.99 -90.34 -44.89
CA GLN EA 97 36.69 -90.92 -45.20
C GLN EA 97 36.20 -91.87 -44.11
N GLY EA 98 37.10 -92.42 -43.30
CA GLY EA 98 36.70 -93.42 -42.34
C GLY EA 98 36.96 -94.85 -42.75
N ARG EA 99 37.80 -95.07 -43.76
CA ARG EA 99 38.04 -96.40 -44.31
C ARG EA 99 39.42 -96.91 -43.92
N THR EA 100 39.77 -96.70 -42.66
CA THR EA 100 41.10 -96.99 -42.13
C THR EA 100 41.66 -98.30 -42.66
N LEU EA 101 42.88 -98.23 -43.19
CA LEU EA 101 43.57 -99.36 -43.79
C LEU EA 101 44.83 -99.66 -42.99
N TYR EA 102 45.01 -100.92 -42.63
CA TYR EA 102 46.18 -101.38 -41.91
C TYR EA 102 47.11 -102.10 -42.88
N GLY EA 103 48.41 -101.97 -42.63
CA GLY EA 103 49.38 -102.72 -43.38
C GLY EA 103 50.12 -101.94 -44.44
N PHE EA 104 50.02 -100.61 -44.44
CA PHE EA 104 50.70 -99.77 -45.40
C PHE EA 104 51.54 -98.69 -44.72
N GLY EA 105 51.94 -98.91 -43.47
CA GLY EA 105 52.82 -97.98 -42.78
C GLY EA 105 52.14 -97.04 -41.82
N GLY EA 106 50.83 -97.18 -41.61
CA GLY EA 106 50.12 -96.30 -40.70
C GLY EA 106 50.64 -96.41 -39.28
N ALA FA 18 41.95 -47.62 -38.13
CA ALA FA 18 41.26 -48.94 -38.02
C ALA FA 18 41.92 -49.82 -36.97
N LYS FA 19 41.59 -49.63 -35.69
CA LYS FA 19 42.22 -50.41 -34.60
C LYS FA 19 41.85 -51.89 -34.66
N THR FA 20 40.59 -52.20 -35.01
CA THR FA 20 40.18 -53.60 -35.00
C THR FA 20 40.77 -54.35 -36.18
N ARG FA 21 41.09 -55.61 -35.94
CA ARG FA 21 41.48 -56.48 -37.02
C ARG FA 21 40.31 -56.77 -37.96
N SER FA 22 39.08 -56.62 -37.47
CA SER FA 22 37.92 -56.85 -38.33
C SER FA 22 37.78 -55.71 -39.34
N SER FA 23 37.99 -54.48 -38.88
CA SER FA 23 37.90 -53.35 -39.77
C SER FA 23 39.00 -53.43 -40.82
N ARG FA 24 40.21 -53.77 -40.38
CA ARG FA 24 41.33 -53.92 -41.30
C ARG FA 24 41.04 -54.96 -42.36
N ALA FA 25 40.09 -55.87 -42.10
CA ALA FA 25 39.73 -56.92 -43.04
C ALA FA 25 38.32 -56.78 -43.56
N GLY FA 26 37.55 -55.79 -43.10
CA GLY FA 26 36.20 -55.63 -43.59
C GLY FA 26 35.28 -56.77 -43.21
N LEU FA 27 35.42 -57.28 -41.98
CA LEU FA 27 34.66 -58.43 -41.54
C LEU FA 27 33.69 -58.04 -40.43
N GLN FA 28 32.76 -58.95 -40.15
CA GLN FA 28 31.82 -58.81 -39.06
C GLN FA 28 32.10 -59.74 -37.90
N PHE FA 29 32.73 -60.87 -38.14
CA PHE FA 29 33.11 -61.79 -37.08
C PHE FA 29 34.34 -61.27 -36.33
N PRO FA 30 34.52 -61.70 -35.08
CA PRO FA 30 35.64 -61.19 -34.27
C PRO FA 30 36.92 -61.93 -34.61
N VAL FA 31 37.89 -61.22 -35.19
CA VAL FA 31 39.19 -61.80 -35.46
C VAL FA 31 39.90 -62.15 -34.16
N GLY FA 32 39.80 -61.28 -33.16
CA GLY FA 32 40.50 -61.50 -31.91
C GLY FA 32 40.02 -62.72 -31.16
N ARG FA 33 38.71 -62.96 -31.14
CA ARG FA 33 38.21 -64.17 -30.52
C ARG FA 33 38.63 -65.42 -31.27
N VAL FA 34 38.64 -65.38 -32.60
CA VAL FA 34 39.11 -66.55 -33.35
C VAL FA 34 40.58 -66.82 -33.06
N HIS FA 35 41.39 -65.77 -32.95
CA HIS FA 35 42.79 -65.95 -32.60
C HIS FA 35 42.94 -66.57 -31.21
N ARG FA 36 42.17 -66.03 -30.26
CA ARG FA 36 42.19 -66.56 -28.90
C ARG FA 36 41.80 -68.02 -28.88
N LEU FA 37 40.83 -68.40 -29.70
CA LEU FA 37 40.39 -69.79 -29.74
C LEU FA 37 41.43 -70.66 -30.42
N LEU FA 38 42.16 -70.11 -31.38
CA LEU FA 38 43.22 -70.87 -32.03
C LEU FA 38 44.37 -71.11 -31.06
N ARG FA 39 44.68 -70.15 -30.20
CA ARG FA 39 45.75 -70.35 -29.24
C ARG FA 39 45.28 -71.20 -28.08
N LYS FA 40 44.27 -70.75 -27.35
CA LYS FA 40 43.78 -71.54 -26.24
C LYS FA 40 42.85 -72.65 -26.72
N GLY FA 41 43.31 -73.43 -27.69
CA GLY FA 41 42.53 -74.55 -28.20
C GLY FA 41 43.38 -75.78 -28.43
N ASN FA 42 44.70 -75.62 -28.26
CA ASN FA 42 45.65 -76.71 -28.42
C ASN FA 42 45.56 -77.29 -29.83
N TYR FA 43 45.86 -76.45 -30.82
CA TYR FA 43 45.99 -76.89 -32.20
C TYR FA 43 47.42 -76.86 -32.71
N SER FA 44 48.20 -75.83 -32.35
CA SER FA 44 49.59 -75.78 -32.75
C SER FA 44 50.32 -74.83 -31.81
N GLU FA 45 51.65 -74.96 -31.80
CA GLU FA 45 52.44 -74.15 -30.88
C GLU FA 45 52.29 -72.67 -31.20
N ARG FA 46 52.24 -72.34 -32.48
CA ARG FA 46 52.18 -70.97 -32.94
C ARG FA 46 51.06 -70.86 -33.96
N VAL FA 47 50.58 -69.64 -34.14
CA VAL FA 47 49.54 -69.33 -35.10
C VAL FA 47 50.03 -68.18 -35.96
N GLY FA 48 49.68 -68.21 -37.24
CA GLY FA 48 50.13 -67.16 -38.13
C GLY FA 48 49.43 -65.86 -37.78
N ALA FA 49 49.48 -64.89 -38.69
CA ALA FA 49 48.70 -63.68 -38.52
C ALA FA 49 47.50 -63.60 -39.43
N GLY FA 50 47.50 -64.32 -40.55
CA GLY FA 50 46.37 -64.33 -41.44
C GLY FA 50 45.56 -65.59 -41.35
N ALA FA 51 45.99 -66.57 -40.55
CA ALA FA 51 45.16 -67.76 -40.36
C ALA FA 51 43.87 -67.41 -39.65
N PRO FA 52 43.89 -66.67 -38.54
CA PRO FA 52 42.62 -66.24 -37.95
C PRO FA 52 41.77 -65.43 -38.90
N VAL FA 53 42.39 -64.57 -39.69
CA VAL FA 53 41.64 -63.73 -40.62
C VAL FA 53 40.96 -64.60 -41.67
N TYR FA 54 41.70 -65.56 -42.21
CA TYR FA 54 41.18 -66.40 -43.27
C TYR FA 54 40.02 -67.22 -42.73
N LEU FA 55 40.19 -67.78 -41.53
CA LEU FA 55 39.14 -68.60 -40.94
C LEU FA 55 37.92 -67.79 -40.60
N ALA FA 56 38.10 -66.56 -40.08
CA ALA FA 56 36.95 -65.72 -39.81
C ALA FA 56 36.21 -65.37 -41.10
N ALA FA 57 36.95 -65.10 -42.17
CA ALA FA 57 36.29 -64.82 -43.44
C ALA FA 57 35.47 -66.02 -43.90
N VAL FA 58 36.04 -67.21 -43.80
CA VAL FA 58 35.31 -68.40 -44.23
C VAL FA 58 34.07 -68.61 -43.38
N LEU FA 59 34.21 -68.44 -42.07
CA LEU FA 59 33.08 -68.66 -41.17
C LEU FA 59 31.98 -67.65 -41.43
N GLU FA 60 32.33 -66.38 -41.60
CA GLU FA 60 31.31 -65.38 -41.89
C GLU FA 60 30.63 -65.69 -43.22
N TYR FA 61 31.40 -66.09 -44.23
CA TYR FA 61 30.82 -66.42 -45.51
C TYR FA 61 29.85 -67.58 -45.38
N LEU FA 62 30.23 -68.61 -44.63
CA LEU FA 62 29.35 -69.77 -44.51
C LEU FA 62 28.09 -69.45 -43.74
N THR FA 63 28.20 -68.66 -42.66
CA THR FA 63 27.01 -68.28 -41.93
C THR FA 63 26.10 -67.42 -42.79
N ALA FA 64 26.67 -66.51 -43.57
CA ALA FA 64 25.85 -65.71 -44.48
C ALA FA 64 25.18 -66.59 -45.51
N GLU FA 65 25.91 -67.56 -46.04
CA GLU FA 65 25.37 -68.49 -47.02
C GLU FA 65 24.15 -69.21 -46.43
N ILE FA 66 24.27 -69.68 -45.19
CA ILE FA 66 23.18 -70.39 -44.55
C ILE FA 66 22.03 -69.44 -44.27
N LEU FA 67 22.35 -68.24 -43.81
CA LEU FA 67 21.31 -67.29 -43.44
C LEU FA 67 20.54 -66.83 -44.66
N GLU FA 68 21.18 -66.81 -45.82
CA GLU FA 68 20.47 -66.51 -47.05
C GLU FA 68 19.32 -67.50 -47.25
N LEU FA 69 19.61 -68.79 -47.16
CA LEU FA 69 18.58 -69.77 -47.40
C LEU FA 69 17.58 -69.82 -46.25
N ALA FA 70 18.03 -69.54 -45.03
CA ALA FA 70 17.09 -69.50 -43.92
C ALA FA 70 16.11 -68.32 -44.05
N GLY FA 71 16.60 -67.16 -44.49
CA GLY FA 71 15.72 -66.05 -44.77
C GLY FA 71 14.77 -66.37 -45.92
N ASN FA 72 15.28 -67.02 -46.96
CA ASN FA 72 14.43 -67.45 -48.06
C ASN FA 72 13.32 -68.37 -47.55
N ALA FA 73 13.68 -69.35 -46.73
CA ALA FA 73 12.69 -70.29 -46.22
C ALA FA 73 11.70 -69.61 -45.30
N ALA FA 74 12.14 -68.64 -44.50
CA ALA FA 74 11.20 -67.94 -43.64
C ALA FA 74 10.27 -67.05 -44.43
N ARG FA 75 10.73 -66.55 -45.58
CA ARG FA 75 9.88 -65.75 -46.46
C ARG FA 75 8.97 -66.60 -47.32
N ASP FA 76 9.35 -67.85 -47.58
CA ASP FA 76 8.51 -68.81 -48.30
C ASP FA 76 7.40 -69.36 -47.44
N ASN FA 77 7.50 -69.23 -46.13
CA ASN FA 77 6.48 -69.66 -45.20
C ASN FA 77 5.70 -68.47 -44.65
N LYS FA 78 5.82 -67.33 -45.31
CA LYS FA 78 5.11 -66.11 -44.92
C LYS FA 78 5.39 -65.76 -43.48
N LYS FA 79 6.65 -65.91 -43.08
CA LYS FA 79 7.10 -65.63 -41.73
C LYS FA 79 8.23 -64.60 -41.75
N THR FA 80 8.22 -63.69 -40.79
CA THR FA 80 9.25 -62.67 -40.72
C THR FA 80 10.44 -63.14 -39.91
N ARG FA 81 10.22 -64.07 -38.99
CA ARG FA 81 11.26 -64.60 -38.11
C ARG FA 81 11.71 -65.97 -38.60
N ILE FA 82 13.01 -66.20 -38.51
CA ILE FA 82 13.59 -67.50 -38.83
C ILE FA 82 13.53 -68.37 -37.58
N ILE FA 83 13.03 -69.59 -37.73
CA ILE FA 83 12.94 -70.54 -36.62
C ILE FA 83 13.73 -71.77 -36.99
N PRO FA 84 13.94 -72.72 -36.07
CA PRO FA 84 14.70 -73.91 -36.41
C PRO FA 84 14.16 -74.63 -37.62
N ARG FA 85 12.85 -74.54 -37.88
CA ARG FA 85 12.29 -75.17 -39.06
C ARG FA 85 12.94 -74.63 -40.33
N HIS FA 86 13.13 -73.31 -40.40
CA HIS FA 86 13.68 -72.74 -41.62
C HIS FA 86 15.17 -73.05 -41.76
N LEU FA 87 15.91 -73.13 -40.66
CA LEU FA 87 17.29 -73.57 -40.75
C LEU FA 87 17.39 -75.02 -41.22
N GLN FA 88 16.52 -75.88 -40.70
CA GLN FA 88 16.49 -77.26 -41.14
C GLN FA 88 16.16 -77.35 -42.63
N LEU FA 89 15.16 -76.59 -43.07
CA LEU FA 89 14.78 -76.60 -44.48
C LEU FA 89 15.93 -76.12 -45.36
N ALA FA 90 16.54 -74.99 -44.99
CA ALA FA 90 17.66 -74.45 -45.74
C ALA FA 90 18.80 -75.46 -45.85
N ILE FA 91 19.11 -76.15 -44.76
CA ILE FA 91 20.23 -77.08 -44.78
C ILE FA 91 19.88 -78.33 -45.58
N ARG FA 92 18.71 -78.91 -45.33
CA ARG FA 92 18.33 -80.16 -45.97
C ARG FA 92 17.92 -79.99 -47.42
N ASN FA 93 17.72 -78.75 -47.87
CA ASN FA 93 17.36 -78.49 -49.25
C ASN FA 93 18.54 -78.14 -50.13
N ASP FA 94 19.66 -77.72 -49.53
CA ASP FA 94 20.86 -77.39 -50.28
C ASP FA 94 21.73 -78.63 -50.40
N GLU FA 95 22.10 -78.94 -51.64
CA GLU FA 95 22.89 -80.14 -51.91
C GLU FA 95 24.25 -80.08 -51.20
N GLU FA 96 24.92 -78.94 -51.27
CA GLU FA 96 26.25 -78.86 -50.69
C GLU FA 96 26.20 -78.73 -49.17
N LEU FA 97 25.26 -77.94 -48.66
CA LEU FA 97 25.15 -77.81 -47.21
C LEU FA 97 24.72 -79.12 -46.58
N ASN FA 98 23.78 -79.83 -47.21
CA ASN FA 98 23.33 -81.09 -46.64
C ASN FA 98 24.43 -82.13 -46.68
N LYS FA 99 25.26 -82.09 -47.71
CA LYS FA 99 26.42 -82.99 -47.74
C LYS FA 99 27.41 -82.63 -46.65
N LEU FA 100 27.63 -81.33 -46.44
CA LEU FA 100 28.47 -80.88 -45.35
C LEU FA 100 27.86 -81.24 -44.00
N LEU FA 101 26.56 -81.05 -43.86
CA LEU FA 101 25.83 -81.17 -42.59
C LEU FA 101 24.91 -82.39 -42.57
N GLY FA 102 25.39 -83.52 -43.10
CA GLY FA 102 24.58 -84.72 -43.12
C GLY FA 102 24.46 -85.41 -41.78
N ARG FA 103 25.40 -85.18 -40.87
CA ARG FA 103 25.41 -85.79 -39.54
C ARG FA 103 25.12 -84.79 -38.41
N VAL FA 104 24.20 -83.86 -38.66
CA VAL FA 104 23.88 -82.81 -37.69
C VAL FA 104 22.36 -82.84 -37.49
N THR FA 105 21.93 -82.89 -36.23
CA THR FA 105 20.52 -82.85 -35.88
C THR FA 105 20.14 -81.43 -35.48
N ILE FA 106 19.03 -80.95 -36.02
CA ILE FA 106 18.54 -79.60 -35.75
C ILE FA 106 17.30 -79.71 -34.87
N ALA FA 107 17.31 -79.00 -33.75
CA ALA FA 107 16.25 -79.11 -32.76
C ALA FA 107 15.06 -78.29 -33.22
N GLN FA 108 13.88 -78.93 -33.30
CA GLN FA 108 12.67 -78.33 -33.86
C GLN FA 108 12.78 -78.10 -35.35
N GLY FA 109 13.57 -78.91 -36.05
CA GLY FA 109 13.75 -78.69 -37.46
C GLY FA 109 12.74 -79.49 -38.27
N GLY FA 110 12.22 -80.57 -37.69
CA GLY FA 110 11.25 -81.33 -38.44
C GLY FA 110 11.90 -82.13 -39.54
N VAL FA 111 11.11 -82.43 -40.58
CA VAL FA 111 11.55 -83.17 -41.74
C VAL FA 111 11.11 -82.39 -42.97
N LEU FA 112 11.57 -82.81 -44.12
CA LEU FA 112 11.06 -82.19 -45.34
C LEU FA 112 9.84 -82.95 -45.85
N PRO FA 113 8.71 -82.28 -46.13
CA PRO FA 113 7.59 -82.99 -46.76
C PRO FA 113 8.03 -83.68 -48.03
N ASN FA 114 7.98 -85.00 -48.06
CA ASN FA 114 8.49 -85.74 -49.21
C ASN FA 114 7.76 -87.08 -49.28
N ILE FA 115 6.82 -87.19 -50.21
CA ILE FA 115 6.02 -88.41 -50.38
C ILE FA 115 6.36 -89.01 -51.73
N GLU GA 39 30.16 -66.96 -24.18
CA GLU GA 39 30.48 -66.42 -25.53
C GLU GA 39 29.61 -67.06 -26.60
N SER GA 40 29.08 -66.22 -27.49
CA SER GA 40 28.23 -66.70 -28.55
C SER GA 40 28.36 -65.76 -29.73
N TYR GA 41 27.93 -66.25 -30.90
CA TYR GA 41 28.04 -65.49 -32.14
C TYR GA 41 26.74 -64.76 -32.47
N SER GA 42 25.93 -64.44 -31.47
CA SER GA 42 24.58 -63.97 -31.78
C SER GA 42 24.60 -62.59 -32.42
N ILE GA 43 25.37 -61.67 -31.86
CA ILE GA 43 25.41 -60.32 -32.40
C ILE GA 43 25.98 -60.33 -33.80
N TYR GA 44 26.95 -61.20 -34.05
CA TYR GA 44 27.56 -61.27 -35.37
C TYR GA 44 26.58 -61.85 -36.38
N VAL GA 45 25.76 -62.81 -35.95
CA VAL GA 45 24.74 -63.35 -36.85
C VAL GA 45 23.67 -62.30 -37.13
N TYR GA 46 23.30 -61.50 -36.14
CA TYR GA 46 22.41 -60.38 -36.42
C TYR GA 46 23.03 -59.42 -37.43
N LYS GA 47 24.32 -59.12 -37.26
CA LYS GA 47 24.99 -58.22 -38.20
C LYS GA 47 24.94 -58.79 -39.61
N VAL GA 48 25.29 -60.07 -39.75
CA VAL GA 48 25.29 -60.70 -41.07
C VAL GA 48 23.88 -60.75 -41.64
N LEU GA 49 22.88 -61.03 -40.80
CA LEU GA 49 21.51 -61.10 -41.27
C LEU GA 49 21.03 -59.77 -41.79
N LYS GA 50 21.24 -58.70 -41.02
CA LYS GA 50 20.81 -57.39 -41.47
C LYS GA 50 21.57 -56.97 -42.72
N GLN GA 51 22.85 -57.34 -42.81
CA GLN GA 51 23.57 -57.13 -44.06
C GLN GA 51 22.92 -57.88 -45.22
N VAL GA 52 22.43 -59.08 -44.95
CA VAL GA 52 21.86 -59.93 -46.00
C VAL GA 52 20.35 -59.76 -46.10
N HIS GA 53 19.64 -59.83 -44.98
CA HIS GA 53 18.18 -59.74 -44.99
C HIS GA 53 17.73 -58.73 -43.95
N PRO GA 54 17.58 -57.46 -44.37
CA PRO GA 54 17.16 -56.43 -43.41
C PRO GA 54 15.80 -56.67 -42.80
N ASP GA 55 14.87 -57.28 -43.54
CA ASP GA 55 13.51 -57.51 -43.08
C ASP GA 55 13.25 -58.94 -42.64
N THR GA 56 14.24 -59.58 -42.01
CA THR GA 56 14.08 -60.91 -41.47
C THR GA 56 14.63 -60.93 -40.04
N GLY GA 57 14.03 -61.75 -39.18
CA GLY GA 57 14.49 -61.87 -37.82
C GLY GA 57 14.82 -63.31 -37.48
N ILE GA 58 15.59 -63.51 -36.41
CA ILE GA 58 16.01 -64.86 -36.00
C ILE GA 58 15.47 -65.15 -34.61
N SER GA 59 14.98 -66.37 -34.43
CA SER GA 59 14.53 -66.85 -33.12
C SER GA 59 15.72 -67.19 -32.22
N SER GA 60 15.41 -67.38 -30.94
CA SER GA 60 16.45 -67.74 -29.99
C SER GA 60 17.01 -69.12 -30.32
N LYS GA 61 16.14 -70.05 -30.69
CA LYS GA 61 16.58 -71.39 -31.02
C LYS GA 61 17.41 -71.39 -32.29
N ALA GA 62 17.00 -70.59 -33.28
CA ALA GA 62 17.81 -70.52 -34.48
C ALA GA 62 19.17 -69.92 -34.19
N MET GA 63 19.27 -69.00 -33.23
CA MET GA 63 20.60 -68.51 -32.86
C MET GA 63 21.39 -69.55 -32.09
N GLY GA 64 20.74 -70.36 -31.27
CA GLY GA 64 21.45 -71.45 -30.63
C GLY GA 64 22.01 -72.40 -31.66
N ILE GA 65 21.21 -72.70 -32.68
CA ILE GA 65 21.64 -73.60 -33.74
C ILE GA 65 22.81 -72.98 -34.49
N MET GA 66 22.73 -71.69 -34.79
CA MET GA 66 23.81 -71.03 -35.51
C MET GA 66 25.09 -71.02 -34.69
N ASN GA 67 24.98 -70.79 -33.38
CA ASN GA 67 26.15 -70.85 -32.51
C ASN GA 67 26.75 -72.25 -32.49
N SER GA 68 25.92 -73.28 -32.40
CA SER GA 68 26.42 -74.64 -32.45
C SER GA 68 27.13 -74.88 -33.77
N PHE GA 69 26.55 -74.37 -34.86
CA PHE GA 69 27.15 -74.57 -36.16
C PHE GA 69 28.51 -73.90 -36.26
N VAL GA 70 28.62 -72.67 -35.79
CA VAL GA 70 29.89 -71.94 -35.89
C VAL GA 70 30.95 -72.63 -35.05
N ASN GA 71 30.59 -73.02 -33.83
CA ASN GA 71 31.54 -73.70 -32.97
C ASN GA 71 31.96 -75.02 -33.59
N ASP GA 72 31.02 -75.77 -34.16
CA ASP GA 72 31.31 -77.04 -34.77
C ASP GA 72 32.26 -76.87 -35.95
N ILE GA 73 32.00 -75.89 -36.80
CA ILE GA 73 32.86 -75.68 -37.96
C ILE GA 73 34.25 -75.24 -37.52
N PHE GA 74 34.32 -74.38 -36.50
CA PHE GA 74 35.64 -74.00 -36.01
C PHE GA 74 36.40 -75.21 -35.50
N GLU GA 75 35.73 -76.07 -34.74
CA GLU GA 75 36.41 -77.26 -34.24
C GLU GA 75 36.88 -78.16 -35.38
N ARG GA 76 36.01 -78.40 -36.37
CA ARG GA 76 36.41 -79.25 -37.48
C ARG GA 76 37.63 -78.69 -38.22
N ILE GA 77 37.56 -77.40 -38.57
CA ILE GA 77 38.63 -76.82 -39.39
C ILE GA 77 39.92 -76.73 -38.58
N ALA GA 78 39.83 -76.33 -37.32
CA ALA GA 78 41.05 -76.22 -36.53
C ALA GA 78 41.66 -77.60 -36.29
N GLY GA 79 40.84 -78.61 -36.05
CA GLY GA 79 41.37 -79.94 -35.89
C GLY GA 79 42.04 -80.45 -37.15
N GLU GA 80 41.44 -80.17 -38.30
CA GLU GA 80 42.06 -80.61 -39.55
C GLU GA 80 43.33 -79.84 -39.83
N ALA GA 81 43.37 -78.55 -39.48
CA ALA GA 81 44.59 -77.78 -39.65
C ALA GA 81 45.71 -78.32 -38.77
N SER GA 82 45.38 -78.67 -37.53
CA SER GA 82 46.38 -79.27 -36.65
C SER GA 82 46.84 -80.60 -37.21
N ARG GA 83 45.90 -81.38 -37.73
CA ARG GA 83 46.23 -82.68 -38.31
C ARG GA 83 47.18 -82.50 -39.48
N LEU GA 84 46.92 -81.50 -40.32
CA LEU GA 84 47.81 -81.21 -41.44
C LEU GA 84 49.18 -80.80 -40.94
N ALA GA 85 49.23 -79.93 -39.93
CA ALA GA 85 50.51 -79.45 -39.44
C ALA GA 85 51.33 -80.61 -38.91
N HIS GA 86 50.69 -81.54 -38.23
CA HIS GA 86 51.39 -82.73 -37.75
C HIS GA 86 51.78 -83.63 -38.91
N TYR GA 87 50.91 -83.76 -39.91
CA TYR GA 87 51.26 -84.57 -41.07
C TYR GA 87 52.50 -84.03 -41.73
N ASN GA 88 52.67 -82.72 -41.75
CA ASN GA 88 53.79 -82.11 -42.43
C ASN GA 88 54.86 -81.64 -41.46
N LYS GA 89 54.84 -82.15 -40.23
CA LYS GA 89 55.86 -81.82 -39.25
C LYS GA 89 56.04 -80.31 -39.09
N ARG GA 90 54.93 -79.60 -38.88
CA ARG GA 90 54.97 -78.18 -38.61
C ARG GA 90 54.37 -77.86 -37.25
N SER GA 91 54.82 -76.73 -36.69
CA SER GA 91 54.37 -76.28 -35.38
C SER GA 91 53.76 -74.88 -35.48
N THR GA 92 53.13 -74.58 -36.60
CA THR GA 92 52.49 -73.29 -36.80
C THR GA 92 51.34 -73.49 -37.76
N ILE GA 93 50.22 -72.83 -37.49
CA ILE GA 93 49.05 -72.86 -38.36
C ILE GA 93 49.06 -71.58 -39.19
N THR GA 94 49.42 -71.71 -40.47
CA THR GA 94 49.42 -70.57 -41.38
C THR GA 94 48.23 -70.67 -42.33
N SER GA 95 48.03 -69.59 -43.10
CA SER GA 95 46.85 -69.51 -43.94
C SER GA 95 46.85 -70.57 -45.04
N ARG GA 96 48.00 -71.16 -45.36
CA ARG GA 96 48.02 -72.24 -46.34
C ARG GA 96 47.36 -73.48 -45.78
N GLU GA 97 47.67 -73.80 -44.53
CA GLU GA 97 47.04 -74.93 -43.88
C GLU GA 97 45.54 -74.73 -43.81
N ILE GA 98 45.12 -73.50 -43.50
CA ILE GA 98 43.69 -73.22 -43.41
C ILE GA 98 43.04 -73.33 -44.77
N GLN GA 99 43.73 -72.87 -45.81
CA GLN GA 99 43.17 -72.94 -47.16
C GLN GA 99 42.96 -74.39 -47.58
N THR GA 100 43.96 -75.23 -47.36
CA THR GA 100 43.81 -76.62 -47.79
C THR GA 100 42.87 -77.38 -46.87
N ALA GA 101 42.76 -76.96 -45.60
CA ALA GA 101 41.74 -77.53 -44.75
C ALA GA 101 40.35 -77.21 -45.27
N VAL GA 102 40.14 -75.97 -45.69
CA VAL GA 102 38.86 -75.60 -46.29
C VAL GA 102 38.62 -76.39 -47.55
N ARG GA 103 39.67 -76.62 -48.34
CA ARG GA 103 39.56 -77.43 -49.54
C ARG GA 103 39.16 -78.87 -49.20
N LEU GA 104 39.70 -79.41 -48.12
CA LEU GA 104 39.35 -80.77 -47.74
C LEU GA 104 37.92 -80.84 -47.22
N LEU GA 105 37.53 -79.90 -46.38
CA LEU GA 105 36.24 -80.00 -45.72
C LEU GA 105 35.12 -79.62 -46.67
N LEU GA 106 35.24 -78.49 -47.31
CA LEU GA 106 34.11 -78.02 -48.07
C LEU GA 106 34.04 -78.76 -49.40
N PRO GA 107 32.83 -78.94 -49.96
CA PRO GA 107 32.74 -79.53 -51.29
C PRO GA 107 33.14 -78.55 -52.38
N GLY GA 108 33.11 -79.00 -53.64
CA GLY GA 108 33.78 -78.29 -54.71
C GLY GA 108 33.46 -76.82 -54.80
N GLU GA 109 32.22 -76.50 -55.17
CA GLU GA 109 31.83 -75.10 -55.35
C GLU GA 109 31.86 -74.33 -54.04
N LEU GA 110 31.40 -74.96 -52.95
CA LEU GA 110 31.46 -74.31 -51.66
C LEU GA 110 32.90 -74.01 -51.30
N ALA GA 111 33.80 -74.97 -51.54
CA ALA GA 111 35.21 -74.76 -51.25
C ALA GA 111 35.75 -73.61 -52.08
N LYS GA 112 35.40 -73.57 -53.36
CA LYS GA 112 35.88 -72.52 -54.24
C LYS GA 112 35.45 -71.14 -53.74
N HIS GA 113 34.16 -70.99 -53.41
CA HIS GA 113 33.68 -69.69 -52.97
C HIS GA 113 34.30 -69.30 -51.63
N ALA GA 114 34.42 -70.26 -50.71
CA ALA GA 114 34.97 -69.95 -49.40
C ALA GA 114 36.44 -69.62 -49.50
N VAL GA 115 37.16 -70.29 -50.40
CA VAL GA 115 38.56 -69.97 -50.64
C VAL GA 115 38.67 -68.55 -51.19
N SER GA 116 37.79 -68.20 -52.13
CA SER GA 116 37.84 -66.84 -52.66
C SER GA 116 37.59 -65.82 -51.54
N GLU GA 117 36.60 -66.10 -50.69
CA GLU GA 117 36.30 -65.18 -49.59
C GLU GA 117 37.50 -65.03 -48.65
N GLY GA 118 38.11 -66.14 -48.29
CA GLY GA 118 39.25 -66.08 -47.38
C GLY GA 118 40.45 -65.39 -47.97
N THR GA 119 40.77 -65.69 -49.23
CA THR GA 119 41.89 -65.01 -49.87
C THR GA 119 41.61 -63.52 -50.01
N LYS GA 120 40.38 -63.16 -50.35
CA LYS GA 120 40.04 -61.74 -50.42
C LYS GA 120 40.25 -61.05 -49.08
N ALA GA 121 39.74 -61.66 -48.01
CA ALA GA 121 39.88 -61.04 -46.70
C ALA GA 121 41.33 -60.95 -46.26
N VAL GA 122 42.11 -62.00 -46.50
CA VAL GA 122 43.51 -61.99 -46.08
C VAL GA 122 44.30 -61.00 -46.91
N THR GA 123 44.01 -60.94 -48.21
CA THR GA 123 44.69 -59.98 -49.07
C THR GA 123 44.39 -58.56 -48.63
N LYS GA 124 43.14 -58.26 -48.29
CA LYS GA 124 42.82 -56.89 -47.94
C LYS GA 124 43.34 -56.55 -46.55
N TYR GA 125 43.39 -57.54 -45.65
CA TYR GA 125 43.99 -57.31 -44.34
C TYR GA 125 45.49 -57.06 -44.46
N THR GA 126 46.17 -57.81 -45.34
CA THR GA 126 47.58 -57.57 -45.58
C THR GA 126 47.80 -56.19 -46.17
N SER GA 127 46.97 -55.83 -47.15
CA SER GA 127 47.13 -54.54 -47.81
C SER GA 127 46.96 -53.40 -46.82
N ALA GA 128 45.97 -53.51 -45.93
CA ALA GA 128 45.71 -52.47 -44.95
C ALA GA 128 46.76 -52.54 -43.84
#